data_9J2F
#
_entry.id   9J2F
#
_cell.length_a   1.00
_cell.length_b   1.00
_cell.length_c   1.00
_cell.angle_alpha   90.00
_cell.angle_beta   90.00
_cell.angle_gamma   90.00
#
_symmetry.space_group_name_H-M   'P 1'
#
loop_
_entity.id
_entity.type
_entity.pdbx_description
1 polymer 'Photosynthetic reaction center cytochrome c subunit'
2 polymer 'Reaction center protein L chain'
3 polymer 'Reaction center protein M chain'
4 polymer 'Photosynthetic reaction center subunit H'
5 polymer 'Antenna complex alpha/beta subunit domain-containing protein'
6 polymer 'Antenna complex alpha/beta subunit domain-containing protein'
7 polymer 'Light-harvesting protein gamma1'
8 polymer 'Light-harvesting protein B-1015 gamma chain'
9 non-polymer 'HEME C'
10 non-polymer 'MAGNESIUM ION'
11 non-polymer Ubiquinone-8
12 non-polymer 'DIACYL GLYCEROL'
13 non-polymer 'BACTERIOCHLOROPHYLL B'
14 non-polymer 'BACTERIOPHEOPHYTIN B'
15 non-polymer CARDIOLIPIN
16 non-polymer 'FE (III) ION'
17 non-polymer MENAQUINONE-7
18 non-polymer 15-cis-1,2-dihydroneurosporene
19 non-polymer DODECYL-BETA-D-MALTOSIDE
20 non-polymer '(1R)-2-{[{[(2S)-2,3-DIHYDROXYPROPYL]OXY}(HYDROXY)PHOSPHORYL]OXY}-1-[(PALMITOYLOXY)METHYL]ETHYL (11E)-OCTADEC-11-ENOATE'
21 non-polymer all-trans-1,2-dihydroneurosporene
22 water water
#
loop_
_entity_poly.entity_id
_entity_poly.type
_entity_poly.pdbx_seq_one_letter_code
_entity_poly.pdbx_strand_id
1 'polypeptide(L)'
;MKHMIAKSVATVALASLVSGCFEPPPAISTQTGFRGLSMGEVLHPATVAAKKERDAQYPPALPAVKAEGQPVSKVYKNVK
VLGDLTEPEFLRTMTAMTEWVSPKEGCTYCHDEADLSSEAKYPFKVARRMLEMTRHINTDWTSHVAQTGVTCYTCHRGRP
VPPYIRYLEPRLPLDNAIKPTFVEADNSGHVVRLAKNTAYSALNYDPFAMFLANDKREIRFVPQTALPPVGVSRGMERRP
LSDAYATFALMMFISDAIGTNCTFCHNPQTFESWGNKSTPQRAIAWQGIKMTRDLNMNFLSPLKPVYPANRLGAQGEAPM
ADCRTCHQGVTKPLFGASRMKDYPELGPVKAAAK
;
C
2 'polypeptide(L)'
;MALLSFERKYRVRGGTLIGGDLFDFWVGPFYVGFFGVSAIFFIFLGVSLIGYAASQGPSLDPFAISINPPDLKYGFAGAP
LLEGGFWQAITVCAIGAFISWQLREVEISRKLGMGWHVPIAFGVPIFMFLVLQVFRPILMGGWGFAFPYGILSHLDWVNN
FGFQYLNWHYNPGHMSSVSFLFANAMALGLHGGLILSVANPGDGDKVKTAEHENAYFRDVVGYSIGALAIHRLGLFLASN
IFLTGAFGTIASGPFWTRGWPEWWGWWLDIPFWS
;
L
3 'polypeptide(L)'
;MADFQTIYTQIQARGPDHFGPSGQWGDIDRVGKPIFIKWLGRIGDAQIGPVYLGASGVGGIAFGLTAILIIGFNMLAQVS
FDPLQFFRQFFWLGLYPPKAQYGMGIPPLNDGGWWLMAGLMMTLSLGCWWIRVYSRARALGLGTHIAWNFAMAIFFVLCI
GFFHPVLVGSWSEAVPFGIFPHLDWLTAFSMRYGNFYYCPWHGFSIGFAYGCGLLFAAHGATILAVARFGGDREIEQITD
RGTAVERAALFWRWTMGFNATIESIHRWGWFFSFMVMFSASVGILLTGTFVDNWYLWCVKHGAAPDYPAFLPATPDPRAG
TFDPRTLTGVPQ
;
M
4 'polypeptide(L)'
;(FME)YYGALANHLDIAQLAWYGHWLVIWTVVLFYLRREDRREGYPLVEPLGLVKLPSPDVQSGELPYPKTFTLYHGGTV
QAPNPNRRYETRELKLAQTDGFEGAPLAPTGNPMVDGVGPASWAERSEVVDSTFEGKAKIVPLRAAPEFYIAEGDLDPRG
LPVFGADGIEAGTVTDLWVDRSEYYFRYLEISVAGSARTALMPLGFASITKDGVKVQAILASQFANVPRLQSRDQITLRE
EDKVSAYYAGGLLYATPERAEPLL
;
H
5 'polypeptide(L)' MANENPRSASWKLWLILDPRRVLTALFIYLTVIALLIHFGLLSTNRLNWWEFQRGLPAASLVVVPPAVG A,D,I,N,Q,T,W,Z,3,6,9,b,e,h,k,n,q
6 'polypeptide(L)' MADLKPSLTGLTEEEAKEFHSVFVSSMVLYLATAVIVHYLVWTARPWIAPIPKGWVNLDGVTTALSYLV B,E,J,O,R,U,X,1,4,7,0,c,f,i,l,o,r
7 'polypeptide(L)' MKLSFVIGALSAILASTAASAAMVNGVVQPSITDWNLWVPLGILGIPTIWIALLYR G
8 'polypeptide(L)' MKLSAVIGALSVVLTSTLASAYFAADGSVVPSITDANLWVPLGILGIPTIWIALLYR F,K,P,S,V,Y,2,5,8,a,d,g,j,m,p
#
loop_
_chem_comp.id
_chem_comp.type
_chem_comp.name
_chem_comp.formula
BCB non-polymer 'BACTERIOCHLOROPHYLL B' 'C55 H72 Mg N4 O6 2'
BPB non-polymer 'BACTERIOPHEOPHYTIN B' 'C55 H74 N4 O6'
CDL non-polymer CARDIOLIPIN 'C81 H156 O17 P2 -2'
DGA non-polymer 'DIACYL GLYCEROL' 'C39 H76 O5'
FE non-polymer 'FE (III) ION' 'Fe 3'
HEC non-polymer 'HEME C' 'C34 H34 Fe N4 O4'
LMT D-saccharide DODECYL-BETA-D-MALTOSIDE 'C24 H46 O11'
MG non-polymer 'MAGNESIUM ION' 'Mg 2'
MQ7 non-polymer MENAQUINONE-7 'C46 H64 O2'
NS0 non-polymer all-trans-1,2-dihydroneurosporene 'C40 H60'
NS5 non-polymer 15-cis-1,2-dihydroneurosporene 'C40 H60'
PGV non-polymer '(1R)-2-{[{[(2S)-2,3-DIHYDROXYPROPYL]OXY}(HYDROXY)PHOSPHORYL]OXY}-1-[(PALMITOYLOXY)METHYL]ETHYL (11E)-OCTADEC-11-ENOATE' 'C40 H77 O10 P'
UQ8 non-polymer Ubiquinone-8 'C49 H74 O4'
#
# COMPACT_ATOMS: atom_id res chain seq x y z
N CYS A 21 12.21 5.07 -18.97
CA CYS A 21 12.05 4.91 -17.54
C CYS A 21 12.02 6.27 -16.83
N PHE A 22 12.17 7.33 -17.61
CA PHE A 22 12.10 8.69 -17.06
C PHE A 22 11.69 9.64 -18.19
N GLU A 23 10.73 10.50 -17.91
CA GLU A 23 10.29 11.52 -18.86
C GLU A 23 10.37 12.87 -18.16
N PRO A 24 11.26 13.76 -18.59
CA PRO A 24 11.48 14.99 -17.83
C PRO A 24 10.24 15.87 -17.84
N PRO A 25 10.01 16.61 -16.77
CA PRO A 25 8.88 17.55 -16.72
C PRO A 25 9.16 18.77 -17.58
N PRO A 26 8.13 19.56 -17.91
CA PRO A 26 6.71 19.45 -17.51
C PRO A 26 5.88 18.51 -18.38
N ALA A 27 4.77 18.03 -17.84
CA ALA A 27 3.76 17.36 -18.64
C ALA A 27 2.71 18.36 -19.11
N ILE A 28 1.96 17.98 -20.14
CA ILE A 28 0.83 18.75 -20.62
C ILE A 28 -0.44 18.07 -20.13
N SER A 29 -1.27 18.82 -19.43
CA SER A 29 -2.49 18.27 -18.84
C SER A 29 -3.71 19.01 -19.36
N THR A 30 -4.72 18.25 -19.74
CA THR A 30 -6.05 18.76 -20.04
C THR A 30 -7.00 18.35 -18.93
N GLN A 31 -8.13 19.04 -18.86
CA GLN A 31 -9.20 18.69 -17.93
C GLN A 31 -10.40 18.19 -18.74
N THR A 32 -10.75 16.92 -18.57
CA THR A 32 -11.91 16.35 -19.23
C THR A 32 -13.06 16.04 -18.28
N GLY A 33 -12.87 16.26 -16.97
CA GLY A 33 -13.92 16.01 -16.00
C GLY A 33 -14.04 17.18 -15.04
N PHE A 34 -15.02 17.06 -14.15
CA PHE A 34 -15.27 18.09 -13.15
C PHE A 34 -14.03 18.28 -12.28
N ARG A 35 -13.83 19.52 -11.83
CA ARG A 35 -12.62 19.87 -11.10
C ARG A 35 -12.45 18.98 -9.87
N GLY A 36 -11.21 18.60 -9.60
CA GLY A 36 -10.89 17.75 -8.48
C GLY A 36 -11.02 16.26 -8.73
N LEU A 37 -11.46 15.86 -9.91
CA LEU A 37 -11.59 14.45 -10.25
C LEU A 37 -10.36 13.89 -10.96
N SER A 38 -9.33 14.71 -11.17
CA SER A 38 -8.11 14.34 -11.87
C SER A 38 -8.42 13.53 -13.13
N MET A 39 -9.20 14.15 -14.01
CA MET A 39 -9.59 13.57 -15.29
C MET A 39 -9.03 14.43 -16.41
N GLY A 40 -8.29 13.82 -17.31
CA GLY A 40 -7.81 14.51 -18.49
C GLY A 40 -6.57 13.85 -19.05
N GLU A 41 -6.14 14.39 -20.19
CA GLU A 41 -4.95 13.89 -20.87
C GLU A 41 -3.69 14.28 -20.10
N VAL A 42 -2.69 13.40 -20.16
CA VAL A 42 -1.34 13.69 -19.68
C VAL A 42 -0.37 13.35 -20.80
N LEU A 43 0.37 14.33 -21.28
CA LEU A 43 1.19 14.15 -22.47
C LEU A 43 2.62 14.62 -22.23
N HIS A 44 3.56 13.92 -22.83
CA HIS A 44 4.95 14.34 -22.85
C HIS A 44 5.17 15.25 -24.06
N PRO A 45 5.64 16.49 -23.86
CA PRO A 45 5.78 17.40 -25.02
C PRO A 45 6.70 16.88 -26.11
N ALA A 46 7.80 16.20 -25.76
CA ALA A 46 8.70 15.68 -26.78
C ALA A 46 8.03 14.57 -27.60
N THR A 47 7.24 13.72 -26.96
CA THR A 47 6.50 12.69 -27.68
C THR A 47 5.49 13.32 -28.64
N VAL A 48 4.76 14.34 -28.16
CA VAL A 48 3.80 15.04 -28.99
C VAL A 48 4.51 15.66 -30.19
N ALA A 49 5.66 16.30 -29.96
CA ALA A 49 6.39 16.95 -31.04
C ALA A 49 6.89 15.94 -32.05
N ALA A 50 7.41 14.80 -31.60
CA ALA A 50 7.88 13.77 -32.52
C ALA A 50 6.73 13.22 -33.37
N LYS A 51 5.58 12.97 -32.76
CA LYS A 51 4.43 12.49 -33.52
C LYS A 51 3.93 13.56 -34.49
N LYS A 52 3.95 14.82 -34.07
CA LYS A 52 3.54 15.90 -34.95
C LYS A 52 4.45 16.00 -36.17
N GLU A 53 5.76 15.87 -35.95
CA GLU A 53 6.70 15.88 -37.07
C GLU A 53 6.47 14.69 -37.99
N ARG A 54 6.26 13.50 -37.42
CA ARG A 54 5.99 12.33 -38.24
C ARG A 54 4.74 12.54 -39.09
N ASP A 55 3.67 13.05 -38.49
CA ASP A 55 2.39 13.16 -39.19
C ASP A 55 2.40 14.31 -40.19
N ALA A 56 3.25 15.33 -39.98
CA ALA A 56 3.31 16.44 -40.93
C ALA A 56 3.90 16.04 -42.28
N GLN A 57 4.35 14.79 -42.43
CA GLN A 57 4.82 14.30 -43.71
C GLN A 57 3.69 14.02 -44.70
N TYR A 58 2.44 14.17 -44.26
CA TYR A 58 1.28 14.14 -45.13
C TYR A 58 1.52 15.02 -46.36
N PRO A 59 1.57 14.45 -47.56
CA PRO A 59 1.79 15.26 -48.75
C PRO A 59 0.70 16.28 -48.94
N PRO A 60 1.02 17.49 -49.41
CA PRO A 60 -0.02 18.49 -49.64
C PRO A 60 -0.97 18.05 -50.75
N ALA A 61 -2.20 18.56 -50.67
CA ALA A 61 -3.17 18.31 -51.71
C ALA A 61 -2.64 18.74 -53.07
N LEU A 62 -2.89 17.92 -54.08
CA LEU A 62 -2.49 18.27 -55.43
C LEU A 62 -3.34 19.43 -55.93
N PRO A 63 -2.78 20.29 -56.78
CA PRO A 63 -3.54 21.45 -57.26
C PRO A 63 -4.83 21.03 -57.96
N ALA A 64 -5.87 21.83 -57.77
CA ALA A 64 -7.16 21.53 -58.37
C ALA A 64 -7.08 21.61 -59.89
N VAL A 65 -7.91 20.81 -60.55
CA VAL A 65 -7.96 20.76 -62.00
C VAL A 65 -9.39 21.02 -62.44
N LYS A 66 -9.54 21.55 -63.65
CA LYS A 66 -10.86 21.88 -64.16
C LYS A 66 -11.64 20.61 -64.47
N ALA A 67 -12.88 20.54 -64.00
CA ALA A 67 -13.66 19.32 -64.03
C ALA A 67 -14.50 19.21 -65.30
N GLU A 68 -13.88 19.38 -66.46
CA GLU A 68 -14.63 19.50 -67.70
C GLU A 68 -14.10 18.53 -68.75
N GLY A 69 -15.03 17.88 -69.44
CA GLY A 69 -14.80 16.79 -70.37
C GLY A 69 -15.93 15.79 -70.25
N GLN A 70 -15.80 14.67 -70.93
CA GLN A 70 -16.84 13.68 -70.71
C GLN A 70 -16.41 12.68 -69.64
N PRO A 71 -17.37 12.01 -68.99
CA PRO A 71 -17.00 11.17 -67.83
C PRO A 71 -16.04 10.06 -68.22
N VAL A 72 -15.20 9.70 -67.25
CA VAL A 72 -14.09 8.79 -67.51
C VAL A 72 -14.56 7.39 -67.88
N SER A 73 -15.78 7.01 -67.49
CA SER A 73 -16.30 5.73 -67.97
C SER A 73 -16.94 5.86 -69.34
N LYS A 74 -16.30 6.60 -70.22
CA LYS A 74 -16.48 6.67 -71.67
C LYS A 74 -15.14 6.63 -72.39
N VAL A 75 -14.12 7.29 -71.83
CA VAL A 75 -12.79 7.28 -72.43
C VAL A 75 -12.02 6.03 -72.01
N TYR A 76 -12.22 5.59 -70.77
CA TYR A 76 -11.48 4.47 -70.21
C TYR A 76 -12.29 3.18 -70.29
N LYS A 77 -11.59 2.06 -70.16
CA LYS A 77 -12.18 0.75 -70.42
C LYS A 77 -12.56 -0.02 -69.17
N ASN A 78 -11.83 0.18 -68.07
CA ASN A 78 -11.97 -0.66 -66.88
C ASN A 78 -12.04 0.17 -65.62
N VAL A 79 -12.92 1.18 -65.61
CA VAL A 79 -13.17 1.99 -64.43
C VAL A 79 -14.51 1.57 -63.85
N LYS A 80 -14.50 1.12 -62.59
CA LYS A 80 -15.72 0.63 -61.95
C LYS A 80 -16.11 1.39 -60.69
N VAL A 81 -15.24 2.26 -60.17
CA VAL A 81 -15.52 3.00 -58.95
C VAL A 81 -15.55 4.50 -59.20
N LEU A 82 -14.54 5.02 -59.90
CA LEU A 82 -14.38 6.45 -60.13
C LEU A 82 -14.90 6.89 -61.49
N GLY A 83 -15.94 6.22 -62.01
CA GLY A 83 -16.41 6.50 -63.35
C GLY A 83 -16.93 7.90 -63.57
N ASP A 84 -17.54 8.50 -62.53
CA ASP A 84 -18.16 9.82 -62.68
C ASP A 84 -17.15 10.91 -62.98
N LEU A 85 -15.86 10.68 -62.74
CA LEU A 85 -14.88 11.72 -62.90
C LEU A 85 -14.55 11.95 -64.38
N THR A 86 -13.80 13.01 -64.64
CA THR A 86 -13.23 13.29 -65.95
C THR A 86 -11.74 13.01 -65.93
N GLU A 87 -11.17 12.88 -67.13
CA GLU A 87 -9.77 12.48 -67.26
C GLU A 87 -8.80 13.31 -66.41
N PRO A 88 -8.88 14.65 -66.37
CA PRO A 88 -7.95 15.38 -65.48
C PRO A 88 -8.13 15.05 -64.00
N GLU A 89 -9.37 15.01 -63.52
CA GLU A 89 -9.61 14.72 -62.11
C GLU A 89 -9.24 13.28 -61.77
N PHE A 90 -9.57 12.35 -62.66
CA PHE A 90 -9.22 10.94 -62.44
C PHE A 90 -7.71 10.75 -62.40
N LEU A 91 -6.98 11.39 -63.32
CA LEU A 91 -5.53 11.30 -63.30
C LEU A 91 -4.96 11.94 -62.04
N ARG A 92 -5.57 13.04 -61.58
CA ARG A 92 -5.15 13.64 -60.32
C ARG A 92 -5.36 12.69 -59.15
N THR A 93 -6.49 11.96 -59.16
CA THR A 93 -6.72 10.96 -58.13
C THR A 93 -5.65 9.89 -58.15
N MET A 94 -5.27 9.43 -59.35
CA MET A 94 -4.22 8.42 -59.46
C MET A 94 -2.89 8.93 -58.95
N THR A 95 -2.57 10.19 -59.24
CA THR A 95 -1.34 10.79 -58.73
C THR A 95 -1.36 10.88 -57.20
N ALA A 96 -2.50 11.26 -56.62
CA ALA A 96 -2.60 11.28 -55.17
C ALA A 96 -2.44 9.87 -54.60
N MET A 97 -3.06 8.87 -55.23
CA MET A 97 -2.97 7.51 -54.72
C MET A 97 -1.54 6.98 -54.77
N THR A 98 -0.81 7.28 -55.85
CA THR A 98 0.56 6.81 -55.91
C THR A 98 1.44 7.56 -54.91
N GLU A 99 1.13 8.82 -54.62
CA GLU A 99 1.84 9.48 -53.52
C GLU A 99 1.53 8.84 -52.18
N TRP A 100 0.29 8.39 -51.98
CA TRP A 100 -0.15 7.92 -50.67
C TRP A 100 0.20 6.47 -50.39
N VAL A 101 0.32 5.63 -51.41
CA VAL A 101 0.44 4.19 -51.23
C VAL A 101 1.78 3.67 -51.72
N SER A 102 2.16 4.01 -52.95
CA SER A 102 3.39 3.50 -53.55
C SER A 102 4.22 4.63 -54.15
N PRO A 103 4.72 5.55 -53.33
CA PRO A 103 5.61 6.59 -53.87
C PRO A 103 6.92 6.05 -54.40
N LYS A 104 7.48 5.00 -53.78
CA LYS A 104 8.76 4.46 -54.25
C LYS A 104 8.59 3.69 -55.56
N GLU A 105 7.59 2.81 -55.61
CA GLU A 105 7.40 1.99 -56.80
C GLU A 105 6.73 2.76 -57.94
N GLY A 106 5.81 3.66 -57.61
CA GLY A 106 5.12 4.42 -58.63
C GLY A 106 3.94 3.69 -59.22
N CYS A 107 3.52 4.18 -60.40
CA CYS A 107 2.34 3.64 -61.06
C CYS A 107 2.45 2.14 -61.30
N THR A 108 3.68 1.64 -61.46
CA THR A 108 3.89 0.23 -61.76
C THR A 108 3.50 -0.69 -60.62
N TYR A 109 3.31 -0.16 -59.40
CA TYR A 109 2.91 -1.04 -58.31
C TYR A 109 1.56 -1.68 -58.60
N CYS A 110 0.63 -0.92 -59.16
CA CYS A 110 -0.70 -1.45 -59.43
C CYS A 110 -0.95 -1.75 -60.90
N HIS A 111 -0.23 -1.11 -61.80
CA HIS A 111 -0.57 -1.13 -63.21
C HIS A 111 0.46 -1.88 -64.03
N ASP A 112 -0.03 -2.53 -65.09
CA ASP A 112 0.84 -2.97 -66.18
C ASP A 112 1.38 -1.74 -66.91
N GLU A 113 2.65 -1.82 -67.30
CA GLU A 113 3.33 -0.66 -67.88
C GLU A 113 2.64 -0.21 -69.17
N ALA A 114 2.29 -1.15 -70.04
CA ALA A 114 1.69 -0.82 -71.32
C ALA A 114 0.17 -0.67 -71.23
N ASP A 115 -0.50 -1.64 -70.60
CA ASP A 115 -1.96 -1.65 -70.54
C ASP A 115 -2.39 -1.12 -69.18
N LEU A 116 -2.72 0.17 -69.12
CA LEU A 116 -3.21 0.77 -67.87
C LEU A 116 -4.55 0.21 -67.45
N SER A 117 -5.30 -0.40 -68.37
CA SER A 117 -6.58 -1.00 -68.05
C SER A 117 -6.45 -2.40 -67.47
N SER A 118 -5.28 -3.02 -67.61
CA SER A 118 -5.09 -4.38 -67.13
C SER A 118 -5.18 -4.42 -65.61
N GLU A 119 -5.91 -5.40 -65.08
CA GLU A 119 -6.06 -5.61 -63.65
C GLU A 119 -5.36 -6.89 -63.21
N ALA A 120 -4.21 -7.19 -63.82
CA ALA A 120 -3.53 -8.46 -63.54
C ALA A 120 -2.88 -8.46 -62.17
N LYS A 121 -2.32 -7.33 -61.75
CA LYS A 121 -1.57 -7.27 -60.50
C LYS A 121 -2.53 -7.20 -59.31
N TYR A 122 -2.27 -8.02 -58.30
CA TYR A 122 -3.16 -8.04 -57.14
C TYR A 122 -3.31 -6.68 -56.46
N PRO A 123 -2.28 -5.82 -56.38
CA PRO A 123 -2.53 -4.49 -55.80
C PRO A 123 -3.58 -3.70 -56.55
N PHE A 124 -3.77 -3.94 -57.85
CA PHE A 124 -4.85 -3.26 -58.56
C PHE A 124 -6.21 -3.62 -57.98
N LYS A 125 -6.49 -4.92 -57.83
CA LYS A 125 -7.76 -5.35 -57.29
C LYS A 125 -7.93 -4.90 -55.84
N VAL A 126 -6.87 -5.05 -55.04
CA VAL A 126 -6.93 -4.59 -53.66
C VAL A 126 -7.23 -3.10 -53.63
N ALA A 127 -6.57 -2.31 -54.47
CA ALA A 127 -6.75 -0.86 -54.46
C ALA A 127 -8.15 -0.47 -54.92
N ARG A 128 -8.75 -1.23 -55.82
CA ARG A 128 -10.15 -0.97 -56.17
C ARG A 128 -11.06 -1.17 -54.96
N ARG A 129 -10.89 -2.30 -54.27
CA ARG A 129 -11.68 -2.49 -53.06
C ARG A 129 -11.37 -1.44 -52.00
N MET A 130 -10.13 -0.96 -51.95
CA MET A 130 -9.75 0.07 -50.99
C MET A 130 -10.37 1.41 -51.33
N LEU A 131 -10.50 1.74 -52.61
CA LEU A 131 -11.25 2.92 -53.01
C LEU A 131 -12.68 2.83 -52.53
N GLU A 132 -13.31 1.68 -52.72
CA GLU A 132 -14.67 1.50 -52.22
C GLU A 132 -14.72 1.61 -50.69
N MET A 133 -13.72 1.06 -50.01
CA MET A 133 -13.69 1.13 -48.55
C MET A 133 -13.54 2.57 -48.06
N THR A 134 -12.65 3.34 -48.69
CA THR A 134 -12.43 4.73 -48.29
C THR A 134 -13.67 5.56 -48.55
N ARG A 135 -14.33 5.34 -49.68
CA ARG A 135 -15.59 6.03 -49.93
C ARG A 135 -16.64 5.66 -48.91
N HIS A 136 -16.70 4.38 -48.53
CA HIS A 136 -17.63 3.95 -47.49
C HIS A 136 -17.35 4.65 -46.18
N ILE A 137 -16.07 4.74 -45.80
CA ILE A 137 -15.71 5.41 -44.54
C ILE A 137 -16.14 6.86 -44.58
N ASN A 138 -15.81 7.55 -45.68
CA ASN A 138 -16.10 8.99 -45.76
C ASN A 138 -17.58 9.29 -45.95
N THR A 139 -18.38 8.31 -46.34
CA THR A 139 -19.80 8.53 -46.57
C THR A 139 -20.68 8.06 -45.42
N ASP A 140 -20.50 6.83 -44.96
CA ASP A 140 -21.39 6.20 -44.00
C ASP A 140 -20.87 6.22 -42.56
N TRP A 141 -19.64 6.64 -42.34
CA TRP A 141 -19.07 6.67 -41.00
C TRP A 141 -18.65 8.08 -40.59
N THR A 142 -19.39 9.09 -41.04
CA THR A 142 -19.14 10.44 -40.56
C THR A 142 -19.43 10.58 -39.07
N SER A 143 -20.20 9.65 -38.49
CA SER A 143 -20.40 9.65 -37.05
C SER A 143 -19.09 9.42 -36.30
N HIS A 144 -18.06 8.90 -36.96
CA HIS A 144 -16.73 8.78 -36.38
C HIS A 144 -15.72 9.73 -36.99
N VAL A 145 -15.56 9.73 -38.32
CA VAL A 145 -14.50 10.52 -38.94
C VAL A 145 -14.92 11.96 -39.21
N ALA A 146 -16.20 12.29 -39.01
CA ALA A 146 -16.72 13.67 -39.02
C ALA A 146 -16.36 14.32 -40.37
N GLN A 147 -15.91 15.57 -40.37
CA GLN A 147 -15.51 16.25 -41.59
C GLN A 147 -14.02 16.16 -41.84
N THR A 148 -13.26 15.52 -40.95
CA THR A 148 -11.86 15.22 -41.25
C THR A 148 -11.76 14.21 -42.38
N GLY A 149 -12.49 13.10 -42.26
CA GLY A 149 -12.43 12.04 -43.24
C GLY A 149 -11.10 11.31 -43.20
N VAL A 150 -10.96 10.36 -44.12
CA VAL A 150 -9.71 9.63 -44.30
C VAL A 150 -9.36 9.63 -45.78
N THR A 151 -8.08 9.45 -46.05
CA THR A 151 -7.57 9.12 -47.37
C THR A 151 -6.76 7.84 -47.25
N CYS A 152 -6.13 7.43 -48.36
CA CYS A 152 -5.23 6.29 -48.31
C CYS A 152 -4.07 6.52 -47.37
N TYR A 153 -3.59 7.76 -47.28
CA TYR A 153 -2.47 8.08 -46.42
C TYR A 153 -2.79 7.90 -44.95
N THR A 154 -4.06 7.96 -44.57
CA THR A 154 -4.42 7.82 -43.15
C THR A 154 -3.88 6.53 -42.56
N CYS A 155 -4.00 5.43 -43.31
CA CYS A 155 -3.47 4.14 -42.91
C CYS A 155 -2.11 3.83 -43.52
N HIS A 156 -1.90 4.18 -44.79
CA HIS A 156 -0.71 3.70 -45.48
C HIS A 156 0.54 4.48 -45.13
N ARG A 157 0.41 5.79 -44.92
CA ARG A 157 1.55 6.65 -44.59
C ARG A 157 2.65 6.52 -45.63
N GLY A 158 2.27 6.41 -46.89
CA GLY A 158 3.22 6.31 -47.97
C GLY A 158 3.86 4.96 -48.18
N ARG A 159 3.22 3.88 -47.74
CA ARG A 159 3.75 2.54 -47.92
C ARG A 159 2.69 1.63 -48.51
N PRO A 160 3.09 0.66 -49.34
CA PRO A 160 2.12 -0.37 -49.77
C PRO A 160 1.46 -1.09 -48.60
N VAL A 161 2.25 -1.54 -47.63
CA VAL A 161 1.71 -2.18 -46.43
C VAL A 161 1.60 -1.09 -45.36
N PRO A 162 0.43 -0.86 -44.78
CA PRO A 162 0.33 0.10 -43.69
C PRO A 162 1.22 -0.32 -42.53
N PRO A 163 1.80 0.65 -41.83
CA PRO A 163 2.70 0.31 -40.72
C PRO A 163 2.07 -0.53 -39.62
N TYR A 164 0.78 -0.35 -39.33
CA TYR A 164 0.12 -1.08 -38.24
C TYR A 164 -1.07 -1.86 -38.80
N ILE A 165 -0.88 -3.17 -39.01
CA ILE A 165 -1.95 -4.06 -39.42
C ILE A 165 -2.11 -5.14 -38.36
N ARG A 166 -3.23 -5.83 -38.40
CA ARG A 166 -3.55 -6.86 -37.41
C ARG A 166 -3.89 -8.18 -38.10
N TYR A 167 -3.60 -9.27 -37.40
CA TYR A 167 -4.02 -10.61 -37.77
C TYR A 167 -4.81 -11.22 -36.61
N LEU A 168 -5.19 -12.49 -36.75
CA LEU A 168 -5.89 -13.18 -35.68
C LEU A 168 -4.98 -13.52 -34.51
N GLU A 169 -3.67 -13.34 -34.65
CA GLU A 169 -2.74 -13.52 -33.54
C GLU A 169 -1.86 -12.28 -33.46
N PRO A 170 -1.55 -11.82 -32.25
CA PRO A 170 -0.73 -10.62 -32.13
C PRO A 170 0.69 -10.86 -32.62
N ARG A 171 1.31 -9.80 -33.12
CA ARG A 171 2.65 -9.88 -33.65
C ARG A 171 3.50 -8.75 -33.10
N LEU A 172 4.81 -8.98 -33.12
CA LEU A 172 5.80 -7.97 -32.81
C LEU A 172 6.83 -7.92 -33.92
N PRO A 173 7.38 -6.74 -34.21
CA PRO A 173 7.05 -5.43 -33.63
C PRO A 173 5.71 -4.89 -34.12
N LEU A 174 5.17 -3.85 -33.48
CA LEU A 174 3.89 -3.29 -33.91
C LEU A 174 3.97 -2.76 -35.34
N ASP A 175 5.04 -2.05 -35.66
CA ASP A 175 5.28 -1.61 -37.04
C ASP A 175 5.87 -2.78 -37.81
N ASN A 176 5.15 -3.23 -38.85
CA ASN A 176 5.53 -4.46 -39.54
C ASN A 176 6.68 -4.27 -40.53
N ALA A 177 7.12 -3.04 -40.78
CA ALA A 177 8.27 -2.85 -41.65
C ALA A 177 9.56 -3.27 -40.96
N ILE A 178 9.60 -3.22 -39.64
CA ILE A 178 10.76 -3.62 -38.86
C ILE A 178 10.81 -5.14 -38.79
N LYS A 179 11.96 -5.71 -39.12
CA LYS A 179 12.11 -7.16 -39.08
C LYS A 179 12.10 -7.67 -37.64
N PRO A 180 11.28 -8.66 -37.31
CA PRO A 180 11.23 -9.14 -35.92
C PRO A 180 12.50 -9.86 -35.52
N THR A 181 12.84 -9.77 -34.24
CA THR A 181 13.92 -10.54 -33.68
C THR A 181 13.51 -12.01 -33.58
N PHE A 182 14.46 -12.86 -33.18
CA PHE A 182 14.17 -14.28 -33.01
C PHE A 182 13.03 -14.49 -32.03
N VAL A 183 13.13 -13.87 -30.85
CA VAL A 183 12.14 -14.09 -29.80
C VAL A 183 10.78 -13.57 -30.24
N GLU A 184 10.73 -12.42 -30.92
CA GLU A 184 9.47 -11.86 -31.36
C GLU A 184 8.72 -12.79 -32.30
N ALA A 185 9.43 -13.64 -33.02
CA ALA A 185 8.82 -14.60 -33.93
C ALA A 185 8.73 -16.01 -33.36
N ASP A 186 9.29 -16.26 -32.17
CA ASP A 186 9.37 -17.58 -31.56
C ASP A 186 8.18 -17.84 -30.64
N ASN A 187 7.93 -19.12 -30.36
CA ASN A 187 6.85 -19.50 -29.46
C ASN A 187 7.06 -18.93 -28.06
N SER A 188 8.32 -18.92 -27.60
CA SER A 188 8.64 -18.43 -26.26
C SER A 188 8.33 -16.95 -26.08
N GLY A 189 8.11 -16.21 -27.16
CA GLY A 189 7.72 -14.81 -27.06
C GLY A 189 6.24 -14.55 -26.92
N HIS A 190 5.41 -15.60 -26.87
CA HIS A 190 3.97 -15.42 -26.93
C HIS A 190 3.46 -14.40 -25.91
N VAL A 191 3.85 -14.56 -24.65
CA VAL A 191 3.34 -13.67 -23.61
C VAL A 191 3.72 -12.23 -23.91
N VAL A 192 4.97 -12.00 -24.32
CA VAL A 192 5.39 -10.64 -24.62
C VAL A 192 4.57 -10.09 -25.78
N ARG A 193 4.28 -10.93 -26.77
CA ARG A 193 3.47 -10.47 -27.90
C ARG A 193 2.09 -10.03 -27.42
N LEU A 194 1.53 -10.72 -26.43
CA LEU A 194 0.30 -10.23 -25.83
C LEU A 194 0.54 -8.91 -25.12
N ALA A 195 1.56 -8.87 -24.26
CA ALA A 195 1.76 -7.71 -23.39
C ALA A 195 1.95 -6.43 -24.20
N LYS A 196 2.81 -6.48 -25.21
CA LYS A 196 3.11 -5.28 -25.97
C LYS A 196 2.00 -4.89 -26.93
N ASN A 197 0.96 -5.71 -27.07
CA ASN A 197 -0.22 -5.31 -27.81
C ASN A 197 -1.32 -4.77 -26.89
N THR A 198 -1.12 -4.81 -25.59
CA THR A 198 -2.05 -4.25 -24.61
C THR A 198 -1.31 -3.33 -23.65
N ALA A 199 -0.42 -2.50 -24.18
CA ALA A 199 0.32 -1.50 -23.41
C ALA A 199 1.07 -2.11 -22.22
N TYR A 200 1.70 -3.26 -22.47
CA TYR A 200 2.61 -3.96 -21.55
C TYR A 200 1.92 -4.62 -20.37
N SER A 201 0.59 -4.64 -20.34
CA SER A 201 -0.09 -5.31 -19.25
C SER A 201 0.08 -6.82 -19.35
N ALA A 202 -0.14 -7.49 -18.23
CA ALA A 202 -0.04 -8.95 -18.18
C ALA A 202 -1.35 -9.64 -18.56
N LEU A 203 -2.35 -8.89 -19.01
CA LEU A 203 -3.64 -9.48 -19.34
C LEU A 203 -3.49 -10.53 -20.43
N ASN A 204 -3.97 -11.73 -20.17
CA ASN A 204 -3.70 -12.91 -20.99
C ASN A 204 -4.72 -13.07 -22.11
N TYR A 205 -4.93 -12.00 -22.89
CA TYR A 205 -5.98 -11.98 -23.89
C TYR A 205 -5.53 -11.19 -25.11
N ASP A 206 -6.08 -11.57 -26.26
CA ASP A 206 -5.90 -10.86 -27.52
C ASP A 206 -7.21 -10.14 -27.83
N PRO A 207 -7.39 -8.91 -27.36
CA PRO A 207 -8.69 -8.25 -27.53
C PRO A 207 -9.05 -7.92 -28.97
N PHE A 208 -8.08 -7.82 -29.88
CA PHE A 208 -8.43 -7.53 -31.26
C PHE A 208 -9.24 -8.68 -31.87
N ALA A 209 -8.72 -9.90 -31.77
CA ALA A 209 -9.43 -11.05 -32.35
C ALA A 209 -10.78 -11.26 -31.68
N MET A 210 -10.88 -10.91 -30.40
CA MET A 210 -12.12 -11.09 -29.66
C MET A 210 -13.17 -10.05 -30.04
N PHE A 211 -12.77 -8.79 -30.21
CA PHE A 211 -13.73 -7.70 -30.24
C PHE A 211 -13.75 -6.89 -31.52
N LEU A 212 -12.65 -6.81 -32.26
CA LEU A 212 -12.58 -5.88 -33.38
C LEU A 212 -12.53 -6.55 -34.75
N ALA A 213 -12.17 -7.83 -34.83
CA ALA A 213 -12.25 -8.53 -36.11
C ALA A 213 -13.69 -8.68 -36.57
N ASN A 214 -14.62 -8.91 -35.65
CA ASN A 214 -16.04 -9.01 -35.95
C ASN A 214 -16.82 -8.46 -34.77
N ASP A 215 -18.14 -8.61 -34.79
CA ASP A 215 -19.01 -8.10 -33.76
C ASP A 215 -19.69 -9.21 -32.96
N LYS A 216 -19.02 -10.34 -32.78
CA LYS A 216 -19.62 -11.48 -32.10
C LYS A 216 -19.69 -11.33 -30.58
N ARG A 217 -18.76 -10.62 -29.98
CA ARG A 217 -18.70 -10.52 -28.53
C ARG A 217 -19.24 -9.19 -28.04
N GLU A 218 -19.75 -9.19 -26.82
CA GLU A 218 -20.18 -7.98 -26.14
C GLU A 218 -19.03 -7.45 -25.30
N ILE A 219 -18.61 -6.22 -25.58
CA ILE A 219 -17.55 -5.59 -24.80
C ILE A 219 -18.03 -5.30 -23.39
N ARG A 220 -19.25 -4.83 -23.23
CA ARG A 220 -19.76 -4.46 -21.92
C ARG A 220 -20.00 -5.69 -21.05
N PHE A 221 -19.59 -5.59 -19.79
CA PHE A 221 -19.75 -6.69 -18.86
C PHE A 221 -20.23 -6.26 -17.48
N VAL A 222 -20.36 -4.96 -17.23
CA VAL A 222 -20.66 -4.45 -15.89
C VAL A 222 -22.17 -4.44 -15.69
N PRO A 223 -22.66 -4.92 -14.55
CA PRO A 223 -24.11 -4.90 -14.30
C PRO A 223 -24.65 -3.49 -14.14
N GLN A 224 -25.93 -3.33 -14.47
CA GLN A 224 -26.59 -2.03 -14.43
C GLN A 224 -27.65 -1.95 -13.33
N THR A 225 -27.61 -2.84 -12.35
CA THR A 225 -28.47 -2.76 -11.19
C THR A 225 -27.63 -2.96 -9.93
N ALA A 226 -28.11 -2.39 -8.82
CA ALA A 226 -27.38 -2.50 -7.56
C ALA A 226 -27.30 -3.94 -7.09
N LEU A 227 -28.39 -4.69 -7.20
CA LEU A 227 -28.46 -6.03 -6.68
C LEU A 227 -28.43 -7.06 -7.80
N PRO A 228 -27.90 -8.25 -7.54
CA PRO A 228 -27.79 -9.27 -8.61
C PRO A 228 -29.16 -9.76 -9.03
N PRO A 229 -29.48 -9.70 -10.32
CA PRO A 229 -30.79 -10.15 -10.77
C PRO A 229 -30.91 -11.67 -10.79
N VAL A 230 -32.12 -12.13 -10.53
CA VAL A 230 -32.43 -13.56 -10.66
C VAL A 230 -32.33 -13.96 -12.13
N GLY A 231 -31.64 -15.07 -12.39
CA GLY A 231 -31.57 -15.65 -13.72
C GLY A 231 -30.27 -15.42 -14.46
N VAL A 232 -29.46 -14.43 -14.05
CA VAL A 232 -28.20 -14.15 -14.70
C VAL A 232 -27.02 -14.19 -13.75
N SER A 233 -27.23 -14.53 -12.49
CA SER A 233 -26.25 -14.27 -11.45
C SER A 233 -25.68 -15.50 -10.76
N ARG A 234 -26.02 -16.72 -11.19
CA ARG A 234 -25.57 -17.91 -10.48
C ARG A 234 -25.10 -18.99 -11.45
N GLY A 235 -23.89 -19.49 -11.23
CA GLY A 235 -23.45 -20.70 -11.92
C GLY A 235 -23.31 -20.53 -13.42
N MET A 236 -23.90 -21.48 -14.15
CA MET A 236 -23.75 -21.52 -15.60
C MET A 236 -24.52 -20.40 -16.32
N GLU A 237 -25.35 -19.65 -15.62
CA GLU A 237 -26.05 -18.53 -16.24
C GLU A 237 -25.23 -17.25 -16.23
N ARG A 238 -24.03 -17.25 -15.65
CA ARG A 238 -23.17 -16.08 -15.57
C ARG A 238 -22.13 -16.09 -16.69
N ARG A 239 -21.78 -14.89 -17.15
CA ARG A 239 -20.58 -14.76 -17.96
C ARG A 239 -19.35 -14.94 -17.07
N PRO A 240 -18.33 -15.63 -17.55
CA PRO A 240 -17.12 -15.79 -16.73
C PRO A 240 -16.38 -14.48 -16.55
N LEU A 241 -15.61 -14.39 -15.46
CA LEU A 241 -14.85 -13.19 -15.18
C LEU A 241 -13.80 -12.91 -16.25
N SER A 242 -13.46 -13.93 -17.06
CA SER A 242 -12.53 -13.73 -18.16
C SER A 242 -12.99 -12.60 -19.08
N ASP A 243 -14.29 -12.38 -19.19
CA ASP A 243 -14.81 -11.28 -20.02
C ASP A 243 -14.36 -9.92 -19.49
N ALA A 244 -14.38 -9.74 -18.17
CA ALA A 244 -13.87 -8.52 -17.56
C ALA A 244 -12.41 -8.29 -17.94
N TYR A 245 -11.58 -9.33 -17.79
CA TYR A 245 -10.19 -9.25 -18.20
C TYR A 245 -10.05 -8.85 -19.66
N ALA A 246 -10.84 -9.49 -20.53
CA ALA A 246 -10.72 -9.26 -21.96
C ALA A 246 -11.07 -7.82 -22.30
N THR A 247 -12.14 -7.30 -21.70
CA THR A 247 -12.50 -5.90 -21.94
C THR A 247 -11.44 -4.95 -21.40
N PHE A 248 -10.86 -5.26 -20.23
CA PHE A 248 -9.74 -4.46 -19.73
C PHE A 248 -8.60 -4.45 -20.73
N ALA A 249 -8.28 -5.61 -21.31
CA ALA A 249 -7.23 -5.69 -22.33
C ALA A 249 -7.57 -4.84 -23.54
N LEU A 250 -8.81 -4.90 -24.01
CA LEU A 250 -9.25 -4.07 -25.13
C LEU A 250 -9.08 -2.59 -24.82
N MET A 251 -9.46 -2.19 -23.60
CA MET A 251 -9.38 -0.80 -23.21
C MET A 251 -7.93 -0.32 -23.11
N MET A 252 -7.05 -1.17 -22.60
CA MET A 252 -5.62 -0.87 -22.62
C MET A 252 -5.12 -0.68 -24.05
N PHE A 253 -5.53 -1.57 -24.95
CA PHE A 253 -5.14 -1.45 -26.34
C PHE A 253 -5.63 -0.13 -26.94
N ILE A 254 -6.89 0.22 -26.68
CA ILE A 254 -7.44 1.45 -27.24
C ILE A 254 -6.69 2.66 -26.72
N SER A 255 -6.41 2.68 -25.41
CA SER A 255 -5.67 3.79 -24.82
C SER A 255 -4.30 3.93 -25.47
N ASP A 256 -3.62 2.81 -25.72
CA ASP A 256 -2.31 2.90 -26.34
C ASP A 256 -2.41 3.30 -27.81
N ALA A 257 -3.40 2.77 -28.53
CA ALA A 257 -3.54 3.02 -29.96
C ALA A 257 -3.92 4.46 -30.24
N ILE A 258 -4.73 5.06 -29.36
CA ILE A 258 -5.18 6.43 -29.49
C ILE A 258 -4.22 7.39 -28.82
N GLY A 259 -3.25 6.90 -28.06
CA GLY A 259 -2.34 7.73 -27.31
C GLY A 259 -3.01 8.57 -26.23
N THR A 260 -3.87 7.95 -25.42
CA THR A 260 -4.54 8.66 -24.33
C THR A 260 -4.66 7.71 -23.14
N ASN A 261 -5.42 8.13 -22.13
CA ASN A 261 -5.70 7.32 -20.96
C ASN A 261 -7.22 7.20 -20.78
N CYS A 262 -7.62 6.43 -19.77
CA CYS A 262 -9.02 6.07 -19.61
C CYS A 262 -9.91 7.28 -19.38
N THR A 263 -9.38 8.34 -18.79
CA THR A 263 -10.19 9.51 -18.48
C THR A 263 -10.44 10.39 -19.70
N PHE A 264 -9.90 10.04 -20.86
CA PHE A 264 -10.29 10.69 -22.10
C PHE A 264 -11.74 10.41 -22.43
N CYS A 265 -12.26 9.26 -22.03
CA CYS A 265 -13.61 8.83 -22.36
C CYS A 265 -14.44 8.47 -21.15
N HIS A 266 -13.85 8.20 -20.00
CA HIS A 266 -14.58 7.70 -18.85
C HIS A 266 -14.40 8.64 -17.66
N ASN A 267 -15.41 8.64 -16.81
CA ASN A 267 -15.18 8.93 -15.40
C ASN A 267 -15.01 7.57 -14.74
N PRO A 268 -13.79 7.16 -14.40
CA PRO A 268 -13.59 5.82 -13.82
C PRO A 268 -14.34 5.58 -12.51
N GLN A 269 -14.96 6.61 -11.91
CA GLN A 269 -15.87 6.38 -10.80
C GLN A 269 -16.91 5.32 -11.17
N THR A 270 -17.38 5.34 -12.41
CA THR A 270 -18.28 4.31 -12.91
C THR A 270 -18.04 4.20 -14.41
N PHE A 271 -17.22 3.21 -14.81
CA PHE A 271 -16.92 3.00 -16.22
C PHE A 271 -18.18 2.72 -17.03
N GLU A 272 -19.17 2.08 -16.42
CA GLU A 272 -20.37 1.64 -17.10
C GLU A 272 -21.39 2.75 -17.34
N SER A 273 -21.24 3.91 -16.69
CA SER A 273 -22.26 4.95 -16.77
C SER A 273 -21.96 5.93 -17.90
N TRP A 274 -23.02 6.50 -18.45
CA TRP A 274 -23.00 7.52 -19.47
C TRP A 274 -23.62 8.78 -18.90
N GLY A 275 -23.90 9.75 -19.77
CA GLY A 275 -24.41 11.02 -19.31
C GLY A 275 -23.27 11.90 -18.84
N ASN A 276 -23.31 12.34 -17.58
CA ASN A 276 -22.23 13.15 -17.05
C ASN A 276 -21.00 12.32 -16.68
N LYS A 277 -21.08 10.99 -16.76
CA LYS A 277 -19.96 10.13 -16.41
C LYS A 277 -19.15 9.68 -17.62
N SER A 278 -19.45 10.18 -18.81
CA SER A 278 -18.68 9.86 -20.00
C SER A 278 -18.53 11.11 -20.86
N THR A 279 -17.44 11.17 -21.61
CA THR A 279 -17.16 12.29 -22.50
C THR A 279 -17.71 12.02 -23.89
N PRO A 280 -17.86 13.07 -24.71
CA PRO A 280 -18.28 12.83 -26.11
C PRO A 280 -17.34 11.95 -26.88
N GLN A 281 -16.07 11.94 -26.48
CA GLN A 281 -15.09 11.07 -27.09
C GLN A 281 -15.43 9.61 -26.88
N ARG A 282 -16.14 9.27 -25.81
CA ARG A 282 -16.55 7.89 -25.63
C ARG A 282 -17.59 7.48 -26.67
N ALA A 283 -18.56 8.36 -26.97
CA ALA A 283 -19.52 8.06 -28.02
C ALA A 283 -18.84 7.93 -29.37
N ILE A 284 -17.88 8.82 -29.65
CA ILE A 284 -17.11 8.70 -30.89
C ILE A 284 -16.36 7.38 -30.92
N ALA A 285 -15.82 6.96 -29.77
CA ALA A 285 -15.08 5.70 -29.71
C ALA A 285 -16.01 4.52 -29.97
N TRP A 286 -17.25 4.58 -29.49
CA TRP A 286 -18.20 3.53 -29.84
C TRP A 286 -18.42 3.47 -31.35
N GLN A 287 -18.60 4.63 -31.97
CA GLN A 287 -18.73 4.65 -33.43
C GLN A 287 -17.48 4.09 -34.10
N GLY A 288 -16.31 4.35 -33.52
CA GLY A 288 -15.09 3.79 -34.04
C GLY A 288 -15.02 2.28 -33.93
N ILE A 289 -15.53 1.74 -32.82
CA ILE A 289 -15.58 0.28 -32.66
C ILE A 289 -16.49 -0.34 -33.71
N LYS A 290 -17.67 0.26 -33.90
CA LYS A 290 -18.57 -0.23 -34.95
C LYS A 290 -17.93 -0.15 -36.32
N MET A 291 -17.28 0.98 -36.63
CA MET A 291 -16.66 1.17 -37.94
C MET A 291 -15.52 0.19 -38.17
N THR A 292 -14.69 -0.04 -37.14
CA THR A 292 -13.59 -0.98 -37.28
C THR A 292 -14.11 -2.40 -37.52
N ARG A 293 -15.13 -2.81 -36.77
CA ARG A 293 -15.73 -4.12 -37.00
C ARG A 293 -16.27 -4.22 -38.42
N ASP A 294 -16.96 -3.17 -38.89
CA ASP A 294 -17.52 -3.17 -40.23
C ASP A 294 -16.44 -3.25 -41.30
N LEU A 295 -15.36 -2.48 -41.14
CA LEU A 295 -14.26 -2.51 -42.11
C LEU A 295 -13.61 -3.87 -42.16
N ASN A 296 -13.39 -4.49 -40.99
CA ASN A 296 -12.77 -5.80 -41.00
C ASN A 296 -13.68 -6.86 -41.59
N MET A 297 -14.96 -6.87 -41.22
CA MET A 297 -15.86 -7.92 -41.67
C MET A 297 -16.18 -7.78 -43.16
N ASN A 298 -16.36 -6.55 -43.65
CA ASN A 298 -16.92 -6.35 -44.98
C ASN A 298 -15.92 -5.93 -46.05
N PHE A 299 -14.77 -5.40 -45.68
CA PHE A 299 -13.82 -4.93 -46.67
C PHE A 299 -12.47 -5.63 -46.60
N LEU A 300 -11.89 -5.78 -45.42
CA LEU A 300 -10.52 -6.27 -45.32
C LEU A 300 -10.46 -7.79 -45.33
N SER A 301 -11.22 -8.46 -44.48
CA SER A 301 -11.21 -9.92 -44.45
C SER A 301 -11.66 -10.55 -45.77
N PRO A 302 -12.76 -10.13 -46.40
CA PRO A 302 -13.15 -10.76 -47.68
C PRO A 302 -12.14 -10.59 -48.79
N LEU A 303 -11.08 -9.83 -48.59
CA LEU A 303 -10.01 -9.71 -49.57
C LEU A 303 -9.06 -10.90 -49.55
N LYS A 304 -9.29 -11.89 -48.68
CA LYS A 304 -8.35 -13.00 -48.53
C LYS A 304 -7.94 -13.66 -49.84
N PRO A 305 -8.85 -14.05 -50.75
CA PRO A 305 -8.41 -14.76 -51.97
C PRO A 305 -7.55 -13.92 -52.90
N VAL A 306 -7.58 -12.60 -52.80
CA VAL A 306 -6.81 -11.75 -53.71
C VAL A 306 -5.34 -11.70 -53.33
N TYR A 307 -5.03 -11.81 -52.04
CA TYR A 307 -3.66 -11.63 -51.59
C TYR A 307 -2.79 -12.81 -51.97
N PRO A 308 -1.48 -12.59 -52.14
CA PRO A 308 -0.54 -13.71 -52.19
C PRO A 308 -0.36 -14.30 -50.79
N ALA A 309 0.27 -15.48 -50.75
CA ALA A 309 0.41 -16.21 -49.50
C ALA A 309 1.25 -15.45 -48.47
N ASN A 310 2.13 -14.56 -48.93
CA ASN A 310 3.01 -13.87 -48.00
C ASN A 310 2.33 -12.70 -47.28
N ARG A 311 1.12 -12.32 -47.67
CA ARG A 311 0.37 -11.30 -46.96
C ARG A 311 -0.61 -11.86 -45.93
N LEU A 312 -0.79 -13.17 -45.89
CA LEU A 312 -1.80 -13.78 -45.05
C LEU A 312 -1.23 -14.16 -43.69
N GLY A 313 -2.12 -14.37 -42.73
CA GLY A 313 -1.72 -14.71 -41.38
C GLY A 313 -1.40 -16.18 -41.21
N ALA A 314 -1.18 -16.56 -39.96
CA ALA A 314 -0.88 -17.96 -39.64
C ALA A 314 -2.06 -18.87 -39.97
N GLN A 315 -3.27 -18.43 -39.68
CA GLN A 315 -4.48 -19.15 -40.07
C GLN A 315 -4.84 -18.92 -41.54
N GLY A 316 -3.96 -18.32 -42.33
CA GLY A 316 -4.30 -17.99 -43.70
C GLY A 316 -5.29 -16.87 -43.86
N GLU A 317 -5.43 -16.00 -42.85
CA GLU A 317 -6.40 -14.92 -42.91
C GLU A 317 -5.76 -13.64 -43.45
N ALA A 318 -6.60 -12.79 -44.01
CA ALA A 318 -6.15 -11.53 -44.58
C ALA A 318 -5.84 -10.52 -43.47
N PRO A 319 -4.90 -9.60 -43.72
CA PRO A 319 -4.59 -8.58 -42.71
C PRO A 319 -5.75 -7.62 -42.50
N MET A 320 -5.92 -7.18 -41.27
CA MET A 320 -7.03 -6.34 -40.88
C MET A 320 -6.53 -5.02 -40.31
N ALA A 321 -7.46 -4.17 -39.90
CA ALA A 321 -7.15 -2.87 -39.33
C ALA A 321 -7.73 -2.76 -37.93
N ASP A 322 -7.04 -1.98 -37.10
CA ASP A 322 -7.54 -1.65 -35.77
C ASP A 322 -7.46 -0.14 -35.57
N CYS A 323 -7.69 0.34 -34.34
CA CYS A 323 -7.64 1.77 -34.08
C CYS A 323 -6.25 2.33 -34.38
N ARG A 324 -5.21 1.57 -34.03
CA ARG A 324 -3.84 2.03 -34.26
C ARG A 324 -3.53 2.23 -35.74
N THR A 325 -4.22 1.50 -36.62
CA THR A 325 -3.93 1.60 -38.05
C THR A 325 -4.15 3.02 -38.58
N CYS A 326 -5.21 3.68 -38.12
CA CYS A 326 -5.45 5.07 -38.49
C CYS A 326 -4.83 6.04 -37.50
N HIS A 327 -5.04 5.83 -36.21
CA HIS A 327 -4.67 6.81 -35.21
C HIS A 327 -3.17 6.86 -34.95
N GLN A 328 -2.52 5.69 -34.92
CA GLN A 328 -1.07 5.58 -34.74
C GLN A 328 -0.59 6.39 -33.53
N GLY A 329 -1.31 6.22 -32.42
CA GLY A 329 -0.91 6.84 -31.17
C GLY A 329 -1.31 8.29 -30.98
N VAL A 330 -2.25 8.81 -31.76
CA VAL A 330 -2.73 10.17 -31.64
C VAL A 330 -4.24 10.14 -31.50
N THR A 331 -4.79 11.01 -30.65
CA THR A 331 -6.24 10.99 -30.43
C THR A 331 -7.02 11.35 -31.68
N LYS A 332 -6.42 12.13 -32.58
CA LYS A 332 -6.96 12.34 -33.90
C LYS A 332 -5.90 11.91 -34.91
N PRO A 333 -6.26 11.11 -35.93
CA PRO A 333 -5.26 10.73 -36.93
C PRO A 333 -4.64 11.96 -37.57
N LEU A 334 -3.31 11.97 -37.62
CA LEU A 334 -2.54 13.07 -38.20
C LEU A 334 -2.89 14.40 -37.55
N PHE A 335 -3.31 14.35 -36.29
CA PHE A 335 -3.73 15.52 -35.52
C PHE A 335 -4.85 16.28 -36.22
N GLY A 336 -5.76 15.53 -36.85
CA GLY A 336 -6.90 16.14 -37.49
C GLY A 336 -6.64 16.76 -38.85
N ALA A 337 -5.52 16.44 -39.48
CA ALA A 337 -5.27 16.92 -40.83
C ALA A 337 -6.28 16.30 -41.80
N SER A 338 -6.78 17.10 -42.72
CA SER A 338 -7.88 16.69 -43.59
C SER A 338 -7.55 16.96 -45.05
N ARG A 339 -8.12 16.13 -45.92
CA ARG A 339 -8.07 16.31 -47.37
C ARG A 339 -9.44 16.10 -48.00
N MET A 340 -10.50 16.17 -47.20
CA MET A 340 -11.84 15.84 -47.68
C MET A 340 -12.29 16.79 -48.78
N LYS A 341 -12.05 18.09 -48.60
CA LYS A 341 -12.45 19.05 -49.64
C LYS A 341 -11.61 18.91 -50.89
N ASP A 342 -10.33 18.56 -50.73
CA ASP A 342 -9.42 18.54 -51.87
C ASP A 342 -9.66 17.33 -52.77
N TYR A 343 -10.14 16.23 -52.23
CA TYR A 343 -10.40 15.01 -53.00
C TYR A 343 -11.84 14.56 -52.73
N PRO A 344 -12.83 15.22 -53.34
CA PRO A 344 -14.22 14.80 -53.14
C PRO A 344 -14.54 13.42 -53.68
N GLU A 345 -13.75 12.89 -54.61
CA GLU A 345 -13.99 11.56 -55.15
C GLU A 345 -13.78 10.47 -54.12
N LEU A 346 -13.17 10.77 -52.97
CA LEU A 346 -13.01 9.80 -51.90
C LEU A 346 -14.14 9.85 -50.87
N GLY A 347 -15.14 10.69 -51.09
CA GLY A 347 -16.26 10.77 -50.18
C GLY A 347 -16.42 12.14 -49.56
N PRO A 348 -17.64 12.47 -49.10
CA PRO A 348 -18.85 11.64 -49.13
C PRO A 348 -19.40 11.53 -50.54
N VAL A 349 -19.97 10.39 -50.89
CA VAL A 349 -20.52 10.18 -52.23
C VAL A 349 -22.00 10.54 -52.21
N LYS A 350 -22.39 11.45 -53.09
CA LYS A 350 -23.76 11.94 -53.14
C LYS A 350 -24.57 11.02 -54.04
N ALA A 351 -25.51 10.28 -53.46
CA ALA A 351 -26.32 9.35 -54.22
C ALA A 351 -27.41 10.06 -55.00
N ALA B 2 -9.22 13.40 37.36
CA ALA B 2 -8.73 14.14 36.20
C ALA B 2 -7.27 13.81 35.91
N LEU B 3 -6.57 13.30 36.92
CA LEU B 3 -5.20 12.83 36.76
C LEU B 3 -5.17 11.32 36.87
N LEU B 4 -4.32 10.68 36.06
CA LEU B 4 -3.98 9.30 36.34
C LEU B 4 -3.31 9.23 37.70
N SER B 5 -3.40 8.07 38.36
CA SER B 5 -2.90 7.97 39.72
C SER B 5 -1.39 8.20 39.82
N PHE B 6 -0.65 8.05 38.72
CA PHE B 6 0.78 8.28 38.71
C PHE B 6 1.18 9.57 38.01
N GLU B 7 0.23 10.44 37.68
CA GLU B 7 0.48 11.51 36.72
C GLU B 7 1.13 12.76 37.34
N ARG B 8 0.77 13.08 38.59
CA ARG B 8 1.05 14.43 39.11
C ARG B 8 2.53 14.78 39.07
N LYS B 9 3.41 13.81 39.34
CA LYS B 9 4.84 14.10 39.38
C LYS B 9 5.40 14.52 38.03
N TYR B 10 4.71 14.19 36.93
CA TYR B 10 5.19 14.51 35.59
C TYR B 10 4.74 15.86 35.07
N ARG B 11 3.73 16.48 35.69
CA ARG B 11 3.16 17.72 35.19
C ARG B 11 3.98 18.91 35.67
N VAL B 12 5.15 19.10 35.04
CA VAL B 12 6.06 20.17 35.38
C VAL B 12 6.08 21.18 34.24
N ARG B 13 6.52 22.39 34.56
CA ARG B 13 6.63 23.44 33.55
C ARG B 13 7.84 23.20 32.65
N GLY B 14 7.85 23.87 31.51
CA GLY B 14 9.00 23.87 30.63
C GLY B 14 8.87 22.85 29.50
N GLY B 15 9.71 23.03 28.49
CA GLY B 15 9.73 22.17 27.32
C GLY B 15 9.04 22.74 26.10
N THR B 16 8.40 23.90 26.23
CA THR B 16 7.70 24.49 25.10
C THR B 16 8.68 25.00 24.05
N LEU B 17 8.24 25.00 22.79
CA LEU B 17 9.03 25.59 21.73
C LEU B 17 8.82 27.10 21.65
N ILE B 18 7.57 27.54 21.77
CA ILE B 18 7.24 28.96 21.87
C ILE B 18 6.09 29.11 22.86
N GLY B 19 6.08 30.25 23.56
CA GLY B 19 5.01 30.63 24.45
C GLY B 19 5.37 30.60 25.92
N GLY B 20 6.30 29.75 26.31
CA GLY B 20 6.70 29.67 27.71
C GLY B 20 5.52 29.36 28.60
N ASP B 21 5.41 30.09 29.70
CA ASP B 21 4.36 29.87 30.70
C ASP B 21 3.00 30.41 30.27
N LEU B 22 2.94 31.13 29.14
CA LEU B 22 1.67 31.70 28.69
C LEU B 22 0.62 30.63 28.45
N PHE B 23 0.96 29.61 27.67
CA PHE B 23 0.02 28.55 27.31
C PHE B 23 0.43 27.20 27.89
N ASP B 24 1.47 27.15 28.73
CA ASP B 24 1.95 25.91 29.33
C ASP B 24 0.99 25.48 30.43
N PHE B 25 -0.10 24.83 30.04
CA PHE B 25 -1.08 24.34 31.00
C PHE B 25 -1.91 23.24 30.35
N TRP B 26 -2.67 22.54 31.18
CA TRP B 26 -3.55 21.46 30.74
C TRP B 26 -5.01 21.89 30.85
N VAL B 27 -5.83 21.34 29.97
CA VAL B 27 -7.28 21.44 30.07
C VAL B 27 -7.81 20.02 30.11
N GLY B 28 -8.27 19.58 31.27
CA GLY B 28 -8.55 18.19 31.48
C GLY B 28 -7.29 17.37 31.30
N PRO B 29 -7.33 16.39 30.39
CA PRO B 29 -6.14 15.61 30.10
C PRO B 29 -5.26 16.24 29.03
N PHE B 30 -5.82 17.13 28.21
CA PHE B 30 -5.10 17.70 27.09
C PHE B 30 -4.06 18.69 27.56
N TYR B 31 -2.83 18.54 27.06
CA TYR B 31 -1.87 19.63 27.17
C TYR B 31 -2.19 20.67 26.10
N VAL B 32 -2.06 21.94 26.43
CA VAL B 32 -2.46 22.95 25.47
C VAL B 32 -1.26 23.51 24.72
N GLY B 33 -0.46 24.33 25.39
CA GLY B 33 0.62 25.03 24.70
C GLY B 33 0.20 25.96 23.58
N PHE B 34 1.18 26.69 23.05
CA PHE B 34 0.93 27.61 21.94
C PHE B 34 0.43 26.85 20.71
N PHE B 35 1.00 25.68 20.45
CA PHE B 35 0.56 24.94 19.29
C PHE B 35 -0.72 24.16 19.53
N GLY B 36 -1.08 23.90 20.78
CA GLY B 36 -2.44 23.46 21.06
C GLY B 36 -3.45 24.55 20.78
N VAL B 37 -3.10 25.79 21.12
CA VAL B 37 -3.98 26.92 20.79
C VAL B 37 -4.14 27.06 19.28
N SER B 38 -3.03 26.99 18.55
CA SER B 38 -3.12 27.11 17.10
C SER B 38 -3.83 25.90 16.47
N ALA B 39 -3.64 24.70 17.04
CA ALA B 39 -4.35 23.53 16.54
C ALA B 39 -5.85 23.69 16.73
N ILE B 40 -6.29 24.17 17.88
CA ILE B 40 -7.72 24.38 18.08
C ILE B 40 -8.24 25.46 17.13
N PHE B 41 -7.46 26.52 16.92
CA PHE B 41 -7.86 27.55 15.97
C PHE B 41 -8.09 26.95 14.58
N PHE B 42 -7.10 26.24 14.05
CA PHE B 42 -7.21 25.67 12.71
C PHE B 42 -8.30 24.61 12.65
N ILE B 43 -8.43 23.78 13.70
CA ILE B 43 -9.45 22.74 13.68
C ILE B 43 -10.84 23.35 13.64
N PHE B 44 -11.12 24.30 14.52
CA PHE B 44 -12.43 24.93 14.55
C PHE B 44 -12.71 25.66 13.25
N LEU B 45 -11.75 26.44 12.75
CA LEU B 45 -11.97 27.18 11.50
C LEU B 45 -12.18 26.23 10.33
N GLY B 46 -11.32 25.22 10.19
CA GLY B 46 -11.42 24.32 9.06
C GLY B 46 -12.68 23.48 9.07
N VAL B 47 -13.07 22.98 10.24
CA VAL B 47 -14.30 22.21 10.32
C VAL B 47 -15.51 23.10 10.06
N SER B 48 -15.49 24.35 10.56
CA SER B 48 -16.61 25.25 10.30
C SER B 48 -16.70 25.63 8.82
N LEU B 49 -15.56 25.85 8.17
CA LEU B 49 -15.55 26.12 6.74
C LEU B 49 -16.03 24.90 5.95
N ILE B 50 -15.62 23.70 6.36
CA ILE B 50 -16.16 22.48 5.76
C ILE B 50 -17.67 22.43 5.91
N GLY B 51 -18.17 22.74 7.11
CA GLY B 51 -19.60 22.71 7.33
C GLY B 51 -20.34 23.66 6.44
N TYR B 52 -19.89 24.92 6.38
CA TYR B 52 -20.59 25.88 5.53
C TYR B 52 -20.47 25.52 4.06
N ALA B 53 -19.30 25.08 3.61
CA ALA B 53 -19.12 24.74 2.20
C ALA B 53 -19.95 23.52 1.81
N ALA B 54 -20.04 22.53 2.70
CA ALA B 54 -20.92 21.40 2.46
C ALA B 54 -22.37 21.85 2.36
N SER B 55 -22.78 22.78 3.23
CA SER B 55 -24.15 23.25 3.19
C SER B 55 -24.52 23.84 1.82
N GLN B 56 -23.54 24.38 1.10
CA GLN B 56 -23.78 24.97 -0.21
C GLN B 56 -23.58 24.00 -1.37
N GLY B 57 -23.20 22.75 -1.11
CA GLY B 57 -23.06 21.76 -2.15
C GLY B 57 -24.35 21.06 -2.50
N PRO B 58 -24.31 20.17 -3.49
CA PRO B 58 -25.56 19.57 -4.00
C PRO B 58 -26.19 18.55 -3.05
N SER B 59 -25.41 17.83 -2.26
CA SER B 59 -25.97 16.84 -1.35
C SER B 59 -25.38 17.03 0.04
N LEU B 60 -26.22 16.86 1.05
CA LEU B 60 -25.78 16.91 2.43
C LEU B 60 -25.69 15.53 3.07
N ASP B 61 -25.90 14.48 2.30
CA ASP B 61 -25.61 13.14 2.78
C ASP B 61 -24.14 13.08 3.18
N PRO B 62 -23.82 12.55 4.37
CA PRO B 62 -22.44 12.69 4.87
C PRO B 62 -21.38 12.12 3.93
N PHE B 63 -21.70 11.03 3.24
CA PHE B 63 -20.74 10.38 2.36
C PHE B 63 -20.69 10.99 0.96
N ALA B 64 -21.67 11.81 0.60
CA ALA B 64 -21.73 12.45 -0.70
C ALA B 64 -21.19 13.87 -0.70
N ILE B 65 -20.84 14.42 0.46
CA ILE B 65 -20.29 15.76 0.53
C ILE B 65 -18.93 15.82 -0.16
N SER B 66 -18.70 16.86 -0.95
CA SER B 66 -17.45 16.99 -1.69
C SER B 66 -17.08 18.45 -1.82
N ILE B 67 -15.91 18.81 -1.29
CA ILE B 67 -15.34 20.15 -1.44
C ILE B 67 -14.14 20.04 -2.36
N ASN B 68 -14.25 20.58 -3.57
CA ASN B 68 -13.29 20.27 -4.60
C ASN B 68 -12.35 21.43 -4.87
N PRO B 69 -11.14 21.15 -5.33
CA PRO B 69 -10.20 22.21 -5.70
C PRO B 69 -10.64 22.93 -6.96
N PRO B 70 -9.95 24.00 -7.36
CA PRO B 70 -10.35 24.74 -8.56
C PRO B 70 -10.10 23.96 -9.84
N ASP B 71 -10.64 24.51 -10.93
CA ASP B 71 -10.30 24.05 -12.27
C ASP B 71 -8.81 24.25 -12.55
N LEU B 72 -8.31 23.50 -13.53
CA LEU B 72 -6.90 23.61 -13.90
C LEU B 72 -6.57 25.00 -14.46
N LYS B 73 -7.54 25.65 -15.09
CA LYS B 73 -7.29 26.95 -15.69
C LYS B 73 -6.87 27.99 -14.66
N TYR B 74 -7.34 27.86 -13.42
CA TYR B 74 -7.01 28.82 -12.38
C TYR B 74 -5.54 28.76 -11.94
N GLY B 75 -4.83 27.71 -12.31
CA GLY B 75 -3.43 27.60 -11.92
C GLY B 75 -3.28 27.64 -10.42
N PHE B 76 -2.42 28.53 -9.93
CA PHE B 76 -2.20 28.68 -8.51
C PHE B 76 -2.97 29.86 -7.90
N ALA B 77 -3.78 30.55 -8.68
CA ALA B 77 -4.50 31.71 -8.18
C ALA B 77 -5.59 31.29 -7.20
N GLY B 78 -5.90 32.19 -6.27
CA GLY B 78 -7.04 32.03 -5.40
C GLY B 78 -8.33 31.97 -6.19
N ALA B 79 -9.14 30.97 -5.94
CA ALA B 79 -10.37 30.72 -6.66
C ALA B 79 -11.55 31.32 -5.92
N PRO B 80 -12.67 31.57 -6.60
CA PRO B 80 -13.90 31.93 -5.88
C PRO B 80 -14.26 30.81 -4.91
N LEU B 81 -14.78 31.21 -3.75
CA LEU B 81 -14.86 30.28 -2.62
C LEU B 81 -15.68 29.05 -2.95
N LEU B 82 -16.81 29.22 -3.62
CA LEU B 82 -17.64 28.09 -4.02
C LEU B 82 -17.04 27.26 -5.16
N GLU B 83 -15.99 27.76 -5.82
CA GLU B 83 -15.40 27.11 -6.97
C GLU B 83 -13.97 26.68 -6.72
N GLY B 84 -13.62 26.41 -5.46
CA GLY B 84 -12.28 25.96 -5.13
C GLY B 84 -11.61 26.78 -4.06
N GLY B 85 -12.12 27.98 -3.80
CA GLY B 85 -11.55 28.81 -2.76
C GLY B 85 -11.74 28.24 -1.36
N PHE B 86 -12.90 27.63 -1.11
CA PHE B 86 -13.12 26.95 0.16
C PHE B 86 -12.16 25.79 0.33
N TRP B 87 -11.93 25.04 -0.75
CA TRP B 87 -10.95 23.97 -0.70
C TRP B 87 -9.57 24.51 -0.35
N GLN B 88 -9.20 25.66 -0.92
CA GLN B 88 -7.91 26.26 -0.63
C GLN B 88 -7.79 26.65 0.84
N ALA B 89 -8.83 27.29 1.37
CA ALA B 89 -8.81 27.69 2.78
C ALA B 89 -8.74 26.48 3.70
N ILE B 90 -9.52 25.43 3.40
CA ILE B 90 -9.53 24.24 4.23
C ILE B 90 -8.19 23.51 4.12
N THR B 91 -7.57 23.52 2.94
CA THR B 91 -6.24 22.95 2.79
C THR B 91 -5.24 23.65 3.68
N VAL B 92 -5.28 24.99 3.69
CA VAL B 92 -4.38 25.75 4.56
C VAL B 92 -4.66 25.43 6.03
N CYS B 93 -5.93 25.35 6.41
CA CYS B 93 -6.27 25.02 7.79
C CYS B 93 -5.78 23.64 8.17
N ALA B 94 -5.91 22.67 7.25
CA ALA B 94 -5.45 21.32 7.51
C ALA B 94 -3.95 21.29 7.71
N ILE B 95 -3.20 22.01 6.87
CA ILE B 95 -1.75 22.04 7.02
C ILE B 95 -1.37 22.66 8.35
N GLY B 96 -2.01 23.78 8.69
CA GLY B 96 -1.74 24.40 9.97
C GLY B 96 -2.07 23.51 11.15
N ALA B 97 -3.18 22.79 11.07
CA ALA B 97 -3.56 21.87 12.13
C ALA B 97 -2.56 20.72 12.26
N PHE B 98 -2.16 20.12 11.14
CA PHE B 98 -1.21 19.00 11.20
C PHE B 98 0.12 19.45 11.79
N ILE B 99 0.63 20.59 11.33
CA ILE B 99 1.92 21.06 11.82
C ILE B 99 1.83 21.49 13.28
N SER B 100 0.72 22.14 13.66
CA SER B 100 0.52 22.47 15.07
C SER B 100 0.49 21.22 15.94
N TRP B 101 -0.20 20.17 15.47
CA TRP B 101 -0.28 18.93 16.23
C TRP B 101 1.09 18.30 16.40
N GLN B 102 1.87 18.26 15.31
CA GLN B 102 3.22 17.71 15.38
C GLN B 102 4.09 18.48 16.36
N LEU B 103 4.01 19.81 16.34
CA LEU B 103 4.86 20.62 17.21
C LEU B 103 4.40 20.53 18.67
N ARG B 104 3.10 20.40 18.91
CA ARG B 104 2.62 20.14 20.27
C ARG B 104 3.11 18.80 20.77
N GLU B 105 3.18 17.79 19.88
CA GLU B 105 3.76 16.52 20.26
C GLU B 105 5.24 16.67 20.62
N VAL B 106 5.96 17.53 19.91
CA VAL B 106 7.36 17.81 20.26
C VAL B 106 7.45 18.40 21.67
N GLU B 107 6.57 19.35 21.98
CA GLU B 107 6.59 19.96 23.31
C GLU B 107 6.25 18.94 24.39
N ILE B 108 5.25 18.09 24.14
CA ILE B 108 4.87 17.08 25.13
C ILE B 108 6.01 16.10 25.37
N SER B 109 6.69 15.66 24.30
CA SER B 109 7.77 14.72 24.48
C SER B 109 8.99 15.35 25.14
N ARG B 110 9.25 16.64 24.90
CA ARG B 110 10.28 17.33 25.65
C ARG B 110 9.95 17.39 27.13
N LYS B 111 8.68 17.64 27.45
CA LYS B 111 8.27 17.71 28.85
C LYS B 111 8.47 16.38 29.57
N LEU B 112 8.31 15.26 28.87
CA LEU B 112 8.36 13.94 29.47
C LEU B 112 9.73 13.28 29.38
N GLY B 113 10.74 13.99 28.88
CA GLY B 113 12.05 13.40 28.72
C GLY B 113 12.08 12.24 27.75
N MET B 114 11.21 12.23 26.76
CA MET B 114 11.12 11.18 25.76
C MET B 114 11.88 11.57 24.51
N GLY B 115 12.26 10.57 23.73
CA GLY B 115 12.72 10.82 22.39
C GLY B 115 11.61 11.37 21.53
N TRP B 116 11.99 12.10 20.48
CA TRP B 116 11.01 12.78 19.63
C TRP B 116 10.48 11.86 18.54
N HIS B 117 10.54 10.54 18.74
CA HIS B 117 10.21 9.60 17.68
C HIS B 117 8.77 9.75 17.19
N VAL B 118 7.85 10.12 18.06
CA VAL B 118 6.45 10.14 17.65
C VAL B 118 6.15 11.33 16.75
N PRO B 119 6.51 12.58 17.11
CA PRO B 119 6.28 13.67 16.13
C PRO B 119 7.08 13.51 14.85
N ILE B 120 8.27 12.92 14.92
CA ILE B 120 9.03 12.65 13.71
C ILE B 120 8.32 11.64 12.82
N ALA B 121 7.77 10.58 13.42
CA ALA B 121 6.97 9.61 12.68
C ALA B 121 5.71 10.25 12.11
N PHE B 122 5.07 11.13 12.89
CA PHE B 122 3.90 11.85 12.38
C PHE B 122 4.27 12.76 11.22
N GLY B 123 5.54 13.15 11.12
CA GLY B 123 5.98 13.90 9.96
C GLY B 123 5.75 13.19 8.64
N VAL B 124 5.81 11.86 8.64
CA VAL B 124 5.70 11.10 7.39
C VAL B 124 4.33 11.26 6.73
N PRO B 125 3.19 11.01 7.42
CA PRO B 125 1.90 11.28 6.78
C PRO B 125 1.69 12.75 6.43
N ILE B 126 2.23 13.67 7.22
CA ILE B 126 2.17 15.08 6.85
C ILE B 126 2.90 15.30 5.53
N PHE B 127 4.07 14.68 5.38
CA PHE B 127 4.83 14.82 4.14
C PHE B 127 4.07 14.22 2.96
N MET B 128 3.39 13.09 3.16
CA MET B 128 2.60 12.51 2.08
C MET B 128 1.44 13.43 1.70
N PHE B 129 0.78 14.02 2.69
CA PHE B 129 -0.28 14.97 2.41
C PHE B 129 0.27 16.14 1.59
N LEU B 130 1.45 16.65 1.96
CA LEU B 130 2.09 17.73 1.22
C LEU B 130 2.45 17.30 -0.20
N VAL B 131 2.90 16.07 -0.39
CA VAL B 131 3.19 15.57 -1.73
C VAL B 131 1.93 15.57 -2.57
N LEU B 132 0.83 15.08 -1.99
CA LEU B 132 -0.42 14.97 -2.74
C LEU B 132 -1.02 16.34 -3.06
N GLN B 133 -1.03 17.25 -2.09
CA GLN B 133 -1.78 18.49 -2.23
C GLN B 133 -0.95 19.69 -2.63
N VAL B 134 0.38 19.64 -2.48
CA VAL B 134 1.19 20.82 -2.72
C VAL B 134 2.28 20.55 -3.74
N PHE B 135 3.16 19.58 -3.47
CA PHE B 135 4.38 19.43 -4.27
C PHE B 135 4.05 18.94 -5.68
N ARG B 136 3.32 17.83 -5.79
CA ARG B 136 2.89 17.37 -7.11
C ARG B 136 2.02 18.40 -7.82
N PRO B 137 1.05 19.07 -7.18
CA PRO B 137 0.36 20.17 -7.88
C PRO B 137 1.30 21.25 -8.36
N ILE B 138 2.35 21.56 -7.60
CA ILE B 138 3.32 22.56 -8.06
C ILE B 138 4.03 22.08 -9.32
N LEU B 139 4.46 20.81 -9.34
CA LEU B 139 5.11 20.28 -10.53
C LEU B 139 4.16 20.21 -11.72
N MET B 140 2.89 19.87 -11.48
CA MET B 140 1.90 19.76 -12.55
C MET B 140 1.34 21.12 -12.97
N GLY B 141 1.47 22.15 -12.14
CA GLY B 141 1.12 23.50 -12.56
C GLY B 141 -0.24 24.02 -12.13
N GLY B 142 -0.69 23.68 -10.93
CA GLY B 142 -1.93 24.23 -10.42
C GLY B 142 -2.52 23.49 -9.26
N TRP B 143 -3.30 24.18 -8.42
CA TRP B 143 -3.97 23.53 -7.31
C TRP B 143 -5.05 22.54 -7.75
N GLY B 144 -5.46 22.59 -9.02
CA GLY B 144 -6.49 21.71 -9.51
C GLY B 144 -6.09 20.25 -9.59
N PHE B 145 -4.81 19.93 -9.45
CA PHE B 145 -4.36 18.55 -9.47
C PHE B 145 -4.47 17.86 -8.12
N ALA B 146 -4.85 18.56 -7.07
CA ALA B 146 -4.90 18.02 -5.72
C ALA B 146 -6.21 17.27 -5.47
N PHE B 147 -6.26 16.48 -4.33
CA PHE B 147 -7.50 15.73 -4.17
C PHE B 147 -8.55 16.54 -3.42
N PRO B 148 -9.83 16.27 -3.69
CA PRO B 148 -10.90 17.00 -3.03
C PRO B 148 -11.21 16.40 -1.66
N TYR B 149 -12.03 17.11 -0.90
CA TYR B 149 -12.35 16.73 0.47
C TYR B 149 -13.77 16.18 0.51
N GLY B 150 -13.87 14.87 0.71
CA GLY B 150 -15.13 14.16 0.77
C GLY B 150 -14.89 12.69 0.95
N ILE B 151 -15.74 12.03 1.74
CA ILE B 151 -15.49 10.64 2.12
C ILE B 151 -15.35 9.75 0.88
N LEU B 152 -16.25 9.93 -0.09
CA LEU B 152 -16.19 9.14 -1.31
C LEU B 152 -15.59 9.88 -2.49
N SER B 153 -15.55 11.21 -2.47
CA SER B 153 -15.04 11.94 -3.62
C SER B 153 -13.51 11.89 -3.71
N HIS B 154 -12.81 11.88 -2.57
CA HIS B 154 -11.36 11.72 -2.64
C HIS B 154 -10.99 10.33 -3.13
N LEU B 155 -11.87 9.35 -2.92
CA LEU B 155 -11.67 8.04 -3.54
C LEU B 155 -11.84 8.11 -5.04
N ASP B 156 -12.79 8.91 -5.53
CA ASP B 156 -12.93 9.13 -6.96
C ASP B 156 -11.66 9.75 -7.53
N TRP B 157 -11.07 10.71 -6.81
CA TRP B 157 -9.82 11.30 -7.28
C TRP B 157 -8.70 10.27 -7.32
N VAL B 158 -8.57 9.46 -6.27
CA VAL B 158 -7.54 8.41 -6.25
C VAL B 158 -7.73 7.47 -7.42
N ASN B 159 -8.98 7.07 -7.66
CA ASN B 159 -9.33 6.14 -8.72
C ASN B 159 -8.94 6.69 -10.09
N ASN B 160 -9.35 7.92 -10.37
CA ASN B 160 -9.10 8.51 -11.69
C ASN B 160 -7.63 8.84 -11.89
N PHE B 161 -6.95 9.29 -10.83
CA PHE B 161 -5.50 9.47 -10.88
C PHE B 161 -4.82 8.16 -11.24
N GLY B 162 -5.23 7.07 -10.61
CA GLY B 162 -4.65 5.77 -10.94
C GLY B 162 -4.87 5.38 -12.38
N PHE B 163 -6.10 5.55 -12.87
CA PHE B 163 -6.39 5.16 -14.24
C PHE B 163 -5.91 6.18 -15.28
N GLN B 164 -5.42 7.34 -14.86
CA GLN B 164 -4.73 8.23 -15.80
C GLN B 164 -3.43 7.63 -16.29
N TYR B 165 -2.94 6.56 -15.64
CA TYR B 165 -1.71 5.89 -16.01
C TYR B 165 -1.97 4.41 -16.30
N LEU B 166 -3.22 4.10 -16.62
CA LEU B 166 -3.77 2.91 -17.28
C LEU B 166 -3.77 1.65 -16.44
N ASN B 167 -2.86 1.56 -15.49
CA ASN B 167 -2.92 0.59 -14.40
C ASN B 167 -1.92 1.03 -13.37
N TRP B 168 -2.41 1.53 -12.24
CA TRP B 168 -1.55 2.05 -11.20
C TRP B 168 -0.86 0.94 -10.43
N HIS B 169 -1.36 -0.30 -10.54
CA HIS B 169 -0.76 -1.44 -9.87
C HIS B 169 0.67 -1.69 -10.34
N TYR B 170 0.99 -1.32 -11.58
CA TYR B 170 2.32 -1.54 -12.12
C TYR B 170 3.30 -0.44 -11.75
N ASN B 171 2.86 0.58 -11.03
CA ASN B 171 3.75 1.62 -10.54
C ASN B 171 4.74 1.01 -9.55
N PRO B 172 6.05 1.08 -9.79
CA PRO B 172 6.99 0.41 -8.86
C PRO B 172 6.97 1.00 -7.47
N GLY B 173 6.83 2.32 -7.36
CA GLY B 173 6.68 2.94 -6.05
C GLY B 173 5.43 2.45 -5.35
N HIS B 174 4.35 2.26 -6.10
CA HIS B 174 3.12 1.70 -5.54
C HIS B 174 3.34 0.27 -5.07
N MET B 175 4.08 -0.54 -5.84
CA MET B 175 4.34 -1.92 -5.44
C MET B 175 5.10 -1.97 -4.12
N SER B 176 6.13 -1.12 -3.99
CA SER B 176 6.87 -1.03 -2.73
C SER B 176 5.96 -0.58 -1.59
N SER B 177 5.14 0.45 -1.83
CA SER B 177 4.28 0.98 -0.80
C SER B 177 3.27 -0.05 -0.32
N VAL B 178 2.66 -0.79 -1.24
CA VAL B 178 1.70 -1.83 -0.88
C VAL B 178 2.38 -2.94 -0.11
N SER B 179 3.59 -3.34 -0.54
CA SER B 179 4.30 -4.38 0.18
C SER B 179 4.56 -3.97 1.62
N PHE B 180 4.94 -2.72 1.83
CA PHE B 180 5.13 -2.24 3.20
C PHE B 180 3.81 -2.18 3.97
N LEU B 181 2.72 -1.78 3.32
CA LEU B 181 1.44 -1.73 4.01
C LEU B 181 1.03 -3.11 4.51
N PHE B 182 1.12 -4.12 3.63
CA PHE B 182 0.74 -5.47 4.01
C PHE B 182 1.70 -6.04 5.06
N ALA B 183 3.00 -5.81 4.88
CA ALA B 183 3.96 -6.29 5.87
C ALA B 183 3.72 -5.65 7.23
N ASN B 184 3.37 -4.37 7.26
CA ASN B 184 3.12 -3.68 8.51
C ASN B 184 1.88 -4.22 9.20
N ALA B 185 0.79 -4.42 8.46
CA ALA B 185 -0.41 -4.98 9.08
C ALA B 185 -0.15 -6.38 9.63
N MET B 186 0.56 -7.21 8.86
CA MET B 186 0.90 -8.55 9.32
C MET B 186 1.82 -8.52 10.54
N ALA B 187 2.81 -7.64 10.54
CA ALA B 187 3.76 -7.56 11.64
C ALA B 187 3.08 -7.04 12.90
N LEU B 188 2.14 -6.10 12.76
CA LEU B 188 1.39 -5.64 13.91
C LEU B 188 0.52 -6.76 14.48
N GLY B 189 -0.12 -7.54 13.61
CA GLY B 189 -0.84 -8.70 14.10
C GLY B 189 0.05 -9.66 14.86
N LEU B 190 1.22 -9.97 14.29
CA LEU B 190 2.15 -10.88 14.96
C LEU B 190 2.61 -10.31 16.30
N HIS B 191 2.94 -9.03 16.35
CA HIS B 191 3.51 -8.44 17.57
C HIS B 191 2.47 -8.34 18.67
N GLY B 192 1.28 -7.82 18.34
CA GLY B 192 0.21 -7.82 19.31
C GLY B 192 -0.12 -9.21 19.81
N GLY B 193 -0.18 -10.18 18.90
CA GLY B 193 -0.46 -11.55 19.30
C GLY B 193 0.61 -12.14 20.20
N LEU B 194 1.89 -11.88 19.90
CA LEU B 194 2.96 -12.43 20.71
C LEU B 194 2.95 -11.85 22.11
N ILE B 195 2.84 -10.52 22.22
CA ILE B 195 2.81 -9.90 23.54
C ILE B 195 1.61 -10.41 24.34
N LEU B 196 0.44 -10.49 23.70
CA LEU B 196 -0.75 -10.95 24.40
C LEU B 196 -0.64 -12.42 24.79
N SER B 197 -0.05 -13.25 23.92
CA SER B 197 0.12 -14.66 24.24
C SER B 197 1.04 -14.85 25.43
N VAL B 198 2.11 -14.05 25.51
CA VAL B 198 3.03 -14.18 26.63
C VAL B 198 2.37 -13.70 27.92
N ALA B 199 1.65 -12.58 27.87
CA ALA B 199 1.02 -12.07 29.08
C ALA B 199 -0.26 -12.81 29.47
N ASN B 200 -0.88 -13.53 28.53
CA ASN B 200 -2.17 -14.20 28.78
C ASN B 200 -2.10 -15.65 28.32
N PRO B 201 -1.33 -16.49 29.00
CA PRO B 201 -1.16 -17.88 28.54
C PRO B 201 -2.45 -18.70 28.54
N GLY B 202 -3.29 -18.56 29.56
CA GLY B 202 -4.48 -19.39 29.62
C GLY B 202 -5.20 -19.34 30.95
N ASP B 203 -5.60 -20.49 31.47
CA ASP B 203 -6.33 -20.58 32.73
C ASP B 203 -5.33 -20.88 33.85
N GLY B 204 -5.02 -19.86 34.65
CA GLY B 204 -4.13 -20.04 35.77
C GLY B 204 -2.69 -20.34 35.42
N ASP B 205 -2.31 -20.19 34.16
CA ASP B 205 -0.95 -20.45 33.75
C ASP B 205 -0.08 -19.21 33.97
N LYS B 206 1.22 -19.45 34.07
CA LYS B 206 2.16 -18.39 34.41
C LYS B 206 2.47 -17.51 33.22
N VAL B 207 2.55 -16.20 33.47
CA VAL B 207 3.10 -15.28 32.49
C VAL B 207 4.49 -15.75 32.12
N LYS B 208 4.78 -15.78 30.83
CA LYS B 208 6.07 -16.28 30.36
C LYS B 208 7.04 -15.11 30.23
N THR B 209 8.18 -15.36 29.59
CA THR B 209 9.32 -14.45 29.63
C THR B 209 9.76 -14.08 28.22
N ALA B 210 10.74 -13.17 28.14
CA ALA B 210 11.29 -12.78 26.86
C ALA B 210 11.97 -13.94 26.14
N GLU B 211 12.53 -14.88 26.90
CA GLU B 211 13.08 -16.08 26.29
C GLU B 211 11.99 -16.89 25.59
N HIS B 212 10.79 -16.92 26.16
CA HIS B 212 9.67 -17.58 25.49
C HIS B 212 9.30 -16.84 24.20
N GLU B 213 9.38 -15.51 24.20
CA GLU B 213 9.12 -14.75 22.99
C GLU B 213 10.12 -15.13 21.89
N ASN B 214 11.40 -15.15 22.23
CA ASN B 214 12.41 -15.53 21.24
C ASN B 214 12.23 -16.97 20.78
N ALA B 215 11.91 -17.86 21.71
CA ALA B 215 11.75 -19.28 21.40
C ALA B 215 10.59 -19.52 20.46
N TYR B 216 9.47 -18.81 20.66
CA TYR B 216 8.32 -19.02 19.81
C TYR B 216 8.64 -18.77 18.34
N PHE B 217 9.22 -17.61 18.04
CA PHE B 217 9.47 -17.30 16.64
C PHE B 217 10.68 -18.04 16.09
N ARG B 218 11.67 -18.35 16.91
CA ARG B 218 12.74 -19.21 16.42
C ARG B 218 12.22 -20.61 16.09
N ASP B 219 11.23 -21.10 16.85
CA ASP B 219 10.59 -22.35 16.47
C ASP B 219 9.83 -22.21 15.16
N VAL B 220 8.97 -21.19 15.05
CA VAL B 220 8.02 -21.13 13.95
C VAL B 220 8.73 -20.82 12.63
N VAL B 221 9.56 -19.79 12.60
CA VAL B 221 10.16 -19.33 11.35
C VAL B 221 11.69 -19.39 11.36
N GLY B 222 12.29 -19.84 12.45
CA GLY B 222 13.73 -19.91 12.53
C GLY B 222 14.43 -18.60 12.87
N TYR B 223 13.69 -17.53 13.13
CA TYR B 223 14.30 -16.25 13.45
C TYR B 223 13.42 -15.48 14.41
N SER B 224 14.06 -14.74 15.31
CA SER B 224 13.38 -13.82 16.21
C SER B 224 14.12 -12.49 16.13
N ILE B 225 13.39 -11.43 15.82
CA ILE B 225 14.06 -10.14 15.61
C ILE B 225 14.41 -9.47 16.94
N GLY B 226 13.65 -9.71 17.99
CA GLY B 226 13.92 -9.13 19.29
C GLY B 226 12.89 -8.08 19.69
N ALA B 227 12.89 -7.78 20.99
CA ALA B 227 11.83 -6.94 21.57
C ALA B 227 11.93 -5.49 21.12
N LEU B 228 13.11 -4.89 21.22
CA LEU B 228 13.27 -3.52 20.74
C LEU B 228 13.22 -3.45 19.23
N ALA B 229 13.79 -4.47 18.57
CA ALA B 229 13.90 -4.46 17.13
C ALA B 229 12.55 -4.59 16.45
N ILE B 230 11.58 -5.24 17.08
CA ILE B 230 10.26 -5.34 16.44
C ILE B 230 9.59 -3.97 16.41
N HIS B 231 9.77 -3.16 17.45
CA HIS B 231 9.23 -1.80 17.41
C HIS B 231 9.95 -0.95 16.38
N ARG B 232 11.28 -1.09 16.30
CA ARG B 232 12.02 -0.42 15.23
C ARG B 232 11.50 -0.83 13.85
N LEU B 233 11.29 -2.14 13.65
CA LEU B 233 10.82 -2.64 12.37
C LEU B 233 9.41 -2.18 12.05
N GLY B 234 8.53 -2.16 13.05
CA GLY B 234 7.19 -1.68 12.82
C GLY B 234 7.18 -0.24 12.37
N LEU B 235 7.97 0.60 13.05
CA LEU B 235 8.08 1.98 12.63
C LEU B 235 8.66 2.09 11.22
N PHE B 236 9.68 1.29 10.92
CA PHE B 236 10.29 1.30 9.60
C PHE B 236 9.28 0.97 8.51
N LEU B 237 8.52 -0.10 8.68
CA LEU B 237 7.58 -0.53 7.65
C LEU B 237 6.44 0.47 7.48
N ALA B 238 5.88 0.94 8.60
CA ALA B 238 4.82 1.93 8.53
C ALA B 238 5.30 3.18 7.82
N SER B 239 6.48 3.68 8.17
CA SER B 239 7.02 4.87 7.53
C SER B 239 7.25 4.63 6.04
N ASN B 240 7.77 3.46 5.68
CA ASN B 240 8.13 3.23 4.29
C ASN B 240 6.94 3.08 3.39
N ILE B 241 5.75 2.78 3.94
CA ILE B 241 4.53 2.89 3.13
C ILE B 241 4.53 4.22 2.38
N PHE B 242 4.54 5.32 3.12
CA PHE B 242 4.49 6.64 2.48
C PHE B 242 5.83 7.07 1.91
N LEU B 243 6.95 6.71 2.56
CA LEU B 243 8.25 7.14 2.07
C LEU B 243 8.54 6.59 0.68
N THR B 244 8.17 5.35 0.40
CA THR B 244 8.36 4.83 -0.95
C THR B 244 7.16 5.10 -1.86
N GLY B 245 5.96 5.27 -1.32
CA GLY B 245 4.85 5.65 -2.16
C GLY B 245 5.02 7.02 -2.77
N ALA B 246 5.62 7.95 -2.02
CA ALA B 246 5.82 9.31 -2.50
C ALA B 246 6.58 9.34 -3.81
N PHE B 247 7.49 8.40 -4.03
CA PHE B 247 8.24 8.39 -5.29
C PHE B 247 7.32 8.07 -6.48
N GLY B 248 6.49 7.03 -6.35
CA GLY B 248 5.53 6.76 -7.41
C GLY B 248 4.56 7.90 -7.63
N THR B 249 4.08 8.50 -6.54
CA THR B 249 3.12 9.60 -6.65
C THR B 249 3.73 10.79 -7.36
N ILE B 250 4.89 11.26 -6.89
CA ILE B 250 5.51 12.44 -7.48
C ILE B 250 5.99 12.17 -8.89
N ALA B 251 6.36 10.91 -9.20
CA ALA B 251 6.78 10.60 -10.57
C ALA B 251 5.61 10.60 -11.55
N SER B 252 4.42 10.21 -11.10
CA SER B 252 3.28 10.06 -12.01
C SER B 252 2.85 11.42 -12.56
N GLY B 253 3.15 11.66 -13.83
CA GLY B 253 2.99 12.95 -14.46
C GLY B 253 4.26 13.76 -14.62
N PRO B 254 4.85 14.24 -13.53
CA PRO B 254 6.10 15.03 -13.68
C PRO B 254 7.26 14.25 -14.27
N PHE B 255 7.40 12.97 -13.94
CA PHE B 255 8.52 12.17 -14.43
C PHE B 255 8.09 11.04 -15.34
N TRP B 256 6.79 10.86 -15.56
CA TRP B 256 6.29 9.74 -16.34
C TRP B 256 4.89 10.06 -16.80
N THR B 257 4.68 10.11 -18.11
CA THR B 257 3.37 10.41 -18.66
C THR B 257 2.67 9.21 -19.27
N ARG B 258 3.37 8.09 -19.44
CA ARG B 258 2.81 6.91 -20.08
C ARG B 258 2.13 6.02 -19.05
N GLY B 259 1.52 4.94 -19.53
CA GLY B 259 1.04 3.92 -18.63
C GLY B 259 2.17 3.34 -17.80
N TRP B 260 1.88 3.07 -16.53
CA TRP B 260 2.87 2.45 -15.67
C TRP B 260 3.32 1.06 -16.15
N PRO B 261 2.47 0.20 -16.72
CA PRO B 261 2.99 -1.09 -17.20
C PRO B 261 4.12 -0.94 -18.21
N GLU B 262 4.10 0.11 -19.03
CA GLU B 262 5.15 0.33 -20.02
C GLU B 262 6.47 0.73 -19.39
N TRP B 263 6.45 1.31 -18.19
CA TRP B 263 7.71 1.65 -17.51
C TRP B 263 8.60 0.43 -17.36
N TRP B 264 8.01 -0.76 -17.19
CA TRP B 264 8.76 -2.01 -17.07
C TRP B 264 9.38 -2.47 -18.38
N GLY B 265 9.21 -1.70 -19.46
CA GLY B 265 9.97 -1.91 -20.66
C GLY B 265 11.47 -1.77 -20.46
N TRP B 266 11.91 -1.04 -19.42
CA TRP B 266 13.33 -0.97 -19.13
C TRP B 266 13.92 -2.35 -18.92
N TRP B 267 13.13 -3.26 -18.35
CA TRP B 267 13.50 -4.65 -18.15
C TRP B 267 13.09 -5.53 -19.32
N LEU B 268 11.84 -5.39 -19.77
CA LEU B 268 11.32 -6.29 -20.79
C LEU B 268 12.02 -6.12 -22.13
N ASP B 269 12.37 -4.88 -22.49
CA ASP B 269 12.87 -4.56 -23.81
C ASP B 269 14.40 -4.52 -23.88
N ILE B 270 15.08 -5.09 -22.89
CA ILE B 270 16.54 -5.14 -22.98
C ILE B 270 16.92 -5.90 -24.24
N PRO B 271 17.76 -5.34 -25.12
CA PRO B 271 18.01 -5.96 -26.43
C PRO B 271 18.63 -7.35 -26.35
N PHE B 272 19.33 -7.68 -25.26
CA PHE B 272 20.01 -8.96 -25.15
C PHE B 272 19.02 -10.12 -25.22
N TRP B 273 17.89 -10.01 -24.53
CA TRP B 273 16.84 -11.03 -24.59
C TRP B 273 15.62 -10.51 -25.33
N SER B 274 15.88 -9.73 -26.38
CA SER B 274 14.88 -9.01 -27.20
C SER B 274 14.22 -7.89 -26.43
N ALA C 2 20.00 12.39 19.73
CA ALA C 2 19.34 11.17 19.28
C ALA C 2 19.83 9.97 20.07
N ASP C 3 18.89 9.10 20.45
CA ASP C 3 19.24 7.78 21.00
C ASP C 3 19.55 6.88 19.82
N PHE C 4 20.84 6.71 19.53
CA PHE C 4 21.25 5.92 18.37
C PHE C 4 20.93 4.44 18.54
N GLN C 5 20.72 3.98 19.77
CA GLN C 5 20.30 2.60 19.99
C GLN C 5 18.96 2.32 19.34
N THR C 6 18.08 3.32 19.26
CA THR C 6 16.80 3.12 18.59
C THR C 6 16.94 3.00 17.09
N ILE C 7 18.07 3.42 16.52
CA ILE C 7 18.30 3.32 15.09
C ILE C 7 18.93 1.99 14.71
N TYR C 8 19.94 1.57 15.46
CA TYR C 8 20.65 0.33 15.20
C TYR C 8 21.40 -0.07 16.47
N THR C 9 22.03 -1.23 16.43
CA THR C 9 22.81 -1.73 17.55
C THR C 9 24.29 -1.60 17.19
N GLN C 10 24.98 -0.73 17.91
CA GLN C 10 26.40 -0.49 17.65
C GLN C 10 27.28 -1.57 18.25
N ILE C 11 27.03 -1.95 19.50
CA ILE C 11 27.85 -2.93 20.22
C ILE C 11 27.00 -4.17 20.41
N GLN C 12 27.16 -5.17 19.53
CA GLN C 12 26.43 -6.42 19.68
C GLN C 12 27.04 -7.29 20.77
N ALA C 13 26.18 -8.03 21.45
CA ALA C 13 26.59 -8.94 22.51
C ALA C 13 26.50 -10.38 22.04
N ARG C 14 27.41 -11.21 22.54
CA ARG C 14 27.43 -12.64 22.27
C ARG C 14 27.47 -13.37 23.60
N GLY C 15 26.90 -14.57 23.62
CA GLY C 15 26.86 -15.37 24.82
C GLY C 15 26.87 -16.86 24.56
N PRO C 16 26.45 -17.63 25.56
CA PRO C 16 26.42 -19.08 25.40
C PRO C 16 25.35 -19.53 24.42
N ASP C 17 25.61 -20.66 23.78
CA ASP C 17 24.60 -21.32 22.95
C ASP C 17 23.66 -22.07 23.87
N HIS C 18 22.49 -21.49 24.14
CA HIS C 18 21.55 -22.06 25.11
C HIS C 18 20.28 -22.54 24.41
N PHE C 19 19.80 -23.70 24.83
CA PHE C 19 18.47 -24.14 24.43
C PHE C 19 17.44 -23.15 24.97
N GLY C 20 16.44 -22.84 24.16
CA GLY C 20 15.37 -21.99 24.60
C GLY C 20 14.55 -22.63 25.71
N PRO C 21 13.51 -21.94 26.14
CA PRO C 21 12.57 -22.54 27.09
C PRO C 21 11.99 -23.82 26.52
N SER C 22 11.91 -24.84 27.37
CA SER C 22 11.46 -26.15 26.92
C SER C 22 9.97 -26.13 26.59
N GLY C 23 9.62 -26.78 25.48
CA GLY C 23 8.23 -26.99 25.15
C GLY C 23 7.66 -28.24 25.80
N GLN C 24 6.34 -28.28 25.91
CA GLN C 24 5.68 -29.46 26.47
C GLN C 24 5.97 -30.70 25.63
N TRP C 25 6.17 -30.53 24.33
CA TRP C 25 6.65 -31.59 23.46
C TRP C 25 7.54 -30.96 22.39
N GLY C 26 8.26 -31.81 21.68
CA GLY C 26 8.96 -31.39 20.48
C GLY C 26 10.33 -30.79 20.67
N ASP C 27 10.87 -30.79 21.89
CA ASP C 27 12.25 -30.33 22.07
C ASP C 27 13.22 -31.15 21.25
N ILE C 28 12.88 -32.43 21.01
CA ILE C 28 13.68 -33.30 20.14
C ILE C 28 13.72 -32.75 18.72
N ASP C 29 12.68 -32.02 18.30
CA ASP C 29 12.56 -31.54 16.94
C ASP C 29 13.05 -30.10 16.76
N ARG C 30 13.65 -29.53 17.79
CA ARG C 30 14.27 -28.21 17.70
C ARG C 30 15.70 -28.43 17.21
N VAL C 31 15.93 -28.16 15.93
CA VAL C 31 17.16 -28.59 15.28
C VAL C 31 17.88 -27.38 14.69
N GLY C 32 19.16 -27.57 14.45
CA GLY C 32 20.00 -26.57 13.82
C GLY C 32 21.00 -25.98 14.79
N LYS C 33 22.22 -25.78 14.32
CA LYS C 33 23.22 -25.02 15.06
C LYS C 33 23.02 -23.54 14.75
N PRO C 34 22.77 -22.70 15.76
CA PRO C 34 22.54 -21.27 15.47
C PRO C 34 23.74 -20.64 14.78
N ILE C 35 23.46 -19.80 13.79
CA ILE C 35 24.47 -19.04 13.10
C ILE C 35 24.24 -17.55 13.40
N PHE C 36 25.32 -16.79 13.35
CA PHE C 36 25.30 -15.38 13.76
C PHE C 36 25.85 -14.54 12.61
N ILE C 37 24.97 -13.83 11.93
CA ILE C 37 25.35 -12.97 10.81
C ILE C 37 25.35 -11.54 11.29
N LYS C 38 26.44 -10.82 11.01
CA LYS C 38 26.77 -9.61 11.75
C LYS C 38 25.88 -8.44 11.37
N TRP C 39 25.58 -8.29 10.08
CA TRP C 39 24.79 -7.14 9.66
C TRP C 39 23.35 -7.25 10.15
N LEU C 40 22.86 -8.48 10.35
CA LEU C 40 21.52 -8.66 10.88
C LEU C 40 21.42 -8.24 12.34
N GLY C 41 22.51 -8.40 13.10
CA GLY C 41 22.52 -7.96 14.49
C GLY C 41 22.51 -6.46 14.67
N ARG C 42 22.75 -5.69 13.60
CA ARG C 42 22.64 -4.24 13.67
C ARG C 42 21.19 -3.78 13.71
N ILE C 43 20.33 -4.38 12.88
CA ILE C 43 18.93 -3.98 12.83
C ILE C 43 18.03 -4.86 13.69
N GLY C 44 18.48 -6.05 14.07
CA GLY C 44 17.71 -6.92 14.93
C GLY C 44 18.64 -7.87 15.66
N ASP C 45 18.14 -9.06 15.90
CA ASP C 45 18.96 -10.10 16.52
C ASP C 45 19.84 -10.76 15.47
N ALA C 46 21.09 -11.03 15.85
CA ALA C 46 22.04 -11.62 14.90
C ALA C 46 21.80 -13.10 14.67
N GLN C 47 21.07 -13.77 15.56
CA GLN C 47 21.02 -15.23 15.59
C GLN C 47 19.96 -15.77 14.65
N ILE C 48 20.35 -16.73 13.81
CA ILE C 48 19.45 -17.50 12.98
C ILE C 48 19.36 -18.91 13.56
N GLY C 49 18.15 -19.41 13.72
CA GLY C 49 17.95 -20.75 14.25
C GLY C 49 18.13 -20.79 15.76
N PRO C 50 17.90 -21.95 16.36
CA PRO C 50 17.50 -23.23 15.74
C PRO C 50 16.06 -23.20 15.28
N VAL C 51 15.65 -24.08 14.38
CA VAL C 51 14.28 -24.11 13.89
C VAL C 51 13.62 -25.41 14.32
N TYR C 52 12.32 -25.35 14.55
CA TYR C 52 11.54 -26.51 14.94
C TYR C 52 11.00 -27.20 13.70
N LEU C 53 11.14 -28.53 13.62
CA LEU C 53 10.64 -29.28 12.47
C LEU C 53 9.15 -29.61 12.63
N GLY C 54 8.84 -30.53 13.53
CA GLY C 54 7.46 -30.93 13.76
C GLY C 54 6.77 -31.59 12.57
N ALA C 55 5.63 -32.21 12.83
CA ALA C 55 4.87 -32.81 11.73
C ALA C 55 4.15 -31.75 10.91
N SER C 56 3.50 -30.79 11.58
CA SER C 56 2.73 -29.79 10.86
C SER C 56 3.62 -28.88 10.02
N GLY C 57 4.84 -28.59 10.49
CA GLY C 57 5.76 -27.81 9.68
C GLY C 57 6.14 -28.52 8.40
N VAL C 58 6.44 -29.82 8.50
CA VAL C 58 6.75 -30.62 7.31
C VAL C 58 5.57 -30.63 6.36
N GLY C 59 4.35 -30.78 6.90
CA GLY C 59 3.17 -30.75 6.04
C GLY C 59 3.02 -29.43 5.31
N GLY C 60 3.21 -28.33 6.02
CA GLY C 60 3.16 -27.03 5.38
C GLY C 60 4.18 -26.92 4.26
N ILE C 61 5.42 -27.35 4.53
CA ILE C 61 6.46 -27.30 3.51
C ILE C 61 6.11 -28.17 2.31
N ALA C 62 5.61 -29.38 2.55
CA ALA C 62 5.35 -30.31 1.47
C ALA C 62 4.24 -29.82 0.56
N PHE C 63 3.11 -29.43 1.15
CA PHE C 63 2.01 -28.89 0.35
C PHE C 63 2.42 -27.60 -0.36
N GLY C 64 3.14 -26.71 0.33
CA GLY C 64 3.52 -25.46 -0.28
C GLY C 64 4.49 -25.63 -1.43
N LEU C 65 5.48 -26.52 -1.26
CA LEU C 65 6.40 -26.83 -2.34
C LEU C 65 5.69 -27.47 -3.52
N THR C 66 4.71 -28.34 -3.25
CA THR C 66 3.95 -28.92 -4.36
C THR C 66 3.20 -27.84 -5.14
N ALA C 67 2.55 -26.92 -4.42
CA ALA C 67 1.81 -25.85 -5.10
C ALA C 67 2.77 -24.96 -5.88
N ILE C 68 3.91 -24.62 -5.29
CA ILE C 68 4.91 -23.80 -5.98
C ILE C 68 5.41 -24.51 -7.23
N LEU C 69 5.62 -25.82 -7.13
CA LEU C 69 6.07 -26.60 -8.29
C LEU C 69 5.04 -26.55 -9.41
N ILE C 70 3.77 -26.74 -9.07
CA ILE C 70 2.71 -26.70 -10.08
C ILE C 70 2.66 -25.33 -10.74
N ILE C 71 2.69 -24.27 -9.94
CA ILE C 71 2.61 -22.91 -10.48
C ILE C 71 3.80 -22.62 -11.36
N GLY C 72 5.01 -22.91 -10.87
CA GLY C 72 6.20 -22.62 -11.61
C GLY C 72 6.28 -23.41 -12.90
N PHE C 73 5.90 -24.69 -12.85
CA PHE C 73 5.93 -25.50 -14.06
C PHE C 73 4.94 -24.97 -15.09
N ASN C 74 3.75 -24.56 -14.67
CA ASN C 74 2.81 -24.03 -15.65
C ASN C 74 3.27 -22.67 -16.19
N MET C 75 3.92 -21.86 -15.37
CA MET C 75 4.55 -20.64 -15.87
C MET C 75 5.61 -20.96 -16.92
N LEU C 76 6.45 -21.97 -16.63
CA LEU C 76 7.48 -22.37 -17.57
C LEU C 76 6.89 -22.87 -18.88
N ALA C 77 5.79 -23.63 -18.80
CA ALA C 77 5.09 -24.06 -20.00
C ALA C 77 4.51 -22.86 -20.76
N GLN C 78 4.17 -21.79 -20.06
CA GLN C 78 3.62 -20.62 -20.72
C GLN C 78 4.65 -19.96 -21.66
N VAL C 79 5.95 -20.06 -21.36
CA VAL C 79 6.98 -19.56 -22.25
C VAL C 79 7.53 -20.71 -23.08
N SER C 80 6.80 -21.82 -23.14
CA SER C 80 7.17 -23.00 -23.92
C SER C 80 8.49 -23.60 -23.45
N PHE C 81 8.82 -23.44 -22.17
CA PHE C 81 9.98 -24.01 -21.47
C PHE C 81 11.30 -23.31 -21.76
N ASP C 82 11.28 -22.15 -22.39
CA ASP C 82 12.49 -21.41 -22.70
C ASP C 82 13.01 -20.75 -21.43
N PRO C 83 14.20 -21.13 -20.94
CA PRO C 83 14.65 -20.63 -19.63
C PRO C 83 14.96 -19.14 -19.62
N LEU C 84 15.65 -18.63 -20.65
CA LEU C 84 15.94 -17.20 -20.69
C LEU C 84 14.66 -16.38 -20.75
N GLN C 85 13.69 -16.82 -21.54
CA GLN C 85 12.43 -16.10 -21.63
C GLN C 85 11.61 -16.24 -20.36
N PHE C 86 11.72 -17.39 -19.66
CA PHE C 86 11.11 -17.50 -18.35
C PHE C 86 11.66 -16.45 -17.41
N PHE C 87 12.98 -16.30 -17.38
CA PHE C 87 13.60 -15.29 -16.53
C PHE C 87 13.14 -13.89 -16.91
N ARG C 88 13.14 -13.58 -18.21
CA ARG C 88 12.73 -12.25 -18.66
C ARG C 88 11.27 -11.94 -18.31
N GLN C 89 10.37 -12.91 -18.50
CA GLN C 89 8.95 -12.66 -18.46
C GLN C 89 8.29 -13.06 -17.15
N PHE C 90 9.07 -13.52 -16.17
CA PHE C 90 8.53 -14.02 -14.91
C PHE C 90 7.35 -13.21 -14.35
N PHE C 91 7.50 -11.88 -14.22
CA PHE C 91 6.44 -11.09 -13.59
C PHE C 91 5.13 -11.17 -14.36
N TRP C 92 5.18 -11.32 -15.69
CA TRP C 92 3.98 -11.39 -16.51
C TRP C 92 3.39 -12.79 -16.60
N LEU C 93 4.08 -13.82 -16.12
CA LEU C 93 3.59 -15.18 -16.24
C LEU C 93 2.55 -15.48 -15.18
N GLY C 94 1.71 -16.47 -15.46
CA GLY C 94 0.66 -16.84 -14.52
C GLY C 94 -0.02 -18.17 -14.76
N LEU C 95 -0.46 -18.80 -13.68
CA LEU C 95 -1.33 -19.97 -13.74
C LEU C 95 -2.75 -19.49 -13.49
N TYR C 96 -3.63 -19.69 -14.47
CA TYR C 96 -4.93 -19.04 -14.45
C TYR C 96 -6.05 -20.00 -14.13
N PRO C 97 -7.07 -19.52 -13.41
CA PRO C 97 -8.31 -20.29 -13.26
C PRO C 97 -9.03 -20.37 -14.59
N PRO C 98 -10.07 -21.22 -14.71
CA PRO C 98 -10.71 -21.41 -16.01
C PRO C 98 -11.22 -20.10 -16.61
N LYS C 99 -11.02 -19.96 -17.91
CA LYS C 99 -11.53 -18.81 -18.64
C LYS C 99 -12.93 -19.05 -19.20
N ALA C 100 -13.26 -20.27 -19.56
CA ALA C 100 -14.63 -20.61 -19.90
C ALA C 100 -15.46 -20.75 -18.63
N GLN C 101 -16.78 -20.71 -18.80
CA GLN C 101 -17.71 -20.89 -17.69
C GLN C 101 -17.99 -22.37 -17.54
N TYR C 102 -17.50 -22.97 -16.46
CA TYR C 102 -17.83 -24.34 -16.10
C TYR C 102 -18.65 -24.43 -14.83
N GLY C 103 -19.12 -23.30 -14.31
CA GLY C 103 -19.75 -23.32 -13.00
C GLY C 103 -18.72 -23.65 -11.94
N MET C 104 -19.08 -24.56 -11.03
CA MET C 104 -18.15 -25.06 -10.03
C MET C 104 -17.59 -26.43 -10.39
N GLY C 105 -17.85 -26.92 -11.59
CA GLY C 105 -17.29 -28.19 -12.01
C GLY C 105 -15.78 -28.12 -12.15
N ILE C 106 -15.14 -29.25 -11.88
CA ILE C 106 -13.69 -29.35 -11.99
C ILE C 106 -13.30 -29.14 -13.44
N PRO C 107 -12.51 -28.11 -13.75
CA PRO C 107 -12.23 -27.77 -15.13
C PRO C 107 -11.15 -28.66 -15.72
N PRO C 108 -10.98 -28.66 -17.04
CA PRO C 108 -9.87 -29.43 -17.64
C PRO C 108 -8.52 -28.88 -17.20
N LEU C 109 -7.51 -29.75 -17.28
CA LEU C 109 -6.16 -29.37 -16.89
C LEU C 109 -5.68 -28.15 -17.66
N ASN C 110 -5.97 -28.10 -18.96
CA ASN C 110 -5.47 -27.02 -19.81
C ASN C 110 -6.20 -25.69 -19.57
N ASP C 111 -7.35 -25.70 -18.91
CA ASP C 111 -8.14 -24.49 -18.68
C ASP C 111 -8.62 -24.44 -17.23
N GLY C 112 -7.69 -24.60 -16.28
CA GLY C 112 -7.98 -24.34 -14.89
C GLY C 112 -7.78 -25.50 -13.94
N GLY C 113 -7.60 -26.72 -14.44
CA GLY C 113 -7.38 -27.85 -13.54
C GLY C 113 -6.10 -27.73 -12.73
N TRP C 114 -5.02 -27.28 -13.38
CA TRP C 114 -3.78 -27.07 -12.65
C TRP C 114 -3.91 -25.95 -11.63
N TRP C 115 -4.61 -24.88 -12.00
CA TRP C 115 -4.90 -23.82 -11.04
C TRP C 115 -5.60 -24.39 -9.81
N LEU C 116 -6.59 -25.25 -10.02
CA LEU C 116 -7.35 -25.81 -8.91
C LEU C 116 -6.49 -26.68 -8.02
N MET C 117 -5.63 -27.52 -8.62
CA MET C 117 -4.75 -28.35 -7.82
C MET C 117 -3.77 -27.50 -7.01
N ALA C 118 -3.22 -26.44 -7.62
CA ALA C 118 -2.33 -25.54 -6.89
C ALA C 118 -3.06 -24.85 -5.74
N GLY C 119 -4.31 -24.42 -5.99
CA GLY C 119 -5.07 -23.77 -4.93
C GLY C 119 -5.35 -24.69 -3.76
N LEU C 120 -5.69 -25.94 -4.05
CA LEU C 120 -5.88 -26.93 -2.99
C LEU C 120 -4.60 -27.17 -2.21
N MET C 121 -3.47 -27.32 -2.92
CA MET C 121 -2.20 -27.55 -2.23
C MET C 121 -1.82 -26.37 -1.34
N MET C 122 -2.01 -25.14 -1.83
CA MET C 122 -1.74 -23.97 -1.01
C MET C 122 -2.66 -23.92 0.20
N THR C 123 -3.93 -24.25 0.02
CA THR C 123 -4.87 -24.28 1.15
C THR C 123 -4.42 -25.27 2.21
N LEU C 124 -3.99 -26.47 1.79
CA LEU C 124 -3.55 -27.46 2.75
C LEU C 124 -2.25 -27.05 3.43
N SER C 125 -1.35 -26.38 2.69
CA SER C 125 -0.12 -25.88 3.32
C SER C 125 -0.42 -24.81 4.36
N LEU C 126 -1.36 -23.91 4.05
CA LEU C 126 -1.77 -22.91 5.03
C LEU C 126 -2.42 -23.56 6.25
N GLY C 127 -3.23 -24.60 6.03
CA GLY C 127 -3.80 -25.31 7.16
C GLY C 127 -2.75 -25.93 8.06
N CYS C 128 -1.76 -26.59 7.46
CA CYS C 128 -0.68 -27.19 8.24
C CYS C 128 0.12 -26.13 8.97
N TRP C 129 0.40 -25.00 8.32
CA TRP C 129 1.16 -23.94 8.99
C TRP C 129 0.36 -23.30 10.10
N TRP C 130 -0.96 -23.18 9.95
CA TRP C 130 -1.78 -22.72 11.05
C TRP C 130 -1.71 -23.68 12.23
N ILE C 131 -1.74 -24.98 11.95
CA ILE C 131 -1.57 -25.97 13.02
C ILE C 131 -0.23 -25.75 13.72
N ARG C 132 0.82 -25.51 12.95
CA ARG C 132 2.14 -25.27 13.53
C ARG C 132 2.14 -24.04 14.43
N VAL C 133 1.56 -22.94 13.96
CA VAL C 133 1.49 -21.70 14.75
C VAL C 133 0.74 -21.94 16.06
N TYR C 134 -0.44 -22.54 15.96
CA TYR C 134 -1.27 -22.80 17.14
C TYR C 134 -0.57 -23.73 18.12
N SER C 135 -0.07 -24.86 17.63
CA SER C 135 0.46 -25.88 18.52
C SER C 135 1.82 -25.49 19.10
N ARG C 136 2.61 -24.69 18.40
CA ARG C 136 3.82 -24.16 19.03
C ARG C 136 3.47 -23.17 20.13
N ALA C 137 2.44 -22.35 19.94
CA ALA C 137 1.99 -21.50 21.03
C ALA C 137 1.57 -22.33 22.24
N ARG C 138 0.80 -23.40 22.00
CA ARG C 138 0.35 -24.25 23.10
C ARG C 138 1.51 -24.97 23.77
N ALA C 139 2.48 -25.46 22.98
CA ALA C 139 3.57 -26.24 23.53
C ALA C 139 4.44 -25.42 24.47
N LEU C 140 4.65 -24.14 24.15
CA LEU C 140 5.45 -23.26 24.98
C LEU C 140 4.66 -22.60 26.09
N GLY C 141 3.41 -23.02 26.31
CA GLY C 141 2.58 -22.42 27.33
C GLY C 141 2.21 -20.98 27.06
N LEU C 142 1.89 -20.66 25.81
CA LEU C 142 1.48 -19.32 25.42
C LEU C 142 0.04 -19.34 24.93
N GLY C 143 -0.61 -18.18 25.01
CA GLY C 143 -1.91 -18.03 24.40
C GLY C 143 -1.83 -18.15 22.89
N THR C 144 -2.99 -18.35 22.27
CA THR C 144 -3.06 -18.63 20.84
C THR C 144 -3.53 -17.42 20.02
N HIS C 145 -3.23 -16.20 20.47
CA HIS C 145 -3.69 -15.00 19.79
C HIS C 145 -3.17 -14.93 18.35
N ILE C 146 -1.89 -15.23 18.16
CA ILE C 146 -1.29 -15.18 16.83
C ILE C 146 -2.03 -16.13 15.88
N ALA C 147 -2.33 -17.34 16.35
CA ALA C 147 -3.00 -18.31 15.50
C ALA C 147 -4.38 -17.85 15.06
N TRP C 148 -5.10 -17.10 15.91
CA TRP C 148 -6.43 -16.65 15.52
C TRP C 148 -6.36 -15.46 14.56
N ASN C 149 -5.38 -14.57 14.74
CA ASN C 149 -5.14 -13.55 13.72
C ASN C 149 -4.80 -14.21 12.37
N PHE C 150 -3.92 -15.22 12.41
CA PHE C 150 -3.55 -15.95 11.21
C PHE C 150 -4.75 -16.65 10.58
N ALA C 151 -5.63 -17.22 11.41
CA ALA C 151 -6.84 -17.86 10.91
C ALA C 151 -7.71 -16.87 10.14
N MET C 152 -7.84 -15.65 10.64
CA MET C 152 -8.61 -14.65 9.91
C MET C 152 -7.98 -14.35 8.54
N ALA C 153 -6.65 -14.22 8.51
CA ALA C 153 -5.99 -14.00 7.23
C ALA C 153 -6.23 -15.16 6.25
N ILE C 154 -6.12 -16.39 6.74
CA ILE C 154 -6.33 -17.56 5.88
C ILE C 154 -7.77 -17.60 5.38
N PHE C 155 -8.71 -17.24 6.24
CA PHE C 155 -10.12 -17.18 5.85
C PHE C 155 -10.32 -16.21 4.70
N PHE C 156 -9.67 -15.04 4.75
CA PHE C 156 -9.78 -14.11 3.62
C PHE C 156 -9.21 -14.73 2.34
N VAL C 157 -8.08 -15.42 2.46
CA VAL C 157 -7.51 -16.09 1.29
C VAL C 157 -8.51 -17.08 0.70
N LEU C 158 -9.19 -17.83 1.57
CA LEU C 158 -10.21 -18.77 1.11
C LEU C 158 -11.39 -18.06 0.48
N CYS C 159 -11.77 -16.91 1.02
CA CYS C 159 -12.87 -16.14 0.43
C CYS C 159 -12.56 -15.76 -1.01
N ILE C 160 -11.38 -15.19 -1.25
CA ILE C 160 -11.09 -14.75 -2.61
C ILE C 160 -10.72 -15.90 -3.53
N GLY C 161 -10.22 -17.00 -3.00
CA GLY C 161 -9.86 -18.11 -3.86
C GLY C 161 -10.93 -19.18 -4.01
N PHE C 162 -11.71 -19.42 -2.96
CA PHE C 162 -12.67 -20.51 -2.92
C PHE C 162 -14.10 -20.07 -2.64
N PHE C 163 -14.33 -19.26 -1.60
CA PHE C 163 -15.69 -19.09 -1.09
C PHE C 163 -16.54 -18.23 -2.02
N HIS C 164 -16.02 -17.10 -2.49
CA HIS C 164 -16.76 -16.31 -3.47
C HIS C 164 -17.05 -17.10 -4.75
N PRO C 165 -16.11 -17.85 -5.33
CA PRO C 165 -16.48 -18.71 -6.47
C PRO C 165 -17.61 -19.67 -6.16
N VAL C 166 -17.64 -20.24 -4.96
CA VAL C 166 -18.76 -21.09 -4.56
C VAL C 166 -20.06 -20.30 -4.52
N LEU C 167 -20.02 -19.11 -3.91
CA LEU C 167 -21.25 -18.38 -3.64
C LEU C 167 -21.88 -17.87 -4.93
N VAL C 168 -21.06 -17.44 -5.90
CA VAL C 168 -21.62 -17.07 -7.19
C VAL C 168 -21.69 -18.24 -8.17
N GLY C 169 -20.95 -19.32 -7.89
CA GLY C 169 -21.06 -20.54 -8.68
C GLY C 169 -20.13 -20.62 -9.88
N SER C 170 -18.91 -20.12 -9.77
CA SER C 170 -18.01 -20.11 -10.91
C SER C 170 -16.57 -20.02 -10.44
N TRP C 171 -15.74 -20.98 -10.89
CA TRP C 171 -14.31 -20.93 -10.60
C TRP C 171 -13.61 -19.79 -11.33
N SER C 172 -14.21 -19.27 -12.41
CA SER C 172 -13.54 -18.25 -13.22
C SER C 172 -13.32 -16.95 -12.47
N GLU C 173 -13.96 -16.76 -11.32
CA GLU C 173 -13.85 -15.54 -10.54
C GLU C 173 -12.64 -15.51 -9.63
N ALA C 174 -11.91 -16.61 -9.51
CA ALA C 174 -10.90 -16.74 -8.48
C ALA C 174 -9.57 -16.09 -8.90
N VAL C 175 -8.68 -15.94 -7.92
CA VAL C 175 -7.42 -15.23 -8.13
C VAL C 175 -6.45 -16.14 -8.88
N PRO C 176 -5.84 -15.67 -9.97
CA PRO C 176 -4.76 -16.42 -10.59
C PRO C 176 -3.45 -16.29 -9.81
N PHE C 177 -2.58 -17.27 -10.00
CA PHE C 177 -1.24 -17.23 -9.44
C PHE C 177 -0.31 -16.55 -10.44
N GLY C 178 0.43 -15.55 -9.97
CA GLY C 178 1.31 -14.79 -10.83
C GLY C 178 1.60 -13.43 -10.26
N ILE C 179 2.73 -12.83 -10.63
CA ILE C 179 3.13 -11.56 -10.03
C ILE C 179 2.21 -10.44 -10.49
N PHE C 180 2.20 -10.14 -11.79
CA PHE C 180 1.29 -9.16 -12.37
C PHE C 180 -0.14 -9.71 -12.54
N PRO C 181 -0.33 -10.99 -12.89
CA PRO C 181 -1.70 -11.49 -13.07
C PRO C 181 -2.64 -11.33 -11.87
N HIS C 182 -2.16 -11.48 -10.63
CA HIS C 182 -3.11 -11.36 -9.52
C HIS C 182 -3.52 -9.91 -9.27
N LEU C 183 -2.65 -8.95 -9.61
CA LEU C 183 -3.08 -7.55 -9.64
C LEU C 183 -4.09 -7.30 -10.76
N ASP C 184 -3.87 -7.92 -11.93
CA ASP C 184 -4.87 -7.83 -13.00
C ASP C 184 -6.22 -8.32 -12.50
N TRP C 185 -6.23 -9.39 -11.71
CA TRP C 185 -7.47 -9.86 -11.11
C TRP C 185 -8.08 -8.78 -10.22
N LEU C 186 -7.26 -8.08 -9.43
CA LEU C 186 -7.79 -7.01 -8.60
C LEU C 186 -8.63 -6.04 -9.43
N THR C 187 -8.06 -5.57 -10.53
CA THR C 187 -8.79 -4.59 -11.34
C THR C 187 -10.03 -5.21 -11.99
N ALA C 188 -9.90 -6.41 -12.56
CA ALA C 188 -11.05 -7.03 -13.23
C ALA C 188 -12.20 -7.30 -12.26
N PHE C 189 -11.87 -7.77 -11.05
CA PHE C 189 -12.87 -8.02 -10.02
C PHE C 189 -13.54 -6.74 -9.59
N SER C 190 -12.77 -5.66 -9.43
CA SER C 190 -13.36 -4.38 -9.05
C SER C 190 -14.31 -3.87 -10.13
N MET C 191 -13.93 -4.02 -11.40
CA MET C 191 -14.79 -3.54 -12.48
C MET C 191 -16.08 -4.35 -12.56
N ARG C 192 -15.96 -5.68 -12.51
CA ARG C 192 -17.13 -6.55 -12.61
C ARG C 192 -18.18 -6.19 -11.57
N TYR C 193 -17.75 -5.83 -10.37
CA TYR C 193 -18.69 -5.53 -9.30
C TYR C 193 -18.83 -4.04 -9.07
N GLY C 194 -18.43 -3.22 -10.04
CA GLY C 194 -18.73 -1.81 -10.03
C GLY C 194 -17.98 -1.00 -9.00
N ASN C 195 -16.67 -0.89 -9.15
CA ASN C 195 -15.86 0.02 -8.35
C ASN C 195 -15.81 -0.30 -6.85
N PHE C 196 -14.96 -1.25 -6.46
CA PHE C 196 -14.74 -1.60 -5.06
C PHE C 196 -14.50 -0.40 -4.14
N TYR C 197 -14.11 0.78 -4.67
CA TYR C 197 -14.04 1.97 -3.82
C TYR C 197 -15.39 2.29 -3.19
N TYR C 198 -16.48 1.79 -3.76
CA TYR C 198 -17.82 1.99 -3.21
C TYR C 198 -18.32 0.82 -2.40
N CYS C 199 -17.46 -0.16 -2.11
CA CYS C 199 -17.84 -1.25 -1.22
C CYS C 199 -17.52 -0.85 0.22
N PRO C 200 -18.52 -0.76 1.10
CA PRO C 200 -18.24 -0.30 2.47
C PRO C 200 -17.21 -1.16 3.20
N TRP C 201 -17.18 -2.48 2.96
CA TRP C 201 -16.21 -3.32 3.66
C TRP C 201 -14.82 -3.18 3.07
N HIS C 202 -14.70 -2.84 1.80
CA HIS C 202 -13.42 -2.37 1.28
C HIS C 202 -12.95 -1.14 2.05
N GLY C 203 -13.86 -0.21 2.30
CA GLY C 203 -13.54 0.96 3.10
C GLY C 203 -13.15 0.62 4.53
N PHE C 204 -13.86 -0.31 5.15
CA PHE C 204 -13.50 -0.75 6.51
C PHE C 204 -12.13 -1.39 6.53
N SER C 205 -11.87 -2.30 5.59
CA SER C 205 -10.59 -2.98 5.54
C SER C 205 -9.45 -2.00 5.33
N ILE C 206 -9.65 -1.00 4.46
CA ILE C 206 -8.62 0.00 4.24
C ILE C 206 -8.46 0.89 5.47
N GLY C 207 -9.57 1.26 6.12
CA GLY C 207 -9.49 2.03 7.34
C GLY C 207 -8.67 1.32 8.40
N PHE C 208 -8.87 0.01 8.54
CA PHE C 208 -8.10 -0.75 9.53
C PHE C 208 -6.66 -1.00 9.06
N ALA C 209 -6.41 -1.08 7.75
CA ALA C 209 -5.03 -1.22 7.28
C ALA C 209 -4.23 0.05 7.51
N TYR C 210 -4.81 1.20 7.16
CA TYR C 210 -4.22 2.48 7.52
C TYR C 210 -4.10 2.62 9.03
N GLY C 211 -5.09 2.12 9.77
CA GLY C 211 -5.01 2.14 11.22
C GLY C 211 -3.88 1.29 11.76
N CYS C 212 -3.59 0.16 11.10
CA CYS C 212 -2.42 -0.62 11.46
C CYS C 212 -1.15 0.16 11.18
N GLY C 213 -1.10 0.86 10.05
CA GLY C 213 0.04 1.73 9.77
C GLY C 213 0.22 2.78 10.85
N LEU C 214 -0.87 3.46 11.20
CA LEU C 214 -0.82 4.48 12.25
C LEU C 214 -0.44 3.87 13.60
N LEU C 215 -1.07 2.77 13.97
CA LEU C 215 -0.87 2.18 15.28
C LEU C 215 0.53 1.60 15.43
N PHE C 216 1.05 0.94 14.41
CA PHE C 216 2.41 0.43 14.53
C PHE C 216 3.42 1.55 14.45
N ALA C 217 3.19 2.56 13.62
CA ALA C 217 4.09 3.72 13.65
C ALA C 217 4.09 4.38 15.02
N ALA C 218 2.90 4.61 15.57
CA ALA C 218 2.78 5.30 16.85
C ALA C 218 3.35 4.46 17.99
N HIS C 219 3.00 3.18 18.05
CA HIS C 219 3.48 2.32 19.12
C HIS C 219 4.98 2.06 19.00
N GLY C 220 5.48 1.79 17.79
CA GLY C 220 6.91 1.62 17.62
C GLY C 220 7.69 2.87 17.99
N ALA C 221 7.22 4.03 17.52
CA ALA C 221 7.88 5.29 17.88
C ALA C 221 7.77 5.57 19.38
N THR C 222 6.66 5.20 20.00
CA THR C 222 6.48 5.40 21.42
C THR C 222 7.45 4.56 22.22
N ILE C 223 7.55 3.28 21.88
CA ILE C 223 8.46 2.38 22.57
C ILE C 223 9.90 2.80 22.36
N LEU C 224 10.25 3.23 21.14
CA LEU C 224 11.59 3.75 20.90
C LEU C 224 11.85 5.00 21.73
N ALA C 225 10.84 5.88 21.86
CA ALA C 225 11.00 7.12 22.60
C ALA C 225 11.21 6.87 24.09
N VAL C 226 10.67 5.78 24.64
CA VAL C 226 10.94 5.42 26.03
C VAL C 226 11.91 4.25 26.13
N ALA C 227 12.69 3.99 25.06
CA ALA C 227 13.64 2.87 25.09
C ALA C 227 14.74 3.09 26.11
N ARG C 228 15.09 4.35 26.40
CA ARG C 228 16.10 4.61 27.41
C ARG C 228 15.60 4.32 28.82
N PHE C 229 14.29 4.13 29.00
CA PHE C 229 13.74 3.69 30.28
C PHE C 229 13.42 2.21 30.31
N GLY C 230 13.87 1.44 29.32
CA GLY C 230 13.55 0.04 29.26
C GLY C 230 12.14 -0.25 28.77
N GLY C 231 11.58 0.64 27.95
CA GLY C 231 10.23 0.43 27.46
C GLY C 231 10.08 -0.82 26.61
N ASP C 232 11.14 -1.21 25.91
CA ASP C 232 11.07 -2.39 25.05
C ASP C 232 10.84 -3.68 25.84
N ARG C 233 11.11 -3.68 27.15
CA ARG C 233 10.85 -4.85 27.99
C ARG C 233 9.39 -4.82 28.43
N GLU C 234 8.52 -5.12 27.45
CA GLU C 234 7.10 -4.85 27.62
C GLU C 234 6.43 -5.79 28.62
N ILE C 235 6.87 -7.06 28.70
CA ILE C 235 6.24 -8.00 29.63
C ILE C 235 6.43 -7.56 31.07
N GLU C 236 7.65 -7.14 31.42
CA GLU C 236 7.90 -6.65 32.78
C GLU C 236 7.09 -5.39 33.07
N GLN C 237 6.97 -4.50 32.09
CA GLN C 237 6.15 -3.31 32.27
C GLN C 237 4.68 -3.69 32.48
N ILE C 238 4.22 -4.74 31.79
CA ILE C 238 2.86 -5.23 32.01
C ILE C 238 2.69 -5.70 33.44
N THR C 239 3.68 -6.42 33.96
CA THR C 239 3.56 -6.97 35.30
C THR C 239 4.02 -6.02 36.40
N ASP C 240 4.94 -5.10 36.09
CA ASP C 240 5.46 -4.17 37.08
C ASP C 240 5.79 -2.87 36.35
N ARG C 241 4.82 -1.96 36.31
CA ARG C 241 4.91 -0.84 35.37
C ARG C 241 5.95 0.17 35.85
N GLY C 242 6.91 0.44 34.98
CA GLY C 242 7.95 1.42 35.26
C GLY C 242 7.60 2.78 34.70
N THR C 243 8.60 3.66 34.72
CA THR C 243 8.37 5.01 34.23
C THR C 243 8.24 5.06 32.71
N ALA C 244 8.77 4.07 31.99
CA ALA C 244 8.68 4.09 30.53
C ALA C 244 7.23 4.09 30.06
N VAL C 245 6.40 3.19 30.60
CA VAL C 245 5.03 3.11 30.14
C VAL C 245 4.14 4.15 30.81
N GLU C 246 4.50 4.65 31.99
CA GLU C 246 3.82 5.82 32.53
C GLU C 246 4.03 7.03 31.62
N ARG C 247 5.25 7.22 31.14
CA ARG C 247 5.52 8.30 30.20
C ARG C 247 4.81 8.08 28.87
N ALA C 248 4.78 6.84 28.37
CA ALA C 248 4.06 6.56 27.12
C ALA C 248 2.58 6.89 27.26
N ALA C 249 1.96 6.42 28.35
CA ALA C 249 0.56 6.70 28.61
C ALA C 249 0.30 8.18 28.74
N LEU C 250 1.19 8.91 29.43
CA LEU C 250 0.99 10.33 29.60
C LEU C 250 1.17 11.09 28.29
N PHE C 251 2.14 10.68 27.46
CA PHE C 251 2.30 11.31 26.16
C PHE C 251 0.99 11.23 25.38
N TRP C 252 0.43 10.03 25.28
CA TRP C 252 -0.80 9.89 24.51
C TRP C 252 -1.98 10.58 25.18
N ARG C 253 -2.05 10.55 26.51
CA ARG C 253 -3.13 11.20 27.22
C ARG C 253 -3.10 12.71 27.02
N TRP C 254 -1.93 13.32 27.13
CA TRP C 254 -1.81 14.75 26.92
C TRP C 254 -2.00 15.13 25.46
N THR C 255 -1.69 14.21 24.54
CA THR C 255 -1.87 14.51 23.12
C THR C 255 -3.34 14.46 22.71
N MET C 256 -4.06 13.39 23.07
CA MET C 256 -5.40 13.21 22.54
C MET C 256 -6.45 12.90 23.60
N GLY C 257 -6.15 13.08 24.89
CA GLY C 257 -7.15 12.99 25.93
C GLY C 257 -7.44 11.61 26.45
N PHE C 258 -6.84 10.57 25.87
CA PHE C 258 -7.04 9.20 26.33
C PHE C 258 -5.82 8.38 25.95
N ASN C 259 -5.68 7.22 26.58
CA ASN C 259 -4.47 6.42 26.41
C ASN C 259 -4.80 4.96 26.69
N ALA C 260 -3.89 4.10 26.29
CA ALA C 260 -3.94 2.68 26.57
C ALA C 260 -2.97 2.34 27.69
N THR C 261 -2.78 1.05 27.92
CA THR C 261 -1.71 0.54 28.76
C THR C 261 -0.74 -0.24 27.88
N ILE C 262 0.40 -0.64 28.46
CA ILE C 262 1.38 -1.36 27.66
C ILE C 262 0.81 -2.71 27.22
N GLU C 263 -0.12 -3.28 27.98
CA GLU C 263 -0.76 -4.49 27.48
C GLU C 263 -1.85 -4.17 26.47
N SER C 264 -2.72 -3.20 26.77
CA SER C 264 -3.92 -3.01 25.97
C SER C 264 -3.62 -2.42 24.59
N ILE C 265 -2.53 -1.67 24.44
CA ILE C 265 -2.16 -1.19 23.12
C ILE C 265 -1.93 -2.37 22.18
N HIS C 266 -1.43 -3.48 22.72
CA HIS C 266 -1.30 -4.70 21.92
C HIS C 266 -2.66 -5.32 21.58
N ARG C 267 -3.64 -5.19 22.46
CA ARG C 267 -5.00 -5.61 22.09
C ARG C 267 -5.54 -4.74 20.96
N TRP C 268 -5.29 -3.43 21.01
CA TRP C 268 -5.67 -2.55 19.91
C TRP C 268 -5.02 -2.99 18.59
N GLY C 269 -3.72 -3.28 18.64
CA GLY C 269 -3.03 -3.71 17.43
C GLY C 269 -3.56 -5.01 16.88
N TRP C 270 -3.76 -6.00 17.76
CA TRP C 270 -4.37 -7.25 17.35
C TRP C 270 -5.73 -7.02 16.72
N PHE C 271 -6.55 -6.19 17.34
CA PHE C 271 -7.90 -5.92 16.85
C PHE C 271 -7.86 -5.30 15.46
N PHE C 272 -6.98 -4.32 15.24
CA PHE C 272 -6.93 -3.64 13.96
C PHE C 272 -6.46 -4.58 12.85
N SER C 273 -5.41 -5.35 13.12
CA SER C 273 -4.94 -6.31 12.13
C SER C 273 -6.00 -7.37 11.83
N PHE C 274 -6.67 -7.87 12.87
CA PHE C 274 -7.76 -8.83 12.68
C PHE C 274 -8.88 -8.23 11.83
N MET C 275 -9.20 -6.95 12.07
CA MET C 275 -10.34 -6.34 11.40
C MET C 275 -10.05 -6.07 9.93
N VAL C 276 -8.79 -5.84 9.57
CA VAL C 276 -8.44 -5.78 8.14
C VAL C 276 -9.03 -7.00 7.43
N MET C 277 -8.63 -8.19 7.88
CA MET C 277 -9.05 -9.43 7.25
C MET C 277 -10.54 -9.72 7.44
N PHE C 278 -11.09 -9.43 8.62
CA PHE C 278 -12.50 -9.69 8.85
C PHE C 278 -13.38 -8.83 7.93
N SER C 279 -13.10 -7.53 7.86
CA SER C 279 -13.86 -6.65 6.98
C SER C 279 -13.70 -7.07 5.53
N ALA C 280 -12.48 -7.42 5.12
CA ALA C 280 -12.28 -7.88 3.75
C ALA C 280 -13.10 -9.13 3.45
N SER C 281 -13.13 -10.09 4.38
CA SER C 281 -13.87 -11.32 4.17
C SER C 281 -15.36 -11.06 4.05
N VAL C 282 -15.91 -10.22 4.93
CA VAL C 282 -17.33 -9.90 4.85
C VAL C 282 -17.65 -9.23 3.53
N GLY C 283 -16.81 -8.27 3.10
CA GLY C 283 -17.04 -7.62 1.84
C GLY C 283 -17.04 -8.58 0.66
N ILE C 284 -16.08 -9.52 0.64
CA ILE C 284 -16.01 -10.46 -0.47
C ILE C 284 -17.22 -11.40 -0.46
N LEU C 285 -17.65 -11.84 0.73
CA LEU C 285 -18.79 -12.73 0.81
C LEU C 285 -20.09 -12.02 0.43
N LEU C 286 -20.16 -10.70 0.62
CA LEU C 286 -21.33 -9.95 0.18
C LEU C 286 -21.33 -9.67 -1.32
N THR C 287 -20.15 -9.56 -1.91
CA THR C 287 -20.04 -9.14 -3.30
C THR C 287 -20.50 -10.24 -4.23
N GLY C 288 -21.33 -9.88 -5.21
CA GLY C 288 -21.82 -10.85 -6.16
C GLY C 288 -22.98 -11.68 -5.66
N THR C 289 -22.91 -12.13 -4.41
CA THR C 289 -24.01 -12.90 -3.85
C THR C 289 -25.21 -11.99 -3.54
N PHE C 290 -24.97 -10.86 -2.88
CA PHE C 290 -26.04 -9.96 -2.48
C PHE C 290 -25.94 -8.56 -3.06
N VAL C 291 -24.79 -8.17 -3.63
CA VAL C 291 -24.61 -6.89 -4.29
C VAL C 291 -23.93 -7.15 -5.62
N ASP C 292 -24.48 -6.56 -6.69
CA ASP C 292 -23.91 -6.72 -8.02
C ASP C 292 -23.01 -5.55 -8.43
N ASN C 293 -23.40 -4.33 -8.10
CA ASN C 293 -22.67 -3.13 -8.49
C ASN C 293 -22.59 -2.21 -7.26
N TRP C 294 -21.40 -2.11 -6.66
CA TRP C 294 -21.26 -1.34 -5.43
C TRP C 294 -21.54 0.13 -5.65
N TYR C 295 -21.12 0.69 -6.79
CA TYR C 295 -21.42 2.09 -7.07
C TYR C 295 -22.92 2.34 -7.17
N LEU C 296 -23.64 1.48 -7.88
CA LEU C 296 -25.09 1.61 -7.97
C LEU C 296 -25.75 1.33 -6.63
N TRP C 297 -25.17 0.46 -5.81
CA TRP C 297 -25.67 0.27 -4.46
C TRP C 297 -25.52 1.53 -3.62
N CYS C 298 -24.38 2.21 -3.73
CA CYS C 298 -24.19 3.48 -3.03
C CYS C 298 -25.15 4.55 -3.57
N VAL C 299 -25.38 4.58 -4.87
CA VAL C 299 -26.34 5.54 -5.44
C VAL C 299 -27.74 5.25 -4.92
N LYS C 300 -28.11 3.97 -4.83
CA LYS C 300 -29.42 3.60 -4.29
C LYS C 300 -29.55 4.06 -2.84
N HIS C 301 -28.48 3.98 -2.08
CA HIS C 301 -28.53 4.35 -0.67
C HIS C 301 -28.07 5.78 -0.41
N GLY C 302 -27.96 6.59 -1.47
CA GLY C 302 -27.76 8.02 -1.33
C GLY C 302 -26.38 8.46 -0.96
N ALA C 303 -25.39 7.57 -0.98
CA ALA C 303 -24.06 7.91 -0.49
C ALA C 303 -23.12 8.42 -1.59
N ALA C 304 -23.36 8.06 -2.83
CA ALA C 304 -22.42 8.36 -3.90
C ALA C 304 -22.49 9.83 -4.29
N PRO C 305 -21.36 10.53 -4.36
CA PRO C 305 -21.37 11.91 -4.88
C PRO C 305 -21.62 11.92 -6.38
N ASP C 306 -22.20 13.02 -6.83
CA ASP C 306 -22.40 13.27 -8.25
C ASP C 306 -21.77 14.61 -8.62
N TYR C 307 -21.34 14.72 -9.86
CA TYR C 307 -20.61 15.91 -10.28
C TYR C 307 -21.19 16.44 -11.59
N PRO C 308 -21.14 17.75 -11.79
CA PRO C 308 -21.51 18.30 -13.09
C PRO C 308 -20.56 17.83 -14.18
N ALA C 309 -21.09 17.72 -15.39
CA ALA C 309 -20.24 17.43 -16.54
C ALA C 309 -19.35 18.63 -16.85
N PHE C 310 -18.09 18.37 -17.19
CA PHE C 310 -17.19 19.43 -17.61
C PHE C 310 -17.22 19.58 -19.13
N LEU C 311 -16.97 18.49 -19.85
CA LEU C 311 -17.36 18.36 -21.23
C LEU C 311 -18.85 17.98 -21.30
N PRO C 312 -19.50 18.20 -22.44
CA PRO C 312 -20.95 17.96 -22.50
C PRO C 312 -21.34 16.54 -22.11
N ALA C 313 -22.46 16.40 -21.42
CA ALA C 313 -22.99 15.09 -21.05
C ALA C 313 -23.42 14.32 -22.29
N THR C 314 -23.05 13.05 -22.36
CA THR C 314 -23.27 12.27 -23.58
C THR C 314 -24.11 11.04 -23.26
N PRO C 315 -25.33 10.95 -23.77
CA PRO C 315 -26.17 9.79 -23.48
C PRO C 315 -25.59 8.52 -24.05
N ASP C 316 -25.99 7.40 -23.47
CA ASP C 316 -25.60 6.08 -23.94
C ASP C 316 -26.06 5.91 -25.38
N PRO C 317 -25.14 5.80 -26.33
CA PRO C 317 -25.55 5.63 -27.74
C PRO C 317 -26.11 4.26 -28.04
N ARG C 318 -26.02 3.31 -27.10
CA ARG C 318 -26.60 1.99 -27.27
C ARG C 318 -27.87 1.81 -26.45
N ALA C 319 -28.42 2.89 -25.89
CA ALA C 319 -29.61 2.80 -25.05
C ALA C 319 -30.77 2.16 -25.81
N GLY C 320 -31.29 1.07 -25.25
CA GLY C 320 -32.40 0.38 -25.86
C GLY C 320 -32.09 -0.38 -27.14
N THR C 321 -30.83 -0.75 -27.36
CA THR C 321 -30.46 -1.52 -28.53
C THR C 321 -29.97 -2.93 -28.20
N PHE C 322 -29.75 -3.25 -26.93
CA PHE C 322 -29.34 -4.61 -26.56
C PHE C 322 -30.05 -5.01 -25.27
N ASP C 323 -30.11 -6.30 -25.06
CA ASP C 323 -30.78 -6.82 -23.89
C ASP C 323 -29.87 -6.69 -22.67
N PRO C 324 -30.34 -6.05 -21.59
CA PRO C 324 -29.47 -5.85 -20.43
C PRO C 324 -29.10 -7.13 -19.71
N ARG C 325 -29.82 -8.24 -19.94
CA ARG C 325 -29.41 -9.51 -19.36
C ARG C 325 -28.10 -10.02 -19.93
N THR C 326 -27.72 -9.57 -21.12
CA THR C 326 -26.47 -10.01 -21.75
C THR C 326 -25.24 -9.37 -21.12
N LEU C 327 -25.41 -8.41 -20.21
CA LEU C 327 -24.27 -7.78 -19.57
C LEU C 327 -23.52 -8.77 -18.68
N THR C 328 -24.23 -9.47 -17.80
CA THR C 328 -23.60 -10.42 -16.89
C THR C 328 -24.03 -11.86 -17.12
N GLY C 329 -25.05 -12.11 -17.92
CA GLY C 329 -25.58 -13.44 -18.12
C GLY C 329 -25.29 -13.96 -19.51
N VAL C 330 -25.21 -15.28 -19.64
CA VAL C 330 -25.02 -15.87 -20.97
C VAL C 330 -26.30 -15.72 -21.78
N PRO C 331 -26.24 -15.26 -23.02
CA PRO C 331 -27.48 -15.13 -23.82
C PRO C 331 -28.22 -16.44 -23.95
N GLN C 332 -27.49 -17.54 -24.14
CA GLN C 332 -28.08 -18.87 -24.25
C GLN C 332 -27.11 -19.93 -23.76
N FME D 1 -36.92 -10.96 -7.91
CN FME D 1 -37.64 -10.30 -7.03
O1 FME D 1 -38.20 -10.80 -6.06
CA FME D 1 -36.23 -10.24 -8.96
CB FME D 1 -36.86 -8.86 -9.17
CG FME D 1 -36.10 -8.01 -10.17
SD FME D 1 -37.20 -7.11 -11.29
CE FME D 1 -37.88 -8.46 -12.25
C FME D 1 -34.73 -10.12 -8.63
O FME D 1 -33.91 -10.38 -9.51
N TYR D 2 -34.40 -9.76 -7.38
CA TYR D 2 -33.00 -9.59 -6.97
C TYR D 2 -32.60 -10.45 -5.79
N TYR D 3 -31.40 -11.02 -5.85
CA TYR D 3 -30.79 -11.55 -4.65
C TYR D 3 -30.42 -10.42 -3.70
N GLY D 4 -30.53 -10.70 -2.41
CA GLY D 4 -30.11 -9.76 -1.38
C GLY D 4 -31.14 -8.72 -0.98
N ALA D 5 -32.31 -8.70 -1.60
CA ALA D 5 -33.33 -7.72 -1.27
C ALA D 5 -34.16 -8.20 -0.09
N LEU D 6 -34.42 -7.29 0.86
CA LEU D 6 -35.29 -7.58 1.99
C LEU D 6 -36.59 -6.81 1.94
N ALA D 7 -36.66 -5.73 1.18
CA ALA D 7 -37.87 -4.96 0.95
C ALA D 7 -37.65 -4.22 -0.37
N ASN D 8 -38.47 -3.21 -0.63
CA ASN D 8 -38.23 -2.38 -1.80
C ASN D 8 -36.91 -1.62 -1.67
N HIS D 9 -36.61 -1.10 -0.49
CA HIS D 9 -35.37 -0.38 -0.21
C HIS D 9 -34.75 -0.87 1.09
N LEU D 10 -34.64 -2.18 1.24
CA LEU D 10 -33.87 -2.76 2.33
C LEU D 10 -33.16 -3.96 1.76
N ASP D 11 -31.83 -3.97 1.86
CA ASP D 11 -31.06 -5.10 1.37
C ASP D 11 -30.07 -5.55 2.43
N ILE D 12 -29.52 -6.74 2.21
CA ILE D 12 -28.68 -7.40 3.20
C ILE D 12 -27.42 -6.58 3.49
N ALA D 13 -26.79 -6.04 2.45
CA ALA D 13 -25.55 -5.28 2.66
C ALA D 13 -25.82 -4.04 3.51
N GLN D 14 -26.97 -3.41 3.33
CA GLN D 14 -27.31 -2.24 4.13
C GLN D 14 -27.35 -2.59 5.62
N LEU D 15 -27.97 -3.72 5.96
CA LEU D 15 -28.02 -4.14 7.36
C LEU D 15 -26.65 -4.58 7.87
N ALA D 16 -25.87 -5.28 7.03
CA ALA D 16 -24.55 -5.71 7.45
C ALA D 16 -23.62 -4.54 7.70
N TRP D 17 -23.83 -3.41 7.02
CA TRP D 17 -23.06 -2.21 7.28
C TRP D 17 -23.24 -1.74 8.72
N TYR D 18 -24.50 -1.65 9.16
CA TYR D 18 -24.77 -1.25 10.54
C TYR D 18 -24.32 -2.32 11.53
N GLY D 19 -24.43 -3.60 11.17
CA GLY D 19 -23.89 -4.65 12.01
C GLY D 19 -22.39 -4.54 12.21
N HIS D 20 -21.66 -4.19 11.14
CA HIS D 20 -20.22 -4.00 11.24
C HIS D 20 -19.89 -2.84 12.16
N TRP D 21 -20.63 -1.74 12.05
CA TRP D 21 -20.41 -0.63 12.97
C TRP D 21 -20.69 -1.04 14.41
N LEU D 22 -21.75 -1.82 14.63
CA LEU D 22 -22.06 -2.30 15.98
C LEU D 22 -20.92 -3.15 16.53
N VAL D 23 -20.38 -4.06 15.71
CA VAL D 23 -19.25 -4.88 16.14
C VAL D 23 -18.08 -3.99 16.56
N ILE D 24 -17.73 -3.04 15.70
CA ILE D 24 -16.57 -2.19 15.96
C ILE D 24 -16.74 -1.42 17.25
N TRP D 25 -17.88 -0.74 17.41
CA TRP D 25 -18.02 0.13 18.57
C TRP D 25 -18.29 -0.63 19.86
N THR D 26 -18.95 -1.79 19.80
CA THR D 26 -19.06 -2.62 20.99
C THR D 26 -17.70 -3.11 21.45
N VAL D 27 -16.86 -3.59 20.52
CA VAL D 27 -15.52 -4.03 20.91
C VAL D 27 -14.71 -2.86 21.49
N VAL D 28 -14.79 -1.70 20.86
CA VAL D 28 -13.99 -0.57 21.33
C VAL D 28 -14.46 -0.10 22.71
N LEU D 29 -15.72 0.32 22.82
CA LEU D 29 -16.18 0.96 24.05
C LEU D 29 -16.43 -0.04 25.17
N PHE D 30 -16.99 -1.20 24.87
CA PHE D 30 -17.34 -2.14 25.94
C PHE D 30 -16.13 -2.92 26.43
N TYR D 31 -15.13 -3.16 25.58
CA TYR D 31 -14.00 -4.01 25.96
C TYR D 31 -12.67 -3.26 25.96
N LEU D 32 -12.27 -2.64 24.85
CA LEU D 32 -10.90 -2.14 24.72
C LEU D 32 -10.63 -1.00 25.70
N ARG D 33 -11.57 -0.07 25.86
CA ARG D 33 -11.37 1.04 26.79
C ARG D 33 -11.33 0.58 28.24
N ARG D 34 -12.14 -0.44 28.58
CA ARG D 34 -12.04 -1.03 29.91
C ARG D 34 -10.66 -1.61 30.14
N GLU D 35 -10.09 -2.29 29.14
CA GLU D 35 -8.71 -2.76 29.24
C GLU D 35 -7.73 -1.60 29.41
N ASP D 36 -7.95 -0.52 28.66
CA ASP D 36 -7.10 0.66 28.79
C ASP D 36 -7.10 1.21 30.21
N ARG D 37 -8.16 0.97 30.97
CA ARG D 37 -8.24 1.50 32.33
C ARG D 37 -7.64 0.58 33.40
N ARG D 38 -6.68 -0.28 33.06
CA ARG D 38 -6.07 -1.14 34.07
C ARG D 38 -4.84 -0.53 34.73
N GLU D 39 -4.39 0.65 34.30
CA GLU D 39 -3.32 1.38 34.98
C GLU D 39 -3.76 2.82 35.17
N GLY D 40 -3.39 3.40 36.31
CA GLY D 40 -3.63 4.81 36.56
C GLY D 40 -5.06 5.16 36.92
N TYR D 41 -5.97 4.21 36.89
CA TYR D 41 -7.34 4.44 37.27
C TYR D 41 -7.64 3.76 38.60
N PRO D 42 -8.57 4.30 39.41
CA PRO D 42 -9.41 5.49 39.16
C PRO D 42 -8.63 6.78 39.17
N LEU D 43 -9.11 7.77 38.42
CA LEU D 43 -8.45 9.06 38.33
C LEU D 43 -8.56 9.82 39.65
N VAL D 44 -7.58 10.67 39.91
CA VAL D 44 -7.51 11.44 41.14
C VAL D 44 -7.61 12.92 40.81
N GLU D 45 -8.23 13.67 41.72
CA GLU D 45 -8.39 15.12 41.59
C GLU D 45 -7.85 15.78 42.85
N PRO D 46 -6.54 16.02 42.92
CA PRO D 46 -5.99 16.68 44.11
C PRO D 46 -6.55 18.08 44.33
N LEU D 47 -6.93 18.77 43.27
CA LEU D 47 -7.49 20.10 43.37
C LEU D 47 -8.90 20.11 42.79
N GLY D 48 -9.70 19.11 43.14
CA GLY D 48 -11.04 19.00 42.60
C GLY D 48 -12.05 19.85 43.33
N LEU D 49 -13.22 19.98 42.72
CA LEU D 49 -14.32 20.75 43.28
C LEU D 49 -15.41 19.89 43.91
N VAL D 50 -15.55 18.64 43.47
CA VAL D 50 -16.66 17.78 43.88
C VAL D 50 -16.11 16.48 44.45
N LYS D 51 -17.00 15.71 45.08
CA LYS D 51 -16.64 14.45 45.68
C LYS D 51 -16.73 13.33 44.66
N LEU D 52 -15.65 12.57 44.52
CA LEU D 52 -15.58 11.40 43.67
C LEU D 52 -15.82 10.15 44.50
N PRO D 53 -16.08 9.00 43.87
CA PRO D 53 -16.13 7.76 44.63
C PRO D 53 -14.77 7.45 45.24
N SER D 54 -14.80 6.72 46.35
CA SER D 54 -13.56 6.35 47.02
C SER D 54 -12.66 5.57 46.07
N PRO D 55 -11.34 5.79 46.13
CA PRO D 55 -10.43 5.06 45.24
C PRO D 55 -10.42 3.55 45.47
N ASP D 56 -10.97 3.06 46.58
CA ASP D 56 -10.86 1.65 46.94
C ASP D 56 -12.10 0.84 46.60
N VAL D 57 -13.02 1.38 45.80
CA VAL D 57 -14.21 0.65 45.38
C VAL D 57 -14.21 0.55 43.86
N GLN D 58 -14.94 -0.43 43.34
CA GLN D 58 -15.10 -0.61 41.89
C GLN D 58 -16.19 0.35 41.43
N SER D 59 -15.76 1.51 40.95
CA SER D 59 -16.63 2.67 40.79
C SER D 59 -17.38 2.73 39.47
N GLY D 60 -17.21 1.75 38.58
CA GLY D 60 -18.04 1.73 37.39
C GLY D 60 -17.30 1.83 36.08
N GLU D 61 -16.34 2.76 35.99
CA GLU D 61 -15.43 2.77 34.86
C GLU D 61 -14.31 1.75 35.01
N LEU D 62 -14.15 1.17 36.19
CA LEU D 62 -13.04 0.27 36.47
C LEU D 62 -13.36 -1.14 35.99
N PRO D 63 -12.46 -1.78 35.25
CA PRO D 63 -12.62 -3.22 34.98
C PRO D 63 -12.40 -4.03 36.24
N TYR D 64 -12.99 -5.21 36.26
CA TYR D 64 -12.71 -6.13 37.35
C TYR D 64 -11.26 -6.62 37.27
N PRO D 65 -10.53 -6.63 38.38
CA PRO D 65 -9.10 -6.94 38.32
C PRO D 65 -8.83 -8.33 37.78
N LYS D 66 -7.80 -8.43 36.94
CA LYS D 66 -7.25 -9.70 36.47
C LYS D 66 -5.99 -10.01 37.25
N THR D 67 -5.65 -11.30 37.29
CA THR D 67 -4.49 -11.77 38.03
C THR D 67 -3.44 -12.30 37.06
N PHE D 68 -2.27 -11.70 37.10
CA PHE D 68 -1.09 -12.25 36.45
C PHE D 68 -0.38 -13.13 37.47
N THR D 69 -0.16 -14.39 37.11
CA THR D 69 0.64 -15.30 37.91
C THR D 69 2.06 -15.28 37.38
N LEU D 70 2.99 -14.80 38.19
CA LEU D 70 4.34 -14.56 37.71
C LEU D 70 5.07 -15.87 37.48
N TYR D 71 6.04 -15.83 36.55
CA TYR D 71 6.76 -17.04 36.18
C TYR D 71 7.57 -17.60 37.35
N HIS D 72 8.20 -16.73 38.13
CA HIS D 72 9.11 -17.15 39.18
C HIS D 72 8.50 -17.10 40.57
N GLY D 73 7.20 -16.83 40.69
CA GLY D 73 6.66 -16.62 42.01
C GLY D 73 5.20 -16.25 42.10
N GLY D 74 4.90 -15.20 42.85
CA GLY D 74 3.53 -14.90 43.23
C GLY D 74 2.65 -14.30 42.16
N THR D 75 1.77 -13.39 42.55
CA THR D 75 0.75 -12.84 41.68
C THR D 75 0.72 -11.33 41.77
N VAL D 76 0.26 -10.70 40.69
CA VAL D 76 -0.02 -9.28 40.64
C VAL D 76 -1.42 -9.11 40.08
N GLN D 77 -2.11 -8.05 40.50
CA GLN D 77 -3.43 -7.75 39.97
C GLN D 77 -3.37 -6.52 39.09
N ALA D 78 -4.29 -6.45 38.14
CA ALA D 78 -4.46 -5.29 37.27
C ALA D 78 -5.96 -4.99 37.12
N PRO D 79 -6.45 -3.87 37.66
CA PRO D 79 -5.75 -2.80 38.39
C PRO D 79 -5.06 -3.28 39.67
N ASN D 80 -3.91 -2.71 39.98
CA ASN D 80 -3.09 -3.15 41.11
C ASN D 80 -3.47 -2.32 42.33
N PRO D 81 -4.10 -2.90 43.35
CA PRO D 81 -4.43 -2.12 44.55
C PRO D 81 -3.20 -1.62 45.30
N ASN D 82 -2.07 -2.31 45.20
CA ASN D 82 -0.86 -1.89 45.91
C ASN D 82 -0.17 -0.72 45.24
N ARG D 83 -0.30 -0.59 43.92
CA ARG D 83 0.23 0.55 43.18
C ARG D 83 -0.78 1.67 43.03
N ARG D 84 -1.92 1.56 43.72
CA ARG D 84 -2.98 2.55 43.56
C ARG D 84 -2.58 3.92 44.13
N TYR D 85 -1.94 3.93 45.29
CA TYR D 85 -1.55 5.18 45.93
C TYR D 85 -0.05 5.38 45.83
N GLU D 86 0.37 6.60 45.51
CA GLU D 86 1.77 6.96 45.45
C GLU D 86 2.10 7.87 46.64
N THR D 87 3.10 7.47 47.42
CA THR D 87 3.48 8.18 48.64
C THR D 87 4.99 8.46 48.58
N ARG D 88 5.37 9.64 48.13
CA ARG D 88 6.78 10.01 48.11
C ARG D 88 7.08 11.43 48.56
N GLU D 89 6.09 12.32 48.65
CA GLU D 89 6.32 13.72 49.01
C GLU D 89 7.25 14.37 47.97
N LEU D 90 6.70 14.50 46.77
CA LEU D 90 7.41 15.14 45.67
C LEU D 90 7.81 16.56 46.01
N LYS D 91 9.05 16.93 45.67
CA LYS D 91 9.54 18.29 45.87
C LYS D 91 9.10 19.14 44.68
N LEU D 92 7.83 19.58 44.74
CA LEU D 92 7.24 20.39 43.70
C LEU D 92 6.25 21.35 44.34
N ALA D 93 6.19 22.57 43.82
CA ALA D 93 5.24 23.57 44.28
C ALA D 93 4.37 24.03 43.12
N GLN D 94 3.12 24.37 43.43
CA GLN D 94 2.21 24.85 42.40
C GLN D 94 2.64 26.21 41.90
N THR D 95 2.61 26.37 40.57
CA THR D 95 2.77 27.70 39.99
C THR D 95 1.44 28.45 39.93
N ASP D 96 0.33 27.74 40.09
CA ASP D 96 -1.00 28.33 40.09
C ASP D 96 -1.93 27.35 40.78
N GLY D 97 -3.12 27.83 41.12
CA GLY D 97 -3.98 27.08 42.03
C GLY D 97 -4.68 25.87 41.44
N PHE D 98 -4.80 25.79 40.11
CA PHE D 98 -5.62 24.75 39.50
C PHE D 98 -4.78 23.57 39.02
N GLU D 99 -5.45 22.44 38.86
CA GLU D 99 -4.77 21.21 38.49
C GLU D 99 -4.11 21.30 37.12
N GLY D 100 -4.73 22.02 36.18
CA GLY D 100 -4.15 22.19 34.87
C GLY D 100 -2.91 23.05 34.84
N ALA D 101 -2.54 23.65 35.95
CA ALA D 101 -1.37 24.49 36.08
C ALA D 101 -0.13 23.63 36.34
N PRO D 102 0.97 23.85 35.62
CA PRO D 102 2.16 23.03 35.83
C PRO D 102 2.80 23.31 37.19
N LEU D 103 3.52 22.32 37.68
CA LEU D 103 4.27 22.42 38.92
C LEU D 103 5.71 22.83 38.63
N ALA D 104 6.36 23.40 39.64
CA ALA D 104 7.73 23.81 39.52
C ALA D 104 8.58 23.13 40.58
N PRO D 105 9.73 22.57 40.22
CA PRO D 105 10.59 21.93 41.22
C PRO D 105 11.05 22.92 42.28
N THR D 106 11.12 22.45 43.52
CA THR D 106 11.58 23.25 44.64
C THR D 106 13.10 23.19 44.82
N GLY D 107 13.81 22.52 43.91
CA GLY D 107 15.26 22.55 43.93
C GLY D 107 15.91 21.21 43.66
N ASN D 108 16.78 21.16 42.65
CA ASN D 108 17.48 19.98 42.17
C ASN D 108 16.49 18.90 41.75
N PRO D 109 15.72 19.13 40.69
CA PRO D 109 14.71 18.13 40.29
C PRO D 109 15.29 16.78 39.92
N MET D 110 16.48 16.76 39.31
CA MET D 110 17.10 15.49 38.90
C MET D 110 17.37 14.61 40.12
N VAL D 111 17.89 15.19 41.20
CA VAL D 111 18.11 14.43 42.42
C VAL D 111 16.79 14.10 43.09
N ASP D 112 15.85 15.05 43.11
CA ASP D 112 14.56 14.80 43.75
C ASP D 112 13.80 13.69 43.05
N GLY D 113 13.85 13.65 41.73
CA GLY D 113 13.12 12.66 40.98
C GLY D 113 11.72 13.12 40.62
N VAL D 114 11.61 14.30 40.02
CA VAL D 114 10.35 14.86 39.58
C VAL D 114 10.47 15.26 38.12
N GLY D 115 9.30 15.43 37.47
CA GLY D 115 9.25 15.73 36.07
C GLY D 115 9.86 14.62 35.23
N PRO D 116 10.68 14.99 34.24
CA PRO D 116 11.38 13.97 33.45
C PRO D 116 12.32 13.11 34.28
N ALA D 117 12.66 13.52 35.49
CA ALA D 117 13.48 12.73 36.39
C ALA D 117 12.65 11.83 37.30
N SER D 118 11.34 11.78 37.12
CA SER D 118 10.49 10.92 37.94
C SER D 118 10.76 9.45 37.65
N TRP D 119 10.78 8.65 38.69
CA TRP D 119 10.87 7.21 38.56
C TRP D 119 9.65 6.56 39.19
N ALA D 120 9.24 5.43 38.64
CA ALA D 120 8.05 4.74 39.12
C ALA D 120 8.39 3.84 40.31
N GLU D 121 7.38 3.55 41.11
CA GLU D 121 7.52 2.70 42.28
C GLU D 121 7.48 1.23 41.87
N ARG D 122 8.47 0.84 41.06
CA ARG D 122 8.61 -0.54 40.66
C ARG D 122 8.97 -1.41 41.86
N SER D 123 8.83 -2.72 41.69
CA SER D 123 9.25 -3.64 42.72
C SER D 123 10.76 -3.57 42.89
N GLU D 124 11.21 -3.64 44.14
CA GLU D 124 12.64 -3.63 44.44
C GLU D 124 13.25 -5.03 44.34
N VAL D 125 13.04 -5.66 43.20
CA VAL D 125 13.57 -6.99 42.94
C VAL D 125 14.43 -6.95 41.68
N VAL D 126 15.41 -7.84 41.64
CA VAL D 126 16.25 -7.98 40.47
C VAL D 126 15.49 -8.76 39.40
N ASP D 127 15.31 -8.14 38.24
CA ASP D 127 14.74 -8.86 37.10
C ASP D 127 15.66 -10.05 36.76
N SER D 128 15.04 -11.18 36.45
CA SER D 128 15.79 -12.41 36.34
C SER D 128 15.61 -13.05 34.96
N THR D 129 16.50 -14.00 34.67
CA THR D 129 16.37 -14.87 33.51
C THR D 129 15.31 -15.93 33.79
N PHE D 130 14.89 -16.64 32.73
CA PHE D 130 13.96 -17.73 32.94
C PHE D 130 14.59 -18.90 33.68
N GLU D 131 15.91 -18.90 33.83
CA GLU D 131 16.62 -19.86 34.65
C GLU D 131 16.80 -19.40 36.09
N GLY D 132 16.43 -18.17 36.42
CA GLY D 132 16.46 -17.69 37.79
C GLY D 132 17.65 -16.84 38.18
N LYS D 133 18.56 -16.56 37.26
CA LYS D 133 19.70 -15.70 37.52
C LYS D 133 19.36 -14.25 37.22
N ALA D 134 20.15 -13.34 37.79
CA ALA D 134 19.96 -11.91 37.56
C ALA D 134 20.12 -11.61 36.07
N LYS D 135 19.15 -10.88 35.51
CA LYS D 135 19.11 -10.69 34.06
C LYS D 135 20.18 -9.71 33.58
N ILE D 136 20.35 -8.59 34.29
CA ILE D 136 21.19 -7.49 33.83
C ILE D 136 22.40 -7.41 34.74
N VAL D 137 23.58 -7.71 34.18
CA VAL D 137 24.80 -7.82 35.01
C VAL D 137 25.99 -7.28 34.24
N PRO D 138 26.97 -6.75 34.95
CA PRO D 138 28.20 -6.32 34.28
C PRO D 138 28.97 -7.50 33.72
N LEU D 139 29.77 -7.23 32.69
CA LEU D 139 30.55 -8.28 32.05
C LEU D 139 31.57 -8.91 32.98
N ARG D 140 31.98 -8.20 34.04
CA ARG D 140 32.89 -8.81 35.01
C ARG D 140 32.23 -9.96 35.76
N ALA D 141 30.90 -9.91 35.93
CA ALA D 141 30.14 -10.95 36.59
C ALA D 141 29.50 -11.94 35.64
N ALA D 142 29.68 -11.75 34.33
CA ALA D 142 29.16 -12.67 33.32
C ALA D 142 30.25 -12.95 32.29
N PRO D 143 31.27 -13.73 32.66
CA PRO D 143 32.37 -14.01 31.72
C PRO D 143 31.92 -14.78 30.48
N GLU D 144 30.77 -15.44 30.51
CA GLU D 144 30.27 -16.16 29.36
C GLU D 144 29.63 -15.25 28.31
N PHE D 145 29.53 -13.96 28.58
CA PHE D 145 29.06 -12.97 27.61
C PHE D 145 30.20 -12.07 27.21
N TYR D 146 30.21 -11.66 25.95
CA TYR D 146 31.31 -10.86 25.42
C TYR D 146 30.83 -10.03 24.25
N ILE D 147 31.64 -9.01 23.92
CA ILE D 147 31.36 -8.20 22.75
C ILE D 147 31.63 -9.02 21.50
N ALA D 148 30.75 -8.90 20.50
CA ALA D 148 30.93 -9.62 19.26
C ALA D 148 32.24 -9.19 18.59
N GLU D 149 32.83 -10.13 17.87
CA GLU D 149 34.14 -9.91 17.26
C GLU D 149 34.08 -8.72 16.30
N GLY D 150 35.07 -7.85 16.42
CA GLY D 150 35.17 -6.69 15.54
C GLY D 150 34.30 -5.51 15.92
N ASP D 151 33.53 -5.60 17.00
CA ASP D 151 32.75 -4.47 17.45
C ASP D 151 33.53 -3.65 18.46
N LEU D 152 33.24 -2.35 18.50
CA LEU D 152 33.98 -1.43 19.35
C LEU D 152 33.82 -1.79 20.82
N ASP D 153 34.94 -2.04 21.49
CA ASP D 153 34.95 -2.22 22.93
C ASP D 153 35.08 -0.87 23.60
N PRO D 154 34.09 -0.42 24.37
CA PRO D 154 34.15 0.92 24.96
C PRO D 154 34.85 1.00 26.30
N ARG D 155 35.26 -0.12 26.89
CA ARG D 155 35.97 -0.07 28.15
C ARG D 155 37.30 0.64 27.97
N GLY D 156 37.61 1.56 28.89
CA GLY D 156 38.78 2.40 28.79
C GLY D 156 38.57 3.72 28.09
N LEU D 157 37.40 3.95 27.50
CA LEU D 157 37.11 5.20 26.82
C LEU D 157 36.81 6.32 27.82
N PRO D 158 37.21 7.55 27.50
CA PRO D 158 36.80 8.69 28.34
C PRO D 158 35.36 9.09 28.07
N VAL D 159 34.65 9.43 29.15
CA VAL D 159 33.26 9.87 29.11
C VAL D 159 33.24 11.36 29.38
N PHE D 160 32.66 12.12 28.45
CA PHE D 160 32.55 13.56 28.51
C PHE D 160 31.11 13.96 28.77
N GLY D 161 30.93 15.00 29.56
CA GLY D 161 29.61 15.53 29.86
C GLY D 161 29.09 16.43 28.74
N ALA D 162 27.92 17.03 29.01
CA ALA D 162 27.28 17.88 28.02
C ALA D 162 28.08 19.15 27.76
N ASP D 163 28.86 19.59 28.73
CA ASP D 163 29.68 20.79 28.61
C ASP D 163 31.05 20.52 28.02
N GLY D 164 31.26 19.34 27.45
CA GLY D 164 32.53 18.99 26.85
C GLY D 164 33.62 18.64 27.83
N ILE D 165 33.36 18.73 29.11
CA ILE D 165 34.34 18.43 30.15
C ILE D 165 34.37 16.92 30.37
N GLU D 166 35.57 16.36 30.49
CA GLU D 166 35.69 14.93 30.77
C GLU D 166 35.11 14.62 32.14
N ALA D 167 34.25 13.60 32.19
CA ALA D 167 33.55 13.23 33.40
C ALA D 167 34.02 11.93 34.01
N GLY D 168 34.53 11.00 33.22
CA GLY D 168 34.93 9.73 33.79
C GLY D 168 35.52 8.79 32.76
N THR D 169 35.56 7.53 33.13
CA THR D 169 36.09 6.48 32.27
C THR D 169 35.15 5.29 32.29
N VAL D 170 34.85 4.74 31.11
CA VAL D 170 34.07 3.51 31.07
C VAL D 170 34.86 2.39 31.72
N THR D 171 34.26 1.73 32.71
CA THR D 171 34.86 0.58 33.35
C THR D 171 34.24 -0.75 32.92
N ASP D 172 32.95 -0.77 32.59
CA ASP D 172 32.31 -2.05 32.28
C ASP D 172 31.06 -1.81 31.44
N LEU D 173 30.59 -2.89 30.83
CA LEU D 173 29.31 -2.96 30.15
C LEU D 173 28.38 -3.88 30.93
N TRP D 174 27.10 -3.53 30.98
CA TRP D 174 26.09 -4.37 31.61
C TRP D 174 25.22 -4.97 30.53
N VAL D 175 25.14 -6.30 30.52
CA VAL D 175 24.48 -7.06 29.48
C VAL D 175 23.19 -7.66 30.05
N ASP D 176 22.17 -7.72 29.21
CA ASP D 176 20.89 -8.37 29.49
C ASP D 176 21.03 -9.83 29.03
N ARG D 177 21.13 -10.75 30.00
CA ARG D 177 21.42 -12.14 29.67
C ARG D 177 20.27 -12.87 29.01
N SER D 178 19.04 -12.40 29.20
CA SER D 178 17.91 -13.00 28.51
C SER D 178 17.89 -12.62 27.03
N GLU D 179 18.16 -11.35 26.75
CA GLU D 179 18.04 -10.81 25.39
C GLU D 179 19.36 -10.76 24.64
N TYR D 180 20.49 -10.99 25.31
CA TYR D 180 21.81 -10.86 24.69
C TYR D 180 22.00 -9.45 24.12
N TYR D 181 21.79 -8.46 24.97
CA TYR D 181 21.76 -7.07 24.55
C TYR D 181 22.40 -6.21 25.63
N PHE D 182 23.35 -5.37 25.22
CA PHE D 182 24.00 -4.44 26.14
C PHE D 182 23.07 -3.29 26.47
N ARG D 183 22.91 -3.01 27.77
CA ARG D 183 21.96 -1.99 28.20
C ARG D 183 22.56 -0.86 29.01
N TYR D 184 23.71 -1.05 29.65
CA TYR D 184 24.29 0.01 30.48
C TYR D 184 25.80 0.12 30.23
N LEU D 185 26.31 1.30 30.49
CA LEU D 185 27.74 1.57 30.65
C LEU D 185 27.99 1.91 32.11
N GLU D 186 28.95 1.22 32.73
CA GLU D 186 29.41 1.63 34.04
C GLU D 186 30.57 2.62 33.87
N ILE D 187 30.53 3.70 34.62
CA ILE D 187 31.47 4.80 34.46
C ILE D 187 32.10 5.09 35.82
N SER D 188 33.42 5.03 35.89
CA SER D 188 34.13 5.54 37.06
C SER D 188 34.21 7.05 36.92
N VAL D 189 33.58 7.77 37.82
CA VAL D 189 33.44 9.22 37.70
C VAL D 189 34.67 9.88 38.32
N ALA D 190 35.28 10.79 37.58
CA ALA D 190 36.47 11.49 38.06
C ALA D 190 36.11 12.40 39.23
N GLY D 191 36.99 12.44 40.21
CA GLY D 191 36.79 13.25 41.39
C GLY D 191 36.16 12.54 42.58
N SER D 192 36.00 11.23 42.51
CA SER D 192 35.44 10.47 43.63
C SER D 192 35.90 9.03 43.51
N ALA D 193 35.55 8.23 44.50
CA ALA D 193 35.66 6.79 44.45
C ALA D 193 34.22 6.29 44.33
N ARG D 194 33.73 6.21 43.09
CA ARG D 194 32.31 6.01 42.84
C ARG D 194 32.10 5.66 41.38
N THR D 195 31.23 4.69 41.13
CA THR D 195 30.81 4.35 39.77
C THR D 195 29.34 4.70 39.57
N ALA D 196 29.03 5.14 38.35
CA ALA D 196 27.67 5.50 37.95
C ALA D 196 27.28 4.70 36.73
N LEU D 197 26.09 4.13 36.75
CA LEU D 197 25.55 3.49 35.56
C LEU D 197 24.87 4.53 34.68
N MET D 198 24.94 4.30 33.37
CA MET D 198 24.27 5.14 32.41
C MET D 198 23.63 4.24 31.36
N PRO D 199 22.35 4.43 31.04
CA PRO D 199 21.76 3.68 29.93
C PRO D 199 22.55 3.94 28.66
N LEU D 200 22.76 2.86 27.90
CA LEU D 200 23.54 2.96 26.67
C LEU D 200 22.90 3.91 25.66
N GLY D 201 21.61 4.21 25.81
CA GLY D 201 20.92 5.12 24.92
C GLY D 201 21.32 6.57 25.07
N PHE D 202 21.84 6.96 26.24
CA PHE D 202 22.31 8.32 26.44
C PHE D 202 23.74 8.52 25.97
N ALA D 203 24.39 7.48 25.45
CA ALA D 203 25.79 7.53 25.08
C ALA D 203 25.94 7.59 23.56
N SER D 204 26.69 8.57 23.09
CA SER D 204 27.17 8.60 21.72
C SER D 204 28.63 8.18 21.76
N ILE D 205 28.93 7.03 21.16
CA ILE D 205 30.21 6.36 21.35
C ILE D 205 30.99 6.37 20.03
N THR D 206 32.23 6.83 20.09
CA THR D 206 33.18 6.78 18.99
C THR D 206 34.45 6.11 19.50
N LYS D 207 35.43 5.96 18.63
CA LYS D 207 36.73 5.43 19.05
C LYS D 207 37.47 6.41 19.95
N ASP D 208 37.15 7.71 19.87
CA ASP D 208 37.78 8.71 20.71
C ASP D 208 37.24 8.70 22.13
N GLY D 209 35.94 8.49 22.29
CA GLY D 209 35.31 8.54 23.60
C GLY D 209 33.81 8.53 23.46
N VAL D 210 33.13 8.69 24.60
CA VAL D 210 31.68 8.72 24.64
C VAL D 210 31.24 10.10 25.13
N LYS D 211 30.18 10.62 24.51
CA LYS D 211 29.68 11.95 24.82
C LYS D 211 28.23 11.85 25.28
N VAL D 212 27.90 12.63 26.30
CA VAL D 212 26.60 12.58 26.95
C VAL D 212 26.00 13.98 26.91
N GLN D 213 25.04 14.19 26.00
CA GLN D 213 24.32 15.46 25.97
C GLN D 213 23.43 15.63 27.20
N ALA D 214 23.02 14.53 27.84
CA ALA D 214 21.95 14.59 28.83
C ALA D 214 22.34 15.40 30.05
N ILE D 215 23.56 15.24 30.57
CA ILE D 215 23.95 15.90 31.81
C ILE D 215 25.34 16.51 31.67
N LEU D 216 25.60 17.51 32.50
CA LEU D 216 26.93 18.08 32.61
C LEU D 216 27.87 17.08 33.27
N ALA D 217 29.17 17.30 33.10
CA ALA D 217 30.16 16.40 33.68
C ALA D 217 30.02 16.34 35.20
N SER D 218 29.91 17.51 35.82
CA SER D 218 29.83 17.60 37.28
C SER D 218 28.60 16.89 37.83
N GLN D 219 27.56 16.70 37.02
CA GLN D 219 26.35 16.05 37.51
C GLN D 219 26.47 14.54 37.53
N PHE D 220 27.49 13.96 36.88
CA PHE D 220 27.69 12.52 37.00
C PHE D 220 27.89 12.08 38.43
N ALA D 221 28.34 12.99 39.30
CA ALA D 221 28.55 12.64 40.70
C ALA D 221 27.25 12.27 41.40
N ASN D 222 26.11 12.83 40.96
CA ASN D 222 24.87 12.65 41.68
C ASN D 222 23.98 11.57 41.07
N VAL D 223 24.52 10.72 40.19
CA VAL D 223 23.73 9.63 39.61
C VAL D 223 23.27 8.71 40.74
N PRO D 224 22.03 8.22 40.73
CA PRO D 224 21.58 7.34 41.81
C PRO D 224 22.43 6.08 41.93
N ARG D 225 22.62 5.66 43.17
CA ARG D 225 23.59 4.62 43.51
C ARG D 225 22.93 3.25 43.59
N LEU D 226 23.61 2.25 43.02
CA LEU D 226 23.20 0.87 43.17
C LEU D 226 23.54 0.37 44.57
N GLN D 227 22.57 -0.30 45.21
CA GLN D 227 22.84 -0.88 46.52
C GLN D 227 23.83 -2.03 46.44
N SER D 228 23.77 -2.82 45.37
CA SER D 228 24.71 -3.91 45.12
C SER D 228 25.62 -3.54 43.97
N ARG D 229 26.78 -4.19 43.92
CA ARG D 229 27.78 -3.79 42.95
C ARG D 229 27.55 -4.44 41.58
N ASP D 230 27.12 -5.69 41.54
CA ASP D 230 27.02 -6.44 40.30
C ASP D 230 25.60 -6.87 39.97
N GLN D 231 24.60 -6.22 40.54
CA GLN D 231 23.21 -6.45 40.16
C GLN D 231 22.43 -5.16 40.36
N ILE D 232 21.28 -5.08 39.71
CA ILE D 232 20.46 -3.88 39.73
C ILE D 232 19.00 -4.27 39.84
N THR D 233 18.26 -3.59 40.71
CA THR D 233 16.83 -3.83 40.84
C THR D 233 16.07 -3.03 39.79
N LEU D 234 14.80 -3.39 39.60
CA LEU D 234 13.98 -2.70 38.61
C LEU D 234 13.81 -1.22 38.97
N ARG D 235 13.58 -0.93 40.25
CA ARG D 235 13.45 0.46 40.68
C ARG D 235 14.76 1.21 40.49
N GLU D 236 15.89 0.55 40.74
CA GLU D 236 17.18 1.17 40.48
C GLU D 236 17.35 1.49 38.99
N GLU D 237 16.91 0.60 38.10
CA GLU D 237 16.96 0.90 36.68
C GLU D 237 16.14 2.13 36.36
N ASP D 238 14.93 2.21 36.94
CA ASP D 238 14.09 3.38 36.72
C ASP D 238 14.77 4.66 37.19
N LYS D 239 15.35 4.62 38.39
CA LYS D 239 16.00 5.81 38.96
C LYS D 239 17.17 6.26 38.09
N VAL D 240 18.01 5.31 37.68
CA VAL D 240 19.21 5.67 36.92
C VAL D 240 18.81 6.25 35.57
N SER D 241 17.88 5.60 34.86
CA SER D 241 17.45 6.13 33.57
C SER D 241 16.80 7.50 33.72
N ALA D 242 15.95 7.67 34.73
CA ALA D 242 15.23 8.91 34.91
C ALA D 242 16.16 10.06 35.28
N TYR D 243 17.31 9.78 35.92
CA TYR D 243 18.24 10.87 36.24
C TYR D 243 18.73 11.56 34.96
N TYR D 244 19.22 10.78 33.98
CA TYR D 244 19.68 11.36 32.73
C TYR D 244 18.52 11.97 31.94
N ALA D 245 17.36 11.31 31.95
CA ALA D 245 16.21 11.88 31.26
C ALA D 245 15.83 13.22 31.83
N GLY D 246 15.82 13.35 33.16
CA GLY D 246 15.58 14.63 33.78
C GLY D 246 16.62 15.66 33.38
N GLY D 247 17.87 15.22 33.26
CA GLY D 247 18.90 16.13 32.77
C GLY D 247 18.60 16.67 31.38
N LEU D 248 17.90 15.89 30.56
CA LEU D 248 17.51 16.39 29.24
C LEU D 248 16.72 17.70 29.33
N LEU D 249 15.99 17.93 30.42
CA LEU D 249 15.24 19.15 30.62
C LEU D 249 15.81 20.07 31.69
N TYR D 250 16.71 19.58 32.55
CA TYR D 250 17.08 20.29 33.76
C TYR D 250 18.58 20.49 33.93
N ALA D 251 19.42 19.95 33.04
CA ALA D 251 20.86 20.03 33.24
C ALA D 251 21.33 21.47 33.33
N THR D 252 20.78 22.34 32.50
CA THR D 252 20.97 23.78 32.54
C THR D 252 19.61 24.45 32.46
N PRO D 253 19.46 25.66 33.01
CA PRO D 253 18.15 26.32 32.96
C PRO D 253 17.66 26.58 31.55
N GLU D 254 18.58 26.84 30.62
CA GLU D 254 18.18 27.14 29.24
C GLU D 254 17.37 26.01 28.63
N ARG D 255 17.64 24.77 29.02
CA ARG D 255 16.92 23.63 28.44
C ARG D 255 15.44 23.65 28.77
N ALA D 256 15.01 24.39 29.78
CA ALA D 256 13.61 24.44 30.15
C ALA D 256 12.86 25.61 29.50
N GLU D 257 13.52 26.39 28.65
CA GLU D 257 12.97 27.62 28.12
C GLU D 257 12.62 27.49 26.64
N PRO D 258 11.68 28.30 26.16
CA PRO D 258 11.27 28.21 24.77
C PRO D 258 12.17 29.01 23.84
N LEU D 259 11.99 28.76 22.54
CA LEU D 259 12.72 29.53 21.53
C LEU D 259 12.17 30.95 21.42
N LEU D 260 10.85 31.11 21.43
CA LEU D 260 10.24 32.42 21.28
C LEU D 260 8.90 32.52 22.02
N SER E 8 -8.37 51.71 37.16
CA SER E 8 -8.68 50.35 36.73
C SER E 8 -7.59 49.38 37.15
N ALA E 9 -8.00 48.20 37.58
CA ALA E 9 -7.08 47.14 37.95
C ALA E 9 -6.69 46.27 36.77
N SER E 10 -6.88 46.76 35.54
CA SER E 10 -6.60 45.96 34.35
C SER E 10 -5.12 45.59 34.24
N TRP E 11 -4.23 46.44 34.75
CA TRP E 11 -2.80 46.15 34.70
C TRP E 11 -2.45 44.85 35.41
N LYS E 12 -3.27 44.41 36.37
CA LYS E 12 -3.02 43.14 37.04
C LYS E 12 -3.05 41.97 36.07
N LEU E 13 -3.66 42.14 34.90
CA LEU E 13 -3.59 41.10 33.88
C LEU E 13 -2.15 40.72 33.56
N TRP E 14 -1.26 41.70 33.55
CA TRP E 14 0.13 41.42 33.22
C TRP E 14 0.87 40.72 34.34
N LEU E 15 0.27 40.59 35.52
CA LEU E 15 0.82 39.73 36.55
C LEU E 15 0.53 38.26 36.30
N ILE E 16 -0.27 37.93 35.28
CA ILE E 16 -0.63 36.55 35.00
C ILE E 16 -0.45 36.15 33.55
N LEU E 17 -0.04 37.06 32.66
CA LEU E 17 0.00 36.75 31.24
C LEU E 17 1.36 36.83 30.54
N ASP E 18 2.40 37.36 31.19
CA ASP E 18 3.74 37.41 30.61
C ASP E 18 3.76 38.22 29.32
N PRO E 19 3.78 39.56 29.43
CA PRO E 19 3.72 40.44 28.26
C PRO E 19 4.56 40.04 27.04
N ARG E 20 5.76 39.50 27.27
CA ARG E 20 6.62 39.11 26.16
C ARG E 20 5.95 38.05 25.28
N ARG E 21 5.43 37.00 25.91
CA ARG E 21 4.79 35.91 25.16
C ARG E 21 3.49 36.38 24.52
N VAL E 22 2.72 37.20 25.23
CA VAL E 22 1.51 37.78 24.65
C VAL E 22 1.85 38.53 23.38
N LEU E 23 2.89 39.36 23.44
CA LEU E 23 3.25 40.19 22.30
C LEU E 23 3.73 39.36 21.12
N THR E 24 4.55 38.33 21.35
CA THR E 24 4.99 37.54 20.20
C THR E 24 3.83 36.76 19.58
N ALA E 25 2.94 36.18 20.39
CA ALA E 25 1.77 35.51 19.83
C ALA E 25 0.89 36.47 19.05
N LEU E 26 0.66 37.67 19.60
CA LEU E 26 -0.16 38.66 18.91
C LEU E 26 0.48 39.10 17.60
N PHE E 27 1.81 39.23 17.59
CA PHE E 27 2.52 39.59 16.37
C PHE E 27 2.30 38.55 15.29
N ILE E 28 2.42 37.27 15.65
CA ILE E 28 2.22 36.20 14.67
C ILE E 28 0.78 36.22 14.15
N TYR E 29 -0.19 36.34 15.06
CA TYR E 29 -1.60 36.34 14.66
C TYR E 29 -1.91 37.49 13.71
N LEU E 30 -1.46 38.69 14.07
CA LEU E 30 -1.74 39.86 13.25
C LEU E 30 -1.06 39.78 11.89
N THR E 31 0.15 39.23 11.84
CA THR E 31 0.79 39.02 10.55
C THR E 31 -0.06 38.11 9.68
N VAL E 32 -0.55 37.00 10.26
CA VAL E 32 -1.37 36.08 9.47
C VAL E 32 -2.63 36.76 8.97
N ILE E 33 -3.29 37.54 9.81
CA ILE E 33 -4.54 38.19 9.40
C ILE E 33 -4.28 39.22 8.31
N ALA E 34 -3.21 40.00 8.46
CA ALA E 34 -2.88 41.00 7.44
C ALA E 34 -2.59 40.35 6.10
N LEU E 35 -1.83 39.25 6.11
CA LEU E 35 -1.58 38.52 4.88
C LEU E 35 -2.88 38.01 4.27
N LEU E 36 -3.77 37.46 5.10
CA LEU E 36 -5.05 36.97 4.62
C LEU E 36 -5.84 38.08 3.93
N ILE E 37 -5.90 39.27 4.54
CA ILE E 37 -6.69 40.36 3.98
C ILE E 37 -6.06 40.88 2.69
N HIS E 38 -4.74 41.09 2.69
CA HIS E 38 -4.07 41.56 1.48
C HIS E 38 -4.29 40.60 0.31
N PHE E 39 -4.08 39.31 0.55
CA PHE E 39 -4.27 38.32 -0.49
C PHE E 39 -5.72 38.24 -0.95
N GLY E 40 -6.66 38.30 -0.01
CA GLY E 40 -8.06 38.26 -0.38
C GLY E 40 -8.45 39.42 -1.26
N LEU E 41 -7.99 40.63 -0.92
CA LEU E 41 -8.24 41.77 -1.79
C LEU E 41 -7.59 41.58 -3.16
N LEU E 42 -6.36 41.08 -3.19
CA LEU E 42 -5.70 40.86 -4.48
C LEU E 42 -6.37 39.76 -5.30
N SER E 43 -7.18 38.92 -4.67
CA SER E 43 -7.92 37.87 -5.38
C SER E 43 -9.25 38.35 -5.95
N THR E 44 -9.59 39.62 -5.79
CA THR E 44 -10.79 40.21 -6.35
C THR E 44 -10.47 41.00 -7.62
N ASN E 45 -11.49 41.25 -8.42
CA ASN E 45 -11.34 42.17 -9.54
C ASN E 45 -11.54 43.61 -9.11
N ARG E 46 -12.46 43.85 -8.17
CA ARG E 46 -12.87 45.22 -7.86
C ARG E 46 -11.81 45.94 -7.03
N LEU E 47 -11.17 45.24 -6.09
CA LEU E 47 -10.29 45.90 -5.14
C LEU E 47 -8.82 45.52 -5.31
N ASN E 48 -8.47 44.78 -6.36
CA ASN E 48 -7.07 44.51 -6.65
C ASN E 48 -6.37 45.79 -7.11
N TRP E 49 -5.25 46.12 -6.47
CA TRP E 49 -4.49 47.31 -6.78
C TRP E 49 -3.19 47.02 -7.52
N TRP E 50 -2.87 45.76 -7.78
CA TRP E 50 -1.66 45.42 -8.53
C TRP E 50 -1.94 45.33 -10.03
N GLU E 51 -2.99 44.59 -10.40
CA GLU E 51 -3.28 44.26 -11.79
C GLU E 51 -4.02 45.39 -12.49
N PHE E 52 -4.05 45.31 -13.82
CA PHE E 52 -4.94 46.16 -14.60
C PHE E 52 -6.39 45.89 -14.19
N GLN E 53 -7.21 46.93 -14.27
CA GLN E 53 -8.60 46.79 -13.84
C GLN E 53 -9.34 45.80 -14.72
N ARG E 54 -9.79 44.71 -14.11
CA ARG E 54 -10.58 43.69 -14.78
C ARG E 54 -12.00 43.70 -14.20
N GLY E 55 -12.91 43.04 -14.92
CA GLY E 55 -14.24 42.84 -14.42
C GLY E 55 -15.22 43.98 -14.62
N LEU E 56 -14.87 45.00 -15.38
CA LEU E 56 -15.82 46.04 -15.74
C LEU E 56 -15.60 46.46 -17.18
N PRO E 57 -16.65 46.88 -17.90
CA PRO E 57 -16.52 47.37 -19.27
C PRO E 57 -16.00 48.80 -19.34
N PRO F 6 6.00 36.31 43.50
CA PRO F 6 4.89 35.36 43.54
C PRO F 6 4.05 35.34 42.25
N SER F 7 4.01 36.43 41.51
CA SER F 7 3.33 36.43 40.22
C SER F 7 4.03 35.47 39.26
N LEU F 8 3.25 34.75 38.47
CA LEU F 8 3.83 33.73 37.59
C LEU F 8 4.65 34.33 36.46
N THR F 9 4.51 35.62 36.20
CA THR F 9 5.32 36.28 35.18
C THR F 9 6.56 36.95 35.75
N GLY F 10 6.64 37.13 37.06
CA GLY F 10 7.75 37.80 37.68
C GLY F 10 7.64 39.31 37.75
N LEU F 11 6.59 39.89 37.18
CA LEU F 11 6.42 41.33 37.21
C LEU F 11 6.03 41.79 38.62
N THR F 12 6.35 43.05 38.93
CA THR F 12 6.37 43.53 40.30
C THR F 12 5.27 44.56 40.61
N GLU F 13 4.24 44.65 39.77
CA GLU F 13 3.13 45.58 39.95
C GLU F 13 3.56 47.01 39.67
N GLU F 14 4.86 47.23 39.50
CA GLU F 14 5.39 48.47 38.95
C GLU F 14 5.79 48.28 37.50
N GLU F 15 6.43 47.15 37.19
CA GLU F 15 6.62 46.77 35.79
C GLU F 15 5.29 46.52 35.12
N ALA F 16 4.33 45.93 35.83
CA ALA F 16 3.02 45.64 35.26
C ALA F 16 2.28 46.92 34.89
N LYS F 17 2.27 47.91 35.79
CA LYS F 17 1.62 49.19 35.48
C LYS F 17 2.30 49.90 34.34
N GLU F 18 3.63 49.88 34.31
CA GLU F 18 4.37 50.49 33.21
C GLU F 18 4.01 49.85 31.88
N PHE F 19 4.05 48.51 31.83
CA PHE F 19 3.72 47.83 30.59
C PHE F 19 2.28 48.06 30.20
N HIS F 20 1.37 48.11 31.17
CA HIS F 20 -0.03 48.34 30.83
C HIS F 20 -0.24 49.72 30.23
N SER F 21 0.39 50.74 30.81
CA SER F 21 0.29 52.08 30.23
C SER F 21 0.82 52.08 28.80
N VAL F 22 2.03 51.55 28.61
CA VAL F 22 2.64 51.57 27.28
C VAL F 22 1.80 50.79 26.29
N PHE F 23 1.32 49.61 26.70
CA PHE F 23 0.59 48.72 25.80
C PHE F 23 -0.77 49.28 25.43
N VAL F 24 -1.51 49.83 26.40
CA VAL F 24 -2.80 50.43 26.07
C VAL F 24 -2.62 51.62 25.16
N SER F 25 -1.63 52.48 25.45
CA SER F 25 -1.38 53.61 24.57
C SER F 25 -1.01 53.14 23.17
N SER F 26 -0.17 52.10 23.06
CA SER F 26 0.27 51.64 21.75
C SER F 26 -0.87 50.98 20.98
N MET F 27 -1.74 50.24 21.67
CA MET F 27 -2.89 49.65 21.00
C MET F 27 -3.83 50.73 20.48
N VAL F 28 -4.10 51.76 21.28
CA VAL F 28 -4.95 52.84 20.81
C VAL F 28 -4.30 53.58 19.65
N LEU F 29 -2.99 53.80 19.73
CA LEU F 29 -2.26 54.46 18.66
C LEU F 29 -2.32 53.66 17.36
N TYR F 30 -2.11 52.35 17.45
CA TYR F 30 -2.14 51.49 16.29
C TYR F 30 -3.53 51.47 15.67
N LEU F 31 -4.58 51.39 16.50
CA LEU F 31 -5.93 51.45 15.96
C LEU F 31 -6.21 52.78 15.28
N ALA F 32 -5.66 53.88 15.84
CA ALA F 32 -5.88 55.19 15.24
C ALA F 32 -5.22 55.31 13.88
N THR F 33 -3.95 54.87 13.77
CA THR F 33 -3.31 54.93 12.46
C THR F 33 -3.96 53.98 11.48
N ALA F 34 -4.50 52.86 11.96
CA ALA F 34 -5.28 52.00 11.09
C ALA F 34 -6.52 52.72 10.57
N VAL F 35 -7.18 53.49 11.44
CA VAL F 35 -8.34 54.27 11.03
C VAL F 35 -7.96 55.28 9.95
N ILE F 36 -6.84 55.97 10.14
CA ILE F 36 -6.42 56.98 9.16
C ILE F 36 -6.07 56.33 7.83
N VAL F 37 -5.35 55.21 7.87
CA VAL F 37 -5.02 54.48 6.65
C VAL F 37 -6.28 54.00 5.94
N HIS F 38 -7.27 53.54 6.71
CA HIS F 38 -8.52 53.11 6.10
C HIS F 38 -9.25 54.27 5.45
N TYR F 39 -9.23 55.45 6.06
CA TYR F 39 -9.84 56.62 5.43
C TYR F 39 -9.16 56.97 4.12
N LEU F 40 -7.82 56.92 4.10
CA LEU F 40 -7.11 57.17 2.85
C LEU F 40 -7.47 56.14 1.78
N VAL F 41 -7.54 54.86 2.17
CA VAL F 41 -7.94 53.83 1.22
C VAL F 41 -9.34 54.10 0.71
N TRP F 42 -10.24 54.54 1.59
CA TRP F 42 -11.60 54.84 1.17
C TRP F 42 -11.62 55.95 0.13
N THR F 43 -10.82 56.99 0.34
CA THR F 43 -10.71 58.03 -0.68
C THR F 43 -10.14 57.48 -1.97
N ALA F 44 -9.32 56.43 -1.90
CA ALA F 44 -8.87 55.78 -3.14
C ALA F 44 -9.95 54.87 -3.71
N ARG F 45 -10.47 53.95 -2.90
CA ARG F 45 -11.50 53.00 -3.32
C ARG F 45 -12.59 52.97 -2.25
N PRO F 46 -13.74 53.60 -2.50
CA PRO F 46 -14.85 53.46 -1.54
C PRO F 46 -15.44 52.07 -1.64
N TRP F 47 -15.12 51.22 -0.67
CA TRP F 47 -15.27 49.78 -0.89
C TRP F 47 -16.67 49.27 -0.57
N ILE F 48 -17.50 50.02 0.14
CA ILE F 48 -18.87 49.60 0.40
C ILE F 48 -19.75 50.37 -0.57
N ALA F 49 -20.15 49.69 -1.64
CA ALA F 49 -20.93 50.32 -2.69
C ALA F 49 -22.38 50.53 -2.24
N PRO F 50 -23.06 51.54 -2.77
CA PRO F 50 -24.49 51.68 -2.54
C PRO F 50 -25.25 50.46 -3.05
N ILE F 51 -26.44 50.27 -2.53
CA ILE F 51 -27.30 49.15 -2.93
C ILE F 51 -27.58 49.23 -4.42
N PRO F 52 -27.27 48.20 -5.20
CA PRO F 52 -27.60 48.23 -6.62
C PRO F 52 -29.11 48.14 -6.85
N LYS F 53 -29.52 48.52 -8.07
CA LYS F 53 -30.91 48.81 -8.35
C LYS F 53 -31.82 47.60 -8.10
N GLY F 54 -31.43 46.43 -8.59
CA GLY F 54 -32.26 45.26 -8.41
C GLY F 54 -32.04 44.49 -7.13
N TRP F 55 -31.31 45.04 -6.17
CA TRP F 55 -30.91 44.30 -4.98
C TRP F 55 -32.04 44.24 -3.96
N VAL F 56 -32.30 43.05 -3.44
CA VAL F 56 -33.25 42.89 -2.35
C VAL F 56 -32.76 41.81 -1.39
N GLN G 29 -16.70 59.72 -6.55
CA GLN G 29 -16.04 60.63 -5.61
C GLN G 29 -16.24 60.20 -4.17
N PRO G 30 -15.32 59.38 -3.65
CA PRO G 30 -15.38 58.97 -2.25
C PRO G 30 -15.02 60.11 -1.32
N SER G 31 -15.94 60.43 -0.40
CA SER G 31 -15.77 61.55 0.51
C SER G 31 -16.10 61.12 1.93
N ILE G 32 -15.95 62.08 2.86
CA ILE G 32 -16.29 61.87 4.26
C ILE G 32 -17.79 61.79 4.47
N THR G 33 -18.60 62.25 3.51
CA THR G 33 -20.05 62.22 3.64
C THR G 33 -20.68 60.97 3.06
N ASP G 34 -19.89 60.03 2.53
CA ASP G 34 -20.44 58.74 2.10
C ASP G 34 -20.99 58.01 3.31
N TRP G 35 -22.28 57.65 3.25
CA TRP G 35 -22.92 57.04 4.43
C TRP G 35 -22.25 55.72 4.80
N ASN G 36 -21.95 54.88 3.81
CA ASN G 36 -21.40 53.56 4.10
C ASN G 36 -20.04 53.62 4.75
N LEU G 37 -19.33 54.74 4.61
CA LEU G 37 -18.05 54.91 5.28
C LEU G 37 -18.20 54.84 6.80
N TRP G 38 -19.40 55.09 7.33
CA TRP G 38 -19.57 54.99 8.78
C TRP G 38 -19.41 53.55 9.25
N VAL G 39 -19.68 52.57 8.40
CA VAL G 39 -19.56 51.18 8.79
C VAL G 39 -18.12 50.82 9.13
N PRO G 40 -17.12 51.03 8.25
CA PRO G 40 -15.74 50.78 8.68
C PRO G 40 -15.30 51.67 9.82
N LEU G 41 -15.76 52.92 9.83
CA LEU G 41 -15.41 53.82 10.93
C LEU G 41 -16.02 53.36 12.25
N GLY G 42 -17.25 52.84 12.20
CA GLY G 42 -17.88 52.37 13.41
C GLY G 42 -17.21 51.15 14.01
N ILE G 43 -16.82 50.19 13.17
CA ILE G 43 -16.19 48.99 13.70
C ILE G 43 -14.80 49.29 14.22
N LEU G 44 -14.04 50.14 13.52
CA LEU G 44 -12.71 50.51 13.97
C LEU G 44 -12.76 51.54 15.10
N GLY G 45 -13.70 52.48 15.03
CA GLY G 45 -13.70 53.63 15.92
C GLY G 45 -14.29 53.42 17.30
N ILE G 46 -15.44 52.74 17.38
CA ILE G 46 -16.12 52.59 18.67
C ILE G 46 -15.25 51.86 19.68
N PRO G 47 -14.65 50.70 19.38
CA PRO G 47 -13.82 50.03 20.41
C PRO G 47 -12.62 50.86 20.81
N THR G 48 -11.95 51.50 19.85
CA THR G 48 -10.77 52.31 20.14
C THR G 48 -11.09 53.34 21.23
N ILE G 49 -12.32 53.83 21.24
CA ILE G 49 -12.72 54.76 22.29
C ILE G 49 -12.80 54.04 23.63
N TRP G 50 -13.64 53.00 23.72
CA TRP G 50 -13.82 52.42 25.05
C TRP G 50 -12.65 51.56 25.48
N ILE G 51 -11.85 51.06 24.53
CA ILE G 51 -10.58 50.44 24.91
C ILE G 51 -9.74 51.44 25.67
N ALA G 52 -9.71 52.69 25.21
CA ALA G 52 -8.95 53.70 25.92
C ALA G 52 -9.68 54.19 27.16
N LEU G 53 -10.99 53.96 27.26
CA LEU G 53 -11.77 54.49 28.39
C LEU G 53 -12.16 53.42 29.41
N LEU G 54 -11.76 52.17 29.21
CA LEU G 54 -12.04 51.12 30.18
C LEU G 54 -10.77 50.59 30.83
N TYR G 55 -9.81 50.11 30.03
CA TYR G 55 -8.64 49.45 30.57
C TYR G 55 -7.60 50.44 31.08
N ARG G 56 -7.48 51.58 30.42
CA ARG G 56 -6.57 52.63 30.87
C ARG G 56 -7.08 53.21 32.19
N SER H 8 -24.48 40.42 44.09
CA SER H 8 -24.52 39.03 43.63
C SER H 8 -23.14 38.39 43.67
N ALA H 9 -23.12 37.06 43.77
CA ALA H 9 -21.89 36.29 43.88
C ALA H 9 -21.40 35.75 42.54
N SER H 10 -21.81 36.36 41.43
CA SER H 10 -21.35 35.91 40.13
C SER H 10 -19.83 35.98 40.00
N TRP H 11 -19.19 36.94 40.67
CA TRP H 11 -17.75 37.06 40.62
C TRP H 11 -17.04 35.81 41.14
N LYS H 12 -17.71 35.01 41.97
CA LYS H 12 -17.14 33.78 42.46
C LYS H 12 -16.82 32.80 41.34
N LEU H 13 -17.42 32.99 40.16
CA LEU H 13 -17.03 32.21 38.99
C LEU H 13 -15.53 32.26 38.77
N TRP H 14 -14.91 33.42 39.00
CA TRP H 14 -13.49 33.58 38.76
C TRP H 14 -12.63 33.01 39.89
N LEU H 15 -13.23 32.39 40.89
CA LEU H 15 -12.48 31.62 41.87
C LEU H 15 -12.23 30.18 41.44
N ILE H 16 -12.87 29.73 40.36
CA ILE H 16 -12.77 28.34 39.94
C ILE H 16 -12.43 28.20 38.46
N LEU H 17 -12.55 29.29 37.69
CA LEU H 17 -12.57 29.18 36.23
C LEU H 17 -11.28 29.59 35.53
N ASP H 18 -10.30 30.17 36.23
CA ASP H 18 -9.00 30.46 35.65
C ASP H 18 -9.05 31.42 34.47
N PRO H 19 -9.13 32.72 34.71
CA PRO H 19 -9.13 33.72 33.63
C PRO H 19 -8.20 33.46 32.45
N ARG H 20 -7.04 32.83 32.69
CA ARG H 20 -6.11 32.58 31.59
C ARG H 20 -6.72 31.63 30.56
N ARG H 21 -7.21 30.47 31.01
CA ARG H 21 -7.80 29.50 30.10
C ARG H 21 -9.10 30.03 29.48
N VAL H 22 -9.92 30.74 30.26
CA VAL H 22 -11.15 31.31 29.73
C VAL H 22 -10.85 32.31 28.63
N LEU H 23 -9.88 33.21 28.87
CA LEU H 23 -9.55 34.21 27.87
C LEU H 23 -8.96 33.57 26.62
N THR H 24 -8.08 32.58 26.78
CA THR H 24 -7.58 31.85 25.60
C THR H 24 -8.73 31.28 24.79
N ALA H 25 -9.64 30.56 25.45
CA ALA H 25 -10.73 29.91 24.74
C ALA H 25 -11.61 30.93 24.03
N LEU H 26 -11.98 32.01 24.72
CA LEU H 26 -12.85 33.01 24.12
C LEU H 26 -12.18 33.72 22.95
N PHE H 27 -10.89 34.01 23.07
CA PHE H 27 -10.16 34.61 21.97
C PHE H 27 -10.21 33.71 20.73
N ILE H 28 -9.88 32.43 20.91
CA ILE H 28 -9.94 31.49 19.78
C ILE H 28 -11.35 31.46 19.20
N TYR H 29 -12.35 31.31 20.08
CA TYR H 29 -13.73 31.12 19.65
C TYR H 29 -14.23 32.30 18.83
N LEU H 30 -14.07 33.50 19.38
CA LEU H 30 -14.57 34.70 18.70
C LEU H 30 -13.83 34.96 17.40
N THR H 31 -12.51 34.76 17.39
CA THR H 31 -11.78 35.00 16.13
C THR H 31 -12.20 34.02 15.05
N VAL H 32 -12.32 32.73 15.40
CA VAL H 32 -12.75 31.74 14.41
C VAL H 32 -14.14 32.09 13.88
N ILE H 33 -15.05 32.48 14.77
CA ILE H 33 -16.41 32.76 14.33
C ILE H 33 -16.44 34.00 13.43
N ALA H 34 -15.67 35.03 13.78
CA ALA H 34 -15.60 36.22 12.92
C ALA H 34 -15.07 35.86 11.55
N LEU H 35 -13.99 35.07 11.49
CA LEU H 35 -13.45 34.66 10.20
C LEU H 35 -14.44 33.83 9.41
N LEU H 36 -15.14 32.92 10.10
CA LEU H 36 -16.15 32.09 9.45
C LEU H 36 -17.24 32.94 8.81
N ILE H 37 -17.75 33.92 9.56
CA ILE H 37 -18.83 34.76 9.04
C ILE H 37 -18.35 35.61 7.86
N HIS H 38 -17.16 36.20 7.97
CA HIS H 38 -16.63 37.00 6.87
C HIS H 38 -16.42 36.15 5.62
N PHE H 39 -15.82 34.97 5.78
CA PHE H 39 -15.64 34.05 4.64
C PHE H 39 -16.98 33.68 4.02
N GLY H 40 -17.95 33.31 4.86
CA GLY H 40 -19.23 32.87 4.36
C GLY H 40 -19.95 33.97 3.60
N LEU H 41 -19.89 35.20 4.10
CA LEU H 41 -20.53 36.31 3.40
C LEU H 41 -19.83 36.64 2.09
N LEU H 42 -18.48 36.62 2.10
CA LEU H 42 -17.76 36.87 0.86
C LEU H 42 -17.99 35.79 -0.18
N SER H 43 -18.38 34.59 0.23
CA SER H 43 -18.65 33.55 -0.75
C SER H 43 -19.97 33.75 -1.48
N THR H 44 -20.90 34.52 -0.92
CA THR H 44 -22.20 34.75 -1.53
C THR H 44 -22.12 35.79 -2.65
N ASN H 45 -23.16 35.79 -3.49
CA ASN H 45 -23.35 36.88 -4.44
C ASN H 45 -24.01 38.08 -3.79
N ARG H 46 -25.03 37.84 -2.98
CA ARG H 46 -25.88 38.91 -2.48
C ARG H 46 -25.17 39.80 -1.47
N LEU H 47 -24.31 39.21 -0.62
CA LEU H 47 -23.74 39.94 0.49
C LEU H 47 -22.22 40.11 0.43
N ASN H 48 -21.58 39.72 -0.67
CA ASN H 48 -20.17 40.06 -0.85
C ASN H 48 -20.03 41.56 -1.06
N TRP H 49 -19.19 42.21 -0.26
CA TRP H 49 -18.96 43.65 -0.36
C TRP H 49 -17.63 44.01 -1.00
N TRP H 50 -16.81 43.02 -1.34
CA TRP H 50 -15.53 43.27 -1.98
C TRP H 50 -15.66 43.36 -3.51
N GLU H 51 -16.23 42.32 -4.11
CA GLU H 51 -16.26 42.17 -5.56
C GLU H 51 -17.32 43.08 -6.18
N PHE H 52 -17.22 43.26 -7.49
CA PHE H 52 -18.33 43.82 -8.25
C PHE H 52 -19.57 42.97 -8.04
N GLN H 53 -20.72 43.61 -7.95
CA GLN H 53 -21.97 42.90 -7.67
C GLN H 53 -22.28 41.93 -8.80
N ARG H 54 -22.60 40.69 -8.44
CA ARG H 54 -23.09 39.72 -9.40
C ARG H 54 -24.32 39.02 -8.83
N GLY H 55 -24.92 38.16 -9.64
CA GLY H 55 -26.20 37.59 -9.31
C GLY H 55 -27.38 38.47 -9.61
N LEU H 56 -27.16 39.63 -10.22
CA LEU H 56 -28.23 40.53 -10.64
C LEU H 56 -28.25 40.65 -12.16
N PRO H 57 -29.42 40.92 -12.76
CA PRO H 57 -29.52 41.11 -14.21
C PRO H 57 -29.06 42.49 -14.65
N PRO I 6 -7.86 29.69 49.80
CA PRO I 6 -7.31 28.91 48.70
C PRO I 6 -8.25 28.83 47.49
N SER I 7 -7.94 29.57 46.44
CA SER I 7 -8.74 29.55 45.23
C SER I 7 -8.08 28.67 44.18
N LEU I 8 -8.91 28.05 43.34
CA LEU I 8 -8.39 27.24 42.25
C LEU I 8 -7.67 28.09 41.22
N THR I 9 -8.05 29.34 41.06
CA THR I 9 -7.46 30.19 40.03
C THR I 9 -6.25 30.97 40.52
N GLY I 10 -5.97 30.95 41.82
CA GLY I 10 -4.90 31.73 42.39
C GLY I 10 -5.27 33.16 42.69
N LEU I 11 -6.43 33.63 42.22
CA LEU I 11 -6.89 34.98 42.52
C LEU I 11 -7.43 35.06 43.94
N THR I 12 -7.18 36.18 44.60
CA THR I 12 -7.84 36.45 45.86
C THR I 12 -9.28 36.86 45.59
N GLU I 13 -10.04 37.08 46.66
CA GLU I 13 -11.42 37.52 46.52
C GLU I 13 -11.50 38.87 45.82
N GLU I 14 -10.61 39.80 46.20
CA GLU I 14 -10.63 41.13 45.61
C GLU I 14 -10.23 41.10 44.13
N GLU I 15 -9.23 40.29 43.79
CA GLU I 15 -8.87 40.16 42.38
C GLU I 15 -9.97 39.48 41.58
N ALA I 16 -10.67 38.52 42.18
CA ALA I 16 -11.81 37.92 41.50
C ALA I 16 -12.90 38.96 41.21
N LYS I 17 -13.18 39.84 42.18
CA LYS I 17 -14.20 40.87 41.96
C LYS I 17 -13.74 41.89 40.92
N GLU I 18 -12.48 42.29 40.96
CA GLU I 18 -11.96 43.24 39.97
C GLU I 18 -12.02 42.64 38.57
N PHE I 19 -11.60 41.38 38.44
CA PHE I 19 -11.65 40.72 37.14
C PHE I 19 -13.09 40.58 36.68
N HIS I 20 -14.01 40.26 37.59
CA HIS I 20 -15.40 40.12 37.19
C HIS I 20 -15.93 41.42 36.64
N SER I 21 -15.63 42.54 37.31
CA SER I 21 -16.11 43.83 36.83
C SER I 21 -15.54 44.15 35.46
N VAL I 22 -14.23 43.96 35.27
CA VAL I 22 -13.62 44.26 33.98
C VAL I 22 -14.17 43.33 32.90
N PHE I 23 -14.31 42.05 33.20
CA PHE I 23 -14.79 41.08 32.21
C PHE I 23 -16.21 41.41 31.77
N VAL I 24 -17.10 41.67 32.72
CA VAL I 24 -18.48 41.96 32.35
C VAL I 24 -18.56 43.28 31.59
N SER I 25 -17.78 44.29 32.01
CA SER I 25 -17.78 45.55 31.26
C SER I 25 -17.30 45.34 29.83
N SER I 26 -16.21 44.57 29.65
CA SER I 26 -15.69 44.33 28.32
C SER I 26 -16.68 43.57 27.46
N MET I 27 -17.31 42.53 28.02
CA MET I 27 -18.28 41.77 27.26
C MET I 27 -19.47 42.62 26.85
N VAL I 28 -19.99 43.43 27.77
CA VAL I 28 -21.15 44.27 27.47
C VAL I 28 -20.79 45.30 26.41
N LEU I 29 -19.62 45.93 26.52
CA LEU I 29 -19.22 46.91 25.52
C LEU I 29 -19.02 46.26 24.16
N TYR I 30 -18.43 45.07 24.13
CA TYR I 30 -18.25 44.35 22.88
C TYR I 30 -19.60 44.04 22.21
N LEU I 31 -20.56 43.57 23.01
CA LEU I 31 -21.88 43.26 22.45
C LEU I 31 -22.63 44.53 22.03
N ALA I 32 -22.46 45.64 22.76
CA ALA I 32 -23.15 46.88 22.41
C ALA I 32 -22.59 47.47 21.12
N THR I 33 -21.26 47.47 20.96
CA THR I 33 -20.72 47.92 19.69
C THR I 33 -21.09 46.95 18.56
N ALA I 34 -21.26 45.66 18.87
CA ALA I 34 -21.77 44.74 17.88
C ALA I 34 -23.18 45.11 17.43
N VAL I 35 -24.04 45.47 18.39
CA VAL I 35 -25.42 45.86 18.05
C VAL I 35 -25.41 47.11 17.17
N ILE I 36 -24.62 48.11 17.54
CA ILE I 36 -24.52 49.34 16.77
C ILE I 36 -23.99 49.07 15.36
N VAL I 37 -22.96 48.24 15.27
CA VAL I 37 -22.35 47.93 13.98
C VAL I 37 -23.33 47.16 13.10
N HIS I 38 -24.10 46.24 13.70
CA HIS I 38 -25.11 45.52 12.94
C HIS I 38 -26.17 46.47 12.40
N TYR I 39 -26.54 47.49 13.19
CA TYR I 39 -27.49 48.49 12.67
C TYR I 39 -26.91 49.25 11.48
N LEU I 40 -25.64 49.68 11.59
CA LEU I 40 -25.02 50.39 10.49
C LEU I 40 -24.93 49.52 9.23
N VAL I 41 -24.56 48.26 9.39
CA VAL I 41 -24.50 47.33 8.27
C VAL I 41 -25.89 47.16 7.66
N TRP I 42 -26.92 47.04 8.50
CA TRP I 42 -28.28 46.95 8.00
C TRP I 42 -28.61 48.14 7.12
N THR I 43 -28.21 49.34 7.54
CA THR I 43 -28.42 50.51 6.67
C THR I 43 -27.64 50.37 5.37
N ALA I 44 -26.50 49.67 5.40
CA ALA I 44 -25.80 49.40 4.14
C ALA I 44 -26.47 48.28 3.35
N ARG I 45 -26.76 47.15 3.98
CA ARG I 45 -27.40 46.00 3.32
C ARG I 45 -28.41 45.39 4.28
N PRO I 46 -29.70 45.63 4.08
CA PRO I 46 -30.69 44.94 4.92
C PRO I 46 -30.78 43.47 4.55
N TRP I 47 -30.19 42.61 5.37
CA TRP I 47 -29.86 41.27 4.90
C TRP I 47 -31.02 40.29 4.97
N ILE I 48 -32.00 40.53 5.85
CA ILE I 48 -33.18 39.68 5.92
C ILE I 48 -34.24 40.30 5.01
N ALA I 49 -34.41 39.74 3.83
CA ALA I 49 -35.38 40.24 2.89
C ALA I 49 -36.79 39.94 3.39
N PRO I 50 -37.77 40.79 3.06
CA PRO I 50 -39.15 40.45 3.35
C PRO I 50 -39.59 39.24 2.53
N ILE I 51 -40.62 38.56 3.04
CA ILE I 51 -41.21 37.38 2.40
C ILE I 51 -41.49 37.68 0.94
N PRO I 52 -40.82 37.00 0.01
CA PRO I 52 -41.08 37.23 -1.42
C PRO I 52 -42.47 36.80 -1.86
N LYS I 53 -42.79 37.04 -3.13
CA LYS I 53 -44.17 36.96 -3.60
C LYS I 53 -44.75 35.55 -3.47
N GLY I 54 -44.05 34.55 -4.01
CA GLY I 54 -44.62 33.22 -4.02
C GLY I 54 -44.09 32.29 -2.93
N TRP I 55 -43.92 32.81 -1.72
CA TRP I 55 -43.26 32.10 -0.64
C TRP I 55 -44.29 31.53 0.32
N VAL I 56 -44.27 30.22 0.53
CA VAL I 56 -45.12 29.58 1.52
C VAL I 56 -44.25 28.69 2.41
N TYR J 22 -37.33 49.37 4.04
CA TYR J 22 -38.64 49.34 3.41
C TYR J 22 -38.50 49.61 1.91
N PHE J 23 -39.51 49.20 1.15
CA PHE J 23 -39.49 49.43 -0.29
C PHE J 23 -39.92 50.85 -0.61
N ALA J 24 -39.24 51.46 -1.57
CA ALA J 24 -39.64 52.77 -2.07
C ALA J 24 -40.70 52.59 -3.15
N ALA J 25 -40.99 53.67 -3.88
CA ALA J 25 -42.02 53.62 -4.91
C ALA J 25 -41.65 52.66 -6.03
N ASP J 26 -40.39 52.65 -6.44
CA ASP J 26 -39.92 51.82 -7.55
C ASP J 26 -39.39 50.46 -7.09
N GLY J 27 -39.87 49.97 -5.96
CA GLY J 27 -39.40 48.70 -5.46
C GLY J 27 -38.01 48.71 -4.86
N SER J 28 -37.42 49.90 -4.67
CA SER J 28 -36.04 50.01 -4.24
C SER J 28 -35.96 50.03 -2.72
N VAL J 29 -34.84 49.53 -2.21
CA VAL J 29 -34.65 49.34 -0.78
C VAL J 29 -34.19 50.65 -0.13
N VAL J 30 -34.90 51.05 0.91
CA VAL J 30 -34.44 52.13 1.79
C VAL J 30 -34.43 51.58 3.22
N PRO J 31 -33.30 51.08 3.71
CA PRO J 31 -33.28 50.53 5.07
C PRO J 31 -33.55 51.59 6.12
N SER J 32 -34.13 51.16 7.23
CA SER J 32 -34.41 52.07 8.34
C SER J 32 -34.61 51.24 9.62
N ILE J 33 -34.70 51.94 10.74
CA ILE J 33 -34.98 51.29 12.02
C ILE J 33 -36.36 50.67 12.05
N THR J 34 -37.28 51.12 11.20
CA THR J 34 -38.65 50.63 11.25
C THR J 34 -38.85 49.33 10.49
N ASP J 35 -37.86 48.86 9.74
CA ASP J 35 -37.95 47.54 9.12
C ASP J 35 -38.14 46.48 10.20
N ALA J 36 -39.26 45.76 10.11
CA ALA J 36 -39.56 44.76 11.14
C ALA J 36 -38.46 43.70 11.21
N ASN J 37 -37.96 43.27 10.06
CA ASN J 37 -36.94 42.22 10.04
C ASN J 37 -35.68 42.65 10.77
N LEU J 38 -35.37 43.94 10.79
CA LEU J 38 -34.21 44.44 11.51
C LEU J 38 -34.26 44.08 12.99
N TRP J 39 -35.43 43.85 13.54
CA TRP J 39 -35.52 43.53 14.95
C TRP J 39 -35.26 42.06 15.24
N VAL J 40 -34.99 41.24 14.23
CA VAL J 40 -34.53 39.89 14.50
C VAL J 40 -33.07 39.94 14.97
N PRO J 41 -32.12 40.54 14.23
CA PRO J 41 -30.75 40.61 14.76
C PRO J 41 -30.65 41.42 16.04
N LEU J 42 -31.24 42.61 16.06
CA LEU J 42 -31.19 43.43 17.27
C LEU J 42 -31.73 42.66 18.46
N GLY J 43 -32.90 42.04 18.30
CA GLY J 43 -33.44 41.20 19.36
C GLY J 43 -32.47 40.12 19.80
N ILE J 44 -31.84 39.44 18.84
CA ILE J 44 -30.90 38.40 19.22
C ILE J 44 -29.68 39.00 19.89
N LEU J 45 -29.25 40.19 19.45
CA LEU J 45 -28.05 40.76 20.02
C LEU J 45 -28.35 41.66 21.21
N GLY J 46 -29.40 42.47 21.11
CA GLY J 46 -29.70 43.41 22.17
C GLY J 46 -30.18 42.75 23.45
N ILE J 47 -31.06 41.74 23.34
CA ILE J 47 -31.71 41.19 24.52
C ILE J 47 -30.71 40.54 25.48
N PRO J 48 -29.85 39.60 25.06
CA PRO J 48 -28.84 39.09 26.01
C PRO J 48 -27.95 40.19 26.55
N THR J 49 -27.52 41.11 25.69
CA THR J 49 -26.64 42.19 26.13
C THR J 49 -27.23 42.93 27.32
N ILE J 50 -28.55 43.12 27.32
CA ILE J 50 -29.19 43.75 28.45
C ILE J 50 -29.14 42.85 29.67
N TRP J 51 -29.63 41.62 29.55
CA TRP J 51 -29.75 40.84 30.76
C TRP J 51 -28.42 40.21 31.18
N ILE J 52 -27.42 40.19 30.30
CA ILE J 52 -26.06 39.90 30.75
C ILE J 52 -25.54 41.07 31.58
N ALA J 53 -25.87 42.30 31.18
CA ALA J 53 -25.41 43.46 31.93
C ALA J 53 -26.02 43.52 33.32
N LEU J 54 -27.24 43.01 33.48
CA LEU J 54 -27.98 43.14 34.72
C LEU J 54 -27.85 41.94 35.64
N LEU J 55 -27.84 40.73 35.10
CA LEU J 55 -27.87 39.53 35.93
C LEU J 55 -26.56 39.35 36.70
N TYR J 56 -25.43 39.55 36.04
CA TYR J 56 -24.13 39.28 36.64
C TYR J 56 -23.48 40.50 37.26
N ARG J 57 -24.16 41.64 37.25
CA ARG J 57 -23.61 42.86 37.83
C ARG J 57 -23.23 42.65 39.29
N SER K 8 -36.11 22.50 48.36
CA SER K 8 -35.44 22.05 47.16
C SER K 8 -34.01 21.59 47.46
N ALA K 9 -33.55 20.59 46.71
CA ALA K 9 -32.21 20.02 46.90
C ALA K 9 -31.42 19.95 45.60
N SER K 10 -31.91 20.56 44.52
CA SER K 10 -31.25 20.43 43.23
C SER K 10 -29.83 20.99 43.25
N TRP K 11 -29.59 22.00 44.09
CA TRP K 11 -28.26 22.60 44.17
C TRP K 11 -27.20 21.56 44.54
N LYS K 12 -27.59 20.51 45.25
CA LYS K 12 -26.63 19.48 45.64
C LYS K 12 -26.04 18.76 44.45
N LEU K 13 -26.65 18.86 43.27
CA LEU K 13 -26.05 18.32 42.07
C LEU K 13 -24.63 18.86 41.89
N TRP K 14 -24.44 20.16 42.18
CA TRP K 14 -23.13 20.76 41.96
C TRP K 14 -22.10 20.27 42.97
N LEU K 15 -22.52 19.55 44.00
CA LEU K 15 -21.58 18.91 44.90
C LEU K 15 -20.99 17.62 44.34
N ILE K 16 -21.52 17.11 43.23
CA ILE K 16 -20.98 15.87 42.67
C ILE K 16 -20.69 15.98 41.18
N LEU K 17 -21.18 17.03 40.53
CA LEU K 17 -21.17 17.07 39.07
C LEU K 17 -20.16 18.05 38.46
N ASP K 18 -19.44 18.84 39.25
CA ASP K 18 -18.42 19.75 38.73
C ASP K 18 -18.99 20.81 37.79
N PRO K 19 -19.54 21.89 38.34
CA PRO K 19 -20.11 22.98 37.52
C PRO K 19 -19.34 23.33 36.25
N ARG K 20 -18.01 23.33 36.31
CA ARG K 20 -17.21 23.72 35.15
C ARG K 20 -17.37 22.73 34.00
N ARG K 21 -17.43 21.44 34.32
CA ARG K 21 -17.64 20.44 33.28
C ARG K 21 -18.96 20.67 32.56
N VAL K 22 -20.02 20.95 33.31
CA VAL K 22 -21.31 21.23 32.71
C VAL K 22 -21.24 22.49 31.86
N LEU K 23 -20.57 23.53 32.36
CA LEU K 23 -20.51 24.79 31.62
C LEU K 23 -19.77 24.63 30.29
N THR K 24 -18.59 24.01 30.33
CA THR K 24 -17.82 23.83 29.10
C THR K 24 -18.50 22.86 28.14
N ALA K 25 -19.09 21.78 28.67
CA ALA K 25 -19.81 20.85 27.81
C ALA K 25 -20.99 21.53 27.13
N LEU K 26 -21.74 22.34 27.88
CA LEU K 26 -22.85 23.06 27.27
C LEU K 26 -22.36 24.07 26.25
N PHE K 27 -21.26 24.75 26.53
CA PHE K 27 -20.70 25.71 25.58
C PHE K 27 -20.39 25.03 24.25
N ILE K 28 -19.62 23.95 24.28
CA ILE K 28 -19.24 23.25 23.06
C ILE K 28 -20.48 22.67 22.38
N TYR K 29 -21.35 22.05 23.15
CA TYR K 29 -22.52 21.35 22.61
C TYR K 29 -23.48 22.33 21.94
N LEU K 30 -23.79 23.43 22.60
CA LEU K 30 -24.70 24.40 22.01
C LEU K 30 -24.05 25.14 20.85
N THR K 31 -22.73 25.31 20.88
CA THR K 31 -22.06 25.86 19.70
C THR K 31 -22.24 24.93 18.50
N VAL K 32 -22.02 23.64 18.70
CA VAL K 32 -22.17 22.68 17.61
C VAL K 32 -23.61 22.65 17.10
N ILE K 33 -24.58 22.66 18.03
CA ILE K 33 -25.99 22.64 17.60
C ILE K 33 -26.35 23.92 16.85
N ALA K 34 -25.90 25.07 17.34
CA ALA K 34 -26.20 26.32 16.67
C ALA K 34 -25.59 26.37 15.28
N LEU K 35 -24.36 25.89 15.14
CA LEU K 35 -23.75 25.82 13.81
C LEU K 35 -24.51 24.87 12.91
N LEU K 36 -24.91 23.70 13.43
CA LEU K 36 -25.70 22.78 12.64
C LEU K 36 -26.97 23.44 12.12
N ILE K 37 -27.69 24.14 13.00
CA ILE K 37 -28.95 24.75 12.58
C ILE K 37 -28.72 25.86 11.56
N HIS K 38 -27.77 26.76 11.83
CA HIS K 38 -27.51 27.86 10.89
C HIS K 38 -27.08 27.33 9.52
N PHE K 39 -26.13 26.40 9.50
CA PHE K 39 -25.66 25.84 8.24
C PHE K 39 -26.77 25.07 7.52
N GLY K 40 -27.56 24.29 8.26
CA GLY K 40 -28.64 23.56 7.63
C GLY K 40 -29.69 24.46 7.02
N LEU K 41 -30.05 25.53 7.74
CA LEU K 41 -30.98 26.51 7.18
C LEU K 41 -30.40 27.17 5.94
N LEU K 42 -29.13 27.58 5.98
CA LEU K 42 -28.52 28.16 4.80
C LEU K 42 -28.45 27.17 3.64
N SER K 43 -28.45 25.87 3.93
CA SER K 43 -28.46 24.87 2.86
C SER K 43 -29.79 24.82 2.11
N THR K 44 -30.87 25.31 2.69
CA THR K 44 -32.18 25.25 2.04
C THR K 44 -32.34 26.40 1.05
N ASN K 45 -33.35 26.25 0.18
CA ASN K 45 -33.79 27.36 -0.66
C ASN K 45 -34.79 28.24 0.07
N ARG K 46 -35.70 27.62 0.83
CA ARG K 46 -36.80 28.34 1.45
C ARG K 46 -36.36 29.21 2.61
N LEU K 47 -35.34 28.78 3.36
CA LEU K 47 -34.98 29.44 4.60
C LEU K 47 -33.58 30.04 4.60
N ASN K 48 -32.87 30.01 3.48
CA ASN K 48 -31.60 30.72 3.37
C ASN K 48 -31.86 32.22 3.33
N TRP K 49 -31.21 32.96 4.23
CA TRP K 49 -31.39 34.40 4.33
C TRP K 49 -30.19 35.20 3.86
N TRP K 50 -29.16 34.56 3.33
CA TRP K 50 -27.97 35.25 2.84
C TRP K 50 -28.02 35.52 1.34
N GLU K 51 -28.27 34.49 0.55
CA GLU K 51 -28.23 34.56 -0.90
C GLU K 51 -29.55 35.12 -1.44
N PHE K 52 -29.54 35.52 -2.72
CA PHE K 52 -30.77 35.86 -3.40
C PHE K 52 -31.71 34.67 -3.40
N GLN K 53 -33.01 34.95 -3.29
CA GLN K 53 -34.00 33.88 -3.11
C GLN K 53 -33.96 32.90 -4.28
N ARG K 54 -33.95 31.62 -3.95
CA ARG K 54 -33.91 30.55 -4.93
C ARG K 54 -35.10 29.62 -4.73
N GLY K 55 -35.38 28.82 -5.75
CA GLY K 55 -36.47 27.88 -5.66
C GLY K 55 -37.84 28.50 -5.66
N LEU K 56 -37.99 29.71 -6.20
CA LEU K 56 -39.27 30.39 -6.28
C LEU K 56 -39.44 30.90 -7.70
N PRO K 57 -40.47 30.47 -8.43
CA PRO K 57 -40.67 30.93 -9.80
C PRO K 57 -41.12 32.38 -9.88
N THR L 9 -10.31 22.29 48.72
CA THR L 9 -10.63 23.11 47.56
C THR L 9 -12.05 22.85 47.09
N GLY L 10 -12.65 21.81 47.64
CA GLY L 10 -13.97 21.39 47.17
C GLY L 10 -15.02 22.47 47.37
N LEU L 11 -16.03 22.43 46.50
CA LEU L 11 -17.13 23.39 46.59
C LEU L 11 -17.85 23.25 47.93
N THR L 12 -18.25 24.38 48.50
CA THR L 12 -19.00 24.37 49.74
C THR L 12 -20.49 24.42 49.45
N GLU L 13 -21.29 24.20 50.50
CA GLU L 13 -22.75 24.26 50.35
C GLU L 13 -23.20 25.66 49.95
N GLU L 14 -22.62 26.69 50.57
CA GLU L 14 -22.98 28.06 50.21
C GLU L 14 -22.64 28.34 48.75
N GLU L 15 -21.42 27.97 48.34
CA GLU L 15 -21.02 28.17 46.96
C GLU L 15 -21.87 27.36 46.00
N ALA L 16 -22.25 26.14 46.40
CA ALA L 16 -23.11 25.31 45.56
C ALA L 16 -24.48 25.96 45.37
N LYS L 17 -25.07 26.48 46.44
CA LYS L 17 -26.36 27.16 46.33
C LYS L 17 -26.26 28.40 45.46
N GLU L 18 -25.21 29.20 45.64
CA GLU L 18 -25.05 30.40 44.84
C GLU L 18 -24.91 30.07 43.36
N PHE L 19 -24.04 29.11 43.04
CA PHE L 19 -23.88 28.71 41.65
C PHE L 19 -25.18 28.18 41.09
N HIS L 20 -25.91 27.37 41.85
CA HIS L 20 -27.14 26.79 41.34
C HIS L 20 -28.16 27.87 41.04
N SER L 21 -28.30 28.84 41.94
CA SER L 21 -29.23 29.94 41.71
C SER L 21 -28.88 30.68 40.42
N VAL L 22 -27.61 31.06 40.27
CA VAL L 22 -27.23 31.83 39.09
C VAL L 22 -27.34 30.98 37.83
N PHE L 23 -27.00 29.69 37.92
CA PHE L 23 -27.06 28.82 36.76
C PHE L 23 -28.49 28.67 36.27
N VAL L 24 -29.43 28.43 37.20
CA VAL L 24 -30.83 28.31 36.82
C VAL L 24 -31.33 29.61 36.24
N SER L 25 -30.96 30.74 36.85
CA SER L 25 -31.38 32.03 36.29
C SER L 25 -30.85 32.23 34.88
N SER L 26 -29.58 31.91 34.65
CA SER L 26 -28.98 32.07 33.33
C SER L 26 -29.65 31.16 32.31
N MET L 27 -29.88 29.90 32.67
CA MET L 27 -30.52 28.97 31.73
C MET L 27 -31.93 29.41 31.40
N VAL L 28 -32.70 29.83 32.40
CA VAL L 28 -34.07 30.29 32.14
C VAL L 28 -34.06 31.55 31.28
N LEU L 29 -33.15 32.49 31.56
CA LEU L 29 -33.07 33.69 30.74
C LEU L 29 -32.70 33.36 29.30
N TYR L 30 -31.75 32.44 29.12
CA TYR L 30 -31.38 32.01 27.78
C TYR L 30 -32.56 31.38 27.03
N LEU L 31 -33.32 30.50 27.71
CA LEU L 31 -34.45 29.87 27.06
C LEU L 31 -35.55 30.88 26.74
N ALA L 32 -35.77 31.86 27.62
CA ALA L 32 -36.80 32.86 27.37
C ALA L 32 -36.45 33.77 26.22
N THR L 33 -35.18 34.22 26.14
CA THR L 33 -34.78 35.00 24.97
C THR L 33 -34.83 34.17 23.71
N ALA L 34 -34.57 32.85 23.79
CA ALA L 34 -34.77 32.00 22.63
C ALA L 34 -36.22 31.98 22.20
N VAL L 35 -37.15 31.93 23.16
CA VAL L 35 -38.57 31.95 22.82
C VAL L 35 -38.94 33.24 22.08
N ILE L 36 -38.51 34.38 22.63
CA ILE L 36 -38.82 35.66 22.00
C ILE L 36 -38.20 35.74 20.60
N VAL L 37 -36.95 35.29 20.49
CA VAL L 37 -36.24 35.33 19.22
C VAL L 37 -36.95 34.47 18.18
N HIS L 38 -37.46 33.30 18.60
CA HIS L 38 -38.19 32.45 17.68
C HIS L 38 -39.49 33.10 17.23
N TYR L 39 -40.15 33.84 18.12
CA TYR L 39 -41.32 34.59 17.69
C TYR L 39 -40.97 35.63 16.63
N LEU L 40 -39.87 36.37 16.85
CA LEU L 40 -39.46 37.37 15.86
C LEU L 40 -39.10 36.72 14.52
N VAL L 41 -38.39 35.60 14.57
CA VAL L 41 -38.03 34.88 13.35
C VAL L 41 -39.27 34.39 12.63
N TRP L 42 -40.27 33.93 13.39
CA TRP L 42 -41.55 33.55 12.79
C TRP L 42 -42.18 34.72 12.07
N THR L 43 -42.17 35.91 12.68
CA THR L 43 -42.69 37.08 11.98
C THR L 43 -41.90 37.37 10.71
N ALA L 44 -40.61 37.03 10.69
CA ALA L 44 -39.84 37.19 9.46
C ALA L 44 -40.08 36.02 8.49
N ARG L 45 -40.10 34.79 9.00
CA ARG L 45 -40.28 33.60 8.16
C ARG L 45 -41.16 32.61 8.92
N PRO L 46 -42.43 32.49 8.56
CA PRO L 46 -43.26 31.45 9.18
C PRO L 46 -42.88 30.07 8.66
N TRP L 47 -42.15 29.31 9.45
CA TRP L 47 -41.39 28.21 8.89
C TRP L 47 -42.14 26.88 8.87
N ILE L 48 -43.15 26.68 9.71
CA ILE L 48 -43.97 25.48 9.63
C ILE L 48 -45.19 25.83 8.79
N ALA L 49 -45.12 25.51 7.51
CA ALA L 49 -46.21 25.85 6.58
C ALA L 49 -47.46 25.04 6.89
N PRO L 50 -48.64 25.56 6.53
CA PRO L 50 -49.86 24.76 6.67
C PRO L 50 -49.84 23.55 5.74
N ILE L 51 -50.69 22.59 6.06
CA ILE L 51 -50.81 21.35 5.28
C ILE L 51 -51.14 21.72 3.83
N PRO L 52 -50.34 21.30 2.87
CA PRO L 52 -50.64 21.61 1.46
C PRO L 52 -51.89 20.88 0.97
N LYS L 53 -52.29 21.23 -0.25
CA LYS L 53 -53.57 20.78 -0.79
C LYS L 53 -53.64 19.25 -0.86
N GLY L 54 -52.65 18.61 -1.47
CA GLY L 54 -52.70 17.19 -1.67
C GLY L 54 -52.07 16.36 -0.56
N TRP L 55 -51.72 16.98 0.55
CA TRP L 55 -50.95 16.30 1.58
C TRP L 55 -51.82 15.31 2.34
N VAL L 56 -51.35 14.07 2.43
CA VAL L 56 -51.98 13.05 3.27
C VAL L 56 -50.86 12.33 4.04
N TYR M 22 -51.18 33.45 8.73
CA TYR M 22 -52.26 33.05 7.84
C TYR M 22 -52.02 33.56 6.42
N PHE M 23 -52.88 33.17 5.49
CA PHE M 23 -52.78 33.62 4.11
C PHE M 23 -53.57 34.91 3.91
N ALA M 24 -53.01 35.81 3.12
CA ALA M 24 -53.68 37.08 2.83
C ALA M 24 -54.71 36.89 1.73
N ALA M 25 -55.35 38.00 1.33
CA ALA M 25 -56.39 37.94 0.31
C ALA M 25 -55.85 37.59 -1.07
N ASP M 26 -54.53 37.64 -1.26
CA ASP M 26 -53.90 37.27 -2.52
C ASP M 26 -53.09 35.99 -2.41
N GLY M 27 -53.18 35.30 -1.28
CA GLY M 27 -52.40 34.10 -1.04
C GLY M 27 -51.08 34.32 -0.36
N SER M 28 -50.64 35.57 -0.22
CA SER M 28 -49.39 35.84 0.47
C SER M 28 -49.55 35.58 1.97
N VAL M 29 -48.49 35.09 2.58
CA VAL M 29 -48.54 34.72 3.99
C VAL M 29 -48.32 35.96 4.85
N VAL M 30 -49.13 36.09 5.90
CA VAL M 30 -48.98 37.15 6.88
C VAL M 30 -48.72 36.51 8.23
N PRO M 31 -47.46 36.46 8.65
CA PRO M 31 -47.14 35.85 9.96
C PRO M 31 -47.79 36.63 11.09
N SER M 32 -48.24 35.90 12.10
CA SER M 32 -48.87 36.53 13.25
C SER M 32 -48.78 35.60 14.45
N ILE M 33 -49.04 36.17 15.62
CA ILE M 33 -49.04 35.40 16.87
C ILE M 33 -50.16 34.37 16.88
N THR M 34 -51.21 34.59 16.10
CA THR M 34 -52.35 33.68 16.07
C THR M 34 -52.13 32.45 15.19
N ASP M 35 -51.00 32.37 14.48
CA ASP M 35 -50.73 31.21 13.63
C ASP M 35 -50.67 29.94 14.47
N ALA M 36 -51.45 28.94 14.08
CA ALA M 36 -51.55 27.72 14.88
C ALA M 36 -50.22 26.99 14.95
N ASN M 37 -49.52 26.87 13.82
CA ASN M 37 -48.27 26.13 13.81
C ASN M 37 -47.18 26.81 14.62
N LEU M 38 -47.26 28.12 14.83
CA LEU M 38 -46.26 28.82 15.64
C LEU M 38 -46.23 28.30 17.07
N TRP M 39 -47.29 27.67 17.54
CA TRP M 39 -47.31 27.15 18.89
C TRP M 39 -46.65 25.78 18.99
N VAL M 40 -46.17 25.22 17.90
CA VAL M 40 -45.29 24.06 18.01
C VAL M 40 -43.94 24.51 18.56
N PRO M 41 -43.20 25.43 17.91
CA PRO M 41 -41.91 25.83 18.51
C PRO M 41 -42.07 26.47 19.88
N LEU M 42 -43.00 27.42 20.03
CA LEU M 42 -43.22 28.04 21.32
C LEU M 42 -43.51 27.00 22.39
N GLY M 43 -44.44 26.10 22.10
CA GLY M 43 -44.72 25.01 23.03
C GLY M 43 -43.49 24.19 23.37
N ILE M 44 -42.67 23.87 22.36
CA ILE M 44 -41.46 23.09 22.64
C ILE M 44 -40.48 23.92 23.46
N LEU M 45 -40.42 25.22 23.21
CA LEU M 45 -39.47 26.05 23.95
C LEU M 45 -40.06 26.59 25.24
N GLY M 46 -41.31 27.03 25.20
CA GLY M 46 -41.92 27.62 26.38
C GLY M 46 -42.15 26.65 27.52
N ILE M 47 -42.65 25.45 27.22
CA ILE M 47 -43.05 24.53 28.28
C ILE M 47 -41.88 24.11 29.17
N PRO M 48 -40.75 23.60 28.64
CA PRO M 48 -39.63 23.31 29.53
C PRO M 48 -39.11 24.52 30.28
N THR M 49 -39.01 25.66 29.60
CA THR M 49 -38.55 26.89 30.25
C THR M 49 -39.33 27.17 31.52
N ILE M 50 -40.65 26.95 31.48
CA ILE M 50 -41.46 27.10 32.67
C ILE M 50 -41.05 26.09 33.73
N TRP M 51 -41.09 24.79 33.39
CA TRP M 51 -40.93 23.81 34.45
C TRP M 51 -39.47 23.59 34.83
N ILE M 52 -38.52 24.03 34.00
CA ILE M 52 -37.14 24.13 34.49
C ILE M 52 -37.04 25.19 35.56
N ALA M 53 -37.73 26.32 35.38
CA ALA M 53 -37.66 27.40 36.34
C ALA M 53 -38.24 26.98 37.69
N LEU M 54 -39.35 26.24 37.68
CA LEU M 54 -40.05 25.93 38.93
C LEU M 54 -39.41 24.74 39.64
N LEU M 55 -39.10 23.68 38.91
CA LEU M 55 -38.65 22.43 39.54
C LEU M 55 -37.32 22.60 40.26
N TYR M 56 -36.44 23.45 39.74
CA TYR M 56 -35.06 23.48 40.21
C TYR M 56 -34.72 24.66 41.11
N ARG M 57 -35.37 25.80 40.95
CA ARG M 57 -35.08 26.96 41.79
C ARG M 57 -36.24 27.95 41.76
N SER N 8 -40.27 1.89 45.82
CA SER N 8 -39.94 1.69 47.23
C SER N 8 -38.47 2.03 47.50
N ALA N 9 -37.61 1.04 47.29
CA ALA N 9 -36.17 1.19 47.49
C ALA N 9 -35.41 1.45 46.20
N SER N 10 -36.09 2.01 45.19
CA SER N 10 -35.43 2.27 43.91
C SER N 10 -34.29 3.27 44.04
N TRP N 11 -34.33 4.13 45.05
CA TRP N 11 -33.28 5.15 45.21
C TRP N 11 -31.91 4.51 45.38
N LYS N 12 -31.86 3.28 45.88
CA LYS N 12 -30.58 2.58 46.05
C LYS N 12 -29.86 2.39 44.73
N LEU N 13 -30.56 2.53 43.60
CA LEU N 13 -29.92 2.46 42.31
C LEU N 13 -28.78 3.47 42.20
N TRP N 14 -28.90 4.61 42.88
CA TRP N 14 -27.86 5.62 42.77
C TRP N 14 -26.70 5.38 43.73
N LEU N 15 -26.77 4.33 44.54
CA LEU N 15 -25.61 3.83 45.26
C LEU N 15 -24.81 2.85 44.42
N ILE N 16 -25.30 2.48 43.24
CA ILE N 16 -24.63 1.53 42.37
C ILE N 16 -24.32 2.14 41.00
N LEU N 17 -25.26 2.89 40.43
CA LEU N 17 -25.23 3.22 39.00
C LEU N 17 -24.57 4.55 38.67
N ASP N 18 -24.06 5.30 39.65
CA ASP N 18 -23.29 6.51 39.38
C ASP N 18 -24.06 7.58 38.62
N PRO N 19 -24.90 8.36 39.32
CA PRO N 19 -25.63 9.46 38.68
C PRO N 19 -24.87 10.29 37.65
N ARG N 20 -23.59 10.58 37.89
CA ARG N 20 -22.84 11.38 36.93
C ARG N 20 -22.75 10.69 35.57
N ARG N 21 -22.36 9.42 35.58
CA ARG N 21 -22.26 8.67 34.33
C ARG N 21 -23.61 8.53 33.66
N VAL N 22 -24.67 8.32 34.45
CA VAL N 22 -26.01 8.15 33.88
C VAL N 22 -26.47 9.44 33.23
N LEU N 23 -26.25 10.58 33.88
CA LEU N 23 -26.64 11.86 33.29
C LEU N 23 -25.88 12.13 32.00
N THR N 24 -24.57 11.88 32.00
CA THR N 24 -23.79 12.07 30.78
C THR N 24 -24.28 11.15 29.66
N ALA N 25 -24.48 9.87 29.99
CA ALA N 25 -24.91 8.90 28.99
C ALA N 25 -26.29 9.25 28.45
N LEU N 26 -27.20 9.66 29.32
CA LEU N 26 -28.53 10.05 28.86
C LEU N 26 -28.48 11.29 27.99
N PHE N 27 -27.65 12.27 28.36
CA PHE N 27 -27.47 13.45 27.53
C PHE N 27 -27.02 13.07 26.13
N ILE N 28 -25.94 12.28 26.04
CA ILE N 28 -25.42 11.87 24.74
C ILE N 28 -26.46 11.07 23.97
N TYR N 29 -27.09 10.10 24.63
CA TYR N 29 -28.01 9.18 23.98
C TYR N 29 -29.24 9.91 23.44
N LEU N 30 -29.87 10.74 24.27
CA LEU N 30 -31.03 11.49 23.83
C LEU N 30 -30.67 12.50 22.75
N THR N 31 -29.47 13.10 22.82
CA THR N 31 -29.03 13.95 21.71
C THR N 31 -28.94 13.16 20.42
N VAL N 32 -28.35 11.97 20.48
CA VAL N 32 -28.22 11.14 19.28
C VAL N 32 -29.58 10.81 18.71
N ILE N 33 -30.52 10.41 19.56
CA ILE N 33 -31.85 10.03 19.10
C ILE N 33 -32.56 11.23 18.48
N ALA N 34 -32.48 12.39 19.14
CA ALA N 34 -33.12 13.59 18.62
C ALA N 34 -32.55 14.00 17.28
N LEU N 35 -31.23 13.92 17.12
CA LEU N 35 -30.61 14.24 15.84
C LEU N 35 -31.04 13.24 14.77
N LEU N 36 -31.06 11.96 15.10
CA LEU N 36 -31.55 10.94 14.17
C LEU N 36 -32.94 11.28 13.67
N ILE N 37 -33.85 11.61 14.59
CA ILE N 37 -35.23 11.86 14.18
C ILE N 37 -35.33 13.15 13.37
N HIS N 38 -34.73 14.24 13.85
CA HIS N 38 -34.84 15.52 13.14
C HIS N 38 -34.27 15.40 11.73
N PHE N 39 -33.05 14.87 11.59
CA PHE N 39 -32.43 14.77 10.28
C PHE N 39 -33.13 13.74 9.40
N GLY N 40 -33.63 12.64 9.98
CA GLY N 40 -34.38 11.69 9.18
C GLY N 40 -35.66 12.28 8.62
N LEU N 41 -36.40 13.01 9.45
CA LEU N 41 -37.60 13.68 8.98
C LEU N 41 -37.27 14.71 7.92
N LEU N 42 -36.17 15.44 8.10
CA LEU N 42 -35.76 16.41 7.08
C LEU N 42 -35.38 15.72 5.77
N SER N 43 -34.97 14.46 5.83
CA SER N 43 -34.61 13.74 4.62
C SER N 43 -35.82 13.24 3.83
N THR N 44 -37.02 13.32 4.38
CA THR N 44 -38.22 12.93 3.65
C THR N 44 -38.78 14.12 2.88
N ASN N 45 -39.69 13.83 1.95
CA ASN N 45 -40.46 14.89 1.32
C ASN N 45 -41.68 15.26 2.15
N ARG N 46 -42.35 14.26 2.71
CA ARG N 46 -43.66 14.47 3.33
C ARG N 46 -43.54 15.24 4.64
N LEU N 47 -42.50 14.98 5.42
CA LEU N 47 -42.37 15.54 6.76
C LEU N 47 -41.22 16.52 6.90
N ASN N 48 -40.61 16.95 5.80
CA ASN N 48 -39.63 18.02 5.84
C ASN N 48 -40.35 19.35 6.00
N TRP N 49 -39.99 20.11 7.04
CA TRP N 49 -40.62 21.38 7.33
C TRP N 49 -39.73 22.58 7.02
N TRP N 50 -38.51 22.35 6.53
CA TRP N 50 -37.62 23.45 6.15
C TRP N 50 -37.85 23.88 4.71
N GLU N 51 -37.69 22.97 3.77
CA GLU N 51 -37.67 23.27 2.35
C GLU N 51 -39.09 23.47 1.82
N PHE N 52 -39.19 24.01 0.61
CA PHE N 52 -40.46 24.05 -0.09
C PHE N 52 -40.96 22.64 -0.32
N GLN N 53 -42.28 22.47 -0.30
CA GLN N 53 -42.87 21.13 -0.30
C GLN N 53 -42.54 20.38 -1.59
N ARG N 54 -41.97 19.19 -1.44
CA ARG N 54 -41.67 18.29 -2.55
C ARG N 54 -42.64 17.10 -2.53
N GLY N 55 -42.69 16.41 -3.67
CA GLY N 55 -43.42 15.16 -3.75
C GLY N 55 -44.92 15.26 -3.73
N LEU N 56 -45.49 16.39 -4.13
CA LEU N 56 -46.93 16.55 -4.20
C LEU N 56 -47.33 17.07 -5.57
N PRO N 57 -48.56 16.77 -6.02
CA PRO N 57 -49.04 17.27 -7.31
C PRO N 57 -49.85 18.55 -7.17
N PRO O 6 -18.42 2.89 52.33
CA PRO O 6 -18.32 3.57 51.03
C PRO O 6 -19.13 2.88 49.94
N SER O 7 -20.04 3.62 49.32
CA SER O 7 -20.78 3.11 48.17
C SER O 7 -19.92 3.18 46.92
N LEU O 8 -20.35 2.47 45.88
CA LEU O 8 -19.61 2.48 44.62
C LEU O 8 -19.64 3.85 43.98
N THR O 9 -20.74 4.58 44.11
CA THR O 9 -20.87 5.88 43.49
C THR O 9 -20.31 7.00 44.35
N GLY O 10 -20.09 6.75 45.64
CA GLY O 10 -19.66 7.78 46.54
C GLY O 10 -20.78 8.62 47.13
N LEU O 11 -22.02 8.41 46.69
CA LEU O 11 -23.15 9.11 47.29
C LEU O 11 -23.48 8.51 48.65
N THR O 12 -24.12 9.31 49.49
CA THR O 12 -24.72 8.81 50.70
C THR O 12 -26.17 8.38 50.43
N GLU O 13 -26.77 7.72 51.42
CA GLU O 13 -28.16 7.30 51.27
C GLU O 13 -29.08 8.49 51.12
N GLU O 14 -28.84 9.56 51.87
CA GLU O 14 -29.68 10.75 51.75
C GLU O 14 -29.52 11.41 50.39
N GLU O 15 -28.27 11.54 49.92
CA GLU O 15 -28.04 12.05 48.57
C GLU O 15 -28.69 11.17 47.54
N ALA O 16 -28.64 9.84 47.74
CA ALA O 16 -29.26 8.94 46.79
C ALA O 16 -30.77 9.18 46.72
N LYS O 17 -31.42 9.34 47.87
CA LYS O 17 -32.87 9.57 47.87
C LYS O 17 -33.22 10.89 47.20
N GLU O 18 -32.49 11.95 47.53
CA GLU O 18 -32.79 13.26 46.95
C GLU O 18 -32.58 13.26 45.44
N PHE O 19 -31.45 12.70 45.00
CA PHE O 19 -31.20 12.60 43.57
C PHE O 19 -32.27 11.77 42.89
N HIS O 20 -32.70 10.68 43.52
CA HIS O 20 -33.70 9.82 42.90
C HIS O 20 -35.01 10.57 42.71
N SER O 21 -35.45 11.31 43.73
CA SER O 21 -36.70 12.05 43.59
C SER O 21 -36.60 13.08 42.48
N VAL O 22 -35.49 13.83 42.43
CA VAL O 22 -35.38 14.88 41.41
C VAL O 22 -35.24 14.27 40.02
N PHE O 23 -34.51 13.16 39.89
CA PHE O 23 -34.33 12.52 38.60
C PHE O 23 -35.65 11.98 38.07
N VAL O 24 -36.43 11.32 38.92
CA VAL O 24 -37.72 10.79 38.47
C VAL O 24 -38.67 11.92 38.10
N SER O 25 -38.69 13.01 38.89
CA SER O 25 -39.54 14.14 38.55
C SER O 25 -39.13 14.76 37.21
N SER O 26 -37.83 14.95 36.99
CA SER O 26 -37.36 15.52 35.73
C SER O 26 -37.69 14.60 34.55
N MET O 27 -37.48 13.30 34.71
CA MET O 27 -37.79 12.36 33.64
C MET O 27 -39.27 12.38 33.30
N VAL O 28 -40.13 12.37 34.32
CA VAL O 28 -41.57 12.37 34.06
C VAL O 28 -42.00 13.68 33.41
N LEU O 29 -41.43 14.81 33.85
CA LEU O 29 -41.78 16.09 33.23
C LEU O 29 -41.34 16.13 31.77
N TYR O 30 -40.14 15.61 31.47
CA TYR O 30 -39.67 15.53 30.10
C TYR O 30 -40.59 14.67 29.24
N LEU O 31 -41.00 13.51 29.76
CA LEU O 31 -41.90 12.64 29.01
C LEU O 31 -43.27 13.28 28.80
N ALA O 32 -43.78 13.99 29.82
CA ALA O 32 -45.10 14.63 29.70
C ALA O 32 -45.08 15.77 28.68
N THR O 33 -44.05 16.61 28.73
CA THR O 33 -43.96 17.65 27.70
C THR O 33 -43.73 17.04 26.33
N ALA O 34 -43.06 15.88 26.25
CA ALA O 34 -42.96 15.18 24.97
C ALA O 34 -44.34 14.77 24.47
N VAL O 35 -45.20 14.26 25.36
CA VAL O 35 -46.55 13.86 24.95
C VAL O 35 -47.33 15.06 24.41
N ILE O 36 -47.28 16.18 25.12
CA ILE O 36 -47.99 17.38 24.69
C ILE O 36 -47.43 17.89 23.35
N VAL O 37 -46.11 17.90 23.23
CA VAL O 37 -45.48 18.37 22.01
C VAL O 37 -45.85 17.48 20.83
N HIS O 38 -45.95 16.18 21.06
CA HIS O 38 -46.36 15.27 19.98
C HIS O 38 -47.79 15.54 19.56
N TYR O 39 -48.68 15.84 20.52
CA TYR O 39 -50.03 16.23 20.11
C TYR O 39 -50.02 17.50 19.25
N LEU O 40 -49.24 18.50 19.65
CA LEU O 40 -49.19 19.75 18.88
C LEU O 40 -48.62 19.52 17.48
N VAL O 41 -47.57 18.70 17.38
CA VAL O 41 -47.00 18.38 16.08
C VAL O 41 -48.01 17.61 15.23
N TRP O 42 -48.81 16.75 15.87
CA TRP O 42 -49.88 16.07 15.14
C TRP O 42 -50.88 17.08 14.57
N THR O 43 -51.24 18.10 15.35
CA THR O 43 -52.08 19.15 14.81
C THR O 43 -51.41 19.86 13.65
N ALA O 44 -50.08 19.91 13.63
CA ALA O 44 -49.39 20.47 12.46
C ALA O 44 -49.27 19.43 11.34
N ARG O 45 -48.76 18.24 11.65
CA ARG O 45 -48.57 17.19 10.65
C ARG O 45 -49.07 15.86 11.21
N PRO O 46 -50.25 15.41 10.82
CA PRO O 46 -50.77 14.12 11.32
C PRO O 46 -50.05 12.94 10.68
N TRP O 47 -48.94 12.53 11.30
CA TRP O 47 -47.92 11.77 10.59
C TRP O 47 -48.27 10.31 10.30
N ILE O 48 -49.23 9.72 10.99
CA ILE O 48 -49.65 8.35 10.70
C ILE O 48 -50.94 8.41 9.89
N ALA O 49 -50.80 8.24 8.57
CA ALA O 49 -51.93 8.32 7.68
C ALA O 49 -52.83 7.09 7.81
N PRO O 50 -54.13 7.23 7.53
CA PRO O 50 -55.01 6.06 7.52
C PRO O 50 -54.59 5.08 6.45
N ILE O 51 -54.94 3.80 6.66
CA ILE O 51 -54.63 2.73 5.72
C ILE O 51 -55.07 3.16 4.33
N PRO O 52 -54.16 3.22 3.36
CA PRO O 52 -54.53 3.65 2.00
C PRO O 52 -55.45 2.64 1.34
N LYS O 53 -55.95 3.05 0.17
CA LYS O 53 -57.04 2.30 -0.48
C LYS O 53 -56.63 0.89 -0.87
N GLY O 54 -55.52 0.75 -1.58
CA GLY O 54 -55.13 -0.56 -2.04
C GLY O 54 -54.29 -1.37 -1.06
N TRP O 55 -54.12 -0.87 0.15
CA TRP O 55 -53.17 -1.46 1.09
C TRP O 55 -53.66 -2.79 1.61
N VAL O 56 -52.77 -3.77 1.64
CA VAL O 56 -53.04 -5.03 2.32
C VAL O 56 -51.75 -5.51 2.98
N TYR P 22 -58.80 13.53 10.57
CA TYR P 22 -59.81 12.93 9.71
C TYR P 22 -59.89 13.66 8.38
N PHE P 23 -60.70 13.13 7.47
CA PHE P 23 -60.88 13.72 6.15
C PHE P 23 -62.12 14.59 6.14
N ALA P 24 -61.98 15.82 5.64
CA ALA P 24 -63.12 16.72 5.51
C ALA P 24 -63.90 16.41 4.24
N ALA P 25 -64.92 17.23 3.97
CA ALA P 25 -65.74 17.03 2.77
C ALA P 25 -64.90 17.17 1.51
N ASP P 26 -64.01 18.16 1.47
CA ASP P 26 -63.09 18.30 0.35
C ASP P 26 -62.11 17.13 0.26
N GLY P 27 -61.88 16.44 1.38
CA GLY P 27 -60.91 15.36 1.44
C GLY P 27 -59.61 15.74 2.13
N SER P 28 -59.36 17.03 2.30
CA SER P 28 -58.15 17.47 2.98
C SER P 28 -58.14 16.95 4.41
N VAL P 29 -56.95 16.60 4.91
CA VAL P 29 -56.82 16.13 6.27
C VAL P 29 -57.05 17.29 7.23
N VAL P 30 -57.88 17.06 8.24
CA VAL P 30 -58.11 18.02 9.31
C VAL P 30 -57.65 17.38 10.61
N PRO P 31 -56.42 17.65 11.05
CA PRO P 31 -55.88 16.97 12.24
C PRO P 31 -56.74 17.23 13.47
N SER P 32 -56.92 16.20 14.28
CA SER P 32 -57.81 16.30 15.41
C SER P 32 -57.41 15.30 16.49
N ILE P 33 -57.88 15.58 17.71
CA ILE P 33 -57.59 14.73 18.86
C ILE P 33 -58.32 13.40 18.77
N THR P 34 -59.42 13.33 18.03
CA THR P 34 -60.16 12.08 17.86
C THR P 34 -59.56 11.18 16.78
N ASP P 35 -58.50 11.60 16.11
CA ASP P 35 -57.85 10.73 15.13
C ASP P 35 -57.35 9.46 15.80
N ALA P 36 -57.72 8.32 15.23
CA ALA P 36 -57.43 7.03 15.87
C ALA P 36 -55.93 6.76 15.92
N ASN P 37 -55.23 7.04 14.82
CA ASN P 37 -53.80 6.73 14.76
C ASN P 37 -52.97 7.59 15.71
N LEU P 38 -53.49 8.75 16.11
CA LEU P 38 -52.78 9.62 17.06
C LEU P 38 -52.52 8.90 18.38
N TRP P 39 -53.33 7.91 18.71
CA TRP P 39 -53.15 7.19 19.96
C TRP P 39 -52.10 6.09 19.88
N VAL P 40 -51.49 5.89 18.70
CA VAL P 40 -50.31 5.05 18.66
C VAL P 40 -49.16 5.79 19.34
N PRO P 41 -48.79 7.00 18.92
CA PRO P 41 -47.70 7.69 19.65
C PRO P 41 -48.03 8.02 21.10
N LEU P 42 -49.19 8.63 21.36
CA LEU P 42 -49.58 8.94 22.72
C LEU P 42 -49.52 7.69 23.59
N GLY P 43 -50.12 6.59 23.12
CA GLY P 43 -50.04 5.34 23.85
C GLY P 43 -48.62 4.90 24.09
N ILE P 44 -47.76 4.98 23.07
CA ILE P 44 -46.37 4.58 23.28
C ILE P 44 -45.69 5.53 24.25
N LEU P 45 -46.07 6.80 24.22
CA LEU P 45 -45.42 7.76 25.12
C LEU P 45 -46.11 7.82 26.47
N GLY P 46 -47.43 7.89 26.48
CA GLY P 46 -48.15 8.11 27.72
C GLY P 46 -48.10 6.94 28.68
N ILE P 47 -48.17 5.70 28.16
CA ILE P 47 -48.25 4.54 29.04
C ILE P 47 -47.03 4.36 29.92
N PRO P 48 -45.79 4.30 29.39
CA PRO P 48 -44.65 4.20 30.30
C PRO P 48 -44.54 5.37 31.26
N THR P 49 -44.83 6.57 30.78
CA THR P 49 -44.75 7.77 31.61
C THR P 49 -45.56 7.60 32.88
N ILE P 50 -46.72 6.92 32.78
CA ILE P 50 -47.52 6.64 33.96
C ILE P 50 -46.77 5.71 34.90
N TRP P 51 -46.41 4.52 34.43
CA TRP P 51 -45.90 3.55 35.40
C TRP P 51 -44.48 3.88 35.84
N ILE P 52 -43.69 4.55 35.01
CA ILE P 52 -42.43 5.11 35.48
C ILE P 52 -42.70 6.06 36.65
N ALA P 53 -43.70 6.92 36.51
CA ALA P 53 -44.07 7.83 37.58
C ALA P 53 -44.67 7.10 38.77
N LEU P 54 -45.04 5.83 38.63
CA LEU P 54 -45.68 5.08 39.70
C LEU P 54 -44.82 3.99 40.30
N LEU P 55 -44.11 3.22 39.47
CA LEU P 55 -43.28 2.14 39.99
C LEU P 55 -42.12 2.68 40.81
N TYR P 56 -41.45 3.71 40.31
CA TYR P 56 -40.32 4.31 40.99
C TYR P 56 -40.70 5.56 41.77
N ARG P 57 -41.75 6.25 41.34
CA ARG P 57 -42.35 7.40 42.04
C ARG P 57 -41.43 8.62 42.09
N SER Q 8 -37.56 -17.56 45.08
CA SER Q 8 -36.60 -18.29 44.26
C SER Q 8 -35.18 -17.79 44.49
N ALA Q 9 -34.21 -18.47 43.89
CA ALA Q 9 -32.80 -18.10 43.99
C ALA Q 9 -32.33 -17.27 42.81
N SER Q 10 -33.27 -16.77 41.98
CA SER Q 10 -32.87 -15.99 40.80
C SER Q 10 -32.11 -14.73 41.18
N TRP Q 11 -32.41 -14.12 42.32
CA TRP Q 11 -31.71 -12.92 42.74
C TRP Q 11 -30.21 -13.14 42.87
N LYS Q 12 -29.79 -14.38 43.15
CA LYS Q 12 -28.37 -14.68 43.25
C LYS Q 12 -27.62 -14.35 41.97
N LEU Q 13 -28.33 -14.26 40.84
CA LEU Q 13 -27.69 -13.85 39.59
C LEU Q 13 -26.93 -12.54 39.75
N TRP Q 14 -27.50 -11.61 40.51
CA TRP Q 14 -26.84 -10.31 40.65
C TRP Q 14 -25.66 -10.35 41.60
N LEU Q 15 -25.42 -11.48 42.28
CA LEU Q 15 -24.20 -11.62 43.05
C LEU Q 15 -22.99 -11.97 42.18
N ILE Q 16 -23.22 -12.35 40.92
CA ILE Q 16 -22.12 -12.69 40.02
C ILE Q 16 -22.13 -11.91 38.72
N LEU Q 17 -23.23 -11.23 38.37
CA LEU Q 17 -23.37 -10.68 37.02
C LEU Q 17 -23.16 -9.18 36.90
N ASP Q 18 -22.94 -8.45 38.01
CA ASP Q 18 -22.65 -7.01 37.95
C ASP Q 18 -23.80 -6.22 37.31
N PRO Q 19 -24.85 -5.94 38.07
CA PRO Q 19 -26.02 -5.24 37.51
C PRO Q 19 -25.71 -4.02 36.64
N ARG Q 20 -24.65 -3.27 36.92
CA ARG Q 20 -24.33 -2.10 36.10
C ARG Q 20 -24.05 -2.49 34.66
N ARG Q 21 -23.20 -3.50 34.47
CA ARG Q 21 -22.85 -3.93 33.12
C ARG Q 21 -24.02 -4.58 32.42
N VAL Q 22 -24.85 -5.32 33.16
CA VAL Q 22 -26.05 -5.90 32.58
C VAL Q 22 -26.99 -4.80 32.09
N LEU Q 23 -27.20 -3.76 32.92
CA LEU Q 23 -28.09 -2.68 32.52
C LEU Q 23 -27.54 -1.95 31.31
N THR Q 24 -26.22 -1.71 31.27
CA THR Q 24 -25.63 -1.04 30.11
C THR Q 24 -25.76 -1.89 28.85
N ALA Q 25 -25.43 -3.17 28.94
CA ALA Q 25 -25.54 -4.04 27.76
C ALA Q 25 -26.99 -4.18 27.31
N LEU Q 26 -27.93 -4.18 28.24
CA LEU Q 26 -29.34 -4.27 27.88
C LEU Q 26 -29.82 -2.99 27.23
N PHE Q 27 -29.41 -1.84 27.74
CA PHE Q 27 -29.71 -0.57 27.10
C PHE Q 27 -29.22 -0.57 25.66
N ILE Q 28 -27.96 -0.96 25.44
CA ILE Q 28 -27.41 -0.97 24.10
C ILE Q 28 -28.16 -1.97 23.22
N TYR Q 29 -28.41 -3.17 23.74
CA TYR Q 29 -29.05 -4.22 22.96
C TYR Q 29 -30.44 -3.82 22.50
N LEU Q 30 -31.26 -3.32 23.43
CA LEU Q 30 -32.62 -2.95 23.09
C LEU Q 30 -32.64 -1.73 22.17
N THR Q 31 -31.74 -0.77 22.38
CA THR Q 31 -31.68 0.35 21.46
C THR Q 31 -31.32 -0.10 20.05
N VAL Q 32 -30.37 -1.03 19.93
CA VAL Q 32 -29.99 -1.52 18.61
C VAL Q 32 -31.17 -2.22 17.95
N ILE Q 33 -31.90 -3.06 18.70
CA ILE Q 33 -33.05 -3.73 18.11
C ILE Q 33 -34.10 -2.72 17.67
N ALA Q 34 -34.35 -1.70 18.50
CA ALA Q 34 -35.36 -0.70 18.17
C ALA Q 34 -34.98 0.09 16.92
N LEU Q 35 -33.72 0.51 16.81
CA LEU Q 35 -33.27 1.19 15.60
C LEU Q 35 -33.39 0.27 14.40
N LEU Q 36 -33.01 -0.99 14.57
CA LEU Q 36 -33.08 -1.95 13.48
C LEU Q 36 -34.50 -2.05 12.96
N ILE Q 37 -35.48 -2.16 13.85
CA ILE Q 37 -36.86 -2.32 13.42
C ILE Q 37 -37.42 -1.02 12.82
N HIS Q 38 -37.23 0.11 13.51
CA HIS Q 38 -37.79 1.37 13.03
C HIS Q 38 -37.25 1.71 11.63
N PHE Q 39 -35.94 1.63 11.46
CA PHE Q 39 -35.36 1.97 10.16
C PHE Q 39 -35.53 0.86 9.14
N GLY Q 40 -35.68 -0.40 9.57
CA GLY Q 40 -36.06 -1.43 8.64
C GLY Q 40 -37.45 -1.20 8.07
N LEU Q 41 -38.39 -0.81 8.91
CA LEU Q 41 -39.75 -0.54 8.45
C LEU Q 41 -39.78 0.71 7.58
N LEU Q 42 -39.01 1.73 7.93
CA LEU Q 42 -38.89 2.90 7.08
C LEU Q 42 -38.23 2.57 5.74
N SER Q 43 -37.55 1.43 5.64
CA SER Q 43 -36.92 0.98 4.41
C SER Q 43 -37.84 0.15 3.52
N THR Q 44 -39.11 0.01 3.90
CA THR Q 44 -40.10 -0.69 3.09
C THR Q 44 -41.08 0.32 2.51
N ASN Q 45 -41.75 -0.08 1.44
CA ASN Q 45 -42.87 0.72 0.95
C ASN Q 45 -44.12 0.52 1.79
N ARG Q 46 -44.34 -0.71 2.25
CA ARG Q 46 -45.62 -1.09 2.83
C ARG Q 46 -45.80 -0.55 4.24
N LEU Q 47 -44.75 -0.51 5.04
CA LEU Q 47 -44.85 -0.17 6.45
C LEU Q 47 -44.13 1.13 6.82
N ASN Q 48 -43.66 1.88 5.83
CA ASN Q 48 -43.12 3.21 6.08
C ASN Q 48 -44.25 4.17 6.44
N TRP Q 49 -44.08 4.90 7.54
CA TRP Q 49 -45.09 5.84 8.02
C TRP Q 49 -44.63 7.29 7.95
N TRP Q 50 -43.42 7.56 7.46
CA TRP Q 50 -42.92 8.92 7.27
C TRP Q 50 -43.24 9.47 5.89
N GLU Q 51 -42.84 8.74 4.85
CA GLU Q 51 -42.92 9.19 3.48
C GLU Q 51 -44.34 9.04 2.93
N PHE Q 52 -44.61 9.75 1.84
CA PHE Q 52 -45.82 9.52 1.06
C PHE Q 52 -45.87 8.07 0.61
N GLN Q 53 -47.06 7.47 0.67
CA GLN Q 53 -47.21 6.06 0.34
C GLN Q 53 -46.69 5.75 -1.05
N ARG Q 54 -45.93 4.66 -1.16
CA ARG Q 54 -45.38 4.19 -2.42
C ARG Q 54 -45.69 2.71 -2.58
N GLY Q 55 -45.72 2.27 -3.83
CA GLY Q 55 -46.02 0.87 -4.12
C GLY Q 55 -47.48 0.52 -4.23
N LEU Q 56 -48.36 1.50 -4.45
CA LEU Q 56 -49.77 1.24 -4.68
C LEU Q 56 -50.20 1.83 -6.02
N PRO Q 57 -51.04 1.12 -6.79
CA PRO Q 57 -51.47 1.59 -8.10
C PRO Q 57 -52.44 2.77 -8.00
N SER R 7 -19.60 -10.13 48.10
CA SER R 7 -19.93 -10.85 46.87
C SER R 7 -18.93 -10.51 45.77
N LEU R 8 -19.00 -11.25 44.67
CA LEU R 8 -18.14 -10.94 43.52
C LEU R 8 -18.45 -9.57 42.94
N THR R 9 -19.72 -9.15 42.99
CA THR R 9 -20.14 -7.86 42.48
C THR R 9 -20.12 -6.76 43.53
N GLY R 10 -19.89 -7.09 44.79
CA GLY R 10 -19.89 -6.11 45.85
C GLY R 10 -21.25 -5.72 46.38
N LEU R 11 -22.33 -6.29 45.86
CA LEU R 11 -23.65 -6.10 46.42
C LEU R 11 -23.83 -6.99 47.65
N THR R 12 -24.71 -6.57 48.54
CA THR R 12 -25.11 -7.43 49.65
C THR R 12 -26.24 -8.34 49.19
N GLU R 13 -26.77 -9.13 50.13
CA GLU R 13 -27.88 -10.02 49.80
C GLU R 13 -29.17 -9.23 49.61
N GLU R 14 -29.47 -8.30 50.52
CA GLU R 14 -30.73 -7.57 50.42
C GLU R 14 -30.74 -6.60 49.25
N GLU R 15 -29.59 -6.00 48.94
CA GLU R 15 -29.50 -5.18 47.74
C GLU R 15 -29.74 -6.01 46.49
N ALA R 16 -29.19 -7.24 46.45
CA ALA R 16 -29.45 -8.12 45.33
C ALA R 16 -30.92 -8.47 45.22
N LYS R 17 -31.58 -8.74 46.35
CA LYS R 17 -33.00 -9.08 46.32
C LYS R 17 -33.85 -7.90 45.85
N GLU R 18 -33.56 -6.70 46.36
CA GLU R 18 -34.33 -5.52 45.98
C GLU R 18 -34.12 -5.16 44.52
N PHE R 19 -32.87 -5.20 44.06
CA PHE R 19 -32.59 -4.96 42.65
C PHE R 19 -33.29 -6.00 41.78
N HIS R 20 -33.26 -7.27 42.19
CA HIS R 20 -33.90 -8.31 41.38
C HIS R 20 -35.40 -8.06 41.29
N SER R 21 -36.03 -7.72 42.41
CA SER R 21 -37.46 -7.43 42.40
C SER R 21 -37.78 -6.29 41.43
N VAL R 22 -37.05 -5.18 41.55
CA VAL R 22 -37.37 -4.02 40.71
C VAL R 22 -37.03 -4.30 39.25
N PHE R 23 -35.94 -5.02 38.99
CA PHE R 23 -35.56 -5.38 37.63
C PHE R 23 -36.62 -6.23 36.97
N VAL R 24 -37.14 -7.23 37.68
CA VAL R 24 -38.15 -8.10 37.10
C VAL R 24 -39.45 -7.35 36.88
N SER R 25 -39.84 -6.50 37.83
CA SER R 25 -41.05 -5.72 37.65
C SER R 25 -40.94 -4.78 36.45
N SER R 26 -39.78 -4.12 36.30
CA SER R 26 -39.57 -3.22 35.17
C SER R 26 -39.58 -3.98 33.84
N MET R 27 -38.93 -5.14 33.80
CA MET R 27 -38.92 -5.93 32.57
C MET R 27 -40.32 -6.39 32.19
N VAL R 28 -41.10 -6.83 33.18
CA VAL R 28 -42.46 -7.27 32.92
C VAL R 28 -43.32 -6.11 32.44
N LEU R 29 -43.18 -4.94 33.07
CA LEU R 29 -43.98 -3.80 32.64
C LEU R 29 -43.60 -3.35 31.23
N TYR R 30 -42.30 -3.37 30.91
CA TYR R 30 -41.87 -3.04 29.56
C TYR R 30 -42.45 -4.01 28.53
N LEU R 31 -42.43 -5.30 28.83
CA LEU R 31 -42.98 -6.26 27.88
C LEU R 31 -44.49 -6.13 27.75
N ALA R 32 -45.18 -5.88 28.86
CA ALA R 32 -46.64 -5.72 28.80
C ALA R 32 -47.04 -4.50 28.00
N THR R 33 -46.35 -3.38 28.20
CA THR R 33 -46.66 -2.21 27.39
C THR R 33 -46.26 -2.44 25.93
N ALA R 34 -45.25 -3.26 25.67
CA ALA R 34 -44.96 -3.66 24.30
C ALA R 34 -46.12 -4.42 23.69
N VAL R 35 -46.76 -5.31 24.46
CA VAL R 35 -47.92 -6.05 23.95
C VAL R 35 -49.05 -5.10 23.61
N ILE R 36 -49.37 -4.18 24.52
CA ILE R 36 -50.44 -3.22 24.27
C ILE R 36 -50.13 -2.36 23.05
N VAL R 37 -48.89 -1.89 22.96
CA VAL R 37 -48.46 -1.05 21.86
C VAL R 37 -48.55 -1.81 20.54
N HIS R 38 -48.19 -3.09 20.54
CA HIS R 38 -48.29 -3.88 19.31
C HIS R 38 -49.74 -4.05 18.90
N TYR R 39 -50.66 -4.19 19.85
CA TYR R 39 -52.08 -4.20 19.47
C TYR R 39 -52.50 -2.88 18.83
N LEU R 40 -52.09 -1.75 19.42
CA LEU R 40 -52.44 -0.46 18.85
C LEU R 40 -51.87 -0.30 17.44
N VAL R 41 -50.61 -0.67 17.25
CA VAL R 41 -49.97 -0.57 15.94
C VAL R 41 -50.68 -1.47 14.94
N TRP R 42 -51.10 -2.66 15.38
CA TRP R 42 -51.88 -3.53 14.51
C TRP R 42 -53.17 -2.87 14.07
N THR R 43 -53.84 -2.17 14.99
CA THR R 43 -55.00 -1.38 14.63
C THR R 43 -54.65 -0.36 13.54
N ALA R 44 -53.46 0.23 13.63
CA ALA R 44 -53.04 1.16 12.58
C ALA R 44 -52.58 0.42 11.32
N ARG R 45 -51.68 -0.55 11.46
CA ARG R 45 -51.16 -1.33 10.33
C ARG R 45 -51.17 -2.80 10.69
N PRO R 46 -52.11 -3.59 10.16
CA PRO R 46 -52.12 -5.04 10.42
C PRO R 46 -51.07 -5.79 9.61
N TRP R 47 -49.85 -5.90 10.16
CA TRP R 47 -48.68 -6.12 9.34
C TRP R 47 -48.56 -7.54 8.79
N ILE R 48 -49.12 -8.54 9.48
CA ILE R 48 -49.08 -9.90 8.96
C ILE R 48 -50.35 -10.10 8.13
N ALA R 49 -50.20 -9.99 6.81
CA ALA R 49 -51.34 -10.09 5.92
C ALA R 49 -51.83 -11.54 5.84
N PRO R 50 -53.10 -11.74 5.51
CA PRO R 50 -53.59 -13.10 5.26
C PRO R 50 -52.90 -13.71 4.04
N ILE R 51 -52.89 -15.03 3.99
CA ILE R 51 -52.28 -15.77 2.88
C ILE R 51 -52.94 -15.33 1.58
N PRO R 52 -52.18 -14.83 0.62
CA PRO R 52 -52.78 -14.30 -0.61
C PRO R 52 -53.19 -15.42 -1.56
N LYS R 53 -53.77 -15.01 -2.69
CA LYS R 53 -54.55 -15.94 -3.52
C LYS R 53 -53.70 -17.10 -4.04
N GLY R 54 -52.59 -16.80 -4.68
CA GLY R 54 -51.78 -17.87 -5.24
C GLY R 54 -50.78 -18.51 -4.31
N TRP R 55 -50.69 -18.05 -3.07
CA TRP R 55 -49.62 -18.49 -2.17
C TRP R 55 -49.74 -19.97 -1.85
N VAL R 56 -48.63 -20.69 -2.01
CA VAL R 56 -48.54 -22.09 -1.58
C VAL R 56 -47.18 -22.33 -0.91
N TYR S 22 -59.60 -7.63 9.54
CA TYR S 22 -60.27 -8.54 8.61
C TYR S 22 -60.54 -7.87 7.28
N PHE S 23 -60.97 -8.66 6.30
CA PHE S 23 -61.35 -8.16 4.99
C PHE S 23 -62.82 -7.74 5.03
N ALA S 24 -63.07 -6.46 4.81
CA ALA S 24 -64.43 -5.98 4.74
C ALA S 24 -65.12 -6.56 3.50
N ALA S 25 -66.46 -6.53 3.51
CA ALA S 25 -67.23 -7.07 2.40
C ALA S 25 -66.87 -6.39 1.07
N ASP S 26 -66.35 -5.16 1.13
CA ASP S 26 -65.83 -4.50 -0.05
C ASP S 26 -64.40 -4.92 -0.40
N GLY S 27 -63.76 -5.71 0.46
CA GLY S 27 -62.40 -6.15 0.21
C GLY S 27 -61.31 -5.24 0.72
N SER S 28 -61.63 -4.32 1.63
CA SER S 28 -60.63 -3.46 2.27
C SER S 28 -60.32 -3.96 3.68
N VAL S 29 -59.18 -3.55 4.19
CA VAL S 29 -58.70 -4.02 5.47
C VAL S 29 -59.38 -3.24 6.59
N VAL S 30 -59.94 -3.96 7.56
CA VAL S 30 -60.45 -3.37 8.80
C VAL S 30 -59.77 -4.11 9.95
N PRO S 31 -58.72 -3.56 10.55
CA PRO S 31 -58.02 -4.28 11.61
C PRO S 31 -58.90 -4.48 12.83
N SER S 32 -58.67 -5.59 13.53
CA SER S 32 -59.45 -5.88 14.73
C SER S 32 -58.67 -6.83 15.63
N ILE S 33 -59.13 -6.93 16.88
CA ILE S 33 -58.55 -7.85 17.85
C ILE S 33 -58.86 -9.29 17.50
N THR S 34 -59.82 -9.54 16.62
CA THR S 34 -60.22 -10.89 16.26
C THR S 34 -59.41 -11.48 15.11
N ASP S 35 -58.56 -10.69 14.45
CA ASP S 35 -57.72 -11.21 13.38
C ASP S 35 -56.81 -12.30 13.92
N ALA S 36 -56.75 -13.42 13.21
CA ALA S 36 -55.96 -14.56 13.68
C ALA S 36 -54.48 -14.22 13.72
N ASN S 37 -53.97 -13.59 12.66
CA ASN S 37 -52.52 -13.37 12.55
C ASN S 37 -52.00 -12.47 13.65
N LEU S 38 -52.84 -11.58 14.18
CA LEU S 38 -52.43 -10.71 15.29
C LEU S 38 -51.95 -11.51 16.49
N TRP S 39 -52.39 -12.75 16.64
CA TRP S 39 -51.98 -13.56 17.77
C TRP S 39 -50.63 -14.23 17.59
N VAL S 40 -50.02 -14.13 16.41
CA VAL S 40 -48.62 -14.56 16.26
C VAL S 40 -47.73 -13.63 17.09
N PRO S 41 -47.79 -12.28 16.90
CA PRO S 41 -46.91 -11.41 17.73
C PRO S 41 -47.31 -11.40 19.19
N LEU S 42 -48.60 -11.25 19.48
CA LEU S 42 -49.03 -11.24 20.89
C LEU S 42 -48.59 -12.51 21.59
N GLY S 43 -48.81 -13.67 20.97
CA GLY S 43 -48.31 -14.90 21.53
C GLY S 43 -46.81 -14.89 21.73
N ILE S 44 -46.05 -14.36 20.77
CA ILE S 44 -44.61 -14.31 20.95
C ILE S 44 -44.26 -13.34 22.06
N LEU S 45 -45.03 -12.27 22.23
CA LEU S 45 -44.69 -11.30 23.27
C LEU S 45 -45.31 -11.65 24.61
N GLY S 46 -46.51 -12.22 24.61
CA GLY S 46 -47.23 -12.51 25.84
C GLY S 46 -46.75 -13.72 26.60
N ILE S 47 -46.48 -14.82 25.89
CA ILE S 47 -46.15 -16.07 26.57
C ILE S 47 -44.89 -15.96 27.43
N PRO S 48 -43.75 -15.48 26.91
CA PRO S 48 -42.59 -15.31 27.81
C PRO S 48 -42.86 -14.33 28.92
N THR S 49 -43.54 -13.22 28.62
CA THR S 49 -43.84 -12.21 29.62
C THR S 49 -44.52 -12.84 30.82
N ILE S 50 -45.45 -13.76 30.60
CA ILE S 50 -46.10 -14.44 31.71
C ILE S 50 -45.09 -15.27 32.49
N TRP S 51 -44.34 -16.15 31.81
CA TRP S 51 -43.54 -17.06 32.62
C TRP S 51 -42.29 -16.38 33.16
N ILE S 52 -41.77 -15.37 32.46
CA ILE S 52 -40.74 -14.53 33.07
C ILE S 52 -41.29 -13.90 34.35
N ALA S 53 -42.56 -13.50 34.33
CA ALA S 53 -43.16 -12.96 35.54
C ALA S 53 -43.24 -14.02 36.65
N LEU S 54 -43.46 -15.29 36.27
CA LEU S 54 -43.64 -16.32 37.28
C LEU S 54 -42.33 -16.94 37.73
N LEU S 55 -41.46 -17.31 36.77
CA LEU S 55 -40.29 -18.10 37.10
C LEU S 55 -39.32 -17.35 38.02
N TYR S 56 -39.08 -16.07 37.75
CA TYR S 56 -38.06 -15.32 38.44
C TYR S 56 -38.61 -14.49 39.59
N ARG S 57 -39.92 -14.50 39.82
CA ARG S 57 -40.53 -13.79 40.93
C ARG S 57 -40.02 -14.35 42.26
N SER T 8 -28.26 -36.17 38.91
CA SER T 8 -27.13 -36.41 38.04
C SER T 8 -25.98 -35.46 38.35
N ALA T 9 -24.93 -35.53 37.53
CA ALA T 9 -23.76 -34.68 37.68
C ALA T 9 -23.79 -33.47 36.76
N SER T 10 -24.93 -33.19 36.13
CA SER T 10 -25.01 -32.09 35.17
C SER T 10 -24.69 -30.75 35.84
N TRP T 11 -25.22 -30.52 37.04
CA TRP T 11 -24.98 -29.26 37.74
C TRP T 11 -23.50 -28.99 37.96
N LYS T 12 -22.70 -30.06 38.09
CA LYS T 12 -21.26 -29.88 38.30
C LYS T 12 -20.61 -29.10 37.17
N LEU T 13 -21.24 -29.09 35.99
CA LEU T 13 -20.72 -28.30 34.87
C LEU T 13 -20.55 -26.85 35.28
N TRP T 14 -21.45 -26.31 36.09
CA TRP T 14 -21.35 -24.91 36.49
C TRP T 14 -20.37 -24.68 37.63
N LEU T 15 -19.88 -25.75 38.26
CA LEU T 15 -18.71 -25.60 39.10
C LEU T 15 -17.44 -25.43 38.29
N ILE T 16 -17.53 -25.56 36.97
CA ILE T 16 -16.37 -25.55 36.09
C ILE T 16 -16.51 -24.51 35.00
N LEU T 17 -17.63 -24.54 34.28
CA LEU T 17 -17.75 -23.96 32.96
C LEU T 17 -17.98 -22.45 32.96
N ASP T 18 -17.88 -21.76 34.09
CA ASP T 18 -18.00 -20.30 34.09
C ASP T 18 -19.35 -19.85 33.54
N PRO T 19 -20.41 -19.92 34.34
CA PRO T 19 -21.75 -19.56 33.83
C PRO T 19 -21.82 -18.18 33.19
N ARG T 20 -20.97 -17.23 33.59
CA ARG T 20 -20.99 -15.91 32.98
C ARG T 20 -20.62 -15.99 31.50
N ARG T 21 -19.51 -16.64 31.19
CA ARG T 21 -19.09 -16.81 29.81
C ARG T 21 -20.13 -17.58 29.02
N VAL T 22 -20.70 -18.63 29.61
CA VAL T 22 -21.69 -19.43 28.91
C VAL T 22 -22.92 -18.59 28.56
N LEU T 23 -23.42 -17.82 29.53
CA LEU T 23 -24.60 -16.99 29.27
C LEU T 23 -24.31 -15.94 28.21
N THR T 24 -23.16 -15.27 28.28
CA THR T 24 -22.87 -14.22 27.31
C THR T 24 -22.69 -14.80 25.90
N ALA T 25 -21.92 -15.90 25.78
CA ALA T 25 -21.72 -16.53 24.49
C ALA T 25 -23.03 -17.05 23.92
N LEU T 26 -23.88 -17.64 24.76
CA LEU T 26 -25.17 -18.15 24.33
C LEU T 26 -26.10 -17.03 23.89
N PHE T 27 -26.10 -15.92 24.63
CA PHE T 27 -26.89 -14.76 24.24
C PHE T 27 -26.47 -14.27 22.86
N ILE T 28 -25.17 -14.14 22.63
CA ILE T 28 -24.68 -13.71 21.32
C ILE T 28 -25.05 -14.72 20.24
N TYR T 29 -24.87 -16.01 20.52
CA TYR T 29 -25.14 -17.07 19.55
C TYR T 29 -26.60 -17.06 19.14
N LEU T 30 -27.51 -17.03 20.11
CA LEU T 30 -28.94 -17.04 19.81
C LEU T 30 -29.37 -15.76 19.12
N THR T 31 -28.80 -14.61 19.51
CA THR T 31 -29.12 -13.37 18.82
C THR T 31 -28.70 -13.43 17.35
N VAL T 32 -27.52 -13.95 17.08
CA VAL T 32 -27.05 -14.07 15.71
C VAL T 32 -27.96 -15.00 14.92
N ILE T 33 -28.34 -16.13 15.51
CA ILE T 33 -29.20 -17.07 14.80
C ILE T 33 -30.57 -16.45 14.51
N ALA T 34 -31.14 -15.77 15.50
CA ALA T 34 -32.44 -15.13 15.33
C ALA T 34 -32.39 -14.07 14.24
N LEU T 35 -31.34 -13.25 14.23
CA LEU T 35 -31.16 -12.27 13.17
C LEU T 35 -31.04 -12.93 11.82
N LEU T 36 -30.21 -13.98 11.74
CA LEU T 36 -30.04 -14.73 10.50
C LEU T 36 -31.39 -15.20 9.98
N ILE T 37 -32.22 -15.77 10.85
CA ILE T 37 -33.49 -16.34 10.41
C ILE T 37 -34.46 -15.25 10.00
N HIS T 38 -34.64 -14.22 10.83
CA HIS T 38 -35.60 -13.16 10.50
C HIS T 38 -35.25 -12.51 9.17
N PHE T 39 -33.98 -12.16 8.98
CA PHE T 39 -33.61 -11.43 7.78
C PHE T 39 -33.42 -12.34 6.58
N GLY T 40 -33.10 -13.62 6.79
CA GLY T 40 -33.16 -14.57 5.69
C GLY T 40 -34.58 -14.78 5.18
N LEU T 41 -35.54 -14.87 6.10
CA LEU T 41 -36.93 -14.98 5.71
C LEU T 41 -37.39 -13.73 4.95
N LEU T 42 -37.01 -12.55 5.44
CA LEU T 42 -37.34 -11.34 4.70
C LEU T 42 -36.66 -11.27 3.33
N SER T 43 -35.55 -12.00 3.15
CA SER T 43 -34.89 -12.02 1.85
C SER T 43 -35.66 -12.82 0.80
N THR T 44 -36.70 -13.55 1.19
CA THR T 44 -37.46 -14.36 0.26
C THR T 44 -38.73 -13.62 -0.12
N ASN T 45 -39.24 -13.92 -1.33
CA ASN T 45 -40.55 -13.42 -1.71
C ASN T 45 -41.65 -14.09 -0.91
N ARG T 46 -41.51 -15.38 -0.65
CA ARG T 46 -42.61 -16.19 -0.14
C ARG T 46 -42.90 -15.91 1.33
N LEU T 47 -41.85 -15.80 2.15
CA LEU T 47 -42.02 -15.70 3.60
C LEU T 47 -41.71 -14.31 4.13
N ASN T 48 -41.67 -13.30 3.26
CA ASN T 48 -41.51 -11.92 3.69
C ASN T 48 -42.85 -11.38 4.18
N TRP T 49 -42.88 -10.90 5.42
CA TRP T 49 -44.11 -10.35 6.00
C TRP T 49 -44.10 -8.84 6.12
N TRP T 50 -42.99 -8.17 5.79
CA TRP T 50 -42.95 -6.70 5.89
C TRP T 50 -43.50 -6.05 4.63
N GLU T 51 -42.91 -6.36 3.49
CA GLU T 51 -43.17 -5.68 2.24
C GLU T 51 -44.47 -6.18 1.61
N PHE T 52 -44.94 -5.46 0.59
CA PHE T 52 -46.05 -5.95 -0.22
C PHE T 52 -45.66 -7.29 -0.84
N GLN T 53 -46.65 -8.17 -1.01
CA GLN T 53 -46.37 -9.50 -1.53
C GLN T 53 -45.73 -9.41 -2.91
N ARG T 54 -44.62 -10.13 -3.09
CA ARG T 54 -43.90 -10.20 -4.34
C ARG T 54 -43.85 -11.63 -4.84
N GLY T 55 -43.63 -11.77 -6.14
CA GLY T 55 -43.34 -13.08 -6.72
C GLY T 55 -44.52 -14.02 -6.85
N LEU T 56 -45.74 -13.48 -6.94
CA LEU T 56 -46.92 -14.32 -7.07
C LEU T 56 -47.55 -14.14 -8.44
N PRO T 57 -47.95 -15.23 -9.13
CA PRO T 57 -48.55 -15.21 -10.46
C PRO T 57 -49.71 -14.22 -10.60
N SER U 7 -14.52 -24.62 44.61
CA SER U 7 -14.88 -24.82 43.21
C SER U 7 -13.85 -24.22 42.27
N LEU U 8 -13.59 -24.92 41.17
CA LEU U 8 -12.62 -24.44 40.19
C LEU U 8 -13.06 -23.15 39.51
N THR U 9 -14.35 -22.82 39.54
CA THR U 9 -14.86 -21.63 38.85
C THR U 9 -15.89 -20.85 39.68
N GLY U 10 -15.60 -20.61 40.96
CA GLY U 10 -16.23 -19.49 41.64
C GLY U 10 -17.35 -19.73 42.64
N LEU U 11 -18.26 -20.66 42.38
CA LEU U 11 -19.48 -20.80 43.17
C LEU U 11 -19.25 -21.56 44.46
N THR U 12 -20.32 -21.97 45.12
CA THR U 12 -20.25 -22.61 46.43
C THR U 12 -20.94 -23.96 46.39
N GLU U 13 -20.87 -24.63 45.24
CA GLU U 13 -21.17 -26.06 45.11
C GLU U 13 -22.64 -26.37 45.40
N GLU U 14 -23.36 -25.39 45.95
CA GLU U 14 -24.81 -25.44 46.05
C GLU U 14 -25.46 -24.33 45.22
N GLU U 15 -24.80 -23.17 45.16
CA GLU U 15 -25.19 -22.16 44.18
C GLU U 15 -25.09 -22.70 42.76
N ALA U 16 -24.17 -23.65 42.53
CA ALA U 16 -24.10 -24.28 41.21
C ALA U 16 -25.33 -25.14 40.95
N LYS U 17 -25.79 -25.88 41.95
CA LYS U 17 -27.03 -26.65 41.79
C LYS U 17 -28.21 -25.72 41.53
N GLU U 18 -28.29 -24.62 42.27
CA GLU U 18 -29.37 -23.66 42.05
C GLU U 18 -29.31 -23.05 40.66
N PHE U 19 -28.12 -22.64 40.22
CA PHE U 19 -27.98 -22.06 38.90
C PHE U 19 -28.33 -23.06 37.82
N HIS U 20 -27.90 -24.32 37.98
CA HIS U 20 -28.25 -25.35 37.01
C HIS U 20 -29.76 -25.53 36.94
N SER U 21 -30.42 -25.57 38.10
CA SER U 21 -31.87 -25.72 38.10
C SER U 21 -32.55 -24.59 37.34
N VAL U 22 -32.17 -23.36 37.64
CA VAL U 22 -32.83 -22.23 36.98
C VAL U 22 -32.47 -22.19 35.51
N PHE U 23 -31.21 -22.51 35.17
CA PHE U 23 -30.78 -22.50 33.77
C PHE U 23 -31.56 -23.51 32.96
N VAL U 24 -31.73 -24.71 33.49
CA VAL U 24 -32.48 -25.74 32.75
C VAL U 24 -33.95 -25.38 32.67
N SER U 25 -34.52 -24.83 33.75
CA SER U 25 -35.91 -24.40 33.69
C SER U 25 -36.10 -23.32 32.63
N SER U 26 -35.18 -22.34 32.58
CA SER U 26 -35.27 -21.27 31.60
C SER U 26 -35.12 -21.81 30.18
N MET U 27 -34.15 -22.69 29.97
CA MET U 27 -33.93 -23.24 28.63
C MET U 27 -35.14 -24.04 28.16
N VAL U 28 -35.72 -24.84 29.05
CA VAL U 28 -36.90 -25.63 28.69
C VAL U 28 -38.09 -24.72 28.41
N LEU U 29 -38.31 -23.70 29.24
CA LEU U 29 -39.41 -22.78 28.98
C LEU U 29 -39.24 -22.07 27.65
N TYR U 30 -38.00 -21.67 27.33
CA TYR U 30 -37.71 -21.01 26.06
C TYR U 30 -37.98 -21.94 24.88
N LEU U 31 -37.52 -23.18 24.95
CA LEU U 31 -37.75 -24.12 23.85
C LEU U 31 -39.23 -24.46 23.69
N ALA U 32 -39.95 -24.61 24.81
CA ALA U 32 -41.37 -24.94 24.73
C ALA U 32 -42.18 -23.79 24.15
N THR U 33 -41.90 -22.55 24.58
CA THR U 33 -42.60 -21.44 23.95
C THR U 33 -42.20 -21.30 22.49
N ALA U 34 -40.96 -21.66 22.14
CA ALA U 34 -40.59 -21.69 20.72
C ALA U 34 -41.44 -22.69 19.94
N VAL U 35 -41.69 -23.85 20.53
CA VAL U 35 -42.56 -24.85 19.88
C VAL U 35 -43.95 -24.26 19.64
N ILE U 36 -44.54 -23.67 20.68
CA ILE U 36 -45.88 -23.08 20.56
C ILE U 36 -45.90 -21.98 19.51
N VAL U 37 -44.87 -21.12 19.54
CA VAL U 37 -44.78 -20.00 18.60
C VAL U 37 -44.66 -20.51 17.19
N HIS U 38 -43.89 -21.57 16.97
CA HIS U 38 -43.76 -22.15 15.64
C HIS U 38 -45.10 -22.68 15.16
N TYR U 39 -45.90 -23.24 16.06
CA TYR U 39 -47.25 -23.65 15.65
C TYR U 39 -48.08 -22.44 15.22
N LEU U 40 -48.05 -21.37 15.99
CA LEU U 40 -48.81 -20.17 15.63
C LEU U 40 -48.36 -19.63 14.27
N VAL U 41 -47.05 -19.57 14.05
CA VAL U 41 -46.51 -19.09 12.78
C VAL U 41 -46.95 -19.99 11.64
N TRP U 42 -46.98 -21.31 11.88
CA TRP U 42 -47.48 -22.24 10.87
C TRP U 42 -48.92 -21.91 10.50
N THR U 43 -49.75 -21.65 11.50
CA THR U 43 -51.11 -21.21 11.22
C THR U 43 -51.12 -19.95 10.35
N ALA U 44 -50.15 -19.07 10.53
CA ALA U 44 -50.07 -17.90 9.65
C ALA U 44 -49.41 -18.22 8.32
N ARG U 45 -48.28 -18.92 8.32
CA ARG U 45 -47.55 -19.25 7.10
C ARG U 45 -47.10 -20.70 7.14
N PRO U 46 -47.83 -21.62 6.51
CA PRO U 46 -47.43 -23.04 6.53
C PRO U 46 -46.22 -23.30 5.66
N TRP U 47 -45.04 -23.10 6.24
CA TRP U 47 -43.82 -22.83 5.46
C TRP U 47 -43.21 -24.04 4.79
N ILE U 48 -43.57 -25.27 5.15
CA ILE U 48 -43.09 -26.45 4.44
C ILE U 48 -44.20 -26.89 3.50
N ALA U 49 -44.13 -26.44 2.26
CA ALA U 49 -45.14 -26.75 1.28
C ALA U 49 -45.14 -28.25 0.95
N PRO U 50 -46.28 -28.81 0.55
CA PRO U 50 -46.29 -30.19 0.10
C PRO U 50 -45.43 -30.35 -1.14
N ILE U 51 -45.06 -31.60 -1.44
CA ILE U 51 -44.24 -31.91 -2.61
C ILE U 51 -44.96 -31.40 -3.85
N PRO U 52 -44.34 -30.52 -4.64
CA PRO U 52 -45.00 -30.01 -5.85
C PRO U 52 -45.22 -31.10 -6.88
N LYS U 53 -45.99 -30.75 -7.91
CA LYS U 53 -46.50 -31.75 -8.84
C LYS U 53 -45.37 -32.42 -9.63
N GLY U 54 -44.46 -31.64 -10.17
CA GLY U 54 -43.36 -32.23 -10.92
C GLY U 54 -42.15 -32.61 -10.11
N TRP U 55 -42.19 -32.47 -8.79
CA TRP U 55 -41.01 -32.66 -7.97
C TRP U 55 -40.60 -34.13 -7.92
N VAL U 56 -39.29 -34.35 -8.02
CA VAL U 56 -38.72 -35.68 -7.78
C VAL U 56 -37.29 -35.48 -7.26
N TYR V 22 -53.72 -28.00 5.05
CA TYR V 22 -54.13 -28.82 3.92
C TYR V 22 -54.63 -27.96 2.77
N PHE V 23 -54.83 -28.58 1.61
CA PHE V 23 -55.30 -27.89 0.41
C PHE V 23 -56.83 -27.89 0.37
N ALA V 24 -57.41 -26.74 0.06
CA ALA V 24 -58.85 -26.61 -0.08
C ALA V 24 -59.25 -26.72 -1.54
N ALA V 25 -60.57 -26.62 -1.79
CA ALA V 25 -61.12 -26.87 -3.11
C ALA V 25 -60.51 -25.94 -4.16
N ASP V 26 -60.51 -24.64 -3.89
CA ASP V 26 -59.93 -23.69 -4.83
C ASP V 26 -58.41 -23.69 -4.82
N GLY V 27 -57.79 -24.68 -4.18
CA GLY V 27 -56.35 -24.75 -4.08
C GLY V 27 -55.74 -23.88 -3.00
N SER V 28 -56.55 -23.14 -2.26
CA SER V 28 -56.02 -22.28 -1.21
C SER V 28 -55.59 -23.10 -0.01
N VAL V 29 -54.51 -22.68 0.63
CA VAL V 29 -53.94 -23.41 1.75
C VAL V 29 -54.73 -23.08 3.01
N VAL V 30 -55.07 -24.12 3.78
CA VAL V 30 -55.73 -23.96 5.07
C VAL V 30 -54.84 -24.61 6.13
N PRO V 31 -53.95 -23.85 6.78
CA PRO V 31 -53.01 -24.47 7.72
C PRO V 31 -53.74 -25.08 8.91
N SER V 32 -53.18 -26.17 9.41
CA SER V 32 -53.80 -26.89 10.51
C SER V 32 -52.76 -27.66 11.30
N ILE V 33 -53.14 -28.06 12.51
CA ILE V 33 -52.32 -28.93 13.33
C ILE V 33 -52.14 -30.30 12.69
N THR V 34 -53.04 -30.68 11.78
CA THR V 34 -52.96 -31.99 11.14
C THR V 34 -52.05 -32.00 9.91
N ASP V 35 -51.52 -30.85 9.50
CA ASP V 35 -50.59 -30.82 8.38
C ASP V 35 -49.39 -31.71 8.70
N ALA V 36 -49.08 -32.63 7.79
CA ALA V 36 -48.02 -33.61 8.06
C ALA V 36 -46.67 -32.93 8.20
N ASN V 37 -46.34 -32.04 7.27
CA ASN V 37 -45.03 -31.38 7.30
C ASN V 37 -44.83 -30.53 8.55
N LEU V 38 -45.92 -30.09 9.19
CA LEU V 38 -45.81 -29.33 10.42
C LEU V 38 -45.03 -30.07 11.50
N TRP V 39 -45.04 -31.39 11.46
CA TRP V 39 -44.36 -32.16 12.49
C TRP V 39 -42.88 -32.37 12.20
N VAL V 40 -42.36 -31.84 11.09
CA VAL V 40 -40.92 -31.81 10.91
C VAL V 40 -40.33 -30.78 11.87
N PRO V 41 -40.78 -29.51 11.88
CA PRO V 41 -40.21 -28.57 12.86
C PRO V 41 -40.51 -28.94 14.30
N LEU V 42 -41.77 -29.26 14.61
CA LEU V 42 -42.12 -29.67 15.97
C LEU V 42 -41.23 -30.83 16.42
N GLY V 43 -41.06 -31.82 15.54
CA GLY V 43 -40.16 -32.92 15.84
C GLY V 43 -38.75 -32.46 16.15
N ILE V 44 -38.22 -31.56 15.33
CA ILE V 44 -36.86 -31.09 15.58
C ILE V 44 -36.83 -30.27 16.86
N LEU V 45 -37.93 -29.61 17.20
CA LEU V 45 -37.94 -28.80 18.41
C LEU V 45 -38.35 -29.60 19.64
N GLY V 46 -39.45 -30.35 19.54
CA GLY V 46 -40.00 -31.01 20.70
C GLY V 46 -39.13 -32.12 21.25
N ILE V 47 -38.55 -32.95 20.36
CA ILE V 47 -37.80 -34.12 20.81
C ILE V 47 -36.61 -33.74 21.69
N PRO V 48 -35.71 -32.83 21.29
CA PRO V 48 -34.63 -32.45 22.20
C PRO V 48 -35.13 -31.83 23.49
N THR V 49 -36.11 -30.93 23.38
CA THR V 49 -36.67 -30.27 24.55
C THR V 49 -37.07 -31.28 25.61
N ILE V 50 -37.65 -32.40 25.18
CA ILE V 50 -38.01 -33.45 26.11
C ILE V 50 -36.77 -34.07 26.75
N TRP V 51 -35.87 -34.61 25.93
CA TRP V 51 -34.79 -35.35 26.57
C TRP V 51 -33.73 -34.46 27.19
N ILE V 52 -33.78 -33.15 26.92
CA ILE V 52 -33.09 -32.21 27.78
C ILE V 52 -33.78 -32.15 29.14
N ALA V 53 -35.07 -31.79 29.14
CA ALA V 53 -35.80 -31.60 30.39
C ALA V 53 -35.79 -32.88 31.23
N LEU V 54 -35.90 -34.04 30.58
CA LEU V 54 -35.93 -35.29 31.32
C LEU V 54 -34.56 -35.69 31.84
N LEU V 55 -33.49 -35.30 31.16
CA LEU V 55 -32.21 -35.97 31.43
C LEU V 55 -31.06 -35.06 31.80
N TYR V 56 -31.23 -33.74 31.83
CA TYR V 56 -30.13 -32.85 32.16
C TYR V 56 -30.51 -31.84 33.23
N ARG V 57 -31.49 -32.16 34.07
CA ARG V 57 -31.83 -31.28 35.17
C ARG V 57 -31.48 -31.92 36.51
N SER W 8 -14.13 -50.64 30.29
CA SER W 8 -13.65 -49.87 29.15
C SER W 8 -12.79 -48.69 29.59
N ALA W 9 -11.57 -48.62 29.07
CA ALA W 9 -10.64 -47.56 29.40
C ALA W 9 -10.81 -46.33 28.51
N SER W 10 -11.88 -46.27 27.73
CA SER W 10 -12.10 -45.14 26.82
C SER W 10 -12.17 -43.81 27.57
N TRP W 11 -12.67 -43.82 28.81
CA TRP W 11 -12.74 -42.61 29.59
C TRP W 11 -11.37 -41.97 29.78
N LYS W 12 -10.31 -42.78 29.79
CA LYS W 12 -8.96 -42.22 29.93
C LYS W 12 -8.61 -41.24 28.82
N LEU W 13 -9.40 -41.20 27.73
CA LEU W 13 -9.21 -40.18 26.71
C LEU W 13 -9.21 -38.78 27.31
N TRP W 14 -10.09 -38.54 28.28
CA TRP W 14 -10.19 -37.22 28.89
C TRP W 14 -9.02 -36.89 29.81
N LEU W 15 -8.15 -37.86 30.09
CA LEU W 15 -6.92 -37.58 30.82
C LEU W 15 -5.87 -36.90 29.97
N ILE W 16 -6.00 -36.96 28.64
CA ILE W 16 -5.02 -36.37 27.74
C ILE W 16 -5.59 -35.29 26.84
N LEU W 17 -6.91 -35.19 26.67
CA LEU W 17 -7.47 -34.43 25.56
C LEU W 17 -8.31 -33.22 25.96
N ASP W 18 -8.33 -32.84 27.23
CA ASP W 18 -8.89 -31.55 27.65
C ASP W 18 -10.35 -31.35 27.27
N PRO W 19 -11.29 -31.93 28.03
CA PRO W 19 -12.72 -31.84 27.65
C PRO W 19 -13.24 -30.46 27.32
N ARG W 20 -12.77 -29.40 27.99
CA ARG W 20 -13.33 -28.06 27.71
C ARG W 20 -13.06 -27.63 26.28
N ARG W 21 -11.81 -27.76 25.83
CA ARG W 21 -11.47 -27.37 24.47
C ARG W 21 -12.14 -28.28 23.45
N VAL W 22 -12.25 -29.58 23.76
CA VAL W 22 -12.91 -30.50 22.84
C VAL W 22 -14.38 -30.13 22.69
N LEU W 23 -15.06 -29.80 23.79
CA LEU W 23 -16.48 -29.45 23.71
C LEU W 23 -16.68 -28.13 23.00
N THR W 24 -15.83 -27.14 23.27
CA THR W 24 -15.96 -25.86 22.55
C THR W 24 -15.71 -26.05 21.05
N ALA W 25 -14.67 -26.80 20.70
CA ALA W 25 -14.38 -27.06 19.30
C ALA W 25 -15.50 -27.83 18.63
N LEU W 26 -16.09 -28.80 19.35
CA LEU W 26 -17.21 -29.55 18.81
C LEU W 26 -18.43 -28.67 18.59
N PHE W 27 -18.70 -27.76 19.53
CA PHE W 27 -19.82 -26.84 19.35
C PHE W 27 -19.62 -26.00 18.09
N ILE W 28 -18.41 -25.45 17.92
CA ILE W 28 -18.12 -24.67 16.72
C ILE W 28 -18.27 -25.52 15.47
N TYR W 29 -17.72 -26.73 15.51
CA TYR W 29 -17.70 -27.62 14.35
C TYR W 29 -19.12 -27.98 13.91
N LEU W 30 -19.96 -28.43 14.84
CA LEU W 30 -21.32 -28.79 14.51
C LEU W 30 -22.13 -27.58 14.07
N THR W 31 -21.91 -26.43 14.70
CA THR W 31 -22.59 -25.21 14.25
C THR W 31 -22.23 -24.88 12.81
N VAL W 32 -20.94 -24.98 12.46
CA VAL W 32 -20.52 -24.67 11.11
C VAL W 32 -21.11 -25.66 10.11
N ILE W 33 -21.11 -26.94 10.44
CA ILE W 33 -21.70 -27.92 9.53
C ILE W 33 -23.19 -27.66 9.35
N ALA W 34 -23.89 -27.34 10.43
CA ALA W 34 -25.32 -27.06 10.34
C ALA W 34 -25.58 -25.84 9.45
N LEU W 35 -24.79 -24.78 9.61
CA LEU W 35 -24.92 -23.62 8.74
C LEU W 35 -24.65 -23.99 7.29
N LEU W 36 -23.58 -24.74 7.05
CA LEU W 36 -23.24 -25.20 5.71
C LEU W 36 -24.42 -25.92 5.07
N ILE W 37 -25.01 -26.87 5.79
CA ILE W 37 -26.07 -27.68 5.19
C ILE W 37 -27.34 -26.85 4.98
N HIS W 38 -27.76 -26.09 5.99
CA HIS W 38 -29.00 -25.31 5.85
C HIS W 38 -28.90 -24.34 4.69
N PHE W 39 -27.80 -23.58 4.61
CA PHE W 39 -27.71 -22.56 3.57
C PHE W 39 -27.37 -23.16 2.21
N GLY W 40 -26.63 -24.25 2.15
CA GLY W 40 -26.45 -24.94 0.88
C GLY W 40 -27.75 -25.46 0.33
N LEU W 41 -28.59 -26.04 1.19
CA LEU W 41 -29.92 -26.47 0.76
C LEU W 41 -30.74 -25.29 0.29
N LEU W 42 -30.70 -24.17 1.02
CA LEU W 42 -31.45 -23.00 0.59
C LEU W 42 -30.93 -22.42 -0.71
N SER W 43 -29.69 -22.73 -1.09
CA SER W 43 -29.16 -22.25 -2.35
C SER W 43 -29.59 -23.08 -3.55
N THR W 44 -30.22 -24.23 -3.34
CA THR W 44 -30.73 -25.05 -4.42
C THR W 44 -32.17 -24.66 -4.77
N ASN W 45 -32.60 -25.04 -5.97
CA ASN W 45 -34.02 -24.94 -6.30
C ASN W 45 -34.80 -26.09 -5.68
N ARG W 46 -34.28 -27.31 -5.80
CA ARG W 46 -35.05 -28.50 -5.44
C ARG W 46 -35.33 -28.58 -3.95
N LEU W 47 -34.36 -28.23 -3.11
CA LEU W 47 -34.46 -28.46 -1.68
C LEU W 47 -34.59 -27.19 -0.86
N ASN W 48 -34.72 -26.04 -1.50
CA ASN W 48 -35.09 -24.82 -0.78
C ASN W 48 -36.54 -24.92 -0.31
N TRP W 49 -36.77 -24.71 0.99
CA TRP W 49 -38.09 -24.77 1.59
C TRP W 49 -38.63 -23.41 2.00
N TRP W 50 -37.86 -22.33 1.83
CA TRP W 50 -38.35 -20.99 2.16
C TRP W 50 -39.09 -20.37 0.97
N GLU W 51 -38.45 -20.29 -0.18
CA GLU W 51 -38.93 -19.54 -1.33
C GLU W 51 -40.03 -20.31 -2.05
N PHE W 52 -40.72 -19.63 -2.98
CA PHE W 52 -41.60 -20.32 -3.90
C PHE W 52 -40.79 -21.31 -4.72
N GLN W 53 -41.41 -22.41 -5.10
CA GLN W 53 -40.69 -23.45 -5.83
C GLN W 53 -40.15 -22.92 -7.16
N ARG W 54 -38.88 -23.17 -7.41
CA ARG W 54 -38.24 -22.83 -8.67
C ARG W 54 -37.68 -24.09 -9.32
N GLY W 55 -37.38 -23.99 -10.61
CA GLY W 55 -36.82 -25.12 -11.34
C GLY W 55 -37.80 -26.17 -11.78
N LEU W 56 -39.10 -25.90 -11.72
CA LEU W 56 -40.12 -26.81 -12.19
C LEU W 56 -41.03 -26.09 -13.18
N PRO W 57 -41.64 -26.81 -14.13
CA PRO W 57 -42.53 -26.20 -15.12
C PRO W 57 -43.87 -25.80 -14.54
N SER X 7 -2.24 -35.31 36.17
CA SER X 7 -2.53 -35.71 34.80
C SER X 7 -2.37 -34.52 33.84
N LEU X 8 -2.37 -34.82 32.54
CA LEU X 8 -2.18 -33.77 31.54
C LEU X 8 -3.28 -32.73 31.60
N THR X 9 -4.53 -33.16 31.79
CA THR X 9 -5.67 -32.26 31.70
C THR X 9 -6.18 -31.79 33.06
N GLY X 10 -5.58 -32.24 34.16
CA GLY X 10 -6.04 -31.90 35.48
C GLY X 10 -7.16 -32.77 36.02
N LEU X 11 -7.97 -33.35 35.13
CA LEU X 11 -9.02 -34.26 35.57
C LEU X 11 -8.41 -35.45 36.29
N THR X 12 -8.99 -35.82 37.43
CA THR X 12 -8.29 -36.81 38.25
C THR X 12 -8.54 -38.24 37.83
N GLU X 13 -9.65 -38.83 38.27
CA GLU X 13 -10.09 -40.12 37.75
C GLU X 13 -11.61 -40.15 37.65
N GLU X 14 -12.26 -39.58 38.67
CA GLU X 14 -13.71 -39.57 38.75
C GLU X 14 -14.30 -38.55 37.79
N GLU X 15 -13.66 -37.38 37.68
CA GLU X 15 -14.12 -36.37 36.74
C GLU X 15 -14.10 -36.93 35.32
N ALA X 16 -13.04 -37.63 34.96
CA ALA X 16 -12.93 -38.18 33.61
C ALA X 16 -14.03 -39.19 33.35
N LYS X 17 -14.31 -40.08 34.31
CA LYS X 17 -15.35 -41.09 34.10
C LYS X 17 -16.74 -40.45 34.00
N GLU X 18 -17.04 -39.50 34.88
CA GLU X 18 -18.36 -38.87 34.84
C GLU X 18 -18.54 -38.06 33.55
N PHE X 19 -17.52 -37.30 33.17
CA PHE X 19 -17.60 -36.57 31.91
C PHE X 19 -17.76 -37.54 30.74
N HIS X 20 -17.04 -38.65 30.76
CA HIS X 20 -17.15 -39.62 29.66
C HIS X 20 -18.57 -40.15 29.56
N SER X 21 -19.17 -40.52 30.69
CA SER X 21 -20.53 -41.05 30.66
C SER X 21 -21.51 -40.02 30.11
N VAL X 22 -21.45 -38.79 30.62
CA VAL X 22 -22.40 -37.77 30.19
C VAL X 22 -22.16 -37.38 28.72
N PHE X 23 -20.90 -37.30 28.32
CA PHE X 23 -20.58 -36.95 26.93
C PHE X 23 -21.11 -38.00 25.97
N VAL X 24 -20.87 -39.27 26.26
CA VAL X 24 -21.34 -40.32 25.36
C VAL X 24 -22.87 -40.37 25.36
N SER X 25 -23.51 -40.16 26.51
CA SER X 25 -24.97 -40.15 26.54
C SER X 25 -25.54 -39.02 25.68
N SER X 26 -24.99 -37.80 25.83
CA SER X 26 -25.45 -36.68 25.03
C SER X 26 -25.22 -36.93 23.55
N MET X 27 -24.05 -37.46 23.21
CA MET X 27 -23.73 -37.72 21.81
C MET X 27 -24.69 -38.74 21.21
N VAL X 28 -24.97 -39.82 21.94
CA VAL X 28 -25.88 -40.84 21.45
C VAL X 28 -27.29 -40.27 21.28
N LEU X 29 -27.77 -39.50 22.26
CA LEU X 29 -29.10 -38.91 22.15
C LEU X 29 -29.19 -37.96 20.96
N TYR X 30 -28.16 -37.13 20.77
CA TYR X 30 -28.13 -36.21 19.64
C TYR X 30 -28.18 -36.98 18.33
N LEU X 31 -27.37 -38.02 18.19
CA LEU X 31 -27.34 -38.80 16.96
C LEU X 31 -28.67 -39.52 16.72
N ALA X 32 -29.29 -40.06 17.77
CA ALA X 32 -30.55 -40.77 17.61
C ALA X 32 -31.68 -39.82 17.19
N THR X 33 -31.75 -38.64 17.81
CA THR X 33 -32.77 -37.69 17.37
C THR X 33 -32.46 -37.18 15.96
N ALA X 34 -31.19 -37.12 15.56
CA ALA X 34 -30.88 -36.81 14.17
C ALA X 34 -31.41 -37.88 13.22
N VAL X 35 -31.30 -39.16 13.60
CA VAL X 35 -31.85 -40.24 12.77
C VAL X 35 -33.35 -40.05 12.60
N ILE X 36 -34.06 -39.83 13.71
CA ILE X 36 -35.50 -39.64 13.65
C ILE X 36 -35.87 -38.42 12.79
N VAL X 37 -35.15 -37.32 12.99
CA VAL X 37 -35.42 -36.09 12.26
C VAL X 37 -35.19 -36.28 10.77
N HIS X 38 -34.13 -37.01 10.40
CA HIS X 38 -33.87 -37.26 9.00
C HIS X 38 -34.98 -38.10 8.38
N TYR X 39 -35.52 -39.07 9.12
CA TYR X 39 -36.67 -39.80 8.60
C TYR X 39 -37.85 -38.86 8.34
N LEU X 40 -38.14 -37.97 9.30
CA LEU X 40 -39.25 -37.03 9.12
C LEU X 40 -39.02 -36.12 7.91
N VAL X 41 -37.81 -35.60 7.77
CA VAL X 41 -37.47 -34.77 6.61
C VAL X 41 -37.66 -35.55 5.33
N TRP X 42 -37.28 -36.84 5.33
CA TRP X 42 -37.47 -37.67 4.16
C TRP X 42 -38.95 -37.76 3.79
N THR X 43 -39.81 -37.94 4.79
CA THR X 43 -41.24 -37.93 4.50
C THR X 43 -41.67 -36.58 3.91
N ALA X 44 -41.05 -35.49 4.34
CA ALA X 44 -41.33 -34.20 3.71
C ALA X 44 -40.68 -34.06 2.33
N ARG X 45 -39.41 -34.49 2.19
CA ARG X 45 -38.66 -34.34 0.94
C ARG X 45 -37.74 -35.53 0.78
N PRO X 46 -38.13 -36.53 0.01
CA PRO X 46 -37.22 -37.66 -0.23
C PRO X 46 -36.09 -37.21 -1.15
N TRP X 47 -34.93 -36.95 -0.56
CA TRP X 47 -33.93 -36.13 -1.23
C TRP X 47 -33.02 -36.91 -2.17
N ILE X 48 -32.87 -38.21 -1.99
CA ILE X 48 -32.11 -39.02 -2.93
C ILE X 48 -33.11 -39.54 -3.97
N ALA X 49 -33.19 -38.84 -5.09
CA ALA X 49 -34.09 -39.24 -6.15
C ALA X 49 -33.66 -40.59 -6.71
N PRO X 50 -34.61 -41.42 -7.13
CA PRO X 50 -34.25 -42.65 -7.83
C PRO X 50 -33.52 -42.33 -9.13
N ILE X 51 -32.84 -43.33 -9.68
CA ILE X 51 -32.04 -43.13 -10.88
C ILE X 51 -32.96 -42.69 -12.01
N PRO X 52 -32.75 -41.52 -12.60
CA PRO X 52 -33.62 -41.06 -13.68
C PRO X 52 -33.37 -41.84 -14.96
N LYS X 53 -34.35 -41.79 -15.85
CA LYS X 53 -34.20 -42.41 -17.16
C LYS X 53 -33.08 -41.73 -17.95
N GLY X 54 -32.20 -42.54 -18.54
CA GLY X 54 -31.06 -42.04 -19.26
C GLY X 54 -29.78 -41.90 -18.46
N TRP X 55 -29.85 -42.09 -17.14
CA TRP X 55 -28.68 -41.94 -16.28
C TRP X 55 -27.80 -43.19 -16.37
N VAL X 56 -26.51 -42.98 -16.60
CA VAL X 56 -25.54 -44.06 -16.57
C VAL X 56 -24.27 -43.57 -15.86
N TYR Y 22 -41.88 -43.78 -2.85
CA TYR Y 22 -42.06 -44.47 -4.13
C TYR Y 22 -42.86 -43.61 -5.09
N PHE Y 23 -42.93 -44.03 -6.35
CA PHE Y 23 -43.76 -43.35 -7.33
C PHE Y 23 -45.20 -43.81 -7.24
N ALA Y 24 -46.12 -42.89 -7.46
CA ALA Y 24 -47.54 -43.22 -7.58
C ALA Y 24 -47.86 -43.50 -9.05
N ALA Y 25 -49.15 -43.57 -9.38
CA ALA Y 25 -49.55 -43.90 -10.75
C ALA Y 25 -49.10 -42.82 -11.73
N ASP Y 26 -49.18 -41.55 -11.34
CA ASP Y 26 -48.67 -40.46 -12.16
C ASP Y 26 -47.17 -40.27 -12.02
N GLY Y 27 -46.52 -41.06 -11.18
CA GLY Y 27 -45.17 -40.73 -10.78
C GLY Y 27 -45.09 -39.69 -9.70
N SER Y 28 -46.23 -39.28 -9.13
CA SER Y 28 -46.22 -38.43 -7.95
C SER Y 28 -45.46 -39.12 -6.84
N VAL Y 29 -44.54 -38.39 -6.21
CA VAL Y 29 -43.64 -38.99 -5.23
C VAL Y 29 -44.39 -39.16 -3.92
N VAL Y 30 -44.42 -40.39 -3.42
CA VAL Y 30 -45.01 -40.71 -2.12
C VAL Y 30 -43.91 -41.23 -1.21
N PRO Y 31 -43.35 -40.37 -0.36
CA PRO Y 31 -42.27 -40.82 0.53
C PRO Y 31 -42.76 -41.89 1.51
N SER Y 32 -41.88 -42.84 1.81
CA SER Y 32 -42.24 -43.93 2.69
C SER Y 32 -40.97 -44.50 3.33
N ILE Y 33 -41.17 -45.24 4.41
CA ILE Y 33 -40.06 -45.94 5.05
C ILE Y 33 -39.52 -47.07 4.21
N THR Y 34 -40.22 -47.46 3.14
CA THR Y 34 -39.75 -48.53 2.27
C THR Y 34 -38.86 -48.03 1.15
N ASP Y 35 -38.69 -46.72 0.99
CA ASP Y 35 -37.80 -46.19 -0.04
C ASP Y 35 -36.38 -46.71 0.16
N ALA Y 36 -35.84 -47.35 -0.87
CA ALA Y 36 -34.51 -47.95 -0.76
C ALA Y 36 -33.45 -46.88 -0.50
N ASN Y 37 -33.55 -45.74 -1.19
CA ASN Y 37 -32.57 -44.68 -1.00
C ASN Y 37 -32.60 -44.10 0.40
N LEU Y 38 -33.75 -44.16 1.08
CA LEU Y 38 -33.83 -43.66 2.44
C LEU Y 38 -32.84 -44.36 3.36
N TRP Y 39 -32.42 -45.56 3.02
CA TRP Y 39 -31.50 -46.29 3.87
C TRP Y 39 -30.04 -45.94 3.61
N VAL Y 40 -29.76 -45.04 2.67
CA VAL Y 40 -28.41 -44.50 2.57
C VAL Y 40 -28.18 -43.55 3.76
N PRO Y 41 -29.01 -42.52 4.00
CA PRO Y 41 -28.78 -41.69 5.19
C PRO Y 41 -28.92 -42.44 6.50
N LEU Y 42 -30.00 -43.20 6.68
CA LEU Y 42 -30.19 -43.95 7.93
C LEU Y 42 -28.98 -44.84 8.19
N GLY Y 43 -28.54 -45.57 7.17
CA GLY Y 43 -27.35 -46.39 7.31
C GLY Y 43 -26.13 -45.58 7.74
N ILE Y 44 -25.92 -44.42 7.11
CA ILE Y 44 -24.78 -43.60 7.51
C ILE Y 44 -24.99 -43.07 8.91
N LEU Y 45 -26.23 -42.75 9.28
CA LEU Y 45 -26.47 -42.19 10.60
C LEU Y 45 -26.63 -43.29 11.66
N GLY Y 46 -27.35 -44.36 11.32
CA GLY Y 46 -27.70 -45.35 12.31
C GLY Y 46 -26.54 -46.23 12.75
N ILE Y 47 -25.71 -46.66 11.81
CA ILE Y 47 -24.70 -47.68 12.10
C ILE Y 47 -23.67 -47.14 13.09
N PRO Y 48 -22.97 -46.02 12.83
CA PRO Y 48 -22.01 -45.55 13.84
C PRO Y 48 -22.65 -45.25 15.17
N THR Y 49 -23.83 -44.64 15.16
CA THR Y 49 -24.56 -44.34 16.39
C THR Y 49 -24.70 -45.58 17.25
N ILE Y 50 -24.95 -46.73 16.64
CA ILE Y 50 -25.03 -47.96 17.41
C ILE Y 50 -23.67 -48.30 18.01
N TRP Y 51 -22.63 -48.39 17.17
CA TRP Y 51 -21.39 -48.90 17.76
C TRP Y 51 -20.69 -47.85 18.59
N ILE Y 52 -20.91 -46.57 18.32
CA ILE Y 52 -20.46 -45.54 19.27
C ILE Y 52 -21.14 -45.76 20.61
N ALA Y 53 -22.44 -46.08 20.59
CA ALA Y 53 -23.15 -46.38 21.83
C ALA Y 53 -22.63 -47.64 22.50
N LEU Y 54 -21.86 -48.46 21.79
CA LEU Y 54 -21.39 -49.74 22.32
C LEU Y 54 -19.91 -49.74 22.61
N LEU Y 55 -19.07 -49.35 21.65
CA LEU Y 55 -17.63 -49.47 21.81
C LEU Y 55 -17.11 -48.63 22.97
N TYR Y 56 -17.62 -47.40 23.12
CA TYR Y 56 -17.15 -46.48 24.14
C TYR Y 56 -18.03 -46.48 25.38
N ARG Y 57 -18.95 -47.45 25.50
CA ARG Y 57 -19.80 -47.61 26.68
C ARG Y 57 -18.97 -47.91 27.92
N SER Z 8 2.79 -58.87 18.64
CA SER Z 8 3.22 -57.69 17.88
C SER Z 8 3.40 -56.48 18.77
N ALA Z 9 4.42 -55.67 18.47
CA ALA Z 9 4.71 -54.46 19.22
C ALA Z 9 4.08 -53.22 18.61
N SER Z 10 2.97 -53.37 17.87
CA SER Z 10 2.34 -52.23 17.22
C SER Z 10 1.93 -51.17 18.23
N TRP Z 11 1.49 -51.58 19.42
CA TRP Z 11 1.10 -50.63 20.45
C TRP Z 11 2.24 -49.67 20.80
N LYS Z 12 3.49 -50.12 20.65
CA LYS Z 12 4.64 -49.27 20.96
C LYS Z 12 4.68 -48.03 20.08
N LEU Z 13 3.95 -48.03 18.97
CA LEU Z 13 3.80 -46.82 18.17
C LEU Z 13 3.34 -45.65 19.02
N TRP Z 14 2.44 -45.91 19.97
CA TRP Z 14 1.90 -44.83 20.78
C TRP Z 14 2.89 -44.34 21.83
N LEU Z 15 4.02 -45.02 22.00
CA LEU Z 15 5.08 -44.49 22.83
C LEU Z 15 5.93 -43.46 22.12
N ILE Z 16 5.74 -43.26 20.81
CA ILE Z 16 6.55 -42.31 20.07
C ILE Z 16 5.70 -41.34 19.26
N LEU Z 17 4.39 -41.56 19.16
CA LEU Z 17 3.58 -40.78 18.22
C LEU Z 17 2.50 -39.90 18.85
N ASP Z 18 2.42 -39.81 20.17
CA ASP Z 18 1.56 -38.83 20.83
C ASP Z 18 0.09 -38.96 20.47
N PRO Z 19 -0.62 -39.93 21.06
CA PRO Z 19 -2.02 -40.16 20.70
C PRO Z 19 -2.91 -38.92 20.62
N ARG Z 20 -2.72 -37.91 21.47
CA ARG Z 20 -3.61 -36.76 21.41
C ARG Z 20 -3.45 -36.00 20.10
N ARG Z 21 -2.20 -35.77 19.68
CA ARG Z 21 -1.98 -35.10 18.40
C ARG Z 21 -2.39 -35.98 17.24
N VAL Z 22 -2.26 -37.30 17.37
CA VAL Z 22 -2.70 -38.19 16.30
C VAL Z 22 -4.22 -38.12 16.13
N LEU Z 23 -4.95 -38.13 17.24
CA LEU Z 23 -6.41 -38.05 17.15
C LEU Z 23 -6.85 -36.71 16.60
N THR Z 24 -6.22 -35.62 17.04
CA THR Z 24 -6.56 -34.30 16.49
C THR Z 24 -6.28 -34.25 14.99
N ALA Z 25 -5.11 -34.73 14.57
CA ALA Z 25 -4.74 -34.72 13.16
C ALA Z 25 -5.69 -35.57 12.33
N LEU Z 26 -6.07 -36.75 12.84
CA LEU Z 26 -6.98 -37.60 12.10
C LEU Z 26 -8.36 -36.98 11.98
N PHE Z 27 -8.85 -36.33 13.05
CA PHE Z 27 -10.12 -35.63 12.95
C PHE Z 27 -10.06 -34.57 11.86
N ILE Z 28 -9.01 -33.74 11.86
CA ILE Z 28 -8.89 -32.69 10.85
C ILE Z 28 -8.79 -33.28 9.45
N TYR Z 29 -7.96 -34.32 9.29
CA TYR Z 29 -7.71 -34.93 8.00
C TYR Z 29 -8.97 -35.54 7.42
N LEU Z 30 -9.68 -36.33 8.21
CA LEU Z 30 -10.91 -36.96 7.73
C LEU Z 30 -11.99 -35.93 7.48
N THR Z 31 -12.04 -34.85 8.26
CA THR Z 31 -12.98 -33.77 7.95
C THR Z 31 -12.66 -33.15 6.59
N VAL Z 32 -11.38 -32.88 6.33
CA VAL Z 32 -10.99 -32.29 5.05
C VAL Z 32 -11.39 -33.20 3.91
N ILE Z 33 -11.06 -34.49 4.02
CA ILE Z 33 -11.38 -35.44 2.95
C ILE Z 33 -12.88 -35.52 2.73
N ALA Z 34 -13.65 -35.63 3.82
CA ALA Z 34 -15.10 -35.73 3.69
C ALA Z 34 -15.70 -34.50 3.03
N LEU Z 35 -15.25 -33.31 3.44
CA LEU Z 35 -15.76 -32.08 2.82
C LEU Z 35 -15.38 -32.02 1.35
N LEU Z 36 -14.13 -32.37 1.01
CA LEU Z 36 -13.72 -32.36 -0.39
C LEU Z 36 -14.58 -33.30 -1.21
N ILE Z 37 -14.86 -34.50 -0.71
CA ILE Z 37 -15.64 -35.46 -1.50
C ILE Z 37 -17.10 -35.00 -1.62
N HIS Z 38 -17.73 -34.61 -0.51
CA HIS Z 38 -19.12 -34.18 -0.57
C HIS Z 38 -19.30 -33.01 -1.52
N PHE Z 39 -18.44 -31.99 -1.40
CA PHE Z 39 -18.57 -30.82 -2.26
C PHE Z 39 -18.13 -31.08 -3.69
N GLY Z 40 -17.14 -31.96 -3.91
CA GLY Z 40 -16.76 -32.31 -5.26
C GLY Z 40 -17.87 -33.05 -5.99
N LEU Z 41 -18.55 -33.97 -5.31
CA LEU Z 41 -19.71 -34.62 -5.90
C LEU Z 41 -20.82 -33.61 -6.15
N LEU Z 42 -21.02 -32.67 -5.23
CA LEU Z 42 -22.04 -31.63 -5.46
C LEU Z 42 -21.68 -30.74 -6.64
N SER Z 43 -20.39 -30.62 -6.98
CA SER Z 43 -20.01 -29.79 -8.11
C SER Z 43 -20.25 -30.46 -9.47
N THR Z 44 -20.68 -31.72 -9.49
CA THR Z 44 -20.95 -32.43 -10.72
C THR Z 44 -22.43 -32.39 -11.06
N ASN Z 45 -22.76 -32.73 -12.31
CA ASN Z 45 -24.16 -32.92 -12.67
C ASN Z 45 -24.62 -34.33 -12.36
N ARG Z 46 -23.78 -35.32 -12.66
CA ARG Z 46 -24.19 -36.71 -12.59
C ARG Z 46 -24.42 -37.16 -11.14
N LEU Z 47 -23.55 -36.76 -10.22
CA LEU Z 47 -23.58 -37.28 -8.87
C LEU Z 47 -24.07 -36.27 -7.83
N ASN Z 48 -24.55 -35.11 -8.27
CA ASN Z 48 -25.19 -34.18 -7.35
C ASN Z 48 -26.54 -34.73 -6.94
N TRP Z 49 -26.79 -34.82 -5.63
CA TRP Z 49 -28.02 -35.37 -5.11
C TRP Z 49 -28.94 -34.33 -4.48
N TRP Z 50 -28.53 -33.06 -4.42
CA TRP Z 50 -29.37 -32.00 -3.89
C TRP Z 50 -30.28 -31.40 -4.97
N GLU Z 51 -29.70 -30.98 -6.08
CA GLU Z 51 -30.40 -30.24 -7.12
C GLU Z 51 -31.20 -31.18 -8.03
N PHE Z 52 -32.13 -30.59 -8.79
CA PHE Z 52 -32.78 -31.32 -9.85
C PHE Z 52 -31.75 -31.82 -10.85
N GLN Z 53 -31.97 -33.03 -11.36
CA GLN Z 53 -31.00 -33.64 -12.27
C GLN Z 53 -30.77 -32.76 -13.49
N ARG Z 54 -29.51 -32.49 -13.77
CA ARG Z 54 -29.11 -31.77 -14.97
C ARG Z 54 -28.11 -32.62 -15.75
N GLY Z 55 -27.73 -32.12 -16.92
CA GLY Z 55 -26.69 -32.73 -17.71
C GLY Z 55 -27.12 -33.89 -18.59
N LEU Z 56 -28.39 -34.26 -18.59
CA LEU Z 56 -28.87 -35.29 -19.50
C LEU Z 56 -30.10 -34.82 -20.25
N PRO Z 57 -30.35 -35.34 -21.47
CA PRO Z 57 -31.50 -34.94 -22.28
C PRO Z 57 -32.83 -35.28 -21.64
N SER AA 7 8.88 -42.91 28.17
CA SER AA 7 8.61 -42.79 26.73
C SER AA 7 8.67 -41.34 26.27
N LEU AA 8 8.71 -41.15 24.96
CA LEU AA 8 8.69 -39.80 24.41
C LEU AA 8 7.32 -39.15 24.57
N THR AA 9 6.26 -39.93 24.41
CA THR AA 9 4.91 -39.38 24.52
C THR AA 9 4.42 -39.29 25.96
N GLY AA 10 5.11 -39.91 26.90
CA GLY AA 10 4.71 -39.91 28.29
C GLY AA 10 3.72 -41.00 28.67
N LEU AA 11 3.18 -41.73 27.70
CA LEU AA 11 2.30 -42.84 27.99
C LEU AA 11 3.08 -43.99 28.61
N THR AA 12 2.43 -44.70 29.53
CA THR AA 12 3.00 -45.95 30.02
C THR AA 12 2.70 -47.08 29.03
N GLU AA 13 3.34 -48.22 29.25
CA GLU AA 13 3.12 -49.36 28.36
C GLU AA 13 1.67 -49.81 28.39
N GLU AA 14 1.07 -49.81 29.58
CA GLU AA 14 -0.33 -50.23 29.69
C GLU AA 14 -1.27 -49.22 29.06
N GLU AA 15 -1.02 -47.92 29.26
CA GLU AA 15 -1.81 -46.90 28.60
C GLU AA 15 -1.67 -47.00 27.09
N ALA AA 16 -0.45 -47.27 26.60
CA ALA AA 16 -0.23 -47.46 25.17
C ALA AA 16 -1.03 -48.65 24.65
N LYS AA 17 -1.04 -49.75 25.39
CA LYS AA 17 -1.81 -50.93 24.95
C LYS AA 17 -3.31 -50.65 24.94
N GLU AA 18 -3.82 -50.00 25.99
CA GLU AA 18 -5.25 -49.68 26.05
C GLU AA 18 -5.65 -48.79 24.88
N PHE AA 19 -4.88 -47.71 24.65
CA PHE AA 19 -5.18 -46.82 23.54
C PHE AA 19 -5.08 -47.56 22.22
N HIS AA 20 -4.10 -48.45 22.07
CA HIS AA 20 -3.94 -49.16 20.80
C HIS AA 20 -5.15 -50.03 20.52
N SER AA 21 -5.62 -50.77 21.52
CA SER AA 21 -6.78 -51.64 21.30
C SER AA 21 -8.00 -50.82 20.93
N VAL AA 22 -8.25 -49.72 21.67
CA VAL AA 22 -9.42 -48.91 21.36
C VAL AA 22 -9.28 -48.27 19.98
N PHE AA 23 -8.07 -47.83 19.63
CA PHE AA 23 -7.84 -47.14 18.37
C PHE AA 23 -8.03 -48.07 17.18
N VAL AA 24 -7.45 -49.26 17.25
CA VAL AA 24 -7.62 -50.23 16.17
C VAL AA 24 -9.08 -50.65 16.04
N SER AA 25 -9.76 -50.86 17.17
CA SER AA 25 -11.17 -51.22 17.10
C SER AA 25 -11.98 -50.12 16.43
N SER AA 26 -11.78 -48.87 16.85
CA SER AA 26 -12.52 -47.76 16.26
C SER AA 26 -12.22 -47.62 14.77
N MET AA 27 -10.94 -47.73 14.39
CA MET AA 27 -10.56 -47.59 13.00
C MET AA 27 -11.20 -48.67 12.14
N VAL AA 28 -11.19 -49.91 12.62
CA VAL AA 28 -11.77 -51.01 11.86
C VAL AA 28 -13.29 -50.85 11.74
N LEU AA 29 -13.94 -50.45 12.84
CA LEU AA 29 -15.38 -50.22 12.77
C LEU AA 29 -15.71 -49.10 11.78
N TYR AA 30 -14.92 -48.03 11.79
CA TYR AA 30 -15.13 -46.93 10.86
C TYR AA 30 -14.95 -47.38 9.41
N LEU AA 31 -13.89 -48.15 9.14
CA LEU AA 31 -13.67 -48.63 7.78
C LEU AA 31 -14.76 -49.59 7.33
N ALA AA 32 -15.22 -50.46 8.23
CA ALA AA 32 -16.27 -51.41 7.88
C ALA AA 32 -17.59 -50.71 7.59
N THR AA 33 -17.97 -49.72 8.42
CA THR AA 33 -19.19 -49.00 8.09
C THR AA 33 -19.01 -48.19 6.81
N ALA AA 34 -17.79 -47.74 6.51
CA ALA AA 34 -17.54 -47.12 5.22
C ALA AA 34 -17.83 -48.07 4.08
N VAL AA 35 -17.39 -49.34 4.21
CA VAL AA 35 -17.61 -50.32 3.15
C VAL AA 35 -19.10 -50.57 2.94
N ILE AA 36 -19.82 -50.78 4.04
CA ILE AA 36 -21.26 -51.02 3.95
C ILE AA 36 -21.97 -49.83 3.33
N VAL AA 37 -21.61 -48.63 3.77
CA VAL AA 37 -22.22 -47.41 3.28
C VAL AA 37 -21.94 -47.21 1.79
N HIS AA 38 -20.72 -47.55 1.36
CA HIS AA 38 -20.38 -47.42 -0.05
C HIS AA 38 -21.17 -48.39 -0.90
N TYR AA 39 -21.43 -49.60 -0.40
CA TYR AA 39 -22.31 -50.51 -1.13
C TYR AA 39 -23.73 -49.95 -1.24
N LEU AA 40 -24.26 -49.40 -0.14
CA LEU AA 40 -25.60 -48.81 -0.19
C LEU AA 40 -25.66 -47.67 -1.20
N VAL AA 41 -24.64 -46.82 -1.21
CA VAL AA 41 -24.59 -45.73 -2.18
C VAL AA 41 -24.54 -46.27 -3.60
N TRP AA 42 -23.77 -47.34 -3.82
CA TRP AA 42 -23.71 -47.95 -5.15
C TRP AA 42 -25.09 -48.39 -5.60
N THR AA 43 -25.89 -48.94 -4.67
CA THR AA 43 -27.26 -49.27 -5.03
C THR AA 43 -28.05 -48.01 -5.37
N ALA AA 44 -27.75 -46.90 -4.71
CA ALA AA 44 -28.40 -45.64 -5.08
C ALA AA 44 -27.84 -45.05 -6.38
N ARG AA 45 -26.52 -45.06 -6.55
CA ARG AA 45 -25.85 -44.46 -7.70
C ARG AA 45 -24.60 -45.26 -8.02
N PRO AA 46 -24.68 -46.17 -8.99
CA PRO AA 46 -23.46 -46.90 -9.36
C PRO AA 46 -22.51 -45.99 -10.13
N TRP AA 47 -21.47 -45.53 -9.44
CA TRP AA 47 -20.76 -44.33 -9.87
C TRP AA 47 -19.62 -44.59 -10.85
N ILE AA 48 -19.13 -45.81 -10.98
CA ILE AA 48 -18.13 -46.14 -11.98
C ILE AA 48 -18.89 -46.76 -13.15
N ALA AA 49 -19.16 -45.94 -14.17
CA ALA AA 49 -19.91 -46.41 -15.32
C ALA AA 49 -19.10 -47.44 -16.11
N PRO AA 50 -19.77 -48.34 -16.82
CA PRO AA 50 -19.07 -49.20 -17.77
C PRO AA 50 -18.46 -48.36 -18.89
N ILE AA 51 -17.45 -48.92 -19.56
CA ILE AA 51 -16.78 -48.23 -20.66
C ILE AA 51 -17.83 -47.88 -21.71
N PRO AA 52 -17.95 -46.61 -22.09
CA PRO AA 52 -18.94 -46.23 -23.09
C PRO AA 52 -18.45 -46.53 -24.50
N LYS AA 53 -19.39 -46.48 -25.43
CA LYS AA 53 -19.09 -46.74 -26.84
C LYS AA 53 -18.20 -45.63 -27.40
N GLY AA 54 -17.15 -46.04 -28.11
CA GLY AA 54 -16.21 -45.10 -28.68
C GLY AA 54 -15.11 -44.66 -27.73
N TRP AA 55 -15.07 -45.17 -26.51
CA TRP AA 55 -14.04 -44.83 -25.55
C TRP AA 55 -12.80 -45.69 -25.80
N VAL AA 56 -11.64 -45.06 -25.89
CA VAL AA 56 -10.38 -45.81 -25.89
C VAL AA 56 -9.30 -45.03 -25.14
N TYR BA 22 -25.84 -53.35 -13.62
CA TYR BA 22 -25.86 -53.83 -14.99
C TYR BA 22 -26.96 -53.14 -15.80
N PHE BA 23 -27.01 -53.42 -17.10
CA PHE BA 23 -28.03 -52.86 -17.97
C PHE BA 23 -29.19 -53.83 -18.10
N ALA BA 24 -30.40 -53.33 -17.82
CA ALA BA 24 -31.61 -54.12 -17.92
C ALA BA 24 -32.28 -53.84 -19.26
N ALA BA 25 -33.51 -54.34 -19.41
CA ALA BA 25 -34.32 -53.97 -20.58
C ALA BA 25 -34.52 -52.47 -20.62
N ASP BA 26 -34.64 -51.94 -21.84
CA ASP BA 26 -34.69 -50.51 -22.12
C ASP BA 26 -33.38 -49.80 -21.81
N GLY BA 27 -32.29 -50.54 -21.58
CA GLY BA 27 -30.98 -49.94 -21.40
C GLY BA 27 -30.84 -49.06 -20.19
N SER BA 28 -31.56 -49.36 -19.11
CA SER BA 28 -31.47 -48.58 -17.87
C SER BA 28 -30.68 -49.34 -16.83
N VAL BA 29 -29.80 -48.63 -16.12
CA VAL BA 29 -28.92 -49.28 -15.16
C VAL BA 29 -29.72 -49.84 -14.00
N VAL BA 30 -29.33 -51.03 -13.54
CA VAL BA 30 -29.92 -51.64 -12.34
C VAL BA 30 -28.77 -52.08 -11.45
N PRO BA 31 -28.48 -51.34 -10.37
CA PRO BA 31 -27.29 -51.65 -9.56
C PRO BA 31 -27.41 -53.00 -8.86
N SER BA 32 -26.27 -53.64 -8.65
CA SER BA 32 -26.25 -54.94 -8.00
C SER BA 32 -24.86 -55.22 -7.45
N ILE BA 33 -24.79 -56.22 -6.57
CA ILE BA 33 -23.53 -56.69 -6.02
C ILE BA 33 -22.69 -57.43 -7.07
N THR BA 34 -23.26 -57.72 -8.23
CA THR BA 34 -22.56 -58.39 -9.31
C THR BA 34 -21.92 -57.44 -10.30
N ASP BA 35 -22.09 -56.13 -10.14
CA ASP BA 35 -21.45 -55.19 -11.04
C ASP BA 35 -19.94 -55.24 -10.86
N ALA BA 36 -19.22 -55.43 -11.97
CA ALA BA 36 -17.78 -55.61 -11.88
C ALA BA 36 -17.09 -54.37 -11.31
N ASN BA 37 -17.52 -53.18 -11.74
CA ASN BA 37 -16.88 -51.96 -11.29
C ASN BA 37 -17.07 -51.71 -9.80
N LEU BA 38 -18.13 -52.25 -9.21
CA LEU BA 38 -18.33 -52.12 -7.76
C LEU BA 38 -17.17 -52.68 -6.97
N TRP BA 39 -16.38 -53.56 -7.53
CA TRP BA 39 -15.27 -54.14 -6.81
C TRP BA 39 -13.99 -53.35 -6.95
N VAL BA 40 -14.03 -52.20 -7.63
CA VAL BA 40 -12.94 -51.25 -7.53
C VAL BA 40 -13.01 -50.58 -6.16
N PRO BA 41 -14.11 -49.90 -5.77
CA PRO BA 41 -14.12 -49.29 -4.43
C PRO BA 41 -14.05 -50.31 -3.31
N LEU BA 42 -14.84 -51.38 -3.39
CA LEU BA 42 -14.83 -52.39 -2.34
C LEU BA 42 -13.42 -52.94 -2.13
N GLY BA 43 -12.76 -53.31 -3.22
CA GLY BA 43 -11.38 -53.73 -3.13
C GLY BA 43 -10.48 -52.69 -2.49
N ILE BA 44 -10.63 -51.42 -2.89
CA ILE BA 44 -9.80 -50.40 -2.27
C ILE BA 44 -10.14 -50.24 -0.80
N LEU BA 45 -11.40 -50.43 -0.43
CA LEU BA 45 -11.76 -50.22 0.96
C LEU BA 45 -11.64 -51.49 1.77
N GLY BA 46 -12.15 -52.61 1.24
CA GLY BA 46 -12.18 -53.84 2.00
C GLY BA 46 -10.81 -54.44 2.26
N ILE BA 47 -9.92 -54.40 1.27
CA ILE BA 47 -8.64 -55.10 1.35
C ILE BA 47 -7.78 -54.53 2.48
N PRO BA 48 -7.49 -53.21 2.53
CA PRO BA 48 -6.75 -52.71 3.70
C PRO BA 48 -7.48 -52.95 5.01
N THR BA 49 -8.80 -52.74 5.02
CA THR BA 49 -9.59 -52.94 6.23
C THR BA 49 -9.35 -54.32 6.81
N ILE BA 50 -9.15 -55.32 5.94
CA ILE BA 50 -8.84 -56.66 6.41
C ILE BA 50 -7.45 -56.71 7.04
N TRP BA 51 -6.42 -56.33 6.28
CA TRP BA 51 -5.09 -56.59 6.82
C TRP BA 51 -4.70 -55.60 7.91
N ILE BA 52 -5.28 -54.39 7.89
CA ILE BA 52 -5.16 -53.52 9.05
C ILE BA 52 -5.72 -54.21 10.28
N ALA BA 53 -6.85 -54.91 10.13
CA ALA BA 53 -7.43 -55.62 11.27
C ALA BA 53 -6.55 -56.78 11.73
N LEU BA 54 -5.63 -57.25 10.90
CA LEU BA 54 -4.87 -58.46 11.22
C LEU BA 54 -3.43 -58.19 11.60
N LEU BA 55 -2.78 -57.22 10.96
CA LEU BA 55 -1.35 -56.99 11.19
C LEU BA 55 -1.08 -56.27 12.51
N TYR BA 56 -1.94 -55.34 12.91
CA TYR BA 56 -1.64 -54.46 14.03
C TYR BA 56 -2.30 -54.89 15.34
N ARG BA 57 -3.04 -55.98 15.35
CA ARG BA 57 -3.64 -56.46 16.58
C ARG BA 57 -2.59 -57.02 17.53
N SER CA 8 19.68 -57.18 5.92
CA SER CA 8 20.67 -57.64 6.89
C SER CA 8 20.63 -56.75 8.12
N ALA CA 9 21.48 -55.72 8.13
CA ALA CA 9 21.47 -54.72 9.19
C ALA CA 9 20.57 -53.54 8.85
N SER CA 10 19.55 -53.75 8.00
CA SER CA 10 18.72 -52.64 7.52
C SER CA 10 17.93 -51.98 8.65
N TRP CA 11 17.56 -52.74 9.68
CA TRP CA 11 16.84 -52.17 10.82
C TRP CA 11 17.62 -51.04 11.47
N LYS CA 12 18.95 -51.05 11.34
CA LYS CA 12 19.77 -50.00 11.91
C LYS CA 12 19.48 -48.64 11.29
N LEU CA 13 18.79 -48.61 10.15
CA LEU CA 13 18.30 -47.35 9.61
C LEU CA 13 17.52 -46.57 10.65
N TRP CA 14 16.70 -47.25 11.44
CA TRP CA 14 15.88 -46.56 12.43
C TRP CA 14 16.67 -46.13 13.66
N LEU CA 15 17.96 -46.46 13.72
CA LEU CA 15 18.83 -45.91 14.73
C LEU CA 15 19.37 -44.53 14.34
N ILE CA 16 19.26 -44.16 13.06
CA ILE CA 16 19.71 -42.86 12.60
C ILE CA 16 18.56 -42.01 12.06
N LEU CA 17 17.57 -42.64 11.42
CA LEU CA 17 16.62 -41.93 10.58
C LEU CA 17 15.26 -41.66 11.23
N ASP CA 18 15.10 -41.86 12.53
CA ASP CA 18 13.99 -41.25 13.28
C ASP CA 18 12.60 -41.63 12.80
N PRO CA 19 12.06 -42.78 13.24
CA PRO CA 19 10.78 -43.27 12.72
C PRO CA 19 9.61 -42.30 12.77
N ARG CA 20 9.50 -41.42 13.78
CA ARG CA 20 8.36 -40.50 13.84
C ARG CA 20 8.35 -39.57 12.64
N ARG CA 21 9.49 -38.95 12.37
CA ARG CA 21 9.60 -38.01 11.25
C ARG CA 21 9.31 -38.71 9.94
N VAL CA 22 9.81 -39.95 9.79
CA VAL CA 22 9.58 -40.70 8.56
C VAL CA 22 8.11 -41.00 8.38
N LEU CA 23 7.45 -41.50 9.44
CA LEU CA 23 6.04 -41.89 9.29
C LEU CA 23 5.16 -40.69 8.99
N THR CA 24 5.35 -39.58 9.70
CA THR CA 24 4.51 -38.41 9.42
C THR CA 24 4.82 -37.82 8.05
N ALA CA 25 6.11 -37.80 7.66
CA ALA CA 25 6.46 -37.30 6.34
C ALA CA 25 5.85 -38.16 5.24
N LEU CA 26 5.87 -39.49 5.41
CA LEU CA 26 5.27 -40.37 4.43
C LEU CA 26 3.76 -40.17 4.36
N PHE CA 27 3.10 -39.99 5.50
CA PHE CA 27 1.67 -39.73 5.47
C PHE CA 27 1.37 -38.49 4.64
N ILE CA 28 2.09 -37.41 4.91
CA ILE CA 28 1.86 -36.17 4.18
C ILE CA 28 2.17 -36.36 2.69
N TYR CA 29 3.30 -36.98 2.38
CA TYR CA 29 3.75 -37.13 1.01
C TYR CA 29 2.78 -37.96 0.18
N LEU CA 30 2.34 -39.10 0.73
CA LEU CA 30 1.39 -39.94 0.01
C LEU CA 30 0.03 -39.28 -0.10
N THR CA 31 -0.36 -38.47 0.89
CA THR CA 31 -1.56 -37.66 0.75
C THR CA 31 -1.44 -36.71 -0.44
N VAL CA 32 -0.30 -36.03 -0.56
CA VAL CA 32 -0.09 -35.09 -1.66
C VAL CA 32 -0.23 -35.81 -2.99
N ILE CA 33 0.45 -36.95 -3.13
CA ILE CA 33 0.42 -37.65 -4.42
C ILE CA 33 -0.96 -38.19 -4.73
N ALA CA 34 -1.66 -38.73 -3.72
CA ALA CA 34 -3.01 -39.24 -3.95
C ALA CA 34 -3.96 -38.12 -4.37
N LEU CA 35 -3.88 -36.97 -3.71
CA LEU CA 35 -4.73 -35.84 -4.10
C LEU CA 35 -4.40 -35.38 -5.51
N LEU CA 36 -3.12 -35.28 -5.84
CA LEU CA 36 -2.71 -34.89 -7.18
C LEU CA 36 -3.30 -35.83 -8.21
N ILE CA 37 -3.20 -37.14 -7.99
CA ILE CA 37 -3.67 -38.08 -8.99
C ILE CA 37 -5.19 -38.02 -9.13
N HIS CA 38 -5.91 -38.07 -8.01
CA HIS CA 38 -7.37 -38.10 -8.07
C HIS CA 38 -7.90 -36.85 -8.76
N PHE CA 39 -7.39 -35.67 -8.39
CA PHE CA 39 -7.90 -34.44 -8.97
C PHE CA 39 -7.40 -34.19 -10.38
N GLY CA 40 -6.19 -34.65 -10.71
CA GLY CA 40 -5.74 -34.60 -12.09
C GLY CA 40 -6.60 -35.44 -13.00
N LEU CA 41 -6.96 -36.65 -12.54
CA LEU CA 41 -7.85 -37.51 -13.32
C LEU CA 41 -9.23 -36.88 -13.47
N LEU CA 42 -9.75 -36.28 -12.39
CA LEU CA 42 -11.02 -35.59 -12.50
C LEU CA 42 -10.95 -34.38 -13.42
N SER CA 43 -9.75 -33.86 -13.68
CA SER CA 43 -9.56 -32.76 -14.61
C SER CA 43 -9.41 -33.21 -16.05
N THR CA 44 -9.70 -34.47 -16.36
CA THR CA 44 -9.68 -34.95 -17.73
C THR CA 44 -11.08 -35.34 -18.15
N ASN CA 45 -11.31 -35.41 -19.45
CA ASN CA 45 -12.56 -35.99 -19.93
C ASN CA 45 -12.49 -37.52 -19.94
N ARG CA 46 -11.35 -38.06 -20.36
CA ARG CA 46 -11.26 -39.51 -20.60
C ARG CA 46 -11.32 -40.30 -19.31
N LEU CA 47 -10.72 -39.81 -18.23
CA LEU CA 47 -10.57 -40.59 -17.00
C LEU CA 47 -11.34 -40.02 -15.82
N ASN CA 48 -12.24 -39.07 -16.03
CA ASN CA 48 -13.10 -38.59 -14.97
C ASN CA 48 -14.22 -39.60 -14.76
N TRP CA 49 -14.35 -40.11 -13.54
CA TRP CA 49 -15.34 -41.12 -13.21
C TRP CA 49 -16.56 -40.54 -12.49
N TRP CA 50 -16.53 -39.26 -12.11
CA TRP CA 50 -17.66 -38.65 -11.42
C TRP CA 50 -18.75 -38.20 -12.40
N GLU CA 51 -18.36 -37.42 -13.39
CA GLU CA 51 -19.27 -36.70 -14.25
C GLU CA 51 -19.77 -37.60 -15.39
N PHE CA 52 -20.81 -37.12 -16.08
CA PHE CA 52 -21.20 -37.74 -17.35
C PHE CA 52 -20.03 -37.68 -18.32
N GLN CA 53 -19.90 -38.74 -19.13
CA GLN CA 53 -18.79 -38.81 -20.07
C GLN CA 53 -18.83 -37.65 -21.04
N ARG CA 54 -17.71 -36.98 -21.21
CA ARG CA 54 -17.57 -35.85 -22.11
C ARG CA 54 -16.45 -36.10 -23.08
N GLY CA 55 -16.40 -35.29 -24.12
CA GLY CA 55 -15.31 -35.36 -25.07
C GLY CA 55 -15.28 -36.60 -25.92
N LEU CA 56 -16.40 -37.29 -26.05
CA LEU CA 56 -16.48 -38.55 -26.78
C LEU CA 56 -17.46 -38.40 -27.93
N PRO CA 57 -17.04 -38.56 -29.20
CA PRO CA 57 -17.94 -38.45 -30.34
C PRO CA 57 -18.94 -39.59 -30.41
N SER DA 7 20.68 -43.99 21.17
CA SER DA 7 21.23 -43.72 19.85
C SER DA 7 20.76 -42.36 19.32
N LEU DA 8 20.88 -42.16 18.01
CA LEU DA 8 20.51 -40.89 17.41
C LEU DA 8 19.02 -40.62 17.53
N THR DA 9 18.19 -41.65 17.46
CA THR DA 9 16.75 -41.48 17.45
C THR DA 9 16.09 -41.82 18.79
N GLY DA 10 16.88 -42.24 19.77
CA GLY DA 10 16.34 -42.64 21.05
C GLY DA 10 15.78 -44.05 21.10
N LEU DA 11 15.66 -44.73 19.96
CA LEU DA 11 15.17 -46.09 19.94
C LEU DA 11 16.25 -47.06 20.41
N THR DA 12 15.84 -48.08 21.15
CA THR DA 12 16.74 -49.17 21.46
C THR DA 12 16.89 -50.08 20.24
N GLU DA 13 17.85 -51.01 20.32
CA GLU DA 13 18.06 -51.93 19.21
C GLU DA 13 16.83 -52.82 18.99
N GLU DA 14 16.21 -53.30 20.06
CA GLU DA 14 15.03 -54.14 19.91
C GLU DA 14 13.84 -53.33 19.40
N GLU DA 15 13.71 -52.08 19.82
CA GLU DA 15 12.69 -51.22 19.24
C GLU DA 15 12.93 -50.99 17.77
N ALA DA 16 14.20 -50.82 17.37
CA ALA DA 16 14.53 -50.67 15.96
C ALA DA 16 14.14 -51.91 15.17
N LYS DA 17 14.42 -53.11 15.71
CA LYS DA 17 14.04 -54.33 15.00
C LYS DA 17 12.53 -54.47 14.87
N GLU DA 18 11.80 -54.22 15.97
CA GLU DA 18 10.34 -54.32 15.92
C GLU DA 18 9.75 -53.33 14.93
N PHE DA 19 10.20 -52.07 14.99
CA PHE DA 19 9.68 -51.06 14.07
C PHE DA 19 10.02 -51.42 12.63
N HIS DA 20 11.24 -51.88 12.38
CA HIS DA 20 11.61 -52.24 11.02
C HIS DA 20 10.72 -53.35 10.49
N SER DA 21 10.47 -54.38 11.31
CA SER DA 21 9.60 -55.46 10.89
C SER DA 21 8.23 -54.93 10.50
N VAL DA 22 7.62 -54.16 11.38
CA VAL DA 22 6.26 -53.68 11.11
C VAL DA 22 6.25 -52.73 9.92
N PHE DA 23 7.23 -51.84 9.83
CA PHE DA 23 7.27 -50.85 8.75
C PHE DA 23 7.38 -51.52 7.40
N VAL DA 24 8.30 -52.49 7.27
CA VAL DA 24 8.46 -53.18 6.00
C VAL DA 24 7.20 -53.96 5.66
N SER DA 25 6.61 -54.63 6.65
CA SER DA 25 5.39 -55.38 6.40
C SER DA 25 4.29 -54.46 5.87
N SER DA 26 4.09 -53.32 6.52
CA SER DA 26 3.05 -52.38 6.10
C SER DA 26 3.34 -51.80 4.72
N MET DA 27 4.60 -51.46 4.45
CA MET DA 27 4.95 -50.90 3.15
C MET DA 27 4.66 -51.91 2.04
N VAL DA 28 5.03 -53.17 2.26
CA VAL DA 28 4.82 -54.19 1.24
C VAL DA 28 3.32 -54.47 1.07
N LEU DA 29 2.57 -54.51 2.17
CA LEU DA 29 1.13 -54.73 2.05
C LEU DA 29 0.45 -53.60 1.29
N TYR DA 30 0.84 -52.35 1.58
CA TYR DA 30 0.29 -51.20 0.88
C TYR DA 30 0.64 -51.24 -0.61
N LEU DA 31 1.88 -51.58 -0.94
CA LEU DA 31 2.28 -51.68 -2.34
C LEU DA 31 1.53 -52.79 -3.06
N ALA DA 32 1.35 -53.94 -2.40
CA ALA DA 32 0.67 -55.07 -3.03
C ALA DA 32 -0.81 -54.79 -3.25
N THR DA 33 -1.47 -54.14 -2.29
CA THR DA 33 -2.85 -53.76 -2.54
C THR DA 33 -2.94 -52.69 -3.62
N ALA DA 34 -1.94 -51.80 -3.72
CA ALA DA 34 -1.92 -50.87 -4.83
C ALA DA 34 -1.82 -51.59 -6.17
N VAL DA 35 -1.00 -52.65 -6.23
CA VAL DA 35 -0.89 -53.44 -7.47
C VAL DA 35 -2.24 -54.06 -7.83
N ILE DA 36 -2.89 -54.69 -6.84
CA ILE DA 36 -4.19 -55.33 -7.10
C ILE DA 36 -5.21 -54.29 -7.55
N VAL DA 37 -5.26 -53.16 -6.84
CA VAL DA 37 -6.20 -52.10 -7.16
C VAL DA 37 -5.97 -51.58 -8.56
N HIS DA 38 -4.71 -51.44 -8.97
CA HIS DA 38 -4.42 -50.94 -10.31
C HIS DA 38 -4.89 -51.93 -11.37
N TYR DA 39 -4.77 -53.23 -11.11
CA TYR DA 39 -5.34 -54.19 -12.03
C TYR DA 39 -6.85 -54.04 -12.14
N LEU DA 40 -7.53 -53.91 -11.00
CA LEU DA 40 -8.98 -53.74 -11.03
C LEU DA 40 -9.39 -52.48 -11.77
N VAL DA 41 -8.66 -51.39 -11.56
CA VAL DA 41 -8.97 -50.15 -12.27
C VAL DA 41 -8.73 -50.31 -13.76
N TRP DA 42 -7.65 -51.01 -14.14
CA TRP DA 42 -7.42 -51.29 -15.55
C TRP DA 42 -8.60 -52.03 -16.16
N THR DA 43 -9.18 -52.97 -15.43
CA THR DA 43 -10.40 -53.61 -15.90
C THR DA 43 -11.53 -52.59 -16.03
N ALA DA 44 -11.60 -51.63 -15.12
CA ALA DA 44 -12.61 -50.58 -15.25
C ALA DA 44 -12.29 -49.63 -16.40
N ARG DA 45 -11.05 -49.14 -16.47
CA ARG DA 45 -10.62 -48.17 -17.48
C ARG DA 45 -9.18 -48.48 -17.90
N PRO DA 46 -8.98 -49.09 -19.06
CA PRO DA 46 -7.59 -49.34 -19.50
C PRO DA 46 -6.96 -48.04 -19.97
N TRP DA 47 -6.12 -47.45 -19.13
CA TRP DA 47 -5.83 -46.03 -19.27
C TRP DA 47 -4.65 -45.73 -20.18
N ILE DA 48 -3.80 -46.69 -20.47
CA ILE DA 48 -2.74 -46.50 -21.45
C ILE DA 48 -3.25 -47.06 -22.76
N ALA DA 49 -3.82 -46.17 -23.59
CA ALA DA 49 -4.40 -46.58 -24.85
C ALA DA 49 -3.30 -47.05 -25.81
N PRO DA 50 -3.64 -47.96 -26.73
CA PRO DA 50 -2.66 -48.37 -27.75
C PRO DA 50 -2.28 -47.18 -28.61
N ILE DA 51 -1.14 -47.32 -29.29
CA ILE DA 51 -0.64 -46.27 -30.19
C ILE DA 51 -1.71 -45.98 -31.24
N PRO DA 52 -2.20 -44.75 -31.33
CA PRO DA 52 -3.23 -44.45 -32.33
C PRO DA 52 -2.66 -44.45 -33.73
N LYS DA 53 -3.56 -44.32 -34.70
CA LYS DA 53 -3.25 -44.64 -36.09
C LYS DA 53 -2.06 -43.84 -36.61
N GLY DA 54 -2.18 -42.52 -36.66
CA GLY DA 54 -1.13 -41.69 -37.23
C GLY DA 54 -0.02 -41.30 -36.28
N TRP DA 55 0.01 -41.85 -35.07
CA TRP DA 55 0.98 -41.45 -34.05
C TRP DA 55 2.39 -41.82 -34.48
N VAL DA 56 3.30 -40.85 -34.36
CA VAL DA 56 4.73 -41.09 -34.57
C VAL DA 56 5.50 -40.30 -33.52
N TYR EA 22 -7.99 -55.29 -24.85
CA TYR EA 22 -7.75 -55.36 -26.29
C TYR EA 22 -8.97 -54.90 -27.06
N PHE EA 23 -8.82 -54.78 -28.38
CA PHE EA 23 -9.92 -54.37 -29.24
C PHE EA 23 -10.72 -55.60 -29.65
N ALA EA 24 -12.02 -55.58 -29.38
CA ALA EA 24 -12.90 -56.66 -29.78
C ALA EA 24 -13.12 -56.62 -31.30
N ALA EA 25 -13.94 -57.55 -31.80
CA ALA EA 25 -14.23 -57.60 -33.22
C ALA EA 25 -14.92 -56.33 -33.71
N ASP EA 26 -15.64 -55.65 -32.82
CA ASP EA 26 -16.37 -54.43 -33.15
C ASP EA 26 -15.55 -53.16 -32.93
N GLY EA 27 -14.29 -53.28 -32.53
CA GLY EA 27 -13.49 -52.13 -32.18
C GLY EA 27 -13.72 -51.61 -30.79
N SER EA 28 -14.61 -52.23 -30.02
CA SER EA 28 -14.78 -51.86 -28.63
C SER EA 28 -13.57 -52.30 -27.82
N VAL EA 29 -13.45 -51.75 -26.62
CA VAL EA 29 -12.31 -52.00 -25.74
C VAL EA 29 -12.72 -53.03 -24.71
N VAL EA 30 -12.01 -54.15 -24.67
CA VAL EA 30 -12.20 -55.19 -23.67
C VAL EA 30 -10.91 -55.34 -22.88
N PRO EA 31 -10.81 -54.71 -21.72
CA PRO EA 31 -9.58 -54.81 -20.93
C PRO EA 31 -9.37 -56.22 -20.41
N SER EA 32 -8.10 -56.60 -20.31
CA SER EA 32 -7.75 -57.92 -19.83
C SER EA 32 -6.31 -57.90 -19.33
N ILE EA 33 -5.96 -58.94 -18.57
CA ILE EA 33 -4.61 -59.09 -18.05
C ILE EA 33 -3.59 -59.25 -19.17
N THR EA 34 -4.00 -59.68 -20.35
CA THR EA 34 -3.09 -59.86 -21.46
C THR EA 34 -2.79 -58.56 -22.19
N ASP EA 35 -3.43 -57.45 -21.82
CA ASP EA 35 -3.13 -56.17 -22.44
C ASP EA 35 -1.67 -55.79 -22.19
N ALA EA 36 -0.96 -55.51 -23.28
CA ALA EA 36 0.47 -55.23 -23.18
C ALA EA 36 0.74 -53.98 -22.35
N ASN EA 37 -0.06 -52.93 -22.54
CA ASN EA 37 0.20 -51.67 -21.85
C ASN EA 37 -0.03 -51.78 -20.35
N LEU EA 38 -0.89 -52.71 -19.92
CA LEU EA 38 -1.13 -52.92 -18.50
C LEU EA 38 0.15 -53.25 -17.75
N TRP EA 39 1.14 -53.79 -18.43
CA TRP EA 39 2.38 -54.19 -17.78
C TRP EA 39 3.36 -53.04 -17.60
N VAL EA 40 3.02 -51.84 -18.06
CA VAL EA 40 3.80 -50.67 -17.68
C VAL EA 40 3.51 -50.36 -16.21
N PRO EA 41 2.26 -50.07 -15.80
CA PRO EA 41 2.04 -49.80 -14.37
C PRO EA 41 2.39 -50.97 -13.47
N LEU EA 42 1.95 -52.17 -13.81
CA LEU EA 42 2.27 -53.33 -12.98
C LEU EA 42 3.78 -53.47 -12.83
N GLY EA 43 4.50 -53.37 -13.95
CA GLY EA 43 5.95 -53.39 -13.88
C GLY EA 43 6.53 -52.27 -13.02
N ILE EA 44 5.96 -51.07 -13.12
CA ILE EA 44 6.46 -50.01 -12.26
C ILE EA 44 6.14 -50.29 -10.81
N LEU EA 45 4.99 -50.92 -10.53
CA LEU EA 45 4.59 -51.13 -9.15
C LEU EA 45 5.13 -52.45 -8.61
N GLY EA 46 5.01 -53.52 -9.38
CA GLY EA 46 5.36 -54.84 -8.87
C GLY EA 46 6.84 -55.03 -8.63
N ILE EA 47 7.68 -54.53 -9.56
CA ILE EA 47 9.12 -54.80 -9.46
C ILE EA 47 9.73 -54.27 -8.17
N PRO EA 48 9.57 -53.00 -7.81
CA PRO EA 48 10.09 -52.57 -6.49
C PRO EA 48 9.44 -53.32 -5.36
N THR EA 49 8.13 -53.54 -5.44
CA THR EA 49 7.40 -54.25 -4.40
C THR EA 49 8.04 -55.59 -4.10
N ILE EA 50 8.62 -56.24 -5.10
CA ILE EA 50 9.31 -57.50 -4.87
C ILE EA 50 10.63 -57.24 -4.15
N TRP EA 51 11.50 -56.40 -4.74
CA TRP EA 51 12.84 -56.35 -4.17
C TRP EA 51 12.88 -55.55 -2.87
N ILE EA 52 11.96 -54.60 -2.70
CA ILE EA 52 11.82 -53.98 -1.39
C ILE EA 52 11.47 -55.03 -0.35
N ALA EA 53 10.62 -55.99 -0.72
CA ALA EA 53 10.29 -57.06 0.21
C ALA EA 53 11.49 -57.92 0.53
N LEU EA 54 12.46 -58.01 -0.39
CA LEU EA 54 13.59 -58.93 -0.22
C LEU EA 54 14.87 -58.24 0.23
N LEU EA 55 15.16 -57.06 -0.30
CA LEU EA 55 16.37 -56.35 0.09
C LEU EA 55 16.35 -55.99 1.57
N TYR EA 56 15.17 -55.62 2.08
CA TYR EA 56 15.00 -55.26 3.48
C TYR EA 56 14.24 -56.35 4.25
N ARG EA 57 14.27 -57.58 3.76
CA ARG EA 57 13.64 -58.71 4.43
C ARG EA 57 14.23 -58.91 5.82
N SER FA 8 36.95 -48.79 -2.80
CA SER FA 8 37.28 -49.64 -1.66
C SER FA 8 37.06 -48.90 -0.34
N ALA FA 9 37.40 -47.62 -0.33
CA ALA FA 9 37.19 -46.77 0.83
C ALA FA 9 36.00 -45.85 0.69
N SER FA 10 35.13 -46.11 -0.29
CA SER FA 10 33.99 -45.23 -0.55
C SER FA 10 33.05 -45.17 0.64
N TRP FA 11 32.96 -46.24 1.43
CA TRP FA 11 32.09 -46.24 2.60
C TRP FA 11 32.44 -45.11 3.56
N LYS FA 12 33.71 -44.67 3.57
CA LYS FA 12 34.12 -43.59 4.45
C LYS FA 12 33.38 -42.30 4.16
N LEU FA 13 32.76 -42.19 2.99
CA LEU FA 13 31.90 -41.05 2.69
C LEU FA 13 30.87 -40.84 3.78
N TRP FA 14 30.32 -41.94 4.32
CA TRP FA 14 29.28 -41.82 5.33
C TRP FA 14 29.82 -41.44 6.69
N LEU FA 15 31.14 -41.36 6.84
CA LEU FA 15 31.72 -40.78 8.05
C LEU FA 15 31.75 -39.26 8.01
N ILE FA 16 31.55 -38.63 6.85
CA ILE FA 16 31.47 -37.19 6.74
C ILE FA 16 30.13 -36.72 6.18
N LEU FA 17 29.56 -37.42 5.21
CA LEU FA 17 28.47 -36.88 4.41
C LEU FA 17 27.07 -37.13 5.00
N ASP FA 18 26.96 -37.70 6.19
CA ASP FA 18 25.70 -37.68 6.93
C ASP FA 18 24.52 -38.37 6.23
N PRO FA 19 24.44 -39.71 6.27
CA PRO FA 19 23.36 -40.45 5.60
C PRO FA 19 21.96 -39.83 5.65
N ARG FA 20 21.53 -39.29 6.79
CA ARG FA 20 20.16 -38.76 6.88
C ARG FA 20 19.96 -37.60 5.92
N ARG FA 21 20.92 -36.68 5.87
CA ARG FA 21 20.80 -35.52 4.99
C ARG FA 21 20.75 -35.97 3.54
N VAL FA 22 21.59 -36.92 3.16
CA VAL FA 22 21.62 -37.39 1.78
C VAL FA 22 20.31 -38.08 1.42
N LEU FA 23 19.80 -38.92 2.31
CA LEU FA 23 18.55 -39.62 2.02
C LEU FA 23 17.40 -38.63 1.89
N THR FA 24 17.31 -37.64 2.78
CA THR FA 24 16.25 -36.65 2.70
C THR FA 24 16.34 -35.85 1.41
N ALA FA 25 17.56 -35.38 1.09
CA ALA FA 25 17.76 -34.57 -0.11
C ALA FA 25 17.44 -35.36 -1.37
N LEU FA 26 17.86 -36.63 -1.43
CA LEU FA 26 17.52 -37.46 -2.58
C LEU FA 26 16.02 -37.68 -2.68
N PHE FA 27 15.35 -37.91 -1.56
CA PHE FA 27 13.91 -38.09 -1.60
C PHE FA 27 13.23 -36.88 -2.22
N ILE FA 28 13.55 -35.68 -1.71
CA ILE FA 28 12.96 -34.45 -2.25
C ILE FA 28 13.33 -34.24 -3.70
N TYR FA 29 14.61 -34.45 -4.03
CA TYR FA 29 15.13 -34.19 -5.37
C TYR FA 29 14.47 -35.09 -6.40
N LEU FA 30 14.46 -36.39 -6.14
CA LEU FA 30 13.84 -37.33 -7.06
C LEU FA 30 12.34 -37.12 -7.16
N THR FA 31 11.67 -36.76 -6.07
CA THR FA 31 10.26 -36.42 -6.17
C THR FA 31 10.04 -35.24 -7.11
N VAL FA 32 10.85 -34.18 -6.96
CA VAL FA 32 10.70 -33.00 -7.80
C VAL FA 32 10.95 -33.34 -9.26
N ILE FA 33 11.99 -34.13 -9.54
CA ILE FA 33 12.29 -34.52 -10.92
C ILE FA 33 11.16 -35.35 -11.50
N ALA FA 34 10.64 -36.32 -10.73
CA ALA FA 34 9.55 -37.16 -11.21
C ALA FA 34 8.29 -36.35 -11.49
N LEU FA 35 7.94 -35.43 -10.59
CA LEU FA 35 6.79 -34.56 -10.82
C LEU FA 35 7.00 -33.72 -12.06
N LEU FA 36 8.20 -33.17 -12.25
CA LEU FA 36 8.47 -32.39 -13.43
C LEU FA 36 8.26 -33.21 -14.70
N ILE FA 37 8.74 -34.45 -14.71
CA ILE FA 37 8.62 -35.27 -15.92
C ILE FA 37 7.17 -35.66 -16.17
N HIS FA 38 6.45 -36.13 -15.14
CA HIS FA 38 5.07 -36.52 -15.35
C HIS FA 38 4.22 -35.34 -15.80
N PHE FA 39 4.39 -34.17 -15.16
CA PHE FA 39 3.65 -32.98 -15.57
C PHE FA 39 4.02 -32.55 -16.99
N GLY FA 40 5.31 -32.57 -17.31
CA GLY FA 40 5.72 -32.19 -18.65
C GLY FA 40 5.12 -33.08 -19.71
N LEU FA 41 5.14 -34.39 -19.50
CA LEU FA 41 4.51 -35.31 -20.44
C LEU FA 41 3.01 -35.04 -20.54
N LEU FA 42 2.36 -34.80 -19.40
CA LEU FA 42 0.93 -34.52 -19.43
C LEU FA 42 0.62 -33.23 -20.19
N SER FA 43 1.56 -32.29 -20.23
CA SER FA 43 1.32 -31.03 -20.94
C SER FA 43 1.47 -31.15 -22.46
N THR FA 44 1.99 -32.26 -22.96
CA THR FA 44 2.12 -32.45 -24.40
C THR FA 44 0.86 -33.11 -24.97
N ASN FA 45 0.75 -33.09 -26.29
CA ASN FA 45 -0.28 -33.86 -26.97
C ASN FA 45 0.19 -35.27 -27.31
N ARG FA 46 1.45 -35.41 -27.71
CA ARG FA 46 1.97 -36.68 -28.18
C ARG FA 46 2.08 -37.71 -27.07
N LEU FA 47 2.57 -37.31 -25.90
CA LEU FA 47 2.88 -38.25 -24.83
C LEU FA 47 1.93 -38.17 -23.64
N ASN FA 48 0.84 -37.43 -23.75
CA ASN FA 48 -0.19 -37.43 -22.71
C ASN FA 48 -0.95 -38.75 -22.75
N TRP FA 49 -0.98 -39.45 -21.62
CA TRP FA 49 -1.63 -40.75 -21.54
C TRP FA 49 -2.94 -40.71 -20.76
N TRP FA 50 -3.33 -39.56 -20.21
CA TRP FA 50 -4.60 -39.43 -19.50
C TRP FA 50 -5.75 -39.10 -20.43
N GLU FA 51 -5.65 -37.97 -21.13
CA GLU FA 51 -6.75 -37.43 -21.93
C GLU FA 51 -6.87 -38.19 -23.24
N PHE FA 52 -8.01 -37.98 -23.92
CA PHE FA 52 -8.17 -38.46 -25.29
C PHE FA 52 -7.09 -37.88 -26.18
N GLN FA 53 -6.58 -38.71 -27.09
CA GLN FA 53 -5.51 -38.27 -27.98
C GLN FA 53 -5.96 -37.07 -28.80
N ARG FA 54 -5.14 -36.01 -28.80
CA ARG FA 54 -5.38 -34.85 -29.65
C ARG FA 54 -4.06 -34.41 -30.26
N GLY FA 55 -4.15 -33.43 -31.16
CA GLY FA 55 -2.99 -32.92 -31.86
C GLY FA 55 -2.48 -33.80 -32.97
N LEU FA 56 -3.23 -34.83 -33.33
CA LEU FA 56 -2.76 -35.86 -34.24
C LEU FA 56 -3.54 -35.80 -35.55
N PRO FA 57 -2.87 -35.57 -36.68
CA PRO FA 57 -3.49 -35.58 -38.01
C PRO FA 57 -4.10 -36.93 -38.37
N SER GA 7 33.36 -39.68 14.45
CA SER GA 7 33.08 -39.17 13.12
C SER GA 7 32.19 -37.93 13.18
N LEU GA 8 32.26 -37.10 12.14
CA LEU GA 8 31.40 -35.93 12.08
C LEU GA 8 29.94 -36.32 12.07
N THR GA 9 29.60 -37.39 11.35
CA THR GA 9 28.23 -37.88 11.30
C THR GA 9 27.84 -38.66 12.55
N GLY GA 10 28.80 -39.13 13.33
CA GLY GA 10 28.53 -39.95 14.49
C GLY GA 10 28.42 -41.43 14.21
N LEU GA 11 28.28 -41.83 12.95
CA LEU GA 11 28.31 -43.24 12.61
C LEU GA 11 29.69 -43.83 12.89
N THR GA 12 29.72 -45.11 13.20
CA THR GA 12 30.96 -45.83 13.38
C THR GA 12 31.39 -46.42 12.04
N GLU GA 13 32.59 -47.03 12.03
CA GLU GA 13 33.10 -47.62 10.79
C GLU GA 13 32.20 -48.75 10.31
N GLU GA 14 31.78 -49.63 11.22
CA GLU GA 14 30.94 -50.76 10.82
C GLU GA 14 29.57 -50.28 10.35
N GLU GA 15 29.00 -49.30 11.05
CA GLU GA 15 27.74 -48.72 10.61
C GLU GA 15 27.87 -48.09 9.24
N ALA GA 16 28.96 -47.36 9.00
CA ALA GA 16 29.17 -46.75 7.70
C ALA GA 16 29.29 -47.80 6.61
N LYS GA 17 30.00 -48.91 6.89
CA LYS GA 17 30.13 -49.97 5.89
C LYS GA 17 28.79 -50.62 5.58
N GLU GA 18 28.00 -50.92 6.62
CA GLU GA 18 26.69 -51.51 6.38
C GLU GA 18 25.78 -50.56 5.60
N PHE GA 19 25.79 -49.28 5.98
CA PHE GA 19 24.98 -48.31 5.25
C PHE GA 19 25.44 -48.20 3.80
N HIS GA 20 26.75 -48.21 3.56
CA HIS GA 20 27.23 -48.07 2.19
C HIS GA 20 26.80 -49.27 1.35
N SER GA 21 26.93 -50.48 1.90
CA SER GA 21 26.49 -51.67 1.18
C SER GA 21 25.02 -51.56 0.80
N VAL GA 22 24.16 -51.24 1.77
CA VAL GA 22 22.73 -51.21 1.48
C VAL GA 22 22.39 -50.04 0.56
N PHE GA 23 23.04 -48.89 0.74
CA PHE GA 23 22.76 -47.73 -0.09
C PHE GA 23 23.11 -47.98 -1.55
N VAL GA 24 24.29 -48.55 -1.79
CA VAL GA 24 24.68 -48.83 -3.17
C VAL GA 24 23.76 -49.89 -3.78
N SER GA 25 23.40 -50.91 -3.00
CA SER GA 25 22.46 -51.92 -3.52
C SER GA 25 21.12 -51.29 -3.87
N SER GA 26 20.59 -50.42 -3.00
CA SER GA 26 19.31 -49.78 -3.25
C SER GA 26 19.38 -48.88 -4.48
N MET GA 27 20.44 -48.09 -4.59
CA MET GA 27 20.57 -47.19 -5.73
C MET GA 27 20.66 -47.97 -7.05
N VAL GA 28 21.45 -49.05 -7.06
CA VAL GA 28 21.57 -49.86 -8.27
C VAL GA 28 20.25 -50.53 -8.61
N LEU GA 29 19.54 -51.06 -7.62
CA LEU GA 29 18.25 -51.68 -7.89
C LEU GA 29 17.24 -50.67 -8.42
N TYR GA 30 17.24 -49.46 -7.85
CA TYR GA 30 16.37 -48.40 -8.35
C TYR GA 30 16.69 -48.05 -9.78
N LEU GA 31 17.97 -47.92 -10.12
CA LEU GA 31 18.35 -47.58 -11.48
C LEU GA 31 18.02 -48.71 -12.45
N ALA GA 32 18.18 -49.96 -12.01
CA ALA GA 32 17.88 -51.10 -12.87
C ALA GA 32 16.39 -51.20 -13.16
N THR GA 33 15.54 -51.01 -12.15
CA THR GA 33 14.11 -50.98 -12.44
C THR GA 33 13.76 -49.78 -13.30
N ALA GA 34 14.46 -48.66 -13.14
CA ALA GA 34 14.28 -47.54 -14.08
C ALA GA 34 14.55 -47.97 -15.51
N VAL GA 35 15.64 -48.73 -15.73
CA VAL GA 35 15.98 -49.18 -17.07
C VAL GA 35 14.89 -50.08 -17.64
N ILE GA 36 14.47 -51.08 -16.87
CA ILE GA 36 13.46 -52.03 -17.33
C ILE GA 36 12.15 -51.30 -17.62
N VAL GA 37 11.74 -50.40 -16.73
CA VAL GA 37 10.52 -49.64 -16.90
C VAL GA 37 10.59 -48.79 -18.16
N HIS GA 38 11.74 -48.17 -18.42
CA HIS GA 38 11.88 -47.34 -19.61
C HIS GA 38 11.74 -48.18 -20.87
N TYR GA 39 12.28 -49.40 -20.87
CA TYR GA 39 12.05 -50.28 -22.02
C TYR GA 39 10.56 -50.58 -22.19
N LEU GA 40 9.86 -50.89 -21.10
CA LEU GA 40 8.44 -51.18 -21.19
C LEU GA 40 7.66 -49.97 -21.73
N VAL GA 41 7.99 -48.78 -21.24
CA VAL GA 41 7.35 -47.55 -21.70
C VAL GA 41 7.63 -47.34 -23.19
N TRP GA 42 8.87 -47.60 -23.61
CA TRP GA 42 9.20 -47.52 -25.04
C TRP GA 42 8.33 -48.46 -25.85
N THR GA 43 8.06 -49.65 -25.33
CA THR GA 43 7.11 -50.53 -25.99
C THR GA 43 5.72 -49.91 -26.06
N ALA GA 44 5.35 -49.12 -25.05
CA ALA GA 44 4.07 -48.41 -25.12
C ALA GA 44 4.17 -47.15 -25.98
N ARG GA 45 5.19 -46.33 -25.77
CA ARG GA 45 5.37 -45.08 -26.52
C ARG GA 45 6.84 -44.94 -26.90
N PRO GA 46 7.19 -45.24 -28.15
CA PRO GA 46 8.58 -45.06 -28.59
C PRO GA 46 8.91 -43.59 -28.79
N TRP GA 47 9.36 -42.94 -27.72
CA TRP GA 47 9.23 -41.49 -27.59
C TRP GA 47 10.25 -40.69 -28.38
N ILE GA 48 11.34 -41.28 -28.85
CA ILE GA 48 12.31 -40.57 -29.68
C ILE GA 48 12.04 -41.00 -31.12
N ALA GA 49 11.26 -40.21 -31.84
CA ALA GA 49 10.93 -40.52 -33.22
C ALA GA 49 12.17 -40.39 -34.11
N PRO GA 50 12.22 -41.12 -35.22
CA PRO GA 50 13.33 -40.95 -36.16
C PRO GA 50 13.31 -39.56 -36.80
N ILE GA 51 14.47 -39.17 -37.32
CA ILE GA 51 14.61 -37.91 -38.03
C ILE GA 51 13.55 -37.84 -39.12
N PRO GA 52 12.64 -36.88 -39.08
CA PRO GA 52 11.61 -36.80 -40.11
C PRO GA 52 12.14 -36.41 -41.48
N LYS GA 53 11.23 -36.26 -42.44
CA LYS GA 53 11.60 -36.24 -43.85
C LYS GA 53 12.49 -35.05 -44.19
N GLY GA 54 12.05 -33.84 -43.85
CA GLY GA 54 12.78 -32.63 -44.19
C GLY GA 54 13.68 -32.08 -43.11
N TRP GA 55 13.91 -32.83 -42.04
CA TRP GA 55 14.67 -32.33 -40.90
C TRP GA 55 16.14 -32.14 -41.27
N VAL GA 56 16.68 -30.98 -40.94
CA VAL GA 56 18.11 -30.69 -41.15
C VAL GA 56 18.74 -30.16 -39.86
N TYR HA 22 10.44 -49.55 -34.99
CA TYR HA 22 10.61 -49.38 -36.43
C TYR HA 22 9.28 -49.10 -37.10
N PHE HA 23 9.32 -48.82 -38.40
CA PHE HA 23 8.12 -48.61 -39.19
C PHE HA 23 7.70 -49.92 -39.86
N ALA HA 24 6.43 -50.27 -39.73
CA ALA HA 24 5.89 -51.47 -40.36
C ALA HA 24 5.53 -51.17 -41.81
N ALA HA 25 4.80 -52.08 -42.45
CA ALA HA 25 4.42 -51.90 -43.85
C ALA HA 25 3.50 -50.68 -44.02
N ASP HA 26 2.47 -50.58 -43.19
CA ASP HA 26 1.48 -49.51 -43.35
C ASP HA 26 2.02 -48.14 -42.98
N GLY HA 27 3.22 -48.06 -42.41
CA GLY HA 27 3.77 -46.80 -41.96
C GLY HA 27 3.57 -46.51 -40.48
N SER HA 28 2.99 -47.44 -39.73
CA SER HA 28 2.81 -47.27 -38.30
C SER HA 28 4.11 -47.59 -37.57
N VAL HA 29 4.09 -47.42 -36.26
CA VAL HA 29 5.25 -47.67 -35.41
C VAL HA 29 5.10 -49.03 -34.76
N VAL HA 30 6.15 -49.83 -34.84
CA VAL HA 30 6.26 -51.09 -34.10
C VAL HA 30 7.48 -50.99 -33.19
N PRO HA 31 7.28 -50.64 -31.93
CA PRO HA 31 8.43 -50.52 -31.01
C PRO HA 31 9.08 -51.88 -30.77
N SER HA 32 10.41 -51.88 -30.75
CA SER HA 32 11.16 -53.11 -30.53
C SER HA 32 12.50 -52.76 -29.91
N ILE HA 33 13.15 -53.78 -29.35
CA ILE HA 33 14.43 -53.60 -28.70
C ILE HA 33 15.51 -53.17 -29.68
N THR HA 34 15.29 -53.38 -30.97
CA THR HA 34 16.28 -53.05 -32.00
C THR HA 34 16.18 -51.61 -32.48
N ASP HA 35 15.21 -50.84 -32.00
CA ASP HA 35 15.13 -49.43 -32.36
C ASP HA 35 16.41 -48.71 -31.93
N ALA HA 36 17.04 -48.03 -32.89
CA ALA HA 36 18.31 -47.37 -32.61
C ALA HA 36 18.16 -46.27 -31.56
N ASN HA 37 17.07 -45.50 -31.63
CA ASN HA 37 16.88 -44.41 -30.69
C ASN HA 37 16.63 -44.89 -29.26
N LEU HA 38 16.12 -46.11 -29.11
CA LEU HA 38 15.90 -46.67 -27.78
C LEU HA 38 17.19 -46.73 -26.98
N TRP HA 39 18.33 -46.79 -27.65
CA TRP HA 39 19.59 -46.90 -26.94
C TRP HA 39 20.13 -45.55 -26.48
N VAL HA 40 19.41 -44.45 -26.76
CA VAL HA 40 19.76 -43.19 -26.13
C VAL HA 40 19.35 -43.25 -24.66
N PRO HA 41 18.09 -43.50 -24.30
CA PRO HA 41 17.77 -43.59 -22.86
C PRO HA 41 18.49 -44.74 -22.17
N LEU HA 42 18.47 -45.93 -22.75
CA LEU HA 42 19.17 -47.06 -22.13
C LEU HA 42 20.64 -46.74 -21.92
N GLY HA 43 21.30 -46.19 -22.95
CA GLY HA 43 22.68 -45.77 -22.79
C GLY HA 43 22.87 -44.77 -21.67
N ILE HA 44 21.96 -43.81 -21.56
CA ILE HA 44 22.08 -42.85 -20.47
C ILE HA 44 21.77 -43.51 -19.15
N LEU HA 45 20.85 -44.48 -19.13
CA LEU HA 45 20.50 -45.13 -17.87
C LEU HA 45 21.46 -46.27 -17.56
N GLY HA 46 21.72 -47.12 -18.54
CA GLY HA 46 22.46 -48.34 -18.27
C GLY HA 46 23.92 -48.11 -17.92
N ILE HA 47 24.58 -47.19 -18.63
CA ILE HA 47 26.02 -47.02 -18.46
C ILE HA 47 26.40 -46.58 -17.05
N PRO HA 48 25.82 -45.50 -16.49
CA PRO HA 48 26.19 -45.16 -15.10
C PRO HA 48 25.79 -46.23 -14.11
N THR HA 49 24.60 -46.82 -14.30
CA THR HA 49 24.14 -47.89 -13.44
C THR HA 49 25.19 -48.98 -13.30
N ILE HA 50 25.84 -49.32 -14.41
CA ILE HA 50 26.92 -50.31 -14.34
C ILE HA 50 28.10 -49.78 -13.53
N TRP HA 51 28.63 -48.61 -13.91
CA TRP HA 51 29.86 -48.22 -13.26
C TRP HA 51 29.62 -47.62 -11.88
N ILE HA 52 28.38 -47.33 -11.51
CA ILE HA 52 28.08 -47.07 -10.11
C ILE HA 52 28.18 -48.36 -9.31
N ALA HA 53 27.71 -49.47 -9.87
CA ALA HA 53 27.73 -50.72 -9.13
C ALA HA 53 29.12 -51.30 -8.99
N LEU HA 54 30.08 -50.80 -9.78
CA LEU HA 54 31.45 -51.31 -9.77
C LEU HA 54 32.44 -50.36 -9.13
N LEU HA 55 32.29 -49.04 -9.32
CA LEU HA 55 33.25 -48.10 -8.77
C LEU HA 55 33.12 -47.99 -7.26
N TYR HA 56 31.89 -47.86 -6.75
CA TYR HA 56 31.67 -47.62 -5.34
C TYR HA 56 31.45 -48.90 -4.55
N ARG HA 57 31.43 -50.04 -5.22
CA ARG HA 57 31.30 -51.33 -4.56
C ARG HA 57 32.46 -51.59 -3.62
N SER IA 8 49.61 -32.98 -8.60
CA SER IA 8 50.09 -34.11 -7.82
C SER IA 8 49.83 -33.88 -6.34
N ALA IA 9 49.77 -32.61 -5.95
CA ALA IA 9 49.33 -32.20 -4.62
C ALA IA 9 47.88 -31.73 -4.62
N SER IA 10 47.12 -32.10 -5.65
CA SER IA 10 45.73 -31.67 -5.77
C SER IA 10 44.87 -32.18 -4.62
N TRP IA 11 45.23 -33.33 -4.05
CA TRP IA 11 44.46 -33.88 -2.95
C TRP IA 11 44.45 -32.94 -1.74
N LYS IA 12 45.48 -32.12 -1.60
CA LYS IA 12 45.52 -31.14 -0.51
C LYS IA 12 44.35 -30.15 -0.61
N LEU IA 13 43.71 -30.04 -1.78
CA LEU IA 13 42.53 -29.21 -1.89
C LEU IA 13 41.47 -29.63 -0.89
N TRP IA 14 41.35 -30.94 -0.64
CA TRP IA 14 40.32 -31.39 0.29
C TRP IA 14 40.71 -31.15 1.74
N LEU IA 15 41.95 -30.75 2.00
CA LEU IA 15 42.31 -30.30 3.33
C LEU IA 15 41.74 -28.92 3.64
N ILE IA 16 41.34 -28.16 2.63
CA ILE IA 16 40.82 -26.82 2.85
C ILE IA 16 39.42 -26.59 2.29
N LEU IA 17 38.94 -27.39 1.34
CA LEU IA 17 37.73 -27.04 0.60
C LEU IA 17 36.51 -27.89 0.97
N ASP IA 18 36.57 -28.70 2.02
CA ASP IA 18 35.35 -29.32 2.56
C ASP IA 18 34.59 -30.16 1.54
N PRO IA 19 35.03 -31.40 1.28
CA PRO IA 19 34.35 -32.27 0.30
C PRO IA 19 32.83 -32.21 0.30
N ARG IA 20 32.20 -32.06 1.47
CA ARG IA 20 30.75 -32.00 1.52
C ARG IA 20 30.22 -30.79 0.77
N ARG IA 21 30.83 -29.63 0.99
CA ARG IA 21 30.39 -28.41 0.33
C ARG IA 21 30.52 -28.52 -1.18
N VAL IA 22 31.65 -29.05 -1.64
CA VAL IA 22 31.86 -29.21 -3.08
C VAL IA 22 30.87 -30.19 -3.67
N LEU IA 23 30.61 -31.31 -2.98
CA LEU IA 23 29.65 -32.28 -3.50
C LEU IA 23 28.25 -31.69 -3.59
N THR IA 24 27.83 -30.96 -2.55
CA THR IA 24 26.51 -30.31 -2.59
C THR IA 24 26.42 -29.29 -3.71
N ALA IA 25 27.46 -28.47 -3.85
CA ALA IA 25 27.45 -27.44 -4.88
C ALA IA 25 27.43 -28.06 -6.27
N LEU IA 26 28.25 -29.10 -6.50
CA LEU IA 26 28.25 -29.77 -7.78
C LEU IA 26 26.90 -30.40 -8.08
N PHE IA 27 26.28 -31.04 -7.09
CA PHE IA 27 24.97 -31.64 -7.29
C PHE IA 27 23.98 -30.59 -7.76
N ILE IA 28 23.87 -29.48 -7.03
CA ILE IA 28 22.92 -28.42 -7.39
C ILE IA 28 23.27 -27.83 -8.76
N TYR IA 29 24.56 -27.58 -8.99
CA TYR IA 29 24.99 -26.88 -10.20
C TYR IA 29 24.74 -27.72 -11.45
N LEU IA 30 25.16 -28.98 -11.43
CA LEU IA 30 24.91 -29.87 -12.54
C LEU IA 30 23.41 -30.07 -12.75
N THR IA 31 22.62 -30.09 -11.68
CA THR IA 31 21.18 -30.20 -11.84
C THR IA 31 20.61 -28.97 -12.56
N VAL IA 32 21.06 -27.77 -12.17
CA VAL IA 32 20.56 -26.56 -12.80
C VAL IA 32 20.93 -26.56 -14.28
N ILE IA 33 22.18 -26.94 -14.59
CA ILE IA 33 22.62 -26.98 -15.99
C ILE IA 33 21.79 -27.99 -16.79
N ALA IA 34 21.55 -29.17 -16.21
CA ALA IA 34 20.79 -30.19 -16.92
C ALA IA 34 19.36 -29.74 -17.17
N LEU IA 35 18.72 -29.12 -16.17
CA LEU IA 35 17.38 -28.62 -16.37
C LEU IA 35 17.35 -27.54 -17.43
N LEU IA 36 18.32 -26.62 -17.40
CA LEU IA 36 18.39 -25.58 -18.41
C LEU IA 36 18.50 -26.18 -19.80
N ILE IA 37 19.35 -27.20 -19.98
CA ILE IA 37 19.55 -27.75 -21.31
C ILE IA 37 18.32 -28.52 -21.78
N HIS IA 38 17.77 -29.39 -20.93
CA HIS IA 38 16.61 -30.19 -21.34
C HIS IA 38 15.43 -29.28 -21.68
N PHE IA 39 15.14 -28.29 -20.82
CA PHE IA 39 14.02 -27.40 -21.08
C PHE IA 39 14.32 -26.44 -22.23
N GLY IA 40 15.57 -26.06 -22.45
CA GLY IA 40 15.90 -25.25 -23.61
C GLY IA 40 15.69 -26.00 -24.91
N LEU IA 41 16.07 -27.27 -24.93
CA LEU IA 41 15.82 -28.11 -26.10
C LEU IA 41 14.32 -28.32 -26.32
N LEU IA 42 13.56 -28.49 -25.24
CA LEU IA 42 12.12 -28.65 -25.40
C LEU IA 42 11.43 -27.37 -25.88
N SER IA 43 12.07 -26.21 -25.75
CA SER IA 43 11.49 -24.96 -26.24
C SER IA 43 11.70 -24.75 -27.74
N THR IA 44 12.45 -25.62 -28.39
CA THR IA 44 12.68 -25.54 -29.82
C THR IA 44 11.73 -26.46 -30.56
N ASN IA 45 11.54 -26.17 -31.85
CA ASN IA 45 10.83 -27.13 -32.70
C ASN IA 45 11.77 -28.22 -33.20
N ARG IA 46 13.01 -27.84 -33.48
CA ARG IA 46 13.93 -28.75 -34.16
C ARG IA 46 14.37 -29.90 -33.25
N LEU IA 47 14.61 -29.61 -31.97
CA LEU IA 47 15.21 -30.59 -31.07
C LEU IA 47 14.26 -31.04 -29.97
N ASN IA 48 12.97 -30.67 -30.04
CA ASN IA 48 11.98 -31.17 -29.11
C ASN IA 48 11.66 -32.62 -29.45
N TRP IA 49 11.84 -33.52 -28.48
CA TRP IA 49 11.57 -34.94 -28.68
C TRP IA 49 10.31 -35.41 -27.98
N TRP IA 50 9.67 -34.57 -27.17
CA TRP IA 50 8.41 -34.95 -26.53
C TRP IA 50 7.23 -34.82 -27.48
N GLU IA 51 7.10 -33.67 -28.11
CA GLU IA 51 5.89 -33.29 -28.84
C GLU IA 51 5.96 -33.77 -30.29
N PHE IA 52 4.80 -33.83 -30.93
CA PHE IA 52 4.74 -34.04 -32.38
C PHE IA 52 5.61 -33.02 -33.08
N GLN IA 53 6.20 -33.43 -34.20
CA GLN IA 53 7.17 -32.59 -34.89
C GLN IA 53 6.51 -31.34 -35.46
N ARG IA 54 7.08 -30.19 -35.15
CA ARG IA 54 6.65 -28.91 -35.65
C ARG IA 54 7.80 -28.20 -36.36
N GLY IA 55 7.48 -27.11 -37.04
CA GLY IA 55 8.47 -26.27 -37.66
C GLY IA 55 8.94 -26.71 -39.03
N LEU IA 56 8.45 -27.83 -39.55
CA LEU IA 56 8.70 -28.24 -40.91
C LEU IA 56 7.44 -28.85 -41.51
N PRO IA 57 7.19 -28.64 -42.81
CA PRO IA 57 6.01 -29.18 -43.50
C PRO IA 57 6.15 -30.66 -43.85
N SER JA 7 43.67 -29.91 9.99
CA SER JA 7 43.20 -29.19 8.81
C SER JA 7 41.86 -28.51 9.10
N LEU JA 8 41.49 -27.58 8.21
CA LEU JA 8 40.28 -26.80 8.42
C LEU JA 8 39.01 -27.59 8.15
N THR JA 9 39.11 -28.70 7.40
CA THR JA 9 37.94 -29.49 7.02
C THR JA 9 37.72 -30.70 7.92
N GLY JA 10 38.75 -31.14 8.64
CA GLY JA 10 38.65 -32.32 9.48
C GLY JA 10 39.14 -33.59 8.81
N LEU JA 11 39.32 -33.59 7.49
CA LEU JA 11 39.92 -34.73 6.83
C LEU JA 11 41.38 -34.85 7.24
N THR JA 12 41.83 -36.09 7.45
CA THR JA 12 43.25 -36.32 7.63
C THR JA 12 43.91 -36.38 6.26
N GLU JA 13 45.23 -36.60 6.26
CA GLU JA 13 45.97 -36.69 5.01
C GLU JA 13 45.46 -37.85 4.15
N GLU JA 14 45.28 -39.02 4.77
CA GLU JA 14 44.90 -40.20 4.00
C GLU JA 14 43.44 -40.14 3.57
N GLU JA 15 42.57 -39.59 4.41
CA GLU JA 15 41.19 -39.37 4.01
C GLU JA 15 41.13 -38.42 2.81
N ALA JA 16 41.93 -37.36 2.84
CA ALA JA 16 41.98 -36.44 1.71
C ALA JA 16 42.43 -37.13 0.45
N LYS JA 17 43.47 -37.98 0.54
CA LYS JA 17 43.95 -38.68 -0.65
C LYS JA 17 42.91 -39.64 -1.21
N GLU JA 18 42.28 -40.44 -0.34
CA GLU JA 18 41.28 -41.39 -0.80
C GLU JA 18 40.08 -40.69 -1.41
N PHE JA 19 39.60 -39.61 -0.78
CA PHE JA 19 38.50 -38.86 -1.35
C PHE JA 19 38.89 -38.26 -2.69
N HIS JA 20 40.11 -37.74 -2.80
CA HIS JA 20 40.55 -37.17 -4.07
C HIS JA 20 40.54 -38.23 -5.16
N SER JA 21 41.03 -39.42 -4.85
CA SER JA 21 41.08 -40.48 -5.86
C SER JA 21 39.68 -40.86 -6.34
N VAL JA 22 38.76 -41.07 -5.39
CA VAL JA 22 37.41 -41.46 -5.78
C VAL JA 22 36.71 -40.32 -6.51
N PHE JA 23 36.93 -39.08 -6.06
CA PHE JA 23 36.30 -37.93 -6.69
C PHE JA 23 36.75 -37.78 -8.13
N VAL JA 24 38.06 -37.88 -8.37
CA VAL JA 24 38.57 -37.77 -9.74
C VAL JA 24 38.06 -38.90 -10.61
N SER JA 25 38.07 -40.13 -10.08
CA SER JA 25 37.57 -41.25 -10.87
C SER JA 25 36.10 -41.07 -11.23
N SER JA 26 35.28 -40.64 -10.27
CA SER JA 26 33.87 -40.39 -10.55
C SER JA 26 33.70 -39.29 -11.59
N MET JA 27 34.45 -38.19 -11.43
CA MET JA 27 34.32 -37.09 -12.38
C MET JA 27 34.70 -37.52 -13.79
N VAL JA 28 35.78 -38.28 -13.92
CA VAL JA 28 36.23 -38.75 -15.23
C VAL JA 28 35.20 -39.69 -15.84
N LEU JA 29 34.66 -40.61 -15.04
CA LEU JA 29 33.67 -41.55 -15.57
C LEU JA 29 32.39 -40.82 -16.00
N TYR JA 30 31.96 -39.82 -15.23
CA TYR JA 30 30.80 -39.02 -15.61
C TYR JA 30 31.04 -38.30 -16.93
N LEU JA 31 32.23 -37.69 -17.08
CA LEU JA 31 32.52 -36.99 -18.33
C LEU JA 31 32.59 -37.96 -19.51
N ALA JA 32 33.17 -39.14 -19.30
CA ALA JA 32 33.29 -40.12 -20.39
C ALA JA 32 31.92 -40.63 -20.83
N THR JA 33 31.05 -40.97 -19.88
CA THR JA 33 29.71 -41.38 -20.28
C THR JA 33 28.96 -40.23 -20.94
N ALA JA 34 29.22 -38.98 -20.53
CA ALA JA 34 28.64 -37.84 -21.25
C ALA JA 34 29.12 -37.81 -22.70
N VAL JA 35 30.40 -38.09 -22.93
CA VAL JA 35 30.94 -38.11 -24.30
C VAL JA 35 30.22 -39.16 -25.13
N ILE JA 36 30.12 -40.38 -24.59
CA ILE JA 36 29.47 -41.47 -25.32
C ILE JA 36 28.01 -41.13 -25.59
N VAL JA 37 27.32 -40.59 -24.59
CA VAL JA 37 25.91 -40.25 -24.72
C VAL JA 37 25.73 -39.17 -25.77
N HIS JA 38 26.64 -38.20 -25.83
CA HIS JA 38 26.54 -37.17 -26.85
C HIS JA 38 26.72 -37.76 -28.25
N TYR JA 39 27.61 -38.74 -28.39
CA TYR JA 39 27.71 -39.41 -29.69
C TYR JA 39 26.41 -40.11 -30.06
N LEU JA 40 25.81 -40.83 -29.10
CA LEU JA 40 24.56 -41.53 -29.39
C LEU JA 40 23.45 -40.56 -29.75
N VAL JA 41 23.37 -39.43 -29.03
CA VAL JA 41 22.36 -38.42 -29.32
C VAL JA 41 22.59 -37.81 -30.70
N TRP JA 42 23.86 -37.61 -31.07
CA TRP JA 42 24.16 -37.13 -32.41
C TRP JA 42 23.63 -38.09 -33.46
N THR JA 43 23.81 -39.39 -33.24
CA THR JA 43 23.21 -40.37 -34.13
C THR JA 43 21.69 -40.21 -34.16
N ALA JA 44 21.08 -39.85 -33.01
CA ALA JA 44 19.65 -39.58 -33.00
C ALA JA 44 19.30 -38.22 -33.61
N ARG JA 45 20.10 -37.18 -33.32
CA ARG JA 45 19.83 -35.83 -33.81
C ARG JA 45 21.15 -35.12 -34.03
N PRO JA 46 21.58 -34.95 -35.29
CA PRO JA 46 22.84 -34.24 -35.58
C PRO JA 46 22.68 -32.73 -35.40
N TRP JA 47 22.88 -32.25 -34.17
CA TRP JA 47 22.33 -30.97 -33.77
C TRP JA 47 23.05 -29.75 -34.35
N ILE JA 48 24.28 -29.88 -34.85
CA ILE JA 48 24.97 -28.75 -35.46
C ILE JA 48 24.88 -28.94 -36.97
N ALA JA 49 23.88 -28.30 -37.57
CA ALA JA 49 23.68 -28.39 -39.00
C ALA JA 49 24.82 -27.69 -39.75
N PRO JA 50 25.09 -28.12 -40.99
CA PRO JA 50 26.05 -27.37 -41.82
C PRO JA 50 25.50 -26.00 -42.17
N ILE JA 51 26.42 -25.10 -42.53
CA ILE JA 51 26.08 -23.72 -42.86
C ILE JA 51 25.07 -23.71 -44.00
N PRO JA 52 23.91 -23.08 -43.82
CA PRO JA 52 22.91 -23.03 -44.89
C PRO JA 52 23.32 -22.05 -45.98
N LYS JA 53 22.55 -22.07 -47.07
CA LYS JA 53 22.96 -21.46 -48.33
C LYS JA 53 23.31 -19.98 -48.16
N GLY JA 54 22.33 -19.17 -47.77
CA GLY JA 54 22.53 -17.73 -47.76
C GLY JA 54 23.06 -17.18 -46.45
N TRP JA 55 23.71 -18.01 -45.65
CA TRP JA 55 24.22 -17.59 -44.35
C TRP JA 55 25.58 -16.92 -44.50
N VAL JA 56 25.68 -15.71 -43.98
CA VAL JA 56 26.96 -15.00 -43.92
C VAL JA 56 27.14 -14.42 -42.52
N TYR KA 22 26.15 -36.60 -42.64
CA TYR KA 22 26.28 -36.07 -43.99
C TYR KA 22 25.03 -36.33 -44.81
N PHE KA 23 24.79 -35.48 -45.81
CA PHE KA 23 23.61 -35.63 -46.65
C PHE KA 23 23.79 -36.75 -47.65
N ALA KA 24 22.67 -37.35 -48.05
CA ALA KA 24 22.66 -38.43 -49.02
C ALA KA 24 22.20 -37.90 -50.38
N ALA KA 25 22.11 -38.81 -51.36
CA ALA KA 25 21.62 -38.41 -52.69
C ALA KA 25 20.18 -37.93 -52.61
N ASP KA 26 19.34 -38.61 -51.83
CA ASP KA 26 18.00 -38.12 -51.57
C ASP KA 26 18.02 -36.79 -50.85
N GLY KA 27 19.06 -36.55 -50.04
CA GLY KA 27 19.24 -35.29 -49.33
C GLY KA 27 19.00 -35.39 -47.83
N SER KA 28 18.40 -36.47 -47.35
CA SER KA 28 18.16 -36.60 -45.92
C SER KA 28 19.47 -36.73 -45.15
N VAL KA 29 19.40 -36.42 -43.87
CA VAL KA 29 20.58 -36.40 -43.01
C VAL KA 29 20.87 -37.81 -42.52
N VAL KA 30 22.11 -38.25 -42.69
CA VAL KA 30 22.58 -39.52 -42.16
C VAL KA 30 23.72 -39.24 -41.19
N PRO KA 31 23.47 -39.27 -39.88
CA PRO KA 31 24.52 -38.97 -38.92
C PRO KA 31 25.64 -39.98 -38.98
N SER KA 32 26.86 -39.51 -38.72
CA SER KA 32 28.03 -40.37 -38.69
C SER KA 32 29.10 -39.73 -37.81
N ILE KA 33 30.05 -40.54 -37.40
CA ILE KA 33 31.17 -40.05 -36.59
C ILE KA 33 32.01 -39.06 -37.41
N THR KA 34 32.03 -39.21 -38.74
CA THR KA 34 32.86 -38.37 -39.59
C THR KA 34 32.22 -37.02 -39.92
N ASP KA 35 31.14 -36.65 -39.24
CA ASP KA 35 30.60 -35.30 -39.39
C ASP KA 35 31.55 -34.32 -38.71
N ALA KA 36 32.05 -33.35 -39.47
CA ALA KA 36 33.04 -32.43 -38.92
C ALA KA 36 32.46 -31.63 -37.76
N ASN KA 37 31.21 -31.19 -37.88
CA ASN KA 37 30.58 -30.43 -36.81
C ASN KA 37 30.48 -31.23 -35.52
N LEU KA 38 30.39 -32.56 -35.61
CA LEU KA 38 30.36 -33.39 -34.41
C LEU KA 38 31.60 -33.20 -33.57
N TRP KA 39 32.72 -32.76 -34.17
CA TRP KA 39 33.93 -32.59 -33.39
C TRP KA 39 33.95 -31.28 -32.61
N VAL KA 40 32.97 -30.40 -32.81
CA VAL KA 40 32.84 -29.24 -31.94
C VAL KA 40 32.44 -29.70 -30.53
N PRO KA 41 31.31 -30.45 -30.33
CA PRO KA 41 30.98 -30.88 -28.97
C PRO KA 41 31.99 -31.85 -28.38
N LEU KA 42 32.34 -32.90 -29.13
CA LEU KA 42 33.33 -33.85 -28.64
C LEU KA 42 34.62 -33.14 -28.26
N GLY KA 43 35.06 -32.21 -29.10
CA GLY KA 43 36.22 -31.40 -28.76
C GLY KA 43 36.05 -30.66 -27.45
N ILE KA 44 34.89 -30.02 -27.26
CA ILE KA 44 34.68 -29.31 -25.99
C ILE KA 44 34.58 -30.30 -24.84
N LEU KA 45 34.11 -31.52 -25.11
CA LEU KA 45 33.89 -32.48 -24.03
C LEU KA 45 35.11 -33.36 -23.77
N GLY KA 46 35.73 -33.87 -24.83
CA GLY KA 46 36.86 -34.75 -24.65
C GLY KA 46 38.11 -34.06 -24.13
N ILE KA 47 38.41 -32.88 -24.68
CA ILE KA 47 39.71 -32.23 -24.38
C ILE KA 47 39.88 -31.92 -22.90
N PRO KA 48 38.92 -31.29 -22.22
CA PRO KA 48 39.11 -31.10 -20.76
C PRO KA 48 39.09 -32.41 -20.00
N THR KA 49 38.19 -33.33 -20.35
CA THR KA 49 38.14 -34.64 -19.71
C THR KA 49 39.52 -35.29 -19.70
N ILE KA 50 40.26 -35.16 -20.80
CA ILE KA 50 41.63 -35.65 -20.84
C ILE KA 50 42.49 -34.94 -19.82
N TRP KA 51 42.60 -33.60 -19.92
CA TRP KA 51 43.58 -32.96 -19.06
C TRP KA 51 43.10 -32.83 -17.62
N ILE KA 52 41.81 -33.02 -17.35
CA ILE KA 52 41.36 -33.16 -15.97
C ILE KA 52 41.86 -34.47 -15.39
N ALA KA 53 41.89 -35.54 -16.18
CA ALA KA 53 42.39 -36.82 -15.69
C ALA KA 53 43.89 -36.77 -15.43
N LEU KA 54 44.64 -36.10 -16.30
CA LEU KA 54 46.09 -36.13 -16.21
C LEU KA 54 46.62 -35.11 -15.20
N LEU KA 55 46.02 -33.92 -15.14
CA LEU KA 55 46.56 -32.85 -14.29
C LEU KA 55 46.38 -33.17 -12.81
N TYR KA 56 45.20 -33.66 -12.42
CA TYR KA 56 44.90 -33.85 -11.01
C TYR KA 56 45.11 -35.29 -10.53
N ARG KA 57 45.26 -36.25 -11.43
CA ARG KA 57 45.54 -37.64 -11.04
C ARG KA 57 46.72 -38.20 -11.82
N SER LA 8 59.45 -15.70 -9.60
CA SER LA 8 58.19 -15.00 -9.41
C SER LA 8 57.60 -15.27 -8.02
N ALA LA 9 57.18 -14.21 -7.35
CA ALA LA 9 56.57 -14.29 -6.03
C ALA LA 9 55.05 -14.23 -6.10
N SER LA 10 54.46 -14.54 -7.26
CA SER LA 10 53.01 -14.49 -7.41
C SER LA 10 52.29 -15.41 -6.44
N TRP LA 11 52.92 -16.53 -6.07
CA TRP LA 11 52.27 -17.50 -5.19
C TRP LA 11 51.89 -16.89 -3.85
N LYS LA 12 52.62 -15.86 -3.41
CA LYS LA 12 52.32 -15.22 -2.13
C LYS LA 12 50.94 -14.58 -2.13
N LEU LA 13 50.34 -14.39 -3.31
CA LEU LA 13 48.95 -13.97 -3.37
C LEU LA 13 48.06 -14.86 -2.53
N TRP LA 14 48.31 -16.16 -2.53
CA TRP LA 14 47.46 -17.07 -1.80
C TRP LA 14 47.71 -17.04 -0.30
N LEU LA 15 48.73 -16.32 0.16
CA LEU LA 15 48.84 -16.03 1.58
C LEU LA 15 47.86 -14.96 2.03
N ILE LA 16 47.33 -14.17 1.11
CA ILE LA 16 46.44 -13.07 1.48
C ILE LA 16 45.06 -13.20 0.85
N LEU LA 17 44.96 -13.84 -0.32
CA LEU LA 17 43.75 -13.75 -1.13
C LEU LA 17 42.78 -14.91 -0.93
N ASP LA 18 43.11 -15.91 -0.10
CA ASP LA 18 42.15 -16.95 0.26
C ASP LA 18 41.65 -17.75 -0.94
N PRO LA 19 42.46 -18.71 -1.43
CA PRO LA 19 42.10 -19.49 -2.63
C PRO LA 19 40.65 -19.96 -2.73
N ARG LA 20 40.01 -20.30 -1.61
CA ARG LA 20 38.63 -20.77 -1.68
C ARG LA 20 37.69 -19.66 -2.18
N ARG LA 21 37.87 -18.44 -1.67
CA ARG LA 21 37.10 -17.31 -2.14
C ARG LA 21 37.29 -17.09 -3.64
N VAL LA 22 38.54 -17.16 -4.10
CA VAL LA 22 38.82 -16.95 -5.51
C VAL LA 22 38.20 -18.04 -6.37
N LEU LA 23 38.29 -19.30 -5.93
CA LEU LA 23 37.72 -20.39 -6.70
C LEU LA 23 36.20 -20.27 -6.80
N THR LA 24 35.55 -19.96 -5.69
CA THR LA 24 34.09 -19.79 -5.72
C THR LA 24 33.70 -18.62 -6.61
N ALA LA 25 34.42 -17.50 -6.50
CA ALA LA 25 34.11 -16.33 -7.32
C ALA LA 25 34.29 -16.64 -8.79
N LEU LA 26 35.38 -17.30 -9.15
CA LEU LA 26 35.61 -17.68 -10.55
C LEU LA 26 34.53 -18.63 -11.05
N PHE LA 27 34.16 -19.61 -10.23
CA PHE LA 27 33.12 -20.57 -10.61
C PHE LA 27 31.83 -19.84 -10.97
N ILE LA 28 31.34 -18.99 -10.07
CA ILE LA 28 30.11 -18.25 -10.31
C ILE LA 28 30.27 -17.33 -11.51
N TYR LA 29 31.38 -16.61 -11.56
CA TYR LA 29 31.59 -15.58 -12.59
C TYR LA 29 31.61 -16.20 -13.98
N LEU LA 30 32.40 -17.25 -14.16
CA LEU LA 30 32.48 -17.90 -15.46
C LEU LA 30 31.19 -18.60 -15.82
N THR LA 31 30.47 -19.15 -14.84
CA THR LA 31 29.16 -19.72 -15.14
C THR LA 31 28.21 -18.65 -15.67
N VAL LA 32 28.19 -17.48 -15.02
CA VAL LA 32 27.29 -16.42 -15.47
C VAL LA 32 27.67 -15.98 -16.87
N ILE LA 33 28.96 -15.82 -17.15
CA ILE LA 33 29.38 -15.38 -18.48
C ILE LA 33 29.01 -16.43 -19.52
N ALA LA 34 29.25 -17.70 -19.23
CA ALA LA 34 28.95 -18.75 -20.19
C ALA LA 34 27.45 -18.84 -20.46
N LEU LA 35 26.63 -18.72 -19.41
CA LEU LA 35 25.18 -18.74 -19.60
C LEU LA 35 24.72 -17.56 -20.43
N LEU LA 36 25.25 -16.37 -20.15
CA LEU LA 36 24.94 -15.20 -20.96
C LEU LA 36 25.26 -15.46 -22.42
N ILE LA 37 26.44 -16.00 -22.70
CA ILE LA 37 26.84 -16.18 -24.09
C ILE LA 37 25.97 -17.22 -24.78
N HIS LA 38 25.79 -18.38 -24.17
CA HIS LA 38 25.02 -19.45 -24.80
C HIS LA 38 23.59 -18.99 -25.07
N PHE LA 39 22.92 -18.43 -24.05
CA PHE LA 39 21.52 -18.06 -24.23
C PHE LA 39 21.36 -16.82 -25.07
N GLY LA 40 22.34 -15.90 -25.08
CA GLY LA 40 22.28 -14.77 -25.97
C GLY LA 40 22.44 -15.16 -27.42
N LEU LA 41 23.35 -16.10 -27.69
CA LEU LA 41 23.48 -16.63 -29.04
C LEU LA 41 22.22 -17.35 -29.48
N LEU LA 42 21.56 -18.04 -28.54
CA LEU LA 42 20.31 -18.70 -28.89
C LEU LA 42 19.15 -17.71 -29.10
N SER LA 43 19.33 -16.45 -28.73
CA SER LA 43 18.33 -15.41 -28.99
C SER LA 43 18.52 -14.72 -30.32
N THR LA 44 19.43 -15.19 -31.16
CA THR LA 44 19.70 -14.58 -32.46
C THR LA 44 19.30 -15.55 -33.57
N ASN LA 45 18.79 -15.00 -34.66
CA ASN LA 45 18.54 -15.82 -35.85
C ASN LA 45 19.82 -16.40 -36.40
N ARG LA 46 20.90 -15.62 -36.41
CA ARG LA 46 22.10 -16.00 -37.16
C ARG LA 46 22.87 -17.11 -36.47
N LEU LA 47 22.98 -17.07 -35.15
CA LEU LA 47 23.89 -17.96 -34.44
C LEU LA 47 23.17 -18.95 -33.52
N ASN LA 48 21.85 -19.08 -33.63
CA ASN LA 48 21.12 -20.10 -32.89
C ASN LA 48 21.37 -21.45 -33.55
N TRP LA 49 22.07 -22.35 -32.85
CA TRP LA 49 22.40 -23.66 -33.39
C TRP LA 49 21.40 -24.74 -33.01
N TRP LA 50 20.40 -24.44 -32.16
CA TRP LA 50 19.39 -25.42 -31.79
C TRP LA 50 18.23 -25.48 -32.78
N GLU LA 51 17.63 -24.33 -33.07
CA GLU LA 51 16.42 -24.25 -33.88
C GLU LA 51 16.73 -24.41 -35.36
N PHE LA 52 15.68 -24.72 -36.13
CA PHE LA 52 15.75 -24.59 -37.58
C PHE LA 52 16.17 -23.18 -37.96
N GLN LA 53 16.93 -23.06 -39.03
CA GLN LA 53 17.46 -21.76 -39.43
C GLN LA 53 16.33 -20.79 -39.74
N ARG LA 54 16.38 -19.63 -39.11
CA ARG LA 54 15.39 -18.58 -39.29
C ARG LA 54 16.08 -17.29 -39.70
N GLY LA 55 15.32 -16.40 -40.31
CA GLY LA 55 15.82 -15.09 -40.67
C GLY LA 55 16.68 -15.02 -41.91
N LEU LA 56 16.76 -16.10 -42.70
CA LEU LA 56 17.39 -16.10 -44.01
C LEU LA 56 16.34 -16.13 -45.11
N PRO LA 57 16.51 -15.33 -46.18
CA PRO LA 57 15.54 -15.28 -47.29
C PRO LA 57 15.39 -16.63 -47.99
N SER MA 7 50.02 -16.35 8.55
CA SER MA 7 49.37 -16.27 7.24
C SER MA 7 47.94 -15.78 7.38
N LEU MA 8 47.57 -14.80 6.56
CA LEU MA 8 46.23 -14.22 6.64
C LEU MA 8 45.15 -15.15 6.11
N THR MA 9 45.51 -16.27 5.48
CA THR MA 9 44.53 -17.21 4.94
C THR MA 9 44.68 -18.62 5.48
N GLY MA 10 45.58 -18.85 6.43
CA GLY MA 10 45.72 -20.15 7.04
C GLY MA 10 46.58 -21.14 6.28
N LEU MA 11 47.08 -20.79 5.10
CA LEU MA 11 47.92 -21.70 4.32
C LEU MA 11 49.38 -21.52 4.68
N THR MA 12 50.12 -22.62 4.66
CA THR MA 12 51.57 -22.54 4.74
C THR MA 12 52.14 -22.11 3.39
N GLU MA 13 53.42 -21.75 3.39
CA GLU MA 13 54.03 -21.24 2.18
C GLU MA 13 54.11 -22.31 1.09
N GLU MA 14 54.42 -23.55 1.48
CA GLU MA 14 54.48 -24.61 0.48
C GLU MA 14 53.09 -24.99 0.00
N GLU MA 15 52.07 -24.90 0.86
CA GLU MA 15 50.69 -25.04 0.38
C GLU MA 15 50.36 -23.94 -0.62
N ALA MA 16 50.78 -22.71 -0.34
CA ALA MA 16 50.54 -21.62 -1.27
C ALA MA 16 51.21 -21.89 -2.61
N LYS MA 17 52.42 -22.43 -2.61
CA LYS MA 17 53.11 -22.67 -3.88
C LYS MA 17 52.50 -23.83 -4.65
N GLU MA 18 52.13 -24.91 -3.95
CA GLU MA 18 51.47 -26.02 -4.62
C GLU MA 18 50.15 -25.59 -5.23
N PHE MA 19 49.33 -24.86 -4.47
CA PHE MA 19 48.08 -24.36 -5.01
C PHE MA 19 48.32 -23.41 -6.17
N HIS MA 20 49.32 -22.54 -6.07
CA HIS MA 20 49.58 -21.60 -7.14
C HIS MA 20 49.96 -22.31 -8.42
N SER MA 21 50.80 -23.34 -8.32
CA SER MA 21 51.20 -24.07 -9.51
C SER MA 21 50.00 -24.75 -10.16
N VAL MA 22 49.17 -25.41 -9.35
CA VAL MA 22 48.01 -26.09 -9.92
C VAL MA 22 47.01 -25.08 -10.49
N PHE MA 23 46.82 -23.95 -9.80
CA PHE MA 23 45.87 -22.93 -10.27
C PHE MA 23 46.32 -22.36 -11.62
N VAL MA 24 47.60 -22.02 -11.75
CA VAL MA 24 48.07 -21.45 -13.00
C VAL MA 24 48.00 -22.48 -14.11
N SER MA 25 48.36 -23.74 -13.82
CA SER MA 25 48.27 -24.77 -14.85
C SER MA 25 46.83 -24.97 -15.32
N SER MA 26 45.89 -25.02 -14.37
CA SER MA 26 44.48 -25.20 -14.74
C SER MA 26 43.96 -24.02 -15.53
N MET MA 27 44.28 -22.80 -15.10
CA MET MA 27 43.82 -21.62 -15.82
C MET MA 27 44.37 -21.59 -17.24
N VAL MA 28 45.64 -21.93 -17.41
CA VAL MA 28 46.24 -21.94 -18.74
C VAL MA 28 45.63 -23.03 -19.60
N LEU MA 29 45.41 -24.21 -19.04
CA LEU MA 29 44.79 -25.29 -19.80
C LEU MA 29 43.37 -24.91 -20.23
N TYR MA 30 42.61 -24.29 -19.33
CA TYR MA 30 41.27 -23.83 -19.66
C TYR MA 30 41.29 -22.81 -20.79
N LEU MA 31 42.19 -21.84 -20.72
CA LEU MA 31 42.27 -20.83 -21.77
C LEU MA 31 42.72 -21.42 -23.10
N ALA MA 32 43.69 -22.35 -23.06
CA ALA MA 32 44.18 -22.97 -24.29
C ALA MA 32 43.08 -23.80 -24.97
N THR MA 33 42.33 -24.58 -24.19
CA THR MA 33 41.23 -25.33 -24.79
C THR MA 33 40.12 -24.40 -25.26
N ALA MA 34 39.93 -23.25 -24.60
CA ALA MA 34 39.02 -22.25 -25.12
C ALA MA 34 39.47 -21.75 -26.49
N VAL MA 35 40.78 -21.54 -26.67
CA VAL MA 35 41.30 -21.08 -27.96
C VAL MA 35 41.01 -22.13 -29.04
N ILE MA 36 41.34 -23.38 -28.75
CA ILE MA 36 41.11 -24.45 -29.71
C ILE MA 36 39.62 -24.56 -30.06
N VAL MA 37 38.78 -24.52 -29.03
CA VAL MA 37 37.34 -24.65 -29.22
C VAL MA 37 36.81 -23.50 -30.05
N HIS MA 38 37.34 -22.29 -29.84
CA HIS MA 38 36.89 -21.16 -30.64
C HIS MA 38 37.29 -21.34 -32.10
N TYR MA 39 38.47 -21.91 -32.35
CA TYR MA 39 38.82 -22.22 -33.74
C TYR MA 39 37.83 -23.22 -34.35
N LEU MA 40 37.49 -24.27 -33.60
CA LEU MA 40 36.56 -25.27 -34.12
C LEU MA 40 35.19 -24.66 -34.42
N VAL MA 41 34.69 -23.85 -33.48
CA VAL MA 41 33.41 -23.19 -33.67
C VAL MA 41 33.45 -22.25 -34.88
N TRP MA 42 34.59 -21.58 -35.07
CA TRP MA 42 34.75 -20.76 -36.27
C TRP MA 42 34.62 -21.60 -37.53
N THR MA 43 35.24 -22.78 -37.53
CA THR MA 43 35.05 -23.68 -38.68
C THR MA 43 33.59 -24.06 -38.86
N ALA MA 44 32.82 -24.12 -37.77
CA ALA MA 44 31.39 -24.38 -37.92
C ALA MA 44 30.62 -23.12 -38.31
N ARG MA 45 30.84 -22.02 -37.59
CA ARG MA 45 30.14 -20.75 -37.86
C ARG MA 45 31.14 -19.60 -37.78
N PRO MA 46 31.59 -19.07 -38.92
CA PRO MA 46 32.52 -17.94 -38.89
C PRO MA 46 31.84 -16.63 -38.50
N TRP MA 47 31.77 -16.36 -37.20
CA TRP MA 47 30.82 -15.42 -36.64
C TRP MA 47 31.14 -13.95 -36.91
N ILE MA 48 32.41 -13.58 -37.13
CA ILE MA 48 32.73 -12.20 -37.47
C ILE MA 48 32.70 -12.10 -39.00
N ALA MA 49 31.56 -11.67 -39.53
CA ALA MA 49 31.40 -11.57 -40.98
C ALA MA 49 32.26 -10.44 -41.54
N PRO MA 50 32.72 -10.58 -42.78
CA PRO MA 50 33.43 -9.48 -43.42
C PRO MA 50 32.55 -8.24 -43.52
N ILE MA 51 33.20 -7.10 -43.72
CA ILE MA 51 32.51 -5.81 -43.85
C ILE MA 51 31.52 -5.92 -45.01
N PRO MA 52 30.24 -5.68 -44.79
CA PRO MA 52 29.27 -5.77 -45.88
C PRO MA 52 29.38 -4.57 -46.82
N LYS MA 53 28.69 -4.69 -47.96
CA LYS MA 53 28.94 -3.83 -49.10
C LYS MA 53 28.71 -2.35 -48.78
N GLY MA 54 27.55 -2.02 -48.22
CA GLY MA 54 27.30 -0.62 -47.93
C GLY MA 54 27.81 -0.13 -46.60
N TRP MA 55 28.54 -0.95 -45.86
CA TRP MA 55 28.92 -0.62 -44.49
C TRP MA 55 29.97 0.49 -44.47
N VAL MA 56 29.75 1.48 -43.61
CA VAL MA 56 30.74 2.52 -43.35
C VAL MA 56 30.72 2.89 -41.86
N TYR NA 22 36.76 -17.87 -46.11
CA TYR NA 22 36.73 -17.04 -47.31
C TYR NA 22 35.43 -17.21 -48.10
N PHE NA 23 35.23 -16.35 -49.08
CA PHE NA 23 34.04 -16.40 -49.93
C PHE NA 23 34.27 -17.39 -51.06
N ALA NA 24 33.44 -18.42 -51.13
CA ALA NA 24 33.51 -19.38 -52.22
C ALA NA 24 33.09 -18.72 -53.52
N ALA NA 25 33.15 -19.49 -54.60
CA ALA NA 25 32.76 -18.97 -55.92
C ALA NA 25 31.29 -18.60 -55.95
N ASP NA 26 30.43 -19.42 -55.33
CA ASP NA 26 28.99 -19.20 -55.39
C ASP NA 26 28.50 -18.22 -54.34
N GLY NA 27 29.38 -17.68 -53.50
CA GLY NA 27 29.02 -16.77 -52.45
C GLY NA 27 28.95 -17.38 -51.06
N SER NA 28 28.86 -18.70 -50.97
CA SER NA 28 28.79 -19.37 -49.68
C SER NA 28 30.08 -19.15 -48.90
N VAL NA 29 29.96 -19.12 -47.57
CA VAL NA 29 31.11 -18.93 -46.72
C VAL NA 29 31.80 -20.27 -46.49
N VAL NA 30 33.13 -20.27 -46.57
CA VAL NA 30 33.94 -21.47 -46.38
C VAL NA 30 34.94 -21.18 -45.28
N PRO NA 31 34.64 -21.55 -44.03
CA PRO NA 31 35.51 -21.15 -42.92
C PRO NA 31 36.92 -21.69 -43.07
N SER NA 32 37.89 -20.90 -42.63
CA SER NA 32 39.29 -21.23 -42.83
C SER NA 32 40.14 -20.62 -41.73
N ILE NA 33 41.30 -21.23 -41.48
CA ILE NA 33 42.27 -20.67 -40.55
C ILE NA 33 42.89 -19.39 -41.10
N THR NA 34 42.74 -19.15 -42.40
CA THR NA 34 43.28 -17.97 -43.05
C THR NA 34 42.30 -16.81 -43.08
N ASP NA 35 41.13 -16.96 -42.48
CA ASP NA 35 40.19 -15.86 -42.35
C ASP NA 35 40.77 -14.80 -41.42
N ALA NA 36 40.83 -13.56 -41.90
CA ALA NA 36 41.45 -12.50 -41.11
C ALA NA 36 40.70 -12.25 -39.81
N ASN NA 37 39.37 -12.20 -39.89
CA ASN NA 37 38.57 -11.91 -38.70
C ASN NA 37 38.71 -12.99 -37.63
N LEU NA 38 39.06 -14.22 -38.02
CA LEU NA 38 39.31 -15.28 -37.05
C LEU NA 38 40.39 -14.88 -36.05
N TRP NA 39 41.29 -14.00 -36.44
CA TRP NA 39 42.38 -13.63 -35.54
C TRP NA 39 41.97 -12.56 -34.54
N VAL NA 40 40.78 -11.99 -34.67
CA VAL NA 40 40.27 -11.12 -33.61
C VAL NA 40 40.00 -11.95 -32.36
N PRO NA 41 39.18 -13.01 -32.40
CA PRO NA 41 39.01 -13.80 -31.16
C PRO NA 41 40.26 -14.53 -30.73
N LEU NA 42 40.98 -15.17 -31.66
CA LEU NA 42 42.22 -15.85 -31.31
C LEU NA 42 43.18 -14.89 -30.62
N GLY NA 43 43.38 -13.71 -31.21
CA GLY NA 43 44.22 -12.71 -30.60
C GLY NA 43 43.76 -12.33 -29.21
N ILE NA 44 42.45 -12.18 -29.02
CA ILE NA 44 41.99 -11.82 -27.67
C ILE NA 44 42.19 -12.99 -26.72
N LEU NA 45 42.11 -14.21 -27.22
CA LEU NA 45 42.24 -15.36 -26.32
C LEU NA 45 43.69 -15.83 -26.24
N GLY NA 46 44.41 -15.80 -27.36
CA GLY NA 46 45.77 -16.33 -27.38
C GLY NA 46 46.77 -15.45 -26.65
N ILE NA 47 46.70 -14.14 -26.85
CA ILE NA 47 47.73 -13.25 -26.28
C ILE NA 47 47.77 -13.30 -24.76
N PRO NA 48 46.67 -13.10 -24.02
CA PRO NA 48 46.76 -13.22 -22.56
C PRO NA 48 47.18 -14.61 -22.11
N THR NA 49 46.64 -15.64 -22.75
CA THR NA 49 46.98 -17.01 -22.39
C THR NA 49 48.49 -17.21 -22.36
N ILE NA 50 49.19 -16.62 -23.31
CA ILE NA 50 50.65 -16.71 -23.32
C ILE NA 50 51.24 -15.98 -22.12
N TRP NA 51 50.91 -14.70 -21.95
CA TRP NA 51 51.63 -13.97 -20.92
C TRP NA 51 51.16 -14.33 -19.52
N ILE NA 52 49.91 -14.75 -19.36
CA ILE NA 52 49.49 -15.35 -18.10
C ILE NA 52 50.35 -16.57 -17.81
N ALA NA 53 50.60 -17.39 -18.82
CA ALA NA 53 51.44 -18.57 -18.64
C ALA NA 53 52.88 -18.20 -18.31
N LEU NA 54 53.29 -16.96 -18.56
CA LEU NA 54 54.68 -16.57 -18.35
C LEU NA 54 54.86 -15.61 -17.18
N LEU NA 55 53.92 -14.70 -16.95
CA LEU NA 55 54.07 -13.73 -15.87
C LEU NA 55 53.99 -14.40 -14.50
N TYR NA 56 52.96 -15.21 -14.28
CA TYR NA 56 52.73 -15.80 -12.98
C TYR NA 56 53.37 -17.16 -12.82
N ARG NA 57 53.98 -17.69 -13.88
CA ARG NA 57 54.77 -18.91 -13.76
C ARG NA 57 56.05 -18.63 -12.98
N SER OA 8 61.53 4.84 -7.71
CA SER OA 8 60.21 5.29 -7.26
C SER OA 8 59.86 4.72 -5.90
N ALA OA 9 58.74 5.16 -5.36
CA ALA OA 9 58.22 4.68 -4.08
C ALA OA 9 56.73 4.35 -4.15
N SER OA 10 56.21 4.14 -5.36
CA SER OA 10 54.78 3.87 -5.53
C SER OA 10 54.35 2.60 -4.80
N TRP OA 11 55.28 1.66 -4.60
CA TRP OA 11 54.94 0.40 -3.93
C TRP OA 11 54.37 0.64 -2.54
N LYS OA 12 54.74 1.74 -1.90
CA LYS OA 12 54.23 2.04 -0.56
C LYS OA 12 52.72 2.18 -0.55
N LEU OA 13 52.10 2.39 -1.71
CA LEU OA 13 50.65 2.43 -1.80
C LEU OA 13 50.03 1.18 -1.18
N TRP OA 14 50.70 0.03 -1.32
CA TRP OA 14 50.12 -1.21 -0.84
C TRP OA 14 50.23 -1.37 0.67
N LEU OA 15 50.97 -0.50 1.35
CA LEU OA 15 50.96 -0.50 2.80
C LEU OA 15 49.73 0.17 3.39
N ILE OA 16 48.93 0.87 2.58
CA ILE OA 16 47.78 1.59 3.11
C ILE OA 16 46.50 1.33 2.30
N LEU OA 17 46.61 0.75 1.11
CA LEU OA 17 45.45 0.61 0.24
C LEU OA 17 45.03 -0.85 -0.01
N ASP OA 18 45.54 -1.80 0.76
CA ASP OA 18 44.89 -3.11 0.85
C ASP OA 18 44.74 -3.81 -0.49
N PRO OA 19 45.81 -4.40 -1.02
CA PRO OA 19 45.78 -5.00 -2.37
C PRO OA 19 44.54 -5.80 -2.72
N ARG OA 20 43.98 -6.54 -1.75
CA ARG OA 20 42.80 -7.36 -2.04
C ARG OA 20 41.58 -6.49 -2.36
N ARG OA 21 41.40 -5.40 -1.62
CA ARG OA 21 40.34 -4.46 -1.93
C ARG OA 21 40.49 -3.90 -3.33
N VAL OA 22 41.72 -3.50 -3.70
CA VAL OA 22 41.96 -2.95 -5.03
C VAL OA 22 41.67 -3.99 -6.10
N LEU OA 23 42.11 -5.23 -5.89
CA LEU OA 23 41.89 -6.27 -6.89
C LEU OA 23 40.41 -6.58 -7.08
N THR OA 24 39.66 -6.68 -5.97
CA THR OA 24 38.22 -6.92 -6.10
C THR OA 24 37.52 -5.76 -6.78
N ALA OA 25 37.89 -4.52 -6.41
CA ALA OA 25 37.27 -3.35 -7.03
C ALA OA 25 37.56 -3.33 -8.52
N LEU OA 26 38.81 -3.62 -8.92
CA LEU OA 26 39.16 -3.66 -10.33
C LEU OA 26 38.41 -4.77 -11.06
N PHE OA 27 38.33 -5.95 -10.45
CA PHE OA 27 37.59 -7.03 -11.07
C PHE OA 27 36.15 -6.62 -11.38
N ILE OA 28 35.45 -6.10 -10.37
CA ILE OA 28 34.06 -5.71 -10.57
C ILE OA 28 33.93 -4.56 -11.56
N TYR OA 29 34.79 -3.54 -11.43
CA TYR OA 29 34.75 -2.36 -12.29
C TYR OA 29 34.97 -2.73 -13.75
N LEU OA 30 36.05 -3.47 -14.02
CA LEU OA 30 36.36 -3.85 -15.40
C LEU OA 30 35.31 -4.79 -15.95
N THR OA 31 34.74 -5.68 -15.12
CA THR OA 31 33.66 -6.53 -15.61
C THR OA 31 32.45 -5.70 -16.01
N VAL OA 32 32.09 -4.70 -15.20
CA VAL OA 32 30.96 -3.85 -15.53
C VAL OA 32 31.21 -3.11 -16.85
N ILE OA 33 32.42 -2.57 -17.01
CA ILE OA 33 32.70 -1.79 -18.21
C ILE OA 33 32.73 -2.69 -19.45
N ALA OA 34 33.33 -3.88 -19.33
CA ALA OA 34 33.36 -4.82 -20.45
C ALA OA 34 31.96 -5.27 -20.85
N LEU OA 35 31.11 -5.56 -19.87
CA LEU OA 35 29.73 -5.91 -20.18
C LEU OA 35 28.99 -4.75 -20.82
N LEU OA 36 29.18 -3.53 -20.30
CA LEU OA 36 28.53 -2.37 -20.88
C LEU OA 36 28.91 -2.21 -22.35
N ILE OA 37 30.20 -2.32 -22.67
CA ILE OA 37 30.62 -2.14 -24.05
C ILE OA 37 30.10 -3.26 -24.94
N HIS OA 38 30.27 -4.52 -24.51
CA HIS OA 38 29.83 -5.63 -25.34
C HIS OA 38 28.33 -5.55 -25.63
N PHE OA 39 27.52 -5.34 -24.60
CA PHE OA 39 26.07 -5.30 -24.81
C PHE OA 39 25.65 -4.03 -25.54
N GLY OA 40 26.32 -2.90 -25.28
CA GLY OA 40 26.00 -1.69 -26.01
C GLY OA 40 26.27 -1.80 -27.49
N LEU OA 41 27.41 -2.42 -27.85
CA LEU OA 41 27.71 -2.65 -29.25
C LEU OA 41 26.72 -3.62 -29.88
N LEU OA 42 26.34 -4.67 -29.13
CA LEU OA 42 25.34 -5.60 -29.66
C LEU OA 42 23.98 -4.94 -29.85
N SER OA 43 23.69 -3.88 -29.08
CA SER OA 43 22.43 -3.17 -29.25
C SER OA 43 22.38 -2.36 -30.54
N THR OA 44 23.52 -2.05 -31.14
CA THR OA 44 23.53 -1.21 -32.33
C THR OA 44 23.33 -2.05 -33.59
N ASN OA 45 22.89 -1.39 -34.66
CA ASN OA 45 22.86 -2.04 -35.96
C ASN OA 45 24.25 -2.13 -36.58
N ARG OA 46 25.05 -1.07 -36.43
CA ARG OA 46 26.29 -0.97 -37.19
C ARG OA 46 27.38 -1.89 -36.65
N LEU OA 47 27.47 -2.05 -35.33
CA LEU OA 47 28.57 -2.77 -34.73
C LEU OA 47 28.15 -4.07 -34.05
N ASN OA 48 26.93 -4.54 -34.30
CA ASN OA 48 26.54 -5.87 -33.85
C ASN OA 48 27.22 -6.91 -34.74
N TRP OA 49 27.85 -7.89 -34.11
CA TRP OA 49 28.56 -8.93 -34.83
C TRP OA 49 27.93 -10.30 -34.70
N TRP OA 50 26.85 -10.44 -33.94
CA TRP OA 50 26.16 -11.72 -33.80
C TRP OA 50 25.11 -11.90 -34.90
N GLU OA 51 24.14 -11.00 -34.96
CA GLU OA 51 22.99 -11.14 -35.83
C GLU OA 51 23.34 -10.81 -37.29
N PHE OA 52 22.44 -11.22 -38.19
CA PHE OA 52 22.55 -10.78 -39.58
C PHE OA 52 22.52 -9.26 -39.63
N GLN OA 53 23.33 -8.69 -40.51
CA GLN OA 53 23.53 -7.25 -40.54
C GLN OA 53 22.21 -6.51 -40.67
N ARG OA 54 21.99 -5.55 -39.78
CA ARG OA 54 20.82 -4.71 -39.75
C ARG OA 54 21.21 -3.30 -40.17
N GLY OA 55 20.21 -2.50 -40.53
CA GLY OA 55 20.41 -1.10 -40.82
C GLY OA 55 21.06 -0.80 -42.16
N LEU OA 56 21.14 -1.77 -43.06
CA LEU OA 56 21.65 -1.54 -44.39
C LEU OA 56 20.57 -1.89 -45.43
N PRO OA 57 20.57 -1.20 -46.59
CA PRO OA 57 19.54 -1.43 -47.60
C PRO OA 57 19.61 -2.83 -48.21
N SER PA 7 52.67 -1.70 8.68
CA SER PA 7 51.73 -1.29 7.63
C SER PA 7 50.31 -1.22 8.17
N LEU PA 8 49.45 -0.50 7.44
CA LEU PA 8 48.03 -0.46 7.76
C LEU PA 8 47.24 -1.57 7.11
N THR PA 9 47.85 -2.37 6.24
CA THR PA 9 47.19 -3.47 5.59
C THR PA 9 47.70 -4.84 6.04
N GLY PA 10 48.78 -4.88 6.82
CA GLY PA 10 49.35 -6.10 7.32
C GLY PA 10 50.54 -6.61 6.54
N LEU PA 11 50.71 -6.19 5.29
CA LEU PA 11 51.81 -6.68 4.48
C LEU PA 11 53.13 -6.03 4.90
N THR PA 12 54.21 -6.80 4.78
CA THR PA 12 55.54 -6.25 5.02
C THR PA 12 55.96 -5.38 3.85
N GLU PA 13 57.10 -4.70 4.02
CA GLU PA 13 57.64 -3.90 2.92
C GLU PA 13 58.07 -4.77 1.75
N GLU PA 14 58.64 -5.93 2.03
CA GLU PA 14 59.06 -6.84 0.97
C GLU PA 14 57.85 -7.35 0.19
N GLU PA 15 56.80 -7.74 0.90
CA GLU PA 15 55.58 -8.19 0.25
C GLU PA 15 54.96 -7.07 -0.58
N ALA PA 16 54.99 -5.83 -0.07
CA ALA PA 16 54.46 -4.71 -0.83
C ALA PA 16 55.23 -4.49 -2.11
N LYS PA 17 56.57 -4.56 -2.05
CA LYS PA 17 57.36 -4.37 -3.26
C LYS PA 17 57.07 -5.46 -4.29
N GLU PA 18 56.99 -6.72 -3.83
CA GLU PA 18 56.76 -7.81 -4.77
C GLU PA 18 55.37 -7.74 -5.40
N PHE PA 19 54.35 -7.44 -4.58
CA PHE PA 19 53.01 -7.27 -5.11
C PHE PA 19 52.96 -6.10 -6.09
N HIS PA 20 53.65 -5.00 -5.78
CA HIS PA 20 53.64 -3.86 -6.69
C HIS PA 20 54.25 -4.23 -8.02
N SER PA 21 55.36 -4.97 -8.00
CA SER PA 21 56.01 -5.38 -9.24
C SER PA 21 55.05 -6.21 -10.09
N VAL PA 22 54.42 -7.23 -9.48
CA VAL PA 22 53.53 -8.08 -10.26
C VAL PA 22 52.28 -7.32 -10.70
N PHE PA 23 51.77 -6.43 -9.85
CA PHE PA 23 50.58 -5.64 -10.20
C PHE PA 23 50.84 -4.76 -11.41
N VAL PA 24 51.97 -4.05 -11.41
CA VAL PA 24 52.27 -3.16 -12.52
C VAL PA 24 52.55 -3.95 -13.79
N SER PA 25 53.27 -5.07 -13.68
CA SER PA 25 53.50 -5.90 -14.86
C SER PA 25 52.18 -6.40 -15.44
N SER PA 26 51.27 -6.87 -14.58
CA SER PA 26 49.98 -7.36 -15.03
C SER PA 26 49.18 -6.26 -15.71
N MET PA 27 49.12 -5.08 -15.08
CA MET PA 27 48.35 -3.98 -15.64
C MET PA 27 48.90 -3.54 -16.98
N VAL PA 28 50.21 -3.44 -17.11
CA VAL PA 28 50.81 -3.01 -18.37
C VAL PA 28 50.57 -4.05 -19.45
N LEU PA 29 50.69 -5.33 -19.13
CA LEU PA 29 50.41 -6.36 -20.12
C LEU PA 29 48.95 -6.32 -20.55
N TYR PA 30 48.03 -6.10 -19.60
CA TYR PA 30 46.62 -5.99 -19.93
C TYR PA 30 46.36 -4.84 -20.90
N LEU PA 31 46.92 -3.66 -20.59
CA LEU PA 31 46.70 -2.50 -21.45
C LEU PA 31 47.35 -2.68 -22.82
N ALA PA 32 48.53 -3.27 -22.88
CA ALA PA 32 49.19 -3.50 -24.17
C ALA PA 32 48.41 -4.49 -25.02
N THR PA 33 47.91 -5.55 -24.40
CA THR PA 33 47.03 -6.48 -25.11
C THR PA 33 45.79 -5.77 -25.62
N ALA PA 34 45.23 -4.86 -24.81
CA ALA PA 34 44.09 -4.08 -25.27
C ALA PA 34 44.43 -3.25 -26.49
N VAL PA 35 45.62 -2.65 -26.52
CA VAL PA 35 46.04 -1.87 -27.68
C VAL PA 35 46.08 -2.74 -28.94
N ILE PA 36 46.76 -3.89 -28.83
CA ILE PA 36 46.86 -4.81 -29.97
C ILE PA 36 45.47 -5.27 -30.41
N VAL PA 37 44.63 -5.63 -29.45
CA VAL PA 37 43.30 -6.13 -29.73
C VAL PA 37 42.45 -5.08 -30.44
N HIS PA 38 42.56 -3.83 -30.00
CA HIS PA 38 41.81 -2.77 -30.66
C HIS PA 38 42.30 -2.56 -32.10
N TYR PA 39 43.60 -2.73 -32.35
CA TYR PA 39 44.04 -2.70 -33.74
C TYR PA 39 43.40 -3.82 -34.56
N LEU PA 40 43.37 -5.03 -34.00
CA LEU PA 40 42.77 -6.16 -34.72
C LEU PA 40 41.30 -5.92 -35.00
N VAL PA 41 40.56 -5.42 -34.01
CA VAL PA 41 39.14 -5.15 -34.18
C VAL PA 41 38.94 -4.06 -35.23
N TRP PA 42 39.81 -3.05 -35.25
CA TRP PA 42 39.73 -2.03 -36.29
C TRP PA 42 39.88 -2.65 -37.67
N THR PA 43 40.82 -3.59 -37.82
CA THR PA 43 40.93 -4.31 -39.08
C THR PA 43 39.63 -5.05 -39.42
N ALA PA 44 38.95 -5.58 -38.40
CA ALA PA 44 37.65 -6.18 -38.64
C ALA PA 44 36.55 -5.13 -38.87
N ARG PA 45 36.54 -4.06 -38.07
CA ARG PA 45 35.48 -3.06 -38.12
C ARG PA 45 36.09 -1.70 -37.79
N PRO PA 46 36.34 -0.86 -38.80
CA PRO PA 46 36.89 0.48 -38.52
C PRO PA 46 35.83 1.41 -37.95
N TRP PA 47 35.69 1.41 -36.62
CA TRP PA 47 34.47 1.89 -35.98
C TRP PA 47 34.31 3.41 -36.03
N ILE PA 48 35.39 4.18 -36.04
CA ILE PA 48 35.29 5.63 -36.12
C ILE PA 48 35.28 6.02 -37.60
N ALA PA 49 34.08 6.18 -38.15
CA ALA PA 49 33.95 6.52 -39.56
C ALA PA 49 34.53 7.91 -39.84
N PRO PA 50 34.97 8.16 -41.06
CA PRO PA 50 35.36 9.53 -41.43
C PRO PA 50 34.16 10.46 -41.41
N ILE PA 51 34.43 11.76 -41.43
CA ILE PA 51 33.37 12.77 -41.40
C ILE PA 51 32.50 12.60 -42.64
N PRO PA 52 31.19 12.40 -42.48
CA PRO PA 52 30.31 12.30 -43.65
C PRO PA 52 30.17 13.63 -44.37
N LYS PA 53 29.57 13.56 -45.56
CA LYS PA 53 29.59 14.66 -46.51
C LYS PA 53 28.93 15.92 -45.94
N GLY PA 54 27.74 15.79 -45.36
CA GLY PA 54 27.02 16.94 -44.88
C GLY PA 54 27.21 17.24 -43.41
N TRP PA 55 28.32 16.80 -42.84
CA TRP PA 55 28.55 16.91 -41.40
C TRP PA 55 29.28 18.20 -41.09
N VAL PA 56 28.78 18.93 -40.09
CA VAL PA 56 29.49 20.11 -39.58
C VAL PA 56 29.22 20.23 -38.08
N TYR QA 22 40.54 3.10 -44.88
CA TYR QA 22 40.29 4.11 -45.90
C TYR QA 22 39.33 3.57 -46.96
N PHE QA 23 39.08 4.38 -47.99
CA PHE QA 23 38.15 4.02 -49.06
C PHE QA 23 38.92 3.52 -50.27
N ALA QA 24 38.55 2.34 -50.75
CA ALA QA 24 39.06 1.83 -52.01
C ALA QA 24 38.39 2.57 -53.18
N ALA QA 25 38.73 2.17 -54.40
CA ALA QA 25 38.18 2.83 -55.57
C ALA QA 25 36.68 2.59 -55.71
N ASP QA 26 36.23 1.36 -55.45
CA ASP QA 26 34.82 1.00 -55.63
C ASP QA 26 33.92 1.59 -54.55
N GLY QA 27 34.48 2.21 -53.52
CA GLY QA 27 33.73 2.77 -52.42
C GLY QA 27 33.72 1.92 -51.17
N SER QA 28 34.06 0.64 -51.28
CA SER QA 28 34.14 -0.21 -50.11
C SER QA 28 35.29 0.23 -49.21
N VAL QA 29 35.06 0.17 -47.91
CA VAL QA 29 36.07 0.58 -46.94
C VAL QA 29 37.04 -0.56 -46.71
N VAL QA 30 38.32 -0.23 -46.56
CA VAL QA 30 39.34 -1.23 -46.30
C VAL QA 30 40.21 -0.74 -45.15
N PRO QA 31 40.11 -1.37 -43.97
CA PRO QA 31 40.84 -0.88 -42.80
C PRO QA 31 42.35 -1.00 -43.00
N SER QA 32 43.09 -0.09 -42.38
CA SER QA 32 44.55 -0.13 -42.44
C SER QA 32 45.11 0.58 -41.21
N ILE QA 33 46.40 0.33 -40.95
CA ILE QA 33 47.10 0.99 -39.85
C ILE QA 33 47.20 2.49 -40.11
N THR QA 34 47.17 2.89 -41.38
CA THR QA 34 47.30 4.30 -41.75
C THR QA 34 46.01 5.09 -41.58
N ASP QA 35 44.89 4.45 -41.26
CA ASP QA 35 43.66 5.18 -41.00
C ASP QA 35 43.88 6.18 -39.86
N ALA QA 36 43.63 7.46 -40.13
CA ALA QA 36 43.90 8.47 -39.12
C ALA QA 36 43.06 8.26 -37.87
N ASN QA 37 41.78 7.95 -38.04
CA ASN QA 37 40.90 7.79 -36.88
C ASN QA 37 41.31 6.63 -36.00
N LEU QA 38 42.01 5.64 -36.55
CA LEU QA 38 42.52 4.55 -35.74
C LEU QA 38 43.43 5.05 -34.62
N TRP QA 39 44.09 6.17 -34.83
CA TRP QA 39 44.98 6.69 -33.80
C TRP QA 39 44.25 7.43 -32.70
N VAL QA 40 42.94 7.59 -32.79
CA VAL QA 40 42.17 8.08 -31.65
C VAL QA 40 42.12 7.00 -30.57
N PRO QA 41 41.62 5.78 -30.84
CA PRO QA 41 41.68 4.76 -29.78
C PRO QA 41 43.09 4.42 -29.33
N LEU QA 42 44.01 4.19 -30.26
CA LEU QA 42 45.37 3.80 -29.87
C LEU QA 42 46.02 4.87 -29.03
N GLY QA 43 45.89 6.14 -29.45
CA GLY QA 43 46.40 7.22 -28.62
C GLY QA 43 45.81 7.21 -27.23
N ILE QA 44 44.50 6.98 -27.12
CA ILE QA 44 43.90 6.92 -25.79
C ILE QA 44 44.41 5.71 -25.03
N LEU QA 45 44.66 4.60 -25.73
CA LEU QA 45 45.11 3.40 -25.05
C LEU QA 45 46.62 3.33 -24.90
N GLY QA 46 47.36 3.80 -25.91
CA GLY QA 46 48.80 3.65 -25.89
C GLY QA 46 49.51 4.59 -24.91
N ILE QA 47 49.09 5.86 -24.89
CA ILE QA 47 49.84 6.86 -24.13
C ILE QA 47 49.86 6.56 -22.63
N PRO QA 48 48.72 6.36 -21.95
CA PRO QA 48 48.82 5.99 -20.52
C PRO QA 48 49.63 4.72 -20.31
N THR QA 49 49.48 3.73 -21.19
CA THR QA 49 50.24 2.49 -21.08
C THR QA 49 51.73 2.77 -20.98
N ILE QA 50 52.22 3.79 -21.71
CA ILE QA 50 53.61 4.18 -21.58
C ILE QA 50 53.87 4.72 -20.17
N TRP QA 51 53.18 5.80 -19.79
CA TRP QA 51 53.62 6.49 -18.57
C TRP QA 51 53.23 5.71 -17.32
N ILE QA 52 52.17 4.91 -17.39
CA ILE QA 52 51.88 3.98 -16.29
C ILE QA 52 53.05 3.01 -16.11
N ALA QA 53 53.64 2.56 -17.21
CA ALA QA 53 54.81 1.70 -17.11
C ALA QA 53 56.02 2.44 -16.58
N LEU QA 54 56.09 3.75 -16.79
CA LEU QA 54 57.29 4.51 -16.44
C LEU QA 54 57.18 5.22 -15.10
N LEU QA 55 55.99 5.67 -14.71
CA LEU QA 55 55.87 6.40 -13.44
C LEU QA 55 55.91 5.46 -12.24
N TYR QA 56 55.31 4.29 -12.34
CA TYR QA 56 55.09 3.43 -11.18
C TYR QA 56 56.07 2.29 -11.04
N ARG QA 57 56.81 1.94 -12.09
CA ARG QA 57 57.78 0.85 -12.02
C ARG QA 57 58.82 1.16 -10.95
N SER RA 8 54.22 23.74 -2.46
CA SER RA 8 55.49 23.55 -1.75
C SER RA 8 55.27 22.91 -0.39
N ALA RA 9 54.29 23.43 0.35
CA ALA RA 9 53.78 22.76 1.55
C ALA RA 9 52.53 21.93 1.25
N SER RA 10 52.20 21.75 -0.03
CA SER RA 10 50.97 21.06 -0.41
C SER RA 10 50.93 19.63 0.12
N TRP RA 11 52.10 18.98 0.27
CA TRP RA 11 52.13 17.60 0.74
C TRP RA 11 51.46 17.44 2.09
N LYS RA 12 51.51 18.48 2.92
CA LYS RA 12 50.88 18.43 4.24
C LYS RA 12 49.38 18.20 4.16
N LEU RA 13 48.77 18.44 3.01
CA LEU RA 13 47.35 18.12 2.84
C LEU RA 13 47.09 16.65 3.16
N TRP RA 14 48.03 15.76 2.81
CA TRP RA 14 47.82 14.34 3.06
C TRP RA 14 48.06 13.96 4.51
N LEU RA 15 48.38 14.92 5.38
CA LEU RA 15 48.34 14.67 6.81
C LEU RA 15 46.91 14.71 7.36
N ILE RA 16 45.98 15.33 6.63
CA ILE RA 16 44.64 15.56 7.15
C ILE RA 16 43.55 14.98 6.28
N LEU RA 17 43.80 14.68 5.01
CA LEU RA 17 42.72 14.40 4.06
C LEU RA 17 42.61 12.94 3.64
N ASP RA 18 43.44 12.04 4.18
CA ASP RA 18 43.28 10.61 3.95
C ASP RA 18 43.41 10.23 2.47
N PRO RA 19 44.64 10.12 1.95
CA PRO RA 19 44.84 9.78 0.54
C PRO RA 19 43.94 8.70 -0.03
N ARG RA 20 43.60 7.68 0.77
CA ARG RA 20 42.71 6.63 0.28
C ARG RA 20 41.33 7.18 -0.05
N ARG RA 21 40.80 8.04 0.82
CA ARG RA 21 39.50 8.65 0.57
C ARG RA 21 39.52 9.49 -0.70
N VAL RA 22 40.58 10.26 -0.89
CA VAL RA 22 40.69 11.08 -2.10
C VAL RA 22 40.78 10.20 -3.33
N LEU RA 23 41.56 9.13 -3.28
CA LEU RA 23 41.67 8.24 -4.45
C LEU RA 23 40.34 7.58 -4.77
N THR RA 24 39.61 7.11 -3.74
CA THR RA 24 38.32 6.49 -3.99
C THR RA 24 37.32 7.49 -4.55
N ALA RA 25 37.29 8.69 -3.97
CA ALA RA 25 36.39 9.73 -4.44
C ALA RA 25 36.70 10.12 -5.88
N LEU RA 26 37.99 10.26 -6.22
CA LEU RA 26 38.37 10.62 -7.58
C LEU RA 26 38.03 9.49 -8.55
N PHE RA 27 38.27 8.24 -8.16
CA PHE RA 27 37.89 7.12 -9.01
C PHE RA 27 36.40 7.17 -9.34
N ILE RA 28 35.57 7.30 -8.30
CA ILE RA 28 34.12 7.33 -8.52
C ILE RA 28 33.72 8.55 -9.33
N TYR RA 29 34.24 9.73 -8.97
CA TYR RA 29 33.83 10.98 -9.59
C TYR RA 29 34.20 11.02 -11.07
N LEU RA 30 35.44 10.63 -11.39
CA LEU RA 30 35.89 10.63 -12.78
C LEU RA 30 35.17 9.55 -13.58
N THR RA 31 34.89 8.40 -12.96
CA THR RA 31 34.11 7.39 -13.66
C THR RA 31 32.71 7.91 -13.99
N VAL RA 32 32.06 8.59 -13.04
CA VAL RA 32 30.73 9.10 -13.28
C VAL RA 32 30.75 10.13 -14.42
N ILE RA 33 31.73 11.04 -14.40
CA ILE RA 33 31.81 12.04 -15.46
C ILE RA 33 32.09 11.39 -16.81
N ALA RA 34 33.00 10.42 -16.85
CA ALA RA 34 33.32 9.76 -18.11
C ALA RA 34 32.13 9.00 -18.67
N LEU RA 35 31.39 8.30 -17.82
CA LEU RA 35 30.17 7.64 -18.27
C LEU RA 35 29.16 8.66 -18.77
N LEU RA 36 29.02 9.78 -18.05
CA LEU RA 36 28.11 10.83 -18.48
C LEU RA 36 28.46 11.32 -19.87
N ILE RA 37 29.73 11.63 -20.11
CA ILE RA 37 30.12 12.17 -21.41
C ILE RA 37 29.95 11.13 -22.51
N HIS RA 38 30.46 9.91 -22.30
CA HIS RA 38 30.39 8.89 -23.33
C HIS RA 38 28.94 8.59 -23.71
N PHE RA 39 28.07 8.40 -22.71
CA PHE RA 39 26.70 8.06 -23.02
C PHE RA 39 25.88 9.25 -23.51
N GLY RA 40 26.20 10.47 -23.06
CA GLY RA 40 25.55 11.64 -23.62
C GLY RA 40 25.90 11.85 -25.08
N LEU RA 41 27.17 11.63 -25.43
CA LEU RA 41 27.58 11.73 -26.83
C LEU RA 41 26.92 10.66 -27.68
N LEU RA 42 26.81 9.43 -27.15
CA LEU RA 42 26.14 8.38 -27.90
C LEU RA 42 24.66 8.66 -28.12
N SER RA 43 24.03 9.47 -27.28
CA SER RA 43 22.62 9.79 -27.45
C SER RA 43 22.36 10.88 -28.49
N THR RA 44 23.40 11.48 -29.06
CA THR RA 44 23.24 12.52 -30.06
C THR RA 44 23.38 11.92 -31.46
N ASN RA 45 22.72 12.57 -32.42
CA ASN RA 45 22.92 12.19 -33.82
C ASN RA 45 24.31 12.60 -34.30
N ARG RA 46 24.76 13.79 -33.91
CA ARG RA 46 25.95 14.38 -34.53
C ARG RA 46 27.25 13.73 -34.03
N LEU RA 47 27.33 13.37 -32.76
CA LEU RA 47 28.57 12.89 -32.17
C LEU RA 47 28.49 11.44 -31.71
N ASN RA 48 27.55 10.66 -32.27
CA ASN RA 48 27.54 9.22 -32.03
C ASN RA 48 28.49 8.54 -33.00
N TRP RA 49 29.38 7.70 -32.47
CA TRP RA 49 30.38 7.01 -33.27
C TRP RA 49 30.15 5.51 -33.37
N TRP RA 50 29.16 4.97 -32.68
CA TRP RA 50 28.85 3.55 -32.80
C TRP RA 50 27.93 3.27 -33.98
N GLU RA 51 26.80 3.94 -34.04
CA GLU RA 51 25.73 3.64 -34.96
C GLU RA 51 25.99 4.28 -36.33
N PHE RA 52 25.25 3.82 -37.33
CA PHE RA 52 25.25 4.49 -38.63
C PHE RA 52 24.79 5.94 -38.46
N GLN RA 53 25.37 6.83 -39.27
CA GLN RA 53 25.15 8.25 -39.10
C GLN RA 53 23.67 8.60 -39.24
N ARG RA 54 23.12 9.24 -38.21
CA ARG RA 54 21.76 9.76 -38.23
C ARG RA 54 21.79 11.27 -38.44
N GLY RA 55 20.65 11.81 -38.88
CA GLY RA 55 20.46 13.24 -38.89
C GLY RA 55 21.11 13.99 -40.03
N LEU RA 56 21.54 13.31 -41.08
CA LEU RA 56 21.99 13.95 -42.29
C LEU RA 56 21.24 13.37 -43.48
N PRO RA 57 21.00 14.17 -44.53
CA PRO RA 57 20.37 13.65 -45.75
C PRO RA 57 21.26 12.63 -46.46
N SER SA 7 49.30 12.80 13.66
CA SER SA 7 48.72 12.84 12.32
C SER SA 7 47.46 11.99 12.25
N LEU SA 8 46.40 12.56 11.68
CA LEU SA 8 45.12 11.88 11.64
C LEU SA 8 45.03 10.82 10.55
N THR SA 9 45.91 10.86 9.55
CA THR SA 9 45.83 9.92 8.44
C THR SA 9 46.81 8.76 8.55
N GLY SA 10 47.84 8.87 9.38
CA GLY SA 10 48.84 7.82 9.53
C GLY SA 10 50.04 7.94 8.63
N LEU SA 11 50.01 8.84 7.65
CA LEU SA 11 51.22 9.15 6.90
C LEU SA 11 52.18 9.89 7.82
N THR SA 12 53.46 9.55 7.77
CA THR SA 12 54.31 10.10 8.82
C THR SA 12 54.76 11.52 8.51
N GLU SA 13 55.77 11.68 7.66
CA GLU SA 13 56.03 12.98 7.05
C GLU SA 13 56.62 12.74 5.67
N GLU SA 14 57.32 11.61 5.54
CA GLU SA 14 57.97 11.24 4.29
C GLU SA 14 57.01 10.54 3.37
N GLU SA 15 56.08 9.76 3.93
CA GLU SA 15 55.03 9.16 3.14
C GLU SA 15 54.14 10.23 2.52
N ALA SA 16 53.85 11.29 3.27
CA ALA SA 16 53.07 12.40 2.72
C ALA SA 16 53.78 13.03 1.53
N LYS SA 17 55.08 13.30 1.66
CA LYS SA 17 55.81 13.91 0.55
C LYS SA 17 55.87 13.00 -0.66
N GLU SA 18 56.12 11.70 -0.43
CA GLU SA 18 56.24 10.76 -1.54
C GLU SA 18 54.89 10.56 -2.23
N PHE SA 19 53.83 10.37 -1.46
CA PHE SA 19 52.51 10.26 -2.04
C PHE SA 19 52.12 11.52 -2.80
N HIS SA 20 52.44 12.69 -2.24
CA HIS SA 20 52.10 13.93 -2.93
C HIS SA 20 52.82 14.02 -4.25
N SER SA 21 54.11 13.66 -4.28
CA SER SA 21 54.86 13.70 -5.53
C SER SA 21 54.24 12.78 -6.57
N VAL SA 22 53.93 11.53 -6.19
CA VAL SA 22 53.38 10.59 -7.16
C VAL SA 22 51.96 11.01 -7.58
N PHE SA 23 51.15 11.50 -6.64
CA PHE SA 23 49.80 11.96 -6.95
C PHE SA 23 49.82 13.10 -7.95
N VAL SA 24 50.70 14.08 -7.73
CA VAL SA 24 50.77 15.22 -8.64
C VAL SA 24 51.28 14.79 -10.01
N SER SA 25 52.29 13.91 -10.05
CA SER SA 25 52.77 13.42 -11.33
C SER SA 25 51.68 12.68 -12.08
N SER SA 26 50.92 11.84 -11.38
CA SER SA 26 49.83 11.10 -12.01
C SER SA 26 48.75 12.05 -12.53
N MET SA 27 48.37 13.03 -11.73
CA MET SA 27 47.32 13.97 -12.15
C MET SA 27 47.76 14.79 -13.36
N VAL SA 28 49.01 15.28 -13.35
CA VAL SA 28 49.49 16.07 -14.46
C VAL SA 28 49.58 15.22 -15.72
N LEU SA 29 50.10 13.99 -15.60
CA LEU SA 29 50.19 13.12 -16.77
C LEU SA 29 48.81 12.80 -17.32
N TYR SA 30 47.83 12.57 -16.43
CA TYR SA 30 46.46 12.31 -16.86
C TYR SA 30 45.86 13.51 -17.59
N LEU SA 31 46.05 14.72 -17.06
CA LEU SA 31 45.52 15.90 -17.72
C LEU SA 31 46.20 16.16 -19.06
N ALA SA 32 47.52 15.92 -19.12
CA ALA SA 32 48.24 16.14 -20.38
C ALA SA 32 47.83 15.13 -21.45
N THR SA 33 47.69 13.86 -21.09
CA THR SA 33 47.20 12.91 -22.08
C THR SA 33 45.78 13.24 -22.48
N ALA SA 34 44.97 13.78 -21.57
CA ALA SA 34 43.63 14.22 -21.94
C ALA SA 34 43.69 15.35 -22.97
N VAL SA 35 44.64 16.28 -22.81
CA VAL SA 35 44.81 17.35 -23.80
C VAL SA 35 45.13 16.75 -25.17
N ILE SA 36 46.12 15.87 -25.22
CA ILE SA 36 46.53 15.29 -26.50
C ILE SA 36 45.37 14.50 -27.11
N VAL SA 37 44.66 13.74 -26.28
CA VAL SA 37 43.55 12.93 -26.74
C VAL SA 37 42.45 13.81 -27.31
N HIS SA 38 42.19 14.95 -26.67
CA HIS SA 38 41.18 15.87 -27.19
C HIS SA 38 41.61 16.45 -28.53
N TYR SA 39 42.91 16.72 -28.72
CA TYR SA 39 43.35 17.15 -30.04
C TYR SA 39 43.06 16.07 -31.10
N LEU SA 40 43.41 14.83 -30.78
CA LEU SA 40 43.15 13.72 -31.71
C LEU SA 40 41.66 13.59 -32.03
N VAL SA 41 40.82 13.68 -31.00
CA VAL SA 41 39.38 13.57 -31.21
C VAL SA 41 38.88 14.70 -32.08
N TRP SA 42 39.35 15.92 -31.84
CA TRP SA 42 39.01 17.05 -32.70
C TRP SA 42 39.36 16.75 -34.15
N THR SA 43 40.52 16.15 -34.38
CA THR SA 43 40.86 15.73 -35.73
C THR SA 43 39.83 14.75 -36.29
N ALA SA 44 39.34 13.83 -35.45
CA ALA SA 44 38.29 12.92 -35.92
C ALA SA 44 36.93 13.62 -36.01
N ARG SA 45 36.59 14.45 -35.03
CA ARG SA 45 35.29 15.14 -34.99
C ARG SA 45 35.50 16.54 -34.43
N PRO SA 46 35.53 17.56 -35.29
CA PRO SA 46 35.67 18.94 -34.80
C PRO SA 46 34.38 19.44 -34.16
N TRP SA 47 34.23 19.18 -32.86
CA TRP SA 47 32.92 19.18 -32.24
C TRP SA 47 32.33 20.57 -31.96
N ILE SA 48 33.15 21.62 -31.82
CA ILE SA 48 32.60 22.96 -31.67
C ILE SA 48 32.52 23.57 -33.07
N ALA SA 49 31.33 23.53 -33.66
CA ALA SA 49 31.14 24.03 -35.00
C ALA SA 49 31.28 25.54 -35.04
N PRO SA 50 31.74 26.09 -36.16
CA PRO SA 50 31.76 27.55 -36.31
C PRO SA 50 30.35 28.12 -36.21
N ILE SA 51 30.28 29.41 -35.92
CA ILE SA 51 28.98 30.08 -35.78
C ILE SA 51 28.22 29.92 -37.09
N PRO SA 52 27.03 29.34 -37.08
CA PRO SA 52 26.28 29.17 -38.32
C PRO SA 52 25.76 30.49 -38.88
N LYS SA 53 25.03 30.43 -39.99
CA LYS SA 53 24.75 31.63 -40.77
C LYS SA 53 23.80 32.56 -40.04
N GLY SA 54 22.59 32.09 -39.72
CA GLY SA 54 21.64 32.97 -39.08
C GLY SA 54 21.82 33.14 -37.59
N TRP SA 55 22.91 32.63 -37.03
CA TRP SA 55 23.10 32.59 -35.59
C TRP SA 55 23.44 33.97 -35.05
N VAL SA 56 22.73 34.37 -34.00
CA VAL SA 56 23.07 35.56 -33.23
C VAL SA 56 22.83 35.27 -31.76
N TYR TA 22 38.66 23.70 -40.25
CA TYR TA 22 38.37 24.77 -41.19
C TYR TA 22 37.67 24.22 -42.43
N PHE TA 23 36.78 25.01 -43.01
CA PHE TA 23 36.06 24.57 -44.20
C PHE TA 23 36.98 24.52 -45.40
N ALA TA 24 36.83 23.48 -46.19
CA ALA TA 24 37.50 23.37 -47.48
C ALA TA 24 36.56 23.85 -48.57
N ALA TA 25 37.15 24.17 -49.72
CA ALA TA 25 36.36 24.56 -50.88
C ALA TA 25 35.40 23.43 -51.26
N ASP TA 26 34.25 23.82 -51.83
CA ASP TA 26 33.11 22.93 -52.05
C ASP TA 26 32.56 22.41 -50.73
N GLY TA 27 32.66 23.22 -49.69
CA GLY TA 27 31.90 23.05 -48.46
C GLY TA 27 32.18 21.79 -47.65
N SER TA 28 33.44 21.41 -47.53
CA SER TA 28 33.82 20.26 -46.72
C SER TA 28 34.43 20.73 -45.40
N VAL TA 29 34.71 19.78 -44.52
CA VAL TA 29 35.25 20.06 -43.19
C VAL TA 29 36.63 19.44 -43.07
N VAL TA 30 37.63 20.24 -42.75
CA VAL TA 30 38.99 19.77 -42.53
C VAL TA 30 39.46 20.21 -41.16
N PRO TA 31 39.55 19.32 -40.18
CA PRO TA 31 40.06 19.71 -38.86
C PRO TA 31 41.56 19.97 -38.89
N SER TA 32 42.00 20.90 -38.03
CA SER TA 32 43.41 21.19 -37.87
C SER TA 32 43.62 21.91 -36.54
N ILE TA 33 44.90 22.04 -36.16
CA ILE TA 33 45.26 22.86 -35.00
C ILE TA 33 44.95 24.32 -35.24
N THR TA 34 44.83 24.74 -36.50
CA THR TA 34 44.53 26.13 -36.83
C THR TA 34 43.12 26.54 -36.42
N ASP TA 35 42.20 25.59 -36.27
CA ASP TA 35 40.81 25.92 -35.95
C ASP TA 35 40.73 26.72 -34.66
N ALA TA 36 40.05 27.87 -34.74
CA ALA TA 36 39.96 28.75 -33.58
C ALA TA 36 39.21 28.08 -32.43
N ASN TA 37 38.11 27.40 -32.74
CA ASN TA 37 37.29 26.80 -31.69
C ASN TA 37 38.01 25.66 -30.99
N LEU TA 38 38.98 25.02 -31.64
CA LEU TA 38 39.76 23.97 -31.00
C LEU TA 38 40.47 24.48 -29.74
N TRP TA 39 40.78 25.76 -29.70
CA TRP TA 39 41.48 26.30 -28.55
C TRP TA 39 40.55 26.58 -27.38
N VAL TA 40 39.25 26.33 -27.51
CA VAL TA 40 38.38 26.40 -26.34
C VAL TA 40 38.65 25.18 -25.46
N PRO TA 41 38.55 23.93 -25.95
CA PRO TA 41 38.89 22.80 -25.06
C PRO TA 41 40.33 22.80 -24.60
N LEU TA 42 41.28 23.00 -25.52
CA LEU TA 42 42.69 22.97 -25.13
C LEU TA 42 42.99 24.00 -24.05
N GLY TA 43 42.49 25.22 -24.24
CA GLY TA 43 42.64 26.23 -23.21
C GLY TA 43 42.05 25.81 -21.87
N ILE TA 44 40.86 25.20 -21.89
CA ILE TA 44 40.25 24.75 -20.65
C ILE TA 44 41.07 23.62 -20.05
N LEU TA 45 41.68 22.77 -20.88
CA LEU TA 45 42.41 21.64 -20.34
C LEU TA 45 43.88 21.98 -20.11
N GLY TA 46 44.49 22.70 -21.05
CA GLY TA 46 45.90 22.99 -20.94
C GLY TA 46 46.26 23.94 -19.82
N ILE TA 47 45.48 24.99 -19.64
CA ILE TA 47 45.84 26.05 -18.70
C ILE TA 47 45.92 25.53 -17.27
N PRO TA 48 44.87 24.89 -16.72
CA PRO TA 48 45.03 24.35 -15.36
C PRO TA 48 46.15 23.35 -15.26
N THR TA 49 46.28 22.49 -16.26
CA THR TA 49 47.35 21.49 -16.28
C THR TA 49 48.70 22.14 -16.00
N ILE TA 50 48.93 23.31 -16.58
CA ILE TA 50 50.17 24.03 -16.34
C ILE TA 50 50.26 24.46 -14.88
N TRP TA 51 49.28 25.24 -14.39
CA TRP TA 51 49.50 25.82 -13.08
C TRP TA 51 49.33 24.80 -11.97
N ILE TA 52 48.49 23.78 -12.19
CA ILE TA 52 48.47 22.63 -11.30
C ILE TA 52 49.87 22.04 -11.18
N ALA TA 53 50.56 21.89 -12.32
CA ALA TA 53 51.91 21.34 -12.29
C ALA TA 53 52.90 22.28 -11.63
N LEU TA 54 52.60 23.58 -11.55
CA LEU TA 54 53.57 24.53 -11.01
C LEU TA 54 53.30 24.90 -9.56
N LEU TA 55 52.03 24.97 -9.16
CA LEU TA 55 51.69 25.48 -7.84
C LEU TA 55 51.91 24.43 -6.76
N TYR TA 56 51.36 23.24 -6.95
CA TYR TA 56 51.43 22.22 -5.91
C TYR TA 56 52.72 21.41 -5.93
N ARG TA 57 53.51 21.50 -7.00
CA ARG TA 57 54.74 20.74 -7.09
C ARG TA 57 55.82 21.35 -6.21
N SER UA 8 47.56 39.67 6.36
CA SER UA 8 46.19 39.75 6.84
C SER UA 8 45.92 38.71 7.92
N ALA UA 9 44.79 38.84 8.61
CA ALA UA 9 44.38 37.87 9.62
C ALA UA 9 43.46 36.80 9.06
N SER UA 10 43.29 36.74 7.74
CA SER UA 10 42.31 35.82 7.15
C SER UA 10 42.65 34.37 7.40
N TRP UA 11 43.95 34.04 7.53
CA TRP UA 11 44.34 32.65 7.73
C TRP UA 11 43.71 32.05 8.98
N LYS UA 12 43.40 32.89 9.97
CA LYS UA 12 42.79 32.38 11.20
C LYS UA 12 41.44 31.73 10.95
N LEU UA 13 40.81 32.01 9.80
CA LEU UA 13 39.58 31.31 9.45
C LEU UA 13 39.78 29.80 9.52
N TRP UA 14 40.95 29.32 9.07
CA TRP UA 14 41.18 27.89 9.05
C TRP UA 14 41.44 27.31 10.43
N LEU UA 15 41.59 28.15 11.45
CA LEU UA 15 41.68 27.66 12.83
C LEU UA 15 40.33 27.26 13.39
N ILE UA 16 39.23 27.62 12.74
CA ILE UA 16 37.90 27.28 13.24
C ILE UA 16 37.03 26.57 12.22
N LEU UA 17 37.29 26.67 10.91
CA LEU UA 17 36.35 26.23 9.90
C LEU UA 17 36.69 24.89 9.24
N ASP UA 18 37.76 24.21 9.67
CA ASP UA 18 38.04 22.86 9.18
C ASP UA 18 38.24 22.78 7.67
N PRO UA 19 39.43 23.13 7.17
CA PRO UA 19 39.71 23.09 5.72
C PRO UA 19 39.14 21.90 4.95
N ARG UA 20 39.10 20.72 5.54
CA ARG UA 20 38.58 19.56 4.82
C ARG UA 20 37.10 19.71 4.52
N ARG UA 21 36.35 20.23 5.48
CA ARG UA 21 34.93 20.48 5.26
C ARG UA 21 34.70 21.48 4.13
N VAL UA 22 35.48 22.57 4.13
CA VAL UA 22 35.33 23.57 3.08
C VAL UA 22 35.73 23.00 1.72
N LEU UA 23 36.77 22.17 1.69
CA LEU UA 23 37.17 21.55 0.43
C LEU UA 23 36.08 20.63 -0.11
N THR UA 24 35.49 19.80 0.76
CA THR UA 24 34.41 18.91 0.30
C THR UA 24 33.19 19.70 -0.13
N ALA UA 25 32.83 20.74 0.64
CA ALA UA 25 31.66 21.55 0.29
C ALA UA 25 31.87 22.25 -1.05
N LEU UA 26 33.05 22.84 -1.25
CA LEU UA 26 33.33 23.51 -2.51
C LEU UA 26 33.37 22.53 -3.67
N PHE UA 27 33.94 21.34 -3.46
CA PHE UA 27 33.94 20.34 -4.52
C PHE UA 27 32.53 19.99 -4.95
N ILE UA 28 31.65 19.68 -3.99
CA ILE UA 28 30.28 19.31 -4.31
C ILE UA 28 29.56 20.49 -4.96
N TYR UA 29 29.70 21.67 -4.38
CA TYR UA 29 28.97 22.86 -4.83
C TYR UA 29 29.36 23.25 -6.25
N LEU UA 30 30.67 23.31 -6.53
CA LEU UA 30 31.12 23.66 -7.86
C LEU UA 30 30.80 22.56 -8.86
N THR UA 31 30.82 21.29 -8.45
CA THR UA 31 30.39 20.24 -9.37
C THR UA 31 28.92 20.40 -9.73
N VAL UA 32 28.06 20.71 -8.76
CA VAL UA 32 26.65 20.89 -9.06
C VAL UA 32 26.43 22.09 -9.97
N ILE UA 33 27.11 23.20 -9.70
CA ILE UA 33 26.99 24.37 -10.57
C ILE UA 33 27.45 24.02 -11.99
N ALA UA 34 28.59 23.34 -12.12
CA ALA UA 34 29.12 23.01 -13.45
C ALA UA 34 28.18 22.09 -14.21
N LEU UA 35 27.64 21.08 -13.55
CA LEU UA 35 26.69 20.19 -14.21
C LEU UA 35 25.43 20.92 -14.62
N LEU UA 36 24.93 21.80 -13.75
CA LEU UA 36 23.75 22.58 -14.08
C LEU UA 36 24.00 23.43 -15.32
N ILE UA 37 25.14 24.10 -15.39
CA ILE UA 37 25.42 24.96 -16.54
C ILE UA 37 25.60 24.14 -17.81
N HIS UA 38 26.42 23.10 -17.76
CA HIS UA 38 26.69 22.31 -18.97
C HIS UA 38 25.40 21.70 -19.51
N PHE UA 39 24.60 21.08 -18.64
CA PHE UA 39 23.39 20.43 -19.14
C PHE UA 39 22.28 21.42 -19.43
N GLY UA 40 22.25 22.58 -18.75
CA GLY UA 40 21.29 23.60 -19.12
C GLY UA 40 21.59 24.21 -20.48
N LEU UA 41 22.87 24.42 -20.79
CA LEU UA 41 23.25 24.86 -22.11
C LEU UA 41 22.93 23.81 -23.16
N LEU UA 42 23.18 22.54 -22.86
CA LEU UA 42 22.83 21.48 -23.80
C LEU UA 42 21.31 21.36 -23.99
N SER UA 43 20.51 21.85 -23.05
CA SER UA 43 19.05 21.81 -23.21
C SER UA 43 18.53 22.88 -24.16
N THR UA 44 19.34 23.85 -24.55
CA THR UA 44 18.90 24.90 -25.46
C THR UA 44 19.23 24.54 -26.90
N ASN UA 45 18.61 25.27 -27.83
CA ASN UA 45 19.00 25.17 -29.24
C ASN UA 45 20.16 26.08 -29.58
N ARG UA 46 20.21 27.25 -28.97
CA ARG UA 46 21.17 28.27 -29.38
C ARG UA 46 22.58 27.93 -28.92
N LEU UA 47 22.73 27.34 -27.73
CA LEU UA 47 24.05 27.16 -27.12
C LEU UA 47 24.39 25.68 -26.93
N ASN UA 48 23.68 24.78 -27.60
CA ASN UA 48 24.04 23.36 -27.62
C ASN UA 48 25.14 23.15 -28.65
N TRP UA 49 26.28 22.64 -28.21
CA TRP UA 49 27.43 22.42 -29.08
C TRP UA 49 27.66 20.95 -29.43
N TRP UA 50 26.84 20.04 -28.90
CA TRP UA 50 26.94 18.62 -29.24
C TRP UA 50 26.18 18.28 -30.51
N GLU UA 51 24.88 18.58 -30.53
CA GLU UA 51 23.97 18.17 -31.58
C GLU UA 51 24.11 19.07 -32.81
N PHE UA 52 23.56 18.62 -33.94
CA PHE UA 52 23.44 19.49 -35.11
C PHE UA 52 22.61 20.72 -34.75
N GLN UA 53 23.01 21.87 -35.29
CA GLN UA 53 22.35 23.12 -34.97
C GLN UA 53 20.87 23.07 -35.32
N ARG UA 54 20.02 23.26 -34.30
CA ARG UA 54 18.59 23.35 -34.49
C ARG UA 54 18.09 24.69 -33.97
N GLY UA 55 16.85 25.00 -34.29
CA GLY UA 55 16.26 26.26 -33.88
C GLY UA 55 16.57 27.44 -34.78
N LEU UA 56 17.36 27.24 -35.84
CA LEU UA 56 17.65 28.30 -36.77
C LEU UA 56 16.82 28.12 -38.03
N PRO UA 57 15.78 28.94 -38.26
CA PRO UA 57 14.98 28.86 -39.48
C PRO UA 57 15.63 29.59 -40.64
N SER VA 7 44.46 24.11 18.05
CA SER VA 7 43.25 24.91 17.86
C SER VA 7 42.02 24.02 17.81
N LEU VA 8 40.97 24.53 17.16
CA LEU VA 8 39.69 23.83 17.06
C LEU VA 8 39.59 22.91 15.85
N THR VA 9 40.57 22.94 14.95
CA THR VA 9 40.55 22.12 13.74
C THR VA 9 41.76 21.21 13.61
N GLY VA 10 42.72 21.30 14.53
CA GLY VA 10 43.93 20.52 14.48
C GLY VA 10 45.11 21.22 13.86
N LEU VA 11 44.88 22.26 13.05
CA LEU VA 11 45.99 23.06 12.54
C LEU VA 11 46.54 23.92 13.67
N THR VA 12 47.87 24.10 13.69
CA THR VA 12 48.40 24.82 14.83
C THR VA 12 48.37 26.34 14.62
N GLU VA 13 49.33 26.89 13.88
CA GLU VA 13 49.19 28.24 13.33
C GLU VA 13 49.88 28.34 11.99
N GLU VA 14 50.93 27.53 11.79
CA GLU VA 14 51.66 27.58 10.53
C GLU VA 14 51.03 26.68 9.49
N GLU VA 15 50.42 25.57 9.91
CA GLU VA 15 49.63 24.78 8.99
C GLU VA 15 48.44 25.58 8.47
N ALA VA 16 47.81 26.37 9.34
CA ALA VA 16 46.74 27.26 8.90
C ALA VA 16 47.23 28.27 7.89
N LYS VA 17 48.40 28.88 8.14
CA LYS VA 17 48.91 29.90 7.22
C LYS VA 17 49.33 29.30 5.89
N GLU VA 18 49.96 28.13 5.90
CA GLU VA 18 50.35 27.48 4.66
C GLU VA 18 49.13 27.02 3.87
N PHE VA 19 48.13 26.44 4.54
CA PHE VA 19 46.91 26.09 3.83
C PHE VA 19 46.25 27.32 3.26
N HIS VA 20 46.23 28.43 4.00
CA HIS VA 20 45.62 29.65 3.49
C HIS VA 20 46.33 30.13 2.24
N SER VA 21 47.66 30.12 2.25
CA SER VA 21 48.42 30.54 1.08
C SER VA 21 48.06 29.69 -0.14
N VAL VA 22 48.11 28.36 0.02
CA VAL VA 22 47.84 27.49 -1.11
C VAL VA 22 46.38 27.62 -1.57
N PHE VA 23 45.45 27.75 -0.62
CA PHE VA 23 44.03 27.86 -0.95
C PHE VA 23 43.73 29.14 -1.71
N VAL VA 24 44.26 30.28 -1.25
CA VAL VA 24 44.01 31.53 -1.93
C VAL VA 24 44.64 31.51 -3.32
N SER VA 25 45.86 30.97 -3.44
CA SER VA 25 46.49 30.87 -4.75
C SER VA 25 45.65 30.01 -5.68
N SER VA 26 45.17 28.86 -5.20
CA SER VA 26 44.39 27.96 -6.03
C SER VA 26 43.08 28.61 -6.47
N MET VA 27 42.38 29.27 -5.54
CA MET VA 27 41.13 29.91 -5.89
C MET VA 27 41.34 31.02 -6.91
N VAL VA 28 42.36 31.85 -6.72
CA VAL VA 28 42.63 32.92 -7.66
C VAL VA 28 42.99 32.36 -9.03
N LEU VA 29 43.79 31.29 -9.06
CA LEU VA 29 44.17 30.71 -10.35
C LEU VA 29 42.96 30.13 -11.06
N TYR VA 30 42.09 29.45 -10.32
CA TYR VA 30 40.86 28.90 -10.88
C TYR VA 30 39.97 30.00 -11.46
N LEU VA 31 39.80 31.09 -10.72
CA LEU VA 31 38.95 32.18 -11.20
C LEU VA 31 39.57 32.89 -12.40
N ALA VA 32 40.90 33.04 -12.41
CA ALA VA 32 41.56 33.68 -13.55
C ALA VA 32 41.45 32.84 -14.80
N THR VA 33 41.64 31.52 -14.69
CA THR VA 33 41.46 30.68 -15.87
C THR VA 33 40.00 30.63 -16.27
N ALA VA 34 39.07 30.78 -15.32
CA ALA VA 34 37.66 30.93 -15.68
C ALA VA 34 37.44 32.19 -16.53
N VAL VA 35 38.12 33.29 -16.17
CA VAL VA 35 38.02 34.51 -16.97
C VAL VA 35 38.54 34.28 -18.39
N ILE VA 36 39.73 33.69 -18.50
CA ILE VA 36 40.33 33.44 -19.80
C ILE VA 36 39.45 32.52 -20.64
N VAL VA 37 38.94 31.46 -20.02
CA VAL VA 37 38.09 30.50 -20.71
C VAL VA 37 36.79 31.14 -21.17
N HIS VA 38 36.21 32.01 -20.34
CA HIS VA 38 35.00 32.69 -20.77
C HIS VA 38 35.27 33.58 -21.98
N TYR VA 39 36.43 34.23 -22.03
CA TYR VA 39 36.79 34.96 -23.25
C TYR VA 39 36.86 34.04 -24.47
N LEU VA 40 37.51 32.89 -24.31
CA LEU VA 40 37.63 31.96 -25.43
C LEU VA 40 36.26 31.46 -25.91
N VAL VA 41 35.40 31.08 -24.96
CA VAL VA 41 34.07 30.60 -25.33
C VAL VA 41 33.27 31.70 -25.99
N TRP VA 42 33.45 32.95 -25.54
CA TRP VA 42 32.79 34.07 -26.21
C TRP VA 42 33.23 34.16 -27.66
N THR VA 43 34.53 34.03 -27.91
CA THR VA 43 34.96 33.99 -29.31
C THR VA 43 34.30 32.85 -30.06
N ALA VA 44 34.06 31.72 -29.41
CA ALA VA 44 33.33 30.65 -30.06
C ALA VA 44 31.83 30.95 -30.15
N ARG VA 45 31.24 31.44 -29.07
CA ARG VA 45 29.80 31.73 -29.01
C ARG VA 45 29.58 33.01 -28.21
N PRO VA 46 29.30 34.12 -28.87
CA PRO VA 46 29.00 35.37 -28.14
C PRO VA 46 27.60 35.34 -27.54
N TRP VA 47 27.49 34.81 -26.33
CA TRP VA 47 26.22 34.33 -25.81
C TRP VA 47 25.25 35.43 -25.42
N ILE VA 48 25.72 36.60 -25.02
CA ILE VA 48 24.83 37.71 -24.69
C ILE VA 48 24.61 38.50 -25.97
N ALA VA 49 23.51 38.22 -26.66
CA ALA VA 49 23.23 38.85 -27.93
C ALA VA 49 22.92 40.33 -27.73
N PRO VA 50 23.21 41.16 -28.73
CA PRO VA 50 22.83 42.57 -28.66
C PRO VA 50 21.31 42.71 -28.62
N ILE VA 51 20.86 43.87 -28.18
CA ILE VA 51 19.43 44.16 -28.06
C ILE VA 51 18.78 44.00 -29.42
N PRO VA 52 17.81 43.10 -29.58
CA PRO VA 52 17.19 42.87 -30.90
C PRO VA 52 16.37 44.05 -31.37
N LYS VA 53 15.68 43.87 -32.50
CA LYS VA 53 14.95 44.95 -33.17
C LYS VA 53 13.90 45.59 -32.27
N GLY VA 54 12.86 44.84 -31.90
CA GLY VA 54 11.74 45.42 -31.18
C GLY VA 54 11.78 45.23 -29.68
N TRP VA 55 12.94 44.88 -29.16
CA TRP VA 55 13.08 44.63 -27.73
C TRP VA 55 12.92 45.93 -26.95
N VAL VA 56 12.12 45.89 -25.90
CA VAL VA 56 12.01 47.01 -24.98
C VAL VA 56 11.85 46.48 -23.56
N TYR WA 22 30.96 41.64 -32.73
CA TYR WA 22 30.19 42.69 -33.39
C TYR WA 22 29.52 42.17 -34.64
N PHE WA 23 28.70 43.01 -35.28
CA PHE WA 23 28.04 42.65 -36.52
C PHE WA 23 28.91 43.04 -37.72
N ALA WA 24 28.80 42.26 -38.78
CA ALA WA 24 29.36 42.60 -40.08
C ALA WA 24 28.29 43.20 -40.97
N ALA WA 25 28.72 43.75 -42.10
CA ALA WA 25 27.78 44.38 -43.03
C ALA WA 25 26.71 43.39 -43.48
N ASP WA 26 27.10 42.13 -43.67
CA ASP WA 26 26.12 41.09 -43.99
C ASP WA 26 25.10 40.92 -42.88
N GLY WA 27 25.54 41.03 -41.64
CA GLY WA 27 24.80 40.56 -40.48
C GLY WA 27 25.47 39.39 -39.81
N SER WA 28 26.54 38.87 -40.39
CA SER WA 28 27.32 37.83 -39.74
C SER WA 28 27.91 38.35 -38.44
N VAL WA 29 27.99 37.47 -37.45
CA VAL WA 29 28.47 37.83 -36.13
C VAL WA 29 29.97 37.60 -36.07
N VAL WA 30 30.70 38.62 -35.64
CA VAL WA 30 32.14 38.53 -35.44
C VAL WA 30 32.43 38.75 -33.96
N PRO WA 31 32.66 37.67 -33.21
CA PRO WA 31 33.04 37.83 -31.81
C PRO WA 31 34.35 38.59 -31.69
N SER WA 32 34.43 39.47 -30.70
CA SER WA 32 35.59 40.32 -30.54
C SER WA 32 35.75 40.69 -29.07
N ILE WA 33 36.98 41.06 -28.71
CA ILE WA 33 37.26 41.56 -27.38
C ILE WA 33 36.59 42.90 -27.13
N THR WA 34 36.17 43.59 -28.19
CA THR WA 34 35.53 44.90 -28.06
C THR WA 34 34.01 44.82 -28.04
N ASP WA 35 33.43 43.62 -28.05
CA ASP WA 35 32.00 43.50 -27.82
C ASP WA 35 31.65 44.02 -26.44
N ALA WA 36 30.71 44.96 -26.37
CA ALA WA 36 30.36 45.57 -25.10
C ALA WA 36 29.78 44.55 -24.13
N ASN WA 37 28.90 43.67 -24.61
CA ASN WA 37 28.28 42.70 -23.73
C ASN WA 37 29.27 41.69 -23.17
N LEU WA 38 30.39 41.46 -23.86
CA LEU WA 38 31.42 40.57 -23.32
C LEU WA 38 31.90 41.02 -21.95
N TRP WA 39 31.86 42.32 -21.69
CA TRP WA 39 32.36 42.81 -20.42
C TRP WA 39 31.35 42.66 -19.30
N VAL WA 40 30.19 42.04 -19.54
CA VAL WA 40 29.31 41.66 -18.45
C VAL WA 40 29.90 40.43 -17.74
N PRO WA 41 30.13 39.30 -18.42
CA PRO WA 41 30.75 38.17 -17.69
C PRO WA 41 32.13 38.49 -17.14
N LEU WA 42 32.99 39.12 -17.93
CA LEU WA 42 34.34 39.41 -17.46
C LEU WA 42 34.30 40.28 -16.22
N GLY WA 43 33.49 41.34 -16.26
CA GLY WA 43 33.29 42.15 -15.07
C GLY WA 43 32.79 41.34 -13.88
N ILE WA 44 31.86 40.43 -14.13
CA ILE WA 44 31.38 39.60 -13.03
C ILE WA 44 32.47 38.63 -12.57
N LEU WA 45 33.30 38.15 -13.49
CA LEU WA 45 34.33 37.20 -13.08
C LEU WA 45 35.63 37.90 -12.70
N GLY WA 46 36.03 38.92 -13.46
CA GLY WA 46 37.30 39.57 -13.21
C GLY WA 46 37.35 40.38 -11.92
N ILE WA 47 36.27 41.12 -11.61
CA ILE WA 47 36.31 42.03 -10.46
C ILE WA 47 36.50 41.29 -9.14
N PRO WA 48 35.70 40.27 -8.79
CA PRO WA 48 35.98 39.54 -7.54
C PRO WA 48 37.34 38.87 -7.56
N THR WA 49 37.70 38.26 -8.70
CA THR WA 49 39.00 37.62 -8.84
C THR WA 49 40.12 38.55 -8.40
N ILE WA 50 40.01 39.83 -8.76
CA ILE WA 50 41.00 40.80 -8.33
C ILE WA 50 40.94 41.02 -6.83
N TRP WA 51 39.77 41.41 -6.29
CA TRP WA 51 39.79 41.80 -4.89
C TRP WA 51 39.87 40.60 -3.95
N ILE WA 52 39.38 39.44 -4.37
CA ILE WA 52 39.66 38.22 -3.61
C ILE WA 52 41.18 38.04 -3.48
N ALA WA 53 41.91 38.31 -4.55
CA ALA WA 53 43.36 38.17 -4.49
C ALA WA 53 44.02 39.23 -3.62
N LEU WA 54 43.33 40.32 -3.31
CA LEU WA 54 43.93 41.38 -2.51
C LEU WA 54 43.45 41.40 -1.07
N LEU WA 55 42.15 41.23 -0.85
CA LEU WA 55 41.63 41.27 0.51
C LEU WA 55 42.15 40.10 1.35
N TYR WA 56 42.22 38.91 0.78
CA TYR WA 56 42.48 37.71 1.56
C TYR WA 56 43.94 37.28 1.54
N ARG WA 57 44.68 37.52 0.46
CA ARG WA 57 46.08 37.11 0.38
C ARG WA 57 46.89 37.67 1.55
N SER XA 8 32.92 51.15 16.00
CA SER XA 8 31.78 50.83 16.86
C SER XA 8 31.96 49.46 17.46
N ALA XA 9 31.07 49.11 18.40
CA ALA XA 9 31.11 47.80 19.03
C ALA XA 9 30.46 46.71 18.19
N SER XA 10 30.24 46.97 16.89
CA SER XA 10 29.60 45.97 16.04
C SER XA 10 30.37 44.66 16.04
N TRP XA 11 31.71 44.72 16.15
CA TRP XA 11 32.52 43.50 16.18
C TRP XA 11 32.10 42.57 17.30
N LYS XA 12 31.56 43.11 18.39
CA LYS XA 12 31.15 42.28 19.52
C LYS XA 12 30.05 41.29 19.12
N LEU XA 13 29.38 41.53 18.00
CA LEU XA 13 28.41 40.55 17.50
C LEU XA 13 29.04 39.18 17.38
N TRP XA 14 30.31 39.12 16.99
CA TRP XA 14 30.98 37.85 16.77
C TRP XA 14 31.42 37.16 18.06
N LEU XA 15 31.26 37.84 19.20
CA LEU XA 15 31.43 37.16 20.47
C LEU XA 15 30.22 36.34 20.87
N ILE XA 16 29.09 36.50 20.19
CA ILE XA 16 27.86 35.81 20.56
C ILE XA 16 27.23 35.02 19.41
N LEU XA 17 27.57 35.26 18.15
CA LEU XA 17 26.80 34.73 17.02
C LEU XA 17 27.52 33.63 16.23
N ASP XA 18 28.75 33.28 16.58
CA ASP XA 18 29.44 32.14 15.95
C ASP XA 18 29.65 32.35 14.46
N PRO XA 19 30.68 33.12 14.06
CA PRO XA 19 30.93 33.43 12.65
C PRO XA 19 30.67 32.31 11.64
N ARG XA 20 30.99 31.06 12.00
CA ARG XA 20 30.82 29.95 11.06
C ARG XA 20 29.35 29.75 10.70
N ARG XA 21 28.46 29.85 11.69
CA ARG XA 21 27.04 29.74 11.42
C ARG XA 21 26.56 30.82 10.46
N VAL XA 22 27.02 32.06 10.68
CA VAL XA 22 26.63 33.17 9.82
C VAL XA 22 27.15 32.96 8.40
N LEU XA 23 28.39 32.49 8.26
CA LEU XA 23 28.96 32.26 6.94
C LEU XA 23 28.20 31.15 6.20
N THR XA 24 27.87 30.07 6.89
CA THR XA 24 27.13 28.98 6.25
C THR XA 24 25.73 29.43 5.86
N ALA XA 25 25.05 30.16 6.75
CA ALA XA 25 23.71 30.65 6.45
C ALA XA 25 23.74 31.60 5.26
N LEU XA 26 24.72 32.50 5.22
CA LEU XA 26 24.85 33.41 4.08
C LEU XA 26 25.12 32.66 2.79
N PHE XA 27 26.01 31.66 2.84
CA PHE XA 27 26.30 30.88 1.65
C PHE XA 27 25.02 30.26 1.09
N ILE XA 28 24.24 29.60 1.95
CA ILE XA 28 23.02 28.95 1.47
C ILE XA 28 22.00 29.99 1.00
N TYR XA 29 21.82 31.05 1.77
CA TYR XA 29 20.80 32.05 1.46
C TYR XA 29 21.08 32.74 0.14
N LEU XA 30 22.32 33.21 -0.05
CA LEU XA 30 22.68 33.88 -1.28
C LEU XA 30 22.71 32.90 -2.45
N THR XA 31 23.09 31.64 -2.23
CA THR XA 31 23.00 30.66 -3.30
C THR XA 31 21.56 30.48 -3.76
N VAL XA 32 20.63 30.36 -2.82
CA VAL XA 32 19.23 30.17 -3.18
C VAL XA 32 18.69 31.38 -3.93
N ILE XA 33 19.02 32.58 -3.46
CA ILE XA 33 18.55 33.78 -4.14
C ILE XA 33 19.15 33.89 -5.54
N ALA XA 34 20.45 33.62 -5.69
CA ALA XA 34 21.08 33.67 -6.99
C ALA XA 34 20.47 32.66 -7.95
N LEU XA 35 20.23 31.43 -7.48
CA LEU XA 35 19.59 30.43 -8.31
C LEU XA 35 18.18 30.86 -8.71
N LEU XA 36 17.41 31.39 -7.77
CA LEU XA 36 16.06 31.83 -8.08
C LEU XA 36 16.08 32.93 -9.15
N ILE XA 37 16.98 33.91 -9.00
CA ILE XA 37 17.02 35.01 -9.96
C ILE XA 37 17.45 34.51 -11.33
N HIS XA 38 18.55 33.75 -11.40
CA HIS XA 38 19.04 33.27 -12.69
C HIS XA 38 17.98 32.42 -13.39
N PHE XA 39 17.38 31.47 -12.69
CA PHE XA 39 16.43 30.58 -13.34
C PHE XA 39 15.10 31.27 -13.64
N GLY XA 40 14.68 32.23 -12.82
CA GLY XA 40 13.50 33.00 -13.15
C GLY XA 40 13.70 33.86 -14.39
N LEU XA 41 14.87 34.50 -14.51
CA LEU XA 41 15.18 35.24 -15.72
C LEU XA 41 15.21 34.33 -16.94
N LEU XA 42 15.83 33.15 -16.79
CA LEU XA 42 15.86 32.20 -17.91
C LEU XA 42 14.48 31.69 -18.28
N SER XA 43 13.51 31.72 -17.36
CA SER XA 43 12.15 31.31 -17.69
C SER XA 43 11.35 32.39 -18.40
N THR XA 44 11.89 33.59 -18.57
CA THR XA 44 11.18 34.62 -19.30
C THR XA 44 11.59 34.63 -20.77
N ASN XA 45 10.71 35.17 -21.60
CA ASN XA 45 11.10 35.45 -22.98
C ASN XA 45 12.01 36.68 -23.04
N ARG XA 46 11.67 37.72 -22.29
CA ARG XA 46 12.34 39.01 -22.46
C ARG XA 46 13.78 38.97 -22.00
N LEU XA 47 14.07 38.32 -20.88
CA LEU XA 47 15.38 38.41 -20.26
C LEU XA 47 16.15 37.09 -20.25
N ASN XA 48 15.75 36.13 -21.07
CA ASN XA 48 16.53 34.92 -21.29
C ASN XA 48 17.68 35.22 -22.24
N TRP XA 49 18.90 34.89 -21.82
CA TRP XA 49 20.09 35.20 -22.62
C TRP XA 49 20.73 33.96 -23.22
N TRP XA 50 20.20 32.77 -22.95
CA TRP XA 50 20.73 31.53 -23.51
C TRP XA 50 20.13 31.20 -24.88
N GLU XA 51 18.81 31.22 -24.97
CA GLU XA 51 18.10 30.73 -26.14
C GLU XA 51 17.96 31.84 -27.19
N PHE XA 52 17.58 31.44 -28.39
CA PHE XA 52 17.19 32.41 -29.40
C PHE XA 52 16.03 33.25 -28.88
N GLN XA 53 16.08 34.55 -29.17
CA GLN XA 53 15.10 35.48 -28.64
C GLN XA 53 13.69 35.05 -29.03
N ARG XA 54 12.84 34.83 -28.04
CA ARG XA 54 11.46 34.42 -28.25
C ARG XA 54 10.52 35.52 -27.79
N GLY XA 55 9.33 35.54 -28.38
CA GLY XA 55 8.27 36.39 -27.90
C GLY XA 55 8.27 37.82 -28.36
N LEU XA 56 9.16 38.19 -29.29
CA LEU XA 56 9.09 39.54 -29.79
C LEU XA 56 8.00 39.66 -30.87
N PRO XA 57 7.40 40.85 -31.03
CA PRO XA 57 6.45 41.15 -32.11
C PRO XA 57 6.96 40.75 -33.50
N SER YA 7 32.87 35.10 26.21
CA SER YA 7 32.75 34.66 24.83
C SER YA 7 31.92 33.39 24.70
N LEU YA 8 30.74 33.51 24.09
CA LEU YA 8 29.90 32.36 23.85
C LEU YA 8 30.24 31.63 22.56
N THR YA 9 31.24 32.10 21.82
CA THR YA 9 31.62 31.51 20.54
C THR YA 9 33.07 31.03 20.50
N GLY YA 10 33.84 31.26 21.55
CA GLY YA 10 35.23 30.84 21.61
C GLY YA 10 36.22 31.82 21.04
N LEU YA 11 35.77 32.81 20.28
CA LEU YA 11 36.65 33.85 19.78
C LEU YA 11 37.19 34.68 20.94
N THR YA 12 38.47 35.05 20.87
CA THR YA 12 39.17 35.67 21.99
C THR YA 12 39.21 37.19 21.90
N GLU YA 13 38.18 37.80 21.31
CA GLU YA 13 37.90 39.23 21.42
C GLU YA 13 38.89 40.08 20.62
N GLU YA 14 39.99 39.48 20.18
CA GLU YA 14 40.80 40.05 19.13
C GLU YA 14 40.63 39.31 17.82
N GLU YA 15 40.39 38.00 17.88
CA GLU YA 15 39.92 37.26 16.71
C GLU YA 15 38.58 37.78 16.25
N ALA YA 16 37.74 38.21 17.19
CA ALA YA 16 36.45 38.81 16.84
C ALA YA 16 36.66 40.07 16.00
N LYS YA 17 37.59 40.93 16.42
CA LYS YA 17 37.84 42.16 15.66
C LYS YA 17 38.40 41.87 14.27
N GLU YA 18 39.32 40.91 14.16
CA GLU YA 18 39.89 40.56 12.87
C GLU YA 18 38.82 39.99 11.94
N PHE YA 19 38.00 39.08 12.48
CA PHE YA 19 36.91 38.54 11.68
C PHE YA 19 35.94 39.62 11.25
N HIS YA 20 35.61 40.54 12.15
CA HIS YA 20 34.69 41.61 11.81
C HIS YA 20 35.25 42.47 10.70
N SER YA 21 36.53 42.83 10.80
CA SER YA 21 37.16 43.63 9.76
C SER YA 21 37.08 42.93 8.40
N VAL YA 22 37.46 41.66 8.36
CA VAL YA 22 37.48 40.96 7.07
C VAL YA 22 36.06 40.72 6.57
N PHE YA 23 35.12 40.40 7.45
CA PHE YA 23 33.75 40.14 7.04
C PHE YA 23 33.09 41.40 6.49
N VAL YA 24 33.28 42.53 7.16
CA VAL YA 24 32.70 43.79 6.68
C VAL YA 24 33.33 44.19 5.36
N SER YA 25 34.67 44.06 5.24
CA SER YA 25 35.30 44.38 3.97
C SER YA 25 34.78 43.49 2.85
N SER YA 26 34.65 42.19 3.12
CA SER YA 26 34.16 41.27 2.11
C SER YA 26 32.75 41.60 1.69
N MET YA 27 31.88 41.92 2.65
CA MET YA 27 30.50 42.25 2.33
C MET YA 27 30.41 43.53 1.52
N VAL YA 28 31.17 44.56 1.90
CA VAL YA 28 31.15 45.81 1.15
C VAL YA 28 31.66 45.58 -0.27
N LEU YA 29 32.75 44.82 -0.41
CA LEU YA 29 33.27 44.55 -1.75
C LEU YA 29 32.28 43.77 -2.60
N TYR YA 30 31.61 42.78 -2.00
CA TYR YA 30 30.60 42.01 -2.72
C TYR YA 30 29.44 42.89 -3.17
N LEU YA 31 28.96 43.77 -2.30
CA LEU YA 31 27.83 44.63 -2.65
C LEU YA 31 28.22 45.67 -3.70
N ALA YA 32 29.43 46.25 -3.57
CA ALA YA 32 29.89 47.21 -4.57
C ALA YA 32 30.09 46.53 -5.92
N THR YA 33 30.61 45.31 -5.93
CA THR YA 33 30.70 44.55 -7.17
C THR YA 33 29.32 44.30 -7.75
N ALA YA 34 28.34 44.00 -6.90
CA ALA YA 34 26.97 43.84 -7.38
C ALA YA 34 26.46 45.12 -8.03
N VAL YA 35 26.78 46.27 -7.45
CA VAL YA 35 26.34 47.55 -8.02
C VAL YA 35 26.95 47.75 -9.41
N ILE YA 36 28.27 47.54 -9.52
CA ILE YA 36 28.94 47.70 -10.82
C ILE YA 36 28.38 46.71 -11.84
N VAL YA 37 28.20 45.47 -11.42
CA VAL YA 37 27.70 44.43 -12.31
C VAL YA 37 26.29 44.76 -12.78
N HIS YA 38 25.46 45.31 -11.89
CA HIS YA 38 24.11 45.69 -12.30
C HIS YA 38 24.14 46.83 -13.30
N TYR YA 39 25.07 47.77 -13.16
CA TYR YA 39 25.20 48.79 -14.20
C TYR YA 39 25.59 48.17 -15.54
N LEU YA 40 26.56 47.24 -15.54
CA LEU YA 40 26.96 46.60 -16.78
C LEU YA 40 25.81 45.82 -17.42
N VAL YA 41 25.07 45.08 -16.59
CA VAL YA 41 23.93 44.32 -17.09
C VAL YA 41 22.88 45.26 -17.65
N TRP YA 42 22.66 46.40 -17.01
CA TRP YA 42 21.73 47.39 -17.54
C TRP YA 42 22.17 47.88 -18.91
N THR YA 43 23.46 48.13 -19.10
CA THR YA 43 23.93 48.46 -20.43
C THR YA 43 23.60 47.34 -21.42
N ALA YA 44 23.71 46.09 -20.98
CA ALA YA 44 23.32 44.98 -21.85
C ALA YA 44 21.80 44.89 -21.99
N ARG YA 45 21.07 44.96 -20.87
CA ARG YA 45 19.62 44.78 -20.86
C ARG YA 45 18.99 45.77 -19.90
N PRO YA 46 18.41 46.86 -20.39
CA PRO YA 46 17.75 47.83 -19.49
C PRO YA 46 16.42 47.29 -18.99
N TRP YA 47 16.45 46.54 -17.91
CA TRP YA 47 15.36 45.62 -17.61
C TRP YA 47 14.08 46.33 -17.15
N ILE YA 48 14.19 47.52 -16.56
CA ILE YA 48 12.99 48.26 -16.14
C ILE YA 48 12.59 49.14 -17.32
N ALA YA 49 11.71 48.61 -18.15
CA ALA YA 49 11.20 49.35 -19.29
C ALA YA 49 10.38 50.55 -18.82
N PRO YA 50 10.39 51.63 -19.59
CA PRO YA 50 9.52 52.77 -19.27
C PRO YA 50 8.05 52.40 -19.41
N ILE YA 51 7.19 53.22 -18.82
CA ILE YA 51 5.75 53.04 -18.90
C ILE YA 51 5.35 53.08 -20.37
N PRO YA 52 4.73 52.04 -20.89
CA PRO YA 52 4.27 52.05 -22.28
C PRO YA 52 3.04 52.94 -22.44
N LYS YA 53 2.59 53.07 -23.70
CA LYS YA 53 1.63 54.11 -24.05
C LYS YA 53 0.31 53.96 -23.32
N GLY YA 54 -0.23 52.74 -23.28
CA GLY YA 54 -1.56 52.53 -22.74
C GLY YA 54 -1.61 52.05 -21.29
N TRP YA 55 -0.52 52.27 -20.55
CA TRP YA 55 -0.36 51.72 -19.21
C TRP YA 55 -0.89 52.69 -18.17
N VAL YA 56 -1.88 52.26 -17.39
CA VAL YA 56 -2.29 52.98 -16.19
C VAL YA 56 -2.27 52.03 -15.00
N TYR ZA 22 17.39 55.02 -22.90
CA TYR ZA 22 16.38 55.88 -23.50
C TYR ZA 22 16.00 55.38 -24.89
N PHE ZA 23 15.03 56.03 -25.51
CA PHE ZA 23 14.60 55.72 -26.86
C PHE ZA 23 15.31 56.63 -27.84
N ALA ZA 24 15.92 56.04 -28.86
CA ALA ZA 24 16.56 56.82 -29.91
C ALA ZA 24 15.51 57.38 -30.86
N ALA ZA 25 15.94 58.28 -31.75
CA ALA ZA 25 15.03 58.85 -32.73
C ALA ZA 25 14.31 57.76 -33.50
N ASP ZA 26 15.01 56.68 -33.82
CA ASP ZA 26 14.47 55.55 -34.56
C ASP ZA 26 13.71 54.57 -33.69
N GLY ZA 27 13.52 54.86 -32.39
CA GLY ZA 27 12.66 54.09 -31.54
C GLY ZA 27 13.32 52.98 -30.74
N SER ZA 28 14.51 52.54 -31.14
CA SER ZA 28 15.17 51.45 -30.44
C SER ZA 28 15.77 51.95 -29.12
N VAL ZA 29 15.99 51.00 -28.21
CA VAL ZA 29 16.47 51.30 -26.87
C VAL ZA 29 17.95 51.59 -26.89
N VAL ZA 30 18.38 52.58 -26.11
CA VAL ZA 30 19.80 52.88 -25.93
C VAL ZA 30 20.07 52.95 -24.43
N PRO ZA 31 20.57 51.88 -23.82
CA PRO ZA 31 20.83 51.93 -22.38
C PRO ZA 31 21.86 53.00 -22.03
N SER ZA 32 21.64 53.65 -20.90
CA SER ZA 32 22.47 54.77 -20.50
C SER ZA 32 22.43 54.92 -18.99
N ILE ZA 33 23.44 55.61 -18.46
CA ILE ZA 33 23.43 55.98 -17.05
C ILE ZA 33 22.41 57.08 -16.76
N THR ZA 34 21.84 57.68 -17.80
CA THR ZA 34 20.85 58.73 -17.66
C THR ZA 34 19.42 58.19 -17.51
N ASP ZA 35 19.21 56.90 -17.73
CA ASP ZA 35 17.87 56.33 -17.58
C ASP ZA 35 17.40 56.47 -16.15
N ALA ZA 36 16.19 57.02 -15.98
CA ALA ZA 36 15.66 57.23 -14.64
C ALA ZA 36 15.39 55.92 -13.92
N ASN ZA 37 14.85 54.92 -14.64
CA ASN ZA 37 14.53 53.65 -14.03
C ASN ZA 37 15.77 52.91 -13.55
N LEU ZA 38 16.92 53.17 -14.18
CA LEU ZA 38 18.17 52.53 -13.74
C LEU ZA 38 18.48 52.85 -12.29
N TRP ZA 39 17.99 53.99 -11.79
CA TRP ZA 39 18.28 54.35 -10.42
C TRP ZA 39 17.40 53.65 -9.40
N VAL ZA 40 16.40 52.89 -9.85
CA VAL ZA 40 15.66 52.05 -8.91
C VAL ZA 40 16.58 50.92 -8.44
N PRO ZA 41 17.18 50.11 -9.32
CA PRO ZA 41 18.10 49.07 -8.81
C PRO ZA 41 19.32 49.65 -8.10
N LEU ZA 42 20.00 50.60 -8.74
CA LEU ZA 42 21.19 51.19 -8.13
C LEU ZA 42 20.87 51.74 -6.75
N GLY ZA 43 19.76 52.50 -6.64
CA GLY ZA 43 19.35 53.00 -5.35
C GLY ZA 43 19.13 51.90 -4.33
N ILE ZA 44 18.49 50.80 -4.74
CA ILE ZA 44 18.28 49.72 -3.79
C ILE ZA 44 19.60 49.05 -3.43
N LEU ZA 45 20.57 49.04 -4.34
CA LEU ZA 45 21.84 48.41 -4.04
C LEU ZA 45 22.84 49.40 -3.46
N GLY ZA 46 22.92 50.60 -4.05
CA GLY ZA 46 23.94 51.55 -3.63
C GLY ZA 46 23.71 52.11 -2.23
N ILE ZA 47 22.45 52.41 -1.89
CA ILE ZA 47 22.19 53.07 -0.61
C ILE ZA 47 22.58 52.20 0.58
N PRO ZA 48 22.13 50.95 0.72
CA PRO ZA 48 22.62 50.13 1.83
C PRO ZA 48 24.13 49.97 1.81
N THR ZA 49 24.71 49.78 0.62
CA THR ZA 49 26.14 49.56 0.50
C THR ZA 49 26.93 50.66 1.19
N ILE ZA 50 26.47 51.91 1.07
CA ILE ZA 50 27.11 53.00 1.80
C ILE ZA 50 26.91 52.82 3.30
N TRP ZA 51 25.66 52.74 3.76
CA TRP ZA 51 25.45 52.81 5.19
C TRP ZA 51 25.75 51.48 5.89
N ILE ZA 52 25.83 50.39 5.15
CA ILE ZA 52 26.42 49.18 5.72
C ILE ZA 52 27.90 49.39 5.98
N ALA ZA 53 28.59 50.06 5.06
CA ALA ZA 53 30.03 50.30 5.24
C ALA ZA 53 30.27 51.26 6.40
N LEU ZA 54 29.47 52.32 6.49
CA LEU ZA 54 29.68 53.34 7.50
C LEU ZA 54 29.25 52.89 8.90
N LEU ZA 55 28.09 52.23 9.02
CA LEU ZA 55 27.56 51.93 10.34
C LEU ZA 55 28.38 50.86 11.04
N TYR ZA 56 28.66 49.75 10.35
CA TYR ZA 56 29.27 48.59 11.00
C TYR ZA 56 30.79 48.64 11.03
N ARG ZA 57 31.40 49.63 10.40
CA ARG ZA 57 32.84 49.82 10.47
C ARG ZA 57 33.21 50.29 11.88
N SER AB 8 15.12 55.40 27.42
CA SER AB 8 16.44 55.20 28.00
C SER AB 8 16.53 53.85 28.71
N ALA AB 9 15.38 53.31 29.09
CA ALA AB 9 15.31 51.96 29.64
C ALA AB 9 15.13 50.90 28.58
N SER AB 10 14.97 51.30 27.31
CA SER AB 10 14.61 50.36 26.26
C SER AB 10 15.71 49.34 26.03
N TRP AB 11 16.97 49.74 26.12
CA TRP AB 11 18.06 48.81 25.85
C TRP AB 11 18.01 47.59 26.78
N LYS AB 12 17.41 47.74 27.95
CA LYS AB 12 17.28 46.64 28.89
C LYS AB 12 16.53 45.46 28.30
N LEU AB 13 15.73 45.69 27.25
CA LEU AB 13 15.03 44.60 26.60
C LEU AB 13 16.02 43.56 26.06
N TRP AB 14 17.20 44.00 25.64
CA TRP AB 14 18.18 43.05 25.14
C TRP AB 14 18.82 42.23 26.24
N LEU AB 15 18.60 42.62 27.50
CA LEU AB 15 18.97 41.76 28.62
C LEU AB 15 18.11 40.51 28.69
N ILE AB 16 16.92 40.52 28.07
CA ILE AB 16 15.99 39.39 28.16
C ILE AB 16 15.43 39.00 26.79
N LEU AB 17 15.98 39.52 25.70
CA LEU AB 17 15.42 39.27 24.38
C LEU AB 17 16.28 38.37 23.49
N ASP AB 18 17.48 38.00 23.91
CA ASP AB 18 18.34 37.07 23.17
C ASP AB 18 18.55 37.53 21.74
N PRO AB 19 19.40 38.54 21.52
CA PRO AB 19 19.55 39.13 20.18
C PRO AB 19 19.71 38.14 19.04
N ARG AB 20 20.30 36.97 19.27
CA ARG AB 20 20.44 35.99 18.19
C ARG AB 20 19.08 35.54 17.68
N ARG AB 21 18.18 35.18 18.60
CA ARG AB 21 16.84 34.74 18.20
C ARG AB 21 16.08 35.85 17.50
N VAL AB 22 16.18 37.08 18.02
CA VAL AB 22 15.48 38.21 17.42
C VAL AB 22 16.01 38.47 16.01
N LEU AB 23 17.34 38.45 15.84
CA LEU AB 23 17.92 38.69 14.52
C LEU AB 23 17.51 37.60 13.54
N THR AB 24 17.57 36.33 13.96
CA THR AB 24 17.18 35.25 13.07
C THR AB 24 15.70 35.34 12.69
N ALA AB 25 14.85 35.64 13.67
CA ALA AB 25 13.41 35.76 13.40
C ALA AB 25 13.14 36.92 12.45
N LEU AB 26 13.79 38.06 12.67
CA LEU AB 26 13.62 39.20 11.77
C LEU AB 26 14.09 38.86 10.37
N PHE AB 27 15.24 38.19 10.26
CA PHE AB 27 15.77 37.79 8.97
C PHE AB 27 14.76 36.93 8.21
N ILE AB 28 14.27 35.88 8.85
CA ILE AB 28 13.33 34.97 8.20
C ILE AB 28 12.04 35.70 7.84
N TYR AB 29 11.52 36.51 8.77
CA TYR AB 29 10.23 37.18 8.56
C TYR AB 29 10.31 38.16 7.39
N LEU AB 30 11.31 39.04 7.41
CA LEU AB 30 11.45 40.02 6.34
C LEU AB 30 11.75 39.35 5.01
N THR AB 31 12.52 38.26 5.02
CA THR AB 31 12.77 37.55 3.77
C THR AB 31 11.50 36.94 3.21
N VAL AB 32 10.67 36.34 4.07
CA VAL AB 32 9.41 35.76 3.60
C VAL AB 32 8.54 36.84 2.99
N ILE AB 33 8.43 37.99 3.65
CA ILE AB 33 7.57 39.05 3.11
C ILE AB 33 8.14 39.59 1.80
N ALA AB 34 9.46 39.76 1.72
CA ALA AB 34 10.06 40.27 0.49
C ALA AB 34 9.86 39.31 -0.68
N LEU AB 35 10.03 38.00 -0.44
CA LEU AB 35 9.78 37.03 -1.48
C LEU AB 35 8.32 37.04 -1.89
N LEU AB 36 7.42 37.12 -0.92
CA LEU AB 36 6.00 37.20 -1.21
C LEU AB 36 5.71 38.37 -2.15
N ILE AB 37 6.23 39.56 -1.82
CA ILE AB 37 5.90 40.74 -2.62
C ILE AB 37 6.54 40.66 -4.00
N HIS AB 38 7.82 40.28 -4.08
CA HIS AB 38 8.48 40.24 -5.38
C HIS AB 38 7.80 39.24 -6.31
N PHE AB 39 7.54 38.03 -5.83
CA PHE AB 39 6.94 37.03 -6.71
C PHE AB 39 5.46 37.33 -6.98
N GLY AB 40 4.76 37.96 -6.03
CA GLY AB 40 3.41 38.39 -6.30
C GLY AB 40 3.33 39.44 -7.39
N LEU AB 41 4.21 40.45 -7.31
CA LEU AB 41 4.28 41.44 -8.38
C LEU AB 41 4.63 40.78 -9.71
N LEU AB 42 5.57 39.83 -9.70
CA LEU AB 42 5.93 39.15 -10.94
C LEU AB 42 4.81 38.28 -11.49
N SER AB 43 3.86 37.87 -10.65
CA SER AB 43 2.73 37.10 -11.18
C SER AB 43 1.71 37.98 -11.90
N THR AB 44 1.73 39.29 -11.69
CA THR AB 44 0.82 40.19 -12.37
C THR AB 44 1.32 40.49 -13.79
N ASN AB 45 0.44 41.11 -14.58
CA ASN AB 45 0.82 41.69 -15.87
C ASN AB 45 1.20 43.16 -15.74
N ARG AB 46 0.45 43.91 -14.95
CA ARG AB 46 0.68 45.34 -14.83
C ARG AB 46 2.03 45.65 -14.19
N LEU AB 47 2.44 44.87 -13.20
CA LEU AB 47 3.62 45.20 -12.42
C LEU AB 47 4.77 44.21 -12.60
N ASN AB 48 4.67 43.29 -13.55
CA ASN AB 48 5.81 42.43 -13.88
C ASN AB 48 6.82 43.23 -14.68
N TRP AB 49 8.02 43.40 -14.13
CA TRP AB 49 9.08 44.14 -14.79
C TRP AB 49 10.08 43.25 -15.51
N TRP AB 50 9.90 41.93 -15.48
CA TRP AB 50 10.80 41.01 -16.16
C TRP AB 50 10.37 40.77 -17.61
N GLU AB 51 9.14 40.33 -17.80
CA GLU AB 51 8.65 39.88 -19.09
C GLU AB 51 8.30 41.08 -19.98
N PHE AB 52 8.11 40.80 -21.27
CA PHE AB 52 7.52 41.80 -22.16
C PHE AB 52 6.13 42.15 -21.66
N GLN AB 53 5.75 43.41 -21.80
CA GLN AB 53 4.47 43.87 -21.27
C GLN AB 53 3.32 43.13 -21.92
N ARG AB 54 2.42 42.60 -21.10
CA ARG AB 54 1.25 41.87 -21.54
C ARG AB 54 0.02 42.48 -20.89
N GLY AB 55 -1.14 42.20 -21.48
CA GLY AB 55 -2.40 42.61 -20.91
C GLY AB 55 -2.84 44.02 -21.21
N LEU AB 56 -2.15 44.73 -22.09
CA LEU AB 56 -2.49 46.09 -22.47
C LEU AB 56 -3.36 46.11 -23.73
N PRO AB 57 -4.12 47.20 -23.95
CA PRO AB 57 -4.94 47.30 -25.18
C PRO AB 57 -4.12 47.77 -26.38
N SER BB 7 21.26 39.44 31.75
CA SER BB 7 21.87 38.28 32.41
C SER BB 7 21.24 36.97 31.93
N LEU BB 8 19.91 36.98 31.79
CA LEU BB 8 19.23 35.81 31.25
C LEU BB 8 19.70 35.47 29.84
N THR BB 9 20.09 36.49 29.07
CA THR BB 9 20.59 36.29 27.71
C THR BB 9 22.11 36.31 27.62
N GLY BB 10 22.81 36.46 28.74
CA GLY BB 10 24.25 36.44 28.75
C GLY BB 10 24.92 37.75 28.37
N LEU BB 11 24.15 38.78 28.04
CA LEU BB 11 24.71 40.09 27.70
C LEU BB 11 24.84 40.93 28.96
N THR BB 12 26.01 41.56 29.13
CA THR BB 12 26.16 42.56 30.17
C THR BB 12 25.39 43.83 29.77
N GLU BB 13 25.41 44.83 30.64
CA GLU BB 13 24.59 46.00 30.41
C GLU BB 13 25.18 46.92 29.34
N GLU BB 14 26.51 47.07 29.30
CA GLU BB 14 27.10 47.89 28.26
C GLU BB 14 26.98 47.23 26.90
N GLU BB 15 27.07 45.89 26.85
CA GLU BB 15 26.80 45.18 25.61
C GLU BB 15 25.36 45.38 25.18
N ALA BB 16 24.42 45.37 26.12
CA ALA BB 16 23.03 45.65 25.78
C ALA BB 16 22.88 47.05 25.21
N LYS BB 17 23.58 48.03 25.79
CA LYS BB 17 23.50 49.41 25.29
C LYS BB 17 24.04 49.51 23.87
N GLU BB 18 25.22 48.93 23.63
CA GLU BB 18 25.83 48.99 22.31
C GLU BB 18 25.00 48.27 21.27
N PHE BB 19 24.50 47.08 21.63
CA PHE BB 19 23.63 46.36 20.70
C PHE BB 19 22.37 47.14 20.40
N HIS BB 20 21.77 47.77 21.42
CA HIS BB 20 20.56 48.55 21.16
C HIS BB 20 20.86 49.71 20.23
N SER BB 21 22.00 50.37 20.42
CA SER BB 21 22.38 51.45 19.52
C SER BB 21 22.48 50.97 18.08
N VAL BB 22 23.25 49.89 17.86
CA VAL BB 22 23.45 49.39 16.50
C VAL BB 22 22.13 48.89 15.92
N PHE BB 23 21.32 48.23 16.74
CA PHE BB 23 20.05 47.68 16.27
C PHE BB 23 19.09 48.79 15.84
N VAL BB 24 18.95 49.84 16.66
CA VAL BB 24 18.05 50.92 16.31
C VAL BB 24 18.56 51.66 15.08
N SER BB 25 19.88 51.86 14.97
CA SER BB 25 20.41 52.53 13.80
C SER BB 25 20.19 51.71 12.53
N SER BB 26 20.42 50.41 12.61
CA SER BB 26 20.21 49.53 11.46
C SER BB 26 18.74 49.50 11.05
N MET BB 27 17.85 49.39 12.03
CA MET BB 27 16.42 49.36 11.73
C MET BB 27 15.98 50.67 11.07
N VAL BB 28 16.42 51.81 11.62
CA VAL BB 28 15.99 53.08 11.07
C VAL BB 28 16.57 53.28 9.67
N LEU BB 29 17.81 52.85 9.44
CA LEU BB 29 18.38 52.99 8.10
C LEU BB 29 17.65 52.11 7.10
N TYR BB 30 17.32 50.88 7.51
CA TYR BB 30 16.59 49.97 6.62
C TYR BB 30 15.23 50.55 6.25
N LEU BB 31 14.50 51.09 7.24
CA LEU BB 31 13.20 51.67 6.94
C LEU BB 31 13.31 52.92 6.09
N ALA BB 32 14.31 53.76 6.37
CA ALA BB 32 14.48 54.99 5.59
C ALA BB 32 14.81 54.69 4.14
N THR BB 33 15.72 53.75 3.90
CA THR BB 33 16.03 53.40 2.52
C THR BB 33 14.84 52.72 1.85
N ALA BB 34 14.03 51.96 2.60
CA ALA BB 34 12.81 51.41 2.02
C ALA BB 34 11.87 52.53 1.57
N VAL BB 35 11.77 53.60 2.36
CA VAL BB 35 10.93 54.73 1.99
C VAL BB 35 11.42 55.38 0.69
N ILE BB 36 12.72 55.67 0.63
CA ILE BB 36 13.28 56.31 -0.56
C ILE BB 36 13.11 55.42 -1.78
N VAL BB 37 13.34 54.11 -1.60
CA VAL BB 37 13.18 53.15 -2.67
C VAL BB 37 11.74 53.10 -3.14
N HIS BB 38 10.79 53.21 -2.22
CA HIS BB 38 9.39 53.23 -2.62
C HIS BB 38 9.07 54.46 -3.44
N TYR BB 39 9.67 55.60 -3.10
CA TYR BB 39 9.48 56.78 -3.95
C TYR BB 39 10.04 56.56 -5.36
N LEU BB 40 11.24 55.98 -5.44
CA LEU BB 40 11.83 55.72 -6.75
C LEU BB 40 10.98 54.76 -7.57
N VAL BB 41 10.47 53.71 -6.92
CA VAL BB 41 9.61 52.76 -7.61
C VAL BB 41 8.32 53.42 -8.06
N TRP BB 42 7.77 54.32 -7.24
CA TRP BB 42 6.57 55.04 -7.65
C TRP BB 42 6.84 55.86 -8.90
N THR BB 43 8.01 56.49 -8.99
CA THR BB 43 8.34 57.19 -10.23
C THR BB 43 8.43 56.22 -11.40
N ALA BB 44 8.99 55.03 -11.17
CA ALA BB 44 9.04 54.03 -12.25
C ALA BB 44 7.65 53.46 -12.54
N ARG BB 45 6.91 53.07 -11.51
CA ARG BB 45 5.59 52.44 -11.67
C ARG BB 45 4.62 53.05 -10.67
N PRO BB 46 3.79 54.01 -11.08
CA PRO BB 46 2.80 54.60 -10.15
C PRO BB 46 1.67 53.63 -9.87
N TRP BB 47 1.85 52.79 -8.86
CA TRP BB 47 1.09 51.55 -8.70
C TRP BB 47 -0.33 51.74 -8.19
N ILE BB 48 -0.71 52.93 -7.74
CA ILE BB 48 -2.10 53.18 -7.34
C ILE BB 48 -2.77 53.90 -8.50
N ALA BB 49 -3.48 53.13 -9.33
CA ALA BB 49 -4.17 53.72 -10.47
C ALA BB 49 -5.35 54.57 -9.99
N PRO BB 50 -5.74 55.57 -10.78
CA PRO BB 50 -7.00 56.28 -10.48
C PRO BB 50 -8.18 55.34 -10.65
N ILE BB 51 -9.24 55.64 -9.91
CA ILE BB 51 -10.45 54.83 -10.01
C ILE BB 51 -10.99 54.89 -11.44
N PRO BB 52 -11.21 53.78 -12.12
CA PRO BB 52 -11.58 53.83 -13.54
C PRO BB 52 -12.98 54.38 -13.78
N LYS BB 53 -13.37 54.45 -15.05
CA LYS BB 53 -14.56 55.21 -15.45
C LYS BB 53 -15.80 54.73 -14.72
N GLY BB 54 -16.22 53.49 -14.96
CA GLY BB 54 -17.44 53.05 -14.33
C GLY BB 54 -17.30 52.86 -12.84
N TRP BB 55 -16.63 51.79 -12.42
CA TRP BB 55 -16.41 51.45 -11.01
C TRP BB 55 -17.59 51.88 -10.15
N VAL BB 56 -18.80 51.48 -10.52
CA VAL BB 56 -19.99 51.99 -9.86
C VAL BB 56 -20.37 51.10 -8.68
FE HEC CB . -4.43 3.68 -61.70
CHA HEC CB . -7.40 2.96 -63.00
CHB HEC CB . -3.65 5.63 -64.48
CHC HEC CB . -1.41 4.79 -60.25
CHD HEC CB . -4.96 1.78 -58.96
NA HEC CB . -5.34 4.24 -63.37
C1A HEC CB . -6.55 3.72 -63.76
C2A HEC CB . -6.78 4.09 -65.11
C3A HEC CB . -5.73 4.84 -65.51
C4A HEC CB . -4.83 4.94 -64.44
CMA HEC CB . -5.55 5.46 -66.88
CAA HEC CB . -7.97 3.76 -65.96
CBA HEC CB . -7.65 2.49 -66.75
CGA HEC CB . -8.63 2.30 -67.87
O1A HEC CB . -9.57 1.48 -67.76
O2A HEC CB . -8.51 2.96 -68.92
NB HEC CB . -2.84 4.95 -62.26
C1B HEC CB . -2.75 5.62 -63.41
C2B HEC CB . -1.57 6.39 -63.45
C3B HEC CB . -0.93 6.18 -62.28
C4B HEC CB . -1.77 5.24 -61.51
CMB HEC CB . -1.11 7.27 -64.58
CAB HEC CB . 0.35 6.75 -61.85
CBB HEC CB . 0.39 8.02 -61.45
NC HEC CB . -3.38 3.38 -59.92
C1C HEC CB . -2.14 3.85 -59.55
C2C HEC CB . -1.73 3.20 -58.39
C3C HEC CB . -2.75 2.34 -58.02
C4C HEC CB . -3.78 2.47 -58.99
CMC HEC CB . -0.42 3.42 -57.68
CAC HEC CB . -2.77 1.45 -56.83
CBC HEC CB . -2.77 1.96 -55.61
ND HEC CB . -5.85 2.61 -61.12
C1D HEC CB . -5.92 1.91 -59.97
C2D HEC CB . -7.22 1.24 -59.88
C3D HEC CB . -7.89 1.56 -60.99
C4D HEC CB . -7.01 2.44 -61.77
CMD HEC CB . -7.70 0.34 -58.76
CAD HEC CB . -9.28 1.12 -61.34
CBD HEC CB . -10.20 2.29 -60.98
CGD HEC CB . -11.65 1.88 -60.91
O1D HEC CB . -12.47 2.67 -60.40
O2D HEC CB . -12.04 0.80 -61.36
FE HEC DB . -5.17 -0.03 -48.10
CHA HEC DB . -3.71 -3.02 -48.29
CHB HEC DB . -4.41 0.58 -51.44
CHC HEC DB . -6.99 2.99 -48.08
CHD HEC DB . -5.81 -0.37 -44.81
NA HEC DB . -4.27 -1.00 -49.59
C1A HEC DB . -3.69 -2.24 -49.42
C2A HEC DB . -3.04 -2.58 -50.62
C3A HEC DB . -3.23 -1.58 -51.50
C4A HEC DB . -4.01 -0.60 -50.86
CMA HEC DB . -2.73 -1.52 -52.92
CAA HEC DB . -2.27 -3.84 -50.90
CBA HEC DB . -0.86 -3.72 -50.32
CGA HEC DB . -0.08 -4.97 -50.62
O1A HEC DB . -0.32 -6.01 -49.98
O2A HEC DB . 0.80 -4.96 -51.48
NB HEC DB . -5.61 1.50 -49.49
C1B HEC DB . -5.20 1.52 -50.77
C2B HEC DB . -5.68 2.69 -51.41
C3B HEC DB . -6.41 3.38 -50.49
C4B HEC DB . -6.35 2.59 -49.25
CMB HEC DB . -5.42 3.06 -52.84
CAB HEC DB . -7.12 4.67 -50.69
CBB HEC DB . -8.11 4.78 -51.58
NC HEC DB . -6.22 1.12 -46.71
C1C HEC DB . -6.86 2.31 -46.88
C2C HEC DB . -7.35 2.75 -45.64
C3C HEC DB . -7.02 1.78 -44.72
C4C HEC DB . -6.30 0.76 -45.39
CMC HEC DB . -8.12 4.03 -45.43
CAC HEC DB . -7.32 1.78 -43.27
CBC HEC DB . -8.57 1.77 -42.83
ND HEC DB . -4.84 -1.38 -46.85
C1D HEC DB . -5.17 -1.36 -45.55
C2D HEC DB . -4.76 -2.62 -44.92
C3D HEC DB . -4.17 -3.35 -45.88
C4D HEC DB . -4.23 -2.55 -47.09
CMD HEC DB . -4.95 -3.00 -43.47
CAD HEC DB . -3.58 -4.73 -45.75
CBD HEC DB . -2.08 -4.69 -45.54
CGD HEC DB . -1.45 -5.60 -46.56
O1D HEC DB . -1.88 -5.59 -47.73
O2D HEC DB . -0.52 -6.37 -46.25
FE HEC EB . -13.50 2.03 -21.89
CHA HEC EB . -16.26 0.23 -22.10
CHB HEC EB . -12.69 0.59 -18.85
CHC HEC EB . -10.26 3.39 -22.00
CHD HEC EB . -14.29 3.91 -24.58
NA HEC EB . -14.29 0.67 -20.69
C1A HEC EB . -15.47 0.06 -20.97
C2A HEC EB . -15.80 -0.79 -19.90
C3A HEC EB . -14.81 -0.70 -18.97
C4A HEC EB . -13.86 0.21 -19.46
CMA HEC EB . -14.76 -1.46 -17.67
CAA HEC EB . -17.03 -1.65 -19.79
CBA HEC EB . -18.22 -0.83 -19.28
CGA HEC EB . -19.48 -1.64 -19.27
O1A HEC EB . -19.48 -2.85 -19.00
O2A HEC EB . -20.57 -1.08 -19.53
NB HEC EB . -11.79 2.00 -20.65
C1B HEC EB . -11.70 1.35 -19.49
C2B HEC EB . -10.42 1.52 -18.93
C3B HEC EB . -9.72 2.30 -19.79
C4B HEC EB . -10.62 2.59 -20.92
CMB HEC EB . -9.91 0.96 -17.64
CAB HEC EB . -8.33 2.75 -19.64
CBB HEC EB . -7.35 1.88 -19.87
NC HEC EB . -12.43 3.38 -23.10
C1C HEC EB . -11.18 3.86 -22.91
C2C HEC EB . -10.96 4.93 -23.78
C3C HEC EB . -12.11 5.09 -24.53
C4C HEC EB . -13.03 4.10 -24.08
CMC HEC EB . -9.69 5.74 -23.86
CAC HEC EB . -12.33 6.11 -25.58
CBC HEC EB . -11.54 6.19 -26.64
ND HEC EB . -14.95 2.07 -23.07
C1D HEC EB . -15.12 2.88 -24.12
C2D HEC EB . -16.38 2.57 -24.80
C3D HEC EB . -16.93 1.54 -24.11
C4D HEC EB . -16.00 1.24 -23.01
CMD HEC EB . -16.94 3.24 -26.01
CAD HEC EB . -18.23 0.85 -24.41
CBD HEC EB . -17.98 -0.15 -25.54
CGD HEC EB . -19.25 -0.88 -25.94
O1D HEC EB . -19.17 -2.02 -26.44
O2D HEC EB . -20.37 -0.35 -25.80
FE HEC FB . -10.92 7.10 -34.61
CHA HEC FB . -11.50 10.32 -34.13
CHB HEC FB . -11.33 6.47 -31.21
CHC HEC FB . -10.67 3.63 -35.10
CHD HEC FB . -10.28 7.55 -37.90
NA HEC FB . -11.30 8.17 -32.98
C1A HEC FB . -11.57 9.50 -33.03
C2A HEC FB . -11.89 9.94 -31.74
C3A HEC FB . -11.84 8.86 -30.90
C4A HEC FB . -11.47 7.76 -31.69
CMA HEC FB . -12.11 8.87 -29.42
CAA HEC FB . -12.24 11.36 -31.35
CBA HEC FB . -10.98 12.16 -31.01
CGA HEC FB . -11.34 13.52 -30.49
O1A HEC FB . -12.43 14.06 -30.81
O2A HEC FB . -10.55 14.13 -29.75
NB HEC FB . -10.99 5.38 -33.38
C1B HEC FB . -11.16 5.39 -32.06
C2B HEC FB . -11.15 4.05 -31.57
C3B HEC FB . -10.97 3.23 -32.64
C4B HEC FB . -10.87 4.12 -33.81
CMB HEC FB . -11.32 3.63 -30.14
CAB HEC FB . -10.90 1.76 -32.66
CBB HEC FB . -11.97 1.05 -32.32
NC HEC FB . -10.58 5.80 -36.20
C1C HEC FB . -10.47 4.45 -36.19
C2C HEC FB . -10.09 4.01 -37.46
C3C HEC FB . -9.99 5.12 -38.26
C4C HEC FB . -10.28 6.25 -37.46
CMC HEC FB . -9.86 2.57 -37.87
CAC HEC FB . -9.62 5.17 -39.68
CBC HEC FB . -10.40 4.66 -40.62
ND HEC FB . -10.89 8.60 -35.75
C1D HEC FB . -10.62 8.61 -37.06
C2D HEC FB . -10.69 9.98 -37.58
C3D HEC FB . -11.04 10.74 -36.55
C4D HEC FB . -11.16 9.86 -35.39
CMD HEC FB . -10.45 10.43 -39.00
CAD HEC FB . -11.21 12.24 -36.61
CBD HEC FB . -12.64 12.71 -36.39
CGD HEC FB . -12.56 14.09 -35.77
O1D HEC FB . -13.39 14.42 -34.90
O2D HEC FB . -11.67 14.88 -36.14
MG MG GB . 11.25 -21.59 -29.32
C8 UQ8 HB . 13.91 8.53 -8.09
C7 UQ8 HB . 12.99 9.49 -8.80
C6 UQ8 HB . 12.27 8.74 -9.90
C1 UQ8 HB . 12.83 8.72 -11.27
C1M UQ8 HB . 14.12 9.44 -11.57
C2 UQ8 HB . 12.12 7.99 -12.34
O2 UQ8 HB . 12.60 7.98 -13.50
C3 UQ8 HB . 10.85 7.29 -12.05
O3 UQ8 HB . 10.17 6.61 -13.02
C3M UQ8 HB . 9.32 7.32 -13.90
C4 UQ8 HB . 10.28 7.30 -10.68
O4 UQ8 HB . 9.11 6.62 -10.47
C4M UQ8 HB . 8.89 5.75 -9.37
C5 UQ8 HB . 10.99 8.03 -9.60
O5 UQ8 HB . 10.54 8.08 -8.43
CA1 DGA IB . 14.11 5.26 -12.20
CA2 DGA IB . 14.14 5.68 -10.75
CA3 DGA IB . 14.08 4.46 -9.84
CA4 DGA IB . 12.65 3.97 -9.61
CA5 DGA IB . 12.15 4.36 -8.22
CA6 DGA IB . 11.09 3.40 -7.73
CA7 DGA IB . 10.79 3.65 -6.26
CA8 DGA IB . 10.59 2.33 -5.52
CA9 DGA IB . 10.68 2.54 -4.01
OA1 DGA IB . 13.20 4.60 -12.65
CB1 DGA IB . 15.78 1.45 -14.07
CB2 DGA IB . 16.71 0.73 -13.11
CB3 DGA IB . 15.92 -0.26 -12.26
CB4 DGA IB . 14.88 0.43 -11.41
CB5 DGA IB . 15.10 0.15 -9.93
CB6 DGA IB . 14.30 -1.07 -9.48
CB7 DGA IB . 12.84 -0.70 -9.27
OB1 DGA IB . 15.54 0.99 -15.16
OG1 DGA IB . 15.17 5.65 -13.11
CG1 DGA IB . 16.30 4.80 -13.29
CG2 DGA IB . 15.94 3.78 -14.38
OG2 DGA IB . 15.22 2.74 -13.74
CG3 DGA IB . 15.09 4.44 -15.45
MG BCB JB . -3.08 2.58 -4.18
CHA BCB JB . -1.23 5.26 -3.07
CHB BCB JB . -2.51 0.94 -1.28
CHC BCB JB . -4.89 -0.05 -5.57
CHD BCB JB . -4.47 4.65 -6.79
NA BCB JB . -2.01 2.97 -2.51
C1A BCB JB . -1.31 4.02 -2.23
C2A BCB JB . -0.46 3.86 -0.98
C3A BCB JB . -1.13 2.68 -0.31
C4A BCB JB . -1.95 2.14 -1.45
CMA BCB JB . -0.14 1.66 0.20
CAA BCB JB . -0.37 5.03 -0.01
CBA BCB JB . -1.73 5.60 0.37
CGA BCB JB . -1.58 7.06 0.71
O1A BCB JB . -0.65 7.73 0.26
O2A BCB JB . -2.54 7.71 1.56
NB BCB JB . -3.76 0.79 -3.44
C1B BCB JB . -3.15 0.13 -2.31
C2B BCB JB . -3.51 -1.31 -2.22
C3B BCB JB . -4.22 -1.57 -3.52
C4B BCB JB . -4.26 -0.30 -4.27
CMB BCB JB . -3.15 -2.23 -1.09
CAB BCB JB . -4.80 -2.84 -4.03
OBB BCB JB . -4.99 -3.01 -5.22
CBB BCB JB . -5.25 -3.88 -3.04
NC BCB JB . -4.35 2.34 -5.81
C1C BCB JB . -5.01 1.25 -6.25
C2C BCB JB . -5.87 1.18 -7.43
C3C BCB JB . -5.70 2.58 -7.69
C4C BCB JB . -4.80 3.24 -6.73
CMC BCB JB . -5.12 0.32 -8.44
CAC BCB JB . -6.37 3.27 -8.83
CBC BCB JB . -7.29 2.57 -9.78
ND BCB JB . -3.05 4.56 -4.69
C1D BCB JB . -3.41 5.19 -5.97
C2D BCB JB . -2.74 6.52 -6.09
C3D BCB JB . -1.86 6.48 -4.92
C4D BCB JB . -2.00 5.32 -4.27
CMD BCB JB . -2.76 7.65 -7.07
CAD BCB JB . -0.82 7.26 -4.22
OBD BCB JB . -0.37 8.39 -4.62
CBD BCB JB . -0.36 6.48 -3.03
CGD BCB JB . 1.03 6.06 -3.32
O1D BCB JB . 1.90 6.18 -2.49
O2D BCB JB . 1.33 5.53 -4.64
CED BCB JB . 2.65 5.18 -5.04
C1 BCB JB . -2.27 9.05 1.96
C2 BCB JB . -2.74 9.23 3.36
C3 BCB JB . -2.44 10.36 4.02
C4 BCB JB . -1.66 11.44 3.32
C5 BCB JB . -2.92 10.52 5.43
C6 BCB JB . -2.72 11.93 5.93
C7 BCB JB . -3.19 12.02 7.37
C8 BCB JB . -3.00 13.42 7.94
C9 BCB JB . -1.52 13.77 8.09
C10 BCB JB . -3.74 13.51 9.27
C11 BCB JB . -5.26 13.55 9.06
C12 BCB JB . -5.96 13.55 10.41
C13 BCB JB . -7.47 13.69 10.32
C14 BCB JB . -7.89 14.82 9.39
C15 BCB JB . -7.94 13.99 11.73
C16 BCB JB . -9.16 13.20 12.16
C17 BCB JB . -9.67 13.77 13.47
C18 BCB JB . -10.39 12.74 14.31
C19 BCB JB . -11.77 12.45 13.74
C20 BCB JB . -10.49 13.18 15.77
MG BCB KB . -8.49 8.37 2.71
CHA BCB KB . -10.52 5.67 3.36
CHB BCB KB . -9.50 9.74 5.68
CHC BCB KB . -6.11 10.87 2.13
CHD BCB KB . -7.02 6.57 -0.03
NA BCB KB . -9.77 7.87 4.20
C1A BCB KB . -10.43 6.75 4.36
C2A BCB KB . -11.26 6.69 5.61
C3A BCB KB . -11.29 8.14 5.99
C4A BCB KB . -10.11 8.66 5.23
CMA BCB KB . -12.55 8.84 5.52
CAA BCB KB . -10.64 5.80 6.70
CBA BCB KB . -9.17 6.10 6.93
CGA BCB KB . -8.63 5.46 8.20
O1A BCB KB . -9.37 4.85 8.95
O2A BCB KB . -7.21 5.59 8.51
NB BCB KB . -7.79 9.95 3.83
C1B BCB KB . -8.53 10.53 4.95
C2B BCB KB . -7.95 11.82 5.37
C3B BCB KB . -6.94 12.15 4.31
C4B BCB KB . -6.96 11.02 3.32
CMB BCB KB . -8.41 12.57 6.60
CAB BCB KB . -6.05 13.34 4.19
OBB BCB KB . -5.10 13.31 3.43
CBB BCB KB . -6.26 14.54 5.06
NC BCB KB . -6.95 8.67 1.36
C1C BCB KB . -6.07 9.70 1.24
C2C BCB KB . -5.02 9.81 0.21
C3C BCB KB . -5.37 8.51 -0.32
C4C BCB KB . -6.50 7.87 0.37
CMC BCB KB . -5.48 10.90 -0.76
CAC BCB KB . -4.66 7.89 -1.48
CBC BCB KB . -3.50 8.50 -2.21
ND BCB KB . -8.57 6.47 1.97
C1D BCB KB . -8.16 5.99 0.64
C2D BCB KB . -8.92 4.76 0.28
C3D BCB KB . -9.87 4.69 1.41
C4D BCB KB . -9.69 5.72 2.20
CMD BCB KB . -8.94 3.77 -0.84
CAD BCB KB . -11.03 3.92 1.90
OBD BCB KB . -11.52 2.88 1.36
CBD BCB KB . -11.47 4.53 3.21
CGD BCB KB . -12.91 4.91 3.18
O1D BCB KB . -13.67 4.42 4.00
O2D BCB KB . -13.45 5.80 2.19
CED BCB KB . -14.85 5.86 2.02
C1 BCB KB . -6.68 5.12 9.75
C2 BCB KB . -7.00 6.13 10.81
C3 BCB KB . -7.81 5.82 11.82
C4 BCB KB . -8.41 4.45 11.93
C5 BCB KB . -8.14 6.86 12.86
C6 BCB KB . -9.52 7.44 12.56
C7 BCB KB . -9.51 8.31 11.31
C8 BCB KB . -10.91 8.85 10.99
C9 BCB KB . -11.88 7.73 10.68
C10 BCB KB . -10.78 9.79 9.80
C11 BCB KB . -12.03 10.63 9.65
C12 BCB KB . -11.79 11.78 8.69
C13 BCB KB . -12.97 12.73 8.70
C14 BCB KB . -14.24 12.05 8.23
C15 BCB KB . -12.64 13.95 7.84
C16 BCB KB . -12.13 15.10 8.70
C17 BCB KB . -12.81 15.10 10.06
C18 BCB KB . -12.84 16.50 10.66
C19 BCB KB . -13.68 16.51 11.92
C20 BCB KB . -13.35 17.49 9.63
C1 BPB LB . -5.03 17.85 14.40
C2 BPB LB . -6.15 17.91 13.40
C3 BPB LB . -7.39 17.44 13.59
C4 BPB LB . -7.83 16.72 14.82
C5 BPB LB . -8.46 17.67 12.57
C6 BPB LB . -8.08 18.61 11.49
C7 BPB LB . -9.27 18.89 10.61
C8 BPB LB . -9.07 19.92 9.52
C9 BPB LB . -8.88 21.32 10.09
NA BPB LB . -3.23 10.34 12.39
NB BPB LB . -3.49 8.92 9.81
NC BPB LB . -0.62 7.89 10.02
ND BPB LB . -0.42 9.26 12.44
C10 BPB LB . -10.23 19.85 8.52
C11 BPB LB . -10.26 18.61 7.68
C12 BPB LB . -9.25 18.67 6.56
C13 BPB LB . -8.99 17.36 5.82
C14 BPB LB . -7.97 17.55 4.72
C15 BPB LB . -10.29 16.73 5.29
C16 BPB LB . -10.14 15.34 4.72
C17 BPB LB . -11.40 14.71 4.19
C18 BPB LB . -11.30 13.22 3.85
C19 BPB LB . -10.32 12.97 2.70
C1A BPB LB . -2.91 10.95 13.56
O1A BPB LB . -3.82 15.90 13.06
C1B BPB LB . -4.75 9.44 9.94
C1C BPB LB . -0.90 7.43 8.82
C1D BPB LB . 0.84 8.69 12.51
O1D BPB LB . -2.36 11.86 17.37
C20 BPB LB . -12.66 12.62 3.51
C2A BPB LB . -4.03 11.80 14.12
O2A BPB LB . -4.88 16.52 14.91
C2B BPB LB . -5.46 9.10 8.76
C2C BPB LB . 0.23 6.65 8.22
C2D BPB LB . 1.44 9.12 13.68
O2D BPB LB . -2.31 9.77 16.57
C3A BPB LB . -5.22 11.28 13.33
C3B BPB LB . -4.59 8.37 7.92
C3C BPB LB . 1.30 6.92 9.25
C3D BPB LB . 0.51 9.94 14.35
C4A BPB LB . -4.56 10.57 12.17
C4B BPB LB . -3.34 8.26 8.61
C4C BPB LB . 0.70 7.53 10.31
C4D BPB LB . -0.62 10.00 13.54
CAA BPB LB . -3.67 13.25 13.82
CAB BPB LB . -4.95 7.84 6.58
CAC BPB LB . 2.57 6.63 9.17
CAD BPB LB . 0.27 10.77 15.54
CBA BPB LB . -4.41 14.25 14.70
CBB BPB LB . -3.95 7.04 5.78
OBB BPB LB . -6.04 8.06 6.07
CBC BPB LB . 3.23 6.08 7.94
CBD BPB LB . -1.12 11.40 15.39
OBD BPB LB . 1.01 10.97 16.48
CED BPB LB . -3.19 9.35 17.64
CGA BPB LB . -4.33 15.62 14.11
CGD BPB LB . -1.99 11.07 16.56
CHA BPB LB . -1.67 10.80 14.11
CHB BPB LB . -5.24 10.15 11.01
CHC BPB LB . -2.14 7.61 8.18
CHD BPB LB . 1.34 7.89 11.49
CMA BPB LB . -6.12 10.29 14.07
CMB BPB LB . -6.89 9.50 8.50
CMC BPB LB . -0.15 5.18 8.06
CMD BPB LB . 2.82 8.75 14.14
C24 UQ8 MB . 15.91 -17.15 7.92
C23 UQ8 MB . 14.69 -17.23 8.47
C22 UQ8 MB . 13.85 -15.99 8.57
C21 UQ8 MB . 12.37 -16.32 8.43
C19 UQ8 MB . 11.61 -15.03 8.63
C20 UQ8 MB . 12.07 -14.08 9.70
C18 UQ8 MB . 10.55 -14.75 7.85
C17 UQ8 MB . 9.79 -13.46 8.02
C16 UQ8 MB . 8.66 -13.66 9.01
C14 UQ8 MB . 8.66 -12.51 9.99
C15 UQ8 MB . 7.69 -12.58 11.13
C13 UQ8 MB . 9.50 -11.47 9.88
C12 UQ8 MB . 9.49 -10.33 10.87
C11 UQ8 MB . 10.60 -10.43 11.90
C9 UQ8 MB . 10.16 -11.33 13.03
C10 UQ8 MB . 10.74 -12.70 13.15
C8 UQ8 MB . 9.23 -10.90 13.89
C7 UQ8 MB . 8.75 -11.79 15.01
C6 UQ8 MB . 8.76 -11.07 16.34
C1 UQ8 MB . 7.59 -10.25 16.76
C1M UQ8 MB . 6.39 -10.13 15.87
C2 UQ8 MB . 7.62 -9.56 18.08
O2 UQ8 MB . 6.64 -8.86 18.43
C3 UQ8 MB . 8.80 -9.67 18.98
O3 UQ8 MB . 8.83 -9.02 20.18
C3M UQ8 MB . 7.96 -9.35 21.25
C4 UQ8 MB . 9.96 -10.50 18.55
O4 UQ8 MB . 11.07 -10.63 19.35
C4M UQ8 MB . 11.02 -11.28 20.61
C5 UQ8 MB . 9.93 -11.19 17.24
O5 UQ8 MB . 10.90 -11.88 16.88
C1 CDL NB . 17.18 18.02 24.09
O1 CDL NB . 15.92 17.77 23.47
CA2 CDL NB . 17.70 19.39 23.65
OA2 CDL NB . 17.37 19.60 22.28
PA1 CDL NB . 17.57 21.07 21.64
OA3 CDL NB . 16.66 22.02 22.36
OA4 CDL NB . 19.06 21.33 21.55
OA5 CDL NB . 17.00 20.86 20.15
CA3 CDL NB . 16.80 21.97 19.28
CA4 CDL NB . 16.07 21.44 18.05
OA6 CDL NB . 16.87 21.67 16.89
CA5 CDL NB . 17.45 20.41 16.46
OA7 CDL NB . 17.85 19.62 17.29
C11 CDL NB . 17.52 20.11 14.98
C12 CDL NB . 16.34 20.80 14.31
C13 CDL NB . 15.40 19.78 13.67
C14 CDL NB . 15.20 18.57 14.56
C15 CDL NB . 14.21 17.60 13.93
CA6 CDL NB . 14.73 22.14 17.89
OA8 CDL NB . 14.05 21.57 16.77
CA7 CDL NB . 12.62 21.78 16.61
OA9 CDL NB . 12.00 22.24 17.54
C31 CDL NB . 11.91 21.43 15.31
C32 CDL NB . 11.38 20.00 15.35
C33 CDL NB . 10.42 19.76 14.19
C34 CDL NB . 9.45 18.62 14.47
C35 CDL NB . 9.94 17.30 13.92
C36 CDL NB . 9.87 17.31 12.39
C37 CDL NB . 10.30 15.95 11.82
C38 CDL NB . 9.96 15.87 10.33
C39 CDL NB . 10.20 14.47 9.79
C40 CDL NB . 9.50 14.28 8.44
C41 CDL NB . 9.60 12.83 7.99
C42 CDL NB . 9.17 12.68 6.54
C43 CDL NB . 9.92 13.63 5.63
C44 CDL NB . 10.31 12.94 4.33
C45 CDL NB . 11.48 11.99 4.58
CB2 CDL NB . 18.16 16.92 23.68
OB2 CDL NB . 17.69 16.36 22.46
PB2 CDL NB . 16.95 14.93 22.47
OB3 CDL NB . 15.80 15.03 23.44
OB4 CDL NB . 17.96 13.83 22.64
OB5 CDL NB . 16.36 14.87 20.98
CB3 CDL NB . 15.41 13.87 20.64
CB4 CDL NB . 15.71 13.38 19.23
OB6 CDL NB . 15.20 14.31 18.27
CB5 CDL NB . 16.27 15.05 17.64
OB7 CDL NB . 17.18 15.47 18.32
C51 CDL NB . 16.26 15.29 16.14
C52 CDL NB . 16.51 13.96 15.44
C53 CDL NB . 16.08 14.02 13.98
C54 CDL NB . 16.81 12.98 13.14
C55 CDL NB . 15.90 12.39 12.07
C56 CDL NB . 15.11 13.46 11.35
C57 CDL NB . 14.39 12.88 10.13
CB6 CDL NB . 15.06 12.02 19.03
OB8 CDL NB . 14.87 11.79 17.65
CB7 CDL NB . 15.23 10.52 17.07
OB9 CDL NB . 15.86 9.71 17.75
C71 CDL NB . 14.82 10.17 15.66
C72 CDL NB . 15.08 8.69 15.42
C73 CDL NB . 14.33 8.19 14.20
C74 CDL NB . 14.68 6.73 13.97
C75 CDL NB . 13.46 5.95 13.49
C76 CDL NB . 13.63 4.46 13.79
C77 CDL NB . 14.72 3.87 12.91
C78 CDL NB . 14.26 3.71 11.48
C79 CDL NB . 15.30 2.94 10.67
C80 CDL NB . 15.51 1.55 11.26
C81 CDL NB . 16.44 0.71 10.39
C82 CDL NB . 15.70 -0.47 9.78
C83 CDL NB . 14.93 -1.26 10.84
C84 CDL NB . 14.82 -2.72 10.45
C85 CDL NB . 14.24 -2.87 9.06
C86 CDL NB . 14.53 -4.26 8.50
FE FE OB . 5.00 -3.58 21.85
MG BCB PB . -0.37 -9.80 -3.43
CHA BCB PB . 1.99 -7.38 -4.05
CHB BCB PB . 2.14 -11.97 -2.69
CHC BCB PB . -2.87 -12.08 -2.52
CHD BCB PB . -2.93 -7.28 -3.44
NA BCB PB . 1.65 -9.75 -3.45
C1A BCB PB . 2.43 -8.73 -3.63
C2A BCB PB . 3.89 -9.02 -3.51
C3A BCB PB . 3.88 -10.52 -3.57
C4A BCB PB . 2.46 -10.81 -3.24
CMA BCB PB . 4.22 -11.05 -4.95
CAA BCB PB . 4.47 -8.46 -2.20
CBA BCB PB . 3.72 -8.98 -0.99
CGA BCB PB . 4.26 -8.46 0.32
O1A BCB PB . 5.31 -7.87 0.39
O2A BCB PB . 3.47 -8.70 1.51
NB BCB PB . -0.35 -11.68 -2.55
C1B BCB PB . 0.82 -12.54 -2.61
C2B BCB PB . 0.48 -13.96 -2.30
C3B BCB PB . -1.01 -13.97 -2.25
C4B BCB PB . -1.49 -12.58 -2.52
CMB BCB PB . 1.41 -15.12 -2.14
CAB BCB PB . -1.81 -15.19 -2.00
OBB BCB PB . -1.55 -16.26 -2.52
CBB BCB PB . -2.92 -15.03 -1.02
NC BCB PB . -2.40 -9.72 -3.08
C1C BCB PB . -3.28 -10.67 -2.71
C2C BCB PB . -4.73 -10.50 -2.53
C3C BCB PB . -4.61 -9.09 -2.77
C4C BCB PB . -3.25 -8.66 -3.11
CMC BCB PB . -5.35 -11.14 -3.77
CAC BCB PB . -5.78 -8.18 -2.73
CBC BCB PB . -7.19 -8.62 -2.40
ND BCB PB . -0.45 -7.75 -3.49
C1D BCB PB . -1.58 -6.89 -3.84
C2D BCB PB . -1.11 -5.57 -4.37
C3D BCB PB . 0.35 -5.83 -4.44
C4D BCB PB . 0.60 -7.08 -4.07
CMD BCB PB . -1.73 -4.27 -4.80
CAD BCB PB . 1.62 -5.23 -4.88
OBD BCB PB . 1.77 -4.05 -5.35
CBD BCB PB . 2.74 -6.21 -4.62
CGD BCB PB . 3.49 -6.52 -5.87
O1D BCB PB . 4.66 -6.20 -5.97
O2D BCB PB . 2.83 -7.14 -6.99
CED BCB PB . 3.52 -7.21 -8.22
C1 BCB PB . 3.97 -8.41 2.80
C2 BCB PB . 5.03 -9.42 3.16
C3 BCB PB . 4.87 -10.17 4.25
C4 BCB PB . 3.65 -10.01 5.10
C5 BCB PB . 5.94 -11.17 4.61
C6 BCB PB . 6.66 -10.74 5.89
C7 BCB PB . 7.41 -9.42 5.72
C8 BCB PB . 8.09 -8.96 7.00
C9 BCB PB . 7.11 -8.83 8.16
C10 BCB PB . 8.78 -7.62 6.74
C11 BCB PB . 10.26 -7.79 6.42
C12 BCB PB . 10.79 -6.57 5.68
C13 BCB PB . 12.31 -6.63 5.49
C14 BCB PB . 12.99 -7.08 6.77
C15 BCB PB . 12.81 -5.25 5.05
C16 BCB PB . 12.93 -5.18 3.53
C17 BCB PB . 13.08 -3.73 3.05
C18 BCB PB . 14.24 -3.52 2.09
C19 BCB PB . 15.02 -4.81 1.81
C20 BCB PB . 15.16 -2.40 2.57
MG BCB QB . -8.29 -2.86 -2.55
CHA BCB QB . -9.20 -5.78 -1.04
CHB BCB QB . -6.37 -2.05 0.10
CHC BCB QB . -7.89 0.20 -4.13
CHD BCB QB . -9.16 -4.25 -5.76
NA BCB QB . -7.94 -3.66 -0.72
C1A BCB QB . -8.41 -4.78 -0.27
C2A BCB QB . -8.01 -5.08 1.14
C3A BCB QB . -6.97 -4.02 1.42
C4A BCB QB . -7.10 -3.15 0.20
CMA BCB QB . -7.11 -3.26 2.74
CAA BCB QB . -7.34 -6.44 1.11
CBA BCB QB . -6.91 -6.94 2.46
CGA BCB QB . -5.44 -7.24 2.38
O1A BCB QB . -4.70 -6.84 3.25
O2A BCB QB . -4.90 -8.02 1.28
NB BCB QB . -7.13 -1.21 -2.15
C1B BCB QB . -6.59 -0.95 -0.83
C2B BCB QB . -6.07 0.44 -0.73
C3B BCB QB . -6.52 1.09 -2.00
C4B BCB QB . -7.28 0.08 -2.80
CMB BCB QB . -5.32 0.97 0.47
CAB BCB QB . -6.29 2.51 -2.43
OBB BCB QB . -6.76 2.89 -3.48
CBB BCB QB . -5.41 3.43 -1.65
NC BCB QB . -8.50 -2.18 -4.48
C1C BCB QB . -8.30 -0.93 -4.98
C2C BCB QB . -8.54 -0.54 -6.37
C3C BCB QB . -8.84 -1.88 -6.75
C4C BCB QB . -8.84 -2.82 -5.63
CMC BCB QB . -9.88 0.17 -6.29
CAC BCB QB . -9.17 -2.20 -8.17
CBC BCB QB . -9.16 -1.20 -9.30
ND BCB QB . -8.84 -4.68 -3.30
C1D BCB QB . -9.49 -5.00 -4.57
C2D BCB QB . -10.25 -6.28 -4.48
C3D BCB QB . -10.11 -6.52 -3.02
C4D BCB QB . -9.43 -5.55 -2.44
CMD BCB QB . -11.03 -7.18 -5.39
CAD BCB QB . -10.51 -7.48 -1.98
OBD BCB QB . -11.24 -8.51 -2.16
CBD BCB QB . -9.99 -6.99 -0.66
CGD BCB QB . -11.16 -6.54 0.13
O1D BCB QB . -11.02 -5.97 1.20
O2D BCB QB . -12.51 -6.73 -0.36
CED BCB QB . -13.61 -5.98 0.16
C1 BCB QB . -3.66 -8.71 1.36
C2 BCB QB . -3.67 -9.73 2.48
C3 BCB QB . -3.76 -11.04 2.19
C4 BCB QB . -3.86 -11.46 0.76
C5 BCB QB . -3.76 -12.08 3.26
C6 BCB QB . -2.78 -13.19 2.89
C7 BCB QB . -2.45 -14.03 4.10
C8 BCB QB . -1.92 -15.41 3.75
C9 BCB QB . -1.88 -16.29 4.99
C10 BCB QB . -0.54 -15.29 3.13
C11 BCB QB . 0.11 -16.65 2.94
C12 BCB QB . 1.17 -16.57 1.86
C13 BCB QB . 1.82 -17.93 1.63
C14 BCB QB . 2.80 -18.24 2.74
C15 BCB QB . 2.52 -17.94 0.30
C16 BCB QB . 2.04 -19.10 -0.55
C17 BCB QB . 3.03 -19.36 -1.69
C18 BCB QB . 2.30 -19.88 -2.92
C19 BCB QB . 1.35 -18.84 -3.49
C20 BCB QB . 1.59 -21.18 -2.62
C1 BPB RB . 3.22 -22.25 4.29
C2 BPB RB . 4.38 -23.04 3.75
C3 BPB RB . 4.76 -23.00 2.48
C4 BPB RB . 4.02 -22.23 1.43
C5 BPB RB . 5.99 -23.73 2.01
C6 BPB RB . 7.04 -22.80 1.50
C7 BPB RB . 8.26 -23.54 0.97
C8 BPB RB . 9.35 -22.64 0.37
C9 BPB RB . 10.05 -21.80 1.42
NA BPB RB . 2.12 -14.83 6.58
NB BPB RB . 1.16 -12.69 4.81
NC BPB RB . -0.77 -11.64 6.97
ND BPB RB . 0.22 -13.65 8.63
C10 BPB RB . 8.79 -21.78 -0.77
C11 BPB RB . 9.23 -22.17 -2.16
C12 BPB RB . 10.72 -22.13 -2.33
C13 BPB RB . 11.24 -22.72 -3.63
C14 BPB RB . 12.75 -22.56 -3.75
C15 BPB RB . 10.52 -22.11 -4.84
C16 BPB RB . 10.91 -20.70 -5.19
C17 BPB RB . 9.77 -19.86 -5.71
C18 BPB RB . 8.82 -19.34 -4.63
C19 BPB RB . 7.65 -18.58 -5.25
C1A BPB RB . 2.40 -15.77 7.53
O1A BPB RB . 1.70 -20.48 5.52
C1B BPB RB . 2.12 -13.27 4.01
C1C BPB RB . -1.10 -10.85 6.00
C1D BPB RB . -0.56 -13.07 9.61
O1D BPB RB . 3.97 -17.85 10.49
C20 BPB RB . 9.56 -18.45 -3.64
C2A BPB RB . 3.38 -16.81 7.04
O2A BPB RB . 3.76 -21.13 4.99
C2B BPB RB . 2.05 -12.64 2.74
C2C BPB RB . -2.14 -9.84 6.42
C2D BPB RB . -0.39 -13.81 10.79
O2D BPB RB . 3.98 -15.62 10.55
C3A BPB RB . 4.01 -16.12 5.84
C3B BPB RB . 1.05 -11.64 2.80
C3C BPB RB . -2.26 -10.19 7.90
C3D BPB RB . 0.50 -14.85 10.50
C4A BPB RB . 2.99 -15.04 5.54
C4B BPB RB . 0.49 -11.70 4.12
C4C BPB RB . -1.47 -11.28 8.12
C4D BPB RB . 0.85 -14.72 9.16
CAA BPB RB . 2.63 -18.08 6.69
CAB BPB RB . 0.66 -10.76 1.68
CAC BPB RB . -3.00 -9.61 8.82
CAD BPB RB . 1.20 -16.01 11.07
CBA BPB RB . 3.58 -19.13 6.17
CBB BPB RB . -0.28 -9.62 1.90
OBB BPB RB . 1.05 -10.97 0.54
CBC BPB RB . -3.93 -8.46 8.62
CBD BPB RB . 1.98 -16.67 9.92
OBD BPB RB . 1.18 -16.43 12.20
CED BPB RB . 5.35 -15.65 11.01
CGA BPB RB . 2.89 -20.30 5.53
CGD BPB RB . 3.42 -16.81 10.34
CHA BPB RB . 1.80 -15.72 8.74
CHB BPB RB . 2.96 -14.30 4.35
CHC BPB RB . -0.56 -10.89 4.69
CHD BPB RB . -1.34 -11.96 9.33
CMA BPB RB . 5.36 -15.48 6.10
CMB BPB RB . 2.94 -12.99 1.59
CMC BPB RB . -1.62 -8.42 6.15
CMD BPB RB . -1.05 -13.53 12.11
C1 MQ7 SB . 1.34 3.25 22.82
O1 MQ7 SB . 2.31 2.73 22.22
C2 MQ7 SB . 0.32 4.01 22.07
C2M MQ7 SB . 0.45 4.15 20.57
C3 MQ7 SB . -0.84 4.62 22.78
C4 MQ7 SB . -0.93 4.46 24.25
O4 MQ7 SB . -1.90 4.98 24.85
C5 MQ7 SB . 0.09 3.71 25.01
C6 MQ7 SB . 0.01 3.56 26.38
C7 MQ7 SB . 0.98 2.84 27.07
C8 MQ7 SB . 2.05 2.27 26.40
C9 MQ7 SB . 2.19 2.39 25.03
C10 MQ7 SB . 1.24 3.09 24.29
C11 MQ7 SB . -1.90 5.40 22.04
C12 MQ7 SB . -2.89 4.44 21.38
C13 MQ7 SB . -4.14 4.23 21.79
C14 MQ7 SB . -4.70 4.92 22.99
C15 MQ7 SB . -5.02 3.25 21.04
C16 MQ7 SB . -6.15 3.98 20.30
C17 MQ7 SB . -5.56 4.85 19.22
C18 MQ7 SB . -5.96 4.77 17.94
C19 MQ7 SB . -7.01 3.80 17.51
C20 MQ7 SB . -5.32 5.68 16.90
C21 MQ7 SB . -6.38 6.61 16.32
C22 MQ7 SB . -6.70 7.66 17.36
C23 MQ7 SB . -7.85 8.33 17.34
C24 MQ7 SB . -8.89 8.08 16.28
C25 MQ7 SB . -8.13 9.37 18.38
C26 MQ7 SB . -8.13 10.73 17.70
C27 MQ7 SB . -8.26 11.81 18.74
C28 MQ7 SB . -7.65 12.99 18.58
C29 MQ7 SB . -6.81 13.27 17.37
C30 MQ7 SB . -7.82 14.04 19.64
C31 MQ7 SB . -8.75 15.14 19.18
C32 MQ7 SB . -8.86 16.10 20.33
C33 MQ7 SB . -8.74 17.42 20.18
C34 MQ7 SB . -8.48 18.02 18.83
C35 MQ7 SB . -8.87 18.30 21.39
C36 MQ7 SB . -7.51 18.90 21.71
C37 MQ7 SB . -7.69 19.85 22.86
C38 MQ7 SB . -6.73 20.75 23.18
C39 MQ7 SB . -5.48 20.83 22.38
C40 MQ7 SB . -6.96 21.68 24.35
C41 MQ7 SB . -7.29 23.07 23.81
C42 MQ7 SB . -7.83 23.95 24.91
C43 MQ7 SB . -7.63 25.27 24.89
C44 MQ7 SB . -8.17 26.12 26.00
C45 MQ7 SB . -6.89 25.92 23.75
C1 NS5 TB . 10.29 -24.62 -11.46
CM1 NS5 TB . 10.40 -26.14 -11.36
CM2 NS5 TB . 9.59 -24.23 -12.75
C2 NS5 TB . 9.59 -24.04 -10.23
C3 NS5 TB . 9.40 -22.53 -10.24
C4 NS5 TB . 8.74 -22.02 -9.00
C5 NS5 TB . 8.32 -20.58 -9.09
C6 NS5 TB . 9.40 -19.63 -9.52
C7 NS5 TB . 7.09 -20.19 -8.76
C8 NS5 TB . 6.55 -18.80 -8.75
C9 NS5 TB . 5.17 -18.75 -8.15
C10 NS5 TB . 4.55 -17.38 -8.02
C11 NS5 TB . 5.37 -16.23 -8.53
C12 NS5 TB . 3.34 -17.26 -7.50
C13 NS5 TB . 2.59 -16.08 -7.15
C14 NS5 TB . 1.32 -16.18 -6.65
C15 NS5 TB . 0.44 -15.20 -6.20
C16 NS5 TB . 0.88 -13.79 -6.10
C17 NS5 TB . -0.87 -15.53 -5.83
C18 NS5 TB . -1.89 -14.76 -5.36
C19 NS5 TB . -3.13 -15.20 -4.95
C20 NS5 TB . -3.66 -16.48 -5.02
C21 NS5 TB . -4.80 -16.97 -4.36
C22 NS5 TB . -5.47 -16.10 -3.38
C23 NS5 TB . -5.35 -18.23 -4.62
C24 NS5 TB . -6.29 -18.95 -3.90
C25 NS5 TB . -6.80 -20.18 -4.22
C26 NS5 TB . -7.54 -21.07 -3.42
C27 NS5 TB . -7.78 -20.70 -2.00
C28 NS5 TB . -8.06 -22.28 -3.88
C29 NS5 TB . -8.68 -23.29 -3.17
C30 NS5 TB . -9.16 -24.55 -3.69
C31 NS5 TB . -9.77 -25.51 -3.01
C32 NS5 TB . -10.08 -25.44 -1.54
C33 NS5 TB . -10.21 -26.77 -3.72
C34 NS5 TB . -11.68 -27.04 -3.58
C35 NS5 TB . -12.11 -28.28 -4.32
C36 NS5 TB . -13.31 -28.84 -4.35
CM3 NS5 TB . -14.45 -28.33 -3.53
CM4 NS5 TB . -13.62 -30.04 -5.18
C18 UQ8 UB . 12.19 -11.93 -8.19
C17 UQ8 UB . 12.45 -10.45 -8.34
C16 UQ8 UB . 11.71 -9.68 -7.26
C14 UQ8 UB . 12.27 -8.28 -7.17
C15 UQ8 UB . 13.70 -8.11 -6.72
C13 UQ8 UB . 11.52 -7.22 -7.49
C12 UQ8 UB . 12.09 -5.83 -7.41
C11 UQ8 UB . 11.80 -5.03 -8.68
C9 UQ8 UB . 12.75 -5.38 -9.79
C10 UQ8 UB . 14.21 -5.01 -9.67
C8 UQ8 UB . 12.29 -6.01 -10.88
C7 UQ8 UB . 13.16 -6.40 -12.04
C6 UQ8 UB . 13.16 -7.90 -12.05
C1 UQ8 UB . 12.14 -8.66 -12.81
C1M UQ8 UB . 11.08 -7.93 -13.60
C2 UQ8 UB . 12.16 -10.14 -12.78
O2 UQ8 UB . 11.32 -10.80 -13.41
C3 UQ8 UB . 13.21 -10.86 -12.00
O3 UQ8 UB . 13.24 -12.23 -11.97
C3M UQ8 UB . 13.75 -12.96 -13.08
C4 UQ8 UB . 14.22 -10.10 -11.24
O4 UQ8 UB . 15.17 -10.79 -10.53
C4M UQ8 UB . 16.55 -10.64 -10.82
C5 UQ8 UB . 14.20 -8.62 -11.27
O5 UQ8 UB . 15.05 -7.96 -10.63
C45 UQ8 VB . -1.32 -30.58 16.31
C44 UQ8 VB . -1.33 -31.74 15.37
C46 UQ8 VB . -2.61 -32.15 14.70
C43 UQ8 VB . -0.19 -32.41 15.18
C42 UQ8 VB . -0.01 -33.62 14.30
C41 UQ8 VB . 1.32 -34.20 14.76
C39 UQ8 VB . 1.40 -35.70 14.59
C40 UQ8 VB . 2.45 -36.45 15.33
C38 UQ8 VB . 0.53 -36.31 13.78
C37 UQ8 VB . 0.57 -37.80 13.54
C36 UQ8 VB . -0.75 -38.31 12.95
C34 UQ8 VB . -0.95 -37.82 11.53
C35 UQ8 VB . -2.28 -37.98 10.84
C33 UQ8 VB . 0.07 -37.25 10.86
C32 UQ8 VB . -0.08 -36.72 9.47
C31 UQ8 VB . 0.19 -35.23 9.59
C29 UQ8 VB . -1.04 -34.43 9.26
C30 UQ8 VB . -1.57 -33.42 10.23
C28 UQ8 VB . -1.66 -34.61 8.08
C27 UQ8 VB . -2.88 -33.80 7.73
C26 UQ8 VB . -2.70 -33.15 6.36
C24 UQ8 VB . -3.80 -32.14 6.17
C25 UQ8 VB . -5.08 -32.51 5.48
C23 UQ8 VB . -3.61 -30.90 6.63
C22 UQ8 VB . -4.64 -29.82 6.50
C21 UQ8 VB . -4.50 -28.89 7.69
C19 UQ8 VB . -5.82 -28.24 8.01
C20 UQ8 VB . -5.95 -27.33 9.19
C18 UQ8 VB . -6.88 -28.49 7.24
C17 UQ8 VB . -8.20 -27.83 7.58
C16 UQ8 VB . -9.02 -27.64 6.31
C14 UQ8 VB . -8.30 -26.69 5.41
C15 UQ8 VB . -8.22 -26.97 3.94
C13 UQ8 VB . -7.75 -25.64 6.01
C12 UQ8 VB . -7.00 -24.51 5.40
C11 UQ8 VB . -7.66 -23.25 5.95
C9 UQ8 VB . -7.93 -23.31 7.44
C10 UQ8 VB . -9.34 -23.62 7.88
C8 UQ8 VB . -6.88 -23.07 8.29
C7 UQ8 VB . -6.80 -23.04 9.82
C6 UQ8 VB . -8.08 -22.60 10.48
C1 UQ8 VB . -8.78 -23.49 11.45
C1M UQ8 VB . -8.22 -24.84 11.80
C2 UQ8 VB . -10.06 -23.04 12.06
O2 UQ8 VB . -10.66 -23.77 12.88
C3 UQ8 VB . -10.61 -21.71 11.72
O3 UQ8 VB . -11.78 -21.27 12.26
C3M UQ8 VB . -12.96 -21.52 11.49
C4 UQ8 VB . -9.91 -20.84 10.76
O4 UQ8 VB . -10.44 -19.63 10.44
C4M UQ8 VB . -11.05 -19.53 9.16
C5 UQ8 VB . -8.64 -21.28 10.14
O5 UQ8 VB . -8.06 -20.53 9.32
C1 CDL WB . -6.49 -16.51 27.85
O1 CDL WB . -7.87 -16.51 28.21
CA2 CDL WB . -6.21 -15.25 27.06
OA2 CDL WB . -7.44 -14.57 26.81
PA1 CDL WB . -7.45 -12.99 26.52
OA3 CDL WB . -7.86 -12.28 27.78
OA4 CDL WB . -6.17 -12.59 25.84
OA5 CDL WB . -8.66 -12.83 25.48
CA3 CDL WB . -8.35 -12.87 24.09
CA4 CDL WB . -8.92 -11.67 23.35
OA6 CDL WB . -7.89 -10.71 23.13
CA5 CDL WB . -7.93 -10.14 21.80
OA7 CDL WB . -7.93 -10.88 20.85
C11 CDL WB . -7.99 -8.64 21.61
C12 CDL WB . -9.44 -8.18 21.45
C13 CDL WB . -10.04 -8.66 20.13
C14 CDL WB . -11.51 -8.26 19.97
C15 CDL WB . -12.33 -9.47 19.53
C16 CDL WB . -12.92 -9.30 18.14
C17 CDL WB . -13.74 -10.54 17.79
C18 CDL WB . -14.29 -10.52 16.37
C19 CDL WB . -15.61 -9.78 16.26
C20 CDL WB . -16.20 -9.91 14.87
CA6 CDL WB . -10.05 -11.05 24.15
OA8 CDL WB . -11.25 -11.78 23.94
CA7 CDL WB . -12.50 -11.26 24.45
OA9 CDL WB . -12.53 -10.65 25.51
C31 CDL WB . -13.79 -11.47 23.70
C32 CDL WB . -14.79 -10.43 24.15
C33 CDL WB . -14.48 -9.09 23.49
C34 CDL WB . -14.77 -9.16 22.00
C35 CDL WB . -16.24 -9.43 21.71
C36 CDL WB . -16.42 -9.89 20.27
C37 CDL WB . -17.71 -10.70 20.10
C38 CDL WB . -17.53 -11.76 19.02
C39 CDL WB . -18.85 -12.17 18.39
C40 CDL WB . -19.55 -10.99 17.74
C41 CDL WB . -20.79 -11.43 16.98
C42 CDL WB . -20.43 -11.99 15.61
C43 CDL WB . -20.76 -10.99 14.51
CB2 CDL WB . -6.19 -17.74 27.00
OB2 CDL WB . -5.99 -17.33 25.66
PB2 CDL WB . -6.32 -18.28 24.40
OB3 CDL WB . -7.76 -18.73 24.50
OB4 CDL WB . -5.24 -19.31 24.25
OB5 CDL WB . -6.20 -17.25 23.19
CB3 CDL WB . -6.98 -16.07 23.17
CB4 CDL WB . -7.75 -16.02 21.86
OB6 CDL WB . -8.75 -15.01 21.88
CB5 CDL WB . -8.55 -14.00 20.85
OB7 CDL WB . -7.42 -13.57 20.68
C51 CDL WB . -9.71 -13.51 20.01
C52 CDL WB . -10.14 -14.57 19.00
C53 CDL WB . -11.44 -14.17 18.30
C54 CDL WB . -11.90 -15.20 17.26
C55 CDL WB . -11.15 -15.07 15.94
C56 CDL WB . -11.78 -15.90 14.82
C57 CDL WB . -10.82 -16.11 13.66
C58 CDL WB . -11.41 -16.97 12.56
C59 CDL WB . -12.63 -16.32 11.93
C60 CDL WB . -13.04 -17.06 10.67
C61 CDL WB . -14.17 -16.35 9.94
C62 CDL WB . -15.51 -16.66 10.57
C63 CDL WB . -16.47 -15.47 10.46
C64 CDL WB . -16.61 -14.97 9.02
C65 CDL WB . -17.62 -15.79 8.23
C66 CDL WB . -19.05 -15.34 8.48
C67 CDL WB . -20.00 -16.04 7.55
CB6 CDL WB . -8.46 -17.35 21.72
OB8 CDL WB . -9.77 -17.10 21.25
CB7 CDL WB . -10.63 -18.23 20.92
OB9 CDL WB . -10.49 -19.26 21.55
C71 CDL WB . -11.63 -18.11 19.82
C72 CDL WB . -12.22 -19.48 19.55
C73 CDL WB . -13.08 -19.43 18.30
C74 CDL WB . -12.23 -19.00 17.12
C75 CDL WB . -13.05 -19.02 15.84
C76 CDL WB . -13.83 -20.32 15.72
C77 CDL WB . -14.50 -20.42 14.36
C78 CDL WB . -15.37 -19.21 14.07
C79 CDL WB . -16.18 -19.48 12.81
C80 CDL WB . -17.49 -20.18 13.16
C81 CDL WB . -18.49 -19.19 13.75
C82 CDL WB . -19.66 -19.92 14.41
C83 CDL WB . -19.29 -20.38 15.81
C1B LMT XB . 0.21 -26.73 30.14
O1B LMT XB . -0.13 -27.96 29.49
C1' LMT XB . -0.77 -29.02 25.52
C2' LMT XB . 0.07 -27.80 25.76
C3' LMT XB . 0.59 -27.79 27.19
C4' LMT XB . -0.59 -27.79 28.15
C5' LMT XB . -1.55 -28.92 27.79
C6' LMT XB . -2.85 -28.85 28.59
O1' LMT XB . -1.22 -29.02 24.16
O2' LMT XB . 1.19 -27.77 24.87
O3' LMT XB . 1.44 -26.66 27.36
O5' LMT XB . -1.89 -28.95 26.40
O6' LMT XB . -2.61 -28.25 29.87
C1 LMT XB . -2.16 -30.06 23.88
C2 LMT XB . -2.77 -29.84 22.50
C3 LMT XB . -1.72 -30.02 21.41
C4 LMT XB . -2.35 -30.29 20.05
C5 LMT XB . -2.54 -29.01 19.27
C6 LMT XB . -4.01 -28.85 18.88
C7 LMT XB . -4.19 -28.49 17.42
C8 LMT XB . -5.67 -28.26 17.16
C9 LMT XB . -5.90 -27.39 15.94
C10 LMT XB . -7.31 -26.78 15.98
C11 LMT XB . -8.40 -27.86 16.00
C12 LMT XB . -9.58 -27.41 15.16
P PGV YB . -25.12 -24.14 -8.44
C01 PGV YB . -21.91 -26.77 -6.95
C02 PGV YB . -23.26 -26.76 -6.27
C03 PGV YB . -24.34 -26.39 -7.27
C04 PGV YB . -25.39 -21.79 -7.27
C05 PGV YB . -24.59 -21.14 -6.15
C06 PGV YB . -25.51 -20.57 -5.09
O01 PGV YB . -23.19 -25.75 -5.26
O02 PGV YB . -24.37 -27.14 -3.85
O03 PGV YB . -20.98 -27.38 -6.06
O04 PGV YB . -19.99 -25.39 -5.49
O05 PGV YB . -23.79 -20.10 -6.71
O06 PGV YB . -24.75 -20.21 -3.93
O11 PGV YB . -24.00 -25.13 -7.84
O12 PGV YB . -24.55 -22.70 -7.98
O13 PGV YB . -26.41 -24.37 -7.71
O14 PGV YB . -25.09 -24.26 -9.94
C1 PGV YB . -23.83 -26.07 -4.00
C2 PGV YB . -23.82 -25.04 -2.89
C3 PGV YB . -23.27 -25.66 -1.62
C4 PGV YB . -22.41 -24.67 -0.83
C5 PGV YB . -23.19 -23.44 -0.39
C6 PGV YB . -23.12 -23.28 1.12
C7 PGV YB . -23.36 -21.84 1.53
C8 PGV YB . -23.13 -21.65 3.02
C9 PGV YB . -22.71 -20.22 3.32
C10 PGV YB . -23.60 -19.56 4.36
C11 PGV YB . -23.32 -20.18 5.70
C12 PGV YB . -23.04 -19.42 6.74
C13 PGV YB . -22.99 -17.91 6.63
C14 PGV YB . -23.45 -17.29 7.95
C19 PGV YB . -19.90 -26.60 -5.48
C20 PGV YB . -18.69 -27.30 -4.91
C21 PGV YB . -18.00 -26.47 -3.83
C22 PGV YB . -18.90 -26.26 -2.61
C23 PGV YB . -18.09 -25.81 -1.39
C24 PGV YB . -19.02 -25.39 -0.26
C25 PGV YB . -18.29 -25.06 1.04
C26 PGV YB . -17.83 -23.61 1.13
C27 PGV YB . -19.03 -22.67 1.20
C28 PGV YB . -18.66 -21.33 0.61
C29 PGV YB . -19.26 -20.19 1.43
C30 PGV YB . -18.57 -20.10 2.78
C31 PGV YB . -19.24 -19.08 3.68
C32 PGV YB . -18.72 -19.18 5.10
C1 CDL ZB . -33.20 8.33 -0.69
O1 CDL ZB . -32.90 9.19 -1.79
CA2 CDL ZB . -32.16 7.22 -0.60
OA2 CDL ZB . -31.60 7.20 0.72
PA1 CDL ZB . -31.62 5.84 1.58
OA3 CDL ZB . -32.99 5.67 2.17
OA4 CDL ZB . -31.05 4.75 0.73
OA5 CDL ZB . -30.59 6.03 2.79
CA3 CDL ZB . -29.74 4.94 3.12
CA4 CDL ZB . -28.95 5.27 4.38
OA6 CDL ZB . -28.30 6.53 4.23
CA5 CDL ZB . -29.00 7.60 4.94
OA7 CDL ZB . -30.22 7.64 4.90
C11 CDL ZB . -28.23 8.65 5.70
C12 CDL ZB . -27.83 8.14 7.09
C13 CDL ZB . -26.39 7.62 7.12
C14 CDL ZB . -25.91 7.32 8.53
C15 CDL ZB . -25.64 8.58 9.34
C16 CDL ZB . -24.17 8.71 9.75
C17 CDL ZB . -23.89 10.07 10.37
C18 CDL ZB . -22.39 10.31 10.50
C19 CDL ZB . -22.08 11.79 10.55
C20 CDL ZB . -20.65 12.07 10.12
C21 CDL ZB . -20.54 13.43 9.43
C22 CDL ZB . -19.18 13.60 8.80
C23 CDL ZB . -19.22 14.59 7.64
C24 CDL ZB . -18.19 14.24 6.57
C25 CDL ZB . -17.50 15.49 6.04
C26 CDL ZB . -16.51 15.15 4.94
C27 CDL ZB . -15.81 16.37 4.39
CA6 CDL ZB . -27.91 4.17 4.60
OA8 CDL ZB . -26.69 4.49 3.95
CA7 CDL ZB . -25.46 4.69 4.70
OA9 CDL ZB . -25.50 4.98 5.88
C31 CDL ZB . -24.12 4.56 4.02
C32 CDL ZB . -23.80 3.08 3.83
C33 CDL ZB . -22.34 2.91 3.46
C34 CDL ZB . -22.05 3.52 2.10
C35 CDL ZB . -21.04 4.65 2.21
C36 CDL ZB . -19.88 4.39 1.27
C37 CDL ZB . -18.81 3.54 1.95
C38 CDL ZB . -18.36 4.21 3.23
C39 CDL ZB . -17.24 3.44 3.91
C40 CDL ZB . -16.97 4.05 5.28
C41 CDL ZB . -15.89 3.28 6.02
C42 CDL ZB . -15.57 3.97 7.33
C43 CDL ZB . -15.38 5.47 7.11
C44 CDL ZB . -14.89 6.15 8.38
C45 CDL ZB . -14.95 7.66 8.21
C46 CDL ZB . -16.37 8.13 7.99
C47 CDL ZB . -17.06 8.40 9.32
CB2 CDL ZB . -34.59 7.72 -0.90
OB2 CDL ZB . -34.81 6.72 0.10
PB2 CDL ZB . -36.28 6.30 0.60
OB3 CDL ZB . -36.54 4.86 0.24
OB4 CDL ZB . -37.26 7.37 0.21
OB5 CDL ZB . -36.04 6.40 2.18
CB3 CDL ZB . -36.27 5.31 3.06
CB4 CDL ZB . -35.31 5.50 4.21
OB6 CDL ZB . -35.24 4.36 5.05
CB5 CDL ZB . -33.86 3.94 5.30
OB7 CDL ZB . -33.08 3.88 4.37
C51 CDL ZB . -33.43 3.56 6.68
C52 CDL ZB . -31.93 3.29 6.68
C53 CDL ZB . -31.18 4.36 7.43
C54 CDL ZB . -30.94 3.95 8.87
C55 CDL ZB . -30.59 5.14 9.74
C56 CDL ZB . -29.13 5.11 10.16
C57 CDL ZB . -29.00 5.64 11.58
C58 CDL ZB . -27.76 5.09 12.28
C59 CDL ZB . -27.71 5.57 13.72
C60 CDL ZB . -26.30 5.53 14.29
C61 CDL ZB . -26.30 5.94 15.75
C62 CDL ZB . -27.06 4.92 16.60
C63 CDL ZB . -26.66 4.96 18.07
C64 CDL ZB . -26.87 3.60 18.71
C65 CDL ZB . -26.43 3.58 20.17
CB6 CDL ZB . -35.79 6.70 5.01
OB8 CDL ZB . -34.66 7.26 5.65
CB7 CDL ZB . -34.86 8.29 6.63
OB9 CDL ZB . -35.79 9.07 6.47
C71 CDL ZB . -33.96 8.37 7.83
C72 CDL ZB . -32.58 8.86 7.43
C73 CDL ZB . -31.75 9.02 8.68
C74 CDL ZB . -30.62 10.04 8.52
C75 CDL ZB . -29.90 10.19 9.85
C76 CDL ZB . -28.72 11.13 9.78
C77 CDL ZB . -27.89 11.00 11.07
C78 CDL ZB . -27.04 12.22 11.35
C79 CDL ZB . -26.27 12.02 12.65
C80 CDL ZB . -27.23 11.70 13.80
C81 CDL ZB . -26.51 11.04 14.97
C82 CDL ZB . -25.38 11.93 15.46
C83 CDL ZB . -24.74 11.38 16.74
C84 CDL ZB . -23.50 12.17 17.11
C85 CDL ZB . -22.99 11.83 18.51
C86 CDL ZB . -22.36 10.44 18.56
C87 CDL ZB . -21.33 10.36 19.66
C1 CDL AC . -13.08 11.93 33.39
O1 CDL AC . -12.70 11.65 34.75
CA2 CDL AC . -12.01 11.39 32.45
OA2 CDL AC . -12.60 10.69 31.36
PA1 CDL AC . -11.84 9.47 30.62
OA3 CDL AC . -10.35 9.75 30.64
OA4 CDL AC . -12.33 8.17 31.21
OA5 CDL AC . -12.38 9.63 29.12
CA3 CDL AC . -12.46 8.53 28.22
CA4 CDL AC . -12.58 9.03 26.78
OA6 CDL AC . -13.52 10.11 26.69
CA5 CDL AC . -14.93 9.74 26.71
OA7 CDL AC . -15.40 9.20 27.70
C11 CDL AC . -15.82 10.00 25.51
C12 CDL AC . -15.77 11.48 25.13
C13 CDL AC . -16.90 11.82 24.16
C14 CDL AC . -16.46 12.86 23.13
C15 CDL AC . -15.77 12.21 21.94
C16 CDL AC . -15.81 13.12 20.72
CA6 CDL AC . -12.95 7.90 25.83
OA8 CDL AC . -12.24 8.03 24.59
CA7 CDL AC . -12.45 7.07 23.51
OA9 CDL AC . -13.27 6.19 23.68
C31 CDL AC . -11.67 7.15 22.23
C32 CDL AC . -12.34 6.32 21.15
C33 CDL AC . -11.32 5.82 20.13
C34 CDL AC . -11.96 5.55 18.78
C35 CDL AC . -11.17 4.46 18.04
C36 CDL AC . -11.42 4.50 16.54
C37 CDL AC . -10.80 3.29 15.86
C38 CDL AC . -11.81 2.16 15.69
C39 CDL AC . -12.74 2.45 14.52
C40 CDL AC . -11.94 2.61 13.23
C41 CDL AC . -12.84 2.87 12.04
C42 CDL AC . -12.12 2.47 10.75
C43 CDL AC . -12.96 2.81 9.52
CB2 CDL AC . -13.23 13.43 33.21
OB2 CDL AC . -12.02 13.99 32.70
PB2 CDL AC . -11.80 15.58 32.66
OB3 CDL AC . -10.46 15.84 33.28
OB4 CDL AC . -13.01 16.30 33.21
OB5 CDL AC . -11.75 15.85 31.09
CB3 CDL AC . -12.88 16.42 30.40
CB4 CDL AC . -13.06 15.62 29.13
OB6 CDL AC . -11.77 15.23 28.65
CB5 CDL AC . -11.79 13.91 28.08
OB7 CDL AC . -12.65 13.11 28.43
C51 CDL AC . -10.74 13.53 27.06
C52 CDL AC . -11.24 12.39 26.19
C53 CDL AC . -11.58 12.90 24.80
C54 CDL AC . -11.01 11.95 23.76
C55 CDL AC . -11.40 12.36 22.36
C56 CDL AC . -11.77 11.14 21.54
C57 CDL AC . -12.03 11.52 20.09
C58 CDL AC . -12.39 10.30 19.25
C59 CDL AC . -12.77 10.73 17.85
C60 CDL AC . -12.40 9.65 16.84
C61 CDL AC . -13.56 8.70 16.60
C62 CDL AC . -13.76 8.52 15.10
C63 CDL AC . -15.11 7.85 14.80
CB6 CDL AC . -13.77 16.43 28.03
OB8 CDL AC . -13.30 15.97 26.76
CB7 CDL AC . -13.71 16.60 25.52
OB9 CDL AC . -14.67 17.36 25.51
C71 CDL AC . -12.93 16.29 24.26
C72 CDL AC . -13.60 16.91 23.04
C73 CDL AC . -12.70 16.74 21.83
C74 CDL AC . -13.45 16.93 20.51
C75 CDL AC . -12.56 16.67 19.31
C76 CDL AC . -13.32 16.92 18.01
C77 CDL AC . -12.40 16.90 16.80
C78 CDL AC . -13.14 17.32 15.53
C45 UQ8 BC . 5.15 33.73 -3.72
C44 UQ8 BC . 3.80 33.81 -4.38
C46 UQ8 BC . 3.53 32.95 -5.58
C43 UQ8 BC . 2.87 34.64 -3.91
C42 UQ8 BC . 1.50 34.74 -4.54
C41 UQ8 BC . 1.15 36.19 -4.90
C39 UQ8 BC . 0.52 36.95 -3.76
C40 UQ8 BC . -0.93 37.33 -3.82
C38 UQ8 BC . 1.26 37.32 -2.72
C37 UQ8 BC . 0.65 38.08 -1.56
C36 UQ8 BC . 1.35 37.49 -0.35
C34 UQ8 BC . 0.41 36.79 0.60
C35 UQ8 BC . -0.43 37.68 1.47
C33 UQ8 BC . 0.35 35.44 0.60
C32 UQ8 BC . -0.47 34.53 1.50
C31 UQ8 BC . -1.98 34.67 1.47
C29 UQ8 BC . -2.60 33.77 2.51
C30 UQ8 BC . -3.59 32.72 2.09
C28 UQ8 BC . -2.27 33.93 3.79
C27 UQ8 BC . -2.81 33.07 4.91
C26 UQ8 BC . -1.64 32.89 5.88
C24 UQ8 BC . -1.81 31.68 6.76
C25 UQ8 BC . -3.18 31.20 7.13
C23 UQ8 BC . -0.73 31.04 7.22
C22 UQ8 BC . -0.88 29.84 8.11
C21 UQ8 BC . -0.64 28.61 7.25
C19 UQ8 BC . -0.03 27.49 8.06
C20 UQ8 BC . 0.10 26.15 7.43
C18 UQ8 BC . 0.38 27.71 9.31
C17 UQ8 BC . 0.98 26.58 10.12
C16 UQ8 BC . 2.18 27.10 10.91
C14 UQ8 BC . 1.75 27.34 12.34
C15 UQ8 BC . 1.43 26.18 13.22
C13 UQ8 BC . 1.65 28.60 12.79
C12 UQ8 BC . 1.23 28.93 14.20
C11 UQ8 BC . 0.80 30.39 14.30
C9 UQ8 BC . -0.63 30.52 13.81
C10 UQ8 BC . -0.92 30.78 12.36
C8 UQ8 BC . -1.64 30.43 14.67
C7 UQ8 BC . -3.06 30.53 14.18
C6 UQ8 BC . -3.89 31.51 14.97
C1 UQ8 BC . -4.27 32.80 14.34
C1M UQ8 BC . -3.82 33.12 12.94
C2 UQ8 BC . -5.08 33.77 15.10
O2 UQ8 BC . -5.40 34.85 14.58
C3 UQ8 BC . -5.54 33.45 16.48
O3 UQ8 BC . -6.28 34.40 17.15
C3M UQ8 BC . -7.42 34.10 17.93
C4 UQ8 BC . -5.15 32.17 17.14
O4 UQ8 BC . -5.56 31.84 18.41
C4M UQ8 BC . -4.96 32.41 19.56
C5 UQ8 BC . -4.33 31.19 16.36
O5 UQ8 BC . -4.02 30.12 16.89
MG BCB CC . -1.38 47.73 3.21
CHA BCB CC . -2.06 47.93 6.60
CHB BCB CC . 1.58 46.20 3.94
CHC BCB CC . -0.87 47.59 -0.23
CHD BCB CC . -4.78 48.69 2.49
NA BCB CC . -0.37 47.25 4.89
C1A BCB CC . -0.77 47.36 6.13
C2A BCB CC . 0.28 46.99 7.13
C3A BCB CC . 1.50 46.78 6.27
C4A BCB CC . 0.88 46.74 4.93
CMA BCB CC . 2.46 47.95 6.34
CAA BCB CC . -0.04 45.72 7.92
CBA BCB CC . 0.97 45.61 9.04
CGA BCB CC . 0.72 44.40 9.91
O1A BCB CC . -0.39 44.11 10.30
O2A BCB CC . 1.84 43.56 10.30
NB BCB CC . 0.07 46.86 2.03
C1B BCB CC . 1.38 46.50 2.52
C2B BCB CC . 2.33 46.17 1.42
C3B BCB CC . 1.57 46.59 0.19
C4B BCB CC . 0.25 47.12 0.61
CMB BCB CC . 3.71 45.62 1.61
CAB BCB CC . 2.02 46.54 -1.25
OBB BCB CC . 1.26 46.92 -2.10
CBB BCB CC . 3.32 45.91 -1.64
NC BCB CC . -2.53 48.08 1.53
C1C BCB CC . -2.21 47.99 0.22
C2C BCB CC . -3.12 48.31 -0.90
C3C BCB CC . -4.20 48.57 0.00
C4C BCB CC . -3.82 48.45 1.41
CMC BCB CC . -2.62 49.61 -1.52
CAC BCB CC . -5.55 48.97 -0.48
CBC BCB CC . -5.95 49.09 -1.94
ND BCB CC . -3.10 48.03 4.28
C1D BCB CC . -4.34 48.72 3.87
C2D BCB CC . -5.10 49.14 5.08
C3D BCB CC . -4.13 48.83 6.14
C4D BCB CC . -3.01 48.35 5.62
CMD BCB CC . -6.44 49.76 5.35
CAD BCB CC . -3.93 48.91 7.60
OBD BCB CC . -4.79 49.39 8.43
CBD BCB CC . -2.58 48.35 7.94
CGD BCB CC . -1.76 49.40 8.62
O1D BCB CC . -1.54 50.46 8.09
O2D BCB CC . -1.28 49.16 9.96
CED BCB CC . -1.30 50.23 10.91
C1 BCB CC . 1.99 43.15 11.66
C2 BCB CC . 2.37 44.35 12.52
C3 BCB CC . 2.17 44.29 13.84
C4 BCB CC . 1.57 43.08 14.46
C5 BCB CC . 2.54 45.46 14.74
C6 BCB CC . 3.14 44.90 16.02
C7 BCB CC . 2.24 45.17 17.22
C8 BCB CC . 1.77 43.90 17.92
C9 BCB CC . 0.72 44.26 18.98
C10 BCB CC . 2.94 43.12 18.52
C11 BCB CC . 3.95 44.05 19.21
C12 BCB CC . 5.11 43.28 19.84
C13 BCB CC . 6.34 43.02 18.96
C14 BCB CC . 6.19 43.44 17.50
C15 BCB CC . 6.70 41.55 19.06
C16 BCB CC . 7.86 41.33 20.02
C17 BCB CC . 7.75 39.97 20.68
C18 BCB CC . 9.03 39.16 20.52
C19 BCB CC . 10.19 39.91 21.16
C20 BCB CC . 9.32 38.83 19.05
C39 NS0 DC . -7.33 40.99 38.76
C38 NS0 DC . -7.50 40.81 37.25
C40 NS0 DC . -6.81 39.55 36.78
C37 NS0 DC . -7.00 42.04 36.49
C36 NS0 DC . -7.15 41.98 34.99
C35 NS0 DC . -8.53 42.21 34.49
C33 NS0 DC . -8.64 42.21 33.00
C34 NS0 DC . -7.79 43.22 32.29
C32 NS0 DC . -9.44 41.35 32.37
C31 NS0 DC . -9.68 41.20 30.90
C30 NS0 DC . -11.14 41.42 30.57
C28 NS0 DC . -11.52 41.21 29.12
C29 NS0 DC . -10.68 41.94 28.11
C27 NS0 DC . -12.53 40.43 28.82
C26 NS0 DC . -13.26 40.37 27.58
C25 NS0 DC . -14.42 39.66 27.39
C23 NS0 DC . -15.24 39.57 26.26
C24 NS0 DC . -14.96 40.45 25.10
C22 NS0 DC . -16.30 38.67 26.18
C21 NS0 DC . -17.11 38.38 25.11
C20 NS0 DC . -18.01 37.32 24.96
C19 NS0 DC . -18.80 36.98 23.89
C17 NS0 DC . -19.50 35.79 23.66
C18 NS0 DC . -19.53 34.77 24.73
C16 NS0 DC . -20.17 35.53 22.46
C15 NS0 DC . -20.83 34.39 22.06
C14 NS0 DC . -21.28 34.23 20.77
C12 NS0 DC . -21.94 33.14 20.18
C13 NS0 DC . -22.48 32.07 21.03
C11 NS0 DC . -22.08 33.06 18.79
C10 NS0 DC . -22.63 32.08 18.00
C9 NS0 DC . -22.52 32.09 16.57
C7 NS0 DC . -23.01 31.23 15.68
C8 NS0 DC . -24.06 30.21 16.00
C NS0 DC . -22.51 31.24 14.27
CA NS0 DC . -23.55 31.46 13.20
CB NS0 DC . -22.96 31.25 11.83
CG NS0 DC . -23.52 31.42 10.65
CD2 NS0 DC . -24.87 32.04 10.47
CD1 NS0 DC . -22.85 31.00 9.38
C1' LMT EC . 10.92 39.39 34.71
C2' LMT EC . 11.63 38.07 34.95
C5' LMT EC . 11.33 40.60 36.70
O1' LMT EC . 10.82 39.64 33.31
O5' LMT EC . 11.66 40.46 35.32
C1 LMT EC . 10.26 40.93 33.04
C2 LMT EC . 9.48 40.92 31.72
C3 LMT EC . 9.87 42.12 30.86
C4 LMT EC . 8.69 42.99 30.47
C5 LMT EC . 8.12 42.63 29.09
C6 LMT EC . 8.88 43.29 27.94
C7 LMT EC . 7.89 44.00 27.01
C8 LMT EC . 8.30 43.92 25.54
C9 LMT EC . 8.43 42.46 25.09
C10 LMT EC . 8.51 42.36 23.57
MG BCB FC . -9.30 46.53 6.91
CHA BCB FC . -6.24 45.66 8.30
CHB BCB FC . -10.63 46.69 10.03
CHC BCB FC . -12.26 47.59 5.36
CHD BCB FC . -7.77 46.70 3.68
NA BCB FC . -8.60 46.28 8.79
C1A BCB FC . -7.38 46.04 9.18
C2A BCB FC . -7.19 45.99 10.66
C3A BCB FC . -8.62 45.95 11.14
C4A BCB FC . -9.36 46.33 9.90
CMA BCB FC . -9.00 44.55 11.58
CAA BCB FC . -6.45 47.20 11.22
CBA BCB FC . -6.58 47.27 12.74
CGA BCB FC . -5.96 46.07 13.43
O1A BCB FC . -5.11 45.38 12.89
O2A BCB FC . -6.37 45.73 14.79
NB BCB FC . -11.11 47.24 7.61
C1B BCB FC . -11.58 46.84 8.92
C2B BCB FC . -13.05 46.86 9.04
C3B BCB FC . -13.53 47.13 7.64
C4B BCB FC . -12.32 47.27 6.80
CMB BCB FC . -13.79 46.58 10.32
CAB BCB FC . -14.94 47.23 7.10
OBB BCB FC . -15.14 47.46 5.93
CBB BCB FC . -16.13 47.13 8.02
NC BCB FC . -9.89 47.02 4.99
C1C BCB FC . -11.08 47.43 4.49
C2C BCB FC . -11.37 47.74 3.08
C3C BCB FC . -10.01 47.46 2.71
C4C BCB FC . -9.18 47.05 3.83
CMC BCB FC . -12.30 46.64 2.57
CAC BCB FC . -9.50 47.58 1.31
CBC BCB FC . -10.32 48.01 0.11
ND BCB FC . -7.40 46.44 6.18
C1D BCB FC . -7.01 46.18 4.79
C2D BCB FC . -5.64 45.61 4.75
C3D BCB FC . -5.37 45.41 6.19
C4D BCB FC . -6.45 45.77 6.88
CMD BCB FC . -4.70 45.26 3.65
CAD BCB FC . -4.39 44.85 7.14
OBD BCB FC . -3.24 44.36 6.82
CBD BCB FC . -4.90 45.03 8.55
CGD BCB FC . -4.85 43.80 9.39
O1D BCB FC . -5.43 42.78 9.07
O2D BCB FC . -4.09 43.82 10.61
CED BCB FC . -3.85 42.62 11.33
C1 BCB FC . -5.97 44.48 15.36
C2 BCB FC . -7.03 43.96 16.30
C3 BCB FC . -7.94 43.05 15.92
C4 BCB FC . -7.93 42.53 14.51
C5 BCB FC . -8.97 42.55 16.91
C6 BCB FC . -10.05 43.59 17.16
C7 BCB FC . -11.17 42.98 18.00
C8 BCB FC . -12.10 44.05 18.56
C9 BCB FC . -12.55 45.00 17.45
C10 BCB FC . -11.42 44.79 19.71
C11 BCB FC . -11.52 44.04 21.03
C12 BCB FC . -10.70 44.75 22.09
C13 BCB FC . -10.50 43.92 23.37
C14 BCB FC . -11.85 43.55 23.99
C15 BCB FC . -9.68 44.75 24.36
C16 BCB FC . -8.54 43.96 24.98
C17 BCB FC . -8.27 44.45 26.39
C18 BCB FC . -6.94 43.98 26.97
C19 BCB FC . -6.65 44.68 28.28
C20 BCB FC . -5.81 44.21 25.97
MG BCB GC . -16.47 43.41 9.86
CHA BCB GC . -17.29 42.85 13.17
CHB BCB GC . -13.18 42.87 10.61
CHC BCB GC . -15.84 44.06 6.49
CHD BCB GC . -19.96 43.28 9.01
NA BCB GC . -15.41 43.05 11.55
C1A BCB GC . -15.86 42.85 12.75
C2A BCB GC . -14.80 42.77 13.80
C3A BCB GC . -13.53 42.97 13.01
C4A BCB GC . -14.07 42.98 11.61
CMA BCB GC . -12.82 44.27 13.30
CAA BCB GC . -14.79 41.43 14.53
CBA BCB GC . -13.62 41.35 15.52
CGA BCB GC . -13.74 40.12 16.37
O1A BCB GC . -14.83 39.63 16.62
O2A BCB GC . -12.54 39.48 16.91
NB BCB GC . -14.76 43.31 8.70
C1B BCB GC . -13.42 43.31 9.24
C2B BCB GC . -12.41 43.49 8.18
C3B BCB GC . -13.21 43.84 6.97
C4B BCB GC . -14.66 43.84 7.35
CMB BCB GC . -10.92 43.38 8.42
CAB BCB GC . -12.74 44.15 5.57
OBB BCB GC . -13.55 44.40 4.72
CBB BCB GC . -11.30 44.08 5.21
NC BCB GC . -17.61 43.64 8.16
C1C BCB GC . -17.25 43.89 6.88
C2C BCB GC . -18.18 44.06 5.74
C3C BCB GC . -19.31 43.79 6.59
C4C BCB GC . -18.96 43.56 7.98
CMC BCB GC . -18.14 45.54 5.39
CAC BCB GC . -20.71 43.77 6.08
CBC BCB GC . -21.08 44.00 4.63
ND BCB GC . -18.22 42.95 10.81
C1D BCB GC . -19.60 43.22 10.40
C2D BCB GC . -20.51 43.14 11.57
C3D BCB GC . -19.53 43.02 12.66
C4D BCB GC . -18.29 43.05 12.17
CMD BCB GC . -22.00 43.21 11.80
CAD BCB GC . -19.44 42.93 14.12
OBD BCB GC . -20.43 42.93 14.94
CBD BCB GC . -17.98 42.81 14.50
CGD BCB GC . -17.60 43.83 15.51
O1D BCB GC . -17.43 45.00 15.23
O2D BCB GC . -17.47 43.43 16.90
CED BCB GC . -17.83 44.31 17.94
C1 BCB GC . -12.70 38.51 17.94
C2 BCB GC . -11.75 38.70 19.10
C3 BCB GC . -12.05 39.49 20.14
C4 BCB GC . -13.34 40.24 20.16
C5 BCB GC . -11.09 39.64 21.29
C6 BCB GC . -11.93 39.63 22.56
C7 BCB GC . -11.11 39.87 23.82
C8 BCB GC . -10.39 38.61 24.25
C9 BCB GC . -11.34 37.41 24.26
C10 BCB GC . -9.79 38.85 25.62
C11 BCB GC . -8.38 39.42 25.52
C12 BCB GC . -7.37 38.32 25.80
C13 BCB GC . -5.96 38.89 25.99
C14 BCB GC . -5.62 39.89 24.90
C15 BCB GC . -5.00 37.71 26.02
C16 BCB GC . -5.08 36.92 24.72
C17 BCB GC . -3.80 37.02 23.91
C18 BCB GC . -3.16 35.65 23.75
C19 BCB GC . -2.84 35.04 25.11
C20 BCB GC . -1.93 35.74 22.87
P PGV HC . -14.13 36.94 -3.51
C01 PGV HC . -11.91 35.91 -0.41
C02 PGV HC . -10.93 35.94 -1.59
C03 PGV HC . -11.74 36.07 -2.88
C04 PGV HC . -14.31 36.41 -6.12
C05 PGV HC . -13.65 36.83 -7.42
C06 PGV HC . -14.65 36.72 -8.56
O01 PGV HC . -10.02 34.84 -1.61
O02 PGV HC . -11.71 33.27 -2.07
O03 PGV HC . -11.34 35.29 0.74
O04 PGV HC . -10.03 36.95 1.65
O05 PGV HC . -12.52 36.00 -7.70
O06 PGV HC . -14.09 37.28 -9.75
O11 PGV HC . -12.73 37.07 -2.72
O12 PGV HC . -13.64 37.09 -5.04
O13 PGV HC . -14.98 38.12 -3.12
O14 PGV HC . -14.65 35.53 -3.36
C1 PGV HC . -10.52 33.52 -1.98
C2 PGV HC . -9.53 32.41 -2.23
C3 PGV HC . -9.04 31.84 -0.91
C4 PGV HC . -7.60 31.37 -1.08
C5 PGV HC . -7.08 30.60 0.12
C6 PGV HC . -7.32 31.36 1.40
C7 PGV HC . -6.56 30.73 2.56
C8 PGV HC . -7.09 31.29 3.87
C9 PGV HC . -6.48 30.63 5.09
C10 PGV HC . -7.17 31.15 6.34
C11 PGV HC . -6.71 30.42 7.58
C12 PGV HC . -6.20 31.07 8.62
C13 PGV HC . -6.06 32.56 8.60
C14 PGV HC . -6.66 33.16 9.86
C19 PGV HC . -10.90 36.11 1.85
C20 PGV HC . -11.50 36.00 3.22
C21 PGV HC . -10.69 36.89 4.16
C22 PGV HC . -11.49 37.30 5.39
C23 PGV HC . -11.23 38.76 5.70
C24 PGV HC . -12.01 39.27 6.89
C25 PGV HC . -11.40 38.81 8.20
C26 PGV HC . -11.85 39.66 9.38
C27 PGV HC . -11.62 38.90 10.67
C28 PGV HC . -11.50 39.81 11.89
C29 PGV HC . -11.35 38.98 13.15
C30 PGV HC . -9.97 38.33 13.25
C31 PGV HC . -9.03 39.15 14.13
C32 PGV HC . -7.97 38.26 14.77
C33 PGV HC . -6.78 39.07 15.26
C34 PGV HC . -5.93 38.29 16.23
C39 NS0 IC . -20.15 30.11 43.60
C38 NS0 IC . -20.14 30.07 42.09
C40 NS0 IC . -18.73 29.96 41.57
C37 NS0 IC . -20.88 31.26 41.49
C36 NS0 IC . -20.92 31.29 39.98
C35 NS0 IC . -21.91 32.27 39.42
C33 NS0 IC . -21.96 32.26 37.92
C34 NS0 IC . -21.57 33.55 37.26
C32 NS0 IC . -22.31 31.17 37.25
C31 NS0 IC . -22.40 30.99 35.77
C30 NS0 IC . -23.84 30.87 35.31
C28 NS0 IC . -24.06 30.69 33.83
C29 NS0 IC . -23.58 31.80 32.94
C27 NS0 IC . -24.69 29.60 33.39
C26 NS0 IC . -25.29 29.43 32.10
C25 NS0 IC . -26.11 28.39 31.75
C23 NS0 IC . -26.86 28.19 30.58
C24 NS0 IC . -26.96 29.29 29.59
C22 NS0 IC . -27.52 26.98 30.33
C21 NS0 IC . -28.24 26.62 29.22
C20 NS0 IC . -28.77 25.38 28.89
C19 NS0 IC . -29.40 24.95 27.74
C17 NS0 IC . -29.72 23.65 27.37
C18 NS0 IC . -29.48 22.55 28.34
C16 NS0 IC . -30.24 23.34 26.12
C15 NS0 IC . -30.47 22.10 25.56
C14 NS0 IC . -30.91 21.94 24.27
C12 NS0 IC . -31.15 20.77 23.54
C13 NS0 IC . -31.02 19.45 24.22
C11 NS0 IC . -31.48 20.82 22.19
C10 NS0 IC . -31.46 19.82 21.26
C9 NS0 IC . -31.71 20.06 19.87
C7 NS0 IC . -31.42 19.25 18.86
C8 NS0 IC . -31.01 17.82 19.03
C NS0 IC . -31.47 19.77 17.45
CA NS0 IC . -32.21 18.89 16.48
CB NS0 IC . -32.53 19.56 15.18
CG NS0 IC . -31.71 19.98 14.22
CD2 NS0 IC . -32.21 20.67 12.99
CD1 NS0 IC . -30.22 19.81 14.27
MG BCB JC . -23.48 39.10 12.51
CHA BCB JC . -20.36 39.17 14.03
CHB BCB JC . -24.85 38.24 15.49
CHC BCB JC . -26.58 39.16 10.86
CHD BCB JC . -22.03 40.32 9.49
NA BCB JC . -22.78 38.79 14.39
C1A BCB JC . -21.58 38.97 14.86
C2A BCB JC . -21.45 38.70 16.33
C3A BCB JC . -22.69 37.87 16.56
C4A BCB JC . -23.52 38.31 15.40
CMA BCB JC . -22.39 36.38 16.52
CAA BCB JC . -21.47 39.97 17.18
CBA BCB JC . -20.72 39.77 18.49
CGA BCB JC . -21.24 38.59 19.29
O1A BCB JC . -20.54 37.60 19.46
O2A BCB JC . -22.57 38.59 19.85
NB BCB JC . -25.44 38.93 13.14
C1B BCB JC . -25.77 38.22 14.36
C2B BCB JC . -27.18 37.76 14.38
C3B BCB JC . -27.68 38.05 12.99
C4B BCB JC . -26.55 38.66 12.25
CMB BCB JC . -27.84 37.12 15.55
CAB BCB JC . -29.03 37.78 12.38
OBB BCB JC . -29.20 37.97 11.20
CBB BCB JC . -30.20 37.36 13.23
NC BCB JC . -24.16 39.61 10.63
C1C BCB JC . -25.40 39.61 10.09
C2C BCB JC . -25.74 39.96 8.71
C3C BCB JC . -24.38 40.31 8.43
C4C BCB JC . -23.47 40.07 9.55
CMC BCB JC . -26.10 38.68 7.98
CAC BCB JC . -23.95 40.82 7.09
CBC BCB JC . -24.86 41.07 5.91
ND BCB JC . -21.66 39.82 11.95
C1D BCB JC . -21.16 39.94 10.59
C2D BCB JC . -19.68 39.90 10.57
C3D BCB JC . -19.40 39.56 11.98
C4D BCB JC . -20.55 39.42 12.64
CMD BCB JC . -18.66 40.05 9.51
CAD BCB JC . -18.30 39.23 12.91
OBD BCB JC . -17.06 39.24 12.60
CBD BCB JC . -18.89 39.00 14.28
CGD BCB JC . -18.48 37.75 14.99
O1D BCB JC . -18.58 36.66 14.49
O2D BCB JC . -17.94 37.86 16.34
CED BCB JC . -17.24 36.77 16.91
C1 BCB JC . -23.20 37.35 20.21
C2 BCB JC . -23.30 37.22 21.70
C3 BCB JC . -24.49 37.17 22.33
C4 BCB JC . -25.75 37.26 21.53
C5 BCB JC . -24.56 37.02 23.83
C6 BCB JC . -23.96 35.69 24.26
C7 BCB JC . -24.95 34.56 24.04
C8 BCB JC . -24.98 33.57 25.21
C9 BCB JC . -26.33 32.88 25.26
C10 BCB JC . -24.71 34.28 26.53
C11 BCB JC . -24.42 33.29 27.64
C12 BCB JC . -23.04 33.50 28.26
C13 BCB JC . -23.14 33.91 29.73
C14 BCB JC . -23.73 35.31 29.82
C15 BCB JC . -21.76 33.81 30.38
C16 BCB JC . -21.27 35.12 30.99
C17 BCB JC . -21.35 35.05 32.51
C18 BCB JC . -20.13 35.70 33.13
C19 BCB JC . -20.14 35.54 34.64
C20 BCB JC . -20.04 37.17 32.76
MG BCB KC . -29.25 33.52 14.69
CHA BCB KC . -29.89 32.37 17.90
CHB BCB KC . -25.98 33.85 15.50
CHC BCB KC . -28.80 34.68 11.43
CHD BCB KC . -32.50 32.37 13.64
NA BCB KC . -28.15 33.33 16.38
C1A BCB KC . -28.55 32.94 17.55
C2A BCB KC . -27.57 33.30 18.64
C3A BCB KC . -26.33 33.69 17.89
C4A BCB KC . -26.85 33.63 16.48
CMA BCB KC . -25.82 35.08 18.26
CAA BCB KC . -27.23 32.20 19.66
CBA BCB KC . -26.69 30.97 18.99
CGA BCB KC . -26.47 29.95 20.07
O1A BCB KC . -27.37 29.65 20.83
O2A BCB KC . -25.18 29.30 20.21
NB BCB KC . -27.59 34.02 13.58
C1B BCB KC . -26.32 34.35 14.18
C2B BCB KC . -25.38 34.94 13.20
C3B BCB KC . -26.23 35.18 11.98
C4B BCB KC . -27.61 34.72 12.31
CMB BCB KC . -23.94 35.24 13.49
CAB BCB KC . -25.86 35.79 10.66
OBB BCB KC . -26.65 35.74 9.74
CBB BCB KC . -24.49 36.36 10.43
NC BCB KC . -30.37 33.54 12.96
C1C BCB KC . -30.09 34.02 11.73
C2C BCB KC . -30.99 34.01 10.57
C3C BCB KC . -32.00 33.31 11.31
C4C BCB KC . -31.62 33.06 12.70
CMC BCB KC . -31.44 35.44 10.31
CAC BCB KC . -33.31 32.90 10.71
CBC BCB KC . -33.75 33.12 9.28
ND BCB KC . -30.78 32.44 15.52
C1D BCB KC . -32.16 32.28 15.05
C2D BCB KC . -33.00 31.73 16.15
C3D BCB KC . -32.04 31.81 17.28
C4D BCB KC . -30.89 32.35 16.86
CMD BCB KC . -34.40 31.25 16.31
CAD BCB KC . -31.94 31.59 18.73
OBD BCB KC . -32.87 31.14 19.48
CBD BCB KC . -30.55 31.93 19.17
CGD BCB KC . -30.58 32.92 20.28
O1D BCB KC . -30.69 34.11 20.07
O2D BCB KC . -30.49 32.43 21.64
CED BCB KC . -31.24 33.07 22.66
C1 BCB KC . -25.00 28.40 21.30
C2 BCB KC . -23.94 28.87 22.28
C3 BCB KC . -24.33 29.35 23.46
C4 BCB KC . -25.77 29.43 23.78
C5 BCB KC . -23.33 29.81 24.50
C6 BCB KC . -23.49 28.88 25.69
C7 BCB KC . -23.09 29.55 27.00
C8 BCB KC . -22.79 28.52 28.08
C9 BCB KC . -23.96 27.59 28.32
C10 BCB KC . -22.42 29.24 29.37
C11 BCB KC . -20.93 29.58 29.39
C12 BCB KC . -20.59 30.36 30.64
C13 BCB KC . -19.10 30.37 30.90
C14 BCB KC . -18.80 30.50 32.39
C15 BCB KC . -18.46 31.49 30.11
C16 BCB KC . -17.61 30.98 28.95
C17 BCB KC . -16.88 29.69 29.31
C18 BCB KC . -15.68 29.49 28.38
C19 BCB KC . -16.12 29.44 26.92
C20 BCB KC . -14.90 28.24 28.75
P PGV LC . -10.50 19.13 35.30
C01 PGV LC . -13.86 20.46 31.77
C02 PGV LC . -12.84 21.00 32.77
C03 PGV LC . -12.52 19.94 33.82
C04 PGV LC . -9.67 19.96 37.66
C05 PGV LC . -9.52 21.34 38.25
C06 PGV LC . -9.14 22.33 37.15
O01 PGV LC . -13.35 22.20 33.37
O02 PGV LC . -11.21 22.98 33.66
O03 PGV LC . -13.34 20.69 30.46
O04 PGV LC . -15.30 20.01 29.44
O05 PGV LC . -8.50 21.36 39.27
O06 PGV LC . -9.09 23.64 37.71
O11 PGV LC . -11.24 20.20 34.36
O12 PGV LC . -9.61 20.09 36.24
O13 PGV LC . -9.57 18.30 34.45
O14 PGV LC . -11.53 18.47 36.18
C1 PGV LC . -12.35 23.25 33.40
C2 PGV LC . -12.75 24.68 33.12
C3 PGV LC . -11.51 25.49 32.80
C4 PGV LC . -11.12 25.40 31.34
C5 PGV LC . -11.90 26.41 30.52
C6 PGV LC . -11.49 26.37 29.05
C7 PGV LC . -12.13 25.20 28.32
C8 PGV LC . -11.85 25.30 26.83
C9 PGV LC . -12.61 24.26 26.03
C10 PGV LC . -12.67 24.63 24.55
C11 PGV LC . -13.39 25.95 24.41
C12 PGV LC . -13.15 26.78 23.40
C13 PGV LC . -12.16 26.46 22.30
C14 PGV LC . -12.89 26.47 20.96
C15 PGV LC . -14.18 25.66 21.08
C16 PGV LC . -14.94 25.51 19.78
C17 PGV LC . -16.25 24.78 20.07
C18 PGV LC . -16.94 24.35 18.80
C19 PGV LC . -14.15 20.39 29.30
C20 PGV LC . -13.53 20.54 27.92
C21 PGV LC . -12.27 19.68 27.84
C22 PGV LC . -11.42 20.10 26.64
C23 PGV LC . -12.24 20.14 25.37
C24 PGV LC . -11.47 20.87 24.27
C25 PGV LC . -12.39 21.22 23.12
C26 PGV LC . -11.56 21.64 21.91
C27 PGV LC . -12.45 22.07 20.75
C28 PGV LC . -13.38 20.94 20.33
C29 PGV LC . -14.24 21.37 19.16
C30 PGV LC . -13.39 21.83 17.99
C31 PGV LC . -14.27 22.35 16.85
C32 PGV LC . -15.12 21.23 16.28
C33 PGV LC . -16.11 21.73 15.23
C34 PGV LC . -17.35 22.33 15.87
MG BCB MC . -34.53 26.90 16.45
CHA BCB MC . -31.60 27.70 18.11
CHB BCB MC . -35.60 25.26 19.22
CHC BCB MC . -37.50 26.32 14.69
CHD BCB MC . -33.53 28.98 13.73
NA BCB MC . -33.80 26.56 18.30
C1A BCB MC . -32.70 27.03 18.84
C2A BCB MC . -32.50 26.61 20.27
C3A BCB MC . -33.48 25.45 20.37
C4A BCB MC . -34.36 25.76 19.21
CMA BCB MC . -32.79 24.10 20.23
CAA BCB MC . -32.82 27.69 21.29
CBA BCB MC . -32.00 27.53 22.57
CGA BCB MC . -32.12 26.16 23.18
O1A BCB MC . -31.15 25.42 23.25
O2A BCB MC . -33.40 25.67 23.67
NB BCB MC . -36.35 26.08 16.96
C1B BCB MC . -36.48 25.13 18.05
C2B BCB MC . -37.69 24.27 17.92
C3B BCB MC . -38.24 24.61 16.58
C4B BCB MC . -37.34 25.63 15.98
CMB BCB MC . -38.12 23.27 18.95
CAB BCB MC . -39.44 24.02 15.87
OBB BCB MC . -39.65 24.31 14.71
CBB BCB MC . -40.41 23.14 16.59
NC BCB MC . -35.33 27.48 14.64
C1C BCB MC . -36.53 27.21 14.05
C2C BCB MC . -36.97 27.69 12.74
C3C BCB MC . -35.76 28.46 12.57
C4C BCB MC . -34.83 28.31 13.70
CMC BCB MC . -36.96 26.50 11.80
CAC BCB MC . -35.51 29.30 11.37
CBC BCB MC . -36.45 29.47 10.21
ND BCB MC . -33.03 28.23 16.10
C1D BCB MC . -32.58 28.71 14.79
C2D BCB MC . -31.17 29.12 14.84
C3D BCB MC . -30.79 28.68 16.19
C4D BCB MC . -31.84 28.10 16.76
CMD BCB MC . -30.27 29.75 13.83
CAD BCB MC . -29.65 28.57 17.15
OBD BCB MC . -28.46 28.98 16.94
CBD BCB MC . -30.16 27.96 18.42
CGD BCB MC . -29.35 26.81 18.94
O1D BCB MC . -28.92 25.94 18.21
O2D BCB MC . -29.09 26.74 20.36
CED BCB MC . -27.90 26.15 20.85
C1 BCB MC . -33.66 24.28 23.86
C2 BCB MC . -33.68 23.95 25.34
C3 BCB MC . -34.76 23.46 25.96
C4 BCB MC . -36.03 23.21 25.21
C5 BCB MC . -34.69 23.17 27.44
C6 BCB MC . -35.18 21.76 27.76
C7 BCB MC . -34.31 20.70 27.13
C8 BCB MC . -34.65 19.28 27.60
C9 BCB MC . -36.06 19.18 28.19
C10 BCB MC . -33.61 18.81 28.61
C11 BCB MC . -33.91 19.26 30.04
C12 BCB MC . -32.77 20.09 30.61
C13 BCB MC . -32.68 19.89 32.12
C14 BCB MC . -34.06 19.89 32.77
C15 BCB MC . -31.81 20.97 32.75
C16 BCB MC . -31.38 20.53 34.14
C17 BCB MC . -31.29 21.71 35.08
C18 BCB MC . -30.07 21.63 35.99
C19 BCB MC . -30.13 20.36 36.83
C20 BCB MC . -29.98 22.86 36.89
MG BCB NC . -38.32 19.58 17.55
CHA BCB NC . -38.54 17.82 20.53
CHB BCB NC . -35.33 20.79 18.54
CHC BCB NC . -38.28 21.28 14.50
CHD BCB NC . -41.06 17.66 16.23
NA BCB NC . -37.23 19.51 19.25
C1A BCB NC . -37.46 18.83 20.33
C2A BCB NC . -36.66 19.31 21.52
C3A BCB NC . -35.68 20.29 20.89
C4A BCB NC . -36.10 20.21 19.46
CMA BCB NC . -35.85 21.67 21.50
CAA BCB NC . -35.95 18.26 22.35
CBA BCB NC . -34.77 17.60 21.66
CGA BCB NC . -34.30 16.50 22.57
O1A BCB NC . -35.12 15.78 23.12
O2A BCB NC . -32.89 16.29 22.82
NB BCB NC . -36.92 20.74 16.60
C1B BCB NC . -35.82 21.37 17.30
C2B BCB NC . -35.13 22.37 16.45
C3B BCB NC . -36.03 22.52 15.26
C4B BCB NC . -37.17 21.58 15.44
CMB BCB NC . -33.88 23.07 16.88
CAB BCB NC . -35.87 23.41 14.06
OBB BCB NC . -36.69 23.34 13.16
CBB BCB NC . -34.68 24.30 13.90
NC BCB NC . -39.40 19.51 15.79
C1C BCB NC . -39.30 20.23 14.64
C2C BCB NC . -40.16 20.10 13.45
C3C BCB NC . -40.90 19.01 14.08
C4C BCB NC . -40.44 18.71 15.43
CMC BCB NC . -41.02 21.34 13.35
CAC BCB NC . -42.01 18.29 13.41
CBC BCB NC . -42.53 18.56 12.02
ND BCB NC . -39.43 17.97 18.15
C1D BCB NC . -40.69 17.46 17.62
C2D BCB NC . -41.31 16.52 18.58
C3D BCB NC . -40.42 16.71 19.75
C4D BCB NC . -39.51 17.65 19.48
CMD BCB NC . -42.49 15.61 18.57
CAD BCB NC . -40.24 16.30 21.15
OBD BCB NC . -40.97 15.47 21.78
CBD BCB NC . -39.02 16.99 21.69
CGD BCB NC . -39.34 17.77 22.92
O1D BCB NC . -39.75 18.91 22.87
O2D BCB NC . -39.16 17.13 24.20
CED BCB NC . -40.05 17.42 25.26
C1 BCB NC . -32.50 15.33 23.81
C2 BCB NC . -31.59 15.91 24.86
C3 BCB NC . -32.02 15.98 26.13
C4 BCB NC . -33.39 15.52 26.47
C5 BCB NC . -31.15 16.54 27.23
C6 BCB NC . -31.10 15.51 28.34
C7 BCB NC . -31.02 16.17 29.72
C8 BCB NC . -30.03 15.44 30.63
C9 BCB NC . -30.46 14.00 30.88
C10 BCB NC . -29.91 16.22 31.94
C11 BCB NC . -28.56 16.92 32.02
C12 BCB NC . -28.04 16.90 33.45
C13 BCB NC . -26.62 17.45 33.58
C14 BCB NC . -26.63 18.93 33.95
C15 BCB NC . -25.83 17.20 32.30
C16 BCB NC . -24.66 16.27 32.54
C17 BCB NC . -23.38 16.74 31.86
C18 BCB NC . -23.64 17.13 30.41
C19 BCB NC . -22.83 16.25 29.46
C20 BCB NC . -23.34 18.61 30.18
P PGV OC . -31.46 17.34 3.32
C01 PGV OC . -29.45 14.60 6.99
C02 PGV OC . -30.41 15.69 6.53
C03 PGV OC . -30.19 15.84 5.04
C04 PGV OC . -30.33 17.51 0.98
C05 PGV OC . -31.02 17.40 -0.37
C06 PGV OC . -30.45 18.44 -1.31
O01 PGV OC . -29.96 16.85 7.24
O02 PGV OC . -31.56 18.31 6.30
O03 PGV OC . -28.13 15.11 6.82
O04 PGV OC . -27.36 14.30 8.84
O05 PGV OC . -32.42 17.65 -0.20
O06 PGV OC . -31.12 19.68 -1.10
O11 PGV OC . -31.42 16.13 4.38
O12 PGV OC . -30.98 16.69 1.94
O13 PGV OC . -30.42 18.35 3.73
O14 PGV OC . -32.89 17.81 3.18
C1 PGV OC . -30.58 18.16 6.99
C2 PGV OC . -29.94 19.36 7.67
C3 PGV OC . -28.47 19.42 7.23
C4 PGV OC . -27.61 20.17 8.24
C5 PGV OC . -26.21 20.38 7.67
C6 PGV OC . -25.26 20.98 8.70
C7 PGV OC . -23.89 21.20 8.07
C8 PGV OC . -22.93 20.05 8.33
C9 PGV OC . -22.35 19.52 7.04
C10 PGV OC . -21.31 18.45 7.31
C11 PGV OC . -20.11 19.06 7.98
C12 PGV OC . -19.62 18.51 9.09
C13 PGV OC . -18.43 19.13 9.77
C19 PGV OC . -27.15 15.04 7.90
C20 PGV OC . -25.92 15.90 7.85
C21 PGV OC . -24.87 15.40 8.85
C22 PGV OC . -25.04 16.02 10.24
C23 PGV OC . -23.94 15.55 11.17
C24 PGV OC . -24.01 16.21 12.54
C25 PGV OC . -23.10 15.50 13.53
C26 PGV OC . -22.98 16.26 14.84
C39 NS0 PC . -28.34 15.05 45.94
C38 NS0 PC . -28.40 15.06 44.42
C40 NS0 PC . -27.02 15.20 43.82
C37 NS0 PC . -29.36 16.12 43.89
C36 NS0 PC . -29.48 16.20 42.38
C35 NS0 PC . -30.59 17.10 41.95
C33 NS0 PC . -30.74 17.20 40.46
C34 NS0 PC . -30.61 18.59 39.91
C32 NS0 PC . -30.97 16.13 39.70
C31 NS0 PC . -31.70 16.08 38.40
C30 NS0 PC . -30.95 15.47 37.25
C28 NS0 PC . -31.77 15.49 35.98
C29 NS0 PC . -31.99 16.84 35.36
C27 NS0 PC . -32.25 14.36 35.48
C26 NS0 PC . -33.02 14.22 34.26
C25 NS0 PC . -33.49 13.05 33.74
C23 NS0 PC . -34.19 12.83 32.55
C24 NS0 PC . -34.65 13.99 31.76
C22 NS0 PC . -34.46 11.54 32.08
C21 NS0 PC . -34.92 11.14 30.85
C20 NS0 PC . -34.98 9.86 30.35
C19 NS0 PC . -35.36 9.42 29.11
C17 NS0 PC . -35.28 8.14 28.56
C18 NS0 PC . -34.66 7.05 29.36
C16 NS0 PC . -35.74 7.85 27.28
C15 NS0 PC . -35.66 6.68 26.55
C14 NS0 PC . -36.08 6.57 25.25
C12 NS0 PC . -35.95 5.49 24.39
C13 NS0 PC . -35.46 4.21 24.93
C11 NS0 PC . -36.22 5.59 23.01
C10 NS0 PC . -35.70 4.85 21.98
C9 NS0 PC . -36.06 4.89 20.58
C7 NS0 PC . -35.38 4.27 19.63
C8 NS0 PC . -34.05 3.61 19.85
C NS0 PC . -35.90 4.25 18.21
CA NS0 PC . -36.13 5.63 17.65
CB NS0 PC . -36.70 5.62 16.28
CG NS0 PC . -36.29 6.29 15.21
CD2 NS0 PC . -37.06 6.30 13.92
CD1 NS0 PC . -35.05 7.12 15.21
MG BCB QC . -41.19 11.43 18.07
CHA BCB QC . -38.70 12.86 20.00
CHB BCB QC . -41.71 9.12 20.50
CHC BCB QC . -43.81 10.27 16.10
CHD BCB QC . -40.84 14.12 15.69
NA BCB QC . -40.41 11.05 19.90
C1A BCB QC . -39.53 11.75 20.56
C2A BCB QC . -39.20 11.18 21.91
C3A BCB QC . -39.78 9.80 21.80
C4A BCB QC . -40.70 9.97 20.65
CMA BCB QC . -38.71 8.74 21.53
CAA BCB QC . -39.82 11.95 23.06
CBA BCB QC . -38.95 11.94 24.31
CGA BCB QC . -38.57 10.53 24.71
O1A BCB QC . -37.40 10.17 24.67
O2A BCB QC . -39.57 9.58 25.15
NB BCB QC . -42.67 10.03 18.36
C1B BCB QC . -42.49 8.92 19.28
C2B BCB QC . -43.35 7.76 18.95
C3B BCB QC . -43.97 8.13 17.64
C4B BCB QC . -43.45 9.47 17.26
CMB BCB QC . -43.47 6.53 19.80
CAB BCB QC . -44.93 7.36 16.77
OBB BCB QC . -45.29 7.82 15.71
CBB BCB QC . -45.49 6.04 17.22
NC BCB QC . -42.10 12.03 16.32
C1C BCB QC . -43.13 11.50 15.64
C2C BCB QC . -43.69 12.00 14.38
C3C BCB QC . -42.79 13.12 14.39
C4C BCB QC . -41.87 13.10 15.52
CMC BCB QC . -43.27 11.01 13.31
CAC BCB QC . -42.80 14.16 13.32
CBC BCB QC . -43.75 14.18 12.15
ND BCB QC . -40.18 13.21 17.97
C1D BCB QC . -39.90 14.00 16.78
C2D BCB QC . -38.71 14.84 16.99
C3D BCB QC . -38.22 14.34 18.30
C4D BCB QC . -39.03 13.36 18.70
CMD BCB QC . -38.05 15.88 16.14
CAD BCB QC . -37.14 14.47 19.29
OBD BCB QC . -36.15 15.28 19.21
CBD BCB QC . -37.42 13.53 20.43
CGD BCB QC . -36.28 12.63 20.76
O1D BCB QC . -35.65 12.06 19.89
O2D BCB QC . -35.90 12.44 22.13
CED BCB QC . -34.71 11.72 22.45
C1 BCB QC . -39.36 8.17 25.05
C2 BCB QC . -39.24 7.56 26.43
C3 BCB QC . -40.10 6.62 26.88
C4 BCB QC . -41.22 6.15 26.02
C5 BCB QC . -39.91 6.06 28.27
C6 BCB QC . -39.51 4.60 28.17
C7 BCB QC . -38.70 4.17 29.39
C8 BCB QC . -38.12 2.76 29.21
C9 BCB QC . -39.22 1.72 29.07
C10 BCB QC . -37.16 2.43 30.36
C11 BCB QC . -37.63 2.89 31.73
C12 BCB QC . -36.66 2.41 32.82
C13 BCB QC . -36.52 3.36 34.01
C14 BCB QC . -37.51 4.52 33.94
C15 BCB QC . -35.10 3.91 34.09
C16 BCB QC . -34.39 3.59 35.40
C17 BCB QC . -35.28 3.82 36.62
C18 BCB QC . -35.12 5.25 37.11
C19 BCB QC . -34.49 5.26 38.50
C20 BCB QC . -36.45 6.00 37.10
P PGV RC . -19.33 2.56 28.95
C01 PGV RC . -22.29 3.57 26.84
C02 PGV RC . -21.80 2.27 26.18
C03 PGV RC . -20.94 1.49 27.16
C04 PGV RC . -20.07 0.57 30.43
C05 PGV RC . -19.60 0.17 31.82
O01 PGV RC . -21.08 2.56 25.00
O02 PGV RC . -21.31 0.52 23.94
O03 PGV RC . -23.46 4.01 26.16
O04 PGV RC . -23.49 6.12 27.11
O05 PGV RC . -20.73 -0.31 32.56
O11 PGV RC . -19.73 2.19 27.44
O12 PGV RC . -19.03 1.14 29.64
O13 PGV RC . -20.55 3.11 29.64
O14 PGV RC . -18.07 3.41 28.93
C1 PGV RC . -21.44 1.72 23.86
C2 PGV RC . -21.98 2.38 22.61
C3 PGV RC . -22.22 1.36 21.50
C4 PGV RC . -22.85 2.07 20.30
C5 PGV RC . -22.95 1.17 19.06
C6 PGV RC . -23.58 1.95 17.91
C7 PGV RC . -23.43 1.25 16.57
C8 PGV RC . -24.72 0.57 16.13
C9 PGV RC . -25.15 1.04 14.75
C10 PGV RC . -26.28 0.20 14.17
C11 PGV RC . -27.55 0.41 14.95
C12 PGV RC . -28.69 0.78 14.37
C13 PGV RC . -28.79 1.05 12.90
C14 PGV RC . -29.83 0.13 12.27
C15 PGV RC . -30.24 0.59 10.87
C16 PGV RC . -30.72 -0.59 10.05
C17 PGV RC . -31.73 -0.22 8.98
C18 PGV RC . -31.11 -0.15 7.61
C19 PGV RC . -23.90 5.40 26.23
C20 PGV RC . -24.84 5.93 25.17
C21 PGV RC . -23.99 6.51 24.06
C22 PGV RC . -24.54 6.18 22.68
C23 PGV RC . -23.50 6.52 21.62
C24 PGV RC . -24.03 6.29 20.22
C25 PGV RC . -22.99 6.65 19.16
C26 PGV RC . -21.72 5.83 19.33
C27 PGV RC . -20.97 5.76 17.99
C28 PGV RC . -21.83 5.04 16.96
C29 PGV RC . -21.64 5.60 15.56
C30 PGV RC . -21.73 4.48 14.54
C31 PGV RC . -22.29 4.97 13.21
C32 PGV RC . -23.00 3.82 12.50
C33 PGV RC . -23.61 4.29 11.18
C34 PGV RC . -22.55 4.89 10.30
MG BCB SC . -42.34 3.22 17.91
CHA BCB SC . -41.88 1.02 20.57
CHB BCB SC . -39.97 5.23 19.24
CHC BCB SC . -42.89 5.29 15.13
CHD BCB SC . -44.20 0.70 16.17
NA BCB SC . -41.26 3.25 19.63
C1A BCB SC . -41.22 2.36 20.58
C2A BCB SC . -40.60 2.89 21.85
C3A BCB SC . -39.96 4.18 21.40
C4A BCB SC . -40.43 4.25 19.98
CMA BCB SC . -40.42 5.37 22.22
CAA BCB SC . -39.60 2.01 22.57
CBA BCB SC . -38.47 1.52 21.69
CGA BCB SC . -37.64 0.60 22.54
O1A BCB SC . -38.12 -0.37 23.07
O2A BCB SC . -36.23 0.89 22.75
NB BCB SC . -41.43 4.92 17.21
C1B BCB SC . -40.64 5.79 18.06
C2B BCB SC . -40.35 7.09 17.42
C3B BCB SC . -41.22 7.08 16.20
C4B BCB SC . -41.96 5.79 16.18
CMB BCB SC . -39.43 8.13 18.00
CAB BCB SC . -41.40 8.15 15.16
OBB BCB SC . -42.28 8.06 14.35
CBB BCB SC . -40.42 9.29 15.09
NC BCB SC . -43.32 3.06 16.10
C1C BCB SC . -43.47 3.93 15.08
C2C BCB SC . -44.22 3.68 13.82
C3C BCB SC . -44.53 2.33 14.24
C4C BCB SC . -43.99 2.01 15.57
CMC BCB SC . -45.49 4.52 13.86
CAC BCB SC . -45.31 1.38 13.40
CBC BCB SC . -45.87 1.66 12.03
ND BCB SC . -42.78 1.24 18.21
C1D BCB SC . -43.79 0.42 17.54
C2D BCB SC . -44.03 -0.83 18.32
C3D BCB SC . -43.25 -0.53 19.55
C4D BCB SC . -42.72 0.70 19.46
CMD BCB SC . -44.82 -2.08 18.12
CAD BCB SC . -42.93 -1.06 20.88
OBD BCB SC . -43.32 -2.19 21.34
CBD BCB SC . -42.04 -0.08 21.57
CGD BCB SC . -42.61 0.35 22.89
O1D BCB SC . -43.56 1.09 22.94
O2D BCB SC . -42.02 -0.16 24.10
CED BCB SC . -42.82 -0.86 25.04
C1 BCB SC . -35.43 -0.02 23.47
C2 BCB SC . -35.67 0.13 24.96
C3 BCB SC . -34.71 0.66 25.72
C4 BCB SC . -33.44 1.10 25.08
C5 BCB SC . -34.92 0.82 27.21
C6 BCB SC . -33.88 0.01 27.96
C7 BCB SC . -33.81 0.43 29.42
C8 BCB SC . -32.70 -0.32 30.15
C9 BCB SC . -33.00 -1.81 30.23
C10 BCB SC . -32.51 0.27 31.54
C11 BCB SC . -31.97 1.69 31.45
C12 BCB SC . -31.93 2.35 32.82
C13 BCB SC . -30.99 3.55 32.82
C14 BCB SC . -31.53 4.67 31.93
C15 BCB SC . -29.59 3.09 32.42
C16 BCB SC . -28.95 3.89 31.29
C17 BCB SC . -27.65 4.56 31.74
C18 BCB SC . -26.42 3.97 31.06
C19 BCB SC . -26.42 2.45 31.11
C20 BCB SC . -25.14 4.51 31.69
C39 NS0 TC . -30.64 -2.23 45.70
C38 NS0 TC . -30.74 -1.94 44.21
C40 NS0 TC . -29.55 -1.13 43.72
C37 NS0 TC . -32.07 -1.27 43.86
C36 NS0 TC . -32.25 -0.91 42.40
C35 NS0 TC . -33.66 -0.53 42.06
C33 NS0 TC . -33.84 -0.09 40.64
C34 NS0 TC . -34.51 1.24 40.46
C32 NS0 TC . -33.43 -0.84 39.62
C31 NS0 TC . -33.58 -0.58 38.16
C30 NS0 TC . -34.16 -1.76 37.41
C28 NS0 TC . -34.44 -1.52 35.94
C29 NS0 TC . -34.52 -0.09 35.51
C27 NS0 TC . -34.58 -2.56 35.13
C26 NS0 TC . -35.09 -2.59 33.78
C25 NS0 TC . -35.12 -3.72 33.01
C23 NS0 TC . -35.72 -3.94 31.76
C24 NS0 TC . -36.54 -2.88 31.14
C22 NS0 TC . -35.55 -5.16 31.06
C21 NS0 TC . -36.05 -5.53 29.84
C20 NS0 TC . -35.71 -6.66 29.10
C19 NS0 TC . -36.10 -7.10 27.87
C17 NS0 TC . -35.54 -8.13 27.10
C18 NS0 TC . -34.49 -8.98 27.71
C16 NS0 TC . -35.89 -8.37 25.78
C15 NS0 TC . -35.32 -9.23 24.87
C14 NS0 TC . -35.61 -9.26 23.53
C12 NS0 TC . -35.09 -10.06 22.53
C13 NS0 TC . -34.18 -11.17 22.91
C11 NS0 TC . -35.35 -9.85 21.17
C10 NS0 TC . -34.68 -10.33 20.09
C9 NS0 TC . -35.03 -10.18 18.71
C7 NS0 TC . -34.27 -10.58 17.69
C8 NS0 TC . -32.85 -11.03 17.83
C NS0 TC . -34.82 -10.56 16.28
CA NS0 TC . -35.46 -9.24 15.96
CB NS0 TC . -36.13 -9.22 14.61
CG NS0 TC . -36.04 -8.30 13.68
CD2 NS0 TC . -36.90 -8.29 12.45
CD1 NS0 TC . -35.07 -7.16 13.76
MG BCB UC . -42.11 -5.47 16.96
CHA BCB UC . -40.27 -3.59 19.22
CHB BCB UC . -41.67 -8.18 18.96
CHC BCB UC . -44.16 -7.17 14.70
CHD BCB UC . -42.80 -2.50 15.09
NA BCB UC . -41.19 -5.83 18.73
C1A BCB UC . -40.61 -4.99 19.54
C2A BCB UC . -40.04 -5.62 20.78
C3A BCB UC . -40.07 -7.08 20.40
C4A BCB UC . -41.04 -7.05 19.26
CMA BCB UC . -38.70 -7.54 19.96
CAA BCB UC . -40.87 -5.33 22.03
CBA BCB UC . -39.98 -5.29 23.27
CGA BCB UC . -39.23 -6.58 23.47
O1A BCB UC . -38.01 -6.60 23.55
O2A BCB UC . -39.96 -7.83 23.58
NB BCB UC . -42.95 -7.34 16.94
C1B BCB UC . -42.38 -8.44 17.69
C2B BCB UC . -42.81 -9.76 17.17
C3B BCB UC . -43.55 -9.44 15.91
C4B BCB UC . -43.52 -7.97 15.75
CMB BCB UC . -42.45 -11.06 17.84
CAB BCB UC . -44.20 -10.38 14.92
OBB BCB UC . -44.79 -9.93 13.95
CBB BCB UC . -44.21 -11.86 15.15
NC BCB UC . -43.21 -4.96 15.29
C1C BCB UC . -43.99 -5.72 14.48
C2C BCB UC . -44.71 -5.23 13.30
C3C BCB UC . -44.27 -3.88 13.53
C4C BCB UC . -43.39 -3.77 14.69
CMC BCB UC . -43.98 -5.78 12.07
CAC BCB UC . -44.66 -2.74 12.65
CBC BCB UC . -45.57 -2.83 11.45
ND BCB UC . -41.81 -3.47 17.21
C1D BCB UC . -41.86 -2.44 16.18
C2D BCB UC . -41.05 -1.27 16.59
C3D BCB UC . -40.40 -1.78 17.81
C4D BCB UC . -40.78 -3.04 18.00
CMD BCB UC . -40.81 0.07 15.99
CAD BCB UC . -39.42 -1.43 18.86
OBD BCB UC . -38.82 -0.31 18.94
CBD BCB UC . -39.30 -2.59 19.82
CGD BCB UC . -37.91 -3.09 20.03
O1D BCB UC . -37.13 -3.17 19.11
O2D BCB UC . -37.49 -3.46 21.36
CED BCB UC . -36.10 -3.62 21.66
C1 BCB UC . -39.31 -9.08 23.29
C2 BCB UC . -38.95 -9.74 24.58
C3 BCB UC . -39.46 -10.93 24.93
C4 BCB UC . -40.43 -11.64 24.04
C5 BCB UC . -39.06 -11.53 26.26
C6 BCB UC . -38.46 -12.91 26.06
C7 BCB UC . -37.23 -12.86 25.16
C8 BCB UC . -36.74 -14.27 24.87
C9 BCB UC . -37.75 -15.02 24.01
C10 BCB UC . -36.51 -14.98 26.19
C11 BCB UC . -35.11 -14.76 26.77
C12 BCB UC . -35.12 -13.75 27.92
C13 BCB UC . -34.82 -14.41 29.26
C14 BCB UC . -36.00 -15.21 29.77
C15 BCB UC . -34.43 -13.33 30.26
C16 BCB UC . -34.26 -13.90 31.66
C17 BCB UC . -34.81 -12.93 32.70
C18 BCB UC . -34.21 -13.19 34.07
C19 BCB UC . -34.82 -12.25 35.11
C20 BCB UC . -32.69 -13.05 34.05
MG BCB VC . -40.34 -13.41 15.53
CHA BCB VC . -39.17 -15.71 17.83
CHB BCB VC . -38.73 -10.95 17.24
CHC BCB VC . -41.57 -11.23 13.08
CHD BCB VC . -41.35 -16.11 13.37
NA BCB VC . -39.33 -13.28 17.27
C1A BCB VC . -38.99 -14.25 18.08
C2A BCB VC . -38.56 -13.76 19.45
C3A BCB VC . -38.49 -12.26 19.27
C4A BCB VC . -38.89 -12.14 17.83
CMA BCB VC . -39.44 -11.53 20.21
CAA BCB VC . -37.26 -14.30 20.02
CBA BCB VC . -36.09 -14.32 19.06
CGA BCB VC . -35.00 -15.14 19.70
O1A BCB VC . -35.10 -16.35 19.77
O2A BCB VC . -33.81 -14.51 20.26
NB BCB VC . -40.05 -11.41 15.13
C1B BCB VC . -39.55 -10.48 16.13
C2B BCB VC . -39.70 -9.07 15.68
C3B BCB VC . -40.55 -9.17 14.45
C4B BCB VC . -40.85 -10.62 14.20
CMB BCB VC . -39.16 -7.90 16.44
CAB BCB VC . -41.05 -8.05 13.57
OBB BCB VC . -41.67 -8.32 12.56
CBB BCB VC . -40.75 -6.61 13.86
NC BCB VC . -41.25 -13.61 13.68
C1C BCB VC . -41.69 -12.68 12.80
C2C BCB VC . -42.35 -12.95 11.50
C3C BCB VC . -42.21 -14.38 11.70
C4C BCB VC . -41.57 -14.72 12.98
CMC BCB VC . -43.80 -12.51 11.55
CAC BCB VC . -42.67 -15.40 10.71
CBC BCB VC . -43.31 -15.13 9.38
ND BCB VC . -40.13 -15.45 15.50
C1D BCB VC . -40.82 -16.44 14.68
C2D BCB VC . -40.63 -17.80 15.26
C3D BCB VC . -39.98 -17.45 16.54
C4D BCB VC . -39.88 -16.12 16.66
CMD BCB VC . -40.98 -19.20 14.84
CAD BCB VC . -39.47 -18.06 17.78
OBD BCB VC . -39.46 -19.31 18.05
CBD BCB VC . -38.94 -16.96 18.64
CGD BCB VC . -39.58 -16.99 19.98
O1D BCB VC . -40.73 -16.62 20.15
O2D BCB VC . -38.81 -17.52 21.09
CED BCB VC . -39.39 -18.45 21.99
C1 BCB VC . -32.88 -15.28 21.02
C2 BCB VC . -32.45 -14.58 22.28
C3 BCB VC . -32.65 -15.15 23.47
C4 BCB VC . -33.31 -16.49 23.58
C5 BCB VC . -32.20 -14.49 24.75
C6 BCB VC . -31.10 -15.37 25.30
C7 BCB VC . -31.10 -15.39 26.82
C8 BCB VC . -29.71 -15.74 27.35
C9 BCB VC . -29.18 -17.04 26.75
C10 BCB VC . -29.78 -15.82 28.87
C11 BCB VC . -30.01 -14.43 29.44
C12 BCB VC . -28.74 -13.59 29.30
C13 BCB VC . -28.23 -13.16 30.67
C14 BCB VC . -28.99 -11.96 31.21
C15 BCB VC . -26.74 -12.86 30.53
C16 BCB VC . -26.46 -11.44 30.08
C17 BCB VC . -25.24 -11.39 29.18
C18 BCB VC . -24.53 -10.04 29.28
C19 BCB VC . -23.81 -9.90 30.61
C20 BCB VC . -25.51 -8.89 29.06
C1B LMT WC . -10.85 -20.91 28.80
O1B LMT WC . -10.57 -21.91 27.82
O5B LMT WC . -12.04 -21.26 29.49
C1' LMT WC . -11.06 -22.56 23.89
C2' LMT WC . -10.82 -21.08 24.17
C3' LMT WC . -10.34 -20.97 25.61
C4' LMT WC . -11.28 -21.68 26.60
C5' LMT WC . -11.75 -23.04 26.07
C6' LMT WC . -12.93 -23.58 26.88
O1' LMT WC . -11.35 -22.80 22.52
O2' LMT WC . -9.85 -20.56 23.27
O3' LMT WC . -10.21 -19.58 25.97
O5' LMT WC . -12.15 -22.96 24.70
O6' LMT WC . -12.58 -23.67 28.27
C1 LMT WC . -11.42 -24.21 22.32
C2 LMT WC . -11.78 -24.52 20.87
C3 LMT WC . -10.64 -24.13 19.94
C4 LMT WC . -10.78 -24.85 18.60
C5 LMT WC . -11.87 -24.24 17.74
C6 LMT WC . -12.06 -25.11 16.50
C7 LMT WC . -12.89 -24.43 15.42
C8 LMT WC . -13.05 -25.37 14.23
C9 LMT WC . -13.99 -24.84 13.16
C10 LMT WC . -14.41 -25.96 12.23
C11 LMT WC . -15.09 -25.45 10.97
C12 LMT WC . -15.41 -26.59 10.03
C39 NS0 XC . -26.96 -19.19 42.09
C38 NS0 XC . -27.17 -18.65 40.68
C40 NS0 XC . -26.31 -17.42 40.46
C37 NS0 XC . -28.64 -18.37 40.40
C36 NS0 XC . -28.96 -17.91 38.99
C35 NS0 XC . -30.42 -17.71 38.76
C33 NS0 XC . -30.78 -17.33 37.36
C34 NS0 XC . -31.56 -16.05 37.22
C32 NS0 XC . -30.42 -18.09 36.32
C31 NS0 XC . -31.10 -18.20 35.00
C30 NS0 XC . -30.23 -17.91 33.80
C28 NS0 XC . -31.01 -18.07 32.51
C29 NS0 XC . -32.15 -17.12 32.31
C27 NS0 XC . -30.66 -19.00 31.64
C26 NS0 XC . -31.27 -19.23 30.36
C25 NS0 XC . -30.94 -20.21 29.45
C23 NS0 XC . -31.46 -20.43 28.16
C24 NS0 XC . -32.59 -19.61 27.69
C22 NS0 XC . -30.93 -21.40 27.30
C21 NS0 XC . -31.27 -21.67 26.00
C20 NS0 XC . -30.70 -22.56 25.13
C19 NS0 XC . -30.93 -22.77 23.78
C17 NS0 XC . -30.24 -23.60 22.91
C18 NS0 XC . -29.31 -24.62 23.46
C16 NS0 XC . -30.37 -23.50 21.51
C15 NS0 XC . -29.64 -24.12 20.53
C14 NS0 XC . -29.86 -23.92 19.19
C12 NS0 XC . -29.11 -24.34 18.08
C13 NS0 XC . -27.91 -25.17 18.33
C11 NS0 XC . -29.44 -24.00 16.77
C10 NS0 XC . -28.64 -24.03 15.65
C9 NS0 XC . -29.06 -23.91 14.29
C7 NS0 XC . -28.26 -23.82 13.23
C8 NS0 XC . -26.81 -23.47 13.32
C NS0 XC . -28.80 -24.07 11.85
CA NS0 XC . -30.06 -23.30 11.50
CB NS0 XC . -29.82 -21.85 11.27
CG NS0 XC . -30.15 -21.13 10.21
CD2 NS0 XC . -31.00 -21.65 9.10
CD1 NS0 XC . -29.72 -19.70 10.05
MG BCB YC . -37.52 -21.37 13.30
CHA BCB YC . -36.21 -19.39 15.81
CHB BCB YC . -36.27 -24.09 14.87
CHC BCB YC . -39.06 -23.25 10.78
CHD BCB YC . -39.10 -18.48 11.87
NA BCB YC . -36.48 -21.71 15.00
C1A BCB YC . -36.15 -20.86 15.93
C2A BCB YC . -35.40 -21.47 17.07
C3A BCB YC . -34.98 -22.79 16.46
C4A BCB YC . -35.96 -22.90 15.34
CMA BCB YC . -33.55 -22.75 15.95
CAA BCB YC . -36.29 -21.60 18.31
CBA BCB YC . -35.43 -21.70 19.57
CGA BCB YC . -34.94 -23.11 19.65
O1A BCB YC . -35.71 -24.01 19.94
O2A BCB YC . -33.56 -23.44 19.35
NB BCB YC . -37.79 -23.39 12.99
C1B BCB YC . -36.87 -24.36 13.57
C2B BCB YC . -36.86 -25.64 12.82
C3B BCB YC . -37.69 -25.37 11.61
C4B BCB YC . -38.16 -23.96 11.69
CMB BCB YC . -36.08 -26.85 13.25
CAB BCB YC . -38.01 -26.28 10.46
OBB BCB YC . -38.75 -25.88 9.57
CBB BCB YC . -37.52 -27.70 10.43
NC BCB YC . -38.77 -20.97 11.70
C1C BCB YC . -39.32 -21.79 10.78
C2C BCB YC . -40.18 -21.36 9.67
C3C BCB YC . -40.15 -20.00 10.10
C4C BCB YC . -39.31 -19.79 11.28
CMC BCB YC . -39.35 -21.51 8.41
CAC BCB YC . -40.88 -18.91 9.38
CBC BCB YC . -41.76 -19.11 8.16
ND BCB YC . -37.80 -19.43 13.84
C1D BCB YC . -38.17 -18.32 12.97
C2D BCB YC . -37.71 -17.04 13.54
C3D BCB YC . -36.90 -17.51 14.69
C4D BCB YC . -36.91 -18.84 14.69
CMD BCB YC . -37.90 -15.64 13.11
CAD BCB YC . -36.00 -17.06 15.77
OBD BCB YC . -35.72 -15.84 16.03
CBD BCB YC . -35.55 -18.26 16.56
CGD BCB YC . -34.08 -18.33 16.76
O1D BCB YC . -33.31 -18.17 15.84
O2D BCB YC . -33.57 -18.55 18.10
CED BCB YC . -32.20 -18.36 18.40
C1 BCB YC . -33.22 -24.78 18.96
C2 BCB YC . -32.73 -25.57 20.14
C3 BCB YC . -32.88 -26.90 20.23
C4 BCB YC . -33.56 -27.68 19.14
C5 BCB YC . -32.36 -27.61 21.45
C6 BCB YC . -31.46 -28.76 21.02
C7 BCB YC . -30.27 -28.29 20.20
C8 BCB YC . -29.47 -29.47 19.66
C9 BCB YC . -30.35 -30.35 18.78
C10 BCB YC . -28.90 -30.30 20.81
C11 BCB YC . -28.12 -29.46 21.81
C12 BCB YC . -27.80 -30.27 23.06
C13 BCB YC . -27.98 -29.44 24.32
C14 BCB YC . -27.08 -28.20 24.28
C15 BCB YC . -27.73 -30.32 25.54
C16 BCB YC . -26.96 -29.61 26.66
C17 BCB YC . -27.89 -29.00 27.71
C18 BCB YC . -27.23 -29.10 29.08
C19 BCB YC . -28.05 -28.42 30.17
C20 BCB YC . -25.80 -28.53 29.06
P PGV ZC . -33.27 -17.72 -2.12
C01 PGV ZC . -30.04 -18.22 0.33
C02 PGV ZC . -31.19 -17.67 1.16
C03 PGV ZC . -32.52 -17.85 0.44
C04 PGV ZC . -34.35 -16.18 -3.97
C05 PGV ZC . -34.36 -14.71 -4.36
C06 PGV ZC . -35.75 -14.30 -4.81
O01 PGV ZC . -30.93 -16.29 1.40
O02 PGV ZC . -31.48 -16.53 3.61
O03 PGV ZC . -28.81 -17.99 1.00
O04 PGV ZC . -27.59 -19.30 -0.46
O05 PGV ZC . -33.44 -14.47 -5.42
O06 PGV ZC . -36.49 -13.85 -3.67
O11 PGV ZC . -32.46 -17.19 -0.83
O12 PGV ZC . -33.27 -16.42 -3.08
O13 PGV ZC . -34.69 -17.98 -1.70
O14 PGV ZC . -32.46 -18.81 -2.78
C1 PGV ZC . -30.70 -16.06 2.81
C2 PGV ZC . -29.52 -15.23 3.25
C3 PGV ZC . -29.60 -14.97 4.74
C4 PGV ZC . -28.58 -13.92 5.16
C5 PGV ZC . -29.20 -12.94 6.15
C6 PGV ZC . -28.15 -12.01 6.71
C7 PGV ZC . -28.79 -10.93 7.57
C8 PGV ZC . -27.79 -10.26 8.48
C9 PGV ZC . -28.41 -9.14 9.30
C10 PGV ZC . -27.42 -8.68 10.37
C11 PGV ZC . -27.61 -7.21 10.67
C12 PGV ZC . -27.23 -6.73 11.84
C13 PGV ZC . -27.42 -5.26 12.12
C14 PGV ZC . -27.81 -5.05 13.58
C15 PGV ZC . -27.76 -3.57 13.91
C19 PGV ZC . -27.57 -18.61 0.55
C20 PGV ZC . -26.29 -18.39 1.30
C21 PGV ZC . -26.21 -16.94 1.71
C22 PGV ZC . -25.10 -16.68 2.73
C23 PGV ZC . -23.80 -16.31 2.04
C24 PGV ZC . -22.74 -15.90 3.06
C25 PGV ZC . -22.90 -14.44 3.48
C26 PGV ZC . -21.89 -14.10 4.55
C27 PGV ZC . -22.07 -12.68 5.07
C28 PGV ZC . -23.53 -12.39 5.41
C29 PGV ZC . -23.68 -11.74 6.79
C30 PGV ZC . -22.54 -10.78 7.11
C31 PGV ZC . -22.90 -9.89 8.29
C32 PGV ZC . -21.65 -9.34 8.99
C33 PGV ZC . -22.03 -8.44 10.16
C34 PGV ZC . -20.82 -7.78 10.77
MG BCB AD . -33.32 -28.02 10.54
CHA BCB AD . -31.42 -30.23 12.44
CHB BCB AD . -32.54 -25.52 12.71
CHC BCB AD . -35.26 -25.94 8.50
CHD BCB AD . -33.51 -30.47 7.92
NA BCB AD . -32.29 -27.89 12.29
C1A BCB AD . -31.64 -28.83 12.92
C2A BCB AD . -31.25 -28.44 14.33
C3A BCB AD . -31.57 -26.96 14.37
C4A BCB AD . -32.19 -26.76 13.03
CMA BCB AD . -32.54 -26.64 15.50
CAA BCB AD . -29.83 -28.73 14.78
CBA BCB AD . -28.74 -27.98 14.04
CGA BCB AD . -27.43 -28.44 14.66
O1A BCB AD . -27.12 -29.61 14.59
O2A BCB AD . -26.54 -27.52 15.34
NB BCB AD . -33.69 -25.99 10.51
C1B BCB AD . -33.50 -25.15 11.67
C2B BCB AD . -34.14 -23.83 11.50
C3B BCB AD . -34.94 -23.96 10.24
C4B BCB AD . -34.74 -25.35 9.74
CMB BCB AD . -33.98 -22.70 12.48
CAB BCB AD . -35.83 -22.95 9.57
OBB BCB AD . -36.44 -23.24 8.55
CBB BCB AD . -35.93 -21.54 10.09
NC BCB AD . -34.19 -28.16 8.67
C1C BCB AD . -34.93 -27.27 7.97
C2C BCB AD . -35.52 -27.53 6.62
C3C BCB AD . -34.93 -28.84 6.57
C4C BCB AD . -34.17 -29.18 7.77
CMC BCB AD . -37.03 -27.62 6.79
CAC BCB AD . -35.09 -29.74 5.40
CBC BCB AD . -35.86 -29.40 4.14
ND BCB AD . -32.49 -29.86 10.16
C1D BCB AD . -32.89 -30.85 9.17
C2D BCB AD . -32.30 -32.17 9.52
C3D BCB AD . -31.74 -31.87 10.85
C4D BCB AD . -32.01 -30.61 11.19
CMD BCB AD . -32.25 -33.52 8.86
CAD BCB AD . -31.05 -32.52 11.98
OBD BCB AD . -30.69 -33.74 12.02
CBD BCB AD . -30.80 -31.46 13.03
CGD BCB AD . -31.33 -31.89 14.37
O1D BCB AD . -32.52 -31.93 14.59
O2D BCB AD . -30.38 -32.27 15.38
CED BCB AD . -30.50 -33.54 16.02
C1 BCB AD . -25.27 -27.97 15.80
C2 BCB AD . -24.94 -27.51 17.20
C3 BCB AD . -25.03 -28.37 18.22
C4 BCB AD . -25.47 -29.78 17.95
C5 BCB AD . -24.71 -27.98 19.64
C6 BCB AD . -23.79 -29.07 20.20
C7 BCB AD . -23.63 -29.00 21.72
C8 BCB AD . -22.15 -29.07 22.14
C9 BCB AD . -21.36 -30.04 21.27
C10 BCB AD . -22.06 -29.48 23.60
C11 BCB AD . -22.73 -28.46 24.51
C12 BCB AD . -21.92 -27.18 24.56
C13 BCB AD . -21.49 -26.85 25.99
C14 BCB AD . -22.61 -26.18 26.77
C15 BCB AD . -20.23 -25.99 25.96
C16 BCB AD . -20.55 -24.49 25.93
C17 BCB AD . -20.48 -23.93 24.51
C18 BCB AD . -20.16 -22.45 24.51
C19 BCB AD . -18.91 -22.16 25.35
C20 BCB AD . -21.35 -21.62 25.01
C39 NS0 BD . -5.27 -44.59 27.36
C38 NS0 BD . -6.15 -43.91 26.34
C40 NS0 BD . -5.86 -42.42 26.28
C37 NS0 BD . -7.63 -44.16 26.61
C36 NS0 BD . -8.59 -43.63 25.57
C35 NS0 BD . -8.65 -44.47 24.34
C33 NS0 BD . -9.52 -43.88 23.27
C34 NS0 BD . -10.88 -43.45 23.70
C32 NS0 BD . -9.06 -43.74 22.03
C31 NS0 BD . -9.75 -43.09 20.86
C30 NS0 BD . -10.08 -44.11 19.81
C28 NS0 BD . -10.61 -43.51 18.53
C29 NS0 BD . -11.88 -42.73 18.64
C27 NS0 BD . -9.95 -43.72 17.39
C26 NS0 BD . -10.46 -43.58 16.06
C25 NS0 BD . -9.77 -43.94 14.93
C23 NS0 BD . -10.21 -43.96 13.61
C24 NS0 BD . -11.66 -43.82 13.33
C22 NS0 BD . -9.34 -44.10 12.54
C21 NS0 BD . -9.59 -43.96 11.20
C20 NS0 BD . -8.67 -43.88 10.18
C19 NS0 BD . -8.83 -43.67 8.85
C17 NS0 BD . -7.83 -43.49 7.88
C18 NS0 BD . -6.41 -43.57 8.31
C16 NS0 BD . -8.12 -43.21 6.56
C15 NS0 BD . -7.27 -42.81 5.55
C14 NS0 BD . -7.72 -42.45 4.31
C12 NS0 BD . -7.01 -41.98 3.21
C13 NS0 BD . -5.54 -41.92 3.31
C11 NS0 BD . -7.65 -41.53 2.05
C10 NS0 BD . -7.15 -40.75 1.04
C9 NS0 BD . -7.93 -40.11 0.02
C7 NS0 BD . -7.49 -39.03 -0.63
C8 NS0 BD . -6.07 -38.57 -0.56
C NS0 BD . -8.43 -38.16 -1.42
CA NS0 BD . -9.05 -38.70 -2.68
CB NS0 BD . -9.67 -37.56 -3.43
CG NS0 BD . -10.90 -37.43 -3.90
CD2 NS0 BD . -11.80 -38.60 -4.16
CD1 NS0 BD . -11.51 -36.12 -4.26
C39 NS0 CD . -17.65 -34.41 35.88
C38 NS0 CD . -18.03 -33.46 34.75
C40 NS0 CD . -17.53 -32.06 35.05
C37 NS0 CD . -19.54 -33.49 34.48
C36 NS0 CD . -20.00 -32.70 33.27
C35 NS0 CD . -21.47 -32.82 33.03
C33 NS0 CD . -21.91 -32.18 31.75
C34 NS0 CD . -23.11 -31.29 31.86
C32 NS0 CD . -21.29 -32.42 30.60
C31 NS0 CD . -21.64 -31.92 29.24
C30 NS0 CD . -22.08 -33.04 28.33
C28 NS0 CD . -22.61 -32.63 26.98
C29 NS0 CD . -23.77 -31.68 27.00
C27 NS0 CD . -22.05 -33.11 25.88
C26 NS0 CD . -22.56 -33.09 24.54
C25 NS0 CD . -22.01 -33.78 23.49
C23 NS0 CD . -22.49 -33.96 22.19
C24 NS0 CD . -23.85 -33.48 21.85
C22 NS0 CD . -21.72 -34.57 21.20
C21 NS0 CD . -22.02 -34.76 19.87
C20 NS0 CD . -21.18 -35.22 18.87
C19 NS0 CD . -21.36 -35.33 17.52
C17 NS0 CD . -20.42 -35.71 16.56
C18 NS0 CD . -19.11 -36.23 17.01
C16 NS0 CD . -20.65 -35.59 15.19
C15 NS0 CD . -19.78 -35.74 14.13
C14 NS0 CD . -20.14 -35.52 12.82
C12 NS0 CD . -19.36 -35.55 11.67
C13 NS0 CD . -17.95 -36.01 11.76
C11 NS0 CD . -19.85 -35.14 10.42
C10 NS0 CD . -19.16 -34.79 9.28
C9 NS0 CD . -19.71 -34.35 8.03
C7 NS0 CD . -19.01 -33.88 7.01
C8 NS0 CD . -17.57 -33.48 7.12
C NS0 CD . -19.64 -33.70 5.66
CA NS0 CD . -20.86 -32.80 5.68
CB NS0 CD . -21.46 -32.62 4.32
CG NS0 CD . -21.71 -31.48 3.70
CD2 NS0 CD . -22.34 -31.43 2.34
CD1 NS0 CD . -21.42 -30.13 4.30
MG BCB DD . -28.25 -34.18 7.02
CHA BCB DD . -27.58 -32.37 9.90
CHB BCB DD . -26.21 -36.65 8.14
CHC BCB DD . -29.14 -35.95 4.12
CHD BCB DD . -30.70 -31.76 6.07
NA BCB DD . -27.12 -34.48 8.67
C1A BCB DD . -27.04 -33.75 9.75
C2A BCB DD . -26.13 -34.31 10.80
C3A BCB DD . -25.37 -35.33 10.00
C4A BCB DD . -26.28 -35.52 8.84
CMA BCB DD . -24.00 -34.82 9.60
CAA BCB DD . -26.86 -34.95 11.97
CBA BCB DD . -26.07 -34.86 13.28
CGA BCB DD . -24.67 -35.41 13.15
O1A BCB DD . -23.70 -34.68 13.33
O2A BCB DD . -24.44 -36.81 12.80
NB BCB DD . -27.89 -36.09 6.34
C1B BCB DD . -26.72 -36.83 6.79
C2B BCB DD . -26.32 -37.90 5.85
C3B BCB DD . -27.20 -37.68 4.65
C4B BCB DD . -28.07 -36.52 4.96
CMB BCB DD . -25.23 -38.89 6.11
CAB BCB DD . -27.25 -38.43 3.34
OBB BCB DD . -27.97 -38.03 2.45
CBB BCB DD . -26.47 -39.69 3.15
NC BCB DD . -29.58 -33.93 5.46
C1C BCB DD . -29.85 -34.69 4.37
C2C BCB DD . -30.82 -34.36 3.32
C3C BCB DD . -31.22 -33.17 4.01
C4C BCB DD . -30.48 -32.93 5.24
CMC BCB DD . -30.03 -33.98 2.07
CAC BCB DD . -32.28 -32.26 3.49
CBC BCB DD . -33.06 -32.47 2.22
ND BCB DD . -29.12 -32.55 7.89
C1D BCB DD . -29.85 -31.49 7.22
C2D BCB DD . -29.80 -30.25 8.03
C3D BCB DD . -28.85 -30.63 9.09
C4D BCB DD . -28.44 -31.87 8.86
CMD BCB DD . -30.42 -28.91 7.89
CAD BCB DD . -28.13 -30.12 10.27
OBD BCB DD . -28.24 -28.95 10.78
CBD BCB DD . -27.30 -31.24 10.85
CGD BCB DD . -25.85 -30.92 11.06
O1D BCB DD . -25.23 -30.23 10.27
O2D BCB DD . -25.19 -31.44 12.23
CED BCB DD . -24.06 -30.78 12.78
C1 BCB DD . -23.24 -37.23 12.18
C2 BCB DD . -22.46 -38.14 13.09
C3 BCB DD . -22.30 -39.44 12.81
C4 BCB DD . -22.91 -40.03 11.58
C5 BCB DD . -21.51 -40.32 13.73
C6 BCB DD . -20.25 -40.76 13.00
C7 BCB DD . -19.18 -39.69 13.13
C8 BCB DD . -17.78 -40.19 12.75
C9 BCB DD . -17.76 -40.66 11.30
C10 BCB DD . -17.32 -41.30 13.68
C11 BCB DD . -17.67 -41.02 15.14
C12 BCB DD . -16.65 -40.14 15.85
C13 BCB DD . -15.69 -40.97 16.70
C14 BCB DD . -16.19 -42.38 16.97
C15 BCB DD . -15.44 -40.20 18.00
C16 BCB DD . -16.34 -40.69 19.14
C17 BCB DD . -15.52 -41.27 20.29
C18 BCB DD . -15.44 -40.29 21.44
C19 BCB DD . -14.23 -39.36 21.30
C20 BCB DD . -15.46 -41.01 22.78
MG BCB ED . -22.46 -38.76 3.33
CHA BCB ED . -19.98 -40.67 4.86
CHB BCB ED . -22.32 -36.57 5.91
CHC BCB ED . -24.92 -36.95 1.62
CHD BCB ED . -22.04 -40.67 0.32
NA BCB ED . -21.49 -38.68 5.11
C1A BCB ED . -20.61 -39.51 5.57
C2A BCB ED . -20.41 -39.35 7.06
C3A BCB ED . -21.16 -38.08 7.38
C4A BCB ED . -21.71 -37.74 6.05
CMA BCB ED . -22.25 -38.32 8.41
CAA BCB ED . -18.98 -39.30 7.58
CBA BCB ED . -18.12 -38.29 6.88
CGA BCB ED . -16.77 -38.37 7.54
O1A BCB ED . -16.11 -39.38 7.46
O2A BCB ED . -16.25 -37.23 8.30
NB BCB ED . -23.36 -36.94 3.64
C1B BCB ED . -23.38 -36.29 4.94
C2B BCB ED . -24.35 -35.17 4.98
C3B BCB ED . -25.12 -35.29 3.69
C4B BCB ED . -24.55 -36.47 2.96
CMB BCB ED . -24.50 -34.23 6.14
CAB BCB ED . -26.26 -34.46 3.19
OBB BCB ED . -26.79 -34.77 2.15
CBB BCB ED . -26.69 -33.22 3.91
NC BCB ED . -23.30 -38.80 1.45
C1C BCB ED . -24.27 -38.04 0.86
C2C BCB ED . -24.78 -38.19 -0.52
C3C BCB ED . -23.86 -39.27 -0.77
C4C BCB ED . -23.02 -39.60 0.38
CMC BCB ED . -26.21 -38.71 -0.43
CAC BCB ED . -23.77 -40.00 -2.07
CBC BCB ED . -24.60 -39.71 -3.30
ND BCB ED . -21.18 -40.21 2.67
C1D BCB ED . -21.30 -41.08 1.50
C2D BCB ED . -20.36 -42.21 1.61
C3D BCB ED . -19.87 -42.03 2.99
C4D BCB ED . -20.49 -40.98 3.55
CMD BCB ED . -19.96 -43.35 0.72
CAD BCB ED . -19.00 -42.63 4.02
OBD BCB ED . -18.31 -43.70 3.84
CBD BCB ED . -19.05 -41.78 5.24
CGD BCB ED . -19.45 -42.63 6.40
O1D BCB ED . -20.57 -43.08 6.50
O2D BCB ED . -18.46 -42.93 7.40
CED BCB ED . -18.16 -44.29 7.74
C1 BCB ED . -14.90 -37.25 8.77
C2 BCB ED . -14.79 -37.19 10.28
C3 BCB ED . -14.51 -38.31 10.96
C4 BCB ED . -14.33 -39.59 10.20
C5 BCB ED . -14.37 -38.33 12.46
C6 BCB ED . -13.03 -38.96 12.84
C7 BCB ED . -12.98 -39.36 14.31
C8 BCB ED . -11.70 -38.88 15.01
C9 BCB ED . -10.50 -39.69 14.54
C10 BCB ED . -11.88 -38.97 16.53
C11 BCB ED . -10.90 -38.07 17.26
C12 BCB ED . -11.60 -36.90 17.96
C13 BCB ED . -10.75 -35.63 17.94
C14 BCB ED . -9.55 -35.72 18.86
C15 BCB ED . -11.60 -34.41 18.30
C16 BCB ED . -10.82 -33.13 18.10
C17 BCB ED . -11.63 -31.91 18.51
C18 BCB ED . -10.93 -30.62 18.08
C19 BCB ED . -10.86 -30.53 16.55
C20 BCB ED . -9.54 -30.51 18.69
MG BCB FD . -15.96 -42.45 -1.11
CHA BCB FD . -15.85 -41.19 2.10
CHB BCB FD . -13.29 -44.40 -0.38
CHC BCB FD . -16.33 -43.77 -4.32
CHD BCB FD . -19.03 -40.70 -1.67
NA BCB FD . -14.80 -42.76 0.51
C1A BCB FD . -14.94 -42.28 1.71
C2A BCB FD . -13.90 -42.77 2.68
C3A BCB FD . -12.86 -43.30 1.74
C4A BCB FD . -13.68 -43.50 0.51
CMA BCB FD . -11.72 -42.31 1.55
CAA BCB FD . -14.41 -43.83 3.64
CBA BCB FD . -13.65 -43.78 4.95
CGA BCB FD . -12.16 -43.91 4.75
O1A BCB FD . -11.40 -43.00 5.06
O2A BCB FD . -11.59 -45.12 4.17
NB BCB FD . -15.06 -44.00 -2.12
C1B BCB FD . -13.73 -44.45 -1.77
C2B BCB FD . -13.04 -45.14 -2.89
C3B BCB FD . -13.97 -44.93 -4.05
C4B BCB FD . -15.13 -44.15 -3.56
CMB BCB FD . -11.69 -45.79 -2.76
CAB BCB FD . -13.81 -45.37 -5.48
OBB BCB FD . -14.67 -45.09 -6.29
CBB BCB FD . -12.62 -46.17 -5.91
NC BCB FD . -17.34 -42.28 -2.64
C1C BCB FD . -17.39 -42.85 -3.86
C2C BCB FD . -18.42 -42.62 -4.89
C3C BCB FD . -19.15 -41.75 -4.01
C4C BCB FD . -18.49 -41.56 -2.71
CMC BCB FD . -17.75 -41.77 -5.96
CAC BCB FD . -20.43 -41.12 -4.42
CBC BCB FD . -21.11 -41.32 -5.74
ND BCB FD . -17.28 -41.38 0.03
C1D BCB FD . -18.29 -40.45 -0.46
C2D BCB FD . -18.58 -39.43 0.56
C3D BCB FD . -17.56 -39.74 1.59
C4D BCB FD . -16.81 -40.75 1.14
CMD BCB FD . -19.56 -38.32 0.63
CAD BCB FD . -17.01 -39.31 2.88
OBD BCB FD . -17.45 -38.33 3.58
CBD BCB FD . -15.90 -40.25 3.27
CGD BCB FD . -14.60 -39.59 3.62
O1D BCB FD . -14.15 -38.68 2.97
O2D BCB FD . -13.89 -40.09 4.78
CED BCB FD . -12.82 -39.35 5.37
C1 BCB FD . -10.32 -45.11 3.52
C2 BCB FD . -9.29 -45.76 4.41
C3 BCB FD . -8.59 -46.84 4.03
C4 BCB FD . -8.79 -47.48 2.68
C5 BCB FD . -7.58 -47.44 4.98
C6 BCB FD . -6.24 -47.58 4.26
C7 BCB FD . -5.62 -46.22 3.98
C8 BCB FD . -4.23 -46.36 3.38
C9 BCB FD . -4.27 -46.82 1.93
C10 BCB FD . -3.40 -47.30 4.24
C11 BCB FD . -3.00 -46.62 5.53
C12 BCB FD . -3.31 -47.49 6.75
C13 BCB FD . -2.05 -47.74 7.57
C14 BCB FD . -1.06 -48.58 6.80
C15 BCB FD . -2.43 -48.41 8.89
C16 BCB FD . -1.56 -47.92 10.03
C17 BCB FD . -2.39 -47.69 11.29
C18 BCB FD . -2.11 -48.76 12.34
C19 BCB FD . -3.39 -49.20 13.02
C20 BCB FD . -1.10 -48.28 13.37
C39 NS0 GD . 8.96 -49.90 18.68
C38 NS0 GD . 8.21 -49.23 17.53
C40 NS0 GD . 7.84 -47.80 17.91
C37 NS0 GD . 6.99 -50.04 17.12
C36 NS0 GD . 6.18 -49.45 15.97
C35 NS0 GD . 5.20 -50.41 15.36
C33 NS0 GD . 4.36 -49.77 14.29
C34 NS0 GD . 2.89 -49.75 14.57
C32 NS0 GD . 4.92 -49.25 13.20
C31 NS0 GD . 4.22 -48.53 12.08
C30 NS0 GD . 4.47 -49.18 10.74
C28 NS0 GD . 3.74 -48.57 9.58
C29 NS0 GD . 2.24 -48.52 9.71
C27 NS0 GD . 4.40 -48.13 8.53
C26 NS0 GD . 3.90 -47.93 7.20
C25 NS0 GD . 4.65 -47.59 6.10
C23 NS0 GD . 4.27 -47.51 4.76
C24 NS0 GD . 2.91 -47.92 4.38
C22 NS0 GD . 5.14 -47.06 3.76
C21 NS0 GD . 4.88 -46.85 2.43
C20 NS0 GD . 5.72 -46.30 1.48
C19 NS0 GD . 5.46 -45.90 0.20
C17 NS0 GD . 6.30 -45.18 -0.67
C18 NS0 GD . 7.70 -44.93 -0.27
C16 NS0 GD . 5.84 -44.69 -1.89
C15 NS0 GD . 6.50 -43.90 -2.79
C14 NS0 GD . 5.93 -43.42 -3.94
C12 NS0 GD . 6.50 -42.58 -4.90
C13 NS0 GD . 7.93 -42.24 -4.79
C11 NS0 GD . 5.74 -42.02 -5.93
C10 NS0 GD . 6.05 -40.93 -6.71
C9 NS0 GD . 5.31 -40.45 -7.83
C7 NS0 GD . 5.53 -39.30 -8.45
C8 NS0 GD . 6.43 -38.22 -7.92
C NS0 GD . 4.86 -39.01 -9.77
CA NS0 GD . 3.36 -39.15 -9.67
CB NS0 GD . 2.67 -38.89 -10.97
CG NS0 GD . 1.74 -37.99 -11.22
CD2 NS0 GD . 1.02 -37.94 -12.54
CD1 NS0 GD . 1.29 -36.97 -10.22
MG BCB HD . -9.04 -44.23 -5.36
CHA BCB HD . -6.12 -45.61 -4.11
CHB BCB HD . -9.62 -42.76 -2.35
CHC BCB HD . -11.95 -42.96 -6.80
CHD BCB HD . -8.06 -45.23 -8.67
NA BCB HD . -8.16 -44.26 -3.54
C1A BCB HD . -7.05 -44.88 -3.20
C2A BCB HD . -6.87 -44.99 -1.70
C3A BCB HD . -7.95 -44.08 -1.17
C4A BCB HD . -8.64 -43.67 -2.43
CMA BCB HD . -8.87 -44.78 -0.18
CAA BCB HD . -5.50 -44.63 -1.15
CBA BCB HD . -5.11 -43.19 -1.43
CGA BCB HD . -3.73 -42.97 -0.85
O1A BCB HD . -2.79 -43.64 -1.24
O2A BCB HD . -3.53 -41.95 0.17
NB BCB HD . -10.48 -42.90 -4.71
C1B BCB HD . -10.70 -42.61 -3.32
C2B BCB HD . -11.97 -41.88 -3.11
C3B BCB HD . -12.65 -41.94 -4.45
C4B BCB HD . -11.75 -42.69 -5.37
CMB BCB HD . -12.41 -41.29 -1.80
CAB BCB HD . -13.99 -41.40 -4.87
OBB BCB HD . -14.34 -41.52 -6.02
CBB BCB HD . -14.85 -40.60 -3.93
NC BCB HD . -9.84 -44.13 -7.27
C1C BCB HD . -11.00 -43.60 -7.72
C2C BCB HD . -11.47 -43.62 -9.13
C3C BCB HD . -10.26 -44.27 -9.55
C4C BCB HD . -9.34 -44.57 -8.46
CMC BCB HD . -12.65 -44.57 -9.21
CAC BCB HD . -9.98 -44.63 -10.98
CBC BCB HD . -10.90 -44.33 -12.14
ND BCB HD . -7.38 -45.05 -6.23
C1D BCB HD . -7.24 -45.65 -7.56
C2D BCB HD . -5.99 -46.46 -7.62
C3D BCB HD . -5.59 -46.44 -6.20
C4D BCB HD . -6.50 -45.76 -5.48
CMD BCB HD . -5.24 -47.20 -8.68
CAD BCB HD . -4.58 -46.96 -5.28
OBD BCB HD . -3.60 -47.71 -5.60
CBD BCB HD . -4.89 -46.46 -3.90
CGD BCB HD . -5.03 -47.58 -2.94
O1D BCB HD . -5.98 -48.32 -2.98
O2D BCB HD . -3.97 -47.77 -1.97
CED BCB HD . -3.22 -48.98 -1.96
C1 BCB HD . -2.22 -41.71 0.69
C2 BCB HD . -2.15 -41.87 2.19
C3 BCB HD . -1.57 -42.95 2.71
C4 BCB HD . -1.03 -43.98 1.77
C5 BCB HD . -1.45 -43.18 4.19
C6 BCB HD . -0.09 -43.85 4.42
C7 BCB HD . 0.15 -44.24 5.86
C8 BCB HD . 1.52 -43.77 6.34
C9 BCB HD . 2.65 -44.21 5.43
C10 BCB HD . 1.73 -44.32 7.73
C11 BCB HD . 1.96 -43.17 8.69
C12 BCB HD . 1.81 -43.64 10.13
C13 BCB HD . 0.68 -42.87 10.80
C14 BCB HD . 0.95 -41.37 10.80
C15 BCB HD . 0.51 -43.40 12.21
C16 BCB HD . -0.78 -42.87 12.83
C17 BCB HD . -1.93 -43.85 12.62
C18 BCB HD . -2.78 -43.46 11.42
C19 BCB HD . -2.96 -41.94 11.38
C20 BCB HD . -4.13 -44.17 11.41
MG BCB ID . -1.76 -44.79 -9.94
CHA BCB ID . -2.03 -44.19 -6.54
CHB BCB ID . 1.39 -45.91 -9.46
CHC BCB ID . -1.69 -45.41 -13.39
CHD BCB ID . -5.21 -43.96 -10.36
NA BCB ID . -0.56 -45.05 -8.34
C1A BCB ID . -0.84 -44.88 -7.07
C2A BCB ID . 0.31 -45.21 -6.15
C3A BCB ID . 1.46 -45.22 -7.14
C4A BCB ID . 0.73 -45.40 -8.42
CMA BCB ID . 2.24 -43.91 -7.12
CAA BCB ID . 0.17 -46.55 -5.47
CBA BCB ID . 0.91 -46.61 -4.12
CGA BCB ID . 2.36 -46.19 -4.24
O1A BCB ID . 2.75 -45.16 -3.71
O2A BCB ID . 3.31 -46.99 -5.00
NB BCB ID . -0.41 -45.71 -11.20
C1B BCB ID . 0.99 -45.78 -10.85
C2B BCB ID . 1.86 -45.95 -12.04
C3B BCB ID . 0.93 -45.79 -13.21
C4B BCB ID . -0.43 -45.56 -12.64
CMB BCB ID . 3.34 -46.16 -11.97
CAB BCB ID . 1.21 -45.85 -14.68
OBB BCB ID . 0.30 -45.75 -15.47
CBB BCB ID . 2.60 -46.08 -15.19
NC BCB ID . -3.12 -44.70 -11.51
C1C BCB ID . -2.97 -44.98 -12.82
C2C BCB ID . -4.02 -44.85 -13.85
C3C BCB ID . -4.99 -44.47 -12.86
C4C BCB ID . -4.43 -44.37 -11.52
CMC BCB ID . -3.63 -43.61 -14.67
CAC BCB ID . -6.40 -44.16 -13.23
CBC BCB ID . -6.95 -44.27 -14.63
ND BCB ID . -3.33 -44.40 -8.71
C1D BCB ID . -4.57 -43.74 -9.08
C2D BCB ID . -5.17 -43.08 -7.91
C3D BCB ID . -4.11 -43.26 -6.90
C4D BCB ID . -3.08 -43.89 -7.47
CMD BCB ID . -6.46 -42.35 -7.74
CAD BCB ID . -3.72 -42.91 -5.51
OBD BCB ID . -4.44 -42.28 -4.68
CBD BCB ID . -2.37 -43.54 -5.22
CGD BCB ID . -1.34 -42.62 -4.65
O1D BCB ID . -1.14 -41.51 -5.09
O2D BCB ID . -0.56 -43.09 -3.53
CED BCB ID . 0.33 -42.20 -2.88
C1 BCB ID . 4.54 -46.42 -5.45
C2 BCB ID . 5.68 -47.11 -4.74
C3 BCB ID . 6.62 -47.81 -5.40
C4 BCB ID . 6.57 -47.94 -6.90
C5 BCB ID . 7.73 -48.48 -4.64
C6 BCB ID . 9.05 -47.75 -4.86
C7 BCB ID . 8.99 -46.32 -4.36
C8 BCB ID . 10.30 -45.56 -4.58
C9 BCB ID . 10.93 -45.93 -5.93
C10 BCB ID . 11.25 -45.78 -3.41
C11 BCB ID . 12.28 -46.88 -3.66
C12 BCB ID . 13.55 -46.62 -2.86
C13 BCB ID . 13.71 -47.58 -1.68
C14 BCB ID . 13.54 -49.01 -2.15
C15 BCB ID . 12.73 -47.29 -0.57
C16 BCB ID . 12.73 -48.43 0.45
C17 BCB ID . 12.48 -47.93 1.86
C18 BCB ID . 13.30 -48.71 2.88
C19 BCB ID . 12.63 -50.02 3.26
C20 BCB ID . 13.57 -47.88 4.12
MG BCB JD . 5.32 -43.35 -14.02
CHA BCB JD . 8.52 -44.11 -12.85
CHB BCB JD . 4.32 -42.72 -10.85
CHC BCB JD . 2.17 -42.71 -15.38
CHD BCB JD . 6.60 -43.30 -17.38
NA BCB JD . 6.17 -43.52 -12.19
C1A BCB JD . 7.39 -43.87 -11.89
C2A BCB JD . 7.55 -44.23 -10.43
C3A BCB JD . 6.26 -43.76 -9.82
C4A BCB JD . 5.52 -43.31 -11.04
CMA BCB JD . 5.54 -44.88 -9.08
CAA BCB JD . 8.75 -43.65 -9.71
CBA BCB JD . 8.81 -42.13 -9.78
CGA BCB JD . 10.08 -41.74 -9.07
O1A BCB JD . 11.15 -42.16 -9.45
O2A BCB JD . 10.03 -40.90 -7.90
NB BCB JD . 3.55 -42.65 -13.24
C1B BCB JD . 3.24 -42.72 -11.83
C2B BCB JD . 1.79 -42.48 -11.56
C3B BCB JD . 1.16 -42.48 -12.92
C4B BCB JD . 2.25 -42.70 -13.92
CMB BCB JD . 1.20 -42.36 -10.18
CAB BCB JD . -0.29 -42.32 -13.29
OBB BCB JD . -0.60 -42.40 -14.45
CBB BCB JD . -1.32 -41.95 -12.26
NC BCB JD . 4.56 -43.09 -15.92
C1C BCB JD . 3.30 -42.84 -16.33
C2C BCB JD . 2.88 -42.70 -17.76
C3C BCB JD . 4.24 -42.86 -18.20
C4C BCB JD . 5.19 -43.10 -17.12
CMC BCB JD . 2.07 -43.94 -18.09
CAC BCB JD . 4.63 -42.80 -19.65
CBC BCB JD . 3.66 -42.57 -20.79
ND BCB JD . 7.17 -43.47 -14.91
C1D BCB JD . 7.50 -43.71 -16.31
C2D BCB JD . 8.93 -44.09 -16.45
C3D BCB JD . 9.29 -44.26 -15.03
C4D BCB JD . 8.21 -44.05 -14.25
CMD BCB JD . 9.87 -44.35 -17.59
CAD BCB JD . 10.39 -44.68 -14.16
OBD BCB JD . 11.56 -45.03 -14.56
CBD BCB JD . 9.94 -44.58 -12.73
CGD BCB JD . 10.19 -45.86 -12.01
O1D BCB JD . 9.53 -46.85 -12.21
O2D BCB JD . 11.30 -45.90 -11.08
CED BCB JD . 12.20 -47.00 -11.07
C1 BCB JD . 11.22 -40.49 -7.24
C2 BCB JD . 11.76 -41.59 -6.36
C3 BCB JD . 11.85 -41.41 -5.03
C4 BCB JD . 11.40 -40.13 -4.41
C5 BCB JD . 12.41 -42.53 -4.17
C6 BCB JD . 13.59 -42.06 -3.34
C7 BCB JD . 13.85 -43.02 -2.18
C8 BCB JD . 14.80 -42.42 -1.13
C9 BCB JD . 16.10 -41.97 -1.78
C10 BCB JD . 15.06 -43.42 -0.02
C11 BCB JD . 13.82 -43.75 0.81
C12 BCB JD . 13.72 -42.84 2.03
C13 BCB JD . 12.86 -43.44 3.14
C14 BCB JD . 11.52 -43.95 2.64
C15 BCB JD . 12.66 -42.39 4.23
C16 BCB JD . 11.71 -41.29 3.75
C17 BCB JD . 11.44 -40.29 4.87
C18 BCB JD . 11.92 -38.88 4.55
C19 BCB JD . 10.79 -38.05 3.95
C20 BCB JD . 13.16 -38.89 3.65
C39 NS0 KD . 24.01 -49.10 9.63
C38 NS0 KD . 23.07 -48.34 8.70
C40 NS0 KD . 22.28 -47.29 9.46
C37 NS0 KD . 22.15 -49.29 7.95
C36 NS0 KD . 21.19 -48.65 6.98
C35 NS0 KD . 20.52 -49.63 6.08
C33 NS0 KD . 19.53 -48.98 5.17
C34 NS0 KD . 18.14 -49.53 5.24
C32 NS0 KD . 19.89 -47.99 4.37
C31 NS0 KD . 19.03 -47.18 3.44
C30 NS0 KD . 19.34 -47.49 2.00
C28 NS0 KD . 18.47 -46.79 0.99
C29 NS0 KD . 16.99 -47.02 1.14
C27 NS0 KD . 19.01 -46.06 0.03
C26 NS0 KD . 18.43 -45.67 -1.22
C25 NS0 KD . 19.10 -44.98 -2.21
C23 NS0 KD . 18.70 -44.66 -3.51
C24 NS0 KD . 17.42 -45.22 -4.02
C22 NS0 KD . 19.46 -43.83 -4.33
C21 NS0 KD . 19.14 -43.32 -5.57
C20 NS0 KD . 19.84 -42.41 -6.33
C19 NS0 KD . 19.51 -41.79 -7.50
C17 NS0 KD . 20.18 -40.77 -8.18
C18 NS0 KD . 21.48 -40.29 -7.65
C16 NS0 KD . 19.65 -40.17 -9.33
C15 NS0 KD . 20.08 -39.06 -10.00
C14 NS0 KD . 19.39 -38.55 -11.07
C12 NS0 KD . 19.66 -37.43 -11.87
C13 NS0 KD . 20.89 -36.66 -11.61
C11 NS0 KD . 18.78 -37.00 -12.86
C10 NS0 KD . 18.71 -35.78 -13.48
C9 NS0 KD . 17.82 -35.35 -14.51
C7 NS0 KD . 17.69 -34.08 -14.88
C8 NS0 KD . 18.23 -32.94 -14.06
C NS0 KD . 16.96 -33.71 -16.14
CA NS0 KD . 15.55 -34.23 -16.18
CB NS0 KD . 14.80 -33.78 -17.40
CG NS0 KD . 13.67 -33.12 -17.46
CD2 NS0 KD . 13.01 -32.77 -18.77
CD1 NS0 KD . 12.93 -32.64 -16.25
MG BCB LD . 12.63 -40.86 -18.04
CHA BCB LD . 12.15 -41.00 -14.60
CHB BCB LD . 15.96 -41.13 -17.52
CHC BCB LD . 12.94 -40.81 -21.52
CHD BCB LD . 9.09 -40.99 -18.54
NA BCB LD . 13.83 -41.05 -16.42
C1A BCB LD . 13.50 -41.21 -15.16
C2A BCB LD . 14.67 -41.38 -14.24
C3A BCB LD . 15.79 -40.86 -15.12
C4A BCB LD . 15.17 -41.00 -16.46
CMA BCB LD . 16.13 -39.42 -14.79
CAA BCB LD . 14.91 -42.82 -13.83
CBA BCB LD . 15.40 -42.89 -12.39
CGA BCB LD . 16.67 -42.08 -12.22
O1A BCB LD . 16.68 -41.06 -11.56
O2A BCB LD . 17.89 -42.49 -12.88
NB BCB LD . 14.20 -41.14 -19.32
C1B BCB LD . 15.56 -40.87 -18.90
C2B BCB LD . 16.47 -40.56 -20.02
C3B BCB LD . 15.56 -40.47 -21.22
C4B BCB LD . 14.18 -40.73 -20.72
CMB BCB LD . 17.93 -40.36 -19.87
CAB BCB LD . 15.88 -40.15 -22.65
OBB BCB LD . 15.01 -40.30 -23.50
CBB BCB LD . 17.25 -39.73 -23.06
NC BCB LD . 11.34 -40.88 -19.65
C1C BCB LD . 11.58 -40.87 -20.98
C2C BCB LD . 10.56 -40.86 -22.04
C3C BCB LD . 9.49 -40.95 -21.07
C4C BCB LD . 9.99 -40.94 -19.69
CMC BCB LD . 10.58 -39.46 -22.64
CAC BCB LD . 8.07 -41.00 -21.47
CBC BCB LD . 7.56 -41.01 -22.89
ND BCB LD . 10.99 -41.17 -16.86
C1D BCB LD . 9.61 -40.83 -17.20
C2D BCB LD . 8.83 -40.60 -15.96
C3D BCB LD . 9.90 -40.65 -14.93
C4D BCB LD . 11.06 -40.85 -15.53
CMD BCB LD . 7.39 -40.33 -15.71
CAD BCB LD . 10.16 -40.49 -13.47
OBD BCB LD . 9.28 -40.25 -12.60
CBD BCB LD . 11.63 -40.73 -13.22
CGD BCB LD . 12.31 -39.67 -12.42
O1D BCB LD . 12.10 -38.48 -12.61
O2D BCB LD . 13.22 -40.08 -11.37
CED BCB LD . 13.53 -39.19 -10.30
C1 BCB LD . 18.80 -41.51 -13.38
C2 BCB LD . 20.17 -41.73 -12.80
C3 BCB LD . 21.21 -42.06 -13.58
C4 BCB LD . 21.03 -42.25 -15.05
C5 BCB LD . 22.58 -42.27 -12.98
C6 BCB LD . 22.81 -41.36 -11.79
C7 BCB LD . 22.82 -39.88 -12.17
C8 BCB LD . 24.21 -39.25 -12.25
C9 BCB LD . 24.20 -38.13 -13.28
C10 BCB LD . 25.28 -40.26 -12.60
C11 BCB LD . 26.39 -40.27 -11.54
C12 BCB LD . 25.82 -40.25 -10.13
C13 BCB LD . 26.89 -40.04 -9.07
C14 BCB LD . 28.17 -39.45 -9.67
C15 BCB LD . 27.18 -41.36 -8.36
C16 BCB LD . 27.51 -41.14 -6.88
C17 BCB LD . 27.14 -42.37 -6.06
C18 BCB LD . 27.95 -42.47 -4.78
C19 BCB LD . 27.68 -43.77 -4.04
C20 BCB LD . 27.71 -41.27 -3.88
MG BCB MD . 19.00 -36.69 -21.20
CHA BCB MD . 22.21 -36.49 -19.89
CHB BCB MD . 17.78 -37.08 -18.05
CHC BCB MD . 15.81 -36.71 -22.67
CHD BCB MD . 20.27 -35.66 -24.39
NA BCB MD . 19.80 -36.86 -19.35
C1A BCB MD . 21.05 -36.74 -19.00
C2A BCB MD . 21.29 -36.98 -17.54
C3A BCB MD . 19.94 -37.41 -17.03
C4A BCB MD . 19.09 -37.12 -18.23
CMA BCB MD . 19.86 -38.88 -16.64
CAA BCB MD . 21.72 -35.69 -16.87
CBA BCB MD . 22.63 -36.01 -15.70
CGA BCB MD . 23.07 -34.71 -15.09
O1A BCB MD . 24.08 -34.16 -15.46
O2A BCB MD . 22.26 -34.11 -14.05
NB BCB MD . 17.08 -36.71 -20.44
C1B BCB MD . 16.77 -37.17 -19.10
C2B BCB MD . 15.32 -37.39 -18.91
C3B BCB MD . 14.74 -37.27 -20.30
C4B BCB MD . 15.88 -36.98 -21.22
CMB BCB MD . 14.69 -37.72 -17.59
CAB BCB MD . 13.31 -37.43 -20.74
OBB BCB MD . 13.03 -37.31 -21.91
CBB BCB MD . 12.20 -37.64 -19.76
NC BCB MD . 18.22 -36.30 -23.07
C1C BCB MD . 16.94 -36.33 -23.53
C2C BCB MD . 16.52 -36.04 -24.92
C3C BCB MD . 17.88 -35.74 -25.31
C4C BCB MD . 18.85 -35.90 -24.21
CMC BCB MD . 16.08 -37.35 -25.53
CAC BCB MD . 18.25 -35.32 -26.69
CBC BCB MD . 17.27 -35.14 -27.83
ND BCB MD . 20.79 -36.02 -21.93
C1D BCB MD . 21.23 -35.92 -23.33
C2D BCB MD . 22.73 -35.82 -23.39
C3D BCB MD . 23.07 -36.07 -21.98
C4D BCB MD . 21.95 -36.31 -21.28
CMD BCB MD . 23.75 -35.59 -24.45
CAD BCB MD . 24.22 -36.25 -21.08
OBD BCB MD . 25.45 -36.14 -21.42
CBD BCB MD . 23.70 -36.50 -19.69
CGD BCB MD . 24.32 -37.74 -19.12
O1D BCB MD . 23.96 -38.83 -19.50
O2D BCB MD . 25.36 -37.60 -18.12
CED BCB MD . 26.54 -38.40 -18.21
C1 BCB MD . 22.89 -33.50 -12.92
C2 BCB MD . 23.96 -34.45 -12.42
C3 BCB MD . 24.06 -34.69 -11.12
C4 BCB MD . 23.10 -34.03 -10.17
C5 BCB MD . 25.13 -35.63 -10.61
C6 BCB MD . 25.99 -34.87 -9.61
C7 BCB MD . 26.71 -35.84 -8.69
C8 BCB MD . 27.52 -35.06 -7.65
C9 BCB MD . 28.84 -34.58 -8.23
C10 BCB MD . 27.73 -35.95 -6.44
C11 BCB MD . 26.37 -36.40 -5.91
C12 BCB MD . 26.49 -37.54 -4.91
C13 BCB MD . 26.17 -37.08 -3.50
C14 BCB MD . 26.01 -38.28 -2.57
C15 BCB MD . 24.89 -36.25 -3.49
C16 BCB MD . 24.86 -35.31 -2.30
C17 BCB MD . 23.43 -34.88 -2.00
C18 BCB MD . 23.41 -33.63 -1.12
C19 BCB MD . 23.13 -34.00 0.34
C20 BCB MD . 22.38 -32.64 -1.63
C39 NS0 ND . 48.16 -27.14 -1.64
C38 NS0 ND . 46.85 -26.80 -2.35
C40 NS0 ND . 45.67 -26.92 -1.40
C37 NS0 ND . 46.65 -27.66 -3.60
C36 NS0 ND . 45.42 -27.33 -4.42
C35 NS0 ND . 45.36 -28.09 -5.70
C33 NS0 ND . 44.13 -27.80 -6.51
C34 NS0 ND . 43.23 -28.98 -6.74
C32 NS0 ND . 43.88 -26.58 -6.97
C31 NS0 ND . 42.70 -26.12 -7.76
C30 NS0 ND . 43.09 -25.72 -9.16
C28 NS0 ND . 41.97 -25.23 -10.04
C29 NS0 ND . 40.86 -26.22 -10.29
C27 NS0 ND . 42.01 -24.02 -10.56
C26 NS0 ND . 41.27 -23.53 -11.70
C25 NS0 ND . 41.34 -22.27 -12.22
C23 NS0 ND . 40.73 -21.75 -13.36
C24 NS0 ND . 39.98 -22.66 -14.26
C22 NS0 ND . 40.80 -20.38 -13.67
C21 NS0 ND . 40.30 -19.71 -14.77
C20 NS0 ND . 40.24 -18.34 -14.98
C19 NS0 ND . 39.74 -17.61 -16.02
C17 NS0 ND . 39.53 -16.23 -16.09
C18 NS0 ND . 40.04 -15.37 -14.99
C16 NS0 ND . 38.83 -15.63 -17.13
C15 NS0 ND . 38.40 -14.33 -17.27
C14 NS0 ND . 37.53 -13.93 -18.25
C12 NS0 ND . 36.94 -12.69 -18.46
C13 NS0 ND . 37.42 -11.54 -17.66
C11 NS0 ND . 35.92 -12.50 -19.39
C10 NS0 ND . 35.06 -11.43 -19.50
C9 NS0 ND . 34.11 -11.16 -20.53
C7 NS0 ND . 33.23 -10.18 -20.45
C8 NS0 ND . 33.00 -9.35 -19.22
C NS0 ND . 32.35 -9.85 -21.64
CA NS0 ND . 31.64 -11.08 -22.15
CB NS0 ND . 30.73 -10.79 -23.30
CG NS0 ND . 29.43 -11.03 -23.40
CD2 NS0 ND . 28.66 -10.81 -24.67
CD1 NS0 ND . 28.62 -11.56 -22.25
C39 NS0 OD . 37.29 -41.68 1.67
C38 NS0 OD . 36.68 -40.29 1.68
C40 NS0 OD . 37.04 -39.55 2.95
C37 NS0 OD . 35.16 -40.34 1.49
C36 NS0 OD . 34.65 -41.16 0.32
C35 NS0 OD . 35.13 -40.69 -1.01
C33 NS0 OD . 34.08 -40.77 -2.09
C34 NS0 OD . 33.25 -42.01 -2.08
C32 NS0 OD . 33.93 -39.78 -2.97
C31 NS0 OD . 33.09 -39.78 -4.22
C30 NS0 OD . 32.37 -38.48 -4.47
C28 NS0 OD . 31.77 -38.41 -5.85
C29 NS0 OD . 30.80 -39.50 -6.18
C27 NS0 OD . 32.13 -37.44 -6.68
C26 NS0 OD . 31.62 -37.20 -8.00
C25 NS0 OD . 32.04 -36.15 -8.79
C23 NS0 OD . 31.59 -35.75 -10.05
C24 NS0 OD . 30.60 -36.57 -10.78
C22 NS0 OD . 32.04 -34.55 -10.62
C21 NS0 OD . 31.65 -33.94 -11.79
C20 NS0 OD . 32.05 -32.73 -12.29
C19 NS0 OD . 31.61 -32.05 -13.39
C17 NS0 OD . 31.95 -30.77 -13.82
C18 NS0 OD . 33.04 -30.04 -13.13
C16 NS0 OD . 31.28 -30.13 -14.87
C15 NS0 OD . 31.36 -28.83 -15.30
C14 NS0 OD . 30.57 -28.30 -16.29
C12 NS0 OD . 30.49 -27.00 -16.77
C13 NS0 OD . 31.43 -25.98 -16.23
C11 NS0 OD . 29.54 -26.61 -17.72
C10 NS0 OD . 29.08 -25.36 -18.03
C9 NS0 OD . 28.14 -25.01 -19.05
C7 NS0 OD . 27.55 -23.84 -19.15
C8 NS0 OD . 27.63 -22.78 -18.08
C NS0 OD . 26.72 -23.48 -20.36
CA NS0 OD . 25.66 -24.52 -20.64
CB NS0 OD . 24.85 -24.20 -21.85
CG NS0 OD . 23.55 -24.02 -21.93
CD2 NS0 OD . 22.66 -23.98 -20.72
CD1 NS0 OD . 22.83 -23.82 -23.23
MG BCB PD . 25.10 -31.20 -24.09
CHA BCB PD . 24.63 -32.27 -20.83
CHB BCB PD . 28.30 -30.42 -23.35
CHC BCB PD . 25.47 -30.38 -27.48
CHD BCB PD . 21.81 -32.35 -24.91
NA BCB PD . 26.27 -31.35 -22.46
C1A BCB PD . 25.98 -31.88 -21.30
C2A BCB PD . 27.11 -31.84 -20.31
C3A BCB PD . 28.05 -30.88 -20.98
C4A BCB PD . 27.51 -30.86 -22.37
CMA BCB PD . 27.97 -29.49 -20.36
CAA BCB PD . 27.73 -33.22 -20.08
CBA BCB PD . 28.22 -33.36 -18.64
CGA BCB PD . 29.20 -32.27 -18.27
O1A BCB PD . 28.97 -31.55 -17.31
O2A BCB PD . 30.41 -32.04 -19.02
NB BCB PD . 26.70 -30.67 -25.27
C1B BCB PD . 27.87 -30.04 -24.69
C2B BCB PD . 28.64 -29.21 -25.65
C3B BCB PD . 27.78 -29.21 -26.89
C4B BCB PD . 26.58 -30.04 -26.57
CMB BCB PD . 29.93 -28.54 -25.33
CAB BCB PD . 28.01 -28.51 -28.20
OBB BCB PD . 27.25 -28.71 -29.12
CBB BCB PD . 29.21 -27.64 -28.40
NC BCB PD . 23.93 -31.32 -25.78
C1C BCB PD . 24.18 -30.97 -27.07
C2C BCB PD . 23.24 -31.10 -28.20
C3C BCB PD . 22.25 -31.71 -27.34
C4C BCB PD . 22.67 -31.81 -25.95
CMC BCB PD . 22.80 -29.69 -28.52
CAC BCB PD . 20.92 -32.14 -27.86
CBC BCB PD . 20.48 -32.05 -29.30
ND BCB PD . 23.64 -32.29 -23.16
C1D BCB PD . 22.23 -32.36 -23.53
C2D BCB PD . 21.41 -32.69 -22.34
C3D BCB PD . 22.41 -32.62 -21.26
C4D BCB PD . 23.58 -32.27 -21.79
CMD BCB PD . 19.96 -32.96 -22.16
CAD BCB PD . 22.59 -32.71 -19.79
OBD BCB PD . 21.67 -32.99 -18.94
CBD BCB PD . 24.05 -32.52 -19.47
CGD BCB PD . 24.30 -31.50 -18.38
O1D BCB PD . 23.81 -30.40 -18.40
O2D BCB PD . 25.14 -31.87 -17.27
CED BCB PD . 25.18 -31.06 -16.10
C1 BCB PD . 31.03 -30.76 -19.01
C2 BCB PD . 32.30 -30.76 -18.19
C3 BCB PD . 33.49 -30.45 -18.72
C4 BCB PD . 33.60 -30.11 -20.18
C5 BCB PD . 34.72 -30.48 -17.86
C6 BCB PD . 35.42 -29.12 -17.87
C7 BCB PD . 34.48 -28.01 -17.40
C8 BCB PD . 35.27 -26.91 -16.70
C9 BCB PD . 36.25 -26.24 -17.66
C10 BCB PD . 35.98 -27.52 -15.50
C11 BCB PD . 36.98 -26.55 -14.90
C12 BCB PD . 37.16 -26.76 -13.40
C13 BCB PD . 38.19 -27.82 -13.05
C14 BCB PD . 39.22 -28.01 -14.15
C15 BCB PD . 37.46 -29.12 -12.74
C16 BCB PD . 38.23 -29.98 -11.74
C17 BCB PD . 38.29 -29.28 -10.38
C18 BCB PD . 38.78 -30.24 -9.29
C19 BCB PD . 38.97 -29.49 -7.99
C20 BCB PD . 40.06 -30.95 -9.71
MG BCB QD . 29.61 -24.50 -25.69
CHA BCB QD . 32.54 -23.56 -24.09
CHB BCB QD . 28.55 -25.98 -22.84
CHC BCB QD . 26.78 -25.41 -27.53
CHD BCB QD . 30.46 -22.35 -28.44
NA BCB QD . 30.41 -24.85 -23.87
C1A BCB QD . 31.57 -24.46 -23.41
C2A BCB QD . 31.97 -25.18 -22.14
C3A BCB QD . 30.72 -25.95 -21.77
C4A BCB QD . 29.82 -25.58 -22.91
CMA BCB QD . 30.98 -27.45 -21.70
CAA BCB QD . 32.45 -24.31 -20.98
CBA BCB QD . 31.51 -23.18 -20.63
CGA BCB QD . 32.08 -22.52 -19.40
O1A BCB QD . 33.04 -21.76 -19.49
O2A BCB QD . 31.50 -22.77 -18.09
NB BCB QD . 27.84 -25.42 -25.19
C1B BCB QD . 27.68 -26.22 -24.01
C2B BCB QD . 26.42 -27.01 -24.05
C3B BCB QD . 25.91 -26.82 -25.44
C4B BCB QD . 26.88 -25.93 -26.15
CMB BCB QD . 25.91 -27.81 -22.89
CAB BCB QD . 24.67 -27.39 -26.09
OBB BCB QD . 24.49 -27.25 -27.28
CBB BCB QD . 23.61 -28.04 -25.25
NC BCB QD . 28.82 -24.02 -27.54
C1C BCB QD . 27.68 -24.45 -28.15
C2C BCB QD . 27.23 -24.03 -29.50
C3C BCB QD . 28.35 -23.14 -29.64
C4C BCB QD . 29.26 -23.16 -28.49
CMC BCB QD . 27.39 -25.24 -30.41
CAC BCB QD . 28.57 -22.31 -30.86
CBC BCB QD . 27.66 -22.26 -32.06
ND BCB QD . 31.06 -23.12 -26.09
C1D BCB QD . 31.42 -22.51 -27.38
C2D BCB QD . 32.76 -21.87 -27.28
C3D BCB QD . 33.18 -22.35 -25.95
C4D BCB QD . 32.24 -23.15 -25.43
CMD BCB QD . 33.61 -21.03 -28.17
CAD BCB QD . 34.32 -22.31 -25.02
OBD BCB QD . 35.41 -21.70 -25.24
CBD BCB QD . 33.94 -23.09 -23.79
CGD BCB QD . 34.93 -24.17 -23.53
O1D BCB QD . 34.96 -25.17 -24.22
O2D BCB QD . 35.86 -23.99 -22.43
CED BCB QD . 37.24 -24.21 -22.63
C1 BCB QD . 31.94 -22.08 -16.93
C2 BCB QD . 33.29 -22.58 -16.49
C3 BCB QD . 33.51 -22.89 -15.21
C4 BCB QD . 32.40 -22.73 -14.22
C5 BCB QD . 34.86 -23.40 -14.77
C6 BCB QD . 34.96 -23.26 -13.25
C7 BCB QD . 36.41 -23.23 -12.76
C8 BCB QD . 36.50 -22.59 -11.38
C9 BCB QD . 37.94 -22.30 -11.01
C10 BCB QD . 35.82 -23.48 -10.34
C11 BCB QD . 36.59 -24.76 -10.05
C12 BCB QD . 35.74 -25.75 -9.25
C13 BCB QD . 35.45 -25.24 -7.84
C14 BCB QD . 36.43 -25.84 -6.83
C15 BCB QD . 34.02 -25.53 -7.43
C16 BCB QD . 33.58 -24.53 -6.36
C17 BCB QD . 32.33 -24.95 -5.61
C18 BCB QD . 32.34 -24.31 -4.23
C19 BCB QD . 32.99 -25.23 -3.21
C20 BCB QD . 30.95 -23.90 -3.76
C1B LMT RD . 35.38 -19.87 3.83
C2B LMT RD . 34.39 -20.52 4.79
C3B LMT RD . 34.68 -20.16 6.24
C4B LMT RD . 35.17 -18.72 6.40
C5B LMT RD . 36.28 -18.36 5.43
C6B LMT RD . 37.56 -17.96 6.15
O1B LMT RD . 34.79 -18.72 3.23
O2B LMT RD . 33.06 -20.11 4.44
O3B LMT RD . 35.65 -21.07 6.76
O4' LMT RD . 34.06 -17.82 6.22
O5B LMT RD . 36.54 -19.47 4.56
O6B LMT RD . 37.46 -16.61 6.63
C1' LMT RD . 33.27 -17.56 -0.35
C2' LMT RD . 33.43 -19.08 -0.23
C3' LMT RD . 33.72 -19.47 1.21
C4' LMT RD . 34.86 -18.65 1.82
C5' LMT RD . 34.75 -17.17 1.44
C6' LMT RD . 36.01 -16.41 1.85
O1' LMT RD . 32.91 -17.18 -1.68
O2' LMT RD . 32.24 -19.72 -0.67
O3' LMT RD . 34.05 -20.86 1.25
O5' LMT RD . 34.51 -16.98 0.05
O6' LMT RD . 35.71 -15.01 1.92
C1 LMT RD . 33.39 -15.88 -2.01
C2 LMT RD . 32.30 -14.95 -2.52
C3 LMT RD . 31.79 -15.32 -3.90
C4 LMT RD . 31.80 -14.11 -4.84
C5 LMT RD . 30.89 -14.33 -6.05
C6 LMT RD . 31.17 -13.33 -7.17
C7 LMT RD . 30.32 -13.63 -8.38
C8 LMT RD . 30.53 -12.63 -9.51
C9 LMT RD . 29.27 -12.50 -10.37
C10 LMT RD . 29.54 -12.77 -11.84
C11 LMT RD . 28.88 -11.73 -12.74
C12 LMT RD . 27.40 -11.62 -12.42
C1B LMT SD . 39.45 -9.51 3.28
C2B LMT SD . 39.01 -10.81 3.92
C3B LMT SD . 39.02 -10.73 5.45
C4B LMT SD . 38.64 -9.37 6.02
C5B LMT SD . 39.24 -8.21 5.23
C6B LMT SD . 39.96 -7.23 6.15
O1B LMT SD . 38.31 -8.80 2.80
O2B LMT SD . 37.70 -11.14 3.46
O3B LMT SD . 40.31 -11.12 5.95
O4' LMT SD . 37.21 -9.24 6.05
O5B LMT SD . 40.13 -8.70 4.24
O6B LMT SD . 40.64 -6.26 5.36
C1' LMT SD . 37.10 -6.79 -0.51
C2' LMT SD . 37.93 -8.02 -0.83
C3' LMT SD . 38.03 -8.87 0.42
C4' LMT SD . 38.57 -8.07 1.60
C5' LMT SD . 37.83 -6.72 1.71
C6' LMT SD . 38.45 -5.79 2.74
O1' LMT SD . 36.86 -5.99 -1.67
O2' LMT SD . 37.31 -8.75 -1.89
O3' LMT SD . 38.85 -10.03 0.18
O5' LMT SD . 37.81 -6.04 0.45
O6' LMT SD . 39.17 -4.74 2.06
C1 LMT SD . 35.88 -5.01 -1.34
C2 LMT SD . 35.09 -4.60 -2.58
C3 LMT SD . 35.76 -3.44 -3.28
C4 LMT SD . 34.72 -2.43 -3.76
C5 LMT SD . 34.15 -2.80 -5.13
C6 LMT SD . 33.66 -1.56 -5.87
C7 LMT SD . 33.14 -1.90 -7.26
C8 LMT SD . 32.87 -0.65 -8.10
C9 LMT SD . 31.91 -0.98 -9.25
C10 LMT SD . 31.97 0.10 -10.33
C11 LMT SD . 30.88 -0.09 -11.37
C12 LMT SD . 31.10 0.81 -12.57
MG BCB TD . 33.37 -16.80 -26.88
CHA BCB TD . 33.21 -18.63 -23.95
CHB BCB TD . 36.08 -15.17 -25.69
CHC BCB TD . 33.47 -15.18 -29.98
CHD BCB TD . 30.70 -18.79 -28.23
NA BCB TD . 34.47 -16.89 -25.19
C1A BCB TD . 34.37 -17.73 -24.20
C2A BCB TD . 35.42 -17.55 -23.14
C3A BCB TD . 35.90 -16.16 -23.47
C4A BCB TD . 35.45 -16.04 -24.88
CMA BCB TD . 35.25 -15.11 -22.57
CAA BCB TD . 36.54 -18.57 -23.23
CBA BCB TD . 37.23 -18.81 -21.89
CGA BCB TD . 37.70 -17.53 -21.23
O1A BCB TD . 37.15 -17.13 -20.23
O2A BCB TD . 38.80 -16.75 -21.78
NB BCB TD . 34.71 -15.51 -27.77
C1B BCB TD . 35.59 -14.68 -26.98
C2B BCB TD . 36.10 -13.51 -27.74
C3B BCB TD . 35.31 -13.52 -29.02
C4B BCB TD . 34.39 -14.70 -28.94
CMB BCB TD . 37.13 -12.55 -27.22
CAB BCB TD . 35.36 -12.57 -30.19
OBB BCB TD . 34.67 -12.80 -31.17
CBB BCB TD . 36.30 -11.41 -30.20
NC BCB TD . 32.33 -16.92 -28.66
C1C BCB TD . 32.46 -16.24 -29.81
C2C BCB TD . 31.64 -16.44 -31.02
C3C BCB TD . 30.91 -17.51 -30.41
C4C BCB TD . 31.33 -17.76 -29.04
CMC BCB TD . 30.73 -15.22 -31.13
CAC BCB TD . 29.82 -18.26 -31.11
CBC BCB TD . 29.36 -18.02 -32.53
ND BCB TD . 32.35 -18.48 -26.33
C1D BCB TD . 31.07 -18.93 -26.84
C2D BCB TD . 30.37 -19.76 -25.84
C3D BCB TD . 31.25 -19.60 -24.67
C4D BCB TD . 32.26 -18.78 -24.99
CMD BCB TD . 29.10 -20.51 -25.89
CAD BCB TD . 31.41 -19.94 -23.24
OBD BCB TD . 30.60 -20.67 -22.59
CBD BCB TD . 32.70 -19.35 -22.74
CGD BCB TD . 32.57 -18.52 -21.50
O1D BCB TD . 31.69 -17.70 -21.38
O2D BCB TD . 33.53 -18.69 -20.43
CED BCB TD . 33.30 -18.10 -19.15
C1 BCB TD . 38.85 -15.33 -21.63
C2 BCB TD . 40.03 -14.94 -20.77
C3 BCB TD . 41.08 -14.25 -21.27
C4 BCB TD . 41.11 -13.85 -22.70
C5 BCB TD . 42.23 -13.90 -20.35
C6 BCB TD . 41.81 -12.81 -19.37
C7 BCB TD . 41.60 -11.48 -20.09
C8 BCB TD . 42.11 -10.27 -19.31
C9 BCB TD . 43.53 -9.91 -19.71
C10 BCB TD . 41.94 -10.52 -17.81
C11 BCB TD . 43.26 -10.66 -17.06
C12 BCB TD . 43.20 -11.86 -16.13
C13 BCB TD . 44.09 -11.70 -14.92
C14 BCB TD . 45.44 -11.10 -15.31
C15 BCB TD . 44.26 -13.05 -14.23
C16 BCB TD . 45.32 -12.99 -13.13
C17 BCB TD . 45.87 -14.38 -12.85
C18 BCB TD . 46.77 -14.39 -11.61
C19 BCB TD . 47.22 -15.81 -11.26
C20 BCB TD . 46.06 -13.74 -10.43
MG BCB UD . 35.71 -8.96 -26.87
CHA BCB UD . 38.23 -7.54 -24.92
CHB BCB UD . 35.05 -11.14 -24.38
CHC BCB UD . 33.23 -10.27 -28.99
CHD BCB UD . 35.92 -6.19 -29.13
NA BCB UD . 36.55 -9.39 -25.07
C1A BCB UD . 37.55 -8.79 -24.48
C2A BCB UD . 38.12 -9.61 -23.35
C3A BCB UD . 37.10 -10.71 -23.17
C4A BCB UD . 36.16 -10.41 -24.29
CMA BCB UD . 37.71 -12.10 -23.30
CAA BCB UD . 38.38 -8.89 -22.03
CBA BCB UD . 37.14 -8.27 -21.41
CGA BCB UD . 37.59 -7.55 -20.17
O1A BCB UD . 38.50 -6.73 -20.23
O2A BCB UD . 36.97 -7.80 -18.88
NB BCB UD . 34.24 -10.38 -26.63
C1B BCB UD . 34.30 -11.39 -25.61
C2B BCB UD . 33.29 -12.47 -25.83
C3B BCB UD . 32.75 -12.19 -27.21
C4B BCB UD . 33.46 -10.97 -27.71
CMB BCB UD . 33.00 -13.56 -24.85
CAB BCB UD . 31.73 -12.96 -27.99
OBB BCB UD . 31.49 -12.63 -29.13
CBB BCB UD . 30.95 -14.07 -27.38
NC BCB UD . 34.81 -8.38 -28.64
C1C BCB UD . 33.83 -8.98 -29.38
C2C BCB UD . 33.28 -8.47 -30.64
C3C BCB UD . 34.11 -7.29 -30.57
C4C BCB UD . 34.99 -7.28 -29.39
CMC BCB UD . 33.78 -9.40 -31.74
CAC BCB UD . 34.08 -6.21 -31.60
CBC BCB UD . 33.18 -6.19 -32.82
ND BCB UD . 36.70 -7.17 -26.92
C1D BCB UD . 36.88 -6.26 -28.05
C2D BCB UD . 37.98 -5.29 -27.75
C3D BCB UD . 38.51 -5.87 -26.49
C4D BCB UD . 37.84 -6.98 -26.19
CMD BCB UD . 38.55 -4.09 -28.43
CAD BCB UD . 39.58 -5.67 -25.50
OBD BCB UD . 40.44 -4.74 -25.50
CBD BCB UD . 39.43 -6.74 -24.43
CGD BCB UD . 40.71 -7.49 -24.24
O1D BCB UD . 41.04 -8.37 -25.00
O2D BCB UD . 41.56 -7.11 -23.13
CED BCB UD . 42.97 -7.00 -23.30
C1 BCB UD . 37.35 -7.04 -17.75
C2 BCB UD . 37.78 -7.88 -16.58
C3 BCB UD . 39.08 -8.02 -16.32
C4 BCB UD . 40.07 -7.34 -17.21
C5 BCB UD . 39.60 -8.84 -15.16
C6 BCB UD . 40.62 -8.00 -14.41
C7 BCB UD . 41.56 -8.85 -13.56
C8 BCB UD . 41.34 -8.61 -12.07
C9 BCB UD . 41.80 -7.22 -11.65
C10 BCB UD . 42.04 -9.70 -11.27
C11 BCB UD . 41.03 -10.49 -10.44
C12 BCB UD . 41.71 -11.32 -9.35
C13 BCB UD . 40.70 -11.95 -8.38
C14 BCB UD . 39.68 -12.82 -9.11
C15 BCB UD . 40.04 -10.86 -7.54
C16 BCB UD . 38.55 -11.11 -7.30
C17 BCB UD . 38.26 -11.86 -6.01
C18 BCB UD . 36.82 -11.64 -5.55
C19 BCB UD . 36.36 -12.75 -4.61
C20 BCB UD . 35.86 -11.51 -6.73
MG BCB VD . 37.11 -0.47 -26.44
CHA BCB VD . 37.41 -2.74 -23.85
CHB BCB VD . 39.26 1.58 -24.84
CHC BCB VD . 36.74 1.68 -29.19
CHD BCB VD . 35.20 -2.86 -28.29
NA BCB VD . 38.16 -0.54 -24.72
C1A BCB VD . 38.27 -1.53 -23.87
C2A BCB VD . 39.17 -1.23 -22.71
C3A BCB VD . 39.25 0.28 -22.81
C4A BCB VD . 38.87 0.48 -24.22
CMA BCB VD . 38.28 0.96 -21.86
CAA BCB VD . 40.54 -1.87 -22.85
CBA BCB VD . 41.15 -2.21 -21.49
CGA BCB VD . 41.28 -1.00 -20.60
O1A BCB VD . 40.75 -0.97 -19.50
O2A BCB VD . 42.03 0.16 -21.05
NB BCB VD . 38.04 1.28 -27.01
C1B BCB VD . 38.64 2.15 -26.04
C2B BCB VD . 38.74 3.55 -26.51
C3B BCB VD . 37.99 3.56 -27.80
C4B BCB VD . 37.49 2.17 -28.02
CMB BCB VD . 39.43 4.64 -25.75
CAB BCB VD . 37.70 4.70 -28.74
OBB BCB VD . 36.98 4.53 -29.70
CBB BCB VD . 38.36 6.03 -28.55
NC BCB VD . 36.18 -0.56 -28.29
C1C BCB VD . 36.11 0.34 -29.29
C2C BCB VD . 35.39 0.18 -30.57
C3C BCB VD . 35.03 -1.17 -30.21
C4C BCB VD . 35.48 -1.56 -28.87
CMC BCB VD . 34.18 1.09 -30.50
CAC BCB VD . 34.23 -2.03 -31.12
CBC BCB VD . 33.76 -1.62 -32.50
ND BCB VD . 36.62 -2.44 -26.24
C1D BCB VD . 35.54 -3.14 -26.91
C2D BCB VD . 35.07 -4.28 -26.10
C3D BCB VD . 35.84 -4.09 -24.85
C4D BCB VD . 36.57 -2.98 -24.97
CMD BCB VD . 34.07 -5.36 -26.36
CAD BCB VD . 36.05 -4.60 -23.48
OBD BCB VD . 35.47 -5.63 -22.99
CBD BCB VD . 37.09 -3.77 -22.79
CGD BCB VD . 36.70 -3.24 -21.45
O1D BCB VD . 35.62 -2.73 -21.26
O2D BCB VD . 37.65 -3.36 -20.36
CED BCB VD . 37.22 -3.22 -19.01
C1 BCB VD . 41.76 1.46 -20.52
C2 BCB VD . 42.76 1.82 -19.46
C3 BCB VD . 43.60 2.86 -19.58
C4 BCB VD . 43.59 3.73 -20.80
C5 BCB VD . 44.58 3.14 -18.46
C6 BCB VD . 44.53 4.61 -18.10
C7 BCB VD . 43.27 4.93 -17.29
C8 BCB VD . 43.27 6.38 -16.82
C9 BCB VD . 42.95 7.29 -18.01
C10 BCB VD . 44.62 6.76 -16.21
C11 BCB VD . 44.70 6.55 -14.70
C12 BCB VD . 45.02 5.10 -14.35
C13 BCB VD . 45.77 4.99 -13.03
C14 BCB VD . 46.75 6.14 -12.86
C15 BCB VD . 46.48 3.64 -12.99
C16 BCB VD . 46.42 3.01 -11.61
C17 BCB VD . 47.65 3.37 -10.79
C18 BCB VD . 48.16 2.20 -9.97
C19 BCB VD . 47.87 2.42 -8.50
C20 BCB VD . 49.64 1.96 -10.20
C39 NS0 WD . 53.29 -10.43 -2.37
C38 NS0 WD . 52.08 -10.51 -3.31
C40 NS0 WD . 50.80 -10.62 -2.50
C37 NS0 WD . 52.22 -11.66 -4.29
C36 NS0 WD . 51.16 -11.74 -5.37
C35 NS0 WD . 51.42 -10.84 -6.53
C33 NS0 WD . 50.40 -10.95 -7.62
C34 NS0 WD . 50.10 -12.35 -8.09
C32 NS0 WD . 49.81 -9.86 -8.12
C31 NS0 WD . 49.02 -9.75 -9.40
C30 NS0 WD . 47.71 -9.02 -9.23
C28 NS0 WD . 47.04 -8.77 -10.56
C29 NS0 WD . 46.61 -9.99 -11.32
C27 NS0 WD . 46.86 -7.52 -10.99
C26 NS0 WD . 46.22 -7.09 -12.20
C25 NS0 WD . 45.96 -5.77 -12.51
C23 NS0 WD . 45.32 -5.21 -13.62
C24 NS0 WD . 44.94 -6.09 -14.75
C22 NS0 WD . 45.01 -3.84 -13.69
C21 NS0 WD . 44.32 -3.16 -14.67
C20 NS0 WD . 43.85 -1.86 -14.65
C19 NS0 WD . 43.12 -1.16 -15.58
C17 NS0 WD . 42.45 0.05 -15.44
C18 NS0 WD . 42.60 0.81 -14.17
C16 NS0 WD . 41.63 0.57 -16.43
C15 NS0 WD . 40.84 1.70 -16.42
C14 NS0 WD . 39.86 1.93 -17.35
C12 NS0 WD . 38.91 2.96 -17.40
C13 NS0 WD . 39.05 4.13 -16.50
C11 NS0 WD . 37.83 2.91 -18.30
C10 NS0 WD . 36.83 3.81 -18.55
C9 NS0 WD . 35.70 3.53 -19.39
C7 NS0 WD . 34.73 4.35 -19.77
C8 NS0 WD . 34.80 5.83 -19.64
C NS0 WD . 33.46 3.80 -20.37
CA NS0 WD . 33.16 4.24 -21.78
CB NS0 WD . 31.90 3.62 -22.27
CG NS0 WD . 31.35 3.70 -23.47
CD2 NS0 WD . 32.01 4.36 -24.63
CD1 NS0 WD . 30.00 3.13 -23.77
MG BCB XD . 37.03 7.65 -25.00
CHA BCB XD . 38.93 9.33 -22.63
CHB BCB XD . 36.98 4.91 -23.00
CHC BCB XD . 35.05 6.16 -27.48
CHD BCB XD . 36.52 10.76 -26.73
NA BCB XD . 37.87 7.14 -23.24
C1A BCB XD . 38.61 7.88 -22.45
C2A BCB XD . 39.34 7.07 -21.40
C3A BCB XD . 38.68 5.73 -21.49
C4A BCB XD . 37.78 5.92 -22.67
CMA BCB XD . 39.70 4.62 -21.72
CAA BCB XD . 39.32 7.60 -19.98
CBA BCB XD . 37.94 7.91 -19.46
CGA BCB XD . 38.14 8.47 -18.08
O1A BCB XD . 38.74 9.52 -17.93
O2A BCB XD . 37.64 7.76 -16.94
NB BCB XD . 36.02 5.87 -25.12
C1B BCB XD . 36.36 4.72 -24.31
C2B BCB XD . 35.75 3.47 -24.83
C3B BCB XD . 35.18 3.86 -26.16
C4B BCB XD . 35.47 5.31 -26.36
CMB BCB XD . 35.82 2.16 -24.11
CAB BCB XD . 34.47 3.00 -27.16
OBB BCB XD . 34.19 3.46 -28.25
CBB BCB XD . 34.02 1.62 -26.80
NC BCB XD . 36.04 8.29 -26.70
C1C BCB XD . 35.28 7.62 -27.60
C2C BCB XD . 34.63 8.19 -28.80
C3C BCB XD . 35.10 9.51 -28.46
C4C BCB XD . 35.93 9.54 -27.25
CMC BCB XD . 35.40 7.66 -30.01
CAC BCB XD . 34.81 10.72 -29.29
CBC BCB XD . 33.96 10.71 -30.54
ND BCB XD . 37.44 9.63 -24.66
C1D BCB XD . 37.40 10.75 -25.60
C2D BCB XD . 38.18 11.90 -25.05
C3D BCB XD . 38.79 11.27 -23.86
C4D BCB XD . 38.45 9.98 -23.81
CMD BCB XD . 38.42 13.31 -25.47
CAD BCB XD . 39.72 11.55 -22.75
OBD BCB XD . 40.31 12.66 -22.52
CBD BCB XD . 39.84 10.31 -21.92
CGD BCB XD . 41.26 9.90 -21.80
O1D BCB XD . 41.89 9.49 -22.76
O2D BCB XD . 41.90 10.03 -20.51
CED BCB XD . 43.04 10.85 -20.35
C1 BCB XD . 37.75 8.30 -15.62
C2 BCB XD . 39.15 8.10 -15.10
C3 BCB XD . 39.38 7.32 -14.04
C4 BCB XD . 38.23 6.64 -13.37
C5 BCB XD . 40.79 7.14 -13.52
C6 BCB XD . 40.82 7.42 -12.02
C7 BCB XD . 42.05 6.85 -11.35
C8 BCB XD . 42.04 7.16 -9.86
C9 BCB XD . 42.11 8.66 -9.59
C10 BCB XD . 43.17 6.44 -9.16
C11 BCB XD . 42.87 4.95 -8.99
C12 BCB XD . 43.71 4.38 -7.84
C13 BCB XD . 43.54 2.87 -7.71
C14 BCB XD . 44.26 2.12 -8.82
C15 BCB XD . 42.06 2.51 -7.66
C16 BCB XD . 41.50 2.71 -6.27
C17 BCB XD . 40.35 1.75 -5.98
C18 BCB XD . 39.66 2.14 -4.68
C19 BCB XD . 40.63 2.04 -3.51
C20 BCB XD . 38.42 1.28 -4.43
C1B LMT YD . 40.13 3.93 5.22
C2B LMT YD . 40.50 2.47 5.38
C3B LMT YD . 39.53 1.79 6.35
C4B LMT YD . 39.44 2.58 7.64
C5B LMT YD . 39.19 4.07 7.37
C6B LMT YD . 39.20 4.87 8.67
O1B LMT YD . 38.79 4.02 4.78
O2B LMT YD . 40.45 1.83 4.10
O3B LMT YD . 39.95 0.45 6.62
O4' LMT YD . 38.39 2.05 8.43
O5B LMT YD . 40.19 4.59 6.49
O6B LMT YD . 40.54 4.97 9.15
C1' LMT YD . 36.76 5.65 1.61
C2' LMT YD . 37.85 4.66 1.25
C3' LMT YD . 38.30 3.88 2.48
C4' LMT YD . 38.64 4.82 3.62
C5' LMT YD . 37.52 5.83 3.85
C6' LMT YD . 37.91 6.81 4.95
O1' LMT YD . 36.43 6.39 0.44
O2' LMT YD . 37.35 3.73 0.27
O3' LMT YD . 39.43 3.08 2.15
O5' LMT YD . 37.25 6.53 2.63
O6' LMT YD . 39.27 7.20 4.79
C1 LMT YD . 35.19 7.07 0.55
C2 LMT YD . 35.07 8.07 -0.59
C3 LMT YD . 33.63 8.26 -1.01
C4 LMT YD . 33.49 9.42 -1.98
C5 LMT YD . 32.35 9.21 -2.98
C6 LMT YD . 32.16 10.43 -3.88
C7 LMT YD . 31.28 10.05 -5.07
C8 LMT YD . 30.81 11.26 -5.86
C9 LMT YD . 29.92 10.80 -7.01
C10 LMT YD . 28.83 11.80 -7.32
C11 LMT YD . 29.39 13.01 -8.06
C12 LMT YD . 29.48 12.77 -9.54
MG BCB ZD . 35.87 15.99 -22.99
CHA BCB ZD . 36.74 13.45 -20.78
CHB BCB ZD . 37.30 18.23 -20.89
CHC BCB ZD . 35.07 18.40 -25.37
CHD BCB ZD . 34.74 13.53 -25.33
NA BCB ZD . 36.84 15.89 -21.22
C1A BCB ZD . 37.19 14.84 -20.54
C2A BCB ZD . 37.97 15.15 -19.30
C3A BCB ZD . 37.60 16.60 -19.11
C4A BCB ZD . 37.20 16.96 -20.50
CMA BCB ZD . 36.46 16.78 -18.12
CAA BCB ZD . 39.45 14.94 -19.55
CBA BCB ZD . 40.30 15.77 -18.58
CGA BCB ZD . 39.90 15.45 -17.17
O1A BCB ZD . 40.01 14.32 -16.76
O2A BCB ZD . 39.32 16.48 -16.31
NB BCB ZD . 36.31 17.99 -23.18
C1B BCB ZD . 36.59 18.82 -22.02
C2B BCB ZD . 36.30 20.25 -22.25
C3B BCB ZD . 35.63 20.28 -23.60
C4B BCB ZD . 35.57 18.87 -24.08
CMB BCB ZD . 36.58 21.35 -21.28
CAB BCB ZD . 35.07 21.43 -24.38
OBB BCB ZD . 34.54 21.24 -25.46
CBB BCB ZD . 35.18 22.84 -23.88
NC BCB ZD . 35.09 15.98 -24.88
C1C BCB ZD . 34.82 17.00 -25.74
C2C BCB ZD . 34.23 16.86 -27.08
C3C BCB ZD . 34.20 15.42 -26.97
C4C BCB ZD . 34.70 14.95 -25.68
CMC BCB ZD . 32.81 17.41 -26.98
CAC BCB ZD . 33.70 14.53 -28.05
CBC BCB ZD . 33.19 15.01 -29.39
ND BCB ZD . 35.95 13.95 -23.14
C1D BCB ZD . 35.14 13.12 -24.00
C2D BCB ZD . 35.02 11.76 -23.43
C3D BCB ZD . 35.67 11.93 -22.12
C4D BCB ZD . 36.03 13.20 -22.00
CMD BCB ZD . 34.40 10.52 -23.94
CAD BCB ZD . 35.99 11.23 -20.85
OBD BCB ZD . 35.75 10.01 -20.60
CBD BCB ZD . 36.73 12.19 -19.96
CGD BCB ZD . 36.20 12.29 -18.56
O1D BCB ZD . 35.01 12.43 -18.35
O2D BCB ZD . 37.11 12.24 -17.44
CED BCB ZD . 36.60 12.21 -16.11
C1 BCB ZD . 39.56 17.88 -16.51
C2 BCB ZD . 40.37 18.41 -15.37
C3 BCB ZD . 41.04 19.58 -15.45
C4 BCB ZD . 40.97 20.42 -16.67
C5 BCB ZD . 41.84 20.03 -14.25
C6 BCB ZD . 40.90 20.39 -13.13
C7 BCB ZD . 40.87 21.89 -12.94
C8 BCB ZD . 39.90 22.33 -11.86
C9 BCB ZD . 40.11 23.79 -11.53
C10 BCB ZD . 40.09 21.49 -10.61
C11 BCB ZD . 41.44 21.76 -9.98
C12 BCB ZD . 41.49 21.13 -8.59
C13 BCB ZD . 42.75 21.50 -7.85
C14 BCB ZD . 43.32 22.83 -8.35
C15 BCB ZD . 43.77 20.39 -8.00
C16 BCB ZD . 44.01 19.72 -6.66
C17 BCB ZD . 45.49 19.50 -6.39
C18 BCB ZD . 45.68 18.75 -5.09
C19 BCB ZD . 45.27 19.64 -3.93
C20 BCB ZD . 47.11 18.24 -4.93
C39 NS0 AE . 53.41 6.60 0.63
C38 NS0 AE . 52.25 6.54 -0.35
C40 NS0 AE . 51.18 5.59 0.14
C37 NS0 AE . 52.72 6.17 -1.75
C36 NS0 AE . 51.64 6.14 -2.82
C35 NS0 AE . 52.22 6.01 -4.19
C33 NS0 AE . 51.19 5.98 -5.29
C34 NS0 AE . 51.12 4.71 -6.06
C32 NS0 AE . 50.41 7.04 -5.53
C31 NS0 AE . 49.68 7.34 -6.80
C30 NS0 AE . 48.21 7.61 -6.65
C28 NS0 AE . 47.56 7.96 -7.97
C29 NS0 AE . 47.55 6.87 -9.00
C27 NS0 AE . 47.05 9.17 -8.17
C26 NS0 AE . 46.27 9.62 -9.29
C25 NS0 AE . 45.71 10.87 -9.41
C23 NS0 AE . 44.89 11.39 -10.43
C24 NS0 AE . 44.69 10.58 -11.66
C22 NS0 AE . 44.25 12.62 -10.32
C21 NS0 AE . 43.37 13.20 -11.22
C20 NS0 AE . 42.60 14.34 -11.07
C19 NS0 AE . 41.64 14.89 -11.90
C17 NS0 AE . 40.70 15.89 -11.61
C18 NS0 AE . 40.70 16.49 -10.25
C16 NS0 AE . 39.73 16.31 -12.52
C15 NS0 AE . 38.63 17.10 -12.32
C14 NS0 AE . 37.72 17.44 -13.30
C12 NS0 AE . 36.53 18.14 -13.20
C13 NS0 AE . 36.15 18.71 -11.88
C11 NS0 AE . 35.63 18.29 -14.27
C10 NS0 AE . 34.31 18.63 -14.24
C9 NS0 AE . 33.38 18.73 -15.33
C7 NS0 AE . 32.07 18.87 -15.19
C8 NS0 AE . 31.36 18.81 -13.87
C NS0 AE . 31.19 19.08 -16.39
CA NS0 AE . 31.31 17.94 -17.38
CB NS0 AE . 30.43 18.12 -18.58
CG NS0 AE . 29.46 17.32 -18.99
CD2 NS0 AE . 29.04 16.10 -18.22
CD1 NS0 AE . 28.68 17.56 -20.25
MG BCB BE . 33.40 23.36 -20.25
CHA BCB BE . 34.74 25.05 -17.52
CHB BCB BE . 34.01 20.43 -18.69
CHC BCB BE . 32.01 21.82 -23.07
CHD BCB BE . 32.09 26.47 -21.50
NA BCB BE . 34.35 22.80 -18.55
C1A BCB BE . 34.87 23.56 -17.62
C2A BCB BE . 35.83 22.80 -16.74
C3A BCB BE . 35.59 21.37 -17.10
C4A BCB BE . 34.59 21.53 -18.20
CMA BCB BE . 36.85 20.65 -17.55
CAA BCB BE . 35.67 23.02 -15.25
CBA BCB BE . 34.23 22.95 -14.80
CGA BCB BE . 34.19 23.37 -13.37
O1A BCB BE . 34.39 24.54 -13.06
O2A BCB BE . 33.93 22.39 -12.34
NB BCB BE . 32.93 21.41 -20.72
C1B BCB BE . 33.53 20.28 -20.06
C2B BCB BE . 33.31 19.01 -20.80
C3B BCB BE . 32.72 19.45 -22.10
C4B BCB BE . 32.60 20.94 -22.06
CMB BCB BE . 33.72 17.67 -20.27
CAB BCB BE . 32.31 18.63 -23.29
OBB BCB BE . 31.81 19.16 -24.26
CBB BCB BE . 32.43 17.13 -23.28
NC BCB BE . 32.32 23.98 -21.89
C1C BCB BE . 31.82 23.29 -22.95
C2C BCB BE . 31.08 23.85 -24.09
C3C BCB BE . 31.16 25.17 -23.52
C4C BCB BE . 31.89 25.22 -22.25
CMC BCB BE . 31.96 23.71 -25.32
CAC BCB BE . 30.55 26.37 -24.17
CBC BCB BE . 29.79 26.34 -25.48
ND BCB BE . 33.28 25.30 -19.57
C1D BCB BE . 32.93 26.51 -20.31
C2D BCB BE . 33.30 27.70 -19.52
C3D BCB BE . 34.05 27.07 -18.41
C4D BCB BE . 34.12 25.75 -18.61
CMD BCB BE . 33.11 29.19 -19.65
CAD BCB BE . 34.83 27.39 -17.20
OBD BCB BE . 35.05 28.55 -16.74
CBD BCB BE . 35.29 26.10 -16.59
CGD BCB BE . 36.77 26.14 -16.34
O1D BCB BE . 37.58 26.00 -17.24
O2D BCB BE . 37.21 26.39 -14.98
CED BCB BE . 38.14 27.43 -14.69
C1 BCB BE . 33.86 22.76 -10.97
C2 BCB BE . 35.22 22.72 -10.33
C3 BCB BE . 35.54 21.73 -9.47
C4 BCB BE . 34.54 20.66 -9.19
C5 BCB BE . 36.90 21.69 -8.83
C6 BCB BE . 36.79 21.97 -7.34
C7 BCB BE . 38.13 21.71 -6.63
C8 BCB BE . 37.96 21.64 -5.11
C9 BCB BE . 37.48 22.97 -4.54
C10 BCB BE . 39.27 21.22 -4.47
C11 BCB BE . 39.08 20.03 -3.54
C12 BCB BE . 38.93 18.74 -4.36
C13 BCB BE . 39.76 17.60 -3.76
C14 BCB BE . 40.22 16.63 -4.84
C15 BCB BE . 38.94 16.89 -2.68
C16 BCB BE . 38.01 15.86 -3.28
C17 BCB BE . 38.18 14.49 -2.61
C18 BCB BE . 37.57 14.51 -1.22
C19 BCB BE . 37.64 13.11 -0.58
C20 BCB BE . 36.14 15.01 -1.25
C1B LMT CE . 36.90 15.54 7.80
C2B LMT CE . 37.93 14.41 7.81
C3B LMT CE . 37.57 13.28 8.76
C4B LMT CE . 37.13 13.81 10.11
C5B LMT CE . 36.02 14.83 9.91
C6B LMT CE . 35.46 15.34 11.23
O1B LMT CE . 35.73 15.17 7.08
O2B LMT CE . 38.03 13.88 6.47
O3B LMT CE . 38.72 12.43 8.94
O4' LMT CE . 36.66 12.73 10.92
O5B LMT CE . 36.54 15.92 9.14
O6B LMT CE . 36.38 16.22 11.86
C1' LMT CE . 32.49 16.40 5.14
C2' LMT CE . 33.62 15.54 4.59
C3' LMT CE . 34.98 16.13 4.97
C4' LMT CE . 35.13 16.32 6.48
C5' LMT CE . 33.79 16.65 7.13
C6' LMT CE . 33.97 17.58 8.31
O1' LMT CE . 31.90 17.19 4.10
O2' LMT CE . 33.50 14.20 5.09
O3' LMT CE . 35.11 17.39 4.34
O5' LMT CE . 32.98 17.29 6.14
O6' LMT CE . 32.71 17.82 8.93
C1 LMT CE . 31.23 18.33 4.63
C2 LMT CE . 30.45 19.06 3.54
C3 LMT CE . 29.41 18.14 2.91
C4 LMT CE . 28.13 18.89 2.53
C5 LMT CE . 28.31 19.79 1.31
C6 LMT CE . 26.94 20.32 0.86
C7 LMT CE . 27.03 21.18 -0.39
C8 LMT CE . 25.86 20.87 -1.32
C9 LMT CE . 25.70 21.90 -2.44
C10 LMT CE . 24.73 21.41 -3.50
C11 LMT CE . 24.55 22.43 -4.61
C12 LMT CE . 23.86 23.68 -4.10
C39 NS0 DE . 49.06 22.63 5.77
C38 NS0 DE . 47.95 22.31 4.78
C40 NS0 DE . 47.26 21.01 5.15
C37 NS0 DE . 48.47 22.29 3.34
C36 NS0 DE . 47.42 22.07 2.27
C35 NS0 DE . 47.88 22.44 0.90
C33 NS0 DE . 46.84 22.23 -0.16
C34 NS0 DE . 47.26 21.33 -1.29
C32 NS0 DE . 45.65 22.81 -0.08
C31 NS0 DE . 44.48 22.63 -0.98
C30 NS0 DE . 44.26 23.84 -1.87
C28 NS0 DE . 43.08 23.77 -2.79
C29 NS0 DE . 43.02 22.58 -3.71
C27 NS0 DE . 42.16 24.73 -2.78
C26 NS0 DE . 41.22 25.05 -3.82
C25 NS0 DE . 40.30 26.07 -3.77
C23 NS0 DE . 39.45 26.53 -4.78
C24 NS0 DE . 39.60 26.02 -6.16
C22 NS0 DE . 38.44 27.47 -4.53
C21 NS0 DE . 37.49 27.97 -5.39
C20 NS0 DE . 36.39 28.76 -5.10
C19 NS0 DE . 35.37 29.19 -5.89
C17 NS0 DE . 34.20 29.86 -5.52
C18 NS0 DE . 34.04 30.27 -4.11
C16 NS0 DE . 33.16 30.14 -6.43
C15 NS0 DE . 31.92 30.65 -6.19
C14 NS0 DE . 30.94 30.79 -7.15
C12 NS0 DE . 29.61 31.18 -7.01
C13 NS0 DE . 29.13 31.57 -5.66
C11 NS0 DE . 28.71 31.17 -8.08
C10 NS0 DE . 27.33 31.13 -8.03
C9 NS0 DE . 26.43 31.09 -9.14
C7 NS0 DE . 25.13 30.84 -9.05
C8 NS0 DE . 24.45 30.43 -7.78
C NS0 DE . 24.25 30.92 -10.27
CA NS0 DE . 24.73 30.00 -11.36
CB NS0 DE . 23.90 30.11 -12.61
CG NS0 DE . 23.20 29.17 -13.20
CD2 NS0 DE . 23.06 27.78 -12.64
CD1 NS0 DE . 22.47 29.39 -14.50
MG BCB EE . 29.88 30.49 -17.06
CHA BCB EE . 31.42 27.98 -15.26
CHB BCB EE . 30.52 32.64 -14.51
CHC BCB EE . 28.41 32.94 -19.07
CHD BCB EE . 29.53 28.27 -19.84
NA BCB EE . 30.79 30.37 -15.27
C1A BCB EE . 31.45 29.37 -14.75
C2A BCB EE . 32.03 29.66 -13.40
C3A BCB EE . 31.20 30.86 -13.00
C4A BCB EE . 30.78 31.34 -14.34
CMA BCB EE . 30.03 30.43 -12.13
CAA BCB EE . 33.50 30.05 -13.43
CBA BCB EE . 34.20 29.67 -12.12
CGA BCB EE . 33.61 30.37 -10.92
O1A BCB EE . 33.20 29.72 -9.98
O2A BCB EE . 33.51 31.81 -10.88
NB BCB EE . 29.68 32.52 -16.89
C1B BCB EE . 29.69 33.18 -15.59
C2B BCB EE . 29.01 34.49 -15.61
C3B BCB EE . 28.38 34.57 -16.97
C4B BCB EE . 28.74 33.31 -17.68
CMB BCB EE . 28.97 35.40 -14.42
CAB BCB EE . 27.53 35.64 -17.57
OBB BCB EE . 26.96 35.44 -18.62
CBB BCB EE . 27.42 36.99 -16.92
NC BCB EE . 29.13 30.60 -18.99
C1C BCB EE . 28.58 31.62 -19.68
C2C BCB EE . 28.06 31.55 -21.06
C3C BCB EE . 28.47 30.18 -21.18
C4C BCB EE . 29.07 29.65 -19.96
CMC BCB EE . 26.55 31.60 -20.96
CAC BCB EE . 28.26 29.38 -22.42
CBC BCB EE . 27.65 29.88 -23.70
ND BCB EE . 30.53 28.62 -17.54
C1D BCB EE . 30.01 27.74 -18.58
C2D BCB EE . 30.30 26.33 -18.26
C3D BCB EE . 30.85 26.46 -16.88
C4D BCB EE . 30.82 27.74 -16.53
CMD BCB EE . 30.07 25.08 -19.02
CAD BCB EE . 31.35 25.68 -15.72
OBD BCB EE . 31.48 24.42 -15.67
CBD BCB EE . 31.76 26.65 -14.64
CGD BCB EE . 31.12 26.38 -13.32
O1D BCB EE . 29.93 26.15 -13.22
O2D BCB EE . 31.95 26.37 -12.13
CED BCB EE . 31.48 25.80 -10.92
C1 BCB EE . 32.57 32.46 -10.02
C2 BCB EE . 33.23 32.83 -8.72
C3 BCB EE . 33.49 34.11 -8.41
C4 BCB EE . 33.12 35.21 -9.36
C5 BCB EE . 34.14 34.46 -7.09
C6 BCB EE . 33.18 35.32 -6.27
C7 BCB EE . 31.99 34.50 -5.80
C8 BCB EE . 31.05 35.31 -4.92
C9 BCB EE . 30.20 36.29 -5.71
C10 BCB EE . 31.85 36.03 -3.84
C11 BCB EE . 32.34 35.06 -2.79
C12 BCB EE . 33.75 35.42 -2.36
C13 BCB EE . 34.29 34.39 -1.38
C14 BCB EE . 33.33 34.22 -0.20
C15 BCB EE . 35.66 34.82 -0.90
C16 BCB EE . 36.41 33.63 -0.34
C17 BCB EE . 37.23 34.03 0.88
C18 BCB EE . 37.99 32.84 1.45
C19 BCB EE . 37.02 31.71 1.78
C20 BCB EE . 38.79 33.23 2.68
MG BCB FE . 25.26 36.32 -13.37
CHA BCB FE . 25.92 37.85 -10.31
CHB BCB FE . 26.65 33.47 -12.20
CHC BCB FE . 24.52 34.95 -16.51
CHD BCB FE . 23.08 39.03 -14.24
NA BCB FE . 26.24 35.78 -11.67
C1A BCB FE . 26.46 36.49 -10.60
C2A BCB FE . 27.52 35.89 -9.72
C3A BCB FE . 27.76 34.53 -10.33
C4A BCB FE . 26.82 34.59 -11.49
CMA BCB FE . 29.19 34.35 -10.76
CAA BCB FE . 27.20 35.79 -8.23
CBA BCB FE . 25.93 35.03 -7.94
CGA BCB FE . 25.82 35.00 -6.44
O1A BCB FE . 25.83 36.03 -5.80
O2A BCB FE . 25.70 33.73 -5.75
NB BCB FE . 25.41 34.43 -14.16
C1B BCB FE . 26.30 33.43 -13.61
C2B BCB FE . 26.50 32.29 -14.54
C3B BCB FE . 25.86 32.74 -15.82
C4B BCB FE . 25.30 34.11 -15.57
CMB BCB FE . 27.25 31.05 -14.19
CAB BCB FE . 25.76 32.03 -17.14
OBB BCB FE . 25.17 32.57 -18.06
CBB BCB FE . 26.28 30.64 -17.32
NC BCB FE . 24.10 36.86 -14.99
C1C BCB FE . 23.88 36.24 -16.18
C2C BCB FE . 23.03 36.74 -17.28
C3C BCB FE . 22.66 37.90 -16.50
C4C BCB FE . 23.30 37.95 -15.19
CMC BCB FE . 23.96 37.12 -18.42
CAC BCB FE . 21.73 38.94 -17.03
CBC BCB FE . 21.06 38.90 -18.38
ND BCB FE . 24.51 37.97 -12.42
C1D BCB FE . 23.84 39.15 -13.01
C2D BCB FE . 23.83 40.26 -12.03
C3D BCB FE . 24.70 39.70 -10.97
C4D BCB FE . 25.14 38.50 -11.34
CMD BCB FE . 23.22 41.63 -12.00
CAD BCB FE . 25.31 40.04 -9.68
OBD BCB FE . 25.18 41.15 -9.04
CBD BCB FE . 26.11 38.85 -9.21
CGD BCB FE . 27.51 39.21 -8.86
O1D BCB FE . 28.38 39.30 -9.71
O2D BCB FE . 27.82 39.49 -7.46
CED BCB FE . 28.71 40.53 -7.08
C1 BCB FE . 25.51 33.71 -4.33
C2 BCB FE . 26.71 33.14 -3.60
C3 BCB FE . 27.47 33.95 -2.88
C4 BCB FE . 27.13 35.41 -2.82
C5 BCB FE . 28.68 33.46 -2.12
C6 BCB FE . 28.48 33.82 -0.65
C7 BCB FE . 29.75 33.62 0.16
C8 BCB FE . 29.47 33.57 1.66
C9 BCB FE . 28.93 34.88 2.19
C10 BCB FE . 30.75 33.17 2.39
C11 BCB FE . 31.01 31.68 2.17
C12 BCB FE . 32.27 31.20 2.88
C13 BCB FE . 32.50 29.71 2.64
C14 BCB FE . 32.57 29.41 1.15
C15 BCB FE . 31.40 28.89 3.29
C16 BCB FE . 31.56 27.42 2.96
C17 BCB FE . 31.87 26.60 4.21
C18 BCB FE . 30.57 26.06 4.80
C19 BCB FE . 30.80 25.60 6.24
C20 BCB FE . 30.01 24.92 3.96
C1B LMT GE . 30.12 24.53 13.92
C2B LMT GE . 31.21 23.47 13.85
C3B LMT GE . 31.05 22.42 14.95
C4B LMT GE . 30.87 23.10 16.30
C5B LMT GE . 29.72 24.10 16.24
C6B LMT GE . 29.58 24.81 17.58
O1B LMT GE . 28.87 24.00 13.48
O2B LMT GE . 31.16 22.82 12.57
O3B LMT GE . 32.22 21.60 14.98
O4' LMT GE . 30.59 22.10 17.29
O5B LMT GE . 30.01 25.07 15.24
O6B LMT GE . 28.29 24.55 18.14
C1' LMT GE . 26.20 25.26 10.56
C2' LMT GE . 27.67 25.23 10.14
C3' LMT GE . 28.56 24.51 11.14
C4' LMT GE . 28.22 24.90 12.58
C5' LMT GE . 26.73 24.81 12.81
C6' LMT GE . 26.38 25.19 14.25
O1' LMT GE . 25.49 26.16 9.71
O2' LMT GE . 27.78 24.55 8.88
O3' LMT GE . 29.91 24.87 10.85
O5' LMT GE . 26.08 25.71 11.91
O6' LMT GE . 25.04 24.81 14.55
C1 LMT GE . 24.10 26.22 10.01
C2 LMT GE . 23.47 27.32 9.16
C3 LMT GE . 21.96 27.15 9.08
C4 LMT GE . 21.39 27.92 7.89
C5 LMT GE . 20.04 27.36 7.48
C6 LMT GE . 19.63 27.86 6.09
C7 LMT GE . 19.51 29.37 6.04
C8 LMT GE . 18.44 29.81 5.05
C9 LMT GE . 18.51 29.01 3.75
C10 LMT GE . 17.26 29.19 2.89
C11 LMT GE . 17.14 30.62 2.38
C12 LMT GE . 16.06 30.76 1.33
C39 NS0 HE . 39.75 35.30 13.28
C38 NS0 HE . 38.76 35.06 12.16
C40 NS0 HE . 38.32 33.60 12.12
C37 NS0 HE . 39.32 35.51 10.82
C36 NS0 HE . 38.41 35.28 9.62
C35 NS0 HE . 38.84 36.02 8.39
C33 NS0 HE . 37.97 35.71 7.20
C34 NS0 HE . 38.71 35.22 5.99
C32 NS0 HE . 36.65 35.87 7.24
C31 NS0 HE . 35.66 35.56 6.17
C30 NS0 HE . 35.00 36.82 5.65
C28 NS0 HE . 34.02 36.60 4.53
C29 NS0 HE . 34.52 35.78 3.37
C27 NS0 HE . 32.80 37.12 4.59
C26 NS0 HE . 31.90 37.38 3.49
C25 NS0 HE . 30.69 38.01 3.60
C23 NS0 HE . 29.75 38.35 2.61
C24 NS0 HE . 30.07 38.09 1.19
C22 NS0 HE . 28.51 38.91 2.93
C21 NS0 HE . 27.46 39.26 2.13
C20 NS0 HE . 26.20 39.70 2.52
C19 NS0 HE . 25.08 39.97 1.77
C17 NS0 HE . 23.80 40.27 2.20
C18 NS0 HE . 23.57 40.49 3.65
C16 NS0 HE . 22.71 40.34 1.33
C15 NS0 HE . 21.36 40.37 1.59
C14 NS0 HE . 20.43 40.38 0.59
C12 NS0 HE . 19.05 40.22 0.64
C13 NS0 HE . 18.39 40.06 1.96
C11 NS0 HE . 18.26 40.16 -0.52
C10 NS0 HE . 16.97 39.69 -0.66
C9 NS0 HE . 16.18 39.67 -1.86
C7 NS0 HE . 14.94 39.20 -1.94
C8 NS0 HE . 14.25 38.49 -0.81
C NS0 HE . 14.14 39.35 -3.21
CA NS0 HE . 14.83 38.73 -4.40
CB NS0 HE . 14.00 38.83 -5.64
CG NS0 HE . 13.52 37.86 -6.38
CD2 NS0 HE . 12.71 38.10 -7.62
CD1 NS0 HE . 13.74 36.41 -6.04
MG BCB IE . 19.66 41.60 -9.29
CHA BCB IE . 21.83 39.37 -7.78
CHB BCB IE . 19.54 43.39 -6.42
CHC BCB IE . 17.61 43.84 -11.03
CHD BCB IE . 20.08 39.86 -12.40
NA BCB IE . 20.52 41.45 -7.47
C1A BCB IE . 21.42 40.60 -7.05
C2A BCB IE . 21.85 40.81 -5.63
C3A BCB IE . 20.76 41.73 -5.13
C4A BCB IE . 20.20 42.23 -6.42
CMA BCB IE . 19.70 41.00 -4.32
CAA BCB IE . 23.22 41.46 -5.50
CBA BCB IE . 23.97 41.00 -4.26
CGA BCB IE . 23.19 41.21 -2.99
O1A BCB IE . 22.88 40.26 -2.28
O2A BCB IE . 22.80 42.54 -2.57
NB BCB IE . 18.87 43.45 -8.84
C1B BCB IE . 18.63 43.84 -7.47
C2B BCB IE . 17.57 44.86 -7.34
C3B BCB IE . 17.00 44.99 -8.73
C4B BCB IE . 17.76 44.04 -9.58
CMB BCB IE . 17.19 45.52 -6.05
CAB BCB IE . 15.87 45.84 -9.24
OBB BCB IE . 15.53 45.76 -10.41
CBB BCB IE . 15.20 46.84 -8.35
NC BCB IE . 19.00 41.80 -11.24
C1C BCB IE . 18.19 42.72 -11.81
C2C BCB IE . 17.76 42.74 -13.22
C3C BCB IE . 18.56 41.58 -13.51
C4C BCB IE . 19.26 41.05 -12.34
CMC BCB IE . 16.30 42.35 -13.20
CAC BCB IE . 18.63 40.98 -14.87
CBC BCB IE . 17.93 41.53 -16.09
ND BCB IE . 20.87 40.11 -9.99
C1D BCB IE . 20.65 39.30 -11.19
C2D BCB IE . 21.31 38.00 -11.06
C3D BCB IE . 21.76 38.05 -9.66
C4D BCB IE . 21.35 39.20 -9.11
CMD BCB IE . 21.50 36.86 -12.00
CAD BCB IE . 22.43 37.26 -8.60
OBD BCB IE . 22.90 36.08 -8.74
CBD BCB IE . 22.50 38.10 -7.35
CGD BCB IE . 21.91 37.44 -6.14
O1D BCB IE . 20.91 36.78 -6.21
O2D BCB IE . 22.60 37.58 -4.87
CED BCB IE . 22.51 36.55 -3.90
C1 BCB IE . 21.63 42.74 -1.76
C2 BCB IE . 22.00 43.18 -0.36
C3 BCB IE . 21.64 44.39 0.10
C4 BCB IE . 20.88 45.34 -0.76
C5 BCB IE . 22.02 44.78 1.51
C6 BCB IE . 20.81 45.32 2.26
C7 BCB IE . 19.92 44.22 2.79
C8 BCB IE . 19.19 44.60 4.07
C9 BCB IE . 19.31 46.09 4.38
C10 BCB IE . 19.74 43.78 5.23
C11 BCB IE . 21.14 44.26 5.62
C12 BCB IE . 21.80 43.35 6.65
C13 BCB IE . 22.75 44.10 7.57
C14 BCB IE . 22.96 45.55 7.12
C15 BCB IE . 24.09 43.38 7.67
C16 BCB IE . 24.54 43.34 9.12
C17 BCB IE . 26.02 43.65 9.24
C18 BCB IE . 26.60 42.95 10.47
C19 BCB IE . 28.02 43.41 10.76
C20 BCB IE . 26.53 41.44 10.29
MG BCB JE . 13.35 45.10 -5.07
CHA BCB JE . 13.38 46.12 -1.77
CHB BCB JE . 15.57 42.65 -4.29
CHC BCB JE . 13.10 44.14 -8.41
CHD BCB JE . 10.50 47.22 -5.66
NA BCB JE . 14.40 44.57 -3.44
C1A BCB JE . 14.30 45.04 -2.23
C2A BCB JE . 15.33 44.50 -1.28
C3A BCB JE . 16.18 43.63 -2.16
C4A BCB JE . 15.35 43.61 -3.39
CMA BCB JE . 17.57 44.18 -2.40
CAA BCB JE . 14.67 43.63 -0.24
CBA BCB JE . 15.22 43.95 1.13
CGA BCB JE . 14.34 43.25 2.11
O1A BCB JE . 13.41 43.85 2.63
O2A BCB JE . 14.55 41.84 2.40
NB BCB JE . 14.10 43.50 -6.14
C1B BCB JE . 15.25 42.75 -5.71
C2B BCB JE . 15.81 41.91 -6.79
C3B BCB JE . 15.05 42.36 -8.02
C4B BCB JE . 14.10 43.42 -7.59
CMB BCB JE . 16.92 40.91 -6.60
CAB BCB JE . 15.20 41.90 -9.43
OBB BCB JE . 14.56 42.45 -10.29
CBB BCB JE . 16.07 40.73 -9.78
NC BCB JE . 12.12 45.57 -6.66
C1C BCB JE . 12.11 45.11 -7.95
C2C BCB JE . 11.18 45.55 -9.01
C3C BCB JE . 10.49 46.42 -8.09
C4C BCB JE . 11.05 46.41 -6.74
CMC BCB JE . 11.99 46.35 -10.03
CAC BCB JE . 9.31 47.25 -8.48
CBC BCB JE . 8.67 47.31 -9.84
ND BCB JE . 12.09 46.25 -3.94
C1D BCB JE . 11.14 47.28 -4.36
C2D BCB JE . 10.76 48.13 -3.21
C3D BCB JE . 11.71 47.65 -2.19
C4D BCB JE . 12.50 46.71 -2.72
CMD BCB JE . 9.78 49.25 -2.96
CAD BCB JE . 12.15 47.88 -0.81
OBD BCB JE . 11.66 48.75 0.00
CBD BCB JE . 13.23 46.89 -0.48
CGD BCB JE . 14.45 47.61 0.01
O1D BCB JE . 15.15 48.27 -0.74
O2D BCB JE . 14.78 47.51 1.41
CED BCB JE . 15.23 48.64 2.13
C1 BCB JE . 14.17 41.34 3.68
C2 BCB JE . 15.36 40.74 4.40
C3 BCB JE . 16.16 41.50 5.16
C4 BCB JE . 15.93 42.97 5.29
C5 BCB JE . 17.32 40.85 5.88
C6 BCB JE . 17.19 41.11 7.37
C7 BCB JE . 18.49 41.65 7.96
C8 BCB JE . 18.66 41.19 9.41
C9 BCB JE . 17.48 41.60 10.27
C10 BCB JE . 19.96 41.76 9.96
C11 BCB JE . 20.83 40.68 10.61
C12 BCB JE . 20.63 39.34 9.92
C13 BCB JE . 21.79 38.39 10.22
C14 BCB JE . 23.06 38.84 9.50
C15 BCB JE . 21.37 36.99 9.77
C16 BCB JE . 22.36 35.94 10.27
C17 BCB JE . 21.78 34.54 10.06
C18 BCB JE . 22.49 33.50 10.92
C19 BCB JE . 21.73 32.19 10.95
C20 BCB JE . 22.72 34.03 12.34
C39 NS0 KE . 27.12 44.22 21.80
C38 NS0 KE . 26.55 43.78 20.46
C40 NS0 KE . 26.50 42.25 20.38
C37 NS0 KE . 27.33 44.39 19.30
C36 NS0 KE . 26.52 44.84 18.09
C35 NS0 KE . 25.84 43.73 17.34
C33 NS0 KE . 25.37 44.13 15.97
C34 NS0 KE . 26.47 44.43 14.99
C32 NS0 KE . 24.09 44.19 15.66
C31 NS0 KE . 23.46 44.41 14.32
C30 NS0 KE . 21.97 44.52 14.42
C28 NS0 KE . 21.23 44.63 13.11
C29 NS0 KE . 22.06 44.46 11.86
C27 NS0 KE . 19.93 44.86 13.11
C26 NS0 KE . 19.03 45.03 12.00
C25 NS0 KE . 17.69 45.28 12.14
C23 NS0 KE . 16.70 45.45 11.16
C24 NS0 KE . 17.10 45.46 9.73
C22 NS0 KE . 15.35 45.62 11.49
C21 NS0 KE . 14.26 45.73 10.66
C20 NS0 KE . 12.93 45.82 11.01
C19 NS0 KE . 11.81 45.92 10.22
C17 NS0 KE . 10.47 45.74 10.59
C18 NS0 KE . 10.16 45.46 12.01
C16 NS0 KE . 9.42 45.76 9.67
C15 NS0 KE . 8.13 45.31 9.84
C14 NS0 KE . 7.18 45.23 8.86
C12 NS0 KE . 5.95 44.58 8.91
C13 NS0 KE . 5.52 43.95 10.19
C11 NS0 KE . 5.12 44.43 7.78
C10 NS0 KE . 4.13 43.51 7.55
C9 NS0 KE . 3.34 43.41 6.36
C7 NS0 KE . 2.43 42.47 6.09
C8 NS0 KE . 2.18 41.28 6.96
C NS0 KE . 1.60 42.56 4.84
CA NS0 KE . 2.44 42.64 3.59
CB NS0 KE . 1.62 42.74 2.34
CG NS0 KE . 1.66 41.94 1.28
CD2 NS0 KE . 0.93 42.26 0.01
CD1 NS0 KE . 2.45 40.67 1.25
MG BCB LE . 6.13 47.70 -0.63
CHA BCB LE . 8.82 45.97 0.71
CHB BCB LE . 5.28 48.71 2.49
CHC BCB LE . 3.62 49.57 -2.16
CHD BCB LE . 7.18 46.74 -3.92
NA BCB LE . 6.91 47.46 1.21
C1A BCB LE . 8.02 46.88 1.56
C2A BCB LE . 8.35 47.00 3.02
C3A BCB LE . 7.02 47.45 3.57
C4A BCB LE . 6.33 47.91 2.34
CMA BCB LE . 6.22 46.32 4.20
CAA BCB LE . 9.41 48.05 3.27
CBA BCB LE . 10.30 47.66 4.45
CGA BCB LE . 9.53 47.66 5.74
O1A BCB LE . 9.32 46.61 6.32
O2A BCB LE . 9.02 48.90 6.32
NB BCB LE . 4.80 49.10 0.05
C1B BCB LE . 4.34 49.06 1.43
C2B BCB LE . 2.98 49.64 1.63
C3B BCB LE . 2.52 49.89 0.23
C4B BCB LE . 3.61 49.46 -0.69
CMB BCB LE . 2.29 49.83 2.95
CAB BCB LE . 1.20 50.44 -0.25
OBB BCB LE . 1.04 50.68 -1.42
CBB BCB LE . 0.10 50.73 0.72
NC BCB LE . 5.53 48.06 -2.57
C1C BCB LE . 4.52 48.83 -3.06
C2C BCB LE . 4.17 48.99 -4.48
C3C BCB LE . 5.28 48.17 -4.89
C4C BCB LE . 6.04 47.63 -3.75
CMC BCB LE . 2.87 48.21 -4.68
CAC BCB LE . 5.58 47.87 -6.31
CBC BCB LE . 4.82 48.40 -7.50
ND BCB LE . 7.75 46.76 -1.46
C1D BCB LE . 7.85 46.17 -2.78
C2D BCB LE . 8.91 45.14 -2.79
C3D BCB LE . 9.26 45.06 -1.36
C4D BCB LE . 8.48 45.90 -0.68
CMD BCB LE . 9.49 44.29 -3.88
CAD BCB LE . 10.11 44.34 -0.38
OBD BCB LE . 10.95 43.42 -0.67
CBD BCB LE . 9.86 44.93 0.99
CGD BCB LE . 9.58 43.92 2.05
O1D BCB LE . 8.85 42.96 1.85
O2D BCB LE . 10.20 44.08 3.34
CED BCB LE . 10.39 42.94 4.16
C1 BCB LE . 7.91 48.88 7.22
C2 BCB LE . 7.30 50.26 7.37
C3 BCB LE . 6.15 50.58 6.77
C4 BCB LE . 5.46 49.55 5.92
C5 BCB LE . 5.53 51.95 6.92
C6 BCB LE . 4.04 51.86 7.19
C7 BCB LE . 3.20 52.30 5.99
C8 BCB LE . 3.47 53.76 5.62
C9 BCB LE . 3.16 54.68 6.82
C10 BCB LE . 2.68 54.15 4.38
C11 BCB LE . 1.48 55.03 4.67
C12 BCB LE . 1.69 56.43 4.08
C13 BCB LE . 0.44 56.86 3.31
C14 BCB LE . 0.10 55.81 2.28
C15 BCB LE . 0.66 58.20 2.62
C16 BCB LE . -0.66 58.72 2.06
C17 BCB LE . -0.55 58.98 0.57
C18 BCB LE . -1.62 59.96 0.09
C19 BCB LE . -1.39 61.34 0.70
C20 BCB LE . -3.01 59.46 0.42
C1 CDL ME . -6.48 59.93 -7.30
O1 CDL ME . -6.19 58.55 -7.07
CA2 CDL ME . -5.28 60.75 -6.83
OA2 CDL ME . -4.37 60.94 -7.91
PA1 CDL ME . -3.08 59.99 -8.05
OA3 CDL ME . -3.56 58.56 -8.10
OA4 CDL ME . -2.18 60.54 -9.14
OA5 CDL ME . -2.31 60.22 -6.64
CA3 CDL ME . -1.24 61.15 -6.62
CA4 CDL ME . -0.19 60.78 -5.58
OA6 CDL ME . -0.66 60.92 -4.23
CA5 CDL ME . -0.75 62.30 -3.72
OA7 CDL ME . -1.34 63.15 -4.33
C11 CDL ME . -0.07 62.66 -2.42
C12 CDL ME . 1.07 63.63 -2.70
C13 CDL ME . 2.01 63.80 -1.53
C14 CDL ME . 3.10 62.73 -1.49
C15 CDL ME . 2.65 61.55 -0.62
C16 CDL ME . 3.82 60.89 0.08
C17 CDL ME . 3.35 60.23 1.37
C18 CDL ME . 4.36 59.19 1.83
C19 CDL ME . 4.19 58.87 3.32
CA6 CDL ME . 1.05 61.64 -5.82
OA8 CDL ME . 1.97 61.28 -4.80
CA7 CDL ME . 3.39 61.12 -5.08
OA9 CDL ME . 4.08 62.07 -5.40
C31 CDL ME . 3.98 59.75 -4.93
C32 CDL ME . 3.31 59.08 -3.73
C33 CDL ME . 4.35 58.62 -2.73
C34 CDL ME . 5.37 57.70 -3.38
C35 CDL ME . 5.81 56.63 -2.40
C36 CDL ME . 6.04 57.27 -1.03
C37 CDL ME . 7.21 56.63 -0.32
C38 CDL ME . 7.38 57.27 1.04
C39 CDL ME . 6.58 56.54 2.10
CB2 CDL ME . -7.71 60.31 -6.49
OB2 CDL ME . -7.72 59.48 -5.34
PB2 CDL ME . -7.23 60.07 -3.93
OB3 CDL ME . -8.15 59.58 -2.84
OB4 CDL ME . -6.98 61.56 -4.09
OB5 CDL ME . -5.84 59.28 -3.80
CB3 CDL ME . -5.19 59.13 -2.54
CB4 CDL ME . -4.21 57.98 -2.66
OB6 CDL ME . -4.14 57.50 -4.01
CB5 CDL ME . -2.80 57.53 -4.57
OB7 CDL ME . -2.64 57.24 -5.73
C51 CDL ME . -1.61 57.94 -3.72
C52 CDL ME . -0.72 56.74 -3.39
C53 CDL ME . 0.34 57.11 -2.36
C54 CDL ME . 1.48 56.11 -2.30
C55 CDL ME . 0.98 54.70 -2.03
C56 CDL ME . 1.42 54.20 -0.66
C57 CDL ME . 2.91 54.43 -0.40
C58 CDL ME . 3.42 53.45 0.64
C59 CDL ME . 4.94 53.44 0.72
C60 CDL ME . 5.42 52.59 1.89
C61 CDL ME . 6.94 52.66 2.03
C62 CDL ME . 7.45 51.82 3.19
CB6 CDL ME . -4.67 56.86 -1.73
OB8 CDL ME . -3.55 56.07 -1.35
CB7 CDL ME . -3.76 54.89 -0.53
OB9 CDL ME . -4.62 54.09 -0.84
C71 CDL ME . -2.91 54.74 0.71
C72 CDL ME . -3.02 53.34 1.31
C73 CDL ME . -2.28 53.34 2.64
C74 CDL ME . -1.98 51.94 3.15
C75 CDL ME . -0.88 52.02 4.20
C76 CDL ME . -0.60 50.67 4.86
#